data_8ZBN
#
_entry.id   8ZBN
#
_cell.length_a   1.00
_cell.length_b   1.00
_cell.length_c   1.00
_cell.angle_alpha   90.00
_cell.angle_beta   90.00
_cell.angle_gamma   90.00
#
_symmetry.space_group_name_H-M   'P 1'
#
loop_
_entity.id
_entity.type
_entity.pdbx_description
1 polymer 'Actin, alpha cardiac muscle 1'
2 polymer 'Tropomyosin alpha-1 chain'
3 polymer Myosin-6
4 non-polymer "ADENOSINE-5'-DIPHOSPHATE"
#
loop_
_entity_poly.entity_id
_entity_poly.type
_entity_poly.pdbx_seq_one_letter_code
_entity_poly.pdbx_strand_id
1 'polypeptide(L)'
;TTALVCDNGSGLVKAGFAGDDAPRAVFPSIVGRPRHQGVMVGMGQKDSYVGDEAQSKRGILTLKYPIEHGIITNWDDMEK
IWHHTFYNELRVAPEEHPTLLTEAPLNPKANREKMTQIMFETFNVPAMYVAIQAVLSLYASGRTTGIVLDSGDGVTHNVP
IYEGYALPHAIMRLDLAGRDLTDYLMKILTERGYSFVTTAEREIVRDIKEKLCYVALDFENEMATAASSSSLEKSYELPD
GQVITIGNERFRCPETLFQPSFIGMESAGIHETTYNSIMKCDIDIRKDLYANNVLSGGTTMYPGIADRMQKEITALAPST
MKIKIIAPPERKYSVWIGGSILASLSTFQQMWISKQEYDEAGPSIVHRKC
;
B,I,J,D,K,M
2 'polypeptide(L)'
;QLVEEELDRAQERLATALQKLEEAEKAADESERGMKVIESRAQKDEEKMEIQEIQLKEAKHIAEDADRKYEEVARKLVII
ESDLERAEERAELSEGKCAELEEELKTVTNNLKSLEAQAEKYSQKEDKYEEEIKVLSDKLKEAETRAEFAERSVTKLEKS
IDDLEDELYAQKLKYKAI
;
R,T,S,U
3 'polypeptide(L)'
;AQMADFGAAAQYLRKSEKERLEAQTRPFDIRTECFVPDDKEEYVKAKVVSREGGKVTAETENGKTVTIKEDQVMQQNPPK
FDKIEDMAMLTFLHEPAVLYNLKERYAAWMIYTYSGLFCVTVNPYKWLPVYNAEVVAAYRGKKRSEAPPHIFSISDNAYQ
YMLTDRENQSILITGESGAGKTVNTKRVIQYFASIAAIGDRSKKENPNANKGTLEDQIIQANPALEAFGNAKTVRNDNSS
RFGKFIRIHFGATGKLASADIETYLLEKSRVIFQLKAERNYHIFYQILSNKKPELLDMLLVTNNPYDYAFVSQGEVSVAS
IDDSEELLATDSAFDVLSFTAEEKAGVYKLTGAIMHYGNMKFKQKQREEQAEPDGTEDADKSAYLMGLNSADLLKGLCHP
QVKVGNEYVTKGQSVQQVYYSIGALAKSVYEKMFNWMVTRINATLETKQPRQYFIGVLDIAGFEIFDFNSFEQLCINFTN
EKLQQFFNHHMFVLEQEEYKKEGIEWEFIDFGMDLQACIDLIEKPMGIMSILEEECMFPKASDMTFKAKLYDNHLGKSNN
FQKPRNVKGKQEAHFSLVHYAGTVDYNIMGWLEKNKDPLNETVVGLYQKSSLKLMATLFSTYASADTGDSGKGKGGKKKG
SSFQTVSALHRENLNKLMTNLKTTHPHFVRCIIPNERKAPGVMDNPLVMHQLRCNGVLEGIRICRKGFPNRILYGDFRQR
YRILNPAAIPEGQFIDSRKGAEKLLGSLDIDHNQYKFGHTKVFFKAGLLGLL
;
A,C,F,G,H,L
#
loop_
_chem_comp.id
_chem_comp.type
_chem_comp.name
_chem_comp.formula
ADP non-polymer ADENOSINE-5'-DIPHOSPHATE 'C10 H15 N5 O10 P2'
#
# COMPACT_ATOMS: atom_id res chain seq x y z
N THR A 1 5.45 -39.19 22.01
CA THR A 1 6.11 -37.94 22.40
C THR A 1 5.37 -36.75 21.80
N THR A 2 5.22 -35.69 22.59
CA THR A 2 4.52 -34.51 22.13
C THR A 2 5.30 -33.81 21.03
N ALA A 3 4.60 -32.97 20.28
CA ALA A 3 5.16 -32.24 19.16
C ALA A 3 5.02 -30.75 19.38
N LEU A 4 5.86 -29.99 18.68
CA LEU A 4 5.87 -28.54 18.78
C LEU A 4 5.16 -27.92 17.59
N VAL A 5 4.51 -26.79 17.82
CA VAL A 5 3.88 -26.00 16.77
C VAL A 5 4.50 -24.62 16.81
N CYS A 6 4.96 -24.14 15.67
CA CYS A 6 5.84 -22.98 15.59
C CYS A 6 5.37 -22.02 14.49
N ASP A 7 4.11 -21.61 14.56
CA ASP A 7 3.61 -20.64 13.58
C ASP A 7 4.49 -19.39 13.56
N ASN A 8 5.22 -19.21 12.47
CA ASN A 8 6.27 -18.20 12.44
C ASN A 8 5.71 -16.81 12.21
N GLY A 9 5.04 -16.61 11.08
CA GLY A 9 4.51 -15.30 10.78
C GLY A 9 5.60 -14.27 10.57
N SER A 10 5.25 -13.10 10.06
CA SER A 10 6.23 -12.07 9.78
C SER A 10 6.24 -10.96 10.81
N GLY A 11 5.43 -11.07 11.86
CA GLY A 11 5.43 -10.05 12.89
C GLY A 11 5.44 -10.59 14.30
N LEU A 12 5.18 -11.87 14.47
CA LEU A 12 5.02 -12.44 15.80
C LEU A 12 5.26 -13.94 15.72
N VAL A 13 6.11 -14.44 16.59
CA VAL A 13 6.31 -15.88 16.72
C VAL A 13 5.32 -16.41 17.75
N LYS A 14 4.58 -17.44 17.38
CA LYS A 14 3.66 -18.11 18.29
C LYS A 14 4.04 -19.57 18.33
N ALA A 15 4.58 -20.02 19.45
CA ALA A 15 5.02 -21.39 19.62
C ALA A 15 4.30 -22.01 20.80
N GLY A 16 4.38 -23.33 20.88
CA GLY A 16 3.70 -24.04 21.94
C GLY A 16 3.80 -25.53 21.70
N PHE A 17 3.00 -26.28 22.46
CA PHE A 17 2.98 -27.72 22.38
C PHE A 17 1.68 -28.21 21.77
N ALA A 18 1.77 -29.20 20.89
CA ALA A 18 0.60 -29.75 20.25
C ALA A 18 -0.33 -30.38 21.28
N GLY A 19 -1.51 -29.78 21.46
CA GLY A 19 -2.44 -30.31 22.44
C GLY A 19 -2.95 -29.24 23.37
N ASP A 20 -2.25 -28.11 23.42
CA ASP A 20 -2.69 -27.00 24.24
C ASP A 20 -3.82 -26.24 23.55
N ASP A 21 -4.34 -25.23 24.24
CA ASP A 21 -5.41 -24.42 23.72
C ASP A 21 -4.93 -23.07 23.18
N ALA A 22 -3.70 -22.70 23.47
CA ALA A 22 -3.18 -21.40 23.07
C ALA A 22 -1.67 -21.46 23.05
N PRO A 23 -1.02 -20.65 22.22
CA PRO A 23 0.44 -20.69 22.17
C PRO A 23 1.05 -20.34 23.52
N ARG A 24 2.12 -21.07 23.85
CA ARG A 24 2.76 -20.87 25.14
C ARG A 24 3.68 -19.66 25.13
N ALA A 25 4.27 -19.33 23.99
CA ALA A 25 5.15 -18.19 23.85
C ALA A 25 4.72 -17.35 22.66
N VAL A 26 4.51 -16.06 22.88
CA VAL A 26 4.14 -15.12 21.83
C VAL A 26 5.01 -13.88 21.99
N PHE A 27 5.94 -13.69 21.08
CA PHE A 27 6.88 -12.57 21.15
C PHE A 27 7.14 -12.05 19.76
N PRO A 28 7.62 -10.81 19.63
CA PRO A 28 7.87 -10.26 18.30
C PRO A 28 9.00 -10.98 17.60
N SER A 29 8.83 -11.14 16.28
CA SER A 29 9.84 -11.80 15.45
C SER A 29 10.81 -10.75 14.97
N ILE A 30 11.75 -10.40 15.84
CA ILE A 30 12.58 -9.22 15.63
C ILE A 30 13.95 -9.49 16.23
N VAL A 31 14.98 -8.87 15.64
CA VAL A 31 16.35 -8.99 16.11
C VAL A 31 16.94 -7.60 16.15
N GLY A 32 17.46 -7.19 17.30
CA GLY A 32 18.02 -5.87 17.49
C GLY A 32 19.52 -5.93 17.70
N ARG A 33 20.21 -4.91 17.20
CA ARG A 33 21.64 -4.78 17.37
C ARG A 33 21.97 -3.37 17.83
N PRO A 34 22.93 -3.21 18.74
CA PRO A 34 23.24 -1.88 19.25
C PRO A 34 23.89 -1.02 18.18
N ARG A 35 23.48 0.25 18.14
CA ARG A 35 24.00 1.19 17.18
C ARG A 35 24.97 2.19 17.81
N HIS A 36 24.84 2.43 19.11
CA HIS A 36 25.61 3.46 19.78
C HIS A 36 26.92 2.87 20.31
N GLN A 37 27.62 3.64 21.14
CA GLN A 37 29.03 3.36 21.39
C GLN A 37 29.24 2.25 22.40
N GLY A 38 28.84 2.48 23.65
CA GLY A 38 29.12 1.52 24.70
C GLY A 38 30.36 1.91 25.46
N VAL A 39 30.19 2.44 26.67
CA VAL A 39 31.26 3.07 27.42
C VAL A 39 31.52 2.37 28.75
N MET A 40 30.48 1.96 29.45
CA MET A 40 30.64 1.33 30.76
C MET A 40 31.38 0.02 30.58
N VAL A 41 32.65 -0.01 30.98
CA VAL A 41 33.45 -1.22 30.86
C VAL A 41 32.93 -2.27 31.83
N GLY A 42 32.65 -3.46 31.32
CA GLY A 42 32.15 -4.54 32.15
C GLY A 42 30.65 -4.63 32.23
N MET A 43 29.91 -3.90 31.40
CA MET A 43 28.46 -4.01 31.42
C MET A 43 27.95 -5.32 30.82
N GLY A 44 28.83 -6.09 30.19
CA GLY A 44 28.38 -7.32 29.55
C GLY A 44 27.55 -7.04 28.32
N GLN A 45 28.18 -6.49 27.29
CA GLN A 45 27.46 -6.16 26.07
C GLN A 45 27.13 -7.42 25.29
N LYS A 46 25.86 -7.61 24.96
CA LYS A 46 25.47 -8.67 24.05
C LYS A 46 25.62 -8.19 22.62
N ASP A 47 25.86 -9.13 21.72
CA ASP A 47 25.98 -8.78 20.32
C ASP A 47 24.64 -8.45 19.71
N SER A 48 23.59 -9.17 20.08
CA SER A 48 22.28 -8.97 19.50
C SER A 48 21.22 -9.47 20.46
N TYR A 49 20.06 -8.82 20.43
CA TYR A 49 18.93 -9.20 21.26
C TYR A 49 17.78 -9.62 20.37
N VAL A 50 17.03 -10.62 20.81
CA VAL A 50 15.94 -11.17 20.02
C VAL A 50 14.66 -11.08 20.83
N GLY A 51 13.54 -11.27 20.14
CA GLY A 51 12.29 -11.36 20.84
C GLY A 51 11.89 -10.05 21.48
N ASP A 52 11.29 -10.13 22.65
CA ASP A 52 10.83 -8.95 23.36
C ASP A 52 11.86 -8.40 24.32
N GLU A 53 13.02 -9.04 24.45
CA GLU A 53 14.14 -8.37 25.08
C GLU A 53 14.66 -7.23 24.21
N ALA A 54 14.71 -7.45 22.91
CA ALA A 54 15.02 -6.39 21.97
C ALA A 54 13.94 -5.33 21.91
N GLN A 55 12.77 -5.60 22.48
CA GLN A 55 11.69 -4.62 22.46
C GLN A 55 11.77 -3.65 23.61
N SER A 56 12.32 -4.07 24.75
CA SER A 56 12.48 -3.17 25.88
C SER A 56 13.75 -2.34 25.78
N LYS A 57 14.80 -2.88 25.16
CA LYS A 57 16.02 -2.13 24.89
C LYS A 57 15.99 -1.41 23.56
N ARG A 58 14.82 -1.24 22.96
CA ARG A 58 14.76 -0.75 21.59
C ARG A 58 15.21 0.69 21.46
N GLY A 59 15.39 1.41 22.56
CA GLY A 59 15.83 2.78 22.46
C GLY A 59 17.23 2.92 21.89
N ILE A 60 18.07 1.91 22.09
CA ILE A 60 19.46 1.94 21.66
C ILE A 60 19.75 0.94 20.58
N LEU A 61 18.76 0.19 20.12
CA LEU A 61 18.97 -0.84 19.12
C LEU A 61 18.38 -0.41 17.79
N THR A 62 18.82 -1.08 16.74
CA THR A 62 18.20 -0.98 15.43
C THR A 62 17.53 -2.31 15.13
N LEU A 63 16.20 -2.28 14.98
CA LEU A 63 15.41 -3.50 14.89
C LEU A 63 15.24 -3.94 13.45
N LYS A 64 15.24 -5.25 13.25
CA LYS A 64 15.12 -5.82 11.92
C LYS A 64 14.23 -7.06 11.96
N TYR A 65 13.31 -7.14 11.02
CA TYR A 65 12.52 -8.35 10.85
C TYR A 65 13.20 -9.25 9.83
N PRO A 66 13.49 -10.51 10.17
CA PRO A 66 14.07 -11.41 9.17
C PRO A 66 13.08 -11.99 8.18
N ILE A 67 11.82 -11.58 8.24
CA ILE A 67 10.78 -12.02 7.32
C ILE A 67 10.10 -10.79 6.75
N GLU A 68 10.14 -10.63 5.43
CA GLU A 68 9.62 -9.40 4.84
C GLU A 68 8.15 -9.54 4.43
N HIS A 69 7.86 -10.45 3.51
CA HIS A 69 6.51 -10.61 2.99
C HIS A 69 6.11 -12.07 3.03
N GLY A 70 6.34 -12.71 4.16
CA GLY A 70 6.19 -14.13 4.28
C GLY A 70 7.42 -14.90 3.89
N ILE A 71 8.39 -14.26 3.26
CA ILE A 71 9.62 -14.89 2.82
C ILE A 71 10.71 -14.57 3.82
N ILE A 72 11.49 -15.58 4.20
CA ILE A 72 12.61 -15.37 5.11
C ILE A 72 13.78 -14.84 4.30
N THR A 73 14.19 -13.61 4.58
CA THR A 73 15.23 -12.94 3.81
C THR A 73 16.52 -12.74 4.59
N ASN A 74 16.65 -13.35 5.76
CA ASN A 74 17.88 -13.28 6.55
C ASN A 74 17.94 -14.56 7.36
N TRP A 75 18.70 -15.54 6.88
CA TRP A 75 18.62 -16.86 7.48
C TRP A 75 19.38 -16.95 8.79
N ASP A 76 20.40 -16.10 8.98
CA ASP A 76 21.07 -16.07 10.26
C ASP A 76 20.15 -15.54 11.35
N ASP A 77 19.46 -14.44 11.09
CA ASP A 77 18.52 -13.91 12.06
C ASP A 77 17.39 -14.89 12.34
N MET A 78 16.90 -15.57 11.30
CA MET A 78 15.85 -16.55 11.53
C MET A 78 16.35 -17.70 12.36
N GLU A 79 17.60 -18.11 12.16
CA GLU A 79 18.17 -19.16 13.00
C GLU A 79 18.29 -18.68 14.44
N LYS A 80 18.67 -17.42 14.65
CA LYS A 80 18.70 -16.87 16.00
C LYS A 80 17.32 -16.92 16.64
N ILE A 81 16.29 -16.55 15.89
CA ILE A 81 14.95 -16.50 16.44
C ILE A 81 14.46 -17.90 16.77
N TRP A 82 14.79 -18.88 15.93
CA TRP A 82 14.38 -20.24 16.24
C TRP A 82 15.13 -20.78 17.46
N HIS A 83 16.42 -20.49 17.55
CA HIS A 83 17.19 -20.92 18.71
C HIS A 83 16.60 -20.34 19.98
N HIS A 84 16.26 -19.05 19.96
CA HIS A 84 15.60 -18.43 21.09
C HIS A 84 14.30 -19.15 21.41
N THR A 85 13.44 -19.33 20.41
CA THR A 85 12.14 -19.95 20.64
C THR A 85 12.27 -21.31 21.29
N PHE A 86 13.26 -22.09 20.89
CA PHE A 86 13.37 -23.44 21.44
C PHE A 86 13.98 -23.42 22.83
N TYR A 87 15.06 -22.67 23.03
CA TYR A 87 15.81 -22.83 24.27
C TYR A 87 15.39 -21.87 25.38
N ASN A 88 15.04 -20.64 25.04
CA ASN A 88 14.75 -19.64 26.07
C ASN A 88 13.28 -19.46 26.35
N GLU A 89 12.42 -19.64 25.36
CA GLU A 89 10.99 -19.44 25.53
C GLU A 89 10.27 -20.74 25.89
N LEU A 90 10.40 -21.77 25.06
CA LEU A 90 9.77 -23.05 25.35
C LEU A 90 10.60 -23.88 26.31
N ARG A 91 11.92 -23.71 26.30
CA ARG A 91 12.82 -24.44 27.18
C ARG A 91 12.66 -25.94 27.02
N VAL A 92 12.96 -26.40 25.80
CA VAL A 92 12.94 -27.81 25.46
C VAL A 92 14.22 -28.14 24.69
N ALA A 93 14.34 -29.38 24.28
CA ALA A 93 15.42 -29.81 23.41
C ALA A 93 14.83 -30.21 22.07
N PRO A 94 15.17 -29.51 20.98
CA PRO A 94 14.54 -29.82 19.69
C PRO A 94 14.81 -31.22 19.20
N GLU A 95 15.76 -31.94 19.78
CA GLU A 95 16.07 -33.29 19.35
C GLU A 95 15.03 -34.30 19.80
N GLU A 96 14.00 -33.87 20.52
CA GLU A 96 13.06 -34.80 21.14
C GLU A 96 11.63 -34.47 20.77
N HIS A 97 11.41 -33.70 19.70
CA HIS A 97 10.08 -33.22 19.41
C HIS A 97 9.94 -33.01 17.91
N PRO A 98 8.95 -33.62 17.27
CA PRO A 98 8.62 -33.23 15.89
C PRO A 98 8.09 -31.82 15.89
N THR A 99 8.40 -31.09 14.83
CA THR A 99 8.06 -29.67 14.74
C THR A 99 7.18 -29.42 13.54
N LEU A 100 6.10 -28.68 13.75
CA LEU A 100 5.16 -28.34 12.68
C LEU A 100 5.32 -26.86 12.37
N LEU A 101 6.06 -26.56 11.32
CA LEU A 101 6.18 -25.19 10.86
C LEU A 101 5.03 -24.83 9.96
N THR A 102 4.92 -23.55 9.63
CA THR A 102 3.80 -23.07 8.86
C THR A 102 4.30 -22.07 7.83
N GLU A 103 3.60 -21.99 6.71
CA GLU A 103 4.04 -21.12 5.61
C GLU A 103 2.82 -20.60 4.86
N ALA A 104 2.99 -19.47 4.23
CA ALA A 104 1.95 -18.92 3.40
C ALA A 104 1.98 -19.57 2.02
N PRO A 105 0.85 -19.59 1.31
CA PRO A 105 0.84 -20.19 -0.02
C PRO A 105 1.44 -19.27 -1.06
N LEU A 106 1.97 -19.90 -2.12
CA LEU A 106 2.49 -19.19 -3.29
C LEU A 106 3.72 -18.36 -2.96
N ASN A 107 4.67 -18.97 -2.26
CA ASN A 107 5.95 -18.31 -2.02
C ASN A 107 7.06 -19.30 -2.35
N PRO A 108 8.27 -18.80 -2.66
CA PRO A 108 9.28 -19.64 -3.32
C PRO A 108 9.55 -20.98 -2.68
N LYS A 109 10.06 -21.92 -3.49
CA LYS A 109 10.35 -23.26 -2.99
C LYS A 109 11.54 -23.27 -2.06
N ALA A 110 12.54 -22.44 -2.36
CA ALA A 110 13.74 -22.39 -1.55
C ALA A 110 13.41 -22.07 -0.10
N ASN A 111 12.29 -21.38 0.14
CA ASN A 111 11.90 -21.09 1.51
C ASN A 111 11.67 -22.37 2.30
N ARG A 112 10.83 -23.27 1.78
CA ARG A 112 10.57 -24.52 2.49
C ARG A 112 11.78 -25.42 2.50
N GLU A 113 12.54 -25.43 1.41
CA GLU A 113 13.73 -26.27 1.39
C GLU A 113 14.72 -25.84 2.46
N LYS A 114 14.94 -24.54 2.61
CA LYS A 114 15.85 -24.06 3.63
C LYS A 114 15.28 -24.27 5.02
N MET A 115 13.96 -24.11 5.18
CA MET A 115 13.34 -24.41 6.46
C MET A 115 13.66 -25.82 6.90
N THR A 116 13.38 -26.80 6.05
CA THR A 116 13.58 -28.19 6.45
C THR A 116 15.05 -28.52 6.61
N GLN A 117 15.91 -27.95 5.78
CA GLN A 117 17.34 -28.20 5.94
C GLN A 117 17.85 -27.65 7.26
N ILE A 118 17.47 -26.41 7.59
CA ILE A 118 17.84 -25.83 8.88
C ILE A 118 17.39 -26.73 10.01
N MET A 119 16.09 -27.07 10.03
CA MET A 119 15.58 -27.94 11.09
C MET A 119 16.44 -29.19 11.23
N PHE A 120 16.51 -29.99 10.16
CA PHE A 120 17.13 -31.30 10.27
C PHE A 120 18.62 -31.22 10.56
N GLU A 121 19.31 -30.17 10.12
CA GLU A 121 20.75 -30.13 10.35
C GLU A 121 21.11 -29.39 11.64
N THR A 122 20.75 -28.12 11.75
CA THR A 122 21.19 -27.38 12.91
C THR A 122 20.24 -27.48 14.09
N PHE A 123 19.23 -28.35 14.04
CA PHE A 123 18.44 -28.62 15.22
C PHE A 123 18.18 -30.09 15.48
N ASN A 124 18.34 -30.94 14.47
CA ASN A 124 18.23 -32.38 14.62
C ASN A 124 16.87 -32.78 15.19
N VAL A 125 15.82 -32.18 14.64
CA VAL A 125 14.47 -32.57 14.99
C VAL A 125 14.26 -34.00 14.50
N PRO A 126 13.46 -34.81 15.19
CA PRO A 126 13.20 -36.17 14.68
C PRO A 126 12.38 -36.17 13.41
N ALA A 127 11.47 -35.22 13.26
CA ALA A 127 10.66 -35.10 12.06
C ALA A 127 10.06 -33.72 12.02
N MET A 128 9.55 -33.33 10.86
CA MET A 128 8.94 -32.01 10.72
C MET A 128 7.90 -32.06 9.62
N TYR A 129 7.27 -30.93 9.37
CA TYR A 129 6.16 -30.81 8.45
C TYR A 129 5.86 -29.33 8.29
N VAL A 130 5.45 -28.94 7.09
CA VAL A 130 5.21 -27.55 6.76
C VAL A 130 3.78 -27.43 6.24
N ALA A 131 2.91 -26.80 7.02
CA ALA A 131 1.50 -26.70 6.68
C ALA A 131 1.21 -25.36 6.02
N ILE A 132 -0.04 -25.18 5.62
CA ILE A 132 -0.51 -23.92 5.03
C ILE A 132 -1.40 -23.23 6.04
N GLN A 133 -1.21 -21.92 6.20
CA GLN A 133 -1.85 -21.20 7.29
C GLN A 133 -3.37 -21.23 7.19
N ALA A 134 -3.90 -21.15 5.97
CA ALA A 134 -5.35 -21.09 5.81
C ALA A 134 -6.01 -22.40 6.18
N VAL A 135 -5.38 -23.52 5.86
CA VAL A 135 -5.93 -24.82 6.22
C VAL A 135 -6.04 -24.97 7.73
N LEU A 136 -4.98 -24.56 8.43
CA LEU A 136 -5.02 -24.64 9.89
C LEU A 136 -6.06 -23.69 10.47
N SER A 137 -6.20 -22.51 9.87
CA SER A 137 -7.25 -21.61 10.32
C SER A 137 -8.63 -22.24 10.18
N LEU A 138 -8.83 -23.02 9.11
CA LEU A 138 -10.11 -23.68 8.94
C LEU A 138 -10.29 -24.81 9.95
N TYR A 139 -9.21 -25.53 10.26
CA TYR A 139 -9.28 -26.51 11.34
C TYR A 139 -9.75 -25.87 12.63
N ALA A 140 -9.15 -24.73 12.98
CA ALA A 140 -9.50 -24.06 14.23
C ALA A 140 -10.91 -23.52 14.20
N SER A 141 -11.41 -23.12 13.03
CA SER A 141 -12.78 -22.64 12.96
C SER A 141 -13.80 -23.75 13.09
N GLY A 142 -13.39 -25.01 13.02
CA GLY A 142 -14.31 -26.12 13.16
C GLY A 142 -15.20 -26.30 11.95
N ARG A 143 -14.59 -26.30 10.76
CA ARG A 143 -15.32 -26.43 9.51
C ARG A 143 -14.50 -27.28 8.55
N THR A 144 -15.13 -27.69 7.47
CA THR A 144 -14.42 -28.33 6.37
C THR A 144 -14.69 -27.63 5.05
N THR A 145 -15.38 -26.50 5.06
CA THR A 145 -15.80 -25.83 3.85
C THR A 145 -15.86 -24.35 4.11
N GLY A 146 -15.19 -23.57 3.29
CA GLY A 146 -15.24 -22.13 3.43
C GLY A 146 -14.06 -21.48 2.79
N ILE A 147 -14.21 -20.20 2.50
CA ILE A 147 -13.13 -19.39 1.98
C ILE A 147 -12.57 -18.56 3.12
N VAL A 148 -11.31 -18.79 3.43
CA VAL A 148 -10.66 -18.19 4.59
C VAL A 148 -9.75 -17.07 4.14
N LEU A 149 -9.94 -15.89 4.71
CA LEU A 149 -9.12 -14.71 4.43
C LEU A 149 -8.16 -14.53 5.59
N ASP A 150 -6.91 -14.91 5.39
CA ASP A 150 -5.88 -14.74 6.39
C ASP A 150 -5.11 -13.46 6.11
N SER A 151 -4.87 -12.67 7.15
CA SER A 151 -4.22 -11.38 7.00
C SER A 151 -3.35 -11.14 8.22
N GLY A 152 -2.06 -11.38 8.08
CA GLY A 152 -1.15 -11.19 9.19
C GLY A 152 -0.36 -9.91 9.11
N ASP A 153 0.95 -10.01 9.30
CA ASP A 153 1.81 -8.83 9.23
C ASP A 153 2.44 -8.64 7.87
N GLY A 154 2.55 -9.69 7.06
CA GLY A 154 3.26 -9.58 5.80
C GLY A 154 2.45 -9.81 4.55
N VAL A 155 1.43 -10.67 4.62
CA VAL A 155 0.77 -11.13 3.40
C VAL A 155 -0.68 -11.46 3.72
N THR A 156 -1.55 -11.15 2.76
CA THR A 156 -2.98 -11.47 2.82
C THR A 156 -3.30 -12.47 1.73
N HIS A 157 -3.99 -13.54 2.07
CA HIS A 157 -4.33 -14.55 1.07
C HIS A 157 -5.68 -15.17 1.36
N ASN A 158 -6.38 -15.53 0.28
CA ASN A 158 -7.61 -16.31 0.35
C ASN A 158 -7.33 -17.71 -0.12
N VAL A 159 -7.94 -18.69 0.54
CA VAL A 159 -7.90 -20.08 0.12
C VAL A 159 -9.29 -20.65 0.21
N PRO A 160 -9.94 -20.99 -0.90
CA PRO A 160 -11.24 -21.63 -0.81
C PRO A 160 -11.14 -23.13 -0.66
N ILE A 161 -11.86 -23.69 0.30
CA ILE A 161 -11.86 -25.12 0.57
C ILE A 161 -13.30 -25.61 0.46
N TYR A 162 -13.46 -26.82 -0.04
CA TYR A 162 -14.79 -27.44 -0.09
C TYR A 162 -14.67 -28.90 0.29
N GLU A 163 -15.42 -29.32 1.31
CA GLU A 163 -15.43 -30.70 1.75
C GLU A 163 -14.02 -31.22 2.02
N GLY A 164 -13.11 -30.32 2.35
CA GLY A 164 -11.73 -30.70 2.56
C GLY A 164 -10.89 -30.76 1.31
N TYR A 165 -11.36 -30.21 0.21
CA TYR A 165 -10.60 -30.15 -1.04
C TYR A 165 -10.25 -28.72 -1.33
N ALA A 166 -8.97 -28.45 -1.56
CA ALA A 166 -8.53 -27.11 -1.88
C ALA A 166 -8.69 -26.85 -3.37
N LEU A 167 -8.88 -25.60 -3.71
CA LEU A 167 -9.00 -25.18 -5.10
C LEU A 167 -7.77 -24.37 -5.45
N PRO A 168 -6.62 -25.00 -5.71
CA PRO A 168 -5.38 -24.24 -5.80
C PRO A 168 -5.33 -23.25 -6.94
N HIS A 169 -6.23 -23.34 -7.90
CA HIS A 169 -6.26 -22.36 -8.97
C HIS A 169 -7.00 -21.09 -8.57
N ALA A 170 -7.73 -21.11 -7.47
CA ALA A 170 -8.46 -19.95 -7.00
C ALA A 170 -7.79 -19.27 -5.82
N ILE A 171 -6.68 -19.80 -5.34
CA ILE A 171 -5.92 -19.13 -4.29
C ILE A 171 -5.42 -17.79 -4.81
N MET A 172 -5.68 -16.73 -4.06
CA MET A 172 -5.24 -15.40 -4.42
C MET A 172 -4.43 -14.85 -3.26
N ARG A 173 -3.23 -14.35 -3.57
CA ARG A 173 -2.31 -13.86 -2.57
C ARG A 173 -2.04 -12.39 -2.81
N LEU A 174 -2.19 -11.58 -1.79
CA LEU A 174 -2.03 -10.15 -1.87
C LEU A 174 -0.93 -9.72 -0.91
N ASP A 175 -0.20 -8.68 -1.27
CA ASP A 175 0.98 -8.34 -0.50
C ASP A 175 0.88 -6.99 0.18
N LEU A 176 -0.26 -6.70 0.78
CA LEU A 176 -0.34 -5.64 1.77
C LEU A 176 -0.99 -6.21 3.00
N ALA A 177 -0.42 -5.89 4.16
CA ALA A 177 -0.83 -6.49 5.42
C ALA A 177 -0.56 -5.47 6.51
N GLY A 178 -0.46 -5.94 7.74
CA GLY A 178 -0.26 -5.04 8.87
C GLY A 178 0.89 -4.07 8.68
N ARG A 179 2.00 -4.54 8.13
CA ARG A 179 3.19 -3.69 8.08
C ARG A 179 3.00 -2.53 7.11
N ASP A 180 2.33 -2.76 5.99
CA ASP A 180 2.09 -1.66 5.07
C ASP A 180 1.11 -0.66 5.64
N LEU A 181 0.18 -1.12 6.48
CA LEU A 181 -0.69 -0.19 7.16
C LEU A 181 0.07 0.62 8.20
N THR A 182 1.00 -0.01 8.90
CA THR A 182 1.84 0.73 9.84
C THR A 182 2.64 1.80 9.13
N ASP A 183 3.20 1.47 7.98
CA ASP A 183 3.97 2.46 7.23
C ASP A 183 3.08 3.58 6.71
N TYR A 184 1.90 3.24 6.22
CA TYR A 184 0.99 4.28 5.75
C TYR A 184 0.57 5.19 6.89
N LEU A 185 0.40 4.64 8.08
CA LEU A 185 0.04 5.48 9.22
C LEU A 185 1.21 6.37 9.63
N MET A 186 2.43 5.83 9.60
CA MET A 186 3.60 6.67 9.84
C MET A 186 3.67 7.82 8.86
N LYS A 187 3.25 7.59 7.61
CA LYS A 187 3.29 8.65 6.62
C LYS A 187 2.12 9.62 6.76
N ILE A 188 0.98 9.15 7.24
CA ILE A 188 -0.19 10.01 7.39
C ILE A 188 -0.11 10.86 8.64
N LEU A 189 0.60 10.40 9.67
CA LEU A 189 0.70 11.19 10.89
C LEU A 189 1.56 12.43 10.72
N THR A 190 2.38 12.49 9.67
CA THR A 190 3.21 13.67 9.46
C THR A 190 2.38 14.89 9.13
N GLU A 191 1.20 14.71 8.56
CA GLU A 191 0.39 15.86 8.20
C GLU A 191 -0.32 16.47 9.40
N ARG A 192 -0.08 15.97 10.60
CA ARG A 192 -0.50 16.64 11.82
C ARG A 192 0.67 17.20 12.60
N GLY A 193 1.90 16.87 12.22
CA GLY A 193 3.07 17.38 12.88
C GLY A 193 3.92 16.32 13.53
N TYR A 194 3.41 15.12 13.74
CA TYR A 194 4.15 14.07 14.43
C TYR A 194 5.06 13.36 13.43
N SER A 195 6.30 13.12 13.82
CA SER A 195 7.32 12.57 12.93
C SER A 195 7.94 11.35 13.57
N PHE A 196 7.67 10.18 13.00
CA PHE A 196 8.24 8.92 13.44
C PHE A 196 9.06 8.35 12.29
N VAL A 197 10.37 8.21 12.49
CA VAL A 197 11.24 7.77 11.41
C VAL A 197 12.06 6.56 11.84
N THR A 198 12.29 6.43 13.14
CA THR A 198 13.12 5.36 13.66
C THR A 198 12.35 4.04 13.61
N THR A 199 13.07 2.94 13.76
CA THR A 199 12.42 1.63 13.88
C THR A 199 11.65 1.51 15.18
N ALA A 200 12.24 2.00 16.28
CA ALA A 200 11.52 2.04 17.55
C ALA A 200 10.26 2.88 17.42
N GLU A 201 10.34 3.99 16.69
CA GLU A 201 9.14 4.77 16.48
C GLU A 201 8.15 4.03 15.59
N ARG A 202 8.64 3.15 14.72
CA ARG A 202 7.72 2.30 13.98
C ARG A 202 6.97 1.37 14.91
N GLU A 203 7.63 0.86 15.95
CA GLU A 203 6.91 0.06 16.94
C GLU A 203 5.86 0.89 17.68
N ILE A 204 6.22 2.12 18.02
CA ILE A 204 5.24 3.01 18.67
C ILE A 204 4.02 3.20 17.78
N VAL A 205 4.25 3.43 16.49
CA VAL A 205 3.14 3.65 15.58
C VAL A 205 2.32 2.38 15.41
N ARG A 206 2.96 1.21 15.44
CA ARG A 206 2.21 -0.03 15.40
C ARG A 206 1.27 -0.12 16.59
N ASP A 207 1.73 0.31 17.77
CA ASP A 207 0.83 0.26 18.92
C ASP A 207 -0.31 1.25 18.79
N ILE A 208 -0.02 2.45 18.26
CA ILE A 208 -1.10 3.40 18.00
C ILE A 208 -2.13 2.77 17.08
N LYS A 209 -1.68 2.07 16.04
CA LYS A 209 -2.58 1.42 15.11
C LYS A 209 -3.42 0.37 15.81
N GLU A 210 -2.81 -0.44 16.66
CA GLU A 210 -3.55 -1.49 17.34
C GLU A 210 -4.51 -0.95 18.40
N LYS A 211 -4.35 0.29 18.84
CA LYS A 211 -5.24 0.81 19.87
C LYS A 211 -6.32 1.77 19.38
N LEU A 212 -6.07 2.53 18.32
CA LEU A 212 -6.99 3.61 17.98
C LEU A 212 -7.65 3.51 16.63
N CYS A 213 -7.35 2.50 15.82
CA CYS A 213 -7.81 2.46 14.45
C CYS A 213 -9.00 1.52 14.30
N TYR A 214 -9.90 1.85 13.39
CA TYR A 214 -11.08 1.05 13.14
C TYR A 214 -11.50 1.25 11.70
N VAL A 215 -12.33 0.34 11.20
CA VAL A 215 -12.81 0.38 9.82
C VAL A 215 -14.16 1.06 9.78
N ALA A 216 -14.27 2.09 8.95
CA ALA A 216 -15.51 2.84 8.84
C ALA A 216 -16.49 2.10 7.95
N LEU A 217 -17.75 2.02 8.38
CA LEU A 217 -18.75 1.30 7.61
C LEU A 217 -19.00 1.96 6.26
N ASP A 218 -19.02 3.29 6.24
CA ASP A 218 -19.17 4.06 5.01
C ASP A 218 -18.09 5.13 5.02
N PHE A 219 -17.12 5.01 4.13
CA PHE A 219 -15.92 5.84 4.23
C PHE A 219 -16.23 7.32 4.00
N GLU A 220 -17.08 7.61 3.03
CA GLU A 220 -17.28 9.00 2.62
C GLU A 220 -18.02 9.80 3.68
N ASN A 221 -19.15 9.28 4.15
CA ASN A 221 -19.88 10.05 5.16
C ASN A 221 -19.15 10.07 6.48
N GLU A 222 -18.38 9.02 6.79
CA GLU A 222 -17.50 9.07 7.96
C GLU A 222 -16.49 10.17 7.82
N MET A 223 -15.92 10.34 6.62
CA MET A 223 -14.99 11.43 6.37
C MET A 223 -15.66 12.77 6.59
N ALA A 224 -16.87 12.95 6.05
CA ALA A 224 -17.57 14.22 6.23
C ALA A 224 -17.91 14.48 7.69
N THR A 225 -18.26 13.41 8.42
CA THR A 225 -18.57 13.56 9.84
C THR A 225 -17.34 13.97 10.63
N ALA A 226 -16.21 13.32 10.38
CA ALA A 226 -14.98 13.72 11.05
C ALA A 226 -14.61 15.16 10.70
N ALA A 227 -14.92 15.59 9.48
CA ALA A 227 -14.64 16.98 9.13
C ALA A 227 -15.59 17.93 9.84
N SER A 228 -16.82 17.50 10.11
CA SER A 228 -17.81 18.41 10.68
C SER A 228 -17.59 18.63 12.17
N SER A 229 -17.74 17.58 12.97
CA SER A 229 -17.54 17.67 14.41
C SER A 229 -16.11 17.27 14.75
N SER A 230 -15.85 17.05 16.04
CA SER A 230 -14.57 16.55 16.49
C SER A 230 -14.76 15.44 17.52
N SER A 231 -15.82 14.65 17.37
CA SER A 231 -16.12 13.57 18.30
C SER A 231 -15.34 12.30 18.02
N LEU A 232 -14.68 12.21 16.86
CA LEU A 232 -13.90 11.05 16.50
C LEU A 232 -12.47 11.12 16.99
N GLU A 233 -12.05 12.23 17.58
CA GLU A 233 -10.67 12.41 17.98
C GLU A 233 -10.41 11.71 19.31
N LYS A 234 -9.49 10.77 19.31
CA LYS A 234 -8.95 10.20 20.53
C LYS A 234 -7.55 10.73 20.76
N SER A 235 -7.01 10.45 21.94
CA SER A 235 -5.69 10.92 22.30
C SER A 235 -4.84 9.75 22.75
N TYR A 236 -3.57 9.79 22.39
CA TYR A 236 -2.60 8.77 22.75
C TYR A 236 -1.42 9.44 23.42
N GLU A 237 -0.79 8.73 24.35
CA GLU A 237 0.33 9.28 25.10
C GLU A 237 1.57 8.44 24.79
N LEU A 238 2.53 9.06 24.12
CA LEU A 238 3.80 8.42 23.77
C LEU A 238 4.54 8.08 25.05
N PRO A 239 5.58 7.25 24.98
CA PRO A 239 6.25 6.88 26.24
C PRO A 239 7.26 7.91 26.70
N ASP A 240 6.93 9.20 26.54
CA ASP A 240 7.66 10.27 27.21
C ASP A 240 6.75 11.42 27.58
N GLY A 241 5.47 11.16 27.80
CA GLY A 241 4.50 12.23 27.77
C GLY A 241 4.12 12.52 26.33
N GLN A 242 3.93 13.80 26.02
CA GLN A 242 3.67 14.23 24.64
C GLN A 242 2.41 13.55 24.09
N VAL A 243 1.29 13.90 24.69
CA VAL A 243 0.01 13.44 24.17
C VAL A 243 -0.16 13.89 22.73
N ILE A 244 -0.54 12.94 21.87
CA ILE A 244 -0.91 13.23 20.50
C ILE A 244 -2.38 12.86 20.32
N THR A 245 -3.04 13.55 19.40
CA THR A 245 -4.45 13.31 19.09
C THR A 245 -4.60 13.12 17.59
N ILE A 246 -5.31 12.07 17.19
CA ILE A 246 -5.53 11.79 15.79
C ILE A 246 -7.02 11.82 15.51
N GLY A 247 -7.37 12.18 14.28
CA GLY A 247 -8.75 12.37 13.90
C GLY A 247 -9.24 11.34 12.91
N ASN A 248 -9.29 11.69 11.62
CA ASN A 248 -9.72 10.74 10.62
C ASN A 248 -8.65 9.74 10.24
N GLU A 249 -7.43 9.87 10.76
CA GLU A 249 -6.42 8.86 10.53
C GLU A 249 -6.85 7.52 11.08
N ARG A 250 -7.67 7.55 12.14
CA ARG A 250 -8.11 6.33 12.79
C ARG A 250 -8.73 5.35 11.81
N PHE A 251 -9.54 5.85 10.88
CA PHE A 251 -10.15 4.98 9.89
C PHE A 251 -9.55 5.14 8.51
N ARG A 252 -8.73 6.15 8.28
CA ARG A 252 -8.02 6.21 7.02
C ARG A 252 -6.91 5.18 6.94
N CYS A 253 -6.36 4.75 8.08
CA CYS A 253 -5.28 3.77 8.02
C CYS A 253 -5.78 2.41 7.57
N PRO A 254 -6.76 1.77 8.23
CA PRO A 254 -7.19 0.45 7.76
C PRO A 254 -8.06 0.47 6.52
N GLU A 255 -8.52 1.64 6.09
CA GLU A 255 -9.27 1.72 4.84
C GLU A 255 -8.41 1.30 3.65
N THR A 256 -7.10 1.35 3.78
CA THR A 256 -6.22 0.90 2.72
C THR A 256 -6.47 -0.54 2.32
N LEU A 257 -6.97 -1.37 3.25
CA LEU A 257 -7.29 -2.74 2.90
C LEU A 257 -8.40 -2.81 1.86
N PHE A 258 -9.26 -1.81 1.81
CA PHE A 258 -10.35 -1.79 0.85
C PHE A 258 -10.08 -0.86 -0.33
N GLN A 259 -9.04 -0.04 -0.26
CA GLN A 259 -8.64 0.81 -1.37
C GLN A 259 -7.12 0.82 -1.43
N PRO A 260 -6.52 -0.25 -1.92
CA PRO A 260 -5.06 -0.33 -1.91
C PRO A 260 -4.38 0.69 -2.80
N SER A 261 -5.16 1.54 -3.46
CA SER A 261 -4.57 2.64 -4.20
C SER A 261 -4.03 3.73 -3.28
N PHE A 262 -4.42 3.73 -2.01
CA PHE A 262 -3.91 4.74 -1.08
C PHE A 262 -2.41 4.63 -0.90
N ILE A 263 -1.86 3.42 -0.95
CA ILE A 263 -0.43 3.22 -0.91
C ILE A 263 0.15 2.99 -2.30
N GLY A 264 -0.59 3.39 -3.34
CA GLY A 264 -0.09 3.28 -4.68
C GLY A 264 0.00 1.87 -5.23
N MET A 265 -0.86 0.97 -4.77
CA MET A 265 -0.93 -0.37 -5.32
C MET A 265 -2.08 -0.43 -6.33
N GLU A 266 -1.97 -1.38 -7.25
CA GLU A 266 -2.95 -1.49 -8.31
C GLU A 266 -4.03 -2.52 -8.02
N SER A 267 -3.86 -3.31 -6.95
CA SER A 267 -4.76 -4.41 -6.69
C SER A 267 -6.14 -3.90 -6.30
N ALA A 268 -7.03 -4.85 -6.02
CA ALA A 268 -8.35 -4.54 -5.51
C ALA A 268 -8.39 -4.80 -4.01
N GLY A 269 -9.40 -4.23 -3.36
CA GLY A 269 -9.54 -4.41 -1.93
C GLY A 269 -9.77 -5.86 -1.57
N ILE A 270 -9.65 -6.14 -0.27
CA ILE A 270 -9.79 -7.53 0.18
C ILE A 270 -11.18 -8.06 -0.13
N HIS A 271 -12.19 -7.22 -0.07
CA HIS A 271 -13.54 -7.67 -0.41
C HIS A 271 -13.61 -8.12 -1.86
N GLU A 272 -12.99 -7.37 -2.76
CA GLU A 272 -13.09 -7.70 -4.17
C GLU A 272 -12.24 -8.91 -4.52
N THR A 273 -11.07 -9.08 -3.91
CA THR A 273 -10.32 -10.29 -4.18
C THR A 273 -10.98 -11.51 -3.58
N THR A 274 -11.69 -11.35 -2.45
CA THR A 274 -12.47 -12.46 -1.92
C THR A 274 -13.57 -12.85 -2.89
N TYR A 275 -14.32 -11.86 -3.39
CA TYR A 275 -15.37 -12.15 -4.36
C TYR A 275 -14.82 -12.79 -5.62
N ASN A 276 -13.65 -12.33 -6.08
CA ASN A 276 -13.06 -12.90 -7.29
C ASN A 276 -12.62 -14.34 -7.07
N SER A 277 -11.99 -14.61 -5.93
CA SER A 277 -11.61 -15.98 -5.64
C SER A 277 -12.82 -16.88 -5.51
N ILE A 278 -13.95 -16.35 -5.04
CA ILE A 278 -15.17 -17.15 -5.03
C ILE A 278 -15.65 -17.42 -6.44
N MET A 279 -15.79 -16.36 -7.24
CA MET A 279 -16.26 -16.51 -8.62
C MET A 279 -15.30 -17.26 -9.51
N LYS A 280 -14.11 -17.61 -9.02
CA LYS A 280 -13.21 -18.49 -9.75
C LYS A 280 -13.43 -19.95 -9.44
N CYS A 281 -14.42 -20.28 -8.62
CA CYS A 281 -14.70 -21.65 -8.21
C CYS A 281 -15.94 -22.17 -8.92
N ASP A 282 -16.11 -23.49 -8.85
CA ASP A 282 -17.19 -24.15 -9.56
C ASP A 282 -18.54 -23.67 -9.04
N ILE A 283 -19.46 -23.44 -9.99
CA ILE A 283 -20.71 -22.77 -9.70
C ILE A 283 -21.55 -23.46 -8.64
N ASP A 284 -21.23 -24.71 -8.30
CA ASP A 284 -22.03 -25.42 -7.32
C ASP A 284 -21.58 -25.20 -5.90
N ILE A 285 -20.29 -24.95 -5.66
CA ILE A 285 -19.78 -24.79 -4.31
C ILE A 285 -19.79 -23.34 -3.84
N ARG A 286 -20.03 -22.39 -4.73
CA ARG A 286 -19.86 -21.01 -4.30
C ARG A 286 -21.02 -20.52 -3.45
N LYS A 287 -22.17 -21.18 -3.49
CA LYS A 287 -23.22 -20.83 -2.54
C LYS A 287 -22.83 -21.17 -1.12
N ASP A 288 -22.09 -22.27 -0.93
CA ASP A 288 -21.60 -22.62 0.40
C ASP A 288 -20.35 -21.86 0.77
N LEU A 289 -19.60 -21.38 -0.22
CA LEU A 289 -18.48 -20.50 0.07
C LEU A 289 -18.96 -19.12 0.51
N TYR A 290 -20.07 -18.65 -0.05
CA TYR A 290 -20.57 -17.33 0.31
C TYR A 290 -20.92 -17.23 1.79
N ALA A 291 -21.25 -18.34 2.42
CA ALA A 291 -21.73 -18.33 3.79
C ALA A 291 -20.70 -18.84 4.78
N ASN A 292 -19.44 -18.96 4.37
CA ASN A 292 -18.41 -19.46 5.27
C ASN A 292 -17.11 -18.67 5.09
N ASN A 293 -17.22 -17.34 5.01
CA ASN A 293 -16.03 -16.50 5.00
C ASN A 293 -15.41 -16.49 6.38
N VAL A 294 -14.24 -17.06 6.51
CA VAL A 294 -13.58 -17.22 7.80
C VAL A 294 -12.41 -16.25 7.85
N LEU A 295 -12.55 -15.21 8.68
CA LEU A 295 -11.46 -14.27 8.86
C LEU A 295 -10.44 -14.79 9.86
N SER A 296 -9.18 -14.46 9.61
CA SER A 296 -8.09 -14.94 10.45
C SER A 296 -6.95 -13.94 10.41
N GLY A 297 -6.06 -14.05 11.39
CA GLY A 297 -4.88 -13.22 11.46
C GLY A 297 -5.12 -11.92 12.20
N GLY A 298 -4.01 -11.26 12.50
CA GLY A 298 -4.08 -10.06 13.33
C GLY A 298 -4.65 -8.86 12.61
N THR A 299 -4.39 -8.74 11.32
CA THR A 299 -4.85 -7.57 10.58
C THR A 299 -6.36 -7.55 10.40
N THR A 300 -7.04 -8.66 10.65
CA THR A 300 -8.49 -8.71 10.61
C THR A 300 -9.13 -8.38 11.94
N MET A 301 -8.42 -7.68 12.81
CA MET A 301 -8.88 -7.45 14.17
C MET A 301 -9.41 -6.04 14.39
N TYR A 302 -9.44 -5.21 13.36
CA TYR A 302 -9.97 -3.87 13.52
C TYR A 302 -11.45 -3.93 13.88
N PRO A 303 -11.91 -3.01 14.72
CA PRO A 303 -13.36 -2.93 14.98
C PRO A 303 -14.11 -2.51 13.73
N GLY A 304 -15.15 -3.26 13.41
CA GLY A 304 -15.99 -2.94 12.28
C GLY A 304 -15.51 -3.49 10.95
N ILE A 305 -14.58 -4.45 10.95
CA ILE A 305 -14.12 -4.97 9.68
C ILE A 305 -15.05 -6.04 9.16
N ALA A 306 -15.67 -6.82 10.05
CA ALA A 306 -16.61 -7.83 9.60
C ALA A 306 -17.84 -7.20 8.96
N ASP A 307 -18.32 -6.09 9.52
CA ASP A 307 -19.51 -5.47 8.97
C ASP A 307 -19.22 -4.82 7.63
N ARG A 308 -18.08 -4.14 7.50
CA ARG A 308 -17.73 -3.57 6.20
C ARG A 308 -17.53 -4.67 5.17
N MET A 309 -16.89 -5.76 5.56
CA MET A 309 -16.70 -6.88 4.64
C MET A 309 -18.04 -7.43 4.17
N GLN A 310 -18.97 -7.63 5.11
CA GLN A 310 -20.27 -8.16 4.74
C GLN A 310 -21.02 -7.20 3.83
N LYS A 311 -20.98 -5.91 4.14
CA LYS A 311 -21.65 -4.93 3.29
C LYS A 311 -21.09 -4.97 1.87
N GLU A 312 -19.77 -5.00 1.73
CA GLU A 312 -19.17 -4.97 0.40
C GLU A 312 -19.47 -6.24 -0.38
N ILE A 313 -19.28 -7.40 0.24
CA ILE A 313 -19.53 -8.64 -0.48
C ILE A 313 -21.00 -8.78 -0.83
N THR A 314 -21.88 -8.36 0.07
CA THR A 314 -23.31 -8.37 -0.23
C THR A 314 -23.62 -7.50 -1.43
N ALA A 315 -23.01 -6.31 -1.50
CA ALA A 315 -23.22 -5.47 -2.65
C ALA A 315 -22.67 -6.10 -3.93
N LEU A 316 -21.67 -6.97 -3.81
CA LEU A 316 -21.12 -7.58 -5.02
C LEU A 316 -21.84 -8.86 -5.44
N ALA A 317 -22.18 -9.72 -4.50
CA ALA A 317 -22.78 -11.02 -4.80
C ALA A 317 -24.23 -10.84 -5.25
N PRO A 318 -24.84 -11.88 -5.81
CA PRO A 318 -26.27 -11.81 -6.15
C PRO A 318 -27.12 -11.57 -4.92
N SER A 319 -28.29 -10.98 -5.14
CA SER A 319 -29.15 -10.52 -4.06
C SER A 319 -29.94 -11.63 -3.40
N THR A 320 -29.58 -12.89 -3.63
CA THR A 320 -30.27 -14.01 -3.03
C THR A 320 -29.42 -14.78 -2.04
N MET A 321 -28.10 -14.70 -2.16
CA MET A 321 -27.21 -15.47 -1.31
C MET A 321 -27.16 -14.89 0.09
N LYS A 322 -26.75 -15.73 1.05
CA LYS A 322 -26.63 -15.34 2.44
C LYS A 322 -25.15 -15.21 2.76
N ILE A 323 -24.66 -13.98 2.77
CA ILE A 323 -23.27 -13.72 3.11
C ILE A 323 -23.11 -13.76 4.62
N LYS A 324 -22.18 -14.59 5.10
CA LYS A 324 -21.90 -14.69 6.52
C LYS A 324 -20.40 -14.57 6.72
N ILE A 325 -19.98 -13.52 7.40
CA ILE A 325 -18.59 -13.33 7.77
C ILE A 325 -18.40 -13.94 9.16
N ILE A 326 -17.60 -14.98 9.24
CA ILE A 326 -17.30 -15.63 10.51
C ILE A 326 -16.02 -15.04 11.05
N ALA A 327 -16.12 -14.32 12.16
CA ALA A 327 -14.99 -13.65 12.78
C ALA A 327 -14.96 -14.02 14.25
N PRO A 328 -14.22 -15.05 14.62
CA PRO A 328 -14.14 -15.43 16.02
C PRO A 328 -13.46 -14.36 16.84
N PRO A 329 -13.71 -14.31 18.15
CA PRO A 329 -13.01 -13.33 18.98
C PRO A 329 -11.55 -13.63 19.19
N GLU A 330 -11.11 -14.88 19.05
CA GLU A 330 -9.71 -15.26 19.20
C GLU A 330 -9.02 -15.47 17.86
N ARG A 331 -9.53 -14.83 16.81
CA ARG A 331 -9.10 -15.15 15.45
C ARG A 331 -7.64 -14.80 15.20
N LYS A 332 -6.99 -14.18 16.16
CA LYS A 332 -5.58 -13.84 15.98
C LYS A 332 -4.67 -15.04 16.15
N TYR A 333 -5.14 -16.11 16.77
CA TYR A 333 -4.34 -17.31 17.00
C TYR A 333 -4.93 -18.53 16.34
N SER A 334 -5.81 -18.33 15.35
CA SER A 334 -6.46 -19.46 14.70
C SER A 334 -5.46 -20.37 14.03
N VAL A 335 -4.43 -19.82 13.40
CA VAL A 335 -3.47 -20.65 12.71
C VAL A 335 -2.77 -21.57 13.71
N TRP A 336 -2.35 -21.02 14.84
CA TRP A 336 -1.68 -21.87 15.82
C TRP A 336 -2.64 -22.89 16.42
N ILE A 337 -3.87 -22.48 16.70
CA ILE A 337 -4.83 -23.41 17.30
C ILE A 337 -5.08 -24.58 16.35
N GLY A 338 -5.35 -24.27 15.08
CA GLY A 338 -5.53 -25.32 14.11
C GLY A 338 -4.29 -26.18 13.93
N GLY A 339 -3.11 -25.58 14.03
CA GLY A 339 -1.90 -26.37 13.91
C GLY A 339 -1.75 -27.35 15.05
N SER A 340 -2.14 -26.94 16.26
CA SER A 340 -2.09 -27.86 17.39
C SER A 340 -3.10 -28.99 17.20
N ILE A 341 -4.31 -28.65 16.77
CA ILE A 341 -5.30 -29.69 16.50
C ILE A 341 -4.76 -30.68 15.48
N LEU A 342 -4.22 -30.18 14.38
CA LEU A 342 -3.70 -31.05 13.33
C LEU A 342 -2.58 -31.94 13.85
N ALA A 343 -1.59 -31.35 14.51
CA ALA A 343 -0.49 -32.14 15.03
C ALA A 343 -0.94 -33.12 16.11
N SER A 344 -2.13 -32.96 16.68
CA SER A 344 -2.62 -33.89 17.67
C SER A 344 -3.39 -35.07 17.08
N LEU A 345 -3.80 -34.99 15.81
CA LEU A 345 -4.57 -36.07 15.22
C LEU A 345 -3.74 -37.33 15.12
N SER A 346 -4.35 -38.47 15.45
CA SER A 346 -3.61 -39.72 15.40
C SER A 346 -3.34 -40.14 13.96
N THR A 347 -4.26 -39.83 13.05
CA THR A 347 -4.05 -40.18 11.65
C THR A 347 -2.97 -39.32 11.00
N PHE A 348 -2.50 -38.28 11.67
CA PHE A 348 -1.48 -37.41 11.11
C PHE A 348 -0.08 -37.95 11.33
N GLN A 349 0.11 -38.84 12.31
CA GLN A 349 1.43 -39.29 12.69
C GLN A 349 2.16 -40.06 11.59
N GLN A 350 1.54 -40.28 10.44
CA GLN A 350 2.21 -40.86 9.30
C GLN A 350 2.66 -39.81 8.29
N MET A 351 2.20 -38.57 8.43
CA MET A 351 2.51 -37.51 7.49
C MET A 351 3.78 -36.76 7.82
N TRP A 352 4.42 -37.04 8.95
CA TRP A 352 5.67 -36.38 9.27
C TRP A 352 6.73 -36.74 8.25
N ILE A 353 7.73 -35.87 8.12
CA ILE A 353 8.89 -36.12 7.27
C ILE A 353 9.99 -36.60 8.20
N SER A 354 10.13 -37.91 8.32
CA SER A 354 11.09 -38.46 9.27
C SER A 354 12.51 -38.09 8.87
N LYS A 355 13.42 -38.13 9.84
CA LYS A 355 14.81 -37.82 9.57
C LYS A 355 15.38 -38.72 8.49
N GLN A 356 14.97 -39.99 8.46
CA GLN A 356 15.53 -40.94 7.52
C GLN A 356 15.11 -40.62 6.09
N GLU A 357 13.85 -40.21 5.91
CA GLU A 357 13.40 -39.82 4.58
C GLU A 357 14.22 -38.64 4.06
N TYR A 358 14.52 -37.67 4.92
CA TYR A 358 15.36 -36.57 4.51
C TYR A 358 16.77 -37.04 4.18
N ASP A 359 17.32 -37.92 5.00
CA ASP A 359 18.66 -38.44 4.75
C ASP A 359 18.73 -39.18 3.42
N GLU A 360 17.62 -39.76 2.98
CA GLU A 360 17.62 -40.43 1.69
C GLU A 360 17.40 -39.46 0.54
N ALA A 361 16.56 -38.44 0.73
CA ALA A 361 16.03 -37.70 -0.41
C ALA A 361 16.57 -36.28 -0.55
N GLY A 362 17.32 -35.77 0.42
CA GLY A 362 17.76 -34.40 0.35
C GLY A 362 16.68 -33.46 0.83
N PRO A 363 16.96 -32.16 0.82
CA PRO A 363 15.93 -31.19 1.25
C PRO A 363 14.73 -31.14 0.34
N SER A 364 14.83 -31.66 -0.88
CA SER A 364 13.73 -31.60 -1.83
C SER A 364 12.55 -32.47 -1.43
N ILE A 365 12.69 -33.28 -0.38
CA ILE A 365 11.61 -34.17 0.04
C ILE A 365 10.38 -33.37 0.44
N VAL A 366 10.56 -32.13 0.89
CA VAL A 366 9.50 -31.44 1.62
C VAL A 366 8.29 -31.21 0.72
N HIS A 367 8.47 -30.54 -0.41
CA HIS A 367 7.36 -30.29 -1.31
C HIS A 367 7.11 -31.46 -2.24
N ARG A 368 8.10 -32.32 -2.41
CA ARG A 368 7.97 -33.40 -3.39
C ARG A 368 6.93 -34.41 -2.97
N LYS A 369 6.70 -34.57 -1.68
CA LYS A 369 5.65 -35.47 -1.25
C LYS A 369 4.71 -34.82 -0.24
N CYS A 370 5.24 -33.95 0.61
CA CYS A 370 4.57 -33.61 1.84
C CYS A 370 4.20 -32.12 1.95
N THR B 1 -1.16 41.40 -15.30
CA THR B 1 -0.31 41.86 -14.21
C THR B 1 0.68 40.77 -13.81
N THR B 2 1.92 41.15 -13.56
CA THR B 2 2.96 40.21 -13.21
C THR B 2 2.70 39.60 -11.84
N ALA B 3 3.34 38.47 -11.60
CA ALA B 3 3.18 37.72 -10.35
C ALA B 3 4.50 37.64 -9.61
N LEU B 4 4.40 37.35 -8.32
CA LEU B 4 5.55 37.22 -7.44
C LEU B 4 5.88 35.76 -7.19
N VAL B 5 7.17 35.46 -7.12
CA VAL B 5 7.66 34.12 -6.77
C VAL B 5 8.53 34.28 -5.54
N CYS B 6 8.22 33.52 -4.49
CA CYS B 6 8.76 33.77 -3.16
C CYS B 6 9.23 32.46 -2.52
N ASP B 7 10.09 31.73 -3.21
CA ASP B 7 10.68 30.52 -2.62
C ASP B 7 11.28 30.83 -1.26
N ASN B 8 10.68 30.29 -0.21
CA ASN B 8 11.02 30.71 1.15
C ASN B 8 12.26 30.00 1.67
N GLY B 9 12.25 28.66 1.68
CA GLY B 9 13.38 27.93 2.18
C GLY B 9 13.63 28.16 3.66
N SER B 10 14.45 27.33 4.27
CA SER B 10 14.73 27.45 5.69
C SER B 10 16.03 28.17 5.97
N GLY B 11 16.75 28.61 4.95
CA GLY B 11 17.98 29.34 5.20
C GLY B 11 18.17 30.57 4.35
N LEU B 12 17.35 30.76 3.33
CA LEU B 12 17.55 31.85 2.39
C LEU B 12 16.23 32.16 1.70
N VAL B 13 15.85 33.43 1.70
CA VAL B 13 14.67 33.88 0.98
C VAL B 13 15.10 34.31 -0.41
N LYS B 14 14.46 33.75 -1.42
CA LYS B 14 14.73 34.11 -2.82
C LYS B 14 13.42 34.58 -3.42
N ALA B 15 13.32 35.87 -3.68
CA ALA B 15 12.12 36.47 -4.22
C ALA B 15 12.42 37.11 -5.57
N GLY B 16 11.37 37.48 -6.27
CA GLY B 16 11.52 38.06 -7.59
C GLY B 16 10.20 38.05 -8.33
N PHE B 17 10.25 38.47 -9.57
CA PHE B 17 9.07 38.59 -10.41
C PHE B 17 9.01 37.44 -11.40
N ALA B 18 7.81 36.92 -11.63
CA ALA B 18 7.64 35.83 -12.57
C ALA B 18 7.99 36.30 -13.97
N GLY B 19 8.93 35.63 -14.60
CA GLY B 19 9.39 36.00 -15.92
C GLY B 19 10.84 36.43 -15.99
N ASP B 20 11.54 36.49 -14.86
CA ASP B 20 12.96 36.82 -14.88
C ASP B 20 13.80 35.55 -14.93
N ASP B 21 15.11 35.74 -15.05
CA ASP B 21 16.02 34.61 -15.13
C ASP B 21 16.59 34.23 -13.78
N ALA B 22 16.54 35.10 -12.78
CA ALA B 22 17.12 34.83 -11.48
C ALA B 22 16.39 35.65 -10.45
N PRO B 23 16.38 35.22 -9.19
CA PRO B 23 15.67 35.98 -8.16
C PRO B 23 16.27 37.36 -7.97
N ARG B 24 15.40 38.33 -7.75
CA ARG B 24 15.83 39.71 -7.61
C ARG B 24 16.41 39.98 -6.22
N ALA B 25 15.95 39.28 -5.20
CA ALA B 25 16.39 39.49 -3.84
C ALA B 25 16.73 38.15 -3.20
N VAL B 26 17.96 38.02 -2.71
CA VAL B 26 18.40 36.83 -2.01
C VAL B 26 19.07 37.26 -0.72
N PHE B 27 18.45 36.95 0.41
CA PHE B 27 18.98 37.36 1.71
C PHE B 27 18.69 36.26 2.71
N PRO B 28 19.40 36.23 3.83
CA PRO B 28 19.16 35.18 4.82
C PRO B 28 17.79 35.30 5.44
N SER B 29 17.20 34.15 5.75
CA SER B 29 15.88 34.10 6.37
C SER B 29 16.10 34.08 7.89
N ILE B 30 16.36 35.25 8.44
CA ILE B 30 16.85 35.35 9.80
C ILE B 30 16.32 36.64 10.41
N VAL B 31 16.04 36.60 11.71
CA VAL B 31 15.59 37.77 12.46
C VAL B 31 16.48 37.91 13.68
N GLY B 32 17.06 39.09 13.85
CA GLY B 32 17.97 39.35 14.95
C GLY B 32 17.37 40.36 15.92
N ARG B 33 17.60 40.12 17.21
CA ARG B 33 17.13 41.02 18.24
C ARG B 33 18.30 41.45 19.10
N PRO B 34 18.33 42.71 19.53
CA PRO B 34 19.47 43.19 20.32
C PRO B 34 19.59 42.41 21.62
N ARG B 35 20.84 42.19 22.03
CA ARG B 35 21.15 41.33 23.15
C ARG B 35 21.69 42.10 24.35
N HIS B 36 22.30 43.25 24.13
CA HIS B 36 23.02 43.99 25.14
C HIS B 36 22.24 45.24 25.54
N GLN B 37 22.88 46.09 26.33
CA GLN B 37 22.17 47.15 27.05
C GLN B 37 21.69 48.29 26.15
N GLY B 38 22.61 49.02 25.55
CA GLY B 38 22.23 50.19 24.78
C GLY B 38 22.31 51.45 25.62
N VAL B 39 23.34 52.26 25.39
CA VAL B 39 23.65 53.36 26.30
C VAL B 39 23.60 54.71 25.58
N MET B 40 23.86 54.70 24.29
CA MET B 40 23.86 55.93 23.52
C MET B 40 22.44 56.44 23.36
N VAL B 41 22.08 57.49 24.10
CA VAL B 41 20.74 58.05 24.00
C VAL B 41 20.58 58.75 22.65
N GLY B 42 19.52 58.41 21.94
CA GLY B 42 19.27 59.00 20.64
C GLY B 42 19.79 58.22 19.48
N MET B 43 20.37 57.04 19.71
CA MET B 43 20.87 56.22 18.59
C MET B 43 19.73 55.71 17.73
N GLY B 44 18.50 55.72 18.22
CA GLY B 44 17.40 55.15 17.48
C GLY B 44 17.58 53.66 17.28
N GLN B 45 17.51 52.92 18.37
CA GLN B 45 17.63 51.47 18.30
C GLN B 45 16.33 50.85 17.84
N LYS B 46 16.43 49.93 16.88
CA LYS B 46 15.26 49.23 16.39
C LYS B 46 14.94 48.06 17.32
N ASP B 47 13.71 47.57 17.21
CA ASP B 47 13.32 46.43 18.01
C ASP B 47 13.92 45.14 17.47
N SER B 48 14.01 45.01 16.15
CA SER B 48 14.52 43.79 15.55
C SER B 48 15.00 44.10 14.14
N TYR B 49 15.99 43.34 13.70
CA TYR B 49 16.54 43.46 12.36
C TYR B 49 16.31 42.15 11.62
N VAL B 50 16.02 42.26 10.33
CA VAL B 50 15.71 41.11 9.50
C VAL B 50 16.68 41.06 8.34
N GLY B 51 16.68 39.93 7.66
CA GLY B 51 17.45 39.82 6.43
C GLY B 51 18.93 39.93 6.68
N ASP B 52 19.62 40.62 5.78
CA ASP B 52 21.06 40.78 5.89
C ASP B 52 21.47 42.05 6.61
N GLU B 53 20.52 42.89 7.02
CA GLU B 53 20.84 43.92 7.98
C GLU B 53 21.12 43.30 9.33
N ALA B 54 20.36 42.28 9.71
CA ALA B 54 20.64 41.50 10.90
C ALA B 54 21.92 40.69 10.78
N GLN B 55 22.48 40.58 9.59
CA GLN B 55 23.70 39.82 9.39
C GLN B 55 24.94 40.65 9.59
N SER B 56 24.91 41.93 9.22
CA SER B 56 26.06 42.79 9.44
C SER B 56 26.13 43.29 10.86
N LYS B 57 24.98 43.42 11.54
CA LYS B 57 24.94 43.77 12.94
C LYS B 57 24.97 42.56 13.85
N ARG B 58 25.34 41.39 13.33
CA ARG B 58 25.16 40.17 14.10
C ARG B 58 26.04 40.10 15.33
N GLY B 59 27.01 40.99 15.48
CA GLY B 59 27.88 40.93 16.63
C GLY B 59 27.16 41.18 17.93
N ILE B 60 26.08 41.96 17.89
CA ILE B 60 25.33 42.34 19.08
C ILE B 60 23.94 41.75 19.11
N LEU B 61 23.56 40.95 18.13
CA LEU B 61 22.23 40.39 18.05
C LEU B 61 22.28 38.90 18.34
N THR B 62 21.12 38.36 18.71
CA THR B 62 20.92 36.93 18.78
C THR B 62 19.99 36.54 17.63
N LEU B 63 20.51 35.72 16.72
CA LEU B 63 19.81 35.40 15.48
C LEU B 63 18.91 34.19 15.66
N LYS B 64 17.76 34.24 15.01
CA LYS B 64 16.79 33.15 15.08
C LYS B 64 16.23 32.87 13.70
N TYR B 65 16.21 31.62 13.34
CA TYR B 65 15.54 31.25 12.10
C TYR B 65 14.09 30.91 12.40
N PRO B 66 13.13 31.53 11.72
CA PRO B 66 11.72 31.20 11.96
C PRO B 66 11.24 29.92 11.29
N ILE B 67 12.12 29.22 10.57
CA ILE B 67 11.80 27.97 9.92
C ILE B 67 12.82 26.94 10.36
N GLU B 68 12.36 25.83 10.95
CA GLU B 68 13.30 24.88 11.51
C GLU B 68 13.65 23.77 10.52
N HIS B 69 12.67 22.99 10.11
CA HIS B 69 12.92 21.85 9.23
C HIS B 69 11.94 21.88 8.06
N GLY B 70 11.82 23.04 7.45
CA GLY B 70 10.79 23.25 6.46
C GLY B 70 9.47 23.69 7.03
N ILE B 71 9.31 23.64 8.35
CA ILE B 71 8.08 24.02 9.03
C ILE B 71 8.31 25.39 9.64
N ILE B 72 7.31 26.26 9.53
CA ILE B 72 7.39 27.60 10.09
C ILE B 72 6.98 27.52 11.56
N THR B 73 7.93 27.72 12.45
CA THR B 73 7.69 27.56 13.87
C THR B 73 7.57 28.87 14.63
N ASN B 74 7.62 30.01 13.93
CA ASN B 74 7.43 31.32 14.54
C ASN B 74 6.72 32.19 13.51
N TRP B 75 5.45 32.49 13.75
CA TRP B 75 4.68 33.13 12.71
C TRP B 75 4.81 34.64 12.71
N ASP B 76 5.13 35.23 13.86
CA ASP B 76 5.43 36.66 13.87
C ASP B 76 6.73 36.95 13.13
N ASP B 77 7.76 36.15 13.37
CA ASP B 77 9.01 36.31 12.64
C ASP B 77 8.82 36.09 11.15
N MET B 78 8.04 35.08 10.78
CA MET B 78 7.80 34.85 9.37
C MET B 78 7.03 36.00 8.74
N GLU B 79 6.10 36.58 9.50
CA GLU B 79 5.40 37.75 9.00
C GLU B 79 6.37 38.93 8.81
N LYS B 80 7.30 39.10 9.75
CA LYS B 80 8.31 40.14 9.58
C LYS B 80 9.13 39.92 8.33
N ILE B 81 9.52 38.68 8.08
CA ILE B 81 10.36 38.39 6.92
C ILE B 81 9.59 38.64 5.64
N TRP B 82 8.32 38.25 5.59
CA TRP B 82 7.53 38.51 4.40
C TRP B 82 7.32 39.99 4.17
N HIS B 83 7.03 40.73 5.25
CA HIS B 83 6.85 42.17 5.13
C HIS B 83 8.11 42.82 4.59
N HIS B 84 9.27 42.44 5.12
CA HIS B 84 10.53 42.94 4.60
C HIS B 84 10.68 42.62 3.13
N THR B 85 10.49 41.34 2.78
CA THR B 85 10.66 40.91 1.40
C THR B 85 9.81 41.74 0.44
N PHE B 86 8.57 42.03 0.82
CA PHE B 86 7.70 42.76 -0.09
C PHE B 86 8.08 44.23 -0.15
N TYR B 87 8.24 44.88 1.00
CA TYR B 87 8.32 46.33 1.00
C TYR B 87 9.73 46.89 0.85
N ASN B 88 10.75 46.23 1.38
CA ASN B 88 12.09 46.81 1.36
C ASN B 88 13.00 46.19 0.32
N GLU B 89 12.80 44.92 -0.02
CA GLU B 89 13.66 44.25 -0.98
C GLU B 89 13.12 44.35 -2.40
N LEU B 90 11.86 44.00 -2.61
CA LEU B 90 11.26 44.12 -3.93
C LEU B 90 10.61 45.47 -4.16
N ARG B 91 10.17 46.13 -3.10
CA ARG B 91 9.56 47.45 -3.19
C ARG B 91 8.36 47.42 -4.12
N VAL B 92 7.36 46.63 -3.73
CA VAL B 92 6.10 46.54 -4.44
C VAL B 92 4.97 46.66 -3.43
N ALA B 93 3.74 46.54 -3.91
CA ALA B 93 2.57 46.49 -3.05
C ALA B 93 1.92 45.13 -3.24
N PRO B 94 1.85 44.30 -2.20
CA PRO B 94 1.31 42.94 -2.38
C PRO B 94 -0.12 42.89 -2.83
N GLU B 95 -0.86 44.00 -2.75
CA GLU B 95 -2.25 44.01 -3.18
C GLU B 95 -2.40 43.92 -4.69
N GLU B 96 -1.32 44.02 -5.44
CA GLU B 96 -1.39 44.12 -6.89
C GLU B 96 -0.67 42.98 -7.58
N HIS B 97 -0.49 41.85 -6.90
CA HIS B 97 0.36 40.82 -7.43
C HIS B 97 -0.04 39.45 -6.89
N PRO B 98 -0.36 38.49 -7.75
CA PRO B 98 -0.48 37.12 -7.27
C PRO B 98 0.87 36.62 -6.79
N THR B 99 0.85 35.74 -5.80
CA THR B 99 2.08 35.29 -5.16
C THR B 99 2.17 33.79 -5.20
N LEU B 100 3.30 33.27 -5.65
CA LEU B 100 3.54 31.84 -5.73
C LEU B 100 4.52 31.46 -4.63
N LEU B 101 3.99 30.90 -3.56
CA LEU B 101 4.83 30.40 -2.48
C LEU B 101 5.20 28.96 -2.75
N THR B 102 6.15 28.46 -1.97
CA THR B 102 6.68 27.13 -2.21
C THR B 102 6.82 26.41 -0.88
N GLU B 103 6.74 25.08 -0.92
CA GLU B 103 6.76 24.29 0.30
C GLU B 103 7.31 22.91 0.01
N ALA B 104 8.03 22.37 0.98
CA ALA B 104 8.55 21.02 0.87
C ALA B 104 7.40 20.02 0.97
N PRO B 105 7.56 18.83 0.37
CA PRO B 105 6.49 17.84 0.44
C PRO B 105 6.45 17.15 1.78
N LEU B 106 5.26 16.70 2.14
CA LEU B 106 5.07 15.79 3.27
C LEU B 106 5.31 16.49 4.61
N ASN B 107 4.83 17.71 4.74
CA ASN B 107 4.91 18.46 5.99
C ASN B 107 3.52 18.92 6.38
N PRO B 108 3.29 19.26 7.66
CA PRO B 108 1.92 19.42 8.16
C PRO B 108 1.03 20.34 7.34
N LYS B 109 -0.28 20.10 7.40
CA LYS B 109 -1.22 20.89 6.61
C LYS B 109 -1.44 22.26 7.19
N ALA B 110 -1.34 22.39 8.51
CA ALA B 110 -1.50 23.70 9.14
C ALA B 110 -0.50 24.70 8.58
N ASN B 111 0.65 24.23 8.12
CA ASN B 111 1.64 25.11 7.51
C ASN B 111 1.03 25.85 6.32
N ARG B 112 0.46 25.11 5.36
CA ARG B 112 -0.11 25.74 4.18
C ARG B 112 -1.36 26.53 4.53
N GLU B 113 -2.17 26.03 5.46
CA GLU B 113 -3.36 26.77 5.85
C GLU B 113 -2.98 28.14 6.42
N LYS B 114 -1.97 28.17 7.28
CA LYS B 114 -1.54 29.44 7.84
C LYS B 114 -0.88 30.32 6.80
N MET B 115 -0.11 29.73 5.88
CA MET B 115 0.47 30.50 4.78
C MET B 115 -0.61 31.26 4.04
N THR B 116 -1.64 30.54 3.58
CA THR B 116 -2.65 31.18 2.75
C THR B 116 -3.49 32.16 3.57
N GLN B 117 -3.78 31.84 4.83
CA GLN B 117 -4.53 32.79 5.64
C GLN B 117 -3.74 34.08 5.86
N ILE B 118 -2.45 33.96 6.19
CA ILE B 118 -1.60 35.12 6.35
C ILE B 118 -1.60 35.96 5.09
N MET B 119 -1.30 35.34 3.94
CA MET B 119 -1.29 36.08 2.69
C MET B 119 -2.59 36.85 2.50
N PHE B 120 -3.71 36.13 2.46
CA PHE B 120 -4.98 36.76 2.10
C PHE B 120 -5.43 37.80 3.11
N GLU B 121 -5.08 37.65 4.38
CA GLU B 121 -5.57 38.64 5.34
C GLU B 121 -4.58 39.77 5.57
N THR B 122 -3.37 39.46 6.02
CA THR B 122 -2.47 40.55 6.36
C THR B 122 -1.64 41.03 5.18
N PHE B 123 -1.91 40.58 3.96
CA PHE B 123 -1.28 41.19 2.81
C PHE B 123 -2.22 41.48 1.66
N ASN B 124 -3.41 40.85 1.62
CA ASN B 124 -4.43 41.13 0.62
C ASN B 124 -3.89 40.90 -0.79
N VAL B 125 -3.19 39.79 -0.97
CA VAL B 125 -2.79 39.37 -2.31
C VAL B 125 -4.07 39.08 -3.09
N PRO B 126 -4.11 39.35 -4.39
CA PRO B 126 -5.31 39.01 -5.15
C PRO B 126 -5.51 37.51 -5.30
N ALA B 127 -4.42 36.74 -5.36
CA ALA B 127 -4.48 35.29 -5.47
C ALA B 127 -3.12 34.74 -5.08
N MET B 128 -3.09 33.45 -4.79
CA MET B 128 -1.84 32.82 -4.40
C MET B 128 -1.91 31.34 -4.72
N TYR B 129 -0.82 30.64 -4.42
CA TYR B 129 -0.65 29.25 -4.82
C TYR B 129 0.58 28.71 -4.12
N VAL B 130 0.55 27.45 -3.72
CA VAL B 130 1.64 26.83 -2.98
C VAL B 130 2.11 25.62 -3.77
N ALA B 131 3.28 25.73 -4.39
CA ALA B 131 3.81 24.66 -5.21
C ALA B 131 4.65 23.71 -4.38
N ILE B 132 5.25 22.72 -5.04
CA ILE B 132 6.16 21.78 -4.41
C ILE B 132 7.53 21.99 -5.02
N GLN B 133 8.56 22.04 -4.18
CA GLN B 133 9.85 22.51 -4.62
C GLN B 133 10.45 21.60 -5.68
N ALA B 134 10.23 20.30 -5.57
CA ALA B 134 10.84 19.36 -6.50
C ALA B 134 10.25 19.49 -7.90
N VAL B 135 8.95 19.73 -7.99
CA VAL B 135 8.30 19.91 -9.28
C VAL B 135 8.90 21.13 -9.99
N LEU B 136 9.06 22.22 -9.26
CA LEU B 136 9.62 23.42 -9.85
C LEU B 136 11.07 23.19 -10.26
N SER B 137 11.82 22.43 -9.48
CA SER B 137 13.18 22.11 -9.87
C SER B 137 13.21 21.34 -11.17
N LEU B 138 12.24 20.45 -11.38
CA LEU B 138 12.18 19.71 -12.63
C LEU B 138 11.81 20.61 -13.79
N TYR B 139 10.86 21.53 -13.58
CA TYR B 139 10.57 22.55 -14.57
C TYR B 139 11.83 23.27 -15.00
N ALA B 140 12.63 23.71 -14.03
CA ALA B 140 13.83 24.48 -14.35
C ALA B 140 14.88 23.62 -15.04
N SER B 141 14.89 22.32 -14.78
CA SER B 141 15.85 21.46 -15.46
C SER B 141 15.47 21.17 -16.90
N GLY B 142 14.28 21.57 -17.33
CA GLY B 142 13.85 21.32 -18.69
C GLY B 142 13.58 19.86 -18.96
N ARG B 143 12.76 19.24 -18.11
CA ARG B 143 12.47 17.82 -18.22
C ARG B 143 11.02 17.60 -17.81
N THR B 144 10.54 16.38 -18.07
CA THR B 144 9.26 15.96 -17.54
C THR B 144 9.37 14.62 -16.84
N THR B 145 10.57 14.09 -16.66
CA THR B 145 10.77 12.77 -16.11
C THR B 145 12.09 12.74 -15.38
N GLY B 146 12.08 12.29 -14.15
CA GLY B 146 13.31 12.17 -13.39
C GLY B 146 13.03 12.19 -11.92
N ILE B 147 13.97 11.66 -11.16
CA ILE B 147 13.90 11.66 -9.72
C ILE B 147 14.78 12.80 -9.22
N VAL B 148 14.15 13.85 -8.73
CA VAL B 148 14.87 15.04 -8.30
C VAL B 148 15.19 14.92 -6.82
N LEU B 149 16.44 15.23 -6.47
CA LEU B 149 16.90 15.22 -5.08
C LEU B 149 17.15 16.65 -4.66
N ASP B 150 16.22 17.21 -3.90
CA ASP B 150 16.35 18.57 -3.41
C ASP B 150 16.95 18.54 -2.02
N SER B 151 17.89 19.44 -1.76
CA SER B 151 18.62 19.45 -0.49
C SER B 151 18.96 20.89 -0.17
N GLY B 152 18.14 21.54 0.65
CA GLY B 152 18.40 22.91 1.00
C GLY B 152 19.03 23.06 2.36
N ASP B 153 18.43 23.87 3.21
CA ASP B 153 18.95 24.12 4.55
C ASP B 153 18.25 23.30 5.62
N GLY B 154 17.03 22.87 5.38
CA GLY B 154 16.28 22.18 6.42
C GLY B 154 15.91 20.75 6.14
N VAL B 155 15.68 20.39 4.88
CA VAL B 155 15.09 19.10 4.58
C VAL B 155 15.59 18.62 3.23
N THR B 156 15.83 17.33 3.12
CA THR B 156 16.26 16.67 1.89
C THR B 156 15.18 15.70 1.46
N HIS B 157 14.69 15.84 0.23
CA HIS B 157 13.58 15.00 -0.21
C HIS B 157 13.76 14.59 -1.67
N ASN B 158 13.32 13.37 -1.96
CA ASN B 158 13.26 12.84 -3.33
C ASN B 158 11.82 12.85 -3.80
N VAL B 159 11.60 13.25 -5.04
CA VAL B 159 10.30 13.14 -5.69
C VAL B 159 10.51 12.53 -7.06
N PRO B 160 10.01 11.34 -7.32
CA PRO B 160 10.11 10.77 -8.67
C PRO B 160 8.93 11.16 -9.54
N ILE B 161 9.21 11.68 -10.73
CA ILE B 161 8.19 12.09 -11.69
C ILE B 161 8.37 11.27 -12.94
N TYR B 162 7.27 10.97 -13.62
CA TYR B 162 7.33 10.32 -14.92
C TYR B 162 6.28 10.94 -15.82
N GLU B 163 6.71 11.48 -16.96
CA GLU B 163 5.80 12.04 -17.95
C GLU B 163 4.90 13.10 -17.35
N GLY B 164 5.32 13.71 -16.27
CA GLY B 164 4.51 14.69 -15.59
C GLY B 164 3.56 14.11 -14.57
N TYR B 165 3.75 12.86 -14.17
CA TYR B 165 2.93 12.22 -13.14
C TYR B 165 3.81 11.95 -11.94
N ALA B 166 3.38 12.40 -10.77
CA ALA B 166 4.13 12.16 -9.56
C ALA B 166 3.76 10.83 -8.97
N LEU B 167 4.70 10.25 -8.24
CA LEU B 167 4.48 8.99 -7.56
C LEU B 167 4.44 9.25 -6.07
N PRO B 168 3.34 9.76 -5.53
CA PRO B 168 3.36 10.25 -4.14
C PRO B 168 3.63 9.18 -3.11
N HIS B 169 3.57 7.90 -3.48
CA HIS B 169 3.90 6.85 -2.54
C HIS B 169 5.38 6.57 -2.47
N ALA B 170 6.16 7.08 -3.41
CA ALA B 170 7.59 6.88 -3.42
C ALA B 170 8.35 8.12 -2.98
N ILE B 171 7.66 9.18 -2.60
CA ILE B 171 8.31 10.37 -2.08
C ILE B 171 8.93 10.04 -0.74
N MET B 172 10.22 10.33 -0.60
CA MET B 172 10.96 10.06 0.62
C MET B 172 11.56 11.36 1.12
N ARG B 173 11.30 11.68 2.38
CA ARG B 173 11.71 12.94 2.98
C ARG B 173 12.66 12.65 4.12
N LEU B 174 13.76 13.39 4.16
CA LEU B 174 14.79 13.19 5.15
C LEU B 174 15.07 14.52 5.83
N ASP B 175 15.43 14.48 7.11
CA ASP B 175 15.62 15.71 7.86
C ASP B 175 17.05 15.93 8.32
N LEU B 176 18.02 15.73 7.45
CA LEU B 176 19.33 16.34 7.64
C LEU B 176 19.65 17.11 6.38
N ALA B 177 20.16 18.32 6.55
CA ALA B 177 20.37 19.24 5.46
C ALA B 177 21.54 20.14 5.84
N GLY B 178 21.63 21.30 5.19
CA GLY B 178 22.74 22.20 5.45
C GLY B 178 22.95 22.50 6.92
N ARG B 179 21.86 22.75 7.65
CA ARG B 179 22.02 23.20 9.03
C ARG B 179 22.59 22.12 9.93
N ASP B 180 22.23 20.86 9.70
CA ASP B 180 22.80 19.79 10.50
C ASP B 180 24.26 19.56 10.16
N LEU B 181 24.65 19.82 8.92
CA LEU B 181 26.08 19.76 8.59
C LEU B 181 26.83 20.91 9.25
N THR B 182 26.22 22.09 9.31
CA THR B 182 26.85 23.19 10.01
C THR B 182 27.05 22.87 11.48
N ASP B 183 26.05 22.27 12.11
CA ASP B 183 26.19 21.90 13.51
C ASP B 183 27.24 20.82 13.70
N TYR B 184 27.27 19.83 12.81
CA TYR B 184 28.29 18.80 12.93
C TYR B 184 29.68 19.38 12.75
N LEU B 185 29.83 20.36 11.88
CA LEU B 185 31.14 20.99 11.70
C LEU B 185 31.51 21.82 12.92
N MET B 186 30.55 22.53 13.50
CA MET B 186 30.80 23.23 14.75
C MET B 186 31.26 22.28 15.83
N LYS B 187 30.76 21.05 15.82
CA LYS B 187 31.17 20.08 16.83
C LYS B 187 32.52 19.45 16.51
N ILE B 188 32.83 19.29 15.23
CA ILE B 188 34.08 18.64 14.84
C ILE B 188 35.26 19.61 14.91
N LEU B 189 35.01 20.90 14.78
CA LEU B 189 36.10 21.86 14.87
C LEU B 189 36.66 21.99 16.27
N THR B 190 35.90 21.58 17.29
CA THR B 190 36.42 21.69 18.65
C THR B 190 37.57 20.72 18.91
N GLU B 191 37.69 19.66 18.14
CA GLU B 191 38.78 18.74 18.37
C GLU B 191 40.09 19.22 17.79
N ARG B 192 40.11 20.42 17.23
CA ARG B 192 41.36 21.10 16.89
C ARG B 192 41.63 22.29 17.78
N GLY B 193 40.67 22.72 18.58
CA GLY B 193 40.84 23.83 19.48
C GLY B 193 39.90 24.98 19.27
N TYR B 194 39.26 25.07 18.12
CA TYR B 194 38.40 26.20 17.80
C TYR B 194 37.02 25.99 18.41
N SER B 195 36.48 27.03 19.03
CA SER B 195 35.22 26.92 19.77
C SER B 195 34.26 27.98 19.27
N PHE B 196 33.21 27.54 18.59
CA PHE B 196 32.15 28.42 18.10
C PHE B 196 30.85 28.02 18.78
N VAL B 197 30.28 28.92 19.57
CA VAL B 197 29.08 28.57 20.33
C VAL B 197 27.94 29.53 20.06
N THR B 198 28.26 30.77 19.71
CA THR B 198 27.24 31.77 19.49
C THR B 198 26.54 31.52 18.16
N THR B 199 25.42 32.22 17.94
CA THR B 199 24.75 32.13 16.66
C THR B 199 25.55 32.83 15.57
N ALA B 200 26.15 33.98 15.89
CA ALA B 200 27.05 34.62 14.95
C ALA B 200 28.21 33.70 14.59
N GLU B 201 28.73 32.97 15.56
CA GLU B 201 29.76 32.00 15.25
C GLU B 201 29.22 30.87 14.40
N ARG B 202 27.94 30.54 14.55
CA ARG B 202 27.33 29.56 13.65
C ARG B 202 27.33 30.08 12.21
N GLU B 203 27.09 31.38 12.02
CA GLU B 203 27.19 31.93 10.68
C GLU B 203 28.61 31.85 10.14
N ILE B 204 29.59 32.13 10.99
CA ILE B 204 30.98 32.01 10.57
C ILE B 204 31.28 30.58 10.11
N VAL B 205 30.82 29.60 10.88
CA VAL B 205 31.09 28.21 10.53
C VAL B 205 30.37 27.84 9.25
N ARG B 206 29.17 28.39 9.04
CA ARG B 206 28.48 28.14 7.78
C ARG B 206 29.31 28.63 6.60
N ASP B 207 29.95 29.79 6.75
CA ASP B 207 30.78 30.27 5.65
C ASP B 207 32.02 29.40 5.46
N ILE B 208 32.61 28.93 6.55
CA ILE B 208 33.72 27.99 6.41
C ILE B 208 33.29 26.76 5.64
N LYS B 209 32.09 26.27 5.93
CA LYS B 209 31.56 25.09 5.23
C LYS B 209 31.38 25.38 3.75
N GLU B 210 30.80 26.54 3.43
CA GLU B 210 30.58 26.87 2.02
C GLU B 210 31.87 27.13 1.27
N LYS B 211 32.97 27.39 1.96
CA LYS B 211 34.21 27.68 1.24
C LYS B 211 35.20 26.53 1.18
N LEU B 212 35.29 25.68 2.19
CA LEU B 212 36.40 24.74 2.27
C LEU B 212 36.02 23.28 2.22
N CYS B 213 34.74 22.94 2.23
CA CYS B 213 34.32 21.55 2.36
C CYS B 213 34.05 20.93 1.00
N TYR B 214 34.33 19.64 0.88
CA TYR B 214 34.10 18.90 -0.35
C TYR B 214 33.83 17.46 -0.02
N VAL B 215 33.25 16.73 -0.97
CA VAL B 215 32.85 15.34 -0.77
C VAL B 215 33.93 14.44 -1.36
N ALA B 216 34.49 13.57 -0.53
CA ALA B 216 35.53 12.66 -0.97
C ALA B 216 34.94 11.53 -1.80
N LEU B 217 35.64 11.18 -2.88
CA LEU B 217 35.16 10.10 -3.73
C LEU B 217 35.20 8.77 -3.01
N ASP B 218 36.31 8.48 -2.34
CA ASP B 218 36.45 7.29 -1.52
C ASP B 218 36.84 7.75 -0.12
N PHE B 219 35.96 7.53 0.84
CA PHE B 219 36.14 8.15 2.16
C PHE B 219 37.34 7.58 2.89
N GLU B 220 37.53 6.26 2.82
CA GLU B 220 38.55 5.61 3.65
C GLU B 220 39.95 5.99 3.21
N ASN B 221 40.26 5.86 1.93
CA ASN B 221 41.62 6.20 1.51
C ASN B 221 41.85 7.69 1.53
N GLU B 222 40.80 8.51 1.38
CA GLU B 222 40.93 9.94 1.62
C GLU B 222 41.34 10.21 3.06
N MET B 223 40.72 9.50 4.00
CA MET B 223 41.10 9.61 5.40
C MET B 223 42.55 9.23 5.60
N ALA B 224 42.97 8.12 5.01
CA ALA B 224 44.35 7.68 5.16
C ALA B 224 45.32 8.67 4.53
N THR B 225 44.95 9.26 3.41
CA THR B 225 45.80 10.25 2.75
C THR B 225 45.95 11.49 3.62
N ALA B 226 44.84 12.00 4.15
CA ALA B 226 44.92 13.14 5.05
C ALA B 226 45.76 12.81 6.28
N ALA B 227 45.72 11.56 6.73
CA ALA B 227 46.57 11.18 7.86
C ALA B 227 48.05 11.15 7.47
N SER B 228 48.36 10.72 6.25
CA SER B 228 49.75 10.52 5.86
C SER B 228 50.44 11.85 5.59
N SER B 229 49.99 12.57 4.56
CA SER B 229 50.58 13.85 4.22
C SER B 229 49.79 14.97 4.90
N SER B 230 50.05 16.21 4.48
CA SER B 230 49.29 17.35 4.97
C SER B 230 48.94 18.30 3.83
N SER B 231 48.73 17.76 2.63
CA SER B 231 48.40 18.56 1.46
C SER B 231 46.92 18.92 1.40
N LEU B 232 46.08 18.27 2.19
CA LEU B 232 44.66 18.57 2.21
C LEU B 232 44.30 19.74 3.10
N GLU B 233 45.25 20.26 3.86
CA GLU B 233 44.98 21.33 4.82
C GLU B 233 44.90 22.67 4.11
N LYS B 234 43.77 23.35 4.24
CA LYS B 234 43.64 24.73 3.84
C LYS B 234 43.57 25.61 5.07
N SER B 235 43.57 26.91 4.85
CA SER B 235 43.53 27.89 5.91
C SER B 235 42.39 28.86 5.68
N TYR B 236 41.76 29.28 6.76
CA TYR B 236 40.68 30.24 6.72
C TYR B 236 40.96 31.31 7.76
N GLU B 237 40.53 32.53 7.47
CA GLU B 237 40.81 33.66 8.34
C GLU B 237 39.50 34.24 8.86
N LEU B 238 39.30 34.12 10.16
CA LEU B 238 38.10 34.60 10.84
C LEU B 238 38.02 36.11 10.69
N PRO B 239 36.90 36.75 11.00
CA PRO B 239 36.84 38.20 10.77
C PRO B 239 37.45 39.00 11.92
N ASP B 240 38.55 38.49 12.47
CA ASP B 240 39.39 39.28 13.37
C ASP B 240 40.86 38.90 13.22
N GLY B 241 41.27 38.51 12.02
CA GLY B 241 42.54 37.82 11.90
C GLY B 241 42.39 36.41 12.41
N GLN B 242 43.44 35.90 13.06
CA GLN B 242 43.34 34.64 13.78
C GLN B 242 42.95 33.49 12.83
N VAL B 243 43.88 33.20 11.91
CA VAL B 243 43.60 32.17 10.91
C VAL B 243 43.45 30.82 11.58
N ILE B 244 42.65 29.95 10.96
CA ILE B 244 42.50 28.57 11.40
C ILE B 244 42.76 27.68 10.20
N THR B 245 43.26 26.47 10.48
CA THR B 245 43.55 25.49 9.46
C THR B 245 42.79 24.21 9.76
N ILE B 246 42.15 23.64 8.75
CA ILE B 246 41.39 22.42 8.91
C ILE B 246 41.91 21.38 7.94
N GLY B 247 41.85 20.12 8.35
CA GLY B 247 42.38 19.03 7.59
C GLY B 247 41.32 18.10 7.04
N ASN B 248 41.10 16.97 7.71
CA ASN B 248 40.10 16.04 7.24
C ASN B 248 38.68 16.47 7.55
N GLU B 249 38.50 17.54 8.31
CA GLU B 249 37.16 18.07 8.54
C GLU B 249 36.51 18.47 7.23
N ARG B 250 37.32 18.91 6.27
CA ARG B 250 36.81 19.40 5.01
C ARG B 250 35.88 18.40 4.36
N PHE B 251 36.25 17.13 4.35
CA PHE B 251 35.40 16.11 3.79
C PHE B 251 34.69 15.27 4.82
N ARG B 252 35.02 15.40 6.10
CA ARG B 252 34.23 14.74 7.12
C ARG B 252 32.90 15.42 7.36
N CYS B 253 32.79 16.72 7.06
CA CYS B 253 31.51 17.39 7.28
C CYS B 253 30.45 16.95 6.28
N PRO B 254 30.66 17.08 4.95
CA PRO B 254 29.61 16.66 4.01
C PRO B 254 29.46 15.16 3.89
N GLU B 255 30.41 14.37 4.37
CA GLU B 255 30.26 12.92 4.35
C GLU B 255 29.05 12.47 5.16
N THR B 256 28.57 13.30 6.07
CA THR B 256 27.40 12.96 6.86
C THR B 256 26.18 12.71 5.98
N LEU B 257 26.12 13.33 4.81
CA LEU B 257 25.00 13.06 3.91
C LEU B 257 24.98 11.62 3.45
N PHE B 258 26.13 10.97 3.43
CA PHE B 258 26.22 9.59 2.99
C PHE B 258 26.32 8.60 4.13
N GLN B 259 26.58 9.07 5.34
CA GLN B 259 26.56 8.23 6.54
C GLN B 259 25.93 9.04 7.66
N PRO B 260 24.61 9.14 7.66
CA PRO B 260 23.94 9.97 8.67
C PRO B 260 24.09 9.44 10.07
N SER B 261 24.80 8.33 10.25
CA SER B 261 25.12 7.84 11.57
C SER B 261 26.17 8.69 12.27
N PHE B 262 26.84 9.59 11.53
CA PHE B 262 27.82 10.47 12.16
C PHE B 262 27.16 11.42 13.14
N ILE B 263 25.93 11.83 12.87
CA ILE B 263 25.19 12.68 13.78
C ILE B 263 24.13 11.88 14.55
N GLY B 264 24.32 10.57 14.65
CA GLY B 264 23.42 9.74 15.44
C GLY B 264 22.04 9.57 14.85
N MET B 265 21.92 9.58 13.54
CA MET B 265 20.66 9.27 12.87
C MET B 265 20.71 7.84 12.35
N GLU B 266 19.54 7.23 12.23
CA GLU B 266 19.48 5.86 11.78
C GLU B 266 19.16 5.73 10.30
N SER B 267 18.85 6.83 9.62
CA SER B 267 18.48 6.77 8.22
C SER B 267 19.67 6.31 7.38
N ALA B 268 19.44 6.19 6.08
CA ALA B 268 20.48 5.83 5.14
C ALA B 268 20.96 7.09 4.41
N GLY B 269 22.08 6.96 3.73
CA GLY B 269 22.62 8.06 2.97
C GLY B 269 21.68 8.49 1.86
N ILE B 270 21.97 9.65 1.28
CA ILE B 270 21.11 10.16 0.24
C ILE B 270 21.14 9.27 -0.99
N HIS B 271 22.29 8.65 -1.26
CA HIS B 271 22.36 7.70 -2.36
C HIS B 271 21.40 6.53 -2.14
N GLU B 272 21.35 6.02 -0.92
CA GLU B 272 20.53 4.86 -0.65
C GLU B 272 19.05 5.21 -0.63
N THR B 273 18.68 6.38 -0.12
CA THR B 273 17.28 6.75 -0.17
C THR B 273 16.84 7.08 -1.59
N THR B 274 17.74 7.60 -2.42
CA THR B 274 17.42 7.77 -3.83
C THR B 274 17.16 6.42 -4.48
N TYR B 275 18.05 5.46 -4.25
CA TYR B 275 17.86 4.14 -4.81
C TYR B 275 16.56 3.50 -4.32
N ASN B 276 16.23 3.68 -3.05
CA ASN B 276 15.00 3.10 -2.52
C ASN B 276 13.78 3.75 -3.13
N SER B 277 13.79 5.08 -3.26
CA SER B 277 12.68 5.76 -3.92
C SER B 277 12.52 5.28 -5.35
N ILE B 278 13.61 4.96 -6.03
CA ILE B 278 13.50 4.41 -7.38
C ILE B 278 12.89 3.02 -7.33
N MET B 279 13.42 2.15 -6.49
CA MET B 279 12.96 0.77 -6.41
C MET B 279 11.55 0.68 -5.85
N LYS B 280 10.99 1.78 -5.39
CA LYS B 280 9.59 1.83 -5.01
C LYS B 280 8.68 2.21 -6.16
N CYS B 281 9.22 2.40 -7.35
CA CYS B 281 8.47 2.81 -8.51
C CYS B 281 8.22 1.63 -9.44
N ASP B 282 7.28 1.82 -10.36
CA ASP B 282 6.91 0.74 -11.26
C ASP B 282 8.07 0.36 -12.15
N ILE B 283 8.27 -0.95 -12.31
CA ILE B 283 9.48 -1.48 -12.93
C ILE B 283 9.72 -0.94 -14.31
N ASP B 284 8.72 -0.35 -14.95
CA ASP B 284 8.89 0.13 -16.31
C ASP B 284 9.49 1.52 -16.37
N ILE B 285 9.28 2.35 -15.36
CA ILE B 285 9.78 3.71 -15.39
C ILE B 285 11.13 3.87 -14.73
N ARG B 286 11.63 2.86 -14.04
CA ARG B 286 12.83 3.08 -13.28
C ARG B 286 14.08 3.09 -14.13
N LYS B 287 14.05 2.52 -15.33
CA LYS B 287 15.19 2.68 -16.23
C LYS B 287 15.33 4.13 -16.66
N ASP B 288 14.22 4.84 -16.82
CA ASP B 288 14.28 6.24 -17.16
C ASP B 288 14.50 7.12 -15.95
N LEU B 289 14.17 6.63 -14.76
CA LEU B 289 14.52 7.37 -13.56
C LEU B 289 16.01 7.30 -13.28
N TYR B 290 16.63 6.14 -13.53
CA TYR B 290 18.05 6.00 -13.26
C TYR B 290 18.89 7.01 -14.01
N ALA B 291 18.40 7.48 -15.16
CA ALA B 291 19.20 8.35 -16.02
C ALA B 291 18.81 9.82 -15.91
N ASN B 292 17.98 10.18 -14.94
CA ASN B 292 17.55 11.56 -14.78
C ASN B 292 17.52 11.96 -13.31
N ASN B 293 18.58 11.63 -12.57
CA ASN B 293 18.71 12.14 -11.22
C ASN B 293 19.06 13.61 -11.28
N VAL B 294 18.14 14.47 -10.85
CA VAL B 294 18.32 15.91 -10.93
C VAL B 294 18.65 16.43 -9.54
N LEU B 295 19.86 16.96 -9.38
CA LEU B 295 20.29 17.53 -8.12
C LEU B 295 19.83 18.97 -8.01
N SER B 296 19.40 19.36 -6.82
CA SER B 296 18.89 20.71 -6.61
C SER B 296 19.21 21.16 -5.21
N GLY B 297 19.18 22.47 -5.00
CA GLY B 297 19.37 23.04 -3.68
C GLY B 297 20.83 23.33 -3.37
N GLY B 298 21.01 24.09 -2.28
CA GLY B 298 22.34 24.52 -1.92
C GLY B 298 23.22 23.40 -1.39
N THR B 299 22.65 22.51 -0.57
CA THR B 299 23.44 21.46 0.04
C THR B 299 23.99 20.47 -0.98
N THR B 300 23.55 20.54 -2.23
CA THR B 300 24.09 19.72 -3.29
C THR B 300 25.22 20.41 -4.05
N MET B 301 25.79 21.47 -3.49
CA MET B 301 26.77 22.29 -4.19
C MET B 301 28.20 21.96 -3.80
N TYR B 302 28.42 20.94 -2.98
CA TYR B 302 29.77 20.57 -2.62
C TYR B 302 30.53 20.08 -3.85
N PRO B 303 31.82 20.34 -3.93
CA PRO B 303 32.61 19.78 -5.03
C PRO B 303 32.77 18.27 -4.86
N GLY B 304 32.49 17.54 -5.93
CA GLY B 304 32.62 16.11 -5.90
C GLY B 304 31.39 15.35 -5.45
N ILE B 305 30.26 16.02 -5.28
CA ILE B 305 29.08 15.32 -4.79
C ILE B 305 28.42 14.53 -5.92
N ALA B 306 28.46 15.04 -7.14
CA ALA B 306 27.86 14.32 -8.25
C ALA B 306 28.63 13.05 -8.57
N ASP B 307 29.97 13.11 -8.50
CA ASP B 307 30.76 11.92 -8.77
C ASP B 307 30.54 10.85 -7.70
N ARG B 308 30.53 11.25 -6.44
CA ARG B 308 30.28 10.29 -5.37
C ARG B 308 28.88 9.70 -5.50
N MET B 309 27.90 10.54 -5.81
CA MET B 309 26.54 10.05 -5.99
C MET B 309 26.46 9.02 -7.10
N GLN B 310 27.09 9.32 -8.23
CA GLN B 310 27.05 8.38 -9.34
C GLN B 310 27.76 7.09 -9.00
N LYS B 311 28.91 7.18 -8.34
CA LYS B 311 29.61 5.98 -7.92
C LYS B 311 28.74 5.10 -7.03
N GLU B 312 28.10 5.71 -6.04
CA GLU B 312 27.29 4.93 -5.10
C GLU B 312 26.08 4.30 -5.78
N ILE B 313 25.35 5.08 -6.57
CA ILE B 313 24.16 4.54 -7.20
C ILE B 313 24.54 3.48 -8.22
N THR B 314 25.63 3.69 -8.96
CA THR B 314 26.11 2.67 -9.87
C THR B 314 26.45 1.39 -9.14
N ALA B 315 27.06 1.50 -7.97
CA ALA B 315 27.32 0.30 -7.19
C ALA B 315 26.06 -0.36 -6.70
N LEU B 316 24.96 0.39 -6.56
CA LEU B 316 23.72 -0.22 -6.08
C LEU B 316 22.86 -0.78 -7.21
N ALA B 317 22.69 -0.02 -8.29
CA ALA B 317 21.81 -0.40 -9.37
C ALA B 317 22.37 -1.59 -10.14
N PRO B 318 21.58 -2.23 -10.99
CA PRO B 318 22.11 -3.30 -11.83
C PRO B 318 23.17 -2.80 -12.78
N SER B 319 24.05 -3.70 -13.21
CA SER B 319 25.23 -3.32 -13.96
C SER B 319 24.95 -3.05 -15.42
N THR B 320 23.70 -2.85 -15.80
CA THR B 320 23.35 -2.56 -17.18
C THR B 320 22.77 -1.18 -17.37
N MET B 321 22.23 -0.57 -16.33
CA MET B 321 21.62 0.73 -16.43
C MET B 321 22.66 1.83 -16.55
N LYS B 322 22.24 2.97 -17.08
CA LYS B 322 23.12 4.12 -17.25
C LYS B 322 22.72 5.17 -16.22
N ILE B 323 23.50 5.28 -15.16
CA ILE B 323 23.25 6.28 -14.13
C ILE B 323 23.77 7.63 -14.59
N LYS B 324 22.91 8.64 -14.60
CA LYS B 324 23.29 9.98 -14.98
C LYS B 324 22.85 10.94 -13.90
N ILE B 325 23.79 11.52 -13.19
CA ILE B 325 23.50 12.58 -12.23
C ILE B 325 23.54 13.90 -12.98
N ILE B 326 22.43 14.62 -12.97
CA ILE B 326 22.33 15.90 -13.66
C ILE B 326 22.47 16.99 -12.61
N ALA B 327 23.61 17.68 -12.62
CA ALA B 327 23.92 18.73 -11.66
C ALA B 327 24.20 20.01 -12.44
N PRO B 328 23.20 20.85 -12.66
CA PRO B 328 23.43 22.11 -13.34
C PRO B 328 24.36 23.00 -12.54
N PRO B 329 25.03 23.95 -13.18
CA PRO B 329 25.90 24.86 -12.43
C PRO B 329 25.15 25.90 -11.62
N GLU B 330 23.89 26.17 -11.94
CA GLU B 330 23.08 27.13 -11.19
C GLU B 330 22.04 26.44 -10.33
N ARG B 331 22.29 25.20 -9.94
CA ARG B 331 21.29 24.37 -9.30
C ARG B 331 20.84 24.90 -7.94
N LYS B 332 21.49 25.94 -7.43
CA LYS B 332 21.08 26.50 -6.15
C LYS B 332 19.80 27.32 -6.25
N TYR B 333 19.44 27.77 -7.44
CA TYR B 333 18.24 28.58 -7.65
C TYR B 333 17.25 27.89 -8.56
N SER B 334 17.35 26.57 -8.70
CA SER B 334 16.49 25.83 -9.60
C SER B 334 15.03 25.95 -9.20
N VAL B 335 14.75 25.92 -7.90
CA VAL B 335 13.37 26.00 -7.45
C VAL B 335 12.78 27.35 -7.83
N TRP B 336 13.52 28.43 -7.64
CA TRP B 336 12.98 29.73 -8.02
C TRP B 336 12.83 29.85 -9.53
N ILE B 337 13.80 29.36 -10.29
CA ILE B 337 13.70 29.44 -11.74
C ILE B 337 12.47 28.71 -12.24
N GLY B 338 12.29 27.48 -11.78
CA GLY B 338 11.10 26.73 -12.16
C GLY B 338 9.83 27.40 -11.70
N GLY B 339 9.86 28.04 -10.54
CA GLY B 339 8.68 28.74 -10.08
C GLY B 339 8.32 29.91 -10.98
N SER B 340 9.32 30.63 -11.47
CA SER B 340 9.05 31.72 -12.39
C SER B 340 8.49 31.19 -13.70
N ILE B 341 9.10 30.14 -14.23
CA ILE B 341 8.57 29.52 -15.46
C ILE B 341 7.12 29.13 -15.26
N LEU B 342 6.82 28.44 -14.16
CA LEU B 342 5.46 27.99 -13.90
C LEU B 342 4.50 29.16 -13.82
N ALA B 343 4.84 30.17 -13.01
CA ALA B 343 3.95 31.30 -12.85
C ALA B 343 3.84 32.14 -14.11
N SER B 344 4.67 31.89 -15.13
CA SER B 344 4.57 32.61 -16.38
C SER B 344 3.72 31.92 -17.42
N LEU B 345 3.35 30.65 -17.22
CA LEU B 345 2.62 29.91 -18.22
C LEU B 345 1.21 30.46 -18.39
N SER B 346 0.73 30.49 -19.63
CA SER B 346 -0.62 30.96 -19.86
C SER B 346 -1.66 29.99 -19.32
N THR B 347 -1.40 28.69 -19.47
CA THR B 347 -2.33 27.68 -18.98
C THR B 347 -2.34 27.56 -17.47
N PHE B 348 -1.55 28.37 -16.76
CA PHE B 348 -1.53 28.33 -15.31
C PHE B 348 -2.45 29.37 -14.68
N GLN B 349 -2.86 30.38 -15.45
CA GLN B 349 -3.61 31.49 -14.88
C GLN B 349 -4.98 31.11 -14.37
N GLN B 350 -5.39 29.85 -14.50
CA GLN B 350 -6.62 29.38 -13.90
C GLN B 350 -6.37 28.58 -12.64
N MET B 351 -5.12 28.32 -12.30
CA MET B 351 -4.76 27.53 -11.14
C MET B 351 -4.60 28.36 -9.87
N TRP B 352 -4.58 29.69 -9.98
CA TRP B 352 -4.48 30.52 -8.79
C TRP B 352 -5.69 30.30 -7.88
N ILE B 353 -5.53 30.67 -6.63
CA ILE B 353 -6.60 30.60 -5.65
C ILE B 353 -7.07 32.04 -5.43
N SER B 354 -8.11 32.45 -6.14
CA SER B 354 -8.55 33.83 -6.07
C SER B 354 -9.05 34.17 -4.68
N LYS B 355 -9.05 35.47 -4.38
CA LYS B 355 -9.53 35.94 -3.09
C LYS B 355 -10.96 35.50 -2.84
N GLN B 356 -11.78 35.44 -3.90
CA GLN B 356 -13.18 35.08 -3.74
C GLN B 356 -13.32 33.62 -3.32
N GLU B 357 -12.52 32.73 -3.91
CA GLU B 357 -12.56 31.33 -3.50
C GLU B 357 -12.21 31.18 -2.02
N TYR B 358 -11.21 31.93 -1.57
CA TYR B 358 -10.87 31.90 -0.15
C TYR B 358 -12.02 32.41 0.70
N ASP B 359 -12.63 33.52 0.30
CA ASP B 359 -13.75 34.06 1.05
C ASP B 359 -14.90 33.07 1.13
N GLU B 360 -15.07 32.24 0.11
CA GLU B 360 -16.13 31.24 0.15
C GLU B 360 -15.76 30.05 1.02
N ALA B 361 -14.54 29.56 0.92
CA ALA B 361 -14.20 28.23 1.43
C ALA B 361 -13.35 28.23 2.69
N GLY B 362 -12.89 29.37 3.18
CA GLY B 362 -12.01 29.39 4.31
C GLY B 362 -10.59 29.05 3.90
N PRO B 363 -9.67 29.04 4.87
CA PRO B 363 -8.28 28.68 4.55
C PRO B 363 -8.11 27.24 4.11
N SER B 364 -9.10 26.39 4.32
CA SER B 364 -8.97 24.98 4.01
C SER B 364 -8.94 24.69 2.52
N ILE B 365 -9.19 25.70 1.67
CA ILE B 365 -9.23 25.45 0.24
C ILE B 365 -7.87 25.09 -0.33
N VAL B 366 -6.80 25.45 0.38
CA VAL B 366 -5.47 25.40 -0.22
C VAL B 366 -5.11 23.98 -0.65
N HIS B 367 -5.46 22.99 0.17
CA HIS B 367 -5.19 21.61 -0.21
C HIS B 367 -6.42 20.89 -0.71
N ARG B 368 -7.62 21.35 -0.35
CA ARG B 368 -8.83 20.69 -0.79
C ARG B 368 -8.97 20.74 -2.30
N LYS B 369 -8.37 21.73 -2.95
CA LYS B 369 -8.49 21.84 -4.40
C LYS B 369 -7.17 22.04 -5.09
N CYS B 370 -6.23 22.75 -4.48
CA CYS B 370 -5.13 23.30 -5.25
C CYS B 370 -3.75 22.94 -4.69
N THR C 1 49.70 -5.41 40.88
CA THR C 1 50.15 -4.13 41.39
C THR C 1 49.03 -3.10 41.31
N THR C 2 48.94 -2.25 42.34
CA THR C 2 47.88 -1.25 42.40
C THR C 2 48.11 -0.16 41.36
N ALA C 3 47.03 0.52 41.01
CA ALA C 3 47.04 1.59 40.04
C ALA C 3 46.68 2.91 40.70
N LEU C 4 47.06 4.00 40.05
CA LEU C 4 46.80 5.34 40.54
C LEU C 4 45.65 5.98 39.77
N VAL C 5 44.84 6.74 40.49
CA VAL C 5 43.75 7.51 39.89
C VAL C 5 44.04 8.98 40.17
N CYS C 6 44.05 9.79 39.12
CA CYS C 6 44.59 11.15 39.18
C CYS C 6 43.64 12.14 38.51
N ASP C 7 42.38 12.15 38.94
CA ASP C 7 41.44 13.13 38.42
C ASP C 7 41.99 14.54 38.53
N ASN C 8 42.29 15.17 37.39
CA ASN C 8 43.00 16.44 37.41
C ASN C 8 42.08 17.60 37.66
N GLY C 9 41.12 17.82 36.77
CA GLY C 9 40.24 18.96 36.93
C GLY C 9 40.97 20.28 36.79
N SER C 10 40.23 21.36 36.61
CA SER C 10 40.83 22.66 36.41
C SER C 10 40.97 23.47 37.69
N GLY C 11 40.55 22.92 38.83
CA GLY C 11 40.66 23.67 40.06
C GLY C 11 41.23 22.90 41.23
N LEU C 12 41.31 21.58 41.14
CA LEU C 12 41.67 20.77 42.28
C LEU C 12 42.17 19.43 41.80
N VAL C 13 43.39 19.07 42.16
CA VAL C 13 43.92 17.74 41.88
C VAL C 13 43.40 16.81 42.96
N LYS C 14 42.89 15.65 42.55
CA LYS C 14 42.45 14.61 43.47
C LYS C 14 43.11 13.32 43.03
N ALA C 15 44.11 12.87 43.78
CA ALA C 15 44.84 11.66 43.46
C ALA C 15 44.65 10.64 44.56
N GLY C 16 45.05 9.41 44.27
CA GLY C 16 44.91 8.33 45.22
C GLY C 16 45.18 7.00 44.54
N PHE C 17 44.94 5.94 45.28
CA PHE C 17 45.18 4.59 44.80
C PHE C 17 43.87 3.91 44.44
N ALA C 18 43.87 3.18 43.34
CA ALA C 18 42.68 2.47 42.91
C ALA C 18 42.31 1.42 43.94
N GLY C 19 41.11 1.54 44.49
CA GLY C 19 40.64 0.63 45.52
C GLY C 19 40.30 1.31 46.82
N ASP C 20 40.62 2.59 46.99
CA ASP C 20 40.30 3.30 48.21
C ASP C 20 38.91 3.91 48.12
N ASP C 21 38.42 4.38 49.26
CA ASP C 21 37.09 4.97 49.32
C ASP C 21 37.08 6.45 48.95
N ALA C 22 38.22 7.12 49.01
CA ALA C 22 38.28 8.55 48.78
C ALA C 22 39.69 8.93 48.38
N PRO C 23 39.88 10.05 47.69
CA PRO C 23 41.23 10.44 47.27
C PRO C 23 42.13 10.70 48.46
N ARG C 24 43.39 10.31 48.31
CA ARG C 24 44.35 10.48 49.39
C ARG C 24 44.90 11.91 49.43
N ALA C 25 45.02 12.56 48.28
CA ALA C 25 45.59 13.90 48.19
C ALA C 25 44.64 14.80 47.43
N VAL C 26 44.20 15.88 48.05
CA VAL C 26 43.33 16.88 47.43
C VAL C 26 43.95 18.24 47.70
N PHE C 27 44.47 18.88 46.67
CA PHE C 27 45.12 20.17 46.83
C PHE C 27 44.82 21.01 45.59
N PRO C 28 44.97 22.33 45.69
CA PRO C 28 44.66 23.18 44.53
C PRO C 28 45.64 22.95 43.39
N SER C 29 45.11 22.95 42.19
CA SER C 29 45.93 22.80 40.99
C SER C 29 46.41 24.18 40.61
N ILE C 30 47.55 24.59 41.17
CA ILE C 30 47.98 25.97 41.09
C ILE C 30 49.50 26.01 41.25
N VAL C 31 50.13 26.97 40.60
CA VAL C 31 51.57 27.15 40.68
C VAL C 31 51.83 28.63 40.92
N GLY C 32 52.55 28.94 41.98
CA GLY C 32 52.84 30.31 42.36
C GLY C 32 54.31 30.63 42.17
N ARG C 33 54.58 31.88 41.80
CA ARG C 33 55.92 32.38 41.64
C ARG C 33 56.04 33.73 42.34
N PRO C 34 57.19 34.01 42.97
CA PRO C 34 57.30 35.23 43.76
C PRO C 34 57.38 36.47 42.88
N ARG C 35 56.69 37.51 43.31
CA ARG C 35 56.73 38.79 42.61
C ARG C 35 57.81 39.71 43.16
N HIS C 36 57.94 39.77 44.48
CA HIS C 36 58.70 40.82 45.14
C HIS C 36 60.19 40.50 45.13
N GLN C 37 60.96 41.25 45.90
CA GLN C 37 62.40 41.32 45.69
C GLN C 37 63.13 40.12 46.29
N GLY C 38 63.09 39.99 47.61
CA GLY C 38 63.89 38.97 48.27
C GLY C 38 65.18 39.56 48.75
N VAL C 39 65.29 39.82 50.05
CA VAL C 39 66.39 40.62 50.57
C VAL C 39 67.22 39.84 51.57
N MET C 40 66.62 38.87 52.24
CA MET C 40 67.33 38.13 53.27
C MET C 40 68.23 37.10 52.62
N VAL C 41 69.54 37.35 52.65
CA VAL C 41 70.49 36.43 52.06
C VAL C 41 70.49 35.13 52.85
N GLY C 42 70.44 34.01 52.14
CA GLY C 42 70.45 32.72 52.77
C GLY C 42 69.09 32.16 53.13
N MET C 43 68.01 32.85 52.77
CA MET C 43 66.69 32.34 53.10
C MET C 43 66.36 31.07 52.33
N GLY C 44 67.07 30.78 51.25
CA GLY C 44 66.75 29.63 50.44
C GLY C 44 65.39 29.77 49.80
N GLN C 45 65.26 30.71 48.88
CA GLN C 45 64.00 30.93 48.18
C GLN C 45 63.88 29.95 47.02
N LYS C 46 62.73 29.29 46.94
CA LYS C 46 62.45 28.40 45.84
C LYS C 46 62.09 29.19 44.60
N ASP C 47 62.09 28.52 43.46
CA ASP C 47 61.72 29.18 42.22
C ASP C 47 60.22 29.23 42.04
N SER C 48 59.50 28.21 42.48
CA SER C 48 58.06 28.15 42.31
C SER C 48 57.48 27.19 43.33
N TYR C 49 56.28 27.51 43.82
CA TYR C 49 55.58 26.68 44.78
C TYR C 49 54.32 26.15 44.15
N VAL C 50 53.99 24.90 44.43
CA VAL C 50 52.83 24.26 43.83
C VAL C 50 51.87 23.84 44.94
N GLY C 51 50.63 23.58 44.54
CA GLY C 51 49.68 23.00 45.47
C GLY C 51 49.32 23.97 46.58
N ASP C 52 49.11 23.42 47.76
CA ASP C 52 48.70 24.22 48.92
C ASP C 52 49.87 24.83 49.65
N GLU C 53 51.11 24.57 49.22
CA GLU C 53 52.22 25.36 49.69
C GLU C 53 52.19 26.75 49.07
N ALA C 54 51.76 26.84 47.82
CA ALA C 54 51.54 28.12 47.19
C ALA C 54 50.31 28.83 47.73
N GLN C 55 49.46 28.13 48.47
CA GLN C 55 48.29 28.74 49.04
C GLN C 55 48.56 29.41 50.38
N SER C 56 49.61 29.00 51.08
CA SER C 56 49.99 29.62 52.34
C SER C 56 50.97 30.77 52.16
N LYS C 57 51.87 30.69 51.19
CA LYS C 57 52.68 31.82 50.78
C LYS C 57 51.96 32.69 49.79
N ARG C 58 50.64 32.60 49.79
CA ARG C 58 49.79 33.29 48.82
C ARG C 58 50.10 34.77 48.71
N GLY C 59 50.46 35.41 49.83
CA GLY C 59 50.51 36.85 49.85
C GLY C 59 51.61 37.46 49.00
N ILE C 60 52.69 36.71 48.78
CA ILE C 60 53.84 37.23 48.05
C ILE C 60 53.98 36.61 46.67
N LEU C 61 53.09 35.70 46.30
CA LEU C 61 53.20 35.00 45.03
C LEU C 61 52.15 35.51 44.06
N THR C 62 52.35 35.18 42.80
CA THR C 62 51.32 35.35 41.77
C THR C 62 50.92 33.96 41.30
N LEU C 63 49.64 33.65 41.42
CA LEU C 63 49.14 32.30 41.20
C LEU C 63 48.62 32.14 39.78
N LYS C 64 48.86 30.97 39.20
CA LYS C 64 48.42 30.67 37.85
C LYS C 64 47.89 29.25 37.78
N TYR C 65 46.74 29.09 37.15
CA TYR C 65 46.21 27.76 36.89
C TYR C 65 46.70 27.28 35.54
N PRO C 66 47.35 26.12 35.45
CA PRO C 66 47.76 25.60 34.15
C PRO C 66 46.64 24.99 33.32
N ILE C 67 45.42 24.97 33.84
CA ILE C 67 44.26 24.45 33.12
C ILE C 67 43.20 25.54 33.13
N GLU C 68 42.76 25.96 31.94
CA GLU C 68 41.82 27.07 31.85
C GLU C 68 40.37 26.60 31.78
N HIS C 69 40.01 25.85 30.77
CA HIS C 69 38.63 25.44 30.55
C HIS C 69 38.57 23.94 30.29
N GLY C 70 39.25 23.17 31.12
CA GLY C 70 39.45 21.77 30.86
C GLY C 70 40.64 21.48 29.98
N ILE C 71 41.25 22.50 29.41
CA ILE C 71 42.36 22.36 28.49
C ILE C 71 43.64 22.79 29.20
N ILE C 72 44.69 22.00 29.07
CA ILE C 72 45.97 22.30 29.70
C ILE C 72 46.69 23.30 28.81
N THR C 73 46.84 24.53 29.29
CA THR C 73 47.41 25.60 28.49
C THR C 73 48.82 25.99 28.91
N ASN C 74 49.44 25.24 29.81
CA ASN C 74 50.81 25.49 30.24
C ASN C 74 51.40 24.14 30.64
N TRP C 75 52.19 23.54 29.75
CA TRP C 75 52.56 22.16 29.97
C TRP C 75 53.71 22.01 30.95
N ASP C 76 54.53 23.04 31.11
CA ASP C 76 55.56 22.99 32.14
C ASP C 76 54.94 23.03 33.53
N ASP C 77 53.94 23.89 33.74
CA ASP C 77 53.27 23.94 35.02
C ASP C 77 52.53 22.64 35.30
N MET C 78 51.90 22.07 34.28
CA MET C 78 51.22 20.80 34.49
C MET C 78 52.21 19.70 34.81
N GLU C 79 53.39 19.74 34.21
CA GLU C 79 54.43 18.78 34.57
C GLU C 79 54.87 18.97 36.01
N LYS C 80 55.00 20.22 36.46
CA LYS C 80 55.33 20.47 37.86
C LYS C 80 54.27 19.90 38.78
N ILE C 81 53.00 20.10 38.44
CA ILE C 81 51.92 19.65 39.30
C ILE C 81 51.88 18.13 39.36
N TRP C 82 52.13 17.47 38.23
CA TRP C 82 52.15 16.01 38.27
C TRP C 82 53.34 15.49 39.06
N HIS C 83 54.51 16.12 38.88
CA HIS C 83 55.68 15.70 39.64
C HIS C 83 55.42 15.83 41.14
N HIS C 84 54.82 16.94 41.55
CA HIS C 84 54.43 17.12 42.93
C HIS C 84 53.48 16.01 43.37
N THR C 85 52.39 15.83 42.62
CA THR C 85 51.38 14.84 42.99
C THR C 85 51.98 13.47 43.21
N PHE C 86 52.93 13.08 42.36
CA PHE C 86 53.50 11.75 42.50
C PHE C 86 54.49 11.68 43.64
N TYR C 87 55.45 12.59 43.69
CA TYR C 87 56.59 12.42 44.58
C TYR C 87 56.38 12.98 45.98
N ASN C 88 55.57 14.02 46.16
CA ASN C 88 55.44 14.64 47.47
C ASN C 88 54.11 14.37 48.14
N GLU C 89 53.03 14.21 47.38
CA GLU C 89 51.73 13.96 48.00
C GLU C 89 51.46 12.47 48.15
N LEU C 90 51.57 11.71 47.05
CA LEU C 90 51.37 10.28 47.14
C LEU C 90 52.62 9.57 47.61
N ARG C 91 53.80 10.10 47.32
CA ARG C 91 55.07 9.52 47.71
C ARG C 91 55.19 8.10 47.18
N VAL C 92 55.15 7.99 45.85
CA VAL C 92 55.33 6.74 45.14
C VAL C 92 56.34 6.95 44.03
N ALA C 93 56.56 5.91 43.25
CA ALA C 93 57.39 6.01 42.05
C ALA C 93 56.50 5.69 40.86
N PRO C 94 56.29 6.63 39.93
CA PRO C 94 55.36 6.39 38.83
C PRO C 94 55.75 5.23 37.94
N GLU C 95 56.98 4.73 38.04
CA GLU C 95 57.43 3.64 37.19
C GLU C 95 56.77 2.32 37.55
N GLU C 96 56.02 2.25 38.65
CA GLU C 96 55.50 0.98 39.15
C GLU C 96 53.99 1.00 39.31
N HIS C 97 53.29 1.94 38.67
CA HIS C 97 51.85 2.03 38.81
C HIS C 97 51.24 2.49 37.50
N PRO C 98 50.28 1.76 36.96
CA PRO C 98 49.49 2.31 35.86
C PRO C 98 48.67 3.48 36.37
N THR C 99 48.44 4.45 35.50
CA THR C 99 47.81 5.71 35.89
C THR C 99 46.55 5.92 35.09
N LEU C 100 45.47 6.24 35.78
CA LEU C 100 44.18 6.51 35.15
C LEU C 100 43.92 8.01 35.22
N LEU C 101 44.10 8.69 34.09
CA LEU C 101 43.81 10.11 34.02
C LEU C 101 42.38 10.32 33.53
N THR C 102 41.89 11.52 33.72
CA THR C 102 40.51 11.83 33.43
C THR C 102 40.44 13.12 32.63
N GLU C 103 39.38 13.26 31.84
CA GLU C 103 39.27 14.41 30.95
C GLU C 103 37.81 14.66 30.62
N ALA C 104 37.50 15.92 30.35
CA ALA C 104 36.17 16.31 29.93
C ALA C 104 35.95 15.95 28.47
N PRO C 105 34.71 15.76 28.05
CA PRO C 105 34.44 15.44 26.65
C PRO C 105 34.47 16.69 25.78
N LEU C 106 34.75 16.46 24.49
CA LEU C 106 34.68 17.50 23.46
C LEU C 106 35.75 18.56 23.63
N ASN C 107 36.97 18.15 23.94
CA ASN C 107 38.09 19.08 24.00
C ASN C 107 39.21 18.54 23.12
N PRO C 108 40.13 19.40 22.68
CA PRO C 108 41.07 19.03 21.60
C PRO C 108 41.78 17.71 21.78
N LYS C 109 42.21 17.12 20.66
CA LYS C 109 42.91 15.84 20.70
C LYS C 109 44.32 15.99 21.20
N ALA C 110 44.95 17.12 20.91
CA ALA C 110 46.32 17.34 21.37
C ALA C 110 46.42 17.25 22.87
N ASN C 111 45.35 17.57 23.59
CA ASN C 111 45.35 17.43 25.04
C ASN C 111 45.65 16.00 25.45
N ARG C 112 44.91 15.04 24.89
CA ARG C 112 45.13 13.64 25.25
C ARG C 112 46.46 13.14 24.73
N GLU C 113 46.84 13.54 23.52
CA GLU C 113 48.11 13.08 22.97
C GLU C 113 49.26 13.55 23.85
N LYS C 114 49.22 14.78 24.31
CA LYS C 114 50.28 15.30 25.16
C LYS C 114 50.24 14.64 26.53
N MET C 115 49.05 14.40 27.07
CA MET C 115 48.96 13.65 28.33
C MET C 115 49.71 12.33 28.21
N THR C 116 49.39 11.57 27.17
CA THR C 116 50.02 10.27 26.96
C THR C 116 51.53 10.40 26.80
N GLN C 117 51.97 11.35 25.98
CA GLN C 117 53.38 11.50 25.73
C GLN C 117 54.13 11.87 27.01
N ILE C 118 53.60 12.84 27.75
CA ILE C 118 54.21 13.23 29.03
C ILE C 118 54.32 12.02 29.94
N MET C 119 53.20 11.35 30.20
CA MET C 119 53.23 10.20 31.10
C MET C 119 54.32 9.22 30.69
N PHE C 120 54.24 8.72 29.45
CA PHE C 120 55.12 7.62 29.06
C PHE C 120 56.58 8.06 29.00
N GLU C 121 56.87 9.26 28.52
CA GLU C 121 58.27 9.66 28.39
C GLU C 121 58.84 10.14 29.72
N THR C 122 58.28 11.21 30.29
CA THR C 122 58.91 11.79 31.45
C THR C 122 58.40 11.24 32.78
N PHE C 123 57.63 10.16 32.78
CA PHE C 123 57.32 9.49 34.02
C PHE C 123 57.45 7.99 33.95
N ASN C 124 57.52 7.41 32.75
CA ASN C 124 57.76 5.99 32.57
C ASN C 124 56.72 5.14 33.29
N VAL C 125 55.47 5.56 33.21
CA VAL C 125 54.37 4.74 33.73
C VAL C 125 54.34 3.44 32.94
N PRO C 126 54.00 2.31 33.55
CA PRO C 126 53.89 1.07 32.76
C PRO C 126 52.71 1.09 31.82
N ALA C 127 51.62 1.76 32.17
CA ALA C 127 50.44 1.85 31.33
C ALA C 127 49.62 3.03 31.80
N MET C 128 48.66 3.44 30.97
CA MET C 128 47.81 4.56 31.33
C MET C 128 46.52 4.46 30.54
N TYR C 129 45.61 5.38 30.82
CA TYR C 129 44.26 5.35 30.27
C TYR C 129 43.61 6.69 30.61
N VAL C 130 42.76 7.17 29.71
CA VAL C 130 42.15 8.48 29.85
C VAL C 130 40.64 8.30 29.76
N ALA C 131 39.96 8.36 30.90
CA ALA C 131 38.52 8.15 30.93
C ALA C 131 37.78 9.46 30.72
N ILE C 132 36.46 9.41 30.80
CA ILE C 132 35.61 10.59 30.70
C ILE C 132 34.95 10.80 32.05
N GLN C 133 34.94 12.05 32.52
CA GLN C 133 34.53 12.34 33.88
C GLN C 133 33.10 11.92 34.15
N ALA C 134 32.23 12.05 33.15
CA ALA C 134 30.82 11.75 33.38
C ALA C 134 30.58 10.25 33.54
N VAL C 135 31.30 9.44 32.77
CA VAL C 135 31.15 7.99 32.89
C VAL C 135 31.55 7.54 34.29
N LEU C 136 32.67 8.04 34.78
CA LEU C 136 33.11 7.68 36.12
C LEU C 136 32.12 8.17 37.17
N SER C 137 31.56 9.36 36.96
CA SER C 137 30.55 9.84 37.90
C SER C 137 29.37 8.90 37.96
N LEU C 138 28.98 8.34 36.81
CA LEU C 138 27.88 7.39 36.81
C LEU C 138 28.26 6.09 37.51
N TYR C 139 29.48 5.60 37.26
CA TYR C 139 29.99 4.47 38.02
C TYR C 139 29.82 4.68 39.51
N ALA C 140 30.22 5.86 39.99
CA ALA C 140 30.15 6.12 41.43
C ALA C 140 28.72 6.24 41.92
N SER C 141 27.82 6.73 41.08
CA SER C 141 26.43 6.80 41.51
C SER C 141 25.76 5.44 41.62
N GLY C 142 26.38 4.39 41.09
CA GLY C 142 25.82 3.06 41.20
C GLY C 142 24.62 2.84 40.30
N ARG C 143 24.75 3.17 39.02
CA ARG C 143 23.69 2.92 38.06
C ARG C 143 24.31 2.90 36.67
N THR C 144 23.56 2.36 35.71
CA THR C 144 24.04 2.24 34.34
C THR C 144 23.23 3.08 33.38
N THR C 145 22.41 4.00 33.87
CA THR C 145 21.51 4.76 33.02
C THR C 145 21.21 6.08 33.70
N GLY C 146 21.41 7.16 32.97
CA GLY C 146 21.10 8.48 33.48
C GLY C 146 21.87 9.54 32.76
N ILE C 147 21.37 10.76 32.86
CA ILE C 147 22.02 11.91 32.26
C ILE C 147 22.75 12.65 33.37
N VAL C 148 24.06 12.59 33.36
CA VAL C 148 24.89 13.16 34.42
C VAL C 148 25.29 14.58 34.05
N LEU C 149 25.12 15.49 34.99
CA LEU C 149 25.49 16.89 34.83
C LEU C 149 26.71 17.14 35.70
N ASP C 150 27.88 17.22 35.09
CA ASP C 150 29.11 17.47 35.81
C ASP C 150 29.49 18.93 35.67
N SER C 151 29.82 19.57 36.79
CA SER C 151 30.12 20.99 36.80
C SER C 151 31.26 21.21 37.79
N GLY C 152 32.48 21.29 37.29
CA GLY C 152 33.62 21.51 38.14
C GLY C 152 34.06 22.95 38.20
N ASP C 153 35.34 23.20 37.94
CA ASP C 153 35.88 24.55 37.98
C ASP C 153 35.98 25.21 36.62
N GLY C 154 36.05 24.43 35.55
CA GLY C 154 36.27 25.00 34.24
C GLY C 154 35.18 24.78 33.23
N VAL C 155 34.46 23.66 33.33
CA VAL C 155 33.57 23.26 32.25
C VAL C 155 32.39 22.49 32.84
N THR C 156 31.22 22.70 32.25
CA THR C 156 29.98 22.01 32.60
C THR C 156 29.52 21.20 31.41
N HIS C 157 29.20 19.93 31.63
CA HIS C 157 28.81 19.08 30.51
C HIS C 157 27.78 18.05 30.94
N ASN C 158 26.90 17.70 30.00
CA ASN C 158 25.93 16.63 30.16
C ASN C 158 26.34 15.45 29.30
N VAL C 159 26.22 14.25 29.86
CA VAL C 159 26.41 13.05 29.05
C VAL C 159 25.24 12.11 29.33
N PRO C 160 24.35 11.89 28.37
CA PRO C 160 23.28 10.91 28.57
C PRO C 160 23.77 9.51 28.25
N ILE C 161 23.47 8.57 29.14
CA ILE C 161 23.91 7.19 29.02
C ILE C 161 22.72 6.30 29.29
N TYR C 162 22.58 5.23 28.50
CA TYR C 162 21.49 4.29 28.66
C TYR C 162 22.03 2.88 28.58
N GLU C 163 21.81 2.09 29.63
CA GLU C 163 22.22 0.70 29.67
C GLU C 163 23.70 0.53 29.37
N GLY C 164 24.49 1.56 29.66
CA GLY C 164 25.90 1.51 29.38
C GLY C 164 26.30 1.99 28.01
N TYR C 165 25.38 2.58 27.25
CA TYR C 165 25.67 3.11 25.94
C TYR C 165 25.59 4.62 25.98
N ALA C 166 26.63 5.29 25.54
CA ALA C 166 26.65 6.73 25.50
C ALA C 166 26.00 7.22 24.21
N LEU C 167 25.40 8.38 24.28
CA LEU C 167 24.78 9.00 23.13
C LEU C 167 25.63 10.19 22.71
N PRO C 168 26.72 9.98 21.98
CA PRO C 168 27.69 11.06 21.77
C PRO C 168 27.15 12.22 20.95
N HIS C 169 26.04 12.05 20.25
CA HIS C 169 25.46 13.17 19.53
C HIS C 169 24.66 14.09 20.45
N ALA C 170 24.36 13.65 21.66
CA ALA C 170 23.58 14.45 22.59
C ALA C 170 24.43 15.00 23.73
N ILE C 171 25.73 14.81 23.69
CA ILE C 171 26.62 15.42 24.67
C ILE C 171 26.65 16.91 24.44
N MET C 172 26.41 17.68 25.49
CA MET C 172 26.41 19.13 25.42
C MET C 172 27.39 19.66 26.44
N ARG C 173 28.29 20.53 25.99
CA ARG C 173 29.36 21.04 26.81
C ARG C 173 29.23 22.55 26.91
N LEU C 174 29.32 23.06 28.13
CA LEU C 174 29.17 24.47 28.39
C LEU C 174 30.41 24.97 29.13
N ASP C 175 30.78 26.22 28.89
CA ASP C 175 32.03 26.75 29.41
C ASP C 175 31.80 27.86 30.42
N LEU C 176 30.85 27.68 31.32
CA LEU C 176 30.83 28.46 32.54
C LEU C 176 30.77 27.49 33.70
N ALA C 177 31.58 27.74 34.72
CA ALA C 177 31.74 26.81 35.82
C ALA C 177 32.11 27.62 37.05
N GLY C 178 32.69 26.95 38.04
CA GLY C 178 33.03 27.63 39.28
C GLY C 178 33.84 28.89 39.09
N ARG C 179 34.79 28.88 38.17
CA ARG C 179 35.69 30.01 38.05
C ARG C 179 34.98 31.24 37.49
N ASP C 180 34.07 31.06 36.55
CA ASP C 180 33.33 32.21 36.04
C ASP C 180 32.39 32.75 37.10
N LEU C 181 31.89 31.91 37.99
CA LEU C 181 31.09 32.40 39.09
C LEU C 181 31.94 33.17 40.09
N THR C 182 33.16 32.69 40.34
CA THR C 182 34.07 33.44 41.20
C THR C 182 34.37 34.81 40.62
N ASP C 183 34.60 34.88 39.32
CA ASP C 183 34.87 36.17 38.70
C ASP C 183 33.65 37.07 38.74
N TYR C 184 32.47 36.52 38.47
CA TYR C 184 31.26 37.33 38.55
C TYR C 184 31.03 37.84 39.97
N LEU C 185 31.42 37.06 40.98
CA LEU C 185 31.27 37.53 42.35
C LEU C 185 32.28 38.62 42.66
N MET C 186 33.52 38.46 42.20
CA MET C 186 34.50 39.53 42.35
C MET C 186 34.02 40.82 41.72
N LYS C 187 33.29 40.72 40.62
CA LYS C 187 32.80 41.93 39.96
C LYS C 187 31.55 42.48 40.62
N ILE C 188 30.70 41.61 41.16
CA ILE C 188 29.46 42.05 41.77
C ILE C 188 29.66 42.56 43.18
N LEU C 189 30.78 42.23 43.83
CA LEU C 189 31.05 42.73 45.16
C LEU C 189 31.51 44.17 45.16
N THR C 190 31.92 44.71 44.02
CA THR C 190 32.38 46.09 44.00
C THR C 190 31.25 47.09 44.21
N GLU C 191 30.00 46.68 44.05
CA GLU C 191 28.93 47.63 44.27
C GLU C 191 28.57 47.77 45.73
N ARG C 192 29.27 47.09 46.63
CA ARG C 192 29.18 47.35 48.05
C ARG C 192 30.43 48.02 48.61
N GLY C 193 31.48 48.14 47.80
CA GLY C 193 32.68 48.83 48.21
C GLY C 193 33.90 47.95 48.32
N TYR C 194 33.73 46.63 48.29
CA TYR C 194 34.84 45.71 48.45
C TYR C 194 35.50 45.49 47.10
N SER C 195 36.83 45.58 47.07
CA SER C 195 37.58 45.53 45.81
C SER C 195 38.66 44.46 45.90
N PHE C 196 38.45 43.36 45.20
CA PHE C 196 39.40 42.25 45.13
C PHE C 196 39.92 42.18 43.70
N VAL C 197 41.22 42.38 43.51
CA VAL C 197 41.78 42.39 42.16
C VAL C 197 42.92 41.40 42.03
N THR C 198 43.61 41.13 43.13
CA THR C 198 44.77 40.24 43.11
C THR C 198 44.31 38.80 42.90
N THR C 199 45.25 37.92 42.59
CA THR C 199 44.94 36.50 42.52
C THR C 199 44.68 35.93 43.91
N ALA C 200 45.47 36.36 44.90
CA ALA C 200 45.19 35.99 46.28
C ALA C 200 43.79 36.41 46.68
N GLU C 201 43.38 37.62 46.28
CA GLU C 201 42.03 38.05 46.58
C GLU C 201 41.01 37.22 45.82
N ARG C 202 41.37 36.69 44.66
CA ARG C 202 40.48 35.77 43.98
C ARG C 202 40.28 34.50 44.79
N GLU C 203 41.33 34.02 45.44
CA GLU C 203 41.15 32.87 46.33
C GLU C 203 40.25 33.21 47.51
N ILE C 204 40.41 34.40 48.07
CA ILE C 204 39.53 34.83 49.16
C ILE C 204 38.08 34.82 48.69
N VAL C 205 37.82 35.35 47.49
CA VAL C 205 36.46 35.41 47.00
C VAL C 205 35.92 34.01 46.72
N ARG C 206 36.78 33.10 46.29
CA ARG C 206 36.35 31.72 46.13
C ARG C 206 35.89 31.14 47.46
N ASP C 207 36.60 31.46 48.54
CA ASP C 207 36.16 30.97 49.84
C ASP C 207 34.83 31.59 50.25
N ILE C 208 34.65 32.88 49.99
CA ILE C 208 33.37 33.52 50.25
C ILE C 208 32.26 32.79 49.49
N LYS C 209 32.53 32.45 48.23
CA LYS C 209 31.53 31.77 47.41
C LYS C 209 31.19 30.41 47.98
N GLU C 210 32.20 29.66 48.42
CA GLU C 210 31.94 28.34 48.97
C GLU C 210 31.26 28.38 50.32
N LYS C 211 31.31 29.51 51.02
CA LYS C 211 30.72 29.55 52.36
C LYS C 211 29.38 30.26 52.46
N LEU C 212 29.07 31.22 51.60
CA LEU C 212 27.89 32.04 51.81
C LEU C 212 26.86 31.99 50.71
N CYS C 213 27.12 31.34 49.59
CA CYS C 213 26.26 31.44 48.42
C CYS C 213 25.32 30.25 48.35
N TYR C 214 24.11 30.51 47.86
CA TYR C 214 23.10 29.48 47.70
C TYR C 214 22.23 29.82 46.50
N VAL C 215 21.46 28.85 46.03
CA VAL C 215 20.59 29.03 44.87
C VAL C 215 19.18 29.28 45.36
N ALA C 216 18.56 30.34 44.85
CA ALA C 216 17.21 30.71 45.26
C ALA C 216 16.18 29.94 44.47
N LEU C 217 15.19 29.38 45.16
CA LEU C 217 14.18 28.57 44.47
C LEU C 217 13.39 29.42 43.48
N ASP C 218 13.07 30.65 43.86
CA ASP C 218 12.40 31.60 42.97
C ASP C 218 13.20 32.89 43.03
N PHE C 219 13.83 33.25 41.92
CA PHE C 219 14.79 34.34 41.94
C PHE C 219 14.13 35.69 42.17
N GLU C 220 12.97 35.92 41.57
CA GLU C 220 12.36 37.24 41.61
C GLU C 220 11.87 37.60 43.01
N ASN C 221 11.07 36.72 43.62
CA ASN C 221 10.57 37.07 44.94
C ASN C 221 11.67 36.99 45.99
N GLU C 222 12.69 36.16 45.76
CA GLU C 222 13.86 36.22 46.62
C GLU C 222 14.54 37.58 46.55
N MET C 223 14.66 38.13 45.34
CA MET C 223 15.20 39.47 45.17
C MET C 223 14.35 40.50 45.93
N ALA C 224 13.03 40.41 45.79
CA ALA C 224 12.16 41.35 46.47
C ALA C 224 12.26 41.21 47.98
N THR C 225 12.38 39.97 48.47
CA THR C 225 12.53 39.74 49.90
C THR C 225 13.82 40.36 50.42
N ALA C 226 14.94 40.10 49.75
CA ALA C 226 16.19 40.71 50.15
C ALA C 226 16.10 42.23 50.12
N ALA C 227 15.35 42.78 49.16
CA ALA C 227 15.16 44.23 49.13
C ALA C 227 14.34 44.72 50.31
N SER C 228 13.36 43.94 50.76
CA SER C 228 12.45 44.40 51.80
C SER C 228 13.11 44.35 53.18
N SER C 229 13.45 43.16 53.65
CA SER C 229 14.06 42.99 54.95
C SER C 229 15.58 42.98 54.82
N SER C 230 16.26 42.60 55.90
CA SER C 230 17.70 42.36 55.88
C SER C 230 18.03 41.06 56.58
N SER C 231 17.14 40.08 56.49
CA SER C 231 17.33 38.79 57.11
C SER C 231 18.23 37.87 56.30
N LEU C 232 18.54 38.22 55.06
CA LEU C 232 19.43 37.43 54.24
C LEU C 232 20.88 37.84 54.35
N GLU C 233 21.17 38.95 55.01
CA GLU C 233 22.53 39.43 55.10
C GLU C 233 23.33 38.58 56.08
N LYS C 234 24.47 38.08 55.61
CA LYS C 234 25.42 37.41 56.47
C LYS C 234 26.73 38.19 56.43
N SER C 235 27.64 37.82 57.31
CA SER C 235 28.92 38.51 57.44
C SER C 235 30.04 37.51 57.29
N TYR C 236 31.15 37.98 56.72
CA TYR C 236 32.34 37.18 56.52
C TYR C 236 33.53 38.02 56.95
N GLU C 237 34.53 37.38 57.52
CA GLU C 237 35.69 38.07 58.06
C GLU C 237 36.91 37.69 57.24
N LEU C 238 37.45 38.66 56.51
CA LEU C 238 38.64 38.49 55.68
C LEU C 238 39.81 38.11 56.58
N PRO C 239 40.93 37.63 56.04
CA PRO C 239 42.00 37.20 56.95
C PRO C 239 42.88 38.34 57.43
N ASP C 240 42.26 39.49 57.71
CA ASP C 240 42.94 40.54 58.45
C ASP C 240 41.96 41.32 59.33
N GLY C 241 40.88 40.69 59.76
CA GLY C 241 39.78 41.44 60.33
C GLY C 241 38.90 41.92 59.20
N GLN C 242 38.32 43.11 59.30
CA GLN C 242 37.59 43.70 58.19
C GLN C 242 36.43 42.80 57.74
N VAL C 243 35.45 42.67 58.62
CA VAL C 243 34.26 41.91 58.26
C VAL C 243 33.56 42.60 57.09
N ILE C 244 32.99 41.79 56.20
CA ILE C 244 32.18 42.28 55.10
C ILE C 244 30.83 41.59 55.18
N THR C 245 29.79 42.31 54.77
CA THR C 245 28.43 41.78 54.80
C THR C 245 27.86 41.83 53.39
N ILE C 246 27.29 40.73 52.94
CA ILE C 246 26.72 40.63 51.61
C ILE C 246 25.25 40.27 51.72
N GLY C 247 24.46 40.77 50.77
CA GLY C 247 23.02 40.59 50.79
C GLY C 247 22.54 39.70 49.69
N ASN C 248 22.00 40.29 48.62
CA ASN C 248 21.49 39.47 47.53
C ASN C 248 22.60 38.89 46.65
N GLU C 249 23.85 39.29 46.86
CA GLU C 249 24.94 38.67 46.12
C GLU C 249 24.99 37.17 46.40
N ARG C 250 24.57 36.78 47.60
CA ARG C 250 24.63 35.38 48.00
C ARG C 250 23.98 34.47 46.98
N PHE C 251 22.80 34.85 46.49
CA PHE C 251 22.13 34.04 45.49
C PHE C 251 22.22 34.61 44.10
N ARG C 252 22.70 35.83 43.93
CA ARG C 252 22.94 36.32 42.58
C ARG C 252 24.19 35.70 41.97
N CYS C 253 25.14 35.25 42.78
CA CYS C 253 26.33 34.63 42.19
C CYS C 253 26.02 33.31 41.51
N PRO C 254 25.41 32.31 42.16
CA PRO C 254 25.13 31.05 41.48
C PRO C 254 23.93 31.09 40.57
N GLU C 255 23.12 32.13 40.63
CA GLU C 255 22.02 32.28 39.68
C GLU C 255 22.52 32.34 38.25
N THR C 256 23.77 32.71 38.04
CA THR C 256 24.34 32.77 36.70
C THR C 256 24.27 31.41 36.01
N LEU C 257 24.28 30.32 36.78
CA LEU C 257 24.18 29.00 36.17
C LEU C 257 22.86 28.81 35.45
N PHE C 258 21.82 29.50 35.87
CA PHE C 258 20.50 29.38 35.26
C PHE C 258 20.18 30.54 34.33
N GLN C 259 20.92 31.63 34.41
CA GLN C 259 20.79 32.75 33.48
C GLN C 259 22.18 33.19 33.08
N PRO C 260 22.81 32.46 32.20
CA PRO C 260 24.19 32.78 31.82
C PRO C 260 24.32 34.11 31.09
N SER C 261 23.21 34.81 30.91
CA SER C 261 23.26 36.15 30.35
C SER C 261 23.78 37.18 31.35
N PHE C 262 23.90 36.82 32.63
CA PHE C 262 24.44 37.75 33.61
C PHE C 262 25.91 38.04 33.34
N ILE C 263 26.63 37.10 32.74
CA ILE C 263 28.02 37.31 32.39
C ILE C 263 28.19 37.48 30.88
N GLY C 264 27.13 37.88 30.19
CA GLY C 264 27.23 38.16 28.78
C GLY C 264 27.38 36.95 27.90
N MET C 265 27.02 35.77 28.39
CA MET C 265 27.03 34.58 27.55
C MET C 265 25.67 34.40 26.90
N GLU C 266 25.66 33.73 25.76
CA GLU C 266 24.43 33.56 25.01
C GLU C 266 23.74 32.23 25.29
N SER C 267 24.39 31.32 26.01
CA SER C 267 23.87 29.98 26.18
C SER C 267 22.61 30.00 27.03
N ALA C 268 22.06 28.82 27.27
CA ALA C 268 20.93 28.64 28.15
C ALA C 268 21.39 28.10 29.49
N GLY C 269 20.53 28.19 30.48
CA GLY C 269 20.86 27.69 31.80
C GLY C 269 21.12 26.21 31.79
N ILE C 270 21.64 25.72 32.92
CA ILE C 270 21.97 24.30 32.99
C ILE C 270 20.71 23.45 32.93
N HIS C 271 19.61 23.94 33.49
CA HIS C 271 18.34 23.21 33.37
C HIS C 271 17.94 23.05 31.91
N GLU C 272 18.08 24.12 31.13
CA GLU C 272 17.63 24.06 29.75
C GLU C 272 18.56 23.22 28.88
N THR C 273 19.87 23.27 29.12
CA THR C 273 20.73 22.39 28.35
C THR C 273 20.56 20.94 28.74
N THR C 274 20.25 20.66 30.00
CA THR C 274 19.92 19.30 30.39
C THR C 274 18.68 18.82 29.65
N TYR C 275 17.64 19.65 29.64
CA TYR C 275 16.42 19.28 28.93
C TYR C 275 16.67 19.08 27.44
N ASN C 276 17.48 19.94 26.83
CA ASN C 276 17.78 19.79 25.42
C ASN C 276 18.55 18.52 25.13
N SER C 277 19.54 18.21 25.96
CA SER C 277 20.28 16.96 25.79
C SER C 277 19.35 15.77 25.91
N ILE C 278 18.36 15.84 26.81
CA ILE C 278 17.39 14.75 26.91
C ILE C 278 16.57 14.66 25.64
N MET C 279 16.00 15.77 25.20
CA MET C 279 15.14 15.78 24.03
C MET C 279 15.90 15.52 22.74
N LYS C 280 17.21 15.40 22.81
CA LYS C 280 18.00 14.97 21.67
C LYS C 280 18.21 13.47 21.64
N CYS C 281 17.65 12.74 22.59
CA CYS C 281 17.81 11.30 22.68
C CYS C 281 16.56 10.60 22.16
N ASP C 282 16.69 9.30 21.96
CA ASP C 282 15.61 8.52 21.38
C ASP C 282 14.43 8.47 22.32
N ILE C 283 13.24 8.65 21.75
CA ILE C 283 12.02 8.86 22.52
C ILE C 283 11.73 7.74 23.52
N ASP C 284 12.37 6.59 23.37
CA ASP C 284 12.09 5.47 24.26
C ASP C 284 12.95 5.48 25.51
N ILE C 285 14.08 6.17 25.51
CA ILE C 285 14.95 6.19 26.68
C ILE C 285 14.80 7.45 27.50
N ARG C 286 14.12 8.47 26.99
CA ARG C 286 14.13 9.72 27.72
C ARG C 286 13.23 9.69 28.95
N LYS C 287 12.31 8.74 29.05
CA LYS C 287 11.57 8.62 30.29
C LYS C 287 12.46 8.09 31.41
N ASP C 288 13.41 7.23 31.10
CA ASP C 288 14.35 6.76 32.10
C ASP C 288 15.49 7.74 32.31
N LEU C 289 15.74 8.61 31.35
CA LEU C 289 16.67 9.70 31.58
C LEU C 289 16.08 10.77 32.47
N TYR C 290 14.77 11.02 32.36
CA TYR C 290 14.13 12.05 33.16
C TYR C 290 14.24 11.77 34.64
N ALA C 291 14.40 10.50 35.02
CA ALA C 291 14.37 10.12 36.42
C ALA C 291 15.73 9.74 36.97
N ASN C 292 16.81 10.04 36.25
CA ASN C 292 18.15 9.73 36.71
C ASN C 292 19.11 10.86 36.40
N ASN C 293 18.70 12.09 36.65
CA ASN C 293 19.61 13.22 36.53
C ASN C 293 20.62 13.15 37.67
N VAL C 294 21.84 12.77 37.38
CA VAL C 294 22.89 12.63 38.38
C VAL C 294 23.71 13.92 38.38
N LEU C 295 23.89 14.50 39.55
CA LEU C 295 24.68 15.71 39.71
C LEU C 295 26.08 15.36 40.20
N SER C 296 27.06 16.11 39.73
CA SER C 296 28.44 15.80 40.06
C SER C 296 29.26 17.08 40.05
N GLY C 297 30.45 16.99 40.63
CA GLY C 297 31.37 18.11 40.64
C GLY C 297 31.08 19.11 41.73
N GLY C 298 32.04 20.01 41.92
CA GLY C 298 31.95 20.95 43.03
C GLY C 298 30.92 22.04 42.82
N THR C 299 30.80 22.55 41.60
CA THR C 299 29.88 23.66 41.36
C THR C 299 28.42 23.25 41.53
N THR C 300 28.14 21.97 41.71
CA THR C 300 26.79 21.51 42.01
C THR C 300 26.56 21.34 43.51
N MET C 301 27.32 22.04 44.34
CA MET C 301 27.25 21.88 45.78
C MET C 301 26.54 23.01 46.47
N TYR C 302 25.96 23.95 45.75
CA TYR C 302 25.25 25.04 46.38
C TYR C 302 24.01 24.52 47.08
N PRO C 303 23.66 25.10 48.23
CA PRO C 303 22.40 24.72 48.89
C PRO C 303 21.21 25.15 48.06
N GLY C 304 20.35 24.18 47.74
CA GLY C 304 19.15 24.46 46.99
C GLY C 304 19.29 24.33 45.50
N ILE C 305 20.36 23.73 45.00
CA ILE C 305 20.51 23.63 43.56
C ILE C 305 19.68 22.46 43.02
N ALA C 306 19.54 21.39 43.79
CA ALA C 306 18.72 20.27 43.35
C ALA C 306 17.25 20.65 43.30
N ASP C 307 16.79 21.45 44.26
CA ASP C 307 15.39 21.85 44.25
C ASP C 307 15.09 22.76 43.08
N ARG C 308 15.94 23.75 42.83
CA ARG C 308 15.73 24.63 41.69
C ARG C 308 15.80 23.87 40.39
N MET C 309 16.76 22.94 40.30
CA MET C 309 16.90 22.15 39.08
C MET C 309 15.65 21.33 38.82
N GLN C 310 15.13 20.68 39.86
CA GLN C 310 13.94 19.87 39.69
C GLN C 310 12.74 20.72 39.33
N LYS C 311 12.60 21.89 39.96
CA LYS C 311 11.51 22.79 39.61
C LYS C 311 11.57 23.19 38.14
N GLU C 312 12.76 23.55 37.67
CA GLU C 312 12.88 24.03 36.30
C GLU C 312 12.61 22.91 35.29
N ILE C 313 13.23 21.75 35.49
CA ILE C 313 13.03 20.66 34.55
C ILE C 313 11.58 20.19 34.58
N THR C 314 10.97 20.13 35.76
CA THR C 314 9.56 19.81 35.86
C THR C 314 8.71 20.80 35.07
N ALA C 315 9.04 22.08 35.14
CA ALA C 315 8.30 23.05 34.36
C ALA C 315 8.50 22.84 32.87
N LEU C 316 9.64 22.28 32.47
CA LEU C 316 9.89 22.08 31.05
C LEU C 316 9.33 20.77 30.51
N ALA C 317 9.55 19.68 31.23
CA ALA C 317 9.16 18.35 30.76
C ALA C 317 7.64 18.20 30.75
N PRO C 318 7.12 17.14 30.13
CA PRO C 318 5.69 16.88 30.20
C PRO C 318 5.23 16.60 31.63
N SER C 319 3.95 16.84 31.87
CA SER C 319 3.42 16.78 33.23
C SER C 319 3.15 15.36 33.70
N THR C 320 3.68 14.35 33.02
CA THR C 320 3.48 12.97 33.42
C THR C 320 4.76 12.29 33.89
N MET C 321 5.91 12.82 33.53
CA MET C 321 7.17 12.19 33.88
C MET C 321 7.54 12.50 35.32
N LYS C 322 8.34 11.62 35.90
CA LYS C 322 8.82 11.78 37.27
C LYS C 322 10.26 12.28 37.22
N ILE C 323 10.44 13.57 37.47
CA ILE C 323 11.78 14.15 37.48
C ILE C 323 12.43 13.87 38.83
N LYS C 324 13.58 13.21 38.81
CA LYS C 324 14.31 12.91 40.04
C LYS C 324 15.73 13.39 39.86
N ILE C 325 16.13 14.39 40.66
CA ILE C 325 17.49 14.87 40.68
C ILE C 325 18.23 14.08 41.75
N ILE C 326 19.25 13.35 41.35
CA ILE C 326 20.06 12.55 42.27
C ILE C 326 21.28 13.38 42.62
N ALA C 327 21.35 13.83 43.87
CA ALA C 327 22.47 14.64 44.36
C ALA C 327 23.01 13.99 45.61
N PRO C 328 24.03 13.15 45.49
CA PRO C 328 24.63 12.54 46.66
C PRO C 328 25.28 13.59 47.55
N PRO C 329 25.49 13.30 48.82
CA PRO C 329 26.16 14.26 49.70
C PRO C 329 27.65 14.35 49.48
N GLU C 330 28.26 13.45 48.71
CA GLU C 330 29.70 13.49 48.44
C GLU C 330 29.99 13.67 46.96
N ARG C 331 29.06 14.27 46.21
CA ARG C 331 29.20 14.36 44.76
C ARG C 331 30.40 15.16 44.32
N LYS C 332 31.14 15.79 45.23
CA LYS C 332 32.31 16.52 44.82
C LYS C 332 33.47 15.60 44.41
N TYR C 333 33.43 14.34 44.84
CA TYR C 333 34.48 13.39 44.53
C TYR C 333 33.95 12.20 43.74
N SER C 334 32.80 12.36 43.10
CA SER C 334 32.19 11.26 42.36
C SER C 334 33.10 10.78 41.25
N VAL C 335 33.75 11.70 40.55
CA VAL C 335 34.62 11.30 39.45
C VAL C 335 35.76 10.43 39.96
N TRP C 336 36.38 10.84 41.07
CA TRP C 336 37.48 10.03 41.59
C TRP C 336 36.99 8.69 42.10
N ILE C 337 35.86 8.67 42.80
CA ILE C 337 35.34 7.41 43.31
C ILE C 337 35.06 6.44 42.16
N GLY C 338 34.36 6.93 41.13
CA GLY C 338 34.09 6.10 39.98
C GLY C 338 35.36 5.66 39.27
N GLY C 339 36.36 6.52 39.23
CA GLY C 339 37.61 6.13 38.62
C GLY C 339 38.31 5.03 39.37
N SER C 340 38.25 5.06 40.70
CA SER C 340 38.85 3.97 41.46
C SER C 340 38.09 2.67 41.26
N ILE C 341 36.75 2.75 41.26
CA ILE C 341 35.95 1.56 40.97
C ILE C 341 36.33 0.98 39.62
N LEU C 342 36.43 1.83 38.61
CA LEU C 342 36.77 1.37 37.27
C LEU C 342 38.16 0.73 37.24
N ALA C 343 39.16 1.45 37.72
CA ALA C 343 40.51 0.92 37.69
C ALA C 343 40.69 -0.32 38.56
N SER C 344 39.72 -0.62 39.43
CA SER C 344 39.82 -1.85 40.23
C SER C 344 39.19 -3.06 39.58
N LEU C 345 38.39 -2.87 38.53
CA LEU C 345 37.69 -4.00 37.93
C LEU C 345 38.67 -4.98 37.30
N SER C 346 38.37 -6.26 37.41
CA SER C 346 39.23 -7.26 36.80
C SER C 346 39.13 -7.24 35.29
N THR C 347 37.92 -7.03 34.76
CA THR C 347 37.72 -6.97 33.33
C THR C 347 38.29 -5.72 32.69
N PHE C 348 38.87 -4.82 33.48
CA PHE C 348 39.45 -3.60 32.94
C PHE C 348 40.94 -3.74 32.66
N GLN C 349 41.59 -4.74 33.25
CA GLN C 349 43.03 -4.87 33.16
C GLN C 349 43.54 -5.14 31.75
N GLN C 350 42.66 -5.32 30.78
CA GLN C 350 43.07 -5.42 29.39
C GLN C 350 42.86 -4.13 28.62
N MET C 351 42.26 -3.13 29.25
CA MET C 351 41.99 -1.85 28.61
C MET C 351 43.11 -0.84 28.77
N TRP C 352 44.12 -1.13 29.59
CA TRP C 352 45.25 -0.23 29.73
C TRP C 352 45.95 -0.07 28.39
N ILE C 353 46.71 1.02 28.27
CA ILE C 353 47.54 1.28 27.12
C ILE C 353 48.97 0.98 27.56
N SER C 354 49.45 -0.21 27.23
CA SER C 354 50.77 -0.61 27.70
C SER C 354 51.85 0.23 27.04
N LYS C 355 53.02 0.27 27.69
CA LYS C 355 54.15 1.01 27.14
C LYS C 355 54.52 0.51 25.75
N GLN C 356 54.36 -0.79 25.51
CA GLN C 356 54.75 -1.36 24.23
C GLN C 356 53.82 -0.90 23.11
N GLU C 357 52.52 -0.81 23.39
CA GLU C 357 51.60 -0.29 22.40
C GLU C 357 51.95 1.14 22.02
N TYR C 358 52.35 1.94 23.00
CA TYR C 358 52.79 3.30 22.72
C TYR C 358 54.04 3.30 21.86
N ASP C 359 55.03 2.48 22.24
CA ASP C 359 56.26 2.40 21.47
C ASP C 359 56.00 1.99 20.03
N GLU C 360 54.96 1.19 19.80
CA GLU C 360 54.62 0.82 18.44
C GLU C 360 53.91 1.95 17.69
N ALA C 361 52.89 2.54 18.31
CA ALA C 361 51.94 3.36 17.57
C ALA C 361 52.15 4.85 17.67
N GLY C 362 52.94 5.34 18.62
CA GLY C 362 53.08 6.77 18.82
C GLY C 362 52.06 7.27 19.81
N PRO C 363 52.07 8.57 20.07
CA PRO C 363 51.06 9.14 20.99
C PRO C 363 49.65 9.06 20.47
N SER C 364 49.47 8.82 19.16
CA SER C 364 48.13 8.75 18.59
C SER C 364 47.39 7.48 19.00
N ILE C 365 48.03 6.58 19.73
CA ILE C 365 47.38 5.37 20.21
C ILE C 365 46.16 5.70 21.06
N VAL C 366 46.17 6.85 21.73
CA VAL C 366 45.24 7.08 22.83
C VAL C 366 43.81 7.14 22.34
N HIS C 367 43.51 8.04 21.41
CA HIS C 367 42.14 8.17 20.95
C HIS C 367 41.82 7.19 19.83
N ARG C 368 42.84 6.70 19.14
CA ARG C 368 42.59 5.83 17.99
C ARG C 368 42.03 4.49 18.42
N LYS C 369 42.33 4.05 19.65
CA LYS C 369 41.80 2.76 20.04
C LYS C 369 41.20 2.75 21.43
N CYS C 370 41.63 3.64 22.31
CA CYS C 370 41.27 3.51 23.71
C CYS C 370 40.73 4.80 24.33
N THR D 1 14.68 75.68 29.76
CA THR D 1 15.75 76.22 30.58
C THR D 1 17.01 75.40 30.40
N THR D 2 18.17 76.06 30.43
CA THR D 2 19.42 75.37 30.20
C THR D 2 19.80 74.50 31.39
N ALA D 3 20.64 73.50 31.13
CA ALA D 3 21.07 72.55 32.12
C ALA D 3 22.56 72.71 32.39
N LEU D 4 23.00 72.14 33.52
CA LEU D 4 24.38 72.21 33.95
C LEU D 4 25.06 70.86 33.77
N VAL D 5 26.32 70.89 33.36
CA VAL D 5 27.16 69.70 33.26
C VAL D 5 28.32 69.88 34.22
N CYS D 6 28.52 68.91 35.11
CA CYS D 6 29.39 69.06 36.26
C CYS D 6 30.29 67.84 36.40
N ASP D 7 31.02 67.51 35.34
CA ASP D 7 31.98 66.42 35.41
C ASP D 7 32.91 66.58 36.61
N ASN D 8 32.78 65.69 37.58
CA ASN D 8 33.43 65.89 38.87
C ASN D 8 34.89 65.47 38.84
N GLY D 9 35.15 64.21 38.52
CA GLY D 9 36.52 63.74 38.49
C GLY D 9 37.17 63.76 39.86
N SER D 10 38.30 63.08 40.00
CA SER D 10 38.96 62.99 41.29
C SER D 10 40.11 63.96 41.42
N GLY D 11 40.36 64.79 40.40
CA GLY D 11 41.44 65.74 40.50
C GLY D 11 41.12 67.14 40.03
N LEU D 12 39.98 67.30 39.35
CA LEU D 12 39.65 68.57 38.72
C LEU D 12 38.16 68.63 38.49
N VAL D 13 37.53 69.70 38.94
CA VAL D 13 36.13 69.93 38.65
C VAL D 13 36.01 70.68 37.34
N LYS D 14 35.15 70.21 36.46
CA LYS D 14 34.88 70.88 35.19
C LYS D 14 33.39 71.09 35.07
N ALA D 15 32.94 72.32 35.25
CA ALA D 15 31.54 72.66 35.20
C ALA D 15 31.27 73.60 34.04
N GLY D 16 29.99 73.78 33.74
CA GLY D 16 29.60 74.63 32.63
C GLY D 16 28.13 74.45 32.31
N PHE D 17 27.73 75.04 31.20
CA PHE D 17 26.35 75.01 30.76
C PHE D 17 26.20 74.11 29.56
N ALA D 18 25.11 73.35 29.52
CA ALA D 18 24.87 72.46 28.39
C ALA D 18 24.67 73.28 27.13
N GLY D 19 25.49 73.01 26.12
CA GLY D 19 25.45 73.72 24.86
C GLY D 19 26.72 74.46 24.53
N ASP D 20 27.57 74.74 25.51
CA ASP D 20 28.80 75.46 25.24
C ASP D 20 29.85 74.50 24.66
N ASP D 21 30.95 75.08 24.21
CA ASP D 21 32.00 74.31 23.58
C ASP D 21 33.04 73.78 24.57
N ALA D 22 33.11 74.35 25.76
CA ALA D 22 34.14 73.99 26.72
C ALA D 22 33.64 74.35 28.11
N PRO D 23 34.15 73.69 29.15
CA PRO D 23 33.70 74.00 30.51
C PRO D 23 34.05 75.43 30.88
N ARG D 24 33.13 76.06 31.59
CA ARG D 24 33.32 77.44 31.98
C ARG D 24 34.25 77.58 33.19
N ALA D 25 34.25 76.60 34.09
CA ALA D 25 35.05 76.65 35.31
C ALA D 25 35.83 75.36 35.43
N VAL D 26 37.15 75.46 35.57
CA VAL D 26 38.03 74.32 35.76
C VAL D 26 38.98 74.67 36.90
N PHE D 27 38.79 74.02 38.05
CA PHE D 27 39.60 74.28 39.22
C PHE D 27 39.88 72.97 39.93
N PRO D 28 40.91 72.92 40.77
CA PRO D 28 41.23 71.66 41.46
C PRO D 28 40.15 71.27 42.44
N SER D 29 39.86 69.98 42.49
CA SER D 29 38.87 69.43 43.41
C SER D 29 39.58 69.18 44.72
N ILE D 30 39.65 70.21 45.55
CA ILE D 30 40.53 70.18 46.71
C ILE D 30 39.99 71.13 47.76
N VAL D 31 40.23 70.80 49.02
CA VAL D 31 39.81 71.62 50.15
C VAL D 31 40.99 71.73 51.10
N GLY D 32 41.34 72.95 51.48
CA GLY D 32 42.47 73.19 52.35
C GLY D 32 42.03 73.81 53.66
N ARG D 33 42.67 73.37 54.74
CA ARG D 33 42.44 73.92 56.06
C ARG D 33 43.76 74.36 56.67
N PRO D 34 43.76 75.46 57.41
CA PRO D 34 45.03 75.99 57.91
C PRO D 34 45.61 75.11 59.01
N ARG D 35 46.94 74.97 58.97
CA ARG D 35 47.66 74.21 59.98
C ARG D 35 48.15 75.10 61.11
N HIS D 36 48.60 76.30 60.79
CA HIS D 36 49.40 77.09 61.71
C HIS D 36 48.51 77.94 62.61
N GLN D 37 49.12 78.87 63.32
CA GLN D 37 48.47 79.48 64.48
C GLN D 37 47.49 80.57 64.08
N GLY D 38 47.99 81.64 63.49
CA GLY D 38 47.15 82.79 63.20
C GLY D 38 47.25 83.81 64.31
N VAL D 39 47.97 84.90 64.05
CA VAL D 39 48.34 85.83 65.11
C VAL D 39 47.79 87.22 64.86
N MET D 40 47.58 87.56 63.59
CA MET D 40 47.06 88.88 63.26
C MET D 40 45.59 88.95 63.62
N VAL D 41 45.25 89.73 64.65
CA VAL D 41 43.87 89.88 65.06
C VAL D 41 43.11 90.65 64.00
N GLY D 42 41.94 90.15 63.62
CA GLY D 42 41.13 90.80 62.61
C GLY D 42 41.54 90.53 61.19
N MET D 43 42.40 89.54 60.95
CA MET D 43 42.80 89.23 59.59
C MET D 43 41.65 88.64 58.78
N GLY D 44 40.59 88.19 59.43
CA GLY D 44 39.50 87.56 58.72
C GLY D 44 39.91 86.22 58.15
N GLN D 45 40.15 85.27 59.04
CA GLN D 45 40.60 83.95 58.62
C GLN D 45 39.40 83.04 58.35
N LYS D 46 39.39 82.43 57.18
CA LYS D 46 38.34 81.51 56.81
C LYS D 46 38.60 80.15 57.44
N ASP D 47 37.54 79.37 57.57
CA ASP D 47 37.67 78.04 58.14
C ASP D 47 38.25 77.05 57.15
N SER D 48 37.97 77.23 55.87
CA SER D 48 38.47 76.33 54.84
C SER D 48 38.43 77.04 53.50
N TYR D 49 39.37 76.69 52.64
CA TYR D 49 39.47 77.25 51.30
C TYR D 49 39.33 76.13 50.29
N VAL D 50 38.56 76.38 49.24
CA VAL D 50 38.29 75.36 48.24
C VAL D 50 38.79 75.84 46.89
N GLY D 51 38.92 74.89 45.97
CA GLY D 51 39.26 75.24 44.61
C GLY D 51 40.66 75.80 44.50
N ASP D 52 40.85 76.66 43.50
CA ASP D 52 42.16 77.25 43.26
C ASP D 52 42.45 78.42 44.19
N GLU D 53 41.51 78.80 45.05
CA GLU D 53 41.84 79.70 46.14
C GLU D 53 42.72 78.99 47.16
N ALA D 54 42.46 77.71 47.40
CA ALA D 54 43.31 76.91 48.25
C ALA D 54 44.64 76.57 47.60
N GLN D 55 44.75 76.74 46.28
CA GLN D 55 46.00 76.48 45.60
C GLN D 55 46.97 77.64 45.71
N SER D 56 46.49 78.84 46.01
CA SER D 56 47.35 80.00 46.17
C SER D 56 47.78 80.23 47.61
N LYS D 57 46.92 79.90 48.57
CA LYS D 57 47.30 79.83 49.97
C LYS D 57 47.88 78.50 50.32
N ARG D 58 48.39 77.80 49.32
CA ARG D 58 48.84 76.42 49.46
C ARG D 58 49.88 76.26 50.57
N GLY D 59 50.68 77.30 50.82
CA GLY D 59 51.83 77.13 51.69
C GLY D 59 51.47 76.89 53.15
N ILE D 60 50.35 77.42 53.60
CA ILE D 60 49.96 77.33 55.00
C ILE D 60 48.83 76.35 55.23
N LEU D 61 48.27 75.77 54.18
CA LEU D 61 47.15 74.88 54.32
C LEU D 61 47.58 73.43 54.15
N THR D 62 46.75 72.53 54.63
CA THR D 62 46.88 71.11 54.34
C THR D 62 45.74 70.70 53.43
N LEU D 63 46.07 70.18 52.25
CA LEU D 63 45.10 69.94 51.20
C LEU D 63 44.60 68.51 51.25
N LYS D 64 43.32 68.33 50.95
CA LYS D 64 42.70 67.02 50.98
C LYS D 64 41.76 66.87 49.79
N TYR D 65 41.93 65.81 49.06
CA TYR D 65 40.97 65.52 48.00
C TYR D 65 39.81 64.72 48.56
N PRO D 66 38.57 65.17 48.37
CA PRO D 66 37.42 64.39 48.86
C PRO D 66 37.05 63.19 48.01
N ILE D 67 37.70 62.99 46.87
CA ILE D 67 37.49 61.83 46.03
C ILE D 67 38.81 61.09 45.93
N GLU D 68 38.81 59.81 46.30
CA GLU D 68 40.07 59.07 46.33
C GLU D 68 40.32 58.32 45.02
N HIS D 69 39.45 57.38 44.69
CA HIS D 69 39.63 56.54 43.51
C HIS D 69 38.37 56.51 42.69
N GLY D 70 37.82 57.70 42.43
CA GLY D 70 36.52 57.82 41.85
C GLY D 70 35.39 57.76 42.85
N ILE D 71 35.68 57.37 44.09
CA ILE D 71 34.68 57.24 45.14
C ILE D 71 34.78 58.45 46.05
N ILE D 72 33.65 59.06 46.36
CA ILE D 72 33.62 60.20 47.26
C ILE D 72 33.70 59.69 48.69
N THR D 73 34.81 60.03 49.37
CA THR D 73 35.06 59.52 50.71
C THR D 73 34.97 60.60 51.78
N ASN D 74 34.41 61.76 51.46
CA ASN D 74 34.23 62.83 52.43
C ASN D 74 33.08 63.68 51.93
N TRP D 75 31.90 63.50 52.52
CA TRP D 75 30.72 64.10 51.91
C TRP D 75 30.55 65.56 52.31
N ASP D 76 31.11 65.98 53.43
CA ASP D 76 31.09 67.40 53.76
C ASP D 76 31.98 68.18 52.81
N ASP D 77 33.18 67.68 52.55
CA ASP D 77 34.07 68.35 51.59
C ASP D 77 33.45 68.37 50.20
N MET D 78 32.81 67.27 49.80
CA MET D 78 32.22 67.25 48.47
C MET D 78 31.05 68.21 48.37
N GLU D 79 30.24 68.30 49.43
CA GLU D 79 29.18 69.29 49.45
C GLU D 79 29.74 70.69 49.38
N LYS D 80 30.87 70.92 50.06
CA LYS D 80 31.52 72.23 50.00
C LYS D 80 31.97 72.55 48.59
N ILE D 81 32.56 71.57 47.91
CA ILE D 81 33.05 71.80 46.55
C ILE D 81 31.88 72.06 45.60
N TRP D 82 30.77 71.34 45.77
CA TRP D 82 29.63 71.61 44.91
C TRP D 82 29.04 72.98 45.18
N HIS D 83 28.94 73.37 46.45
CA HIS D 83 28.44 74.70 46.77
C HIS D 83 29.30 75.77 46.13
N HIS D 84 30.62 75.63 46.22
CA HIS D 84 31.52 76.54 45.55
C HIS D 84 31.24 76.56 44.05
N THR D 85 31.23 75.39 43.42
CA THR D 85 31.04 75.30 41.97
C THR D 85 29.78 76.02 41.53
N PHE D 86 28.71 75.90 42.30
CA PHE D 86 27.46 76.51 41.88
C PHE D 86 27.46 78.01 42.12
N TYR D 87 27.86 78.43 43.32
CA TYR D 87 27.61 79.81 43.71
C TYR D 87 28.75 80.77 43.38
N ASN D 88 30.00 80.32 43.36
CA ASN D 88 31.11 81.22 43.14
C ASN D 88 31.75 81.11 41.77
N GLU D 89 31.71 79.94 41.14
CA GLU D 89 32.29 79.77 39.82
C GLU D 89 31.28 79.98 38.71
N LEU D 90 30.17 79.26 38.74
CA LEU D 90 29.14 79.45 37.74
C LEU D 90 28.23 80.62 38.08
N ARG D 91 28.08 80.92 39.36
CA ARG D 91 27.23 82.02 39.82
C ARG D 91 25.81 81.88 39.28
N VAL D 92 25.19 80.77 39.64
CA VAL D 92 23.82 80.47 39.27
C VAL D 92 23.06 80.08 40.53
N ALA D 93 21.80 79.71 40.35
CA ALA D 93 20.98 79.17 41.42
C ALA D 93 20.61 77.74 41.05
N PRO D 94 21.04 76.74 41.82
CA PRO D 94 20.80 75.35 41.41
C PRO D 94 19.33 74.97 41.31
N GLU D 95 18.42 75.78 41.83
CA GLU D 95 17.00 75.44 41.75
C GLU D 95 16.43 75.63 40.35
N GLU D 96 17.20 76.19 39.42
CA GLU D 96 16.69 76.58 38.12
C GLU D 96 17.37 75.82 36.99
N HIS D 97 18.10 74.74 37.30
CA HIS D 97 18.86 74.07 36.28
C HIS D 97 18.92 72.58 36.58
N PRO D 98 18.50 71.73 35.65
CA PRO D 98 18.84 70.31 35.77
C PRO D 98 20.35 70.14 35.72
N THR D 99 20.84 69.16 36.45
CA THR D 99 22.28 68.95 36.59
C THR D 99 22.64 67.56 36.11
N LEU D 100 23.66 67.47 35.28
CA LEU D 100 24.14 66.21 34.74
C LEU D 100 25.48 65.89 35.41
N LEU D 101 25.47 64.94 36.31
CA LEU D 101 26.70 64.51 36.96
C LEU D 101 27.29 63.32 36.23
N THR D 102 28.54 63.02 36.55
CA THR D 102 29.28 61.99 35.85
C THR D 102 29.95 61.10 36.87
N GLU D 103 30.11 59.83 36.52
CA GLU D 103 30.68 58.87 37.43
C GLU D 103 31.40 57.78 36.67
N ALA D 104 32.48 57.26 37.25
CA ALA D 104 33.19 56.15 36.67
C ALA D 104 32.34 54.88 36.75
N PRO D 105 32.52 53.95 35.83
CA PRO D 105 31.73 52.72 35.87
C PRO D 105 32.27 51.76 36.91
N LEU D 106 31.36 50.92 37.41
CA LEU D 106 31.73 49.77 38.23
C LEU D 106 32.29 50.22 39.58
N ASN D 107 31.60 51.15 40.22
CA ASN D 107 31.94 51.63 41.55
C ASN D 107 30.68 51.64 42.40
N PRO D 108 30.82 51.69 43.75
CA PRO D 108 29.68 51.38 44.63
C PRO D 108 28.40 52.13 44.35
N LYS D 109 27.28 51.55 44.81
CA LYS D 109 25.97 52.12 44.55
C LYS D 109 25.66 53.28 45.49
N ALA D 110 26.12 53.18 46.72
CA ALA D 110 25.90 54.25 47.68
C ALA D 110 26.42 55.57 47.16
N ASN D 111 27.43 55.53 46.30
CA ASN D 111 27.96 56.75 45.71
C ASN D 111 26.88 57.50 44.94
N ARG D 112 26.21 56.82 44.01
CA ARG D 112 25.16 57.47 43.24
C ARG D 112 23.98 57.83 44.11
N GLU D 113 23.61 56.95 45.03
CA GLU D 113 22.47 57.25 45.89
C GLU D 113 22.72 58.54 46.67
N LYS D 114 23.90 58.68 47.26
CA LYS D 114 24.22 59.89 47.98
C LYS D 114 24.31 61.09 47.06
N MET D 115 24.84 60.92 45.86
CA MET D 115 24.88 62.03 44.91
C MET D 115 23.48 62.60 44.69
N THR D 116 22.53 61.75 44.33
CA THR D 116 21.20 62.24 44.03
C THR D 116 20.52 62.78 45.28
N GLN D 117 20.73 62.14 46.42
CA GLN D 117 20.12 62.64 47.64
C GLN D 117 20.64 64.03 47.98
N ILE D 118 21.96 64.22 47.91
CA ILE D 118 22.54 65.53 48.15
C ILE D 118 21.94 66.55 47.20
N MET D 119 22.00 66.28 45.89
CA MET D 119 21.46 67.21 44.91
C MET D 119 20.04 67.62 45.28
N PHE D 120 19.13 66.65 45.36
CA PHE D 120 17.72 66.96 45.55
C PHE D 120 17.44 67.64 46.87
N GLU D 121 18.07 67.20 47.96
CA GLU D 121 17.74 67.77 49.26
C GLU D 121 18.43 69.10 49.49
N THR D 122 19.77 69.12 49.48
CA THR D 122 20.46 70.33 49.86
C THR D 122 20.78 71.24 48.69
N PHE D 123 20.24 70.98 47.50
CA PHE D 123 20.36 71.93 46.42
C PHE D 123 19.08 72.18 45.68
N ASN D 124 18.08 71.29 45.81
CA ASN D 124 16.76 71.50 45.22
C ASN D 124 16.85 71.68 43.70
N VAL D 125 17.70 70.88 43.06
CA VAL D 125 17.76 70.88 41.60
C VAL D 125 16.40 70.40 41.10
N PRO D 126 15.92 70.89 39.96
CA PRO D 126 14.65 70.39 39.44
C PRO D 126 14.74 68.96 38.97
N ALA D 127 15.88 68.54 38.43
CA ALA D 127 16.07 67.18 37.97
C ALA D 127 17.57 66.95 37.83
N MET D 128 17.96 65.68 37.74
CA MET D 128 19.36 65.35 37.61
C MET D 128 19.49 64.02 36.89
N TYR D 129 20.74 63.61 36.67
CA TYR D 129 21.08 62.43 35.90
C TYR D 129 22.55 62.15 36.11
N VAL D 130 22.93 60.87 36.07
CA VAL D 130 24.29 60.46 36.34
C VAL D 130 24.75 59.58 35.17
N ALA D 131 25.61 60.13 34.32
CA ALA D 131 26.08 59.43 33.14
C ALA D 131 27.36 58.65 33.46
N ILE D 132 27.85 57.91 32.48
CA ILE D 132 29.11 57.19 32.58
C ILE D 132 30.12 57.92 31.70
N GLN D 133 31.33 58.13 32.23
CA GLN D 133 32.27 59.02 31.58
C GLN D 133 32.68 58.52 30.21
N ALA D 134 32.78 57.21 30.04
CA ALA D 134 33.24 56.67 28.77
C ALA D 134 32.23 56.90 27.66
N VAL D 135 30.94 56.78 27.97
CA VAL D 135 29.91 57.03 26.98
C VAL D 135 29.97 58.47 26.50
N LEU D 136 30.13 59.40 27.45
CA LEU D 136 30.23 60.80 27.08
C LEU D 136 31.47 61.06 26.25
N SER D 137 32.57 60.40 26.57
CA SER D 137 33.78 60.58 25.78
C SER D 137 33.56 60.11 24.35
N LEU D 138 32.80 59.03 24.17
CA LEU D 138 32.49 58.59 22.81
C LEU D 138 31.60 59.59 22.10
N TYR D 139 30.58 60.12 22.79
CA TYR D 139 29.77 61.20 22.24
C TYR D 139 30.65 62.31 21.70
N ALA D 140 31.63 62.74 22.49
CA ALA D 140 32.47 63.85 22.10
C ALA D 140 33.40 63.50 20.95
N SER D 141 33.78 62.23 20.85
CA SER D 141 34.62 61.83 19.72
C SER D 141 33.87 61.74 18.41
N GLY D 142 32.56 61.87 18.43
CA GLY D 142 31.78 61.79 17.20
C GLY D 142 31.75 60.39 16.62
N ARG D 143 31.45 59.40 17.46
CA ARG D 143 31.41 58.01 17.04
C ARG D 143 30.25 57.33 17.74
N THR D 144 29.95 56.12 17.29
CA THR D 144 29.02 55.25 17.99
C THR D 144 29.64 53.90 18.27
N THR D 145 30.90 53.69 17.92
CA THR D 145 31.55 52.39 18.03
C THR D 145 33.01 52.61 18.38
N GLY D 146 33.48 51.95 19.41
CA GLY D 146 34.87 52.03 19.77
C GLY D 146 35.06 51.64 21.21
N ILE D 147 36.30 51.34 21.55
CA ILE D 147 36.68 51.01 22.91
C ILE D 147 37.45 52.21 23.46
N VAL D 148 36.83 52.90 24.40
CA VAL D 148 37.38 54.14 24.93
C VAL D 148 38.18 53.84 26.20
N LEU D 149 39.38 54.37 26.26
CA LEU D 149 40.27 54.21 27.41
C LEU D 149 40.33 55.55 28.13
N ASP D 150 39.56 55.68 29.20
CA ASP D 150 39.55 56.89 30.00
C ASP D 150 40.55 56.74 31.14
N SER D 151 41.36 57.77 31.34
CA SER D 151 42.40 57.73 32.37
C SER D 151 42.51 59.12 32.97
N GLY D 152 41.85 59.32 34.10
CA GLY D 152 41.89 60.61 34.74
C GLY D 152 42.86 60.67 35.90
N ASP D 153 42.42 61.19 37.04
CA ASP D 153 43.27 61.32 38.20
C ASP D 153 43.16 60.16 39.16
N GLY D 154 42.07 59.42 39.14
CA GLY D 154 41.89 58.37 40.13
C GLY D 154 41.74 56.97 39.58
N VAL D 155 41.20 56.82 38.38
CA VAL D 155 40.81 55.50 37.91
C VAL D 155 40.90 55.45 36.39
N THR D 156 41.40 54.33 35.88
CA THR D 156 41.47 54.05 34.45
C THR D 156 40.47 52.97 34.12
N HIS D 157 39.71 53.15 33.05
CA HIS D 157 38.72 52.13 32.70
C HIS D 157 38.51 52.08 31.20
N ASN D 158 38.20 50.88 30.71
CA ASN D 158 37.85 50.65 29.32
C ASN D 158 36.37 50.33 29.23
N VAL D 159 35.69 50.92 28.27
CA VAL D 159 34.31 50.53 27.99
C VAL D 159 34.18 50.27 26.50
N PRO D 160 33.98 49.04 26.08
CA PRO D 160 33.76 48.77 24.66
C PRO D 160 32.31 48.99 24.26
N ILE D 161 32.08 49.68 23.17
CA ILE D 161 30.74 50.02 22.70
C ILE D 161 30.67 49.75 21.21
N TYR D 162 29.58 49.14 20.77
CA TYR D 162 29.36 48.84 19.36
C TYR D 162 27.98 49.29 18.97
N GLU D 163 27.90 50.14 17.95
CA GLU D 163 26.63 50.61 17.41
C GLU D 163 25.72 51.16 18.50
N GLY D 164 26.31 51.71 19.55
CA GLY D 164 25.53 52.25 20.63
C GLY D 164 25.14 51.27 21.69
N TYR D 165 25.68 50.06 21.67
CA TYR D 165 25.39 49.05 22.67
C TYR D 165 26.65 48.78 23.48
N ALA D 166 26.54 48.88 24.79
CA ALA D 166 27.68 48.64 25.65
C ALA D 166 27.79 47.17 25.96
N LEU D 167 29.01 46.74 26.25
CA LEU D 167 29.29 45.36 26.58
C LEU D 167 29.69 45.30 28.05
N PRO D 168 28.74 45.39 28.99
CA PRO D 168 29.12 45.58 30.39
C PRO D 168 29.88 44.43 31.00
N HIS D 169 29.95 43.28 30.33
CA HIS D 169 30.76 42.18 30.82
C HIS D 169 32.21 42.31 30.42
N ALA D 170 32.54 43.29 29.59
CA ALA D 170 33.90 43.50 29.16
C ALA D 170 34.49 44.80 29.69
N ILE D 171 33.73 45.56 30.47
CA ILE D 171 34.27 46.74 31.11
C ILE D 171 35.35 46.33 32.09
N MET D 172 36.53 46.92 31.96
CA MET D 172 37.65 46.62 32.81
C MET D 172 38.10 47.90 33.49
N ARG D 173 38.08 47.91 34.82
CA ARG D 173 38.39 49.08 35.61
C ARG D 173 39.69 48.84 36.36
N LEU D 174 40.57 49.81 36.30
CA LEU D 174 41.89 49.72 36.91
C LEU D 174 42.10 50.91 37.83
N ASP D 175 42.84 50.70 38.91
CA ASP D 175 42.98 51.74 39.91
C ASP D 175 44.39 52.28 40.04
N LEU D 176 45.03 52.58 38.92
CA LEU D 176 46.16 53.49 38.93
C LEU D 176 45.91 54.54 37.86
N ALA D 177 46.24 55.78 38.18
CA ALA D 177 45.96 56.91 37.32
C ALA D 177 46.91 58.02 37.74
N GLY D 178 46.61 59.24 37.31
CA GLY D 178 47.44 60.40 37.61
C GLY D 178 48.02 60.46 39.00
N ARG D 179 47.21 60.22 40.04
CA ARG D 179 47.70 60.41 41.40
C ARG D 179 48.75 59.37 41.78
N ASP D 180 48.59 58.14 41.31
CA ASP D 180 49.60 57.14 41.60
C ASP D 180 50.90 57.41 40.87
N LEU D 181 50.82 57.99 39.68
CA LEU D 181 52.04 58.40 38.99
C LEU D 181 52.70 59.56 39.70
N THR D 182 51.92 60.50 40.21
CA THR D 182 52.49 61.59 41.00
C THR D 182 53.21 61.05 42.22
N ASP D 183 52.60 60.09 42.92
CA ASP D 183 53.24 59.52 44.09
C ASP D 183 54.51 58.76 43.72
N TYR D 184 54.46 58.00 42.63
CA TYR D 184 55.65 57.29 42.21
C TYR D 184 56.76 58.25 41.82
N LEU D 185 56.42 59.39 41.23
CA LEU D 185 57.45 60.36 40.90
C LEU D 185 58.02 61.01 42.14
N MET D 186 57.18 61.32 43.12
CA MET D 186 57.68 61.80 44.40
C MET D 186 58.65 60.80 45.01
N LYS D 187 58.37 59.51 44.85
CA LYS D 187 59.25 58.49 45.41
C LYS D 187 60.53 58.31 44.61
N ILE D 188 60.49 58.52 43.30
CA ILE D 188 61.67 58.37 42.47
C ILE D 188 62.58 59.58 42.53
N LEU D 189 62.03 60.77 42.79
CA LEU D 189 62.88 61.96 42.84
C LEU D 189 63.79 61.98 44.05
N THR D 190 63.57 61.11 45.03
CA THR D 190 64.45 61.11 46.20
C THR D 190 65.81 60.52 45.89
N GLU D 191 65.94 59.71 44.85
CA GLU D 191 67.24 59.15 44.54
C GLU D 191 68.14 60.11 43.80
N ARG D 192 67.70 61.35 43.61
CA ARG D 192 68.57 62.41 43.14
C ARG D 192 68.84 63.46 44.21
N GLY D 193 68.17 63.37 45.35
CA GLY D 193 68.37 64.29 46.45
C GLY D 193 67.17 65.15 46.75
N TYR D 194 66.21 65.25 45.86
CA TYR D 194 65.06 66.10 46.07
C TYR D 194 64.03 65.39 46.92
N SER D 195 63.46 66.09 47.88
CA SER D 195 62.56 65.46 48.87
C SER D 195 61.30 66.29 49.00
N PHE D 196 60.20 65.76 48.49
CA PHE D 196 58.89 66.39 48.59
C PHE D 196 57.99 65.51 49.44
N VAL D 197 57.51 66.04 50.55
CA VAL D 197 56.76 65.21 51.50
C VAL D 197 55.39 65.79 51.79
N THR D 198 55.24 67.10 51.68
CA THR D 198 54.00 67.74 52.06
C THR D 198 52.99 67.64 50.92
N THR D 199 51.75 68.04 51.19
CA THR D 199 50.74 68.07 50.15
C THR D 199 51.03 69.16 49.13
N ALA D 200 51.46 70.34 49.60
CA ALA D 200 51.88 71.39 48.69
C ALA D 200 53.00 70.91 47.78
N GLU D 201 53.96 70.19 48.35
CA GLU D 201 55.03 69.65 47.51
C GLU D 201 54.49 68.60 46.56
N ARG D 202 53.42 67.91 46.94
CA ARG D 202 52.78 66.98 46.00
C ARG D 202 52.20 67.73 44.81
N GLU D 203 51.65 68.92 45.04
CA GLU D 203 51.18 69.72 43.92
C GLU D 203 52.33 70.17 43.04
N ILE D 204 53.45 70.57 43.64
CA ILE D 204 54.63 70.91 42.86
C ILE D 204 55.05 69.74 41.98
N VAL D 205 55.08 68.55 42.55
CA VAL D 205 55.49 67.38 41.78
C VAL D 205 54.49 67.06 40.69
N ARG D 206 53.21 67.28 40.94
CA ARG D 206 52.23 67.10 39.88
C ARG D 206 52.51 68.02 38.72
N ASP D 207 52.90 69.26 38.99
CA ASP D 207 53.23 70.16 37.89
C ASP D 207 54.49 69.72 37.16
N ILE D 208 55.50 69.26 37.89
CA ILE D 208 56.67 68.71 37.24
C ILE D 208 56.28 67.57 36.30
N LYS D 209 55.37 66.71 36.75
CA LYS D 209 54.90 65.60 35.94
C LYS D 209 54.22 66.11 34.68
N GLU D 210 53.37 67.12 34.81
CA GLU D 210 52.66 67.64 33.65
C GLU D 210 53.56 68.39 32.68
N LYS D 211 54.74 68.81 33.11
CA LYS D 211 55.60 69.56 32.19
C LYS D 211 56.77 68.77 31.62
N LEU D 212 57.31 67.78 32.32
CA LEU D 212 58.57 67.20 31.89
C LEU D 212 58.52 65.73 31.52
N CYS D 213 57.41 65.04 31.72
CA CYS D 213 57.36 63.60 31.55
C CYS D 213 56.79 63.23 30.18
N TYR D 214 57.23 62.09 29.67
CA TYR D 214 56.79 61.59 28.39
C TYR D 214 56.94 60.08 28.37
N VAL D 215 56.26 59.42 27.45
CA VAL D 215 56.28 57.97 27.34
C VAL D 215 57.30 57.57 26.29
N ALA D 216 58.17 56.64 26.65
CA ALA D 216 59.23 56.20 25.76
C ALA D 216 58.71 55.12 24.82
N LEU D 217 59.07 55.22 23.54
CA LEU D 217 58.57 54.26 22.57
C LEU D 217 59.05 52.85 22.88
N ASP D 218 60.27 52.72 23.38
CA ASP D 218 60.76 51.43 23.86
C ASP D 218 61.65 51.68 25.06
N PHE D 219 61.29 51.07 26.18
CA PHE D 219 61.83 51.46 27.47
C PHE D 219 63.32 51.16 27.59
N GLU D 220 63.75 50.00 27.10
CA GLU D 220 65.11 49.53 27.41
C GLU D 220 66.16 50.42 26.75
N ASN D 221 66.05 50.66 25.45
CA ASN D 221 67.09 51.44 24.82
C ASN D 221 67.03 52.90 25.22
N GLU D 222 65.84 53.40 25.58
CA GLU D 222 65.77 54.73 26.17
C GLU D 222 66.53 54.79 27.49
N MET D 223 66.39 53.75 28.32
CA MET D 223 67.16 53.68 29.55
C MET D 223 68.65 53.67 29.26
N ALA D 224 69.06 52.88 28.27
CA ALA D 224 70.48 52.83 27.92
C ALA D 224 70.97 54.17 27.38
N THR D 225 70.15 54.84 26.57
CA THR D 225 70.53 56.14 26.02
C THR D 225 70.71 57.16 27.12
N ALA D 226 69.73 57.27 28.02
CA ALA D 226 69.86 58.18 29.15
C ALA D 226 71.07 57.84 29.99
N ALA D 227 71.41 56.57 30.11
CA ALA D 227 72.63 56.21 30.83
C ALA D 227 73.88 56.67 30.11
N SER D 228 73.90 56.61 28.79
CA SER D 228 75.12 56.90 28.05
C SER D 228 75.37 58.40 27.96
N SER D 229 74.47 59.13 27.32
CA SER D 229 74.61 60.57 27.14
C SER D 229 73.88 61.30 28.27
N SER D 230 73.72 62.61 28.11
CA SER D 230 72.92 63.41 29.03
C SER D 230 72.00 64.36 28.28
N SER D 231 71.65 64.04 27.04
CA SER D 231 70.81 64.89 26.23
C SER D 231 69.34 64.86 26.64
N LEU D 232 68.95 63.91 27.50
CA LEU D 232 67.58 63.81 27.97
C LEU D 232 67.30 64.61 29.22
N GLU D 233 68.32 65.20 29.83
CA GLU D 233 68.13 65.90 31.09
C GLU D 233 67.53 67.28 30.85
N LYS D 234 66.40 67.54 31.49
CA LYS D 234 65.79 68.86 31.49
C LYS D 234 65.96 69.47 32.88
N SER D 235 65.58 70.73 33.00
CA SER D 235 65.68 71.46 34.24
C SER D 235 64.36 72.12 34.56
N TYR D 236 63.98 72.09 35.83
CA TYR D 236 62.77 72.72 36.30
C TYR D 236 63.13 73.59 37.50
N GLU D 237 62.41 74.69 37.66
CA GLU D 237 62.71 75.65 38.72
C GLU D 237 61.54 75.69 39.68
N LEU D 238 61.77 75.26 40.92
CA LEU D 238 60.78 75.26 41.99
C LEU D 238 60.38 76.69 42.29
N PRO D 239 59.29 76.93 43.02
CA PRO D 239 58.89 78.32 43.24
C PRO D 239 59.64 78.99 44.38
N ASP D 240 60.94 78.72 44.48
CA ASP D 240 61.82 79.51 45.32
C ASP D 240 63.20 79.63 44.71
N GLY D 241 63.30 79.62 43.38
CA GLY D 241 64.58 79.41 42.74
C GLY D 241 64.89 77.93 42.84
N GLN D 242 66.15 77.57 43.05
CA GLN D 242 66.51 76.19 43.40
C GLN D 242 66.07 75.22 42.31
N VAL D 243 66.70 75.36 41.15
CA VAL D 243 66.35 74.50 40.02
C VAL D 243 66.74 73.05 40.31
N ILE D 244 66.01 72.13 39.70
CA ILE D 244 66.30 70.71 39.78
C ILE D 244 66.37 70.16 38.37
N THR D 245 67.22 69.16 38.16
CA THR D 245 67.39 68.52 36.87
C THR D 245 67.06 67.04 36.99
N ILE D 246 66.25 66.54 36.07
CA ILE D 246 65.85 65.14 36.09
C ILE D 246 66.23 64.49 34.78
N GLY D 247 66.56 63.20 34.85
CA GLY D 247 67.02 62.46 33.69
C GLY D 247 66.02 61.41 33.24
N ASN D 248 66.28 60.16 33.55
CA ASN D 248 65.37 59.10 33.13
C ASN D 248 64.09 59.06 33.94
N GLU D 249 63.95 59.89 34.98
CA GLU D 249 62.68 59.97 35.67
C GLU D 249 61.58 60.41 34.73
N ARG D 250 61.92 61.21 33.73
CA ARG D 250 60.93 61.79 32.83
C ARG D 250 60.09 60.70 32.19
N PHE D 251 60.70 59.61 31.76
CA PHE D 251 59.95 58.53 31.17
C PHE D 251 59.78 57.33 32.09
N ARG D 252 60.47 57.30 33.22
CA ARG D 252 60.19 56.23 34.18
C ARG D 252 58.89 56.49 34.92
N CYS D 253 58.46 57.74 35.02
CA CYS D 253 57.19 58.00 35.72
C CYS D 253 55.99 57.48 34.94
N PRO D 254 55.75 57.88 33.69
CA PRO D 254 54.57 57.38 32.98
C PRO D 254 54.72 55.97 32.46
N GLU D 255 55.90 55.38 32.53
CA GLU D 255 56.05 53.97 32.17
C GLU D 255 55.23 53.07 33.07
N THR D 256 54.92 53.52 34.28
CA THR D 256 54.15 52.72 35.21
C THR D 256 52.80 52.32 34.63
N LEU D 257 52.24 53.13 33.72
CA LEU D 257 51.00 52.77 33.08
C LEU D 257 51.12 51.49 32.28
N PHE D 258 52.32 51.18 31.79
CA PHE D 258 52.55 49.99 30.99
C PHE D 258 53.22 48.87 31.76
N GLN D 259 53.79 49.16 32.93
CA GLN D 259 54.36 48.15 33.81
C GLN D 259 53.94 48.50 35.22
N PRO D 260 52.70 48.22 35.58
CA PRO D 260 52.20 48.63 36.90
C PRO D 260 52.87 47.91 38.04
N SER D 261 53.82 47.03 37.74
CA SER D 261 54.61 46.39 38.78
C SER D 261 55.65 47.34 39.39
N PHE D 262 55.86 48.51 38.78
CA PHE D 262 56.78 49.48 39.37
C PHE D 262 56.27 49.99 40.70
N ILE D 263 54.96 50.07 40.86
CA ILE D 263 54.38 50.51 42.12
C ILE D 263 53.80 49.33 42.90
N GLY D 264 54.26 48.11 42.60
CA GLY D 264 53.86 46.96 43.38
C GLY D 264 52.47 46.43 43.09
N MET D 265 51.94 46.73 41.92
CA MET D 265 50.64 46.19 41.51
C MET D 265 50.84 44.97 40.64
N GLU D 266 49.83 44.10 40.64
CA GLU D 266 49.92 42.87 39.88
C GLU D 266 49.22 42.97 38.53
N SER D 267 48.46 44.03 38.29
CA SER D 267 47.68 44.14 37.06
C SER D 267 48.58 44.21 35.84
N ALA D 268 47.98 44.24 34.66
CA ALA D 268 48.70 44.39 33.41
C ALA D 268 48.64 45.84 32.96
N GLY D 269 49.52 46.18 32.02
CA GLY D 269 49.55 47.53 31.49
C GLY D 269 48.24 47.89 30.83
N ILE D 270 48.09 49.18 30.54
CA ILE D 270 46.85 49.63 29.92
C ILE D 270 46.69 49.05 28.54
N HIS D 271 47.80 48.84 27.81
CA HIS D 271 47.71 48.20 26.51
C HIS D 271 47.15 46.78 26.65
N GLU D 272 47.60 46.05 27.66
CA GLU D 272 47.17 44.67 27.81
C GLU D 272 45.73 44.57 28.30
N THR D 273 45.30 45.47 29.18
CA THR D 273 43.90 45.43 29.58
C THR D 273 42.99 45.87 28.45
N THR D 274 43.46 46.78 27.60
CA THR D 274 42.67 47.12 26.42
C THR D 274 42.53 45.92 25.50
N TYR D 275 43.63 45.23 25.24
CA TYR D 275 43.56 44.03 24.40
C TYR D 275 42.66 42.97 25.02
N ASN D 276 42.72 42.78 26.33
CA ASN D 276 41.87 41.80 26.97
C ASN D 276 40.40 42.17 26.88
N SER D 277 40.08 43.45 27.12
CA SER D 277 38.71 43.89 27.00
C SER D 277 38.19 43.72 25.59
N ILE D 278 39.05 43.87 24.59
CA ILE D 278 38.63 43.60 23.22
C ILE D 278 38.37 42.11 23.03
N MET D 279 39.32 41.28 23.44
CA MET D 279 39.20 39.84 23.26
C MET D 279 38.10 39.23 24.11
N LYS D 280 37.48 40.03 24.96
CA LYS D 280 36.30 39.58 25.69
C LYS D 280 35.00 39.90 24.97
N CYS D 281 35.08 40.47 23.78
CA CYS D 281 33.91 40.85 23.02
C CYS D 281 33.64 39.86 21.91
N ASP D 282 32.49 40.00 21.29
CA ASP D 282 32.08 39.08 20.24
C ASP D 282 32.99 39.20 19.03
N ILE D 283 33.39 38.06 18.49
CA ILE D 283 34.42 38.00 17.45
C ILE D 283 34.07 38.85 16.24
N ASP D 284 32.81 39.22 16.06
CA ASP D 284 32.42 39.98 14.89
C ASP D 284 32.63 41.47 15.05
N ILE D 285 32.66 41.98 16.28
CA ILE D 285 32.80 43.41 16.50
C ILE D 285 34.21 43.82 16.84
N ARG D 286 35.12 42.88 17.07
CA ARG D 286 36.43 43.30 17.54
C ARG D 286 37.30 43.83 16.41
N LYS D 287 36.99 43.53 15.16
CA LYS D 287 37.71 44.20 14.08
C LYS D 287 37.41 45.69 14.07
N ASP D 288 36.17 46.07 14.36
CA ASP D 288 35.82 47.48 14.41
C ASP D 288 36.20 48.10 15.74
N LEU D 289 36.41 47.30 16.77
CA LEU D 289 36.96 47.83 18.01
C LEU D 289 38.45 48.12 17.88
N TYR D 290 39.17 47.28 17.15
CA TYR D 290 40.62 47.46 17.01
C TYR D 290 40.95 48.80 16.37
N ALA D 291 40.06 49.35 15.58
CA ALA D 291 40.35 50.56 14.82
C ALA D 291 39.69 51.80 15.40
N ASN D 292 39.17 51.73 16.61
CA ASN D 292 38.53 52.89 17.23
C ASN D 292 38.88 52.97 18.71
N ASN D 293 40.16 52.80 19.03
CA ASN D 293 40.62 53.05 20.39
C ASN D 293 40.62 54.54 20.65
N VAL D 294 39.72 55.01 21.51
CA VAL D 294 39.57 56.43 21.80
C VAL D 294 40.20 56.69 23.16
N LEU D 295 41.19 57.57 23.20
CA LEU D 295 41.81 57.97 24.45
C LEU D 295 41.13 59.20 25.02
N SER D 296 41.03 59.24 26.35
CA SER D 296 40.34 60.32 27.01
C SER D 296 40.96 60.53 28.39
N GLY D 297 40.73 61.70 28.96
CA GLY D 297 41.22 62.01 30.28
C GLY D 297 42.62 62.58 30.28
N GLY D 298 42.99 63.15 31.42
CA GLY D 298 44.24 63.88 31.51
C GLY D 298 45.46 62.98 31.47
N THR D 299 45.39 61.82 32.11
CA THR D 299 46.55 60.95 32.17
C THR D 299 46.94 60.37 30.82
N THR D 300 46.10 60.54 29.80
CA THR D 300 46.43 60.15 28.45
C THR D 300 47.04 61.27 27.64
N MET D 301 47.67 62.24 28.30
CA MET D 301 48.19 63.43 27.64
C MET D 301 49.70 63.45 27.56
N TYR D 302 50.37 62.38 27.95
CA TYR D 302 51.82 62.36 27.86
C TYR D 302 52.25 62.35 26.39
N PRO D 303 53.34 63.04 26.06
CA PRO D 303 53.86 62.97 24.69
C PRO D 303 54.36 61.57 24.37
N GLY D 304 53.81 60.99 23.31
CA GLY D 304 54.24 59.68 22.88
C GLY D 304 53.43 58.53 23.43
N ILE D 305 52.27 58.79 24.02
CA ILE D 305 51.51 57.68 24.57
C ILE D 305 50.71 56.98 23.50
N ALA D 306 50.26 57.72 22.48
CA ALA D 306 49.52 57.08 21.39
C ALA D 306 50.43 56.16 20.58
N ASP D 307 51.67 56.58 20.34
CA ASP D 307 52.59 55.74 19.57
C ASP D 307 52.93 54.47 20.34
N ARG D 308 53.22 54.59 21.63
CA ARG D 308 53.53 53.40 22.41
C ARG D 308 52.32 52.48 22.50
N MET D 309 51.14 53.06 22.70
CA MET D 309 49.92 52.27 22.74
C MET D 309 49.73 51.49 21.45
N GLN D 310 49.91 52.16 20.31
CA GLN D 310 49.72 51.49 19.03
C GLN D 310 50.77 50.42 18.82
N LYS D 311 52.02 50.68 19.18
CA LYS D 311 53.05 49.67 19.05
C LYS D 311 52.70 48.42 19.86
N GLU D 312 52.27 48.62 21.10
CA GLU D 312 51.98 47.47 21.96
C GLU D 312 50.78 46.68 21.45
N ILE D 313 49.70 47.38 21.15
CA ILE D 313 48.48 46.67 20.72
C ILE D 313 48.71 46.00 19.38
N THR D 314 49.49 46.62 18.49
CA THR D 314 49.85 45.96 17.24
C THR D 314 50.65 44.70 17.49
N ALA D 315 51.58 44.75 18.45
CA ALA D 315 52.35 43.56 18.77
C ALA D 315 51.45 42.46 19.34
N LEU D 316 50.34 42.83 19.96
CA LEU D 316 49.47 41.81 20.55
C LEU D 316 48.43 41.29 19.58
N ALA D 317 47.78 42.18 18.82
CA ALA D 317 46.69 41.79 17.94
C ALA D 317 47.20 40.99 16.75
N PRO D 318 46.31 40.34 16.01
CA PRO D 318 46.73 39.66 14.78
C PRO D 318 47.28 40.64 13.76
N SER D 319 48.16 40.15 12.91
CA SER D 319 48.92 41.01 12.00
C SER D 319 48.09 41.54 10.84
N THR D 320 46.80 41.26 10.81
CA THR D 320 45.95 41.70 9.71
C THR D 320 45.05 42.86 10.10
N MET D 321 44.86 43.10 11.39
CA MET D 321 43.99 44.17 11.85
C MET D 321 44.67 45.52 11.71
N LYS D 322 43.86 46.56 11.63
CA LYS D 322 44.37 47.94 11.52
C LYS D 322 44.13 48.62 12.87
N ILE D 323 45.20 48.74 13.65
CA ILE D 323 45.11 49.39 14.95
C ILE D 323 45.17 50.89 14.74
N LYS D 324 44.17 51.60 15.25
CA LYS D 324 44.10 53.05 15.13
C LYS D 324 43.82 53.63 16.50
N ILE D 325 44.80 54.32 17.06
CA ILE D 325 44.62 55.02 18.33
C ILE D 325 44.14 56.42 18.02
N ILE D 326 42.93 56.74 18.45
CA ILE D 326 42.34 58.06 18.24
C ILE D 326 42.61 58.90 19.48
N ALA D 327 43.47 59.90 19.34
CA ALA D 327 43.83 60.78 20.44
C ALA D 327 43.60 62.21 19.99
N PRO D 328 42.44 62.78 20.30
CA PRO D 328 42.18 64.18 19.97
C PRO D 328 43.12 65.08 20.72
N PRO D 329 43.35 66.29 20.23
CA PRO D 329 44.23 67.22 20.98
C PRO D 329 43.57 67.84 22.19
N GLU D 330 42.24 67.75 22.32
CA GLU D 330 41.54 68.29 23.47
C GLU D 330 40.92 67.18 24.32
N ARG D 331 41.50 65.98 24.28
CA ARG D 331 40.89 64.84 24.94
C ARG D 331 40.81 64.99 26.45
N LYS D 332 41.46 65.99 27.03
CA LYS D 332 41.35 66.18 28.47
C LYS D 332 39.95 66.60 28.89
N TYR D 333 39.15 67.16 27.98
CA TYR D 333 37.80 67.60 28.30
C TYR D 333 36.75 66.86 27.49
N SER D 334 37.09 65.68 26.96
CA SER D 334 36.14 64.93 26.17
C SER D 334 34.90 64.57 26.97
N VAL D 335 35.07 64.22 28.24
CA VAL D 335 33.92 63.83 29.04
C VAL D 335 32.96 65.01 29.18
N TRP D 336 33.48 66.20 29.46
CA TRP D 336 32.60 67.34 29.60
C TRP D 336 31.96 67.71 28.26
N ILE D 337 32.72 67.65 27.17
CA ILE D 337 32.16 67.99 25.88
C ILE D 337 31.00 67.06 25.54
N GLY D 338 31.23 65.75 25.68
CA GLY D 338 30.18 64.80 25.43
C GLY D 338 29.00 64.97 26.37
N GLY D 339 29.26 65.36 27.61
CA GLY D 339 28.18 65.60 28.53
C GLY D 339 27.31 66.76 28.10
N SER D 340 27.93 67.83 27.59
CA SER D 340 27.14 68.96 27.11
C SER D 340 26.34 68.57 25.88
N ILE D 341 26.95 67.84 24.96
CA ILE D 341 26.22 67.35 23.80
C ILE D 341 25.01 66.54 24.24
N LEU D 342 25.22 65.58 25.14
CA LEU D 342 24.13 64.73 25.61
C LEU D 342 23.03 65.56 26.25
N ALA D 343 23.39 66.41 27.22
CA ALA D 343 22.38 67.21 27.89
C ALA D 343 21.71 68.21 26.97
N SER D 344 22.23 68.41 25.76
CA SER D 344 21.58 69.32 24.82
C SER D 344 20.58 68.63 23.90
N LEU D 345 20.65 67.31 23.77
CA LEU D 345 19.77 66.62 22.83
C LEU D 345 18.31 66.80 23.21
N SER D 346 17.46 66.89 22.20
CA SER D 346 16.03 67.04 22.46
C SER D 346 15.43 65.74 22.96
N THR D 347 15.86 64.62 22.41
CA THR D 347 15.36 63.32 22.82
C THR D 347 15.87 62.89 24.18
N PHE D 348 16.65 63.72 24.86
CA PHE D 348 17.14 63.40 26.19
C PHE D 348 16.29 64.01 27.29
N GLN D 349 15.44 64.97 26.96
CA GLN D 349 14.72 65.72 27.97
C GLN D 349 13.67 64.89 28.69
N GLN D 350 13.51 63.61 28.34
CA GLN D 350 12.66 62.73 29.10
C GLN D 350 13.45 61.71 29.91
N MET D 351 14.77 61.76 29.84
CA MET D 351 15.64 60.88 30.62
C MET D 351 16.01 61.45 31.97
N TRP D 352 15.71 62.72 32.24
CA TRP D 352 16.00 63.28 33.54
C TRP D 352 15.25 62.53 34.63
N ILE D 353 15.71 62.70 35.86
CA ILE D 353 15.05 62.16 37.04
C ILE D 353 14.41 63.34 37.73
N SER D 354 13.12 63.55 37.49
CA SER D 354 12.44 64.71 38.04
C SER D 354 12.39 64.63 39.55
N LYS D 355 12.17 65.79 40.18
CA LYS D 355 12.04 65.84 41.62
C LYS D 355 10.91 64.97 42.12
N GLN D 356 9.83 64.88 41.35
CA GLN D 356 8.68 64.10 41.77
C GLN D 356 8.98 62.61 41.79
N GLU D 357 9.71 62.11 40.78
CA GLU D 357 10.10 60.71 40.79
C GLU D 357 10.93 60.39 42.03
N TYR D 358 11.80 61.31 42.42
CA TYR D 358 12.59 61.11 43.63
C TYR D 358 11.68 61.09 44.85
N ASP D 359 10.77 62.06 44.96
CA ASP D 359 9.85 62.11 46.08
C ASP D 359 9.02 60.84 46.19
N GLU D 360 8.76 60.18 45.06
CA GLU D 360 8.00 58.94 45.10
C GLU D 360 8.87 57.76 45.51
N ALA D 361 10.05 57.63 44.92
CA ALA D 361 10.79 56.37 44.98
C ALA D 361 11.96 56.37 45.95
N GLY D 362 12.37 57.50 46.49
CA GLY D 362 13.55 57.54 47.32
C GLY D 362 14.80 57.66 46.49
N PRO D 363 15.96 57.75 47.14
CA PRO D 363 17.22 57.85 46.38
C PRO D 363 17.54 56.63 45.56
N SER D 364 16.88 55.50 45.80
CA SER D 364 17.13 54.30 45.01
C SER D 364 16.63 54.41 43.58
N ILE D 365 15.97 55.52 43.23
CA ILE D 365 15.48 55.71 41.87
C ILE D 365 16.62 55.72 40.87
N VAL D 366 17.82 56.10 41.30
CA VAL D 366 18.86 56.48 40.36
C VAL D 366 19.30 55.29 39.51
N HIS D 367 19.72 54.21 40.15
CA HIS D 367 20.21 53.07 39.38
C HIS D 367 19.09 52.13 38.97
N ARG D 368 17.97 52.14 39.69
CA ARG D 368 16.87 51.28 39.31
C ARG D 368 16.20 51.73 38.01
N LYS D 369 16.43 52.94 37.60
CA LYS D 369 15.78 53.34 36.35
C LYS D 369 16.72 54.01 35.36
N CYS D 370 17.75 54.70 35.83
CA CYS D 370 18.51 55.56 34.94
C CYS D 370 20.02 55.54 35.20
N THR E 1 -40.02 -66.76 -2.85
CA THR E 1 -39.32 -65.54 -2.45
C THR E 1 -39.54 -64.42 -3.47
N THR E 2 -39.49 -63.18 -3.00
CA THR E 2 -39.71 -62.03 -3.86
C THR E 2 -38.52 -61.84 -4.80
N ALA E 3 -38.77 -61.08 -5.87
CA ALA E 3 -37.78 -60.83 -6.90
C ALA E 3 -37.51 -59.35 -7.03
N LEU E 4 -36.39 -59.01 -7.64
CA LEU E 4 -35.96 -57.64 -7.81
C LEU E 4 -36.11 -57.20 -9.25
N VAL E 5 -36.49 -55.94 -9.44
CA VAL E 5 -36.58 -55.32 -10.76
C VAL E 5 -35.62 -54.14 -10.78
N CYS E 6 -34.75 -54.11 -11.77
CA CYS E 6 -33.59 -53.21 -11.77
C CYS E 6 -33.46 -52.51 -13.13
N ASP E 7 -34.52 -51.85 -13.57
CA ASP E 7 -34.47 -51.11 -14.83
C ASP E 7 -33.32 -50.12 -14.82
N ASN E 8 -32.30 -50.40 -15.64
CA ASN E 8 -31.05 -49.65 -15.55
C ASN E 8 -31.14 -48.30 -16.26
N GLY E 9 -31.39 -48.31 -17.56
CA GLY E 9 -31.42 -47.07 -18.30
C GLY E 9 -30.08 -46.38 -18.32
N SER E 10 -29.96 -45.31 -19.10
CA SER E 10 -28.69 -44.61 -19.22
C SER E 10 -28.64 -43.32 -18.45
N GLY E 11 -29.72 -42.94 -17.77
CA GLY E 11 -29.72 -41.71 -17.01
C GLY E 11 -30.17 -41.84 -15.58
N LEU E 12 -30.90 -42.91 -15.27
CA LEU E 12 -31.50 -43.08 -13.95
C LEU E 12 -31.65 -44.55 -13.66
N VAL E 13 -31.16 -44.98 -12.51
CA VAL E 13 -31.40 -46.34 -12.04
C VAL E 13 -32.73 -46.38 -11.32
N LYS E 14 -33.57 -47.33 -11.66
CA LYS E 14 -34.87 -47.51 -11.01
C LYS E 14 -34.95 -48.95 -10.53
N ALA E 15 -34.91 -49.14 -9.22
CA ALA E 15 -34.93 -50.46 -8.63
C ALA E 15 -36.10 -50.57 -7.68
N GLY E 16 -36.43 -51.81 -7.30
CA GLY E 16 -37.56 -52.05 -6.44
C GLY E 16 -37.80 -53.53 -6.30
N PHE E 17 -38.95 -53.86 -5.72
CA PHE E 17 -39.33 -55.23 -5.45
C PHE E 17 -40.51 -55.62 -6.32
N ALA E 18 -40.44 -56.82 -6.90
CA ALA E 18 -41.51 -57.31 -7.76
C ALA E 18 -42.81 -57.39 -6.99
N GLY E 19 -43.78 -56.56 -7.37
CA GLY E 19 -45.06 -56.56 -6.69
C GLY E 19 -45.49 -55.19 -6.26
N ASP E 20 -44.55 -54.27 -6.12
CA ASP E 20 -44.85 -52.93 -5.67
C ASP E 20 -45.52 -52.14 -6.78
N ASP E 21 -45.87 -50.90 -6.47
CA ASP E 21 -46.51 -50.01 -7.43
C ASP E 21 -45.56 -49.01 -8.06
N ALA E 22 -44.37 -48.84 -7.50
CA ALA E 22 -43.42 -47.85 -7.99
C ALA E 22 -42.03 -48.25 -7.53
N PRO E 23 -40.99 -47.82 -8.24
CA PRO E 23 -39.63 -48.17 -7.83
C PRO E 23 -39.31 -47.60 -6.46
N ARG E 24 -38.68 -48.43 -5.64
CA ARG E 24 -38.31 -48.03 -4.29
C ARG E 24 -37.15 -47.06 -4.27
N ALA E 25 -36.21 -47.20 -5.21
CA ALA E 25 -35.02 -46.35 -5.28
C ALA E 25 -34.89 -45.79 -6.69
N VAL E 26 -34.72 -44.48 -6.79
CA VAL E 26 -34.55 -43.81 -8.07
C VAL E 26 -33.43 -42.80 -7.89
N PHE E 27 -32.28 -43.03 -8.52
CA PHE E 27 -31.14 -42.17 -8.37
C PHE E 27 -30.37 -42.12 -9.67
N PRO E 28 -29.56 -41.08 -9.89
CA PRO E 28 -28.83 -40.98 -11.15
C PRO E 28 -27.81 -42.10 -11.31
N SER E 29 -27.55 -42.46 -12.55
CA SER E 29 -26.60 -43.52 -12.86
C SER E 29 -25.24 -42.91 -13.13
N ILE E 30 -24.65 -42.38 -12.06
CA ILE E 30 -23.46 -41.54 -12.13
C ILE E 30 -22.43 -42.07 -11.16
N VAL E 31 -21.16 -42.04 -11.56
CA VAL E 31 -20.04 -42.32 -10.69
C VAL E 31 -19.11 -41.12 -10.73
N GLY E 32 -18.90 -40.49 -9.58
CA GLY E 32 -18.09 -39.30 -9.49
C GLY E 32 -16.75 -39.57 -8.84
N ARG E 33 -15.71 -38.87 -9.30
CA ARG E 33 -14.38 -38.98 -8.74
C ARG E 33 -13.82 -37.58 -8.52
N PRO E 34 -13.10 -37.36 -7.42
CA PRO E 34 -12.60 -36.02 -7.13
C PRO E 34 -11.50 -35.59 -8.11
N ARG E 35 -11.51 -34.30 -8.42
CA ARG E 35 -10.50 -33.70 -9.28
C ARG E 35 -9.39 -33.02 -8.49
N HIS E 36 -9.73 -32.34 -7.42
CA HIS E 36 -8.83 -31.41 -6.77
C HIS E 36 -7.94 -32.13 -5.77
N GLN E 37 -7.24 -31.37 -4.94
CA GLN E 37 -6.11 -31.92 -4.19
C GLN E 37 -6.54 -32.69 -2.96
N GLY E 38 -7.18 -32.02 -2.01
CA GLY E 38 -7.50 -32.66 -0.74
C GLY E 38 -6.44 -32.37 0.30
N VAL E 39 -6.76 -31.51 1.26
CA VAL E 39 -5.74 -30.96 2.14
C VAL E 39 -6.08 -31.23 3.60
N MET E 40 -7.35 -31.41 3.90
CA MET E 40 -7.78 -31.67 5.28
C MET E 40 -7.36 -33.08 5.66
N VAL E 41 -6.26 -33.21 6.37
CA VAL E 41 -5.78 -34.52 6.80
C VAL E 41 -6.77 -35.09 7.82
N GLY E 42 -7.37 -36.22 7.47
CA GLY E 42 -8.33 -36.86 8.35
C GLY E 42 -9.78 -36.71 7.96
N MET E 43 -10.07 -36.12 6.80
CA MET E 43 -11.45 -35.98 6.37
C MET E 43 -12.04 -37.29 5.88
N GLY E 44 -11.23 -38.31 5.66
CA GLY E 44 -11.75 -39.58 5.16
C GLY E 44 -12.24 -39.46 3.73
N GLN E 45 -11.30 -39.27 2.81
CA GLN E 45 -11.65 -39.08 1.42
C GLN E 45 -12.03 -40.41 0.78
N LYS E 46 -13.29 -40.52 0.35
CA LYS E 46 -13.68 -41.67 -0.44
C LYS E 46 -13.00 -41.61 -1.81
N ASP E 47 -12.91 -42.76 -2.44
CA ASP E 47 -12.32 -42.83 -3.77
C ASP E 47 -13.30 -42.39 -4.85
N SER E 48 -14.56 -42.79 -4.73
CA SER E 48 -15.55 -42.47 -5.75
C SER E 48 -16.92 -42.49 -5.11
N TYR E 49 -17.79 -41.59 -5.57
CA TYR E 49 -19.16 -41.50 -5.09
C TYR E 49 -20.10 -41.88 -6.21
N VAL E 50 -21.19 -42.55 -5.86
CA VAL E 50 -22.15 -43.03 -6.84
C VAL E 50 -23.52 -42.45 -6.50
N GLY E 51 -24.43 -42.56 -7.46
CA GLY E 51 -25.78 -42.18 -7.18
C GLY E 51 -25.91 -40.70 -6.91
N ASP E 52 -26.85 -40.34 -6.05
CA ASP E 52 -27.12 -38.95 -5.74
C ASP E 52 -26.24 -38.42 -4.61
N GLU E 53 -25.35 -39.23 -4.06
CA GLU E 53 -24.29 -38.67 -3.23
C GLU E 53 -23.26 -37.96 -4.10
N ALA E 54 -22.93 -38.54 -5.24
CA ALA E 54 -22.11 -37.85 -6.23
C ALA E 54 -22.81 -36.63 -6.79
N GLN E 55 -24.13 -36.53 -6.64
CA GLN E 55 -24.86 -35.37 -7.13
C GLN E 55 -24.78 -34.20 -6.16
N SER E 56 -24.51 -34.44 -4.89
CA SER E 56 -24.38 -33.38 -3.90
C SER E 56 -22.95 -32.90 -3.73
N LYS E 57 -21.97 -33.79 -3.88
CA LYS E 57 -20.57 -33.39 -3.97
C LYS E 57 -20.21 -32.94 -5.38
N ARG E 58 -21.21 -32.61 -6.17
CA ARG E 58 -21.05 -32.36 -7.60
C ARG E 58 -19.92 -31.39 -7.89
N GLY E 59 -19.75 -30.37 -7.06
CA GLY E 59 -18.87 -29.27 -7.42
C GLY E 59 -17.40 -29.64 -7.52
N ILE E 60 -16.98 -30.69 -6.80
CA ILE E 60 -15.59 -31.08 -6.77
C ILE E 60 -15.31 -32.35 -7.54
N LEU E 61 -16.34 -33.02 -8.04
CA LEU E 61 -16.17 -34.28 -8.73
C LEU E 61 -16.27 -34.09 -10.23
N THR E 62 -15.75 -35.06 -10.97
CA THR E 62 -15.98 -35.18 -12.39
C THR E 62 -16.86 -36.41 -12.62
N LEU E 63 -18.08 -36.18 -13.10
CA LEU E 63 -19.09 -37.21 -13.21
C LEU E 63 -18.95 -37.98 -14.52
N LYS E 64 -19.32 -39.25 -14.48
CA LYS E 64 -19.24 -40.10 -15.66
C LYS E 64 -20.43 -41.05 -15.69
N TYR E 65 -21.11 -41.08 -16.79
CA TYR E 65 -22.14 -42.11 -16.93
C TYR E 65 -21.52 -43.37 -17.49
N PRO E 66 -21.68 -44.53 -16.84
CA PRO E 66 -21.10 -45.76 -17.38
C PRO E 66 -21.92 -46.39 -18.49
N ILE E 67 -23.05 -45.82 -18.85
CA ILE E 67 -23.87 -46.30 -19.95
C ILE E 67 -24.01 -45.15 -20.94
N GLU E 68 -23.56 -45.36 -22.18
CA GLU E 68 -23.50 -44.26 -23.13
C GLU E 68 -24.76 -44.15 -23.99
N HIS E 69 -25.06 -45.18 -24.76
CA HIS E 69 -26.21 -45.15 -25.66
C HIS E 69 -27.04 -46.40 -25.46
N GLY E 70 -27.32 -46.73 -24.22
CA GLY E 70 -27.90 -48.00 -23.88
C GLY E 70 -26.89 -49.12 -23.74
N ILE E 71 -25.64 -48.88 -24.11
CA ILE E 71 -24.57 -49.86 -24.05
C ILE E 71 -23.69 -49.54 -22.86
N ILE E 72 -23.41 -50.55 -22.05
CA ILE E 72 -22.51 -50.37 -20.91
C ILE E 72 -21.08 -50.34 -21.43
N THR E 73 -20.40 -49.21 -21.21
CA THR E 73 -19.06 -49.03 -21.73
C THR E 73 -17.98 -48.97 -20.66
N ASN E 74 -18.35 -48.94 -19.38
CA ASN E 74 -17.40 -48.96 -18.28
C ASN E 74 -17.93 -49.98 -17.28
N TRP E 75 -17.33 -51.18 -17.27
CA TRP E 75 -17.94 -52.26 -16.51
C TRP E 75 -17.64 -52.16 -15.02
N ASP E 76 -16.50 -51.59 -14.66
CA ASP E 76 -16.21 -51.39 -13.23
C ASP E 76 -17.20 -50.42 -12.61
N ASP E 77 -17.48 -49.32 -13.29
CA ASP E 77 -18.43 -48.36 -12.76
C ASP E 77 -19.84 -48.94 -12.73
N MET E 78 -20.21 -49.73 -13.71
CA MET E 78 -21.52 -50.36 -13.68
C MET E 78 -21.63 -51.33 -12.52
N GLU E 79 -20.53 -52.05 -12.24
CA GLU E 79 -20.53 -52.92 -11.07
C GLU E 79 -20.63 -52.11 -9.78
N LYS E 80 -19.97 -50.96 -9.71
CA LYS E 80 -20.12 -50.08 -8.55
C LYS E 80 -21.57 -49.65 -8.38
N ILE E 81 -22.23 -49.30 -9.48
CA ILE E 81 -23.60 -48.83 -9.40
C ILE E 81 -24.53 -49.94 -8.95
N TRP E 82 -24.31 -51.16 -9.46
CA TRP E 82 -25.15 -52.27 -9.03
C TRP E 82 -24.91 -52.61 -7.57
N HIS E 83 -23.66 -52.59 -7.14
CA HIS E 83 -23.35 -52.83 -5.74
C HIS E 83 -24.06 -51.83 -4.85
N HIS E 84 -23.98 -50.55 -5.22
CA HIS E 84 -24.70 -49.52 -4.49
C HIS E 84 -26.19 -49.82 -4.45
N THR E 85 -26.77 -50.13 -5.61
CA THR E 85 -28.21 -50.36 -5.69
C THR E 85 -28.63 -51.49 -4.77
N PHE E 86 -27.85 -52.57 -4.71
CA PHE E 86 -28.25 -53.70 -3.90
C PHE E 86 -28.06 -53.42 -2.42
N TYR E 87 -26.91 -52.86 -2.03
CA TYR E 87 -26.60 -52.81 -0.62
C TYR E 87 -27.05 -51.52 0.07
N ASN E 88 -26.88 -50.36 -0.55
CA ASN E 88 -27.14 -49.11 0.14
C ASN E 88 -28.55 -48.58 -0.09
N GLU E 89 -29.13 -48.80 -1.27
CA GLU E 89 -30.45 -48.28 -1.59
C GLU E 89 -31.56 -49.26 -1.26
N LEU E 90 -31.44 -50.51 -1.69
CA LEU E 90 -32.44 -51.52 -1.40
C LEU E 90 -32.16 -52.26 -0.12
N ARG E 91 -30.89 -52.37 0.28
CA ARG E 91 -30.50 -53.02 1.52
C ARG E 91 -31.03 -54.45 1.57
N VAL E 92 -30.57 -55.26 0.61
CA VAL E 92 -30.90 -56.66 0.52
C VAL E 92 -29.63 -57.44 0.25
N ALA E 93 -29.77 -58.76 0.22
CA ALA E 93 -28.68 -59.64 -0.19
C ALA E 93 -28.99 -60.18 -1.58
N PRO E 94 -28.15 -59.93 -2.58
CA PRO E 94 -28.45 -60.39 -3.94
C PRO E 94 -28.46 -61.89 -4.07
N GLU E 95 -28.09 -62.64 -3.03
CA GLU E 95 -28.08 -64.09 -3.10
C GLU E 95 -29.44 -64.68 -2.80
N GLU E 96 -30.45 -63.86 -2.56
CA GLU E 96 -31.74 -64.35 -2.09
C GLU E 96 -32.88 -63.82 -2.95
N HIS E 97 -32.58 -63.38 -4.17
CA HIS E 97 -33.57 -62.72 -4.99
C HIS E 97 -33.26 -62.92 -6.46
N PRO E 98 -34.17 -63.48 -7.23
CA PRO E 98 -34.05 -63.39 -8.69
C PRO E 98 -34.11 -61.93 -9.12
N THR E 99 -33.36 -61.60 -10.15
CA THR E 99 -33.23 -60.22 -10.59
C THR E 99 -33.70 -60.09 -12.04
N LEU E 100 -34.58 -59.14 -12.28
CA LEU E 100 -35.10 -58.90 -13.62
C LEU E 100 -34.43 -57.64 -14.16
N LEU E 101 -33.43 -57.84 -15.01
CA LEU E 101 -32.76 -56.73 -15.66
C LEU E 101 -33.45 -56.36 -16.95
N THR E 102 -33.10 -55.21 -17.49
CA THR E 102 -33.83 -54.64 -18.60
C THR E 102 -32.84 -54.09 -19.60
N GLU E 103 -33.18 -54.16 -20.89
CA GLU E 103 -32.26 -53.75 -21.93
C GLU E 103 -33.04 -53.23 -23.13
N ALA E 104 -32.40 -52.37 -23.90
CA ALA E 104 -32.97 -51.87 -25.14
C ALA E 104 -32.75 -52.87 -26.27
N PRO E 105 -33.59 -52.84 -27.29
CA PRO E 105 -33.42 -53.78 -28.40
C PRO E 105 -32.35 -53.32 -29.37
N LEU E 106 -31.78 -54.30 -30.07
CA LEU E 106 -30.80 -54.05 -31.13
C LEU E 106 -29.51 -53.46 -30.60
N ASN E 107 -28.98 -54.04 -29.54
CA ASN E 107 -27.67 -53.66 -29.02
C ASN E 107 -26.84 -54.91 -28.81
N PRO E 108 -25.52 -54.78 -28.76
CA PRO E 108 -24.64 -55.95 -28.92
C PRO E 108 -24.96 -57.09 -27.96
N LYS E 109 -24.60 -58.31 -28.39
CA LYS E 109 -24.83 -59.49 -27.58
C LYS E 109 -23.93 -59.48 -26.35
N ALA E 110 -22.70 -59.01 -26.50
CA ALA E 110 -21.77 -58.97 -25.38
C ALA E 110 -22.36 -58.21 -24.20
N ASN E 111 -23.26 -57.27 -24.46
CA ASN E 111 -23.91 -56.55 -23.37
C ASN E 111 -24.65 -57.52 -22.45
N ARG E 112 -25.57 -58.32 -23.00
CA ARG E 112 -26.32 -59.25 -22.18
C ARG E 112 -25.43 -60.33 -21.61
N GLU E 113 -24.45 -60.80 -22.40
CA GLU E 113 -23.57 -61.84 -21.90
C GLU E 113 -22.79 -61.37 -20.67
N LYS E 114 -22.19 -60.19 -20.76
CA LYS E 114 -21.47 -59.64 -19.62
C LYS E 114 -22.41 -59.34 -18.47
N MET E 115 -23.63 -58.90 -18.76
CA MET E 115 -24.58 -58.60 -17.69
C MET E 115 -24.89 -59.85 -16.88
N THR E 116 -25.25 -60.94 -17.57
CA THR E 116 -25.58 -62.16 -16.84
C THR E 116 -24.36 -62.76 -16.16
N GLN E 117 -23.18 -62.64 -16.77
CA GLN E 117 -21.99 -63.15 -16.13
C GLN E 117 -21.69 -62.39 -14.84
N ILE E 118 -21.76 -61.06 -14.90
CA ILE E 118 -21.58 -60.25 -13.69
C ILE E 118 -22.57 -60.67 -12.62
N MET E 119 -23.85 -60.70 -12.95
CA MET E 119 -24.86 -61.11 -11.98
C MET E 119 -24.47 -62.42 -11.31
N PHE E 120 -24.39 -63.49 -12.10
CA PHE E 120 -24.22 -64.82 -11.53
C PHE E 120 -22.90 -64.98 -10.81
N GLU E 121 -21.85 -64.27 -11.23
CA GLU E 121 -20.56 -64.47 -10.59
C GLU E 121 -20.34 -63.55 -9.39
N THR E 122 -20.36 -62.24 -9.61
CA THR E 122 -20.02 -61.35 -8.51
C THR E 122 -21.22 -60.93 -7.68
N PHE E 123 -22.41 -61.50 -7.91
CA PHE E 123 -23.51 -61.28 -7.00
C PHE E 123 -24.22 -62.56 -6.60
N ASN E 124 -24.03 -63.64 -7.35
CA ASN E 124 -24.57 -64.96 -7.00
C ASN E 124 -26.09 -64.89 -6.80
N VAL E 125 -26.76 -64.28 -7.76
CA VAL E 125 -28.22 -64.24 -7.77
C VAL E 125 -28.70 -65.67 -8.01
N PRO E 126 -29.84 -66.07 -7.44
CA PRO E 126 -30.35 -67.42 -7.74
C PRO E 126 -30.76 -67.58 -9.18
N ALA E 127 -31.35 -66.54 -9.77
CA ALA E 127 -31.73 -66.56 -11.17
C ALA E 127 -31.78 -65.12 -11.66
N MET E 128 -31.88 -64.95 -12.97
CA MET E 128 -31.99 -63.63 -13.54
C MET E 128 -32.68 -63.75 -14.89
N TYR E 129 -32.88 -62.60 -15.53
CA TYR E 129 -33.66 -62.52 -16.77
C TYR E 129 -33.49 -61.12 -17.32
N VAL E 130 -33.52 -61.01 -18.65
CA VAL E 130 -33.30 -59.73 -19.33
C VAL E 130 -34.47 -59.50 -20.27
N ALA E 131 -35.27 -58.49 -19.97
CA ALA E 131 -36.46 -58.18 -20.76
C ALA E 131 -36.18 -57.05 -21.74
N ILE E 132 -37.19 -56.71 -22.54
CA ILE E 132 -37.12 -55.60 -23.48
C ILE E 132 -38.01 -54.49 -22.95
N GLN E 133 -37.50 -53.27 -22.95
CA GLN E 133 -38.19 -52.17 -22.27
C GLN E 133 -39.56 -51.92 -22.87
N ALA E 134 -39.70 -52.06 -24.17
CA ALA E 134 -40.97 -51.76 -24.82
C ALA E 134 -42.06 -52.75 -24.41
N VAL E 135 -41.71 -54.03 -24.28
CA VAL E 135 -42.68 -55.02 -23.86
C VAL E 135 -43.19 -54.70 -22.46
N LEU E 136 -42.29 -54.35 -21.56
CA LEU E 136 -42.70 -54.02 -20.20
C LEU E 136 -43.55 -52.77 -20.17
N SER E 137 -43.23 -51.80 -21.02
CA SER E 137 -44.06 -50.60 -21.09
C SER E 137 -45.46 -50.95 -21.56
N LEU E 138 -45.58 -51.93 -22.46
CA LEU E 138 -46.90 -52.38 -22.89
C LEU E 138 -47.65 -53.06 -21.75
N TYR E 139 -46.95 -53.92 -21.00
CA TYR E 139 -47.55 -54.51 -19.81
C TYR E 139 -48.13 -53.45 -18.89
N ALA E 140 -47.34 -52.41 -18.61
CA ALA E 140 -47.79 -51.36 -17.72
C ALA E 140 -48.97 -50.60 -18.29
N SER E 141 -49.00 -50.39 -19.60
CA SER E 141 -50.13 -49.70 -20.20
C SER E 141 -51.41 -50.51 -20.17
N GLY E 142 -51.34 -51.81 -19.88
CA GLY E 142 -52.52 -52.63 -19.83
C GLY E 142 -53.07 -52.94 -21.20
N ARG E 143 -52.20 -53.39 -22.10
CA ARG E 143 -52.60 -53.70 -23.47
C ARG E 143 -51.84 -54.92 -23.94
N THR E 144 -52.27 -55.46 -25.07
CA THR E 144 -51.52 -56.50 -25.76
C THR E 144 -51.23 -56.14 -27.20
N THR E 145 -51.58 -54.93 -27.62
CA THR E 145 -51.46 -54.52 -29.02
C THR E 145 -51.16 -53.04 -29.06
N GLY E 146 -50.10 -52.67 -29.75
CA GLY E 146 -49.77 -51.27 -29.92
C GLY E 146 -48.32 -51.10 -30.28
N ILE E 147 -48.01 -49.93 -30.82
CA ILE E 147 -46.66 -49.55 -31.16
C ILE E 147 -46.18 -48.57 -30.09
N VAL E 148 -45.19 -48.99 -29.32
CA VAL E 148 -44.73 -48.23 -28.17
C VAL E 148 -43.46 -47.48 -28.53
N LEU E 149 -43.45 -46.18 -28.29
CA LEU E 149 -42.29 -45.35 -28.52
C LEU E 149 -41.63 -45.06 -27.18
N ASP E 150 -40.50 -45.71 -26.92
CA ASP E 150 -39.76 -45.53 -25.69
C ASP E 150 -38.59 -44.60 -25.95
N SER E 151 -38.44 -43.58 -25.12
CA SER E 151 -37.40 -42.57 -25.33
C SER E 151 -36.85 -42.19 -23.96
N GLY E 152 -35.72 -42.76 -23.58
CA GLY E 152 -35.15 -42.48 -22.29
C GLY E 152 -34.08 -41.43 -22.32
N ASP E 153 -32.88 -41.78 -21.89
CA ASP E 153 -31.76 -40.85 -21.88
C ASP E 153 -30.71 -41.18 -22.93
N GLY E 154 -30.70 -42.38 -23.47
CA GLY E 154 -29.67 -42.74 -24.42
C GLY E 154 -30.18 -43.16 -25.78
N VAL E 155 -31.38 -43.71 -25.86
CA VAL E 155 -31.83 -44.35 -27.10
C VAL E 155 -33.34 -44.27 -27.19
N THR E 156 -33.83 -44.02 -28.41
CA THR E 156 -35.25 -44.03 -28.72
C THR E 156 -35.54 -45.22 -29.62
N HIS E 157 -36.60 -45.96 -29.34
CA HIS E 157 -36.91 -47.11 -30.16
C HIS E 157 -38.41 -47.36 -30.19
N ASN E 158 -38.88 -47.82 -31.34
CA ASN E 158 -40.26 -48.25 -31.54
C ASN E 158 -40.32 -49.75 -31.61
N VAL E 159 -41.28 -50.34 -30.93
CA VAL E 159 -41.52 -51.78 -31.06
C VAL E 159 -43.00 -52.00 -31.30
N PRO E 160 -43.39 -52.46 -32.47
CA PRO E 160 -44.81 -52.77 -32.70
C PRO E 160 -45.16 -54.17 -32.22
N ILE E 161 -46.24 -54.27 -31.45
CA ILE E 161 -46.73 -55.54 -30.94
C ILE E 161 -48.17 -55.72 -31.39
N TYR E 162 -48.55 -56.97 -31.65
CA TYR E 162 -49.92 -57.28 -31.99
C TYR E 162 -50.30 -58.60 -31.34
N GLU E 163 -51.37 -58.58 -30.54
CA GLU E 163 -51.86 -59.78 -29.86
C GLU E 163 -50.74 -60.47 -29.08
N GLY E 164 -49.80 -59.69 -28.58
CA GLY E 164 -48.67 -60.27 -27.87
C GLY E 164 -47.60 -60.85 -28.76
N TYR E 165 -47.66 -60.60 -30.07
CA TYR E 165 -46.64 -61.04 -30.99
C TYR E 165 -45.83 -59.83 -31.44
N ALA E 166 -44.51 -59.95 -31.41
CA ALA E 166 -43.65 -58.86 -31.80
C ALA E 166 -43.34 -58.95 -33.29
N LEU E 167 -43.04 -57.80 -33.88
CA LEU E 167 -42.65 -57.73 -35.28
C LEU E 167 -41.19 -57.31 -35.34
N PRO E 168 -40.25 -58.22 -35.12
CA PRO E 168 -38.85 -57.79 -34.95
C PRO E 168 -38.26 -57.13 -36.17
N HIS E 169 -38.80 -57.39 -37.37
CA HIS E 169 -38.28 -56.73 -38.55
C HIS E 169 -38.72 -55.27 -38.63
N ALA E 170 -39.71 -54.86 -37.85
CA ALA E 170 -40.19 -53.49 -37.87
C ALA E 170 -39.70 -52.68 -36.69
N ILE E 171 -38.87 -53.27 -35.83
CA ILE E 171 -38.26 -52.51 -34.75
C ILE E 171 -37.29 -51.50 -35.33
N MET E 172 -37.45 -50.24 -34.95
CA MET E 172 -36.60 -49.17 -35.43
C MET E 172 -35.99 -48.47 -34.22
N ARG E 173 -34.66 -48.50 -34.13
CA ARG E 173 -33.94 -47.93 -33.01
C ARG E 173 -33.23 -46.66 -33.48
N LEU E 174 -33.51 -45.56 -32.80
CA LEU E 174 -32.89 -44.28 -33.08
C LEU E 174 -31.96 -43.93 -31.93
N ASP E 175 -30.95 -43.12 -32.20
CA ASP E 175 -29.94 -42.85 -31.19
C ASP E 175 -29.82 -41.38 -30.82
N LEU E 176 -30.95 -40.71 -30.62
CA LEU E 176 -30.94 -39.43 -29.94
C LEU E 176 -32.02 -39.47 -28.87
N ALA E 177 -31.69 -38.97 -27.70
CA ALA E 177 -32.53 -39.08 -26.53
C ALA E 177 -32.26 -37.88 -25.64
N GLY E 178 -32.61 -38.00 -24.37
CA GLY E 178 -32.47 -36.87 -23.47
C GLY E 178 -31.08 -36.27 -23.45
N ARG E 179 -30.05 -37.10 -23.57
CA ARG E 179 -28.69 -36.59 -23.42
C ARG E 179 -28.30 -35.71 -24.60
N ASP E 180 -28.72 -36.07 -25.81
CA ASP E 180 -28.41 -35.22 -26.95
C ASP E 180 -29.19 -33.93 -26.91
N LEU E 181 -30.39 -33.94 -26.35
CA LEU E 181 -31.12 -32.69 -26.15
C LEU E 181 -30.44 -31.83 -25.11
N THR E 182 -29.90 -32.44 -24.06
CA THR E 182 -29.15 -31.67 -23.08
C THR E 182 -27.93 -31.02 -23.71
N ASP E 183 -27.22 -31.76 -24.56
CA ASP E 183 -26.05 -31.19 -25.20
C ASP E 183 -26.43 -30.09 -26.18
N TYR E 184 -27.49 -30.29 -26.95
CA TYR E 184 -27.93 -29.24 -27.86
C TYR E 184 -28.35 -28.00 -27.09
N LEU E 185 -28.96 -28.17 -25.93
CA LEU E 185 -29.34 -27.01 -25.15
C LEU E 185 -28.12 -26.30 -24.57
N MET E 186 -27.13 -27.06 -24.11
CA MET E 186 -25.87 -26.46 -23.68
C MET E 186 -25.25 -25.65 -24.80
N LYS E 187 -25.42 -26.09 -26.04
CA LYS E 187 -24.86 -25.34 -27.16
C LYS E 187 -25.69 -24.11 -27.49
N ILE E 188 -27.02 -24.22 -27.45
CA ILE E 188 -27.88 -23.11 -27.81
C ILE E 188 -27.85 -22.02 -26.75
N LEU E 189 -27.55 -22.36 -25.50
CA LEU E 189 -27.51 -21.34 -24.46
C LEU E 189 -26.32 -20.41 -24.61
N THR E 190 -25.30 -20.80 -25.39
CA THR E 190 -24.16 -19.91 -25.57
C THR E 190 -24.54 -18.67 -26.36
N GLU E 191 -25.51 -18.76 -27.25
CA GLU E 191 -25.84 -17.59 -28.05
C GLU E 191 -26.62 -16.55 -27.28
N ARG E 192 -26.86 -16.76 -25.99
CA ARG E 192 -27.35 -15.72 -25.12
C ARG E 192 -26.31 -15.22 -24.15
N GLY E 193 -25.15 -15.86 -24.10
CA GLY E 193 -24.08 -15.47 -23.20
C GLY E 193 -23.78 -16.46 -22.11
N TYR E 194 -24.68 -17.39 -21.83
CA TYR E 194 -24.47 -18.36 -20.77
C TYR E 194 -23.56 -19.47 -21.25
N SER E 195 -22.61 -19.85 -20.41
CA SER E 195 -21.59 -20.82 -20.77
C SER E 195 -21.54 -21.94 -19.75
N PHE E 196 -21.88 -23.15 -20.19
CA PHE E 196 -21.84 -24.34 -19.35
C PHE E 196 -20.95 -25.36 -20.03
N VAL E 197 -19.85 -25.73 -19.38
CA VAL E 197 -18.86 -26.59 -20.02
C VAL E 197 -18.58 -27.82 -19.17
N THR E 198 -18.78 -27.71 -17.87
CA THR E 198 -18.42 -28.77 -16.95
C THR E 198 -19.52 -29.82 -16.91
N THR E 199 -19.18 -30.99 -16.35
CA THR E 199 -20.19 -32.02 -16.15
C THR E 199 -21.24 -31.58 -15.14
N ALA E 200 -20.82 -30.94 -14.05
CA ALA E 200 -21.77 -30.37 -13.11
C ALA E 200 -22.69 -29.37 -13.81
N GLU E 201 -22.11 -28.53 -14.67
CA GLU E 201 -22.94 -27.61 -15.41
C GLU E 201 -23.84 -28.35 -16.38
N ARG E 202 -23.44 -29.53 -16.86
CA ARG E 202 -24.34 -30.33 -17.67
C ARG E 202 -25.54 -30.78 -16.86
N GLU E 203 -25.34 -31.12 -15.59
CA GLU E 203 -26.47 -31.46 -14.74
C GLU E 203 -27.39 -30.26 -14.53
N ILE E 204 -26.81 -29.08 -14.35
CA ILE E 204 -27.62 -27.87 -14.23
C ILE E 204 -28.46 -27.66 -15.47
N VAL E 205 -27.86 -27.85 -16.65
CA VAL E 205 -28.61 -27.65 -17.89
C VAL E 205 -29.68 -28.71 -18.04
N ARG E 206 -29.43 -29.93 -17.59
CA ARG E 206 -30.47 -30.94 -17.62
C ARG E 206 -31.66 -30.52 -16.78
N ASP E 207 -31.40 -29.91 -15.63
CA ASP E 207 -32.52 -29.43 -14.82
C ASP E 207 -33.27 -28.30 -15.50
N ILE E 208 -32.55 -27.38 -16.14
CA ILE E 208 -33.22 -26.33 -16.91
C ILE E 208 -34.11 -26.95 -17.97
N LYS E 209 -33.61 -27.97 -18.65
CA LYS E 209 -34.39 -28.65 -19.69
C LYS E 209 -35.66 -29.26 -19.11
N GLU E 210 -35.53 -29.93 -17.98
CA GLU E 210 -36.70 -30.57 -17.39
C GLU E 210 -37.70 -29.56 -16.84
N LYS E 211 -37.29 -28.33 -16.57
CA LYS E 211 -38.23 -27.38 -16.00
C LYS E 211 -38.85 -26.41 -17.00
N LEU E 212 -38.13 -26.00 -18.05
CA LEU E 212 -38.60 -24.89 -18.86
C LEU E 212 -38.95 -25.26 -20.30
N CYS E 213 -38.58 -26.44 -20.78
CA CYS E 213 -38.73 -26.74 -22.19
C CYS E 213 -40.07 -27.39 -22.47
N TYR E 214 -40.57 -27.17 -23.69
CA TYR E 214 -41.84 -27.73 -24.14
C TYR E 214 -41.81 -27.84 -25.66
N VAL E 215 -42.71 -28.65 -26.19
CA VAL E 215 -42.78 -28.89 -27.63
C VAL E 215 -43.83 -27.97 -28.23
N ALA E 216 -43.44 -27.23 -29.26
CA ALA E 216 -44.35 -26.31 -29.93
C ALA E 216 -45.25 -27.08 -30.88
N LEU E 217 -46.54 -26.73 -30.87
CA LEU E 217 -47.48 -27.39 -31.76
C LEU E 217 -47.16 -27.09 -33.22
N ASP E 218 -46.77 -25.86 -33.52
CA ASP E 218 -46.36 -25.47 -34.87
C ASP E 218 -45.09 -24.65 -34.74
N PHE E 219 -43.97 -25.22 -35.17
CA PHE E 219 -42.67 -24.65 -34.85
C PHE E 219 -42.49 -23.27 -35.47
N GLU E 220 -42.95 -23.08 -36.70
CA GLU E 220 -42.60 -21.86 -37.44
C GLU E 220 -43.30 -20.64 -36.86
N ASN E 221 -44.61 -20.68 -36.72
CA ASN E 221 -45.28 -19.51 -36.17
C ASN E 221 -45.01 -19.35 -34.69
N GLU E 222 -44.71 -20.43 -33.97
CA GLU E 222 -44.22 -20.28 -32.60
C GLU E 222 -42.92 -19.49 -32.58
N MET E 223 -42.02 -19.78 -33.53
CA MET E 223 -40.79 -19.02 -33.65
C MET E 223 -41.08 -17.55 -33.94
N ALA E 224 -41.99 -17.29 -34.87
CA ALA E 224 -42.33 -15.92 -35.20
C ALA E 224 -42.93 -15.18 -34.01
N THR E 225 -43.77 -15.88 -33.23
CA THR E 225 -44.36 -15.28 -32.05
C THR E 225 -43.31 -14.96 -31.00
N ALA E 226 -42.39 -15.91 -30.75
CA ALA E 226 -41.31 -15.64 -29.81
C ALA E 226 -40.46 -14.48 -30.26
N ALA E 227 -40.31 -14.30 -31.57
CA ALA E 227 -39.57 -13.14 -32.06
C ALA E 227 -40.38 -11.85 -31.93
N SER E 228 -41.71 -11.94 -31.97
CA SER E 228 -42.53 -10.74 -31.94
C SER E 228 -42.66 -10.17 -30.53
N SER E 229 -43.27 -10.93 -29.64
CA SER E 229 -43.43 -10.50 -28.25
C SER E 229 -42.33 -11.10 -27.40
N SER E 230 -42.45 -10.94 -26.08
CA SER E 230 -41.53 -11.56 -25.13
C SER E 230 -42.32 -12.22 -24.01
N SER E 231 -43.44 -12.84 -24.35
CA SER E 231 -44.28 -13.53 -23.40
C SER E 231 -43.83 -14.97 -23.15
N LEU E 232 -42.96 -15.50 -23.98
CA LEU E 232 -42.48 -16.87 -23.84
C LEU E 232 -41.27 -16.97 -22.94
N GLU E 233 -40.71 -15.86 -22.47
CA GLU E 233 -39.49 -15.88 -21.69
C GLU E 233 -39.80 -16.24 -20.24
N LYS E 234 -39.15 -17.30 -19.75
CA LYS E 234 -39.14 -17.62 -18.34
C LYS E 234 -37.78 -17.31 -17.76
N SER E 235 -37.68 -17.39 -16.45
CA SER E 235 -36.45 -17.09 -15.75
C SER E 235 -36.10 -18.23 -14.82
N TYR E 236 -34.88 -18.72 -14.92
CA TYR E 236 -34.38 -19.78 -14.06
C TYR E 236 -33.26 -19.21 -13.20
N GLU E 237 -33.06 -19.80 -12.02
CA GLU E 237 -32.08 -19.30 -11.08
C GLU E 237 -31.07 -20.39 -10.79
N LEU E 238 -29.83 -20.16 -11.22
CA LEU E 238 -28.73 -21.09 -11.00
C LEU E 238 -28.48 -21.23 -9.51
N PRO E 239 -27.73 -22.23 -9.06
CA PRO E 239 -27.54 -22.37 -7.61
C PRO E 239 -26.44 -21.49 -7.07
N ASP E 240 -26.33 -20.26 -7.58
CA ASP E 240 -25.55 -19.22 -6.92
C ASP E 240 -26.17 -17.85 -7.10
N GLY E 241 -27.49 -17.78 -7.25
CA GLY E 241 -28.08 -16.58 -7.78
C GLY E 241 -27.97 -16.60 -9.28
N GLN E 242 -27.66 -15.47 -9.91
CA GLN E 242 -27.43 -15.43 -11.36
C GLN E 242 -28.65 -15.92 -12.13
N VAL E 243 -29.72 -15.16 -12.03
CA VAL E 243 -30.91 -15.46 -12.81
C VAL E 243 -30.58 -15.42 -14.29
N ILE E 244 -31.08 -16.41 -15.03
CA ILE E 244 -30.97 -16.44 -16.48
C ILE E 244 -32.37 -16.51 -17.05
N THR E 245 -32.52 -16.00 -18.28
CA THR E 245 -33.79 -16.01 -18.98
C THR E 245 -33.58 -16.60 -20.36
N ILE E 246 -34.46 -17.51 -20.75
CA ILE E 246 -34.39 -18.13 -22.07
C ILE E 246 -35.70 -17.88 -22.79
N GLY E 247 -35.61 -17.78 -24.12
CA GLY E 247 -36.75 -17.42 -24.94
C GLY E 247 -37.22 -18.56 -25.83
N ASN E 248 -36.82 -18.53 -27.09
CA ASN E 248 -37.20 -19.58 -28.02
C ASN E 248 -36.42 -20.87 -27.81
N GLU E 249 -35.39 -20.86 -26.97
CA GLU E 249 -34.67 -22.09 -26.67
C GLU E 249 -35.60 -23.12 -26.03
N ARG E 250 -36.63 -22.65 -25.33
CA ARG E 250 -37.52 -23.54 -24.61
C ARG E 250 -38.11 -24.59 -25.53
N PHE E 251 -38.51 -24.21 -26.73
CA PHE E 251 -39.03 -25.17 -27.68
C PHE E 251 -38.06 -25.50 -28.80
N ARG E 252 -36.98 -24.75 -28.96
CA ARG E 252 -35.95 -25.17 -29.91
C ARG E 252 -35.23 -26.40 -29.43
N CYS E 253 -35.14 -26.62 -28.11
CA CYS E 253 -34.44 -27.81 -27.62
C CYS E 253 -35.19 -29.09 -27.96
N PRO E 254 -36.43 -29.30 -27.52
CA PRO E 254 -37.10 -30.59 -27.81
C PRO E 254 -37.54 -30.73 -29.24
N GLU E 255 -37.49 -29.66 -30.04
CA GLU E 255 -37.81 -29.77 -31.45
C GLU E 255 -36.86 -30.69 -32.19
N THR E 256 -35.65 -30.88 -31.66
CA THR E 256 -34.69 -31.79 -32.27
C THR E 256 -35.24 -33.21 -32.40
N LEU E 257 -36.20 -33.59 -31.57
CA LEU E 257 -36.80 -34.91 -31.72
C LEU E 257 -37.58 -35.03 -33.02
N PHE E 258 -38.09 -33.91 -33.52
CA PHE E 258 -38.87 -33.91 -34.76
C PHE E 258 -38.07 -33.42 -35.96
N GLN E 259 -36.88 -32.87 -35.74
CA GLN E 259 -35.97 -32.48 -36.81
C GLN E 259 -34.56 -32.79 -36.39
N PRO E 260 -34.18 -34.06 -36.41
CA PRO E 260 -32.86 -34.43 -35.91
C PRO E 260 -31.71 -33.85 -36.70
N SER E 261 -32.01 -33.06 -37.73
CA SER E 261 -30.99 -32.36 -38.46
C SER E 261 -30.41 -31.18 -37.69
N PHE E 262 -31.05 -30.76 -36.60
CA PHE E 262 -30.52 -29.66 -35.81
C PHE E 262 -29.20 -30.04 -35.17
N ILE E 263 -29.02 -31.30 -34.79
CA ILE E 263 -27.76 -31.77 -34.26
C ILE E 263 -26.94 -32.50 -35.33
N GLY E 264 -27.24 -32.26 -36.59
CA GLY E 264 -26.46 -32.84 -37.67
C GLY E 264 -26.64 -34.33 -37.86
N MET E 265 -27.84 -34.85 -37.58
CA MET E 265 -28.13 -36.25 -37.82
C MET E 265 -28.98 -36.38 -39.08
N GLU E 266 -28.86 -37.53 -39.73
CA GLU E 266 -29.55 -37.75 -40.99
C GLU E 266 -30.89 -38.45 -40.84
N SER E 267 -31.21 -38.94 -39.64
CA SER E 267 -32.42 -39.71 -39.44
C SER E 267 -33.65 -38.81 -39.59
N ALA E 268 -34.82 -39.41 -39.44
CA ALA E 268 -36.07 -38.69 -39.47
C ALA E 268 -36.57 -38.47 -38.04
N GLY E 269 -37.56 -37.60 -37.92
CA GLY E 269 -38.14 -37.34 -36.62
C GLY E 269 -38.83 -38.55 -36.05
N ILE E 270 -39.18 -38.47 -34.77
CA ILE E 270 -39.80 -39.61 -34.11
C ILE E 270 -41.16 -39.91 -34.71
N HIS E 271 -41.88 -38.88 -35.16
CA HIS E 271 -43.17 -39.12 -35.80
C HIS E 271 -42.99 -39.92 -37.08
N GLU E 272 -41.97 -39.59 -37.87
CA GLU E 272 -41.79 -40.26 -39.14
C GLU E 272 -41.22 -41.66 -38.96
N THR E 273 -40.35 -41.88 -37.99
CA THR E 273 -39.91 -43.25 -37.74
C THR E 273 -41.04 -44.10 -37.18
N THR E 274 -41.94 -43.51 -36.39
CA THR E 274 -43.11 -44.25 -35.94
C THR E 274 -43.99 -44.65 -37.11
N TYR E 275 -44.25 -43.70 -38.01
CA TYR E 275 -45.06 -44.02 -39.18
C TYR E 275 -44.39 -45.06 -40.07
N ASN E 276 -43.06 -45.01 -40.20
CA ASN E 276 -42.35 -45.99 -41.01
C ASN E 276 -42.44 -47.38 -40.38
N SER E 277 -42.21 -47.46 -39.07
CA SER E 277 -42.33 -48.74 -38.39
C SER E 277 -43.74 -49.29 -38.49
N ILE E 278 -44.74 -48.42 -38.53
CA ILE E 278 -46.10 -48.91 -38.73
C ILE E 278 -46.26 -49.46 -40.14
N MET E 279 -45.87 -48.68 -41.14
CA MET E 279 -46.01 -49.10 -42.53
C MET E 279 -45.15 -50.31 -42.87
N LYS E 280 -44.22 -50.69 -42.01
CA LYS E 280 -43.46 -51.92 -42.21
C LYS E 280 -44.17 -53.16 -41.69
N CYS E 281 -45.36 -53.01 -41.13
CA CYS E 281 -46.12 -54.13 -40.61
C CYS E 281 -47.20 -54.55 -41.60
N ASP E 282 -47.77 -55.72 -41.35
CA ASP E 282 -48.80 -56.26 -42.22
C ASP E 282 -49.99 -55.32 -42.28
N ILE E 283 -50.60 -55.23 -43.47
CA ILE E 283 -51.63 -54.24 -43.73
C ILE E 283 -52.84 -54.40 -42.82
N ASP E 284 -53.02 -55.57 -42.22
CA ASP E 284 -54.19 -55.80 -41.39
C ASP E 284 -54.05 -55.21 -40.01
N ILE E 285 -52.85 -55.24 -39.42
CA ILE E 285 -52.67 -54.82 -38.04
C ILE E 285 -52.40 -53.35 -37.88
N ARG E 286 -52.12 -52.62 -38.97
CA ARG E 286 -51.73 -51.24 -38.79
C ARG E 286 -52.91 -50.34 -38.45
N LYS E 287 -54.14 -50.74 -38.78
CA LYS E 287 -55.29 -49.97 -38.33
C LYS E 287 -55.41 -50.01 -36.81
N ASP E 288 -55.05 -51.12 -36.19
CA ASP E 288 -55.03 -51.19 -34.73
C ASP E 288 -53.78 -50.58 -34.14
N LEU E 289 -52.67 -50.57 -34.88
CA LEU E 289 -51.48 -49.89 -34.40
C LEU E 289 -51.67 -48.39 -34.35
N TYR E 290 -52.36 -47.82 -35.35
CA TYR E 290 -52.55 -46.38 -35.40
C TYR E 290 -53.25 -45.85 -34.16
N ALA E 291 -54.02 -46.69 -33.46
CA ALA E 291 -54.82 -46.24 -32.34
C ALA E 291 -54.24 -46.65 -31.00
N ASN E 292 -53.00 -47.13 -30.97
CA ASN E 292 -52.39 -47.58 -29.73
C ASN E 292 -50.93 -47.16 -29.64
N ASN E 293 -50.66 -45.91 -29.98
CA ASN E 293 -49.32 -45.36 -29.80
C ASN E 293 -49.09 -45.12 -28.31
N VAL E 294 -48.22 -45.90 -27.70
CA VAL E 294 -47.93 -45.81 -26.28
C VAL E 294 -46.60 -45.10 -26.09
N LEU E 295 -46.64 -43.94 -25.46
CA LEU E 295 -45.41 -43.21 -25.14
C LEU E 295 -44.84 -43.72 -23.83
N SER E 296 -43.53 -43.68 -23.72
CA SER E 296 -42.85 -44.17 -22.52
C SER E 296 -41.53 -43.45 -22.36
N GLY E 297 -41.00 -43.49 -21.15
CA GLY E 297 -39.70 -42.93 -20.87
C GLY E 297 -39.75 -41.45 -20.54
N GLY E 298 -38.60 -40.95 -20.06
CA GLY E 298 -38.54 -39.59 -19.59
C GLY E 298 -38.61 -38.55 -20.69
N THR E 299 -37.95 -38.82 -21.82
CA THR E 299 -37.89 -37.83 -22.89
C THR E 299 -39.24 -37.57 -23.52
N THR E 300 -40.25 -38.39 -23.26
CA THR E 300 -41.60 -38.14 -23.74
C THR E 300 -42.44 -37.38 -22.74
N MET E 301 -41.81 -36.63 -21.84
CA MET E 301 -42.52 -35.94 -20.78
C MET E 301 -42.68 -34.45 -21.03
N TYR E 302 -42.18 -33.94 -22.15
CA TYR E 302 -42.32 -32.53 -22.45
C TYR E 302 -43.80 -32.18 -22.57
N PRO E 303 -44.19 -30.98 -22.13
CA PRO E 303 -45.56 -30.52 -22.37
C PRO E 303 -45.80 -30.31 -23.85
N GLY E 304 -46.90 -30.87 -24.35
CA GLY E 304 -47.28 -30.69 -25.72
C GLY E 304 -46.70 -31.67 -26.70
N ILE E 305 -46.08 -32.76 -26.23
CA ILE E 305 -45.49 -33.71 -27.16
C ILE E 305 -46.55 -34.64 -27.72
N ALA E 306 -47.57 -34.97 -26.94
CA ALA E 306 -48.63 -35.83 -27.45
C ALA E 306 -49.42 -35.15 -28.55
N ASP E 307 -49.72 -33.86 -28.39
CA ASP E 307 -50.49 -33.16 -29.40
C ASP E 307 -49.69 -33.03 -30.70
N ARG E 308 -48.41 -32.70 -30.59
CA ARG E 308 -47.59 -32.59 -31.78
C ARG E 308 -47.43 -33.94 -32.47
N MET E 309 -47.24 -35.00 -31.69
CA MET E 309 -47.13 -36.32 -32.28
C MET E 309 -48.41 -36.70 -33.00
N GLN E 310 -49.56 -36.43 -32.39
CA GLN E 310 -50.82 -36.75 -33.04
C GLN E 310 -51.01 -35.96 -34.31
N LYS E 311 -50.69 -34.67 -34.28
CA LYS E 311 -50.81 -33.85 -35.49
C LYS E 311 -49.94 -34.40 -36.61
N GLU E 312 -48.69 -34.74 -36.29
CA GLU E 312 -47.78 -35.20 -37.34
C GLU E 312 -48.21 -36.55 -37.91
N ILE E 313 -48.54 -37.50 -37.04
CA ILE E 313 -48.94 -38.81 -37.55
C ILE E 313 -50.25 -38.71 -38.31
N THR E 314 -51.15 -37.82 -37.89
CA THR E 314 -52.39 -37.62 -38.63
C THR E 314 -52.12 -37.06 -40.01
N ALA E 315 -51.20 -36.10 -40.10
CA ALA E 315 -50.85 -35.57 -41.41
C ALA E 315 -50.20 -36.63 -42.29
N LEU E 316 -49.51 -37.60 -41.69
CA LEU E 316 -48.86 -38.63 -42.50
C LEU E 316 -49.82 -39.74 -42.91
N ALA E 317 -50.61 -40.24 -41.97
CA ALA E 317 -51.43 -41.41 -42.20
C ALA E 317 -52.60 -41.09 -43.12
N PRO E 318 -53.32 -42.11 -43.60
CA PRO E 318 -54.53 -41.84 -44.38
C PRO E 318 -55.56 -41.06 -43.58
N SER E 319 -56.41 -40.35 -44.29
CA SER E 319 -57.31 -39.38 -43.66
C SER E 319 -58.52 -40.02 -43.01
N THR E 320 -58.53 -41.33 -42.83
CA THR E 320 -59.67 -42.03 -42.24
C THR E 320 -59.35 -42.67 -40.91
N MET E 321 -58.21 -43.34 -40.79
CA MET E 321 -57.88 -44.08 -39.58
C MET E 321 -57.70 -43.12 -38.41
N LYS E 322 -57.98 -43.61 -37.21
CA LYS E 322 -58.05 -42.79 -36.00
C LYS E 322 -56.73 -42.89 -35.25
N ILE E 323 -55.91 -41.85 -35.36
CA ILE E 323 -54.67 -41.79 -34.61
C ILE E 323 -54.97 -41.53 -33.15
N LYS E 324 -54.23 -42.17 -32.25
CA LYS E 324 -54.55 -42.09 -30.84
C LYS E 324 -53.26 -42.26 -30.05
N ILE E 325 -52.74 -41.17 -29.52
CA ILE E 325 -51.52 -41.19 -28.71
C ILE E 325 -51.91 -41.42 -27.27
N ILE E 326 -51.41 -42.50 -26.68
CA ILE E 326 -51.67 -42.81 -25.29
C ILE E 326 -50.44 -42.41 -24.49
N ALA E 327 -50.60 -41.39 -23.65
CA ALA E 327 -49.49 -40.85 -22.85
C ALA E 327 -49.95 -40.80 -21.40
N PRO E 328 -49.66 -41.84 -20.63
CA PRO E 328 -50.05 -41.84 -19.22
C PRO E 328 -49.37 -40.72 -18.46
N PRO E 329 -49.91 -40.32 -17.31
CA PRO E 329 -49.24 -39.29 -16.50
C PRO E 329 -48.01 -39.80 -15.77
N GLU E 330 -47.86 -41.10 -15.58
CA GLU E 330 -46.69 -41.67 -14.92
C GLU E 330 -45.78 -42.40 -15.91
N ARG E 331 -45.84 -42.03 -17.18
CA ARG E 331 -45.16 -42.77 -18.24
C ARG E 331 -43.66 -42.87 -18.01
N LYS E 332 -43.10 -42.08 -17.11
CA LYS E 332 -41.67 -42.13 -16.87
C LYS E 332 -41.22 -43.41 -16.19
N TYR E 333 -42.14 -44.13 -15.56
CA TYR E 333 -41.81 -45.36 -14.84
C TYR E 333 -42.53 -46.56 -15.41
N SER E 334 -43.00 -46.46 -16.66
CA SER E 334 -43.77 -47.55 -17.25
C SER E 334 -42.94 -48.80 -17.39
N VAL E 335 -41.66 -48.66 -17.76
CA VAL E 335 -40.82 -49.84 -17.92
C VAL E 335 -40.69 -50.57 -16.60
N TRP E 336 -40.44 -49.85 -15.52
CA TRP E 336 -40.31 -50.51 -14.23
C TRP E 336 -41.63 -51.11 -13.77
N ILE E 337 -42.74 -50.39 -13.99
CA ILE E 337 -44.03 -50.90 -13.54
C ILE E 337 -44.35 -52.21 -14.26
N GLY E 338 -44.18 -52.22 -15.58
CA GLY E 338 -44.38 -53.45 -16.32
C GLY E 338 -43.42 -54.55 -15.91
N GLY E 339 -42.20 -54.19 -15.56
CA GLY E 339 -41.27 -55.20 -15.09
C GLY E 339 -41.71 -55.83 -13.80
N SER E 340 -42.25 -55.04 -12.88
CA SER E 340 -42.77 -55.60 -11.64
C SER E 340 -43.97 -56.50 -11.91
N ILE E 341 -44.88 -56.04 -12.76
CA ILE E 341 -46.02 -56.88 -13.12
C ILE E 341 -45.55 -58.21 -13.69
N LEU E 342 -44.62 -58.16 -14.65
CA LEU E 342 -44.15 -59.38 -15.29
C LEU E 342 -43.48 -60.31 -14.28
N ALA E 343 -42.58 -59.78 -13.46
CA ALA E 343 -41.92 -60.63 -12.48
C ALA E 343 -42.88 -61.18 -11.45
N SER E 344 -44.05 -60.55 -11.28
CA SER E 344 -45.02 -61.06 -10.32
C SER E 344 -45.91 -62.15 -10.89
N LEU E 345 -45.92 -62.34 -12.21
CA LEU E 345 -46.79 -63.35 -12.80
C LEU E 345 -46.37 -64.74 -12.36
N SER E 346 -47.37 -65.59 -12.07
CA SER E 346 -47.07 -66.96 -11.65
C SER E 346 -46.55 -67.79 -12.81
N THR E 347 -47.13 -67.61 -13.99
CA THR E 347 -46.66 -68.36 -15.15
C THR E 347 -45.29 -67.94 -15.62
N PHE E 348 -44.76 -66.81 -15.13
CA PHE E 348 -43.44 -66.37 -15.52
C PHE E 348 -42.33 -67.11 -14.78
N GLN E 349 -42.65 -67.71 -13.62
CA GLN E 349 -41.64 -68.30 -12.76
C GLN E 349 -40.92 -69.48 -13.38
N GLN E 350 -41.26 -69.85 -14.62
CA GLN E 350 -40.52 -70.87 -15.33
C GLN E 350 -39.49 -70.30 -16.29
N MET E 351 -39.57 -69.00 -16.58
CA MET E 351 -38.71 -68.36 -17.57
C MET E 351 -37.39 -67.88 -16.98
N TRP E 352 -37.22 -67.92 -15.66
CA TRP E 352 -35.97 -67.49 -15.07
C TRP E 352 -34.83 -68.36 -15.55
N ILE E 353 -33.64 -67.77 -15.65
CA ILE E 353 -32.42 -68.50 -15.97
C ILE E 353 -31.83 -68.93 -14.63
N SER E 354 -32.07 -70.18 -14.24
CA SER E 354 -31.55 -70.66 -12.98
C SER E 354 -30.03 -70.67 -13.00
N LYS E 355 -29.43 -70.65 -11.81
CA LYS E 355 -27.98 -70.63 -11.72
C LYS E 355 -27.37 -71.90 -12.31
N GLN E 356 -28.07 -73.02 -12.19
CA GLN E 356 -27.55 -74.29 -12.69
C GLN E 356 -27.50 -74.29 -14.21
N GLU E 357 -28.52 -73.71 -14.86
CA GLU E 357 -28.51 -73.59 -16.31
C GLU E 357 -27.28 -72.82 -16.78
N TYR E 358 -26.94 -71.74 -16.08
CA TYR E 358 -25.74 -71.00 -16.44
C TYR E 358 -24.49 -71.81 -16.18
N ASP E 359 -24.42 -72.47 -15.02
CA ASP E 359 -23.27 -73.30 -14.71
C ASP E 359 -23.04 -74.37 -15.76
N GLU E 360 -24.10 -74.80 -16.45
CA GLU E 360 -23.91 -75.72 -17.55
C GLU E 360 -23.51 -75.01 -18.85
N ALA E 361 -24.28 -74.02 -19.27
CA ALA E 361 -24.19 -73.53 -20.64
C ALA E 361 -23.40 -72.24 -20.80
N GLY E 362 -22.67 -71.79 -19.78
CA GLY E 362 -21.88 -70.60 -19.91
C GLY E 362 -22.74 -69.36 -20.00
N PRO E 363 -22.11 -68.20 -20.22
CA PRO E 363 -22.88 -66.96 -20.33
C PRO E 363 -23.78 -66.91 -21.54
N SER E 364 -23.49 -67.68 -22.58
CA SER E 364 -24.27 -67.63 -23.81
C SER E 364 -25.68 -68.15 -23.66
N ILE E 365 -26.07 -68.61 -22.47
CA ILE E 365 -27.43 -69.11 -22.27
C ILE E 365 -28.45 -68.00 -22.44
N VAL E 366 -28.03 -66.74 -22.26
CA VAL E 366 -28.99 -65.65 -22.07
C VAL E 366 -29.83 -65.45 -23.32
N HIS E 367 -29.20 -65.44 -24.49
CA HIS E 367 -29.98 -65.27 -25.71
C HIS E 367 -30.35 -66.59 -26.37
N ARG E 368 -29.96 -67.72 -25.79
CA ARG E 368 -30.34 -69.00 -26.37
C ARG E 368 -31.82 -69.25 -26.21
N LYS E 369 -32.35 -69.02 -25.00
CA LYS E 369 -33.72 -69.39 -24.73
C LYS E 369 -34.48 -68.27 -24.04
N CYS E 370 -33.77 -67.22 -23.66
CA CYS E 370 -34.37 -66.27 -22.74
C CYS E 370 -34.14 -64.82 -23.16
N THR F 1 -14.01 0.29 -55.33
CA THR F 1 -13.41 0.86 -54.13
C THR F 1 -12.91 -0.26 -53.22
N THR F 2 -11.70 -0.07 -52.66
CA THR F 2 -11.09 -1.09 -51.83
C THR F 2 -11.86 -1.24 -50.52
N ALA F 3 -11.65 -2.38 -49.86
CA ALA F 3 -12.30 -2.71 -48.62
C ALA F 3 -11.26 -2.87 -47.52
N LEU F 4 -11.73 -2.80 -46.28
CA LEU F 4 -10.88 -2.92 -45.11
C LEU F 4 -11.10 -4.26 -44.42
N VAL F 5 -10.02 -4.85 -43.93
CA VAL F 5 -10.07 -6.07 -43.15
C VAL F 5 -9.56 -5.75 -41.75
N CYS F 6 -10.33 -6.11 -40.74
CA CYS F 6 -10.13 -5.62 -39.38
C CYS F 6 -10.22 -6.77 -38.38
N ASP F 7 -9.41 -7.81 -38.59
CA ASP F 7 -9.40 -8.91 -37.64
C ASP F 7 -9.12 -8.43 -36.23
N ASN F 8 -10.12 -8.51 -35.36
CA ASN F 8 -10.05 -7.84 -34.06
C ASN F 8 -9.23 -8.64 -33.07
N GLY F 9 -9.67 -9.85 -32.75
CA GLY F 9 -8.95 -10.66 -31.80
C GLY F 9 -8.95 -10.08 -30.41
N SER F 10 -8.65 -10.90 -29.41
CA SER F 10 -8.66 -10.45 -28.04
C SER F 10 -7.31 -9.97 -27.55
N GLY F 11 -6.27 -10.04 -28.37
CA GLY F 11 -4.98 -9.60 -27.94
C GLY F 11 -4.28 -8.63 -28.88
N LEU F 12 -4.69 -8.59 -30.15
CA LEU F 12 -3.98 -7.81 -31.15
C LEU F 12 -4.94 -7.43 -32.25
N VAL F 13 -5.00 -6.15 -32.57
CA VAL F 13 -5.74 -5.69 -33.74
C VAL F 13 -4.82 -5.77 -34.94
N LYS F 14 -5.31 -6.40 -36.00
CA LYS F 14 -4.58 -6.48 -37.26
C LYS F 14 -5.50 -5.95 -38.34
N ALA F 15 -5.17 -4.78 -38.87
CA ALA F 15 -5.99 -4.15 -39.90
C ALA F 15 -5.15 -3.91 -41.15
N GLY F 16 -5.84 -3.62 -42.24
CA GLY F 16 -5.18 -3.43 -43.50
C GLY F 16 -6.20 -3.27 -44.61
N PHE F 17 -5.72 -3.33 -45.84
CA PHE F 17 -6.57 -3.15 -47.01
C PHE F 17 -6.72 -4.47 -47.75
N ALA F 18 -7.95 -4.74 -48.18
CA ALA F 18 -8.23 -5.96 -48.92
C ALA F 18 -7.42 -6.00 -50.20
N GLY F 19 -6.52 -6.97 -50.30
CA GLY F 19 -5.67 -7.14 -51.47
C GLY F 19 -4.20 -7.17 -51.15
N ASP F 20 -3.79 -6.69 -49.98
CA ASP F 20 -2.38 -6.73 -49.62
C ASP F 20 -1.98 -8.14 -49.18
N ASP F 21 -0.71 -8.29 -48.84
CA ASP F 21 -0.19 -9.57 -48.42
C ASP F 21 -0.04 -9.69 -46.91
N ALA F 22 -0.18 -8.60 -46.17
CA ALA F 22 0.00 -8.61 -44.73
C ALA F 22 -0.72 -7.41 -44.15
N PRO F 23 -1.13 -7.46 -42.89
CA PRO F 23 -1.81 -6.32 -42.29
C PRO F 23 -0.92 -5.09 -42.23
N ARG F 24 -1.54 -3.93 -42.46
CA ARG F 24 -0.80 -2.68 -42.44
C ARG F 24 -0.53 -2.21 -41.01
N ALA F 25 -1.46 -2.45 -40.09
CA ALA F 25 -1.32 -2.02 -38.71
C ALA F 25 -1.52 -3.22 -37.79
N VAL F 26 -0.58 -3.43 -36.88
CA VAL F 26 -0.66 -4.50 -35.90
C VAL F 26 -0.23 -3.93 -34.56
N PHE F 27 -1.19 -3.75 -33.66
CA PHE F 27 -0.92 -3.13 -32.37
C PHE F 27 -1.75 -3.82 -31.30
N PRO F 28 -1.34 -3.72 -30.04
CA PRO F 28 -2.11 -4.37 -28.97
C PRO F 28 -3.49 -3.77 -28.85
N SER F 29 -4.47 -4.62 -28.55
CA SER F 29 -5.85 -4.20 -28.39
C SER F 29 -6.08 -3.85 -26.92
N ILE F 30 -5.63 -2.66 -26.55
CA ILE F 30 -5.52 -2.31 -25.14
C ILE F 30 -5.79 -0.82 -24.98
N VAL F 31 -6.36 -0.46 -23.84
CA VAL F 31 -6.67 0.93 -23.52
C VAL F 31 -6.16 1.21 -22.11
N GLY F 32 -5.31 2.22 -21.98
CA GLY F 32 -4.70 2.55 -20.69
C GLY F 32 -5.21 3.89 -20.18
N ARG F 33 -5.36 3.98 -18.86
CA ARG F 33 -5.76 5.20 -18.19
C ARG F 33 -4.80 5.48 -17.05
N PRO F 34 -4.47 6.73 -16.80
CA PRO F 34 -3.46 7.04 -15.78
C PRO F 34 -3.98 6.77 -14.38
N ARG F 35 -3.10 6.24 -13.53
CA ARG F 35 -3.43 5.98 -12.14
C ARG F 35 -3.06 7.15 -11.25
N HIS F 36 -1.90 7.74 -11.48
CA HIS F 36 -1.26 8.62 -10.51
C HIS F 36 -1.78 10.04 -10.64
N GLN F 37 -1.11 10.98 -9.98
CA GLN F 37 -1.70 12.29 -9.74
C GLN F 37 -1.62 13.20 -10.97
N GLY F 38 -0.42 13.53 -11.40
CA GLY F 38 -0.27 14.50 -12.47
C GLY F 38 -0.03 15.88 -11.89
N VAL F 39 1.21 16.37 -11.96
CA VAL F 39 1.61 17.56 -11.24
C VAL F 39 2.08 18.67 -12.18
N MET F 40 2.83 18.33 -13.22
CA MET F 40 3.39 19.34 -14.10
C MET F 40 2.29 20.00 -14.90
N VAL F 41 1.91 21.22 -14.49
CA VAL F 41 0.83 21.94 -15.15
C VAL F 41 1.23 22.28 -16.58
N GLY F 42 0.42 21.85 -17.53
CA GLY F 42 0.67 22.12 -18.92
C GLY F 42 1.26 20.97 -19.72
N MET F 43 1.34 19.78 -19.14
CA MET F 43 1.88 18.63 -19.89
C MET F 43 0.89 18.10 -20.91
N GLY F 44 -0.34 18.60 -20.94
CA GLY F 44 -1.32 18.07 -21.87
C GLY F 44 -1.69 16.65 -21.56
N GLN F 45 -2.36 16.45 -20.43
CA GLN F 45 -2.72 15.10 -20.00
C GLN F 45 -3.85 14.56 -20.86
N LYS F 46 -3.59 13.47 -21.57
CA LYS F 46 -4.66 12.79 -22.28
C LYS F 46 -5.49 11.98 -21.30
N ASP F 47 -6.75 11.79 -21.64
CA ASP F 47 -7.64 11.01 -20.79
C ASP F 47 -7.28 9.53 -20.84
N SER F 48 -7.04 9.01 -22.03
CA SER F 48 -6.78 7.59 -22.20
C SER F 48 -5.90 7.39 -23.42
N TYR F 49 -5.06 6.36 -23.36
CA TYR F 49 -4.16 6.00 -24.45
C TYR F 49 -4.55 4.62 -24.97
N VAL F 50 -4.47 4.45 -26.28
CA VAL F 50 -4.85 3.19 -26.91
C VAL F 50 -3.65 2.64 -27.67
N GLY F 51 -3.78 1.40 -28.09
CA GLY F 51 -2.78 0.83 -28.98
C GLY F 51 -1.46 0.67 -28.27
N ASP F 52 -0.38 0.88 -29.02
CA ASP F 52 0.96 0.75 -28.48
C ASP F 52 1.51 2.06 -27.95
N GLU F 53 0.75 3.15 -28.04
CA GLU F 53 1.08 4.31 -27.24
C GLU F 53 0.83 4.04 -25.76
N ALA F 54 -0.25 3.32 -25.47
CA ALA F 54 -0.49 2.86 -24.11
C ALA F 54 0.54 1.84 -23.67
N GLN F 55 1.28 1.26 -24.61
CA GLN F 55 2.31 0.30 -24.26
C GLN F 55 3.63 0.94 -23.89
N SER F 56 3.88 2.17 -24.33
CA SER F 56 5.11 2.86 -23.96
C SER F 56 4.96 3.71 -22.71
N LYS F 57 3.80 4.31 -22.49
CA LYS F 57 3.46 4.93 -21.22
C LYS F 57 3.00 3.91 -20.21
N ARG F 58 3.31 2.65 -20.44
CA ARG F 58 2.81 1.53 -19.66
C ARG F 58 3.02 1.71 -18.17
N GLY F 59 4.14 2.33 -17.77
CA GLY F 59 4.51 2.34 -16.37
C GLY F 59 3.54 3.08 -15.47
N ILE F 60 2.85 4.08 -16.02
CA ILE F 60 1.97 4.93 -15.23
C ILE F 60 0.51 4.65 -15.50
N LEU F 61 0.18 3.73 -16.39
CA LEU F 61 -1.18 3.47 -16.79
C LEU F 61 -1.66 2.16 -16.20
N THR F 62 -2.97 2.02 -16.10
CA THR F 62 -3.61 0.75 -15.83
C THR F 62 -4.27 0.27 -17.12
N LEU F 63 -3.82 -0.86 -17.64
CA LEU F 63 -4.25 -1.34 -18.94
C LEU F 63 -5.45 -2.26 -18.79
N LYS F 64 -6.32 -2.21 -19.81
CA LYS F 64 -7.52 -3.03 -19.82
C LYS F 64 -7.78 -3.52 -21.23
N TYR F 65 -7.94 -4.81 -21.38
CA TYR F 65 -8.38 -5.30 -22.67
C TYR F 65 -9.90 -5.22 -22.76
N PRO F 66 -10.45 -4.62 -23.80
CA PRO F 66 -11.92 -4.55 -23.93
C PRO F 66 -12.55 -5.82 -24.47
N ILE F 67 -11.77 -6.86 -24.74
CA ILE F 67 -12.28 -8.16 -25.19
C ILE F 67 -11.74 -9.21 -24.23
N GLU F 68 -12.65 -9.98 -23.63
CA GLU F 68 -12.22 -10.93 -22.61
C GLU F 68 -11.95 -12.31 -23.20
N HIS F 69 -12.97 -12.95 -23.76
CA HIS F 69 -12.83 -14.31 -24.27
C HIS F 69 -13.42 -14.41 -25.65
N GLY F 70 -13.06 -13.47 -26.51
CA GLY F 70 -13.70 -13.32 -27.79
C GLY F 70 -14.95 -12.49 -27.76
N ILE F 71 -15.41 -12.10 -26.57
CA ILE F 71 -16.63 -11.32 -26.39
C ILE F 71 -16.24 -9.91 -25.99
N ILE F 72 -16.79 -8.92 -26.67
CA ILE F 72 -16.51 -7.53 -26.35
C ILE F 72 -17.31 -7.16 -25.11
N THR F 73 -16.61 -6.82 -24.04
CA THR F 73 -17.25 -6.55 -22.76
C THR F 73 -17.15 -5.08 -22.34
N ASN F 74 -16.54 -4.23 -23.15
CA ASN F 74 -16.49 -2.79 -22.89
C ASN F 74 -16.66 -2.11 -24.24
N TRP F 75 -17.86 -1.60 -24.51
CA TRP F 75 -18.12 -1.13 -25.85
C TRP F 75 -17.56 0.26 -26.10
N ASP F 76 -17.40 1.07 -25.05
CA ASP F 76 -16.75 2.35 -25.21
C ASP F 76 -15.28 2.19 -25.57
N ASP F 77 -14.59 1.28 -24.87
CA ASP F 77 -13.18 1.05 -25.18
C ASP F 77 -13.03 0.42 -26.56
N MET F 78 -13.94 -0.47 -26.94
CA MET F 78 -13.87 -1.04 -28.28
C MET F 78 -14.08 0.03 -29.33
N GLU F 79 -14.98 0.98 -29.06
CA GLU F 79 -15.16 2.09 -29.98
C GLU F 79 -13.91 2.95 -30.06
N LYS F 80 -13.25 3.18 -28.93
CA LYS F 80 -11.99 3.91 -28.95
C LYS F 80 -10.96 3.20 -29.81
N ILE F 81 -10.87 1.88 -29.68
CA ILE F 81 -9.88 1.12 -30.43
C ILE F 81 -10.19 1.17 -31.92
N TRP F 82 -11.48 1.08 -32.27
CA TRP F 82 -11.83 1.15 -33.69
C TRP F 82 -11.56 2.54 -34.26
N HIS F 83 -11.90 3.58 -33.52
CA HIS F 83 -11.62 4.93 -33.96
C HIS F 83 -10.13 5.12 -34.21
N HIS F 84 -9.32 4.66 -33.27
CA HIS F 84 -7.87 4.71 -33.44
C HIS F 84 -7.45 3.97 -34.70
N THR F 85 -7.91 2.74 -34.86
CA THR F 85 -7.53 1.93 -36.00
C THR F 85 -7.84 2.64 -37.31
N PHE F 86 -9.02 3.25 -37.41
CA PHE F 86 -9.40 3.87 -38.67
C PHE F 86 -8.62 5.15 -38.92
N TYR F 87 -8.50 6.01 -37.91
CA TYR F 87 -8.00 7.35 -38.19
C TYR F 87 -6.49 7.49 -38.01
N ASN F 88 -5.90 6.90 -36.98
CA ASN F 88 -4.49 7.13 -36.72
C ASN F 88 -3.56 6.07 -37.28
N GLU F 89 -4.04 4.84 -37.45
CA GLU F 89 -3.22 3.77 -37.97
C GLU F 89 -3.36 3.58 -39.47
N LEU F 90 -4.60 3.43 -39.95
CA LEU F 90 -4.82 3.28 -41.38
C LEU F 90 -4.93 4.63 -42.07
N ARG F 91 -5.41 5.65 -41.36
CA ARG F 91 -5.55 7.00 -41.91
C ARG F 91 -6.45 6.98 -43.15
N VAL F 92 -7.69 6.56 -42.94
CA VAL F 92 -8.71 6.54 -43.97
C VAL F 92 -9.98 7.14 -43.39
N ALA F 93 -10.99 7.25 -44.24
CA ALA F 93 -12.32 7.64 -43.81
C ALA F 93 -13.22 6.42 -43.86
N PRO F 94 -13.80 5.99 -42.73
CA PRO F 94 -14.61 4.77 -42.74
C PRO F 94 -15.87 4.88 -43.58
N GLU F 95 -16.19 6.06 -44.11
CA GLU F 95 -17.37 6.21 -44.94
C GLU F 95 -17.14 5.82 -46.39
N GLU F 96 -15.93 5.38 -46.72
CA GLU F 96 -15.56 5.13 -48.11
C GLU F 96 -15.01 3.73 -48.29
N HIS F 97 -15.35 2.81 -47.40
CA HIS F 97 -14.76 1.49 -47.43
C HIS F 97 -15.68 0.48 -46.79
N PRO F 98 -16.05 -0.60 -47.48
CA PRO F 98 -16.67 -1.72 -46.79
C PRO F 98 -15.68 -2.34 -45.82
N THR F 99 -16.22 -2.91 -44.74
CA THR F 99 -15.38 -3.40 -43.66
C THR F 99 -15.70 -4.86 -43.39
N LEU F 100 -14.66 -5.70 -43.38
CA LEU F 100 -14.81 -7.12 -43.12
C LEU F 100 -14.31 -7.39 -41.70
N LEU F 101 -15.23 -7.46 -40.76
CA LEU F 101 -14.90 -7.80 -39.39
C LEU F 101 -14.87 -9.31 -39.22
N THR F 102 -14.35 -9.76 -38.08
CA THR F 102 -14.14 -11.17 -37.87
C THR F 102 -14.55 -11.53 -36.46
N GLU F 103 -15.06 -12.75 -36.29
CA GLU F 103 -15.57 -13.17 -35.00
C GLU F 103 -15.30 -14.66 -34.82
N ALA F 104 -15.21 -15.07 -33.56
CA ALA F 104 -15.08 -16.48 -33.24
C ALA F 104 -16.45 -17.15 -33.27
N PRO F 105 -16.49 -18.45 -33.52
CA PRO F 105 -17.78 -19.14 -33.54
C PRO F 105 -18.29 -19.43 -32.14
N LEU F 106 -19.61 -19.53 -32.03
CA LEU F 106 -20.29 -19.93 -30.81
C LEU F 106 -20.13 -18.87 -29.71
N ASN F 107 -20.37 -17.62 -30.04
CA ASN F 107 -20.41 -16.55 -29.05
C ASN F 107 -21.67 -15.73 -29.26
N PRO F 108 -22.12 -15.01 -28.24
CA PRO F 108 -23.50 -14.50 -28.24
C PRO F 108 -23.86 -13.69 -29.47
N LYS F 109 -25.16 -13.66 -29.75
CA LYS F 109 -25.65 -12.91 -30.91
C LYS F 109 -25.49 -11.41 -30.69
N ALA F 110 -25.69 -10.96 -29.46
CA ALA F 110 -25.59 -9.53 -29.19
C ALA F 110 -24.24 -8.98 -29.59
N ASN F 111 -23.20 -9.82 -29.59
CA ASN F 111 -21.89 -9.37 -30.02
C ASN F 111 -21.94 -8.87 -31.46
N ARG F 112 -22.43 -9.71 -32.39
CA ARG F 112 -22.47 -9.30 -33.79
C ARG F 112 -23.49 -8.20 -34.01
N GLU F 113 -24.62 -8.24 -33.31
CA GLU F 113 -25.62 -7.20 -33.48
C GLU F 113 -25.06 -5.84 -33.08
N LYS F 114 -24.41 -5.77 -31.93
CA LYS F 114 -23.82 -4.51 -31.50
C LYS F 114 -22.68 -4.10 -32.41
N MET F 115 -21.91 -5.06 -32.89
CA MET F 115 -20.79 -4.74 -33.77
C MET F 115 -21.29 -4.06 -35.05
N THR F 116 -22.29 -4.66 -35.69
CA THR F 116 -22.80 -4.08 -36.93
C THR F 116 -23.53 -2.77 -36.68
N GLN F 117 -24.23 -2.65 -35.55
CA GLN F 117 -24.88 -1.38 -35.24
C GLN F 117 -23.85 -0.28 -35.05
N ILE F 118 -22.78 -0.58 -34.31
CA ILE F 118 -21.70 0.39 -34.12
C ILE F 118 -21.16 0.83 -35.47
N MET F 119 -20.76 -0.13 -36.31
CA MET F 119 -20.23 0.22 -37.62
C MET F 119 -21.18 1.16 -38.34
N PHE F 120 -22.40 0.71 -38.60
CA PHE F 120 -23.31 1.46 -39.46
C PHE F 120 -23.71 2.80 -38.87
N GLU F 121 -23.70 2.94 -37.54
CA GLU F 121 -24.14 4.20 -36.97
C GLU F 121 -22.98 5.16 -36.71
N THR F 122 -22.04 4.77 -35.88
CA THR F 122 -20.99 5.69 -35.49
C THR F 122 -19.78 5.65 -36.41
N PHE F 123 -19.84 4.93 -37.54
CA PHE F 123 -18.78 5.05 -38.52
C PHE F 123 -19.30 5.20 -39.95
N ASN F 124 -20.56 4.88 -40.19
CA ASN F 124 -21.19 5.09 -41.50
C ASN F 124 -20.42 4.38 -42.61
N VAL F 125 -20.07 3.13 -42.35
CA VAL F 125 -19.45 2.29 -43.38
C VAL F 125 -20.49 2.06 -44.47
N PRO F 126 -20.08 2.00 -45.74
CA PRO F 126 -21.07 1.71 -46.79
C PRO F 126 -21.65 0.32 -46.65
N ALA F 127 -20.83 -0.66 -46.26
CA ALA F 127 -21.30 -2.02 -46.04
C ALA F 127 -20.33 -2.70 -45.09
N MET F 128 -20.73 -3.85 -44.57
CA MET F 128 -19.89 -4.60 -43.66
C MET F 128 -20.25 -6.08 -43.76
N TYR F 129 -19.51 -6.89 -43.03
CA TYR F 129 -19.65 -8.34 -43.09
C TYR F 129 -18.83 -8.92 -41.94
N VAL F 130 -19.32 -10.01 -41.37
CA VAL F 130 -18.70 -10.63 -40.21
C VAL F 130 -18.41 -12.09 -40.55
N ALA F 131 -17.14 -12.42 -40.72
CA ALA F 131 -16.74 -13.76 -41.10
C ALA F 131 -16.36 -14.57 -39.86
N ILE F 132 -15.98 -15.83 -40.08
CA ILE F 132 -15.54 -16.72 -39.03
C ILE F 132 -14.05 -16.95 -39.22
N GLN F 133 -13.28 -16.85 -38.13
CA GLN F 133 -11.84 -16.85 -38.23
C GLN F 133 -11.30 -18.15 -38.84
N ALA F 134 -11.97 -19.26 -38.59
CA ALA F 134 -11.49 -20.54 -39.09
C ALA F 134 -11.61 -20.64 -40.60
N VAL F 135 -12.72 -20.16 -41.16
CA VAL F 135 -12.90 -20.20 -42.60
C VAL F 135 -11.82 -19.37 -43.29
N LEU F 136 -11.54 -18.18 -42.75
CA LEU F 136 -10.51 -17.34 -43.32
C LEU F 136 -9.15 -18.00 -43.21
N SER F 137 -8.88 -18.65 -42.09
CA SER F 137 -7.62 -19.37 -41.95
C SER F 137 -7.48 -20.43 -43.03
N LEU F 138 -8.58 -21.09 -43.36
CA LEU F 138 -8.53 -22.09 -44.43
C LEU F 138 -8.27 -21.45 -45.78
N TYR F 139 -8.93 -20.32 -46.06
CA TYR F 139 -8.64 -19.57 -47.28
C TYR F 139 -7.15 -19.29 -47.40
N ALA F 140 -6.56 -18.77 -46.34
CA ALA F 140 -5.14 -18.41 -46.38
C ALA F 140 -4.26 -19.64 -46.52
N SER F 141 -4.68 -20.78 -45.99
CA SER F 141 -3.88 -21.99 -46.13
C SER F 141 -3.93 -22.55 -47.54
N GLY F 142 -4.84 -22.08 -48.39
CA GLY F 142 -4.93 -22.57 -49.75
C GLY F 142 -5.53 -23.96 -49.82
N ARG F 143 -6.63 -24.17 -49.13
CA ARG F 143 -7.30 -25.46 -49.08
C ARG F 143 -8.80 -25.25 -49.12
N THR F 144 -9.52 -26.36 -49.27
CA THR F 144 -10.97 -26.35 -49.11
C THR F 144 -11.43 -27.44 -48.18
N THR F 145 -10.52 -28.19 -47.58
CA THR F 145 -10.85 -29.31 -46.71
C THR F 145 -9.82 -29.38 -45.61
N GLY F 146 -10.29 -29.41 -44.38
CA GLY F 146 -9.39 -29.55 -43.26
C GLY F 146 -10.06 -29.15 -41.97
N ILE F 147 -9.43 -29.51 -40.87
CA ILE F 147 -9.88 -29.14 -39.55
C ILE F 147 -8.87 -28.17 -38.98
N VAL F 148 -9.25 -26.94 -38.81
CA VAL F 148 -8.33 -25.92 -38.35
C VAL F 148 -8.36 -25.91 -36.83
N LEU F 149 -7.26 -25.43 -36.25
CA LEU F 149 -7.17 -25.23 -34.81
C LEU F 149 -6.70 -23.80 -34.61
N ASP F 150 -7.65 -22.88 -34.42
CA ASP F 150 -7.33 -21.49 -34.22
C ASP F 150 -7.21 -21.23 -32.73
N SER F 151 -6.08 -20.67 -32.31
CA SER F 151 -5.81 -20.45 -30.90
C SER F 151 -5.14 -19.08 -30.76
N GLY F 152 -5.93 -18.07 -30.45
CA GLY F 152 -5.39 -16.74 -30.33
C GLY F 152 -5.05 -16.36 -28.91
N ASP F 153 -5.58 -15.23 -28.46
CA ASP F 153 -5.36 -14.76 -27.11
C ASP F 153 -6.49 -15.08 -26.16
N GLY F 154 -7.69 -15.30 -26.67
CA GLY F 154 -8.83 -15.50 -25.79
C GLY F 154 -9.54 -16.84 -25.91
N VAL F 155 -9.52 -17.46 -27.08
CA VAL F 155 -10.36 -18.62 -27.31
C VAL F 155 -9.69 -19.54 -28.32
N THR F 156 -9.84 -20.84 -28.09
CA THR F 156 -9.32 -21.89 -28.97
C THR F 156 -10.49 -22.66 -29.53
N HIS F 157 -10.57 -22.81 -30.84
CA HIS F 157 -11.70 -23.48 -31.44
C HIS F 157 -11.29 -24.27 -32.67
N ASN F 158 -11.87 -25.46 -32.82
CA ASN F 158 -11.74 -26.28 -34.00
C ASN F 158 -12.96 -26.08 -34.88
N VAL F 159 -12.75 -26.05 -36.20
CA VAL F 159 -13.83 -26.03 -37.16
C VAL F 159 -13.48 -27.00 -38.28
N PRO F 160 -14.19 -28.10 -38.43
CA PRO F 160 -13.91 -29.00 -39.54
C PRO F 160 -14.66 -28.61 -40.81
N ILE F 161 -13.95 -28.47 -41.92
CA ILE F 161 -14.52 -28.10 -43.20
C ILE F 161 -14.24 -29.23 -44.17
N TYR F 162 -15.20 -29.49 -45.06
CA TYR F 162 -15.00 -30.47 -46.11
C TYR F 162 -15.59 -29.95 -47.41
N GLU F 163 -14.77 -29.87 -48.45
CA GLU F 163 -15.22 -29.41 -49.76
C GLU F 163 -15.91 -28.06 -49.68
N GLY F 164 -15.53 -27.25 -48.71
CA GLY F 164 -16.18 -25.98 -48.52
C GLY F 164 -17.48 -26.03 -47.75
N TYR F 165 -17.80 -27.16 -47.14
CA TYR F 165 -18.97 -27.29 -46.30
C TYR F 165 -18.54 -27.39 -44.85
N ALA F 166 -19.19 -26.64 -43.99
CA ALA F 166 -18.88 -26.66 -42.57
C ALA F 166 -19.72 -27.71 -41.86
N LEU F 167 -19.17 -28.26 -40.81
CA LEU F 167 -19.91 -29.21 -39.98
C LEU F 167 -20.22 -28.53 -38.66
N PRO F 168 -21.26 -27.70 -38.59
CA PRO F 168 -21.45 -26.87 -37.39
C PRO F 168 -21.75 -27.66 -36.15
N HIS F 169 -22.18 -28.91 -36.26
CA HIS F 169 -22.40 -29.71 -35.08
C HIS F 169 -21.12 -30.27 -34.51
N ALA F 170 -20.00 -30.15 -35.22
CA ALA F 170 -18.72 -30.66 -34.77
C ALA F 170 -17.77 -29.54 -34.37
N ILE F 171 -18.21 -28.28 -34.44
CA ILE F 171 -17.40 -27.18 -33.97
C ILE F 171 -17.25 -27.28 -32.46
N MET F 172 -16.01 -27.26 -31.98
CA MET F 172 -15.72 -27.35 -30.56
C MET F 172 -14.95 -26.12 -30.14
N ARG F 173 -15.48 -25.38 -29.19
CA ARG F 173 -14.89 -24.14 -28.72
C ARG F 173 -14.36 -24.33 -27.32
N LEU F 174 -13.14 -23.92 -27.09
CA LEU F 174 -12.47 -24.06 -25.81
C LEU F 174 -12.02 -22.68 -25.35
N ASP F 175 -11.96 -22.49 -24.03
CA ASP F 175 -11.71 -21.16 -23.51
C ASP F 175 -10.43 -21.07 -22.67
N LEU F 176 -9.34 -21.62 -23.17
CA LEU F 176 -8.02 -21.26 -22.67
C LEU F 176 -7.15 -20.96 -23.88
N ALA F 177 -6.41 -19.88 -23.79
CA ALA F 177 -5.64 -19.37 -24.92
C ALA F 177 -4.42 -18.65 -24.34
N GLY F 178 -3.83 -17.77 -25.13
CA GLY F 178 -2.63 -17.08 -24.70
C GLY F 178 -2.74 -16.43 -23.34
N ARG F 179 -3.89 -15.83 -23.04
CA ARG F 179 -3.98 -15.08 -21.79
C ARG F 179 -3.96 -15.98 -20.58
N ASP F 180 -4.59 -17.16 -20.65
CA ASP F 180 -4.55 -18.06 -19.52
C ASP F 180 -3.16 -18.66 -19.34
N LEU F 181 -2.42 -18.81 -20.43
CA LEU F 181 -1.04 -19.25 -20.28
C LEU F 181 -0.18 -18.16 -19.66
N THR F 182 -0.44 -16.91 -20.03
CA THR F 182 0.27 -15.80 -19.40
C THR F 182 0.00 -15.76 -17.90
N ASP F 183 -1.25 -15.96 -17.51
CA ASP F 183 -1.57 -15.95 -16.09
C ASP F 183 -0.95 -17.15 -15.37
N TYR F 184 -0.99 -18.32 -15.99
CA TYR F 184 -0.37 -19.48 -15.37
C TYR F 184 1.13 -19.28 -15.21
N LEU F 185 1.76 -18.62 -16.16
CA LEU F 185 3.18 -18.35 -16.04
C LEU F 185 3.46 -17.32 -14.95
N MET F 186 2.62 -16.28 -14.86
CA MET F 186 2.74 -15.34 -13.75
C MET F 186 2.64 -16.03 -12.42
N LYS F 187 1.84 -17.09 -12.33
CA LYS F 187 1.71 -17.82 -11.08
C LYS F 187 2.90 -18.74 -10.84
N ILE F 188 3.37 -19.42 -11.89
CA ILE F 188 4.45 -20.38 -11.73
C ILE F 188 5.77 -19.66 -11.45
N LEU F 189 5.91 -18.43 -11.90
CA LEU F 189 7.16 -17.71 -11.66
C LEU F 189 7.33 -17.32 -10.20
N THR F 190 6.25 -17.27 -9.42
CA THR F 190 6.39 -16.94 -8.01
C THR F 190 7.12 -18.03 -7.25
N GLU F 191 6.99 -19.28 -7.68
CA GLU F 191 7.66 -20.35 -6.95
C GLU F 191 9.15 -20.34 -7.15
N ARG F 192 9.68 -19.41 -7.93
CA ARG F 192 11.11 -19.23 -8.07
C ARG F 192 11.60 -17.93 -7.46
N GLY F 193 10.68 -17.06 -7.03
CA GLY F 193 11.02 -15.84 -6.34
C GLY F 193 10.48 -14.58 -6.97
N TYR F 194 10.23 -14.59 -8.27
CA TYR F 194 9.83 -13.38 -8.97
C TYR F 194 8.34 -13.13 -8.81
N SER F 195 7.97 -11.86 -8.67
CA SER F 195 6.59 -11.48 -8.39
C SER F 195 6.13 -10.42 -9.39
N PHE F 196 5.17 -10.78 -10.22
CA PHE F 196 4.56 -9.86 -11.18
C PHE F 196 3.08 -9.80 -10.90
N VAL F 197 2.57 -8.61 -10.54
CA VAL F 197 1.18 -8.50 -10.14
C VAL F 197 0.46 -7.40 -10.92
N THR F 198 1.22 -6.43 -11.41
CA THR F 198 0.64 -5.31 -12.13
C THR F 198 0.27 -5.74 -13.54
N THR F 199 -0.56 -4.93 -14.20
CA THR F 199 -0.87 -5.19 -15.60
C THR F 199 0.36 -5.01 -16.49
N ALA F 200 1.15 -3.96 -16.24
CA ALA F 200 2.42 -3.79 -16.92
C ALA F 200 3.29 -5.02 -16.74
N GLU F 201 3.35 -5.55 -15.53
CA GLU F 201 4.12 -6.75 -15.31
C GLU F 201 3.53 -7.94 -16.05
N ARG F 202 2.22 -7.93 -16.27
CA ARG F 202 1.63 -8.98 -17.11
C ARG F 202 2.12 -8.86 -18.54
N GLU F 203 2.32 -7.64 -19.04
CA GLU F 203 2.89 -7.49 -20.37
C GLU F 203 4.32 -8.01 -20.42
N ILE F 204 5.09 -7.72 -19.38
CA ILE F 204 6.45 -8.26 -19.30
C ILE F 204 6.43 -9.78 -19.33
N VAL F 205 5.51 -10.39 -18.60
CA VAL F 205 5.44 -11.85 -18.56
C VAL F 205 5.00 -12.41 -19.90
N ARG F 206 4.11 -11.71 -20.60
CA ARG F 206 3.74 -12.13 -21.93
C ARG F 206 4.95 -12.16 -22.84
N ASP F 207 5.83 -11.16 -22.71
CA ASP F 207 7.03 -11.18 -23.54
C ASP F 207 7.97 -12.32 -23.17
N ILE F 208 8.11 -12.59 -21.88
CA ILE F 208 8.89 -13.75 -21.46
C ILE F 208 8.33 -15.02 -22.09
N LYS F 209 7.01 -15.15 -22.09
CA LYS F 209 6.36 -16.33 -22.66
C LYS F 209 6.64 -16.44 -24.15
N GLU F 210 6.55 -15.32 -24.87
CA GLU F 210 6.81 -15.35 -26.30
C GLU F 210 8.26 -15.63 -26.63
N LYS F 211 9.19 -15.39 -25.70
CA LYS F 211 10.60 -15.59 -26.04
C LYS F 211 11.18 -16.90 -25.55
N LEU F 212 10.81 -17.40 -24.38
CA LEU F 212 11.55 -18.50 -23.78
C LEU F 212 10.79 -19.81 -23.68
N CYS F 213 9.52 -19.85 -24.06
CA CYS F 213 8.69 -21.02 -23.80
C CYS F 213 8.58 -21.90 -25.04
N TYR F 214 8.54 -23.21 -24.81
CA TYR F 214 8.41 -24.18 -25.88
C TYR F 214 7.63 -25.38 -25.36
N VAL F 215 7.20 -26.23 -26.28
CA VAL F 215 6.40 -27.40 -25.95
C VAL F 215 7.29 -28.63 -25.93
N ALA F 216 7.31 -29.32 -24.80
CA ALA F 216 8.13 -30.53 -24.69
C ALA F 216 7.48 -31.67 -25.46
N LEU F 217 8.32 -32.43 -26.18
CA LEU F 217 7.79 -33.56 -26.94
C LEU F 217 7.25 -34.64 -26.01
N ASP F 218 7.97 -34.93 -24.93
CA ASP F 218 7.53 -35.88 -23.91
C ASP F 218 7.69 -35.19 -22.57
N PHE F 219 6.56 -34.84 -21.95
CA PHE F 219 6.59 -33.96 -20.79
C PHE F 219 7.35 -34.58 -19.62
N GLU F 220 7.16 -35.88 -19.39
CA GLU F 220 7.67 -36.50 -18.17
C GLU F 220 9.20 -36.57 -18.17
N ASN F 221 9.80 -37.15 -19.21
CA ASN F 221 11.25 -37.23 -19.19
C ASN F 221 11.89 -35.88 -19.44
N GLU F 222 11.20 -34.95 -20.11
CA GLU F 222 11.69 -33.57 -20.16
C GLU F 222 11.77 -32.98 -18.76
N MET F 223 10.75 -33.24 -17.94
CA MET F 223 10.77 -32.79 -16.55
C MET F 223 11.94 -33.40 -15.79
N ALA F 224 12.12 -34.71 -15.96
CA ALA F 224 13.22 -35.38 -15.27
C ALA F 224 14.57 -34.86 -15.73
N THR F 225 14.69 -34.53 -17.01
CA THR F 225 15.95 -33.99 -17.53
C THR F 225 16.21 -32.60 -16.99
N ALA F 226 15.20 -31.74 -16.96
CA ALA F 226 15.37 -30.42 -16.36
C ALA F 226 15.74 -30.54 -14.89
N ALA F 227 15.25 -31.57 -14.21
CA ALA F 227 15.65 -31.76 -12.82
C ALA F 227 17.09 -32.26 -12.70
N SER F 228 17.53 -33.10 -13.64
CA SER F 228 18.87 -33.69 -13.54
C SER F 228 19.95 -32.66 -13.82
N SER F 229 19.98 -32.13 -15.03
CA SER F 229 20.99 -31.15 -15.41
C SER F 229 20.40 -29.74 -15.27
N SER F 230 21.13 -28.75 -15.76
CA SER F 230 20.66 -27.37 -15.78
C SER F 230 20.95 -26.75 -17.13
N SER F 231 20.81 -27.54 -18.19
CA SER F 231 21.04 -27.08 -19.55
C SER F 231 19.81 -26.46 -20.19
N LEU F 232 18.64 -26.60 -19.56
CA LEU F 232 17.41 -26.02 -20.06
C LEU F 232 17.18 -24.60 -19.56
N GLU F 233 18.05 -24.08 -18.72
CA GLU F 233 17.84 -22.77 -18.13
C GLU F 233 18.30 -21.67 -19.07
N LYS F 234 17.40 -20.75 -19.37
CA LYS F 234 17.74 -19.54 -20.10
C LYS F 234 17.59 -18.35 -19.16
N SER F 235 18.15 -17.23 -19.57
CA SER F 235 18.10 -16.02 -18.78
C SER F 235 17.38 -14.93 -19.55
N TYR F 236 16.66 -14.09 -18.83
CA TYR F 236 15.92 -12.98 -19.41
C TYR F 236 16.20 -11.75 -18.59
N GLU F 237 16.19 -10.59 -19.24
CA GLU F 237 16.55 -9.34 -18.58
C GLU F 237 15.35 -8.41 -18.61
N LEU F 238 14.74 -8.19 -17.45
CA LEU F 238 13.62 -7.27 -17.28
C LEU F 238 14.04 -5.87 -17.72
N PRO F 239 13.11 -4.96 -17.95
CA PRO F 239 13.54 -3.65 -18.45
C PRO F 239 14.02 -2.71 -17.36
N ASP F 240 14.74 -3.25 -16.37
CA ASP F 240 15.51 -2.44 -15.44
C ASP F 240 16.79 -3.13 -15.02
N GLY F 241 17.34 -3.99 -15.87
CA GLY F 241 18.33 -4.93 -15.40
C GLY F 241 17.61 -6.14 -14.80
N GLN F 242 18.12 -6.61 -13.67
CA GLN F 242 17.43 -7.64 -12.89
C GLN F 242 17.20 -8.90 -13.73
N VAL F 243 18.31 -9.52 -14.10
CA VAL F 243 18.24 -10.77 -14.86
C VAL F 243 17.51 -11.83 -14.06
N ILE F 244 16.59 -12.53 -14.72
CA ILE F 244 15.90 -13.68 -14.14
C ILE F 244 16.21 -14.89 -15.00
N THR F 245 16.20 -16.07 -14.38
CA THR F 245 16.45 -17.31 -15.09
C THR F 245 15.32 -18.28 -14.78
N ILE F 246 14.83 -18.97 -15.80
CA ILE F 246 13.75 -19.92 -15.63
C ILE F 246 14.18 -21.28 -16.16
N GLY F 247 13.66 -22.33 -15.56
CA GLY F 247 14.06 -23.69 -15.88
C GLY F 247 12.96 -24.49 -16.55
N ASN F 248 12.26 -25.31 -15.79
CA ASN F 248 11.19 -26.12 -16.36
C ASN F 248 9.91 -25.32 -16.61
N GLU F 249 9.84 -24.08 -16.13
CA GLU F 249 8.69 -23.25 -16.45
C GLU F 249 8.55 -23.06 -17.95
N ARG F 250 9.68 -23.10 -18.66
CA ARG F 250 9.68 -22.86 -20.10
C ARG F 250 8.70 -23.77 -20.83
N PHE F 251 8.65 -25.03 -20.44
CA PHE F 251 7.71 -25.95 -21.06
C PHE F 251 6.54 -26.30 -20.16
N ARG F 252 6.59 -25.95 -18.88
CA ARG F 252 5.41 -26.13 -18.04
C ARG F 252 4.33 -25.12 -18.37
N CYS F 253 4.68 -23.97 -18.96
CA CYS F 253 3.65 -23.01 -19.32
C CYS F 253 2.78 -23.49 -20.48
N PRO F 254 3.33 -23.79 -21.66
CA PRO F 254 2.45 -24.19 -22.77
C PRO F 254 1.93 -25.61 -22.65
N GLU F 255 2.46 -26.41 -21.73
CA GLU F 255 1.91 -27.74 -21.50
C GLU F 255 0.48 -27.69 -21.03
N THR F 256 0.04 -26.56 -20.49
CA THR F 256 -1.35 -26.40 -20.09
C THR F 256 -2.30 -26.61 -21.25
N LEU F 257 -1.88 -26.33 -22.48
CA LEU F 257 -2.72 -26.58 -23.63
C LEU F 257 -3.03 -28.05 -23.80
N PHE F 258 -2.16 -28.93 -23.31
CA PHE F 258 -2.36 -30.36 -23.44
C PHE F 258 -2.84 -31.02 -22.16
N GLN F 259 -2.78 -30.31 -21.04
CA GLN F 259 -3.33 -30.79 -19.77
C GLN F 259 -4.00 -29.61 -19.09
N PRO F 260 -5.18 -29.23 -19.52
CA PRO F 260 -5.81 -28.02 -18.97
C PRO F 260 -6.18 -28.15 -17.50
N SER F 261 -5.86 -29.28 -16.87
CA SER F 261 -6.08 -29.41 -15.45
C SER F 261 -5.08 -28.59 -14.64
N PHE F 262 -3.98 -28.17 -15.26
CA PHE F 262 -2.99 -27.36 -14.53
C PHE F 262 -3.58 -26.06 -14.05
N ILE F 263 -4.55 -25.51 -14.76
CA ILE F 263 -5.25 -24.30 -14.34
C ILE F 263 -6.64 -24.63 -13.83
N GLY F 264 -6.87 -25.88 -13.44
CA GLY F 264 -8.13 -26.25 -12.83
C GLY F 264 -9.31 -26.28 -13.77
N MET F 265 -9.09 -26.60 -15.04
CA MET F 265 -10.17 -26.77 -15.99
C MET F 265 -10.41 -28.25 -16.22
N GLU F 266 -11.66 -28.61 -16.48
CA GLU F 266 -12.02 -30.00 -16.67
C GLU F 266 -11.98 -30.43 -18.12
N SER F 267 -11.70 -29.51 -19.05
CA SER F 267 -11.69 -29.85 -20.45
C SER F 267 -10.54 -30.80 -20.77
N ALA F 268 -10.44 -31.18 -22.03
CA ALA F 268 -9.34 -31.99 -22.51
C ALA F 268 -8.36 -31.14 -23.30
N GLY F 269 -7.17 -31.67 -23.50
CA GLY F 269 -6.16 -30.96 -24.25
C GLY F 269 -6.60 -30.70 -25.68
N ILE F 270 -5.82 -29.85 -26.36
CA ILE F 270 -6.20 -29.48 -27.72
C ILE F 270 -6.13 -30.67 -28.65
N HIS F 271 -5.20 -31.60 -28.41
CA HIS F 271 -5.13 -32.80 -29.23
C HIS F 271 -6.40 -33.63 -29.08
N GLU F 272 -6.89 -33.76 -27.86
CA GLU F 272 -8.06 -34.61 -27.64
C GLU F 272 -9.32 -33.95 -28.18
N THR F 273 -9.45 -32.63 -28.06
CA THR F 273 -10.62 -31.99 -28.65
C THR F 273 -10.57 -32.00 -30.16
N THR F 274 -9.37 -31.93 -30.74
CA THR F 274 -9.26 -32.08 -32.19
C THR F 274 -9.70 -33.46 -32.62
N TYR F 275 -9.23 -34.49 -31.93
CA TYR F 275 -9.62 -35.85 -32.26
C TYR F 275 -11.13 -36.05 -32.08
N ASN F 276 -11.71 -35.46 -31.04
CA ASN F 276 -13.15 -35.60 -30.84
C ASN F 276 -13.93 -34.91 -31.93
N SER F 277 -13.53 -33.70 -32.31
CA SER F 277 -14.20 -33.01 -33.39
C SER F 277 -14.08 -33.78 -34.69
N ILE F 278 -12.97 -34.49 -34.90
CA ILE F 278 -12.87 -35.33 -36.08
C ILE F 278 -13.83 -36.50 -35.99
N MET F 279 -13.83 -37.20 -34.85
CA MET F 279 -14.66 -38.37 -34.67
C MET F 279 -16.14 -38.03 -34.59
N LYS F 280 -16.46 -36.75 -34.57
CA LYS F 280 -17.86 -36.31 -34.63
C LYS F 280 -18.33 -36.08 -36.05
N CYS F 281 -17.47 -36.26 -37.04
CA CYS F 281 -17.85 -36.06 -38.44
C CYS F 281 -18.12 -37.40 -39.10
N ASP F 282 -18.73 -37.33 -40.28
CA ASP F 282 -19.11 -38.54 -41.00
C ASP F 282 -17.89 -39.37 -41.33
N ILE F 283 -18.07 -40.70 -41.32
CA ILE F 283 -16.94 -41.61 -41.38
C ILE F 283 -16.17 -41.51 -42.68
N ASP F 284 -16.74 -40.87 -43.70
CA ASP F 284 -16.07 -40.82 -44.99
C ASP F 284 -15.10 -39.68 -45.11
N ILE F 285 -15.36 -38.55 -44.45
CA ILE F 285 -14.49 -37.39 -44.60
C ILE F 285 -13.37 -37.34 -43.57
N ARG F 286 -13.40 -38.20 -42.57
CA ARG F 286 -12.42 -38.03 -41.49
C ARG F 286 -11.04 -38.51 -41.88
N LYS F 287 -10.93 -39.38 -42.88
CA LYS F 287 -9.60 -39.73 -43.37
C LYS F 287 -8.93 -38.54 -44.04
N ASP F 288 -9.71 -37.68 -44.70
CA ASP F 288 -9.16 -36.47 -45.29
C ASP F 288 -9.00 -35.36 -44.27
N LEU F 289 -9.78 -35.38 -43.19
CA LEU F 289 -9.55 -34.44 -42.10
C LEU F 289 -8.27 -34.77 -41.36
N TYR F 290 -7.96 -36.04 -41.20
CA TYR F 290 -6.75 -36.42 -40.45
C TYR F 290 -5.49 -35.84 -41.06
N ALA F 291 -5.49 -35.60 -42.37
CA ALA F 291 -4.29 -35.17 -43.07
C ALA F 291 -4.31 -33.69 -43.42
N ASN F 292 -5.20 -32.92 -42.80
CA ASN F 292 -5.29 -31.49 -43.08
C ASN F 292 -5.53 -30.70 -41.81
N ASN F 293 -4.80 -31.02 -40.75
CA ASN F 293 -4.86 -30.21 -39.54
C ASN F 293 -4.12 -28.91 -39.79
N VAL F 294 -4.85 -27.80 -39.77
CA VAL F 294 -4.30 -26.49 -40.08
C VAL F 294 -4.21 -25.70 -38.78
N LEU F 295 -2.99 -25.41 -38.34
CA LEU F 295 -2.78 -24.64 -37.14
C LEU F 295 -2.82 -23.14 -37.46
N SER F 296 -3.40 -22.36 -36.54
CA SER F 296 -3.53 -20.94 -36.77
C SER F 296 -3.47 -20.21 -35.44
N GLY F 297 -3.24 -18.91 -35.52
CA GLY F 297 -3.23 -18.06 -34.35
C GLY F 297 -1.88 -17.99 -33.66
N GLY F 298 -1.78 -17.04 -32.73
CA GLY F 298 -0.51 -16.81 -32.07
C GLY F 298 -0.12 -17.91 -31.11
N THR F 299 -1.10 -18.46 -30.38
CA THR F 299 -0.79 -19.45 -29.37
C THR F 299 -0.27 -20.76 -29.96
N THR F 300 -0.40 -20.96 -31.26
CA THR F 300 0.15 -22.13 -31.93
C THR F 300 1.57 -21.88 -32.43
N MET F 301 2.26 -20.89 -31.90
CA MET F 301 3.57 -20.51 -32.39
C MET F 301 4.72 -21.05 -31.55
N TYR F 302 4.43 -21.83 -30.51
CA TYR F 302 5.50 -22.36 -29.69
C TYR F 302 6.37 -23.31 -30.49
N PRO F 303 7.67 -23.34 -30.22
CA PRO F 303 8.52 -24.35 -30.83
C PRO F 303 8.13 -25.74 -30.38
N GLY F 304 7.97 -26.65 -31.33
CA GLY F 304 7.67 -28.02 -31.03
C GLY F 304 6.21 -28.33 -30.80
N ILE F 305 5.31 -27.41 -31.14
CA ILE F 305 3.90 -27.70 -30.93
C ILE F 305 3.35 -28.60 -32.01
N ALA F 306 3.84 -28.46 -33.25
CA ALA F 306 3.39 -29.34 -34.31
C ALA F 306 3.83 -30.77 -34.07
N ASP F 307 5.05 -30.96 -33.57
CA ASP F 307 5.53 -32.31 -33.31
C ASP F 307 4.73 -32.98 -32.21
N ARG F 308 4.49 -32.26 -31.10
CA ARG F 308 3.71 -32.84 -30.02
C ARG F 308 2.29 -33.12 -30.47
N MET F 309 1.70 -32.21 -31.25
CA MET F 309 0.34 -32.43 -31.73
C MET F 309 0.28 -33.66 -32.61
N GLN F 310 1.23 -33.82 -33.53
CA GLN F 310 1.23 -34.99 -34.38
C GLN F 310 1.42 -36.27 -33.59
N LYS F 311 2.33 -36.27 -32.63
CA LYS F 311 2.53 -37.44 -31.80
C LYS F 311 1.26 -37.83 -31.07
N GLU F 312 0.57 -36.85 -30.48
CA GLU F 312 -0.62 -37.15 -29.69
C GLU F 312 -1.75 -37.65 -30.57
N ILE F 313 -2.02 -36.96 -31.68
CA ILE F 313 -3.11 -37.40 -32.54
C ILE F 313 -2.79 -38.75 -33.17
N THR F 314 -1.53 -39.02 -33.49
CA THR F 314 -1.15 -40.33 -33.99
C THR F 314 -1.42 -41.40 -32.96
N ALA F 315 -1.07 -41.13 -31.70
CA ALA F 315 -1.34 -42.11 -30.65
C ALA F 315 -2.84 -42.31 -30.46
N LEU F 316 -3.65 -41.32 -30.81
CA LEU F 316 -5.09 -41.46 -30.63
C LEU F 316 -5.80 -42.11 -31.82
N ALA F 317 -5.44 -41.73 -33.03
CA ALA F 317 -6.13 -42.18 -34.23
C ALA F 317 -5.74 -43.62 -34.57
N PRO F 318 -6.46 -44.26 -35.49
CA PRO F 318 -6.05 -45.60 -35.94
C PRO F 318 -4.64 -45.59 -36.54
N SER F 319 -4.01 -46.74 -36.50
CA SER F 319 -2.59 -46.85 -36.84
C SER F 319 -2.35 -46.96 -38.33
N THR F 320 -3.30 -46.58 -39.16
CA THR F 320 -3.14 -46.65 -40.61
C THR F 320 -3.22 -45.30 -41.28
N MET F 321 -4.02 -44.38 -40.75
CA MET F 321 -4.23 -43.10 -41.41
C MET F 321 -3.05 -42.18 -41.17
N LYS F 322 -2.84 -41.27 -42.10
CA LYS F 322 -1.68 -40.40 -42.12
C LYS F 322 -2.03 -39.05 -41.50
N ILE F 323 -1.44 -38.76 -40.36
CA ILE F 323 -1.66 -37.50 -39.67
C ILE F 323 -0.67 -36.48 -40.19
N LYS F 324 -1.18 -35.35 -40.68
CA LYS F 324 -0.33 -34.25 -41.13
C LYS F 324 -0.77 -32.99 -40.43
N ILE F 325 0.14 -32.36 -39.69
CA ILE F 325 -0.11 -31.08 -39.08
C ILE F 325 0.48 -30.01 -39.96
N ILE F 326 -0.35 -29.14 -40.50
CA ILE F 326 0.10 -28.08 -41.39
C ILE F 326 0.25 -26.82 -40.56
N ALA F 327 1.48 -26.43 -40.28
CA ALA F 327 1.79 -25.25 -39.49
C ALA F 327 2.62 -24.33 -40.37
N PRO F 328 1.99 -23.38 -41.05
CA PRO F 328 2.75 -22.43 -41.87
C PRO F 328 3.69 -21.61 -41.01
N PRO F 329 4.73 -21.04 -41.61
CA PRO F 329 5.64 -20.19 -40.83
C PRO F 329 5.05 -18.84 -40.47
N GLU F 330 3.99 -18.40 -41.15
CA GLU F 330 3.34 -17.13 -40.86
C GLU F 330 1.94 -17.32 -40.29
N ARG F 331 1.72 -18.46 -39.63
CA ARG F 331 0.39 -18.84 -39.19
C ARG F 331 -0.23 -17.81 -38.25
N LYS F 332 0.53 -16.84 -37.78
CA LYS F 332 0.00 -15.86 -36.85
C LYS F 332 -0.93 -14.86 -37.53
N TYR F 333 -0.85 -14.73 -38.85
CA TYR F 333 -1.66 -13.77 -39.58
C TYR F 333 -2.56 -14.44 -40.61
N SER F 334 -2.82 -15.74 -40.44
CA SER F 334 -3.61 -16.47 -41.42
C SER F 334 -5.03 -15.93 -41.50
N VAL F 335 -5.61 -15.58 -40.37
CA VAL F 335 -6.98 -15.06 -40.39
C VAL F 335 -7.05 -13.79 -41.21
N TRP F 336 -6.10 -12.89 -41.02
CA TRP F 336 -6.13 -11.65 -41.78
C TRP F 336 -5.85 -11.90 -43.25
N ILE F 337 -4.88 -12.76 -43.55
CA ILE F 337 -4.55 -13.04 -44.95
C ILE F 337 -5.77 -13.61 -45.67
N GLY F 338 -6.42 -14.59 -45.04
CA GLY F 338 -7.63 -15.14 -45.62
C GLY F 338 -8.73 -14.13 -45.74
N GLY F 339 -8.83 -13.21 -44.79
CA GLY F 339 -9.83 -12.17 -44.89
C GLY F 339 -9.61 -11.26 -46.08
N SER F 340 -8.35 -10.93 -46.35
CA SER F 340 -8.06 -10.10 -47.51
C SER F 340 -8.36 -10.85 -48.80
N ILE F 341 -7.96 -12.12 -48.87
CA ILE F 341 -8.27 -12.92 -50.05
C ILE F 341 -9.77 -12.96 -50.28
N LEU F 342 -10.53 -13.17 -49.20
CA LEU F 342 -11.99 -13.27 -49.34
C LEU F 342 -12.59 -11.95 -49.79
N ALA F 343 -12.26 -10.86 -49.10
CA ALA F 343 -12.81 -9.56 -49.47
C ALA F 343 -12.35 -9.09 -50.85
N SER F 344 -11.32 -9.72 -51.42
CA SER F 344 -10.89 -9.36 -52.76
C SER F 344 -11.59 -10.16 -53.85
N LEU F 345 -12.36 -11.18 -53.50
CA LEU F 345 -12.99 -12.01 -54.52
C LEU F 345 -14.09 -11.25 -55.24
N SER F 346 -14.23 -11.53 -56.53
CA SER F 346 -15.27 -10.86 -57.31
C SER F 346 -16.65 -11.37 -56.91
N THR F 347 -16.81 -12.69 -56.82
CA THR F 347 -18.09 -13.27 -56.46
C THR F 347 -18.52 -12.97 -55.03
N PHE F 348 -17.67 -12.32 -54.24
CA PHE F 348 -18.04 -11.97 -52.88
C PHE F 348 -18.76 -10.64 -52.78
N GLN F 349 -18.64 -9.79 -53.80
CA GLN F 349 -19.16 -8.43 -53.73
C GLN F 349 -20.67 -8.37 -53.62
N GLN F 350 -21.36 -9.50 -53.62
CA GLN F 350 -22.79 -9.51 -53.39
C GLN F 350 -23.16 -9.88 -51.96
N MET F 351 -22.20 -10.31 -51.16
CA MET F 351 -22.46 -10.76 -49.80
C MET F 351 -22.38 -9.65 -48.77
N TRP F 352 -21.88 -8.47 -49.13
CA TRP F 352 -21.85 -7.36 -48.18
C TRP F 352 -23.24 -7.03 -47.69
N ILE F 353 -23.32 -6.51 -46.47
CA ILE F 353 -24.58 -6.04 -45.90
C ILE F 353 -24.63 -4.55 -46.20
N SER F 354 -25.29 -4.19 -47.30
CA SER F 354 -25.35 -2.79 -47.68
C SER F 354 -26.10 -2.00 -46.62
N LYS F 355 -25.82 -0.70 -46.56
CA LYS F 355 -26.43 0.14 -45.53
C LYS F 355 -27.94 0.17 -45.66
N GLN F 356 -28.45 0.03 -46.88
CA GLN F 356 -29.89 0.06 -47.08
C GLN F 356 -30.56 -1.17 -46.45
N GLU F 357 -29.92 -2.33 -46.57
CA GLU F 357 -30.47 -3.53 -45.94
C GLU F 357 -30.56 -3.36 -44.43
N TYR F 358 -29.54 -2.76 -43.83
CA TYR F 358 -29.60 -2.49 -42.40
C TYR F 358 -30.70 -1.49 -42.08
N ASP F 359 -30.82 -0.43 -42.88
CA ASP F 359 -31.86 0.56 -42.64
C ASP F 359 -33.24 -0.05 -42.71
N GLU F 360 -33.40 -1.11 -43.51
CA GLU F 360 -34.70 -1.75 -43.58
C GLU F 360 -34.93 -2.80 -42.49
N ALA F 361 -33.89 -3.53 -42.09
CA ALA F 361 -34.09 -4.71 -41.27
C ALA F 361 -33.61 -4.58 -39.83
N GLY F 362 -32.99 -3.47 -39.45
CA GLY F 362 -32.45 -3.35 -38.12
C GLY F 362 -31.14 -4.10 -38.00
N PRO F 363 -30.54 -4.09 -36.81
CA PRO F 363 -29.28 -4.82 -36.62
C PRO F 363 -29.42 -6.32 -36.70
N SER F 364 -30.64 -6.86 -36.73
CA SER F 364 -30.82 -8.30 -36.79
C SER F 364 -30.49 -8.88 -38.15
N ILE F 365 -30.20 -8.05 -39.14
CA ILE F 365 -29.91 -8.55 -40.49
C ILE F 365 -28.64 -9.40 -40.48
N VAL F 366 -27.76 -9.18 -39.50
CA VAL F 366 -26.40 -9.72 -39.60
C VAL F 366 -26.42 -11.24 -39.60
N HIS F 367 -26.98 -11.85 -38.55
CA HIS F 367 -27.05 -13.30 -38.53
C HIS F 367 -28.24 -13.83 -39.32
N ARG F 368 -29.00 -12.95 -39.94
CA ARG F 368 -30.17 -13.39 -40.69
C ARG F 368 -29.78 -13.99 -42.02
N LYS F 369 -28.83 -13.37 -42.71
CA LYS F 369 -28.49 -13.81 -44.06
C LYS F 369 -26.99 -13.85 -44.26
N CYS F 370 -26.23 -13.31 -43.32
CA CYS F 370 -24.84 -13.03 -43.59
C CYS F 370 -23.93 -13.46 -42.44
N GLN G 1 81.39 126.75 63.29
CA GLN G 1 80.37 126.54 64.31
C GLN G 1 79.24 125.67 63.75
N LEU G 2 78.02 126.20 63.91
CA LEU G 2 76.86 125.58 63.28
C LEU G 2 77.07 125.43 61.78
N VAL G 3 77.83 126.34 61.17
CA VAL G 3 78.16 126.22 59.76
C VAL G 3 78.96 124.95 59.50
N GLU G 4 79.94 124.65 60.35
CA GLU G 4 80.72 123.44 60.17
C GLU G 4 79.90 122.20 60.48
N GLU G 5 78.93 122.31 61.39
CA GLU G 5 77.97 121.23 61.58
C GLU G 5 77.19 120.97 60.29
N GLU G 6 76.72 122.04 59.64
CA GLU G 6 76.09 121.90 58.33
C GLU G 6 77.02 121.25 57.32
N LEU G 7 78.30 121.60 57.37
CA LEU G 7 79.28 120.96 56.49
C LEU G 7 79.31 119.45 56.73
N ASP G 8 79.35 119.05 58.00
CA ASP G 8 79.37 117.62 58.32
C ASP G 8 78.10 116.93 57.84
N ARG G 9 76.96 117.59 57.99
CA ARG G 9 75.71 117.02 57.48
C ARG G 9 75.76 116.85 55.97
N ALA G 10 76.24 117.86 55.25
CA ALA G 10 76.35 117.77 53.80
C ALA G 10 77.30 116.64 53.41
N GLN G 11 78.42 116.50 54.11
CA GLN G 11 79.39 115.48 53.73
C GLN G 11 78.89 114.08 54.06
N GLU G 12 78.06 113.95 55.10
CA GLU G 12 77.51 112.62 55.40
C GLU G 12 76.44 112.25 54.38
N ARG G 13 75.64 113.22 53.94
CA ARG G 13 74.78 112.95 52.79
C ARG G 13 75.60 112.56 51.57
N LEU G 14 76.74 113.21 51.37
CA LEU G 14 77.63 112.86 50.27
C LEU G 14 78.07 111.41 50.37
N ALA G 15 78.53 110.99 51.56
CA ALA G 15 79.00 109.62 51.74
C ALA G 15 77.88 108.62 51.51
N THR G 16 76.68 108.93 51.99
CA THR G 16 75.52 108.07 51.73
C THR G 16 75.29 107.94 50.23
N ALA G 17 75.37 109.06 49.51
CA ALA G 17 75.22 109.03 48.06
C ALA G 17 76.33 108.22 47.39
N LEU G 18 77.54 108.25 47.95
CA LEU G 18 78.63 107.45 47.37
C LEU G 18 78.34 105.96 47.51
N GLN G 19 77.92 105.54 48.70
CA GLN G 19 77.53 104.14 48.87
C GLN G 19 76.42 103.77 47.89
N LYS G 20 75.43 104.65 47.75
CA LYS G 20 74.33 104.38 46.83
C LYS G 20 74.83 104.22 45.39
N LEU G 21 75.73 105.11 44.96
CA LEU G 21 76.21 105.04 43.57
C LEU G 21 77.01 103.78 43.34
N GLU G 22 77.79 103.36 44.33
CA GLU G 22 78.53 102.10 44.19
C GLU G 22 77.57 100.93 44.00
N GLU G 23 76.53 100.86 44.84
CA GLU G 23 75.53 99.81 44.69
C GLU G 23 74.88 99.85 43.30
N ALA G 24 74.54 101.06 42.84
CA ALA G 24 73.86 101.19 41.56
C ALA G 24 74.74 100.77 40.40
N GLU G 25 76.03 101.12 40.46
CA GLU G 25 76.96 100.72 39.42
C GLU G 25 77.08 99.21 39.36
N LYS G 26 77.26 98.57 40.52
CA LYS G 26 77.35 97.11 40.55
C LYS G 26 76.10 96.49 39.95
N ALA G 27 74.93 96.97 40.36
CA ALA G 27 73.67 96.42 39.86
C ALA G 27 73.58 96.55 38.34
N ALA G 28 73.86 97.76 37.82
CA ALA G 28 73.75 97.98 36.39
C ALA G 28 74.69 97.09 35.60
N ASP G 29 75.94 96.97 36.04
CA ASP G 29 76.90 96.16 35.29
C ASP G 29 76.49 94.69 35.29
N GLU G 30 76.16 94.14 36.47
CA GLU G 30 75.75 92.75 36.51
C GLU G 30 74.48 92.51 35.69
N SER G 31 73.60 93.52 35.63
CA SER G 31 72.39 93.39 34.83
C SER G 31 72.72 93.33 33.35
N GLU G 32 73.64 94.17 32.88
CA GLU G 32 74.08 94.09 31.50
C GLU G 32 74.72 92.74 31.20
N ARG G 33 75.46 92.19 32.16
CA ARG G 33 76.06 90.87 31.98
C ARG G 33 75.00 89.81 31.76
N GLY G 34 74.00 89.77 32.65
CA GLY G 34 72.89 88.85 32.46
C GLY G 34 72.21 89.05 31.12
N MET G 35 72.04 90.32 30.71
CA MET G 35 71.41 90.62 29.44
C MET G 35 72.18 89.98 28.28
N LYS G 36 73.49 90.16 28.24
CA LYS G 36 74.27 89.64 27.13
C LYS G 36 74.24 88.12 27.10
N VAL G 37 74.35 87.47 28.27
CA VAL G 37 74.36 86.01 28.27
C VAL G 37 73.01 85.46 27.82
N ILE G 38 71.92 86.12 28.20
CA ILE G 38 70.61 85.61 27.79
C ILE G 38 70.38 85.85 26.30
N GLU G 39 70.87 86.98 25.77
CA GLU G 39 70.79 87.19 24.33
C GLU G 39 71.52 86.09 23.57
N SER G 40 72.72 85.73 24.04
CA SER G 40 73.46 84.65 23.40
C SER G 40 72.67 83.34 23.43
N ARG G 41 72.10 83.00 24.59
CA ARG G 41 71.31 81.78 24.69
C ARG G 41 70.15 81.80 23.72
N ALA G 42 69.46 82.94 23.61
CA ALA G 42 68.30 83.03 22.73
C ALA G 42 68.70 82.82 21.27
N GLN G 43 69.81 83.45 20.85
CA GLN G 43 70.22 83.27 19.46
C GLN G 43 70.59 81.82 19.17
N LYS G 44 71.35 81.18 20.06
CA LYS G 44 71.77 79.81 19.80
C LYS G 44 70.57 78.86 19.80
N ASP G 45 69.61 79.07 20.71
CA ASP G 45 68.48 78.16 20.74
C ASP G 45 67.60 78.36 19.52
N GLU G 46 67.51 79.59 19.02
CA GLU G 46 66.77 79.82 17.78
C GLU G 46 67.41 79.10 16.60
N GLU G 47 68.74 79.11 16.54
CA GLU G 47 69.41 78.37 15.48
C GLU G 47 69.14 76.87 15.58
N LYS G 48 69.25 76.32 16.79
CA LYS G 48 68.92 74.91 16.99
C LYS G 48 67.49 74.60 16.59
N MET G 49 66.56 75.50 16.94
CA MET G 49 65.15 75.29 16.59
C MET G 49 64.96 75.24 15.08
N GLU G 50 65.59 76.16 14.35
CA GLU G 50 65.40 76.20 12.91
C GLU G 50 65.97 74.95 12.25
N ILE G 51 67.18 74.54 12.65
CA ILE G 51 67.74 73.33 12.04
C ILE G 51 66.90 72.10 12.38
N GLN G 52 66.37 72.05 13.61
CA GLN G 52 65.53 70.93 14.00
C GLN G 52 64.25 70.88 13.16
N GLU G 53 63.63 72.04 12.91
CA GLU G 53 62.38 72.01 12.16
C GLU G 53 62.61 71.71 10.69
N ILE G 54 63.75 72.15 10.13
CA ILE G 54 64.09 71.78 8.76
C ILE G 54 64.31 70.26 8.66
N GLN G 55 65.05 69.69 9.61
CA GLN G 55 65.23 68.25 9.62
C GLN G 55 63.91 67.52 9.76
N LEU G 56 63.00 68.07 10.57
CA LEU G 56 61.67 67.48 10.70
C LEU G 56 60.93 67.50 9.37
N LYS G 57 61.03 68.60 8.63
CA LYS G 57 60.44 68.67 7.29
C LYS G 57 60.95 67.54 6.43
N GLU G 58 62.27 67.41 6.33
CA GLU G 58 62.88 66.37 5.51
C GLU G 58 62.39 64.98 5.94
N ALA G 59 62.32 64.76 7.25
CA ALA G 59 61.87 63.48 7.78
C ALA G 59 60.43 63.19 7.39
N LYS G 60 59.57 64.21 7.44
CA LYS G 60 58.18 64.01 7.06
C LYS G 60 58.05 63.68 5.58
N HIS G 61 58.88 64.32 4.75
CA HIS G 61 58.91 63.97 3.33
C HIS G 61 59.25 62.50 3.15
N ILE G 62 60.34 62.06 3.80
CA ILE G 62 60.73 60.65 3.76
C ILE G 62 59.56 59.76 4.18
N ALA G 63 58.93 60.12 5.29
CA ALA G 63 57.89 59.26 5.87
C ALA G 63 56.72 59.09 4.91
N GLU G 64 56.22 60.19 4.35
CA GLU G 64 55.05 60.06 3.47
C GLU G 64 55.41 59.38 2.15
N ASP G 65 56.60 59.66 1.61
CA ASP G 65 57.03 58.95 0.40
C ASP G 65 57.08 57.45 0.65
N ALA G 66 57.69 57.06 1.76
CA ALA G 66 57.76 55.64 2.13
C ALA G 66 56.36 55.05 2.25
N ASP G 67 55.48 55.74 2.97
CA ASP G 67 54.13 55.23 3.18
C ASP G 67 53.41 55.01 1.85
N ARG G 68 53.58 55.92 0.90
CA ARG G 68 52.84 55.81 -0.36
C ARG G 68 53.39 54.69 -1.24
N LYS G 69 54.72 54.62 -1.37
CA LYS G 69 55.30 53.48 -2.09
C LYS G 69 54.88 52.16 -1.46
N TYR G 70 54.90 52.10 -0.14
CA TYR G 70 54.53 50.89 0.58
C TYR G 70 53.08 50.51 0.31
N GLU G 71 52.17 51.49 0.38
CA GLU G 71 50.76 51.17 0.19
C GLU G 71 50.49 50.71 -1.23
N GLU G 72 51.20 51.26 -2.22
CA GLU G 72 51.02 50.76 -3.58
C GLU G 72 51.52 49.33 -3.73
N VAL G 73 52.71 49.03 -3.17
CA VAL G 73 53.22 47.67 -3.22
C VAL G 73 52.27 46.71 -2.52
N ALA G 74 51.64 47.16 -1.43
CA ALA G 74 50.72 46.29 -0.70
C ALA G 74 49.41 46.09 -1.46
N ARG G 75 48.94 47.12 -2.15
CA ARG G 75 47.73 46.96 -2.95
C ARG G 75 48.00 46.11 -4.19
N LYS G 76 49.27 45.92 -4.55
CA LYS G 76 49.59 44.88 -5.52
C LYS G 76 49.68 43.51 -4.84
N LEU G 77 50.17 43.49 -3.59
CA LEU G 77 50.16 42.26 -2.79
C LEU G 77 48.77 41.65 -2.71
N VAL G 78 47.76 42.47 -2.46
CA VAL G 78 46.42 41.92 -2.25
C VAL G 78 45.91 41.24 -3.52
N ILE G 79 46.19 41.84 -4.68
CA ILE G 79 45.74 41.21 -5.92
C ILE G 79 46.57 39.97 -6.21
N ILE G 80 47.83 39.95 -5.77
CA ILE G 80 48.64 38.76 -5.94
C ILE G 80 48.07 37.61 -5.10
N GLU G 81 47.63 37.92 -3.87
CA GLU G 81 47.00 36.89 -3.04
C GLU G 81 45.72 36.38 -3.70
N SER G 82 44.91 37.28 -4.25
CA SER G 82 43.68 36.85 -4.91
C SER G 82 43.98 35.94 -6.08
N ASP G 83 44.96 36.31 -6.91
CA ASP G 83 45.27 35.46 -8.05
C ASP G 83 45.87 34.14 -7.60
N LEU G 84 46.60 34.14 -6.48
CA LEU G 84 47.13 32.90 -5.92
C LEU G 84 46.02 31.96 -5.50
N GLU G 85 45.05 32.47 -4.75
CA GLU G 85 43.95 31.60 -4.32
C GLU G 85 43.15 31.12 -5.52
N ARG G 86 42.99 31.98 -6.54
CA ARG G 86 42.31 31.55 -7.75
C ARG G 86 43.06 30.42 -8.45
N ALA G 87 44.39 30.55 -8.54
CA ALA G 87 45.18 29.52 -9.19
C ALA G 87 45.11 28.20 -8.42
N GLU G 88 45.21 28.26 -7.10
CA GLU G 88 45.21 27.01 -6.33
C GLU G 88 43.84 26.37 -6.32
N GLU G 89 42.77 27.16 -6.28
CA GLU G 89 41.43 26.58 -6.35
C GLU G 89 41.19 25.95 -7.71
N ARG G 90 41.71 26.58 -8.78
CA ARG G 90 41.57 25.96 -10.09
C ARG G 90 42.37 24.67 -10.18
N ALA G 91 43.57 24.65 -9.59
CA ALA G 91 44.40 23.46 -9.63
C ALA G 91 43.76 22.31 -8.85
N GLU G 92 43.16 22.61 -7.69
CA GLU G 92 42.55 21.54 -6.90
C GLU G 92 41.24 21.08 -7.52
N LEU G 93 40.41 22.02 -8.00
CA LEU G 93 39.29 21.66 -8.87
C LEU G 93 39.73 20.65 -9.91
N SER G 94 40.78 21.01 -10.66
CA SER G 94 41.28 20.14 -11.70
C SER G 94 41.63 18.78 -11.14
N GLU G 95 42.63 18.72 -10.25
CA GLU G 95 43.16 17.45 -9.78
C GLU G 95 42.06 16.57 -9.17
N GLY G 96 41.15 17.14 -8.40
CA GLY G 96 40.05 16.37 -7.87
C GLY G 96 39.19 15.76 -8.96
N LYS G 97 38.77 16.58 -9.93
CA LYS G 97 38.02 16.05 -11.06
C LYS G 97 38.82 15.00 -11.81
N CYS G 98 40.14 15.21 -11.90
CA CYS G 98 40.98 14.34 -12.70
C CYS G 98 41.10 12.97 -12.06
N ALA G 99 41.18 12.92 -10.73
CA ALA G 99 41.21 11.64 -10.04
C ALA G 99 39.84 10.97 -10.03
N GLU G 100 38.76 11.77 -9.99
CA GLU G 100 37.43 11.19 -10.12
C GLU G 100 37.23 10.55 -11.49
N LEU G 101 37.66 11.23 -12.55
CA LEU G 101 37.57 10.63 -13.88
C LEU G 101 38.63 9.56 -14.07
N GLU G 102 39.69 9.57 -13.27
CA GLU G 102 40.62 8.44 -13.26
C GLU G 102 39.94 7.21 -12.73
N GLU G 103 39.17 7.35 -11.64
CA GLU G 103 38.34 6.25 -11.18
C GLU G 103 37.35 5.82 -12.24
N GLU G 104 36.75 6.79 -12.94
CA GLU G 104 35.87 6.47 -14.05
C GLU G 104 36.58 5.64 -15.12
N LEU G 105 37.81 6.03 -15.45
CA LEU G 105 38.62 5.27 -16.40
C LEU G 105 38.89 3.87 -15.89
N LYS G 106 39.11 3.72 -14.58
CA LYS G 106 39.31 2.40 -14.02
C LYS G 106 38.06 1.54 -14.20
N THR G 107 36.90 2.11 -13.91
CA THR G 107 35.64 1.39 -14.11
C THR G 107 35.48 0.98 -15.57
N VAL G 108 35.67 1.91 -16.50
CA VAL G 108 35.45 1.61 -17.91
C VAL G 108 36.49 0.61 -18.41
N THR G 109 37.68 0.60 -17.81
CA THR G 109 38.68 -0.40 -18.19
C THR G 109 38.30 -1.78 -17.67
N ASN G 110 37.77 -1.85 -16.45
CA ASN G 110 37.26 -3.12 -15.94
C ASN G 110 36.14 -3.66 -16.81
N ASN G 111 35.25 -2.75 -17.26
CA ASN G 111 34.20 -3.16 -18.18
C ASN G 111 34.77 -3.60 -19.51
N LEU G 112 35.83 -2.93 -19.97
CA LEU G 112 36.51 -3.33 -21.20
C LEU G 112 37.07 -4.74 -21.07
N LYS G 113 37.65 -5.07 -19.92
CA LYS G 113 38.22 -6.40 -19.71
C LYS G 113 37.12 -7.46 -19.63
N SER G 114 36.09 -7.20 -18.82
CA SER G 114 34.96 -8.14 -18.76
C SER G 114 34.37 -8.35 -20.15
N LEU G 115 34.30 -7.28 -20.95
CA LEU G 115 33.78 -7.40 -22.30
C LEU G 115 34.72 -8.20 -23.19
N GLU G 116 36.03 -8.10 -22.98
CA GLU G 116 36.95 -8.97 -23.71
C GLU G 116 36.68 -10.43 -23.40
N ALA G 117 36.47 -10.73 -22.11
CA ALA G 117 36.06 -12.07 -21.73
C ALA G 117 34.78 -12.49 -22.43
N GLN G 118 33.83 -11.54 -22.54
CA GLN G 118 32.59 -11.85 -23.25
C GLN G 118 32.85 -12.13 -24.72
N ALA G 119 33.73 -11.35 -25.36
CA ALA G 119 34.04 -11.57 -26.76
C ALA G 119 34.62 -12.95 -26.97
N GLU G 120 35.53 -13.36 -26.09
CA GLU G 120 36.11 -14.71 -26.17
C GLU G 120 35.03 -15.77 -26.01
N LYS G 121 34.20 -15.64 -24.97
CA LYS G 121 33.19 -16.67 -24.72
C LYS G 121 32.17 -16.71 -25.86
N TYR G 122 31.86 -15.56 -26.47
CA TYR G 122 30.91 -15.53 -27.57
C TYR G 122 31.51 -16.19 -28.80
N SER G 123 32.78 -15.93 -29.08
CA SER G 123 33.43 -16.57 -30.21
C SER G 123 33.44 -18.10 -30.05
N GLN G 124 33.82 -18.58 -28.86
CA GLN G 124 33.89 -20.02 -28.69
C GLN G 124 32.50 -20.66 -28.67
N LYS G 125 31.52 -19.99 -28.05
CA LYS G 125 30.16 -20.51 -28.05
C LYS G 125 29.58 -20.54 -29.45
N GLU G 126 29.85 -19.53 -30.27
CA GLU G 126 29.35 -19.53 -31.63
C GLU G 126 30.05 -20.58 -32.48
N ASP G 127 31.34 -20.84 -32.22
CA ASP G 127 32.01 -21.93 -32.93
C ASP G 127 31.41 -23.28 -32.56
N LYS G 128 31.16 -23.50 -31.27
CA LYS G 128 30.54 -24.75 -30.85
C LYS G 128 29.14 -24.89 -31.44
N TYR G 129 28.39 -23.80 -31.48
CA TYR G 129 27.07 -23.83 -32.09
C TYR G 129 27.16 -24.12 -33.57
N GLU G 130 28.18 -23.60 -34.25
CA GLU G 130 28.35 -23.87 -35.68
C GLU G 130 28.65 -25.34 -35.93
N GLU G 131 29.57 -25.91 -35.14
CA GLU G 131 29.91 -27.32 -35.36
C GLU G 131 28.72 -28.23 -35.02
N GLU G 132 27.94 -27.85 -34.01
CA GLU G 132 26.72 -28.59 -33.73
C GLU G 132 25.73 -28.46 -34.89
N ILE G 133 25.60 -27.25 -35.45
CA ILE G 133 24.78 -27.05 -36.64
C ILE G 133 25.19 -28.03 -37.73
N LYS G 134 26.50 -28.09 -38.02
CA LYS G 134 26.97 -28.89 -39.14
C LYS G 134 26.72 -30.38 -38.90
N VAL G 135 27.15 -30.88 -37.74
CA VAL G 135 26.99 -32.31 -37.47
C VAL G 135 25.52 -32.69 -37.47
N LEU G 136 24.68 -31.88 -36.83
CA LEU G 136 23.27 -32.21 -36.72
C LEU G 136 22.57 -32.08 -38.07
N SER G 137 23.05 -31.18 -38.94
CA SER G 137 22.50 -31.06 -40.28
C SER G 137 22.81 -32.31 -41.10
N ASP G 138 24.07 -32.73 -41.11
CA ASP G 138 24.40 -33.97 -41.83
C ASP G 138 23.63 -35.15 -41.25
N LYS G 139 23.45 -35.18 -39.93
CA LYS G 139 22.71 -36.28 -39.32
C LYS G 139 21.25 -36.26 -39.76
N LEU G 140 20.64 -35.08 -39.84
CA LEU G 140 19.29 -34.98 -40.37
C LEU G 140 19.24 -35.47 -41.82
N LYS G 141 20.22 -35.07 -42.63
CA LYS G 141 20.29 -35.55 -44.00
C LYS G 141 20.25 -37.07 -44.04
N GLU G 142 21.24 -37.71 -43.41
CA GLU G 142 21.34 -39.17 -43.46
C GLU G 142 20.12 -39.84 -42.85
N ALA G 143 19.57 -39.27 -41.79
CA ALA G 143 18.41 -39.87 -41.12
C ALA G 143 17.19 -39.83 -42.03
N GLU G 144 16.92 -38.68 -42.66
CA GLU G 144 15.76 -38.60 -43.54
C GLU G 144 15.95 -39.49 -44.76
N THR G 145 17.17 -39.61 -45.27
CA THR G 145 17.41 -40.50 -46.41
C THR G 145 17.15 -41.95 -46.03
N ARG G 146 17.81 -42.44 -44.98
CA ARG G 146 17.59 -43.81 -44.56
C ARG G 146 16.13 -44.05 -44.23
N ALA G 147 15.45 -43.04 -43.68
CA ALA G 147 14.04 -43.17 -43.36
C ALA G 147 13.22 -43.39 -44.62
N GLU G 148 13.37 -42.50 -45.62
CA GLU G 148 12.55 -42.62 -46.82
C GLU G 148 12.86 -43.91 -47.56
N PHE G 149 14.12 -44.38 -47.51
CA PHE G 149 14.45 -45.63 -48.19
C PHE G 149 13.80 -46.82 -47.49
N ALA G 150 13.90 -46.86 -46.16
CA ALA G 150 13.19 -47.90 -45.41
C ALA G 150 11.68 -47.79 -45.62
N GLU G 151 11.18 -46.59 -45.89
CA GLU G 151 9.74 -46.43 -46.10
C GLU G 151 9.31 -46.93 -47.47
N ARG G 152 10.15 -46.79 -48.49
CA ARG G 152 9.86 -47.43 -49.76
C ARG G 152 9.96 -48.95 -49.65
N SER G 153 10.90 -49.43 -48.83
CA SER G 153 10.92 -50.85 -48.50
C SER G 153 9.59 -51.29 -47.89
N VAL G 154 9.14 -50.54 -46.88
CA VAL G 154 7.82 -50.79 -46.29
C VAL G 154 6.74 -50.80 -47.35
N THR G 155 6.78 -49.83 -48.26
CA THR G 155 5.78 -49.72 -49.32
C THR G 155 5.70 -50.99 -50.15
N LYS G 156 6.85 -51.46 -50.64
CA LYS G 156 6.85 -52.66 -51.47
C LYS G 156 6.46 -53.89 -50.66
N LEU G 157 6.80 -53.92 -49.38
CA LEU G 157 6.34 -55.03 -48.53
C LEU G 157 4.82 -55.02 -48.38
N GLU G 158 4.21 -53.83 -48.25
CA GLU G 158 2.75 -53.76 -48.17
C GLU G 158 2.12 -54.24 -49.47
N LYS G 159 2.68 -53.81 -50.61
CA LYS G 159 2.16 -54.29 -51.89
C LYS G 159 2.31 -55.80 -52.00
N SER G 160 3.41 -56.35 -51.47
CA SER G 160 3.60 -57.79 -51.46
C SER G 160 2.55 -58.48 -50.60
N ILE G 161 2.25 -57.91 -49.44
CA ILE G 161 1.15 -58.41 -48.61
C ILE G 161 -0.12 -58.46 -49.43
N ASP G 162 -0.38 -57.40 -50.21
CA ASP G 162 -1.57 -57.37 -51.05
C ASP G 162 -1.57 -58.52 -52.04
N ASP G 163 -0.48 -58.69 -52.78
CA ASP G 163 -0.42 -59.75 -53.78
C ASP G 163 -0.60 -61.12 -53.14
N LEU G 164 0.04 -61.33 -51.99
CA LEU G 164 -0.06 -62.61 -51.28
C LEU G 164 -1.50 -62.89 -50.88
N GLU G 165 -2.18 -61.89 -50.30
CA GLU G 165 -3.56 -62.09 -49.89
C GLU G 165 -4.46 -62.36 -51.09
N ASP G 166 -4.20 -61.70 -52.21
CA ASP G 166 -5.01 -61.93 -53.40
C ASP G 166 -4.81 -63.35 -53.93
N GLU G 167 -3.56 -63.79 -54.03
CA GLU G 167 -3.32 -65.15 -54.53
C GLU G 167 -3.86 -66.20 -53.56
N LEU G 168 -3.80 -65.92 -52.26
CA LEU G 168 -4.39 -66.82 -51.28
C LEU G 168 -5.90 -66.89 -51.45
N TYR G 169 -6.54 -65.75 -51.69
CA TYR G 169 -7.97 -65.74 -51.98
C TYR G 169 -8.27 -66.55 -53.24
N ALA G 170 -7.40 -66.45 -54.24
CA ALA G 170 -7.58 -67.24 -55.45
C ALA G 170 -7.52 -68.73 -55.15
N GLN G 171 -6.56 -69.14 -54.31
CA GLN G 171 -6.45 -70.55 -53.97
C GLN G 171 -7.65 -71.01 -53.15
N LYS G 172 -8.17 -70.15 -52.27
CA LYS G 172 -9.40 -70.46 -51.57
C LYS G 172 -10.55 -70.65 -52.56
N LEU G 173 -10.60 -69.81 -53.59
CA LEU G 173 -11.59 -69.97 -54.65
C LEU G 173 -11.49 -71.33 -55.30
N LYS G 174 -10.28 -71.71 -55.70
CA LYS G 174 -10.09 -73.02 -56.33
C LYS G 174 -10.44 -74.17 -55.38
N TYR G 175 -10.17 -74.00 -54.09
CA TYR G 175 -10.49 -75.08 -53.14
C TYR G 175 -11.99 -75.19 -52.92
N LYS G 176 -12.69 -74.06 -52.85
CA LYS G 176 -14.15 -74.10 -52.71
C LYS G 176 -14.82 -74.60 -53.97
N ALA G 177 -14.21 -74.38 -55.14
CA ALA G 177 -14.73 -74.94 -56.37
C ALA G 177 -14.51 -76.45 -56.42
N ILE G 178 -13.26 -76.88 -56.35
CA ILE G 178 -12.95 -78.30 -56.32
C ILE G 178 -12.24 -78.62 -54.99
N GLN H 1 85.89 131.27 55.86
CA GLN H 1 85.51 131.12 54.46
C GLN H 1 85.82 129.73 53.94
N LEU H 2 86.77 129.05 54.59
CA LEU H 2 87.08 127.68 54.22
C LEU H 2 85.87 126.78 54.43
N VAL H 3 85.13 127.00 55.52
CA VAL H 3 83.94 126.20 55.78
C VAL H 3 82.88 126.47 54.72
N GLU H 4 82.72 127.73 54.33
CA GLU H 4 81.68 128.05 53.35
C GLU H 4 82.03 127.52 51.96
N GLU H 5 83.31 127.56 51.57
CA GLU H 5 83.67 127.02 50.27
C GLU H 5 83.56 125.50 50.27
N GLU H 6 83.95 124.84 51.36
CA GLU H 6 83.70 123.40 51.47
C GLU H 6 82.21 123.12 51.35
N LEU H 7 81.39 123.92 52.02
CA LEU H 7 79.94 123.74 51.99
C LEU H 7 79.41 123.81 50.57
N ASP H 8 79.70 124.90 49.86
CA ASP H 8 79.09 125.11 48.54
C ASP H 8 79.64 124.15 47.50
N ARG H 9 80.95 123.86 47.57
CA ARG H 9 81.51 122.88 46.62
C ARG H 9 80.98 121.49 46.89
N ALA H 10 80.82 121.10 48.16
CA ALA H 10 80.21 119.82 48.46
C ALA H 10 78.74 119.80 48.08
N GLN H 11 78.09 120.96 48.07
CA GLN H 11 76.70 121.02 47.60
C GLN H 11 76.61 120.75 46.11
N GLU H 12 77.45 121.43 45.32
CA GLU H 12 77.51 121.10 43.91
C GLU H 12 77.90 119.65 43.68
N ARG H 13 78.76 119.11 44.56
CA ARG H 13 79.18 117.73 44.41
C ARG H 13 78.06 116.75 44.75
N LEU H 14 77.20 117.08 45.71
CA LEU H 14 76.07 116.20 46.01
C LEU H 14 75.01 116.31 44.93
N ALA H 15 74.91 117.48 44.29
CA ALA H 15 74.09 117.59 43.08
C ALA H 15 74.61 116.67 41.99
N THR H 16 75.93 116.70 41.75
CA THR H 16 76.52 115.77 40.79
C THR H 16 76.28 114.32 41.20
N ALA H 17 76.36 114.04 42.50
CA ALA H 17 76.11 112.70 43.00
C ALA H 17 74.69 112.26 42.69
N LEU H 18 73.71 113.12 42.95
CA LEU H 18 72.33 112.73 42.70
C LEU H 18 72.08 112.53 41.22
N GLN H 19 72.64 113.38 40.36
CA GLN H 19 72.38 113.21 38.93
C GLN H 19 73.08 111.98 38.36
N LYS H 20 74.30 111.68 38.83
CA LYS H 20 74.96 110.47 38.36
C LYS H 20 74.27 109.23 38.90
N LEU H 21 73.73 109.31 40.11
CA LEU H 21 72.90 108.23 40.63
C LEU H 21 71.65 108.04 39.76
N GLU H 22 71.03 109.14 39.36
CA GLU H 22 69.82 109.04 38.53
C GLU H 22 70.15 108.39 37.18
N GLU H 23 71.22 108.82 36.53
CA GLU H 23 71.56 108.22 35.24
C GLU H 23 71.97 106.76 35.41
N ALA H 24 72.65 106.45 36.51
CA ALA H 24 73.02 105.06 36.77
C ALA H 24 71.78 104.19 36.95
N GLU H 25 70.79 104.67 37.69
CA GLU H 25 69.60 103.87 37.90
C GLU H 25 68.73 103.82 36.64
N LYS H 26 68.79 104.85 35.79
CA LYS H 26 68.10 104.78 34.51
C LYS H 26 68.74 103.74 33.60
N ALA H 27 70.07 103.70 33.58
CA ALA H 27 70.76 102.62 32.86
C ALA H 27 70.37 101.27 33.43
N ALA H 28 70.24 101.19 34.76
CA ALA H 28 69.74 99.96 35.38
C ALA H 28 68.37 99.60 34.83
N ASP H 29 67.46 100.58 34.72
CA ASP H 29 66.11 100.30 34.27
C ASP H 29 66.10 99.80 32.83
N GLU H 30 66.83 100.47 31.94
CA GLU H 30 66.85 100.02 30.55
C GLU H 30 67.49 98.64 30.43
N SER H 31 68.52 98.38 31.25
CA SER H 31 69.10 97.04 31.27
C SER H 31 68.07 96.02 31.71
N GLU H 32 67.26 96.34 32.72
CA GLU H 32 66.23 95.41 33.17
C GLU H 32 65.19 95.17 32.09
N ARG H 33 64.85 96.21 31.33
CA ARG H 33 63.89 96.03 30.24
C ARG H 33 64.43 95.07 29.18
N GLY H 34 65.68 95.29 28.75
CA GLY H 34 66.32 94.34 27.88
C GLY H 34 66.33 92.93 28.45
N MET H 35 66.65 92.82 29.74
CA MET H 35 66.68 91.52 30.40
C MET H 35 65.33 90.82 30.32
N LYS H 36 64.25 91.54 30.66
CA LYS H 36 62.95 90.88 30.70
C LYS H 36 62.47 90.48 29.31
N VAL H 37 62.70 91.34 28.32
CA VAL H 37 62.25 90.98 26.97
C VAL H 37 63.04 89.78 26.45
N ILE H 38 64.34 89.72 26.76
CA ILE H 38 65.10 88.58 26.26
C ILE H 38 64.81 87.32 27.09
N GLU H 39 64.38 87.48 28.35
CA GLU H 39 63.90 86.31 29.08
C GLU H 39 62.65 85.74 28.42
N SER H 40 61.69 86.60 28.08
CA SER H 40 60.53 86.14 27.33
C SER H 40 60.94 85.44 26.04
N ARG H 41 61.89 86.04 25.31
CA ARG H 41 62.34 85.47 24.04
C ARG H 41 62.95 84.09 24.25
N ALA H 42 63.88 83.98 25.18
CA ALA H 42 64.50 82.70 25.49
C ALA H 42 63.45 81.67 25.86
N GLN H 43 62.48 82.05 26.69
CA GLN H 43 61.45 81.10 27.11
C GLN H 43 60.69 80.56 25.90
N LYS H 44 60.15 81.46 25.08
CA LYS H 44 59.33 80.99 23.96
C LYS H 44 60.17 80.19 22.96
N ASP H 45 61.41 80.63 22.71
CA ASP H 45 62.26 79.93 21.75
C ASP H 45 62.60 78.53 22.25
N GLU H 46 62.96 78.40 23.54
CA GLU H 46 63.30 77.09 24.06
C GLU H 46 62.09 76.17 24.06
N GLU H 47 60.93 76.64 24.52
CA GLU H 47 59.75 75.77 24.49
C GLU H 47 59.46 75.31 23.07
N LYS H 48 59.60 76.22 22.10
CA LYS H 48 59.32 75.85 20.72
C LYS H 48 60.31 74.81 20.22
N MET H 49 61.60 74.99 20.49
CA MET H 49 62.59 74.04 19.98
C MET H 49 62.44 72.68 20.65
N GLU H 50 62.02 72.68 21.92
CA GLU H 50 61.74 71.41 22.58
C GLU H 50 60.58 70.69 21.90
N ILE H 51 59.47 71.38 21.68
CA ILE H 51 58.35 70.76 20.98
C ILE H 51 58.78 70.25 19.61
N GLN H 52 59.63 71.02 18.91
CA GLN H 52 60.01 70.64 17.57
C GLN H 52 60.93 69.42 17.56
N GLU H 53 61.89 69.33 18.48
CA GLU H 53 62.73 68.16 18.54
C GLU H 53 61.93 66.93 18.94
N ILE H 54 60.94 67.11 19.82
CA ILE H 54 60.05 66.01 20.18
C ILE H 54 59.28 65.53 18.95
N GLN H 55 58.73 66.46 18.18
CA GLN H 55 57.98 66.08 17.00
C GLN H 55 58.87 65.40 15.97
N LEU H 56 60.11 65.86 15.84
CA LEU H 56 61.04 65.23 14.91
C LEU H 56 61.35 63.80 15.33
N LYS H 57 61.68 63.59 16.61
CA LYS H 57 62.00 62.24 17.04
C LYS H 57 60.79 61.32 16.89
N GLU H 58 59.60 61.80 17.23
CA GLU H 58 58.40 60.99 17.05
C GLU H 58 58.18 60.66 15.58
N ALA H 59 58.43 61.62 14.69
CA ALA H 59 58.29 61.35 13.26
C ALA H 59 59.29 60.30 12.80
N LYS H 60 60.52 60.37 13.29
CA LYS H 60 61.51 59.35 12.96
C LYS H 60 61.05 57.98 13.45
N HIS H 61 60.50 57.93 14.66
CA HIS H 61 59.99 56.67 15.21
C HIS H 61 58.93 56.07 14.30
N ILE H 62 57.88 56.84 14.01
CA ILE H 62 56.79 56.30 13.20
C ILE H 62 57.28 55.95 11.80
N ALA H 63 58.20 56.75 11.25
CA ALA H 63 58.67 56.52 9.89
C ALA H 63 59.47 55.24 9.79
N GLU H 64 60.41 55.03 10.72
CA GLU H 64 61.20 53.79 10.70
C GLU H 64 60.35 52.59 11.05
N ASP H 65 59.35 52.75 11.92
CA ASP H 65 58.42 51.66 12.18
C ASP H 65 57.70 51.23 10.91
N ALA H 66 57.09 52.19 10.21
CA ALA H 66 56.44 51.88 8.94
C ALA H 66 57.42 51.24 7.97
N ASP H 67 58.64 51.78 7.92
CA ASP H 67 59.68 51.23 7.04
C ASP H 67 59.90 49.75 7.30
N ARG H 68 60.18 49.38 8.56
CA ARG H 68 60.49 48.00 8.87
C ARG H 68 59.30 47.09 8.59
N LYS H 69 58.12 47.45 9.11
CA LYS H 69 56.99 46.53 8.98
C LYS H 69 56.58 46.37 7.53
N TYR H 70 56.73 47.43 6.72
CA TYR H 70 56.27 47.32 5.35
C TYR H 70 57.33 46.73 4.44
N GLU H 71 58.61 46.79 4.82
CA GLU H 71 59.58 45.93 4.17
C GLU H 71 59.29 44.46 4.46
N GLU H 72 58.88 44.15 5.68
CA GLU H 72 58.41 42.78 5.96
C GLU H 72 57.18 42.45 5.13
N VAL H 73 56.30 43.44 4.91
CA VAL H 73 55.16 43.25 4.03
C VAL H 73 55.62 42.89 2.63
N ALA H 74 56.65 43.57 2.14
CA ALA H 74 57.21 43.23 0.83
C ALA H 74 57.83 41.83 0.85
N ARG H 75 58.36 41.41 1.99
CA ARG H 75 58.88 40.04 2.10
C ARG H 75 57.75 39.02 1.96
N LYS H 76 56.66 39.21 2.70
CA LYS H 76 55.50 38.36 2.53
C LYS H 76 54.98 38.43 1.10
N LEU H 77 55.14 39.57 0.44
CA LEU H 77 54.78 39.68 -0.97
C LEU H 77 55.67 38.79 -1.83
N VAL H 78 56.96 38.75 -1.53
CA VAL H 78 57.85 37.83 -2.25
C VAL H 78 57.37 36.39 -2.05
N ILE H 79 57.00 36.05 -0.82
CA ILE H 79 56.52 34.69 -0.55
C ILE H 79 55.26 34.40 -1.36
N ILE H 80 54.30 35.33 -1.34
CA ILE H 80 53.02 35.10 -2.00
C ILE H 80 53.19 35.06 -3.51
N GLU H 81 54.11 35.88 -4.05
CA GLU H 81 54.37 35.85 -5.48
C GLU H 81 55.05 34.55 -5.90
N SER H 82 56.01 34.09 -5.10
CA SER H 82 56.61 32.79 -5.36
C SER H 82 55.55 31.70 -5.39
N ASP H 83 54.70 31.66 -4.36
CA ASP H 83 53.66 30.62 -4.33
C ASP H 83 52.64 30.80 -5.43
N LEU H 84 52.41 32.04 -5.88
CA LEU H 84 51.50 32.27 -7.00
C LEU H 84 52.07 31.74 -8.30
N GLU H 85 53.35 32.00 -8.55
CA GLU H 85 53.99 31.40 -9.72
C GLU H 85 53.95 29.88 -9.63
N ARG H 86 54.22 29.33 -8.44
CA ARG H 86 54.14 27.89 -8.25
C ARG H 86 52.75 27.38 -8.58
N ALA H 87 51.71 28.10 -8.14
CA ALA H 87 50.34 27.68 -8.39
C ALA H 87 49.97 27.82 -9.86
N GLU H 88 50.54 28.80 -10.56
CA GLU H 88 50.32 28.87 -12.01
C GLU H 88 50.93 27.68 -12.72
N GLU H 89 52.17 27.32 -12.34
CA GLU H 89 52.76 26.09 -12.87
C GLU H 89 51.90 24.89 -12.55
N ARG H 90 51.43 24.79 -11.31
CA ARG H 90 50.59 23.66 -10.90
C ARG H 90 49.33 23.60 -11.75
N ALA H 91 48.67 24.74 -11.95
CA ALA H 91 47.43 24.77 -12.72
C ALA H 91 47.66 24.37 -14.16
N GLU H 92 48.68 24.95 -14.80
CA GLU H 92 48.92 24.63 -16.21
C GLU H 92 49.33 23.18 -16.39
N LEU H 93 50.24 22.67 -15.54
CA LEU H 93 50.64 21.28 -15.62
C LEU H 93 49.46 20.35 -15.37
N SER H 94 48.64 20.66 -14.37
CA SER H 94 47.49 19.82 -14.07
C SER H 94 46.47 19.82 -15.20
N GLU H 95 46.23 20.98 -15.81
CA GLU H 95 45.26 21.03 -16.91
C GLU H 95 45.81 20.33 -18.15
N GLY H 96 47.12 20.38 -18.37
CA GLY H 96 47.70 19.60 -19.46
C GLY H 96 47.60 18.11 -19.22
N LYS H 97 47.97 17.66 -18.01
CA LYS H 97 47.83 16.25 -17.66
C LYS H 97 46.38 15.81 -17.77
N CYS H 98 45.45 16.69 -17.42
CA CYS H 98 44.06 16.30 -17.41
C CYS H 98 43.43 16.43 -18.79
N ALA H 99 44.05 17.18 -19.70
CA ALA H 99 43.68 17.11 -21.10
C ALA H 99 44.14 15.78 -21.68
N GLU H 100 45.35 15.35 -21.32
CA GLU H 100 45.78 14.00 -21.67
C GLU H 100 44.81 12.96 -21.10
N LEU H 101 44.37 13.17 -19.86
CA LEU H 101 43.43 12.25 -19.22
C LEU H 101 42.11 12.24 -19.96
N GLU H 102 41.65 13.41 -20.43
CA GLU H 102 40.38 13.45 -21.15
C GLU H 102 40.52 12.84 -22.53
N GLU H 103 41.71 12.90 -23.14
CA GLU H 103 41.96 12.13 -24.34
C GLU H 103 41.84 10.64 -24.06
N GLU H 104 42.48 10.18 -22.97
CA GLU H 104 42.35 8.77 -22.59
C GLU H 104 40.89 8.39 -22.39
N LEU H 105 40.11 9.27 -21.74
CA LEU H 105 38.73 8.89 -21.43
C LEU H 105 37.88 8.85 -22.70
N LYS H 106 38.03 9.83 -23.58
CA LYS H 106 37.25 9.80 -24.81
C LYS H 106 37.63 8.59 -25.65
N THR H 107 38.93 8.27 -25.71
CA THR H 107 39.35 7.09 -26.46
C THR H 107 38.75 5.82 -25.86
N VAL H 108 38.77 5.69 -24.53
CA VAL H 108 38.29 4.45 -23.94
C VAL H 108 36.77 4.37 -24.05
N THR H 109 36.08 5.51 -24.07
CA THR H 109 34.65 5.48 -24.34
C THR H 109 34.36 4.99 -25.74
N ASN H 110 35.08 5.52 -26.74
CA ASN H 110 34.96 4.99 -28.09
C ASN H 110 35.19 3.49 -28.10
N ASN H 111 36.24 3.04 -27.41
CA ASN H 111 36.56 1.63 -27.33
C ASN H 111 35.40 0.82 -26.76
N LEU H 112 34.87 1.26 -25.62
CA LEU H 112 33.83 0.50 -24.96
C LEU H 112 32.56 0.47 -25.79
N LYS H 113 32.16 1.60 -26.38
CA LYS H 113 30.92 1.60 -27.15
C LYS H 113 31.05 0.74 -28.39
N SER H 114 32.15 0.87 -29.14
CA SER H 114 32.36 0.03 -30.30
C SER H 114 32.35 -1.44 -29.90
N LEU H 115 33.15 -1.79 -28.88
CA LEU H 115 33.31 -3.18 -28.49
C LEU H 115 32.03 -3.76 -27.92
N GLU H 116 31.21 -2.95 -27.25
CA GLU H 116 29.94 -3.46 -26.72
C GLU H 116 28.90 -3.61 -27.82
N ALA H 117 28.96 -2.75 -28.85
CA ALA H 117 28.18 -3.03 -30.05
C ALA H 117 28.54 -4.39 -30.61
N GLN H 118 29.84 -4.64 -30.80
CA GLN H 118 30.27 -5.96 -31.27
C GLN H 118 29.81 -7.06 -30.33
N ALA H 119 29.85 -6.81 -29.02
CA ALA H 119 29.47 -7.84 -28.05
C ALA H 119 27.99 -8.20 -28.16
N GLU H 120 27.13 -7.20 -28.32
CA GLU H 120 25.71 -7.51 -28.44
C GLU H 120 25.39 -8.15 -29.78
N LYS H 121 26.14 -7.80 -30.84
CA LYS H 121 25.99 -8.54 -32.08
C LYS H 121 26.36 -10.00 -31.89
N TYR H 122 27.50 -10.25 -31.22
CA TYR H 122 27.87 -11.63 -30.91
C TYR H 122 26.78 -12.33 -30.13
N SER H 123 26.18 -11.61 -29.18
CA SER H 123 25.10 -12.18 -28.38
C SER H 123 23.96 -12.63 -29.26
N GLN H 124 23.48 -11.75 -30.15
CA GLN H 124 22.32 -12.13 -30.97
C GLN H 124 22.65 -13.21 -31.98
N LYS H 125 23.89 -13.24 -32.51
CA LYS H 125 24.28 -14.35 -33.37
C LYS H 125 24.27 -15.66 -32.60
N GLU H 126 24.83 -15.67 -31.39
CA GLU H 126 24.78 -16.85 -30.54
C GLU H 126 23.35 -17.27 -30.24
N ASP H 127 22.45 -16.29 -30.11
CA ASP H 127 21.05 -16.62 -29.84
C ASP H 127 20.40 -17.32 -31.03
N LYS H 128 20.57 -16.77 -32.22
CA LYS H 128 20.04 -17.46 -33.41
C LYS H 128 20.69 -18.83 -33.58
N TYR H 129 21.97 -18.93 -33.23
CA TYR H 129 22.67 -20.21 -33.29
C TYR H 129 21.99 -21.23 -32.38
N GLU H 130 21.83 -20.89 -31.10
CA GLU H 130 21.22 -21.84 -30.17
C GLU H 130 19.77 -22.14 -30.54
N GLU H 131 19.07 -21.18 -31.16
CA GLU H 131 17.73 -21.45 -31.66
C GLU H 131 17.76 -22.55 -32.72
N GLU H 132 18.65 -22.41 -33.71
CA GLU H 132 18.80 -23.45 -34.72
C GLU H 132 19.21 -24.77 -34.10
N ILE H 133 20.08 -24.73 -33.10
CA ILE H 133 20.51 -25.95 -32.42
C ILE H 133 19.32 -26.66 -31.78
N LYS H 134 18.51 -25.91 -31.04
CA LYS H 134 17.38 -26.51 -30.35
C LYS H 134 16.40 -27.13 -31.34
N VAL H 135 16.04 -26.38 -32.39
CA VAL H 135 15.04 -26.90 -33.32
C VAL H 135 15.59 -28.10 -34.09
N LEU H 136 16.89 -28.05 -34.44
CA LEU H 136 17.49 -29.15 -35.20
C LEU H 136 17.59 -30.41 -34.35
N SER H 137 17.92 -30.26 -33.06
CA SER H 137 17.95 -31.43 -32.20
C SER H 137 16.55 -32.00 -31.97
N ASP H 138 15.54 -31.13 -31.84
CA ASP H 138 14.18 -31.62 -31.69
C ASP H 138 13.77 -32.46 -32.90
N LYS H 139 13.97 -31.93 -34.10
CA LYS H 139 13.61 -32.72 -35.29
C LYS H 139 14.50 -33.94 -35.44
N LEU H 140 15.74 -33.90 -34.94
CA LEU H 140 16.58 -35.09 -34.96
C LEU H 140 15.98 -36.20 -34.11
N LYS H 141 15.56 -35.87 -32.89
CA LYS H 141 15.00 -36.90 -32.02
C LYS H 141 13.68 -37.43 -32.58
N GLU H 142 12.84 -36.53 -33.10
CA GLU H 142 11.61 -36.97 -33.75
C GLU H 142 11.91 -37.93 -34.90
N ALA H 143 12.87 -37.57 -35.75
CA ALA H 143 13.20 -38.41 -36.89
C ALA H 143 13.83 -39.72 -36.47
N GLU H 144 14.58 -39.73 -35.36
CA GLU H 144 15.16 -40.97 -34.87
C GLU H 144 14.08 -41.93 -34.41
N THR H 145 13.12 -41.42 -33.63
CA THR H 145 11.97 -42.24 -33.25
C THR H 145 11.22 -42.72 -34.48
N ARG H 146 11.09 -41.86 -35.49
CA ARG H 146 10.41 -42.24 -36.73
C ARG H 146 11.14 -43.39 -37.41
N ALA H 147 12.48 -43.33 -37.45
CA ALA H 147 13.25 -44.37 -38.10
C ALA H 147 13.12 -45.69 -37.35
N GLU H 148 13.18 -45.64 -36.02
CA GLU H 148 13.02 -46.88 -35.25
C GLU H 148 11.63 -47.47 -35.44
N PHE H 149 10.60 -46.62 -35.45
CA PHE H 149 9.25 -47.12 -35.70
C PHE H 149 9.13 -47.72 -37.09
N ALA H 150 9.77 -47.09 -38.08
CA ALA H 150 9.74 -47.65 -39.43
C ALA H 150 10.41 -49.00 -39.48
N GLU H 151 11.50 -49.18 -38.73
CA GLU H 151 12.18 -50.48 -38.72
C GLU H 151 11.31 -51.54 -38.06
N ARG H 152 10.65 -51.19 -36.96
CA ARG H 152 9.68 -52.11 -36.37
C ARG H 152 8.59 -52.46 -37.37
N SER H 153 8.15 -51.48 -38.16
CA SER H 153 7.15 -51.74 -39.19
C SER H 153 7.67 -52.74 -40.22
N VAL H 154 8.92 -52.57 -40.67
CA VAL H 154 9.52 -53.53 -41.59
C VAL H 154 9.49 -54.92 -41.00
N THR H 155 9.82 -55.06 -39.72
CA THR H 155 9.77 -56.37 -39.07
C THR H 155 8.35 -56.95 -39.11
N LYS H 156 7.36 -56.12 -38.79
CA LYS H 156 5.97 -56.56 -38.85
C LYS H 156 5.60 -57.04 -40.25
N LEU H 157 6.04 -56.32 -41.27
CA LEU H 157 5.68 -56.69 -42.64
C LEU H 157 6.35 -57.99 -43.05
N GLU H 158 7.60 -58.19 -42.63
CA GLU H 158 8.24 -59.49 -42.87
C GLU H 158 7.45 -60.60 -42.22
N LYS H 159 7.01 -60.40 -40.98
CA LYS H 159 6.22 -61.42 -40.31
C LYS H 159 4.91 -61.70 -41.07
N SER H 160 4.24 -60.64 -41.51
CA SER H 160 2.94 -60.82 -42.17
C SER H 160 3.08 -61.50 -43.52
N ILE H 161 4.10 -61.11 -44.31
CA ILE H 161 4.31 -61.79 -45.58
C ILE H 161 4.64 -63.25 -45.33
N ASP H 162 5.38 -63.54 -44.24
CA ASP H 162 5.67 -64.93 -43.91
C ASP H 162 4.38 -65.71 -43.67
N ASP H 163 3.50 -65.18 -42.84
CA ASP H 163 2.25 -65.87 -42.54
C ASP H 163 1.41 -66.08 -43.81
N LEU H 164 1.36 -65.05 -44.66
CA LEU H 164 0.58 -65.16 -45.89
C LEU H 164 1.16 -66.21 -46.82
N GLU H 165 2.49 -66.24 -46.94
CA GLU H 165 3.13 -67.30 -47.73
C GLU H 165 2.75 -68.67 -47.21
N ASP H 166 2.82 -68.86 -45.88
CA ASP H 166 2.47 -70.16 -45.31
C ASP H 166 1.05 -70.56 -45.68
N GLU H 167 0.09 -69.64 -45.50
CA GLU H 167 -1.31 -70.00 -45.72
C GLU H 167 -1.60 -70.25 -47.19
N LEU H 168 -1.09 -69.38 -48.08
CA LEU H 168 -1.30 -69.60 -49.51
C LEU H 168 -0.66 -70.91 -49.96
N TYR H 169 0.48 -71.27 -49.36
CA TYR H 169 1.13 -72.51 -49.72
C TYR H 169 0.32 -73.71 -49.27
N ALA H 170 -0.26 -73.64 -48.06
CA ALA H 170 -1.12 -74.73 -47.61
C ALA H 170 -2.32 -74.91 -48.53
N GLN H 171 -2.93 -73.78 -48.94
CA GLN H 171 -4.06 -73.88 -49.87
C GLN H 171 -3.63 -74.41 -51.23
N LYS H 172 -2.43 -74.05 -51.68
CA LYS H 172 -1.90 -74.60 -52.93
C LYS H 172 -1.72 -76.10 -52.81
N LEU H 173 -1.16 -76.56 -51.70
CA LEU H 173 -1.02 -77.99 -51.47
C LEU H 173 -2.36 -78.69 -51.59
N LYS H 174 -3.38 -78.19 -50.87
CA LYS H 174 -4.69 -78.83 -50.91
C LYS H 174 -5.26 -78.82 -52.33
N TYR H 175 -5.11 -77.71 -53.04
CA TYR H 175 -5.70 -77.58 -54.37
C TYR H 175 -5.04 -78.52 -55.37
N LYS H 176 -3.70 -78.54 -55.38
CA LYS H 176 -2.99 -79.48 -56.26
C LYS H 176 -3.31 -80.92 -55.87
N ALA H 177 -3.56 -81.18 -54.58
CA ALA H 177 -3.93 -82.52 -54.17
C ALA H 177 -5.27 -82.93 -54.76
N ILE H 178 -6.29 -82.10 -54.62
CA ILE H 178 -7.60 -82.44 -55.15
C ILE H 178 -7.59 -82.40 -56.68
N GLN I 1 74.20 59.88 99.67
CA GLN I 1 75.12 59.52 98.59
C GLN I 1 74.60 58.32 97.79
N LEU I 2 75.39 57.25 97.84
CA LEU I 2 75.04 56.03 97.11
C LEU I 2 73.71 55.47 97.59
N VAL I 3 73.41 55.61 98.88
CA VAL I 3 72.14 55.15 99.40
C VAL I 3 70.98 55.90 98.75
N GLU I 4 71.15 57.22 98.56
CA GLU I 4 70.06 58.00 97.99
C GLU I 4 69.92 57.76 96.50
N GLU I 5 71.03 57.53 95.79
CA GLU I 5 70.91 57.18 94.38
C GLU I 5 70.26 55.80 94.22
N GLU I 6 70.55 54.87 95.14
CA GLU I 6 69.86 53.60 95.16
C GLU I 6 68.36 53.80 95.38
N LEU I 7 68.01 54.69 96.30
CA LEU I 7 66.61 55.05 96.52
C LEU I 7 65.97 55.56 95.24
N ASP I 8 66.70 56.38 94.48
CA ASP I 8 66.17 56.91 93.23
C ASP I 8 65.92 55.79 92.23
N ARG I 9 66.88 54.88 92.09
CA ARG I 9 66.70 53.73 91.20
C ARG I 9 65.49 52.90 91.62
N ALA I 10 65.32 52.70 92.93
CA ALA I 10 64.18 51.96 93.43
C ALA I 10 62.88 52.63 93.05
N GLN I 11 62.80 53.95 93.24
CA GLN I 11 61.58 54.67 92.88
C GLN I 11 61.32 54.61 91.38
N GLU I 12 62.38 54.57 90.58
CA GLU I 12 62.21 54.37 89.14
C GLU I 12 61.57 53.02 88.85
N ARG I 13 62.06 51.96 89.48
CA ARG I 13 61.46 50.65 89.30
C ARG I 13 60.00 50.66 89.74
N LEU I 14 59.70 51.38 90.82
CA LEU I 14 58.32 51.47 91.29
C LEU I 14 57.44 52.17 90.27
N ALA I 15 57.95 53.22 89.64
CA ALA I 15 57.18 53.91 88.60
C ALA I 15 56.90 52.96 87.43
N THR I 16 57.91 52.20 87.00
CA THR I 16 57.71 51.26 85.91
C THR I 16 56.66 50.22 86.28
N ALA I 17 56.72 49.74 87.52
CA ALA I 17 55.74 48.76 87.97
C ALA I 17 54.34 49.34 88.01
N LEU I 18 54.19 50.60 88.42
CA LEU I 18 52.88 51.24 88.41
C LEU I 18 52.32 51.35 87.00
N GLN I 19 53.18 51.69 86.04
CA GLN I 19 52.75 51.73 84.65
C GLN I 19 52.23 50.36 84.21
N LYS I 20 53.02 49.31 84.49
CA LYS I 20 52.58 47.95 84.17
C LYS I 20 51.26 47.63 84.84
N LEU I 21 51.07 48.09 86.08
CA LEU I 21 49.84 47.80 86.81
C LEU I 21 48.64 48.41 86.12
N GLU I 22 48.73 49.68 85.76
CA GLU I 22 47.61 50.33 85.09
C GLU I 22 47.27 49.63 83.78
N GLU I 23 48.30 49.27 83.01
CA GLU I 23 48.05 48.57 81.75
C GLU I 23 47.35 47.24 81.98
N ALA I 24 47.85 46.45 82.92
CA ALA I 24 47.26 45.15 83.18
C ALA I 24 45.82 45.28 83.66
N GLU I 25 45.54 46.30 84.47
CA GLU I 25 44.19 46.49 84.99
C GLU I 25 43.22 46.79 83.87
N LYS I 26 43.54 47.79 83.03
CA LYS I 26 42.62 48.12 81.94
C LYS I 26 42.45 46.94 80.99
N ALA I 27 43.53 46.19 80.74
CA ALA I 27 43.45 45.03 79.87
C ALA I 27 42.47 44.00 80.43
N ALA I 28 42.62 43.66 81.73
CA ALA I 28 41.72 42.70 82.35
C ALA I 28 40.28 43.16 82.29
N ASP I 29 40.04 44.45 82.53
CA ASP I 29 38.66 44.95 82.49
C ASP I 29 38.05 44.79 81.10
N GLU I 30 38.74 45.27 80.06
CA GLU I 30 38.21 45.16 78.71
C GLU I 30 38.03 43.71 78.29
N SER I 31 38.92 42.82 78.73
CA SER I 31 38.77 41.41 78.41
C SER I 31 37.52 40.84 79.07
N GLU I 32 37.25 41.22 80.32
CA GLU I 32 36.03 40.77 80.98
C GLU I 32 34.80 41.26 80.22
N ARG I 33 34.83 42.50 79.73
CA ARG I 33 33.70 43.03 78.98
C ARG I 33 33.47 42.24 77.70
N GLY I 34 34.55 41.92 76.98
CA GLY I 34 34.42 41.06 75.82
C GLY I 34 33.82 39.71 76.17
N MET I 35 34.24 39.14 77.30
CA MET I 35 33.65 37.90 77.78
C MET I 35 32.13 38.04 77.96
N LYS I 36 31.69 39.12 78.59
CA LYS I 36 30.26 39.35 78.77
C LYS I 36 29.53 39.35 77.44
N VAL I 37 30.01 40.15 76.49
CA VAL I 37 29.27 40.30 75.25
C VAL I 37 29.20 38.98 74.49
N ILE I 38 30.31 38.23 74.48
CA ILE I 38 30.30 36.99 73.71
C ILE I 38 29.44 35.93 74.39
N GLU I 39 29.41 35.89 75.72
CA GLU I 39 28.54 34.93 76.39
C GLU I 39 27.08 35.25 76.13
N SER I 40 26.73 36.54 76.10
CA SER I 40 25.36 36.93 75.77
C SER I 40 24.99 36.45 74.36
N ARG I 41 25.89 36.68 73.40
CA ARG I 41 25.64 36.19 72.04
C ARG I 41 25.41 34.68 72.03
N ALA I 42 26.22 33.94 72.79
CA ALA I 42 26.08 32.49 72.84
C ALA I 42 24.70 32.08 73.34
N GLN I 43 24.25 32.66 74.44
CA GLN I 43 22.94 32.28 74.97
C GLN I 43 21.83 32.59 73.97
N LYS I 44 21.84 33.80 73.40
CA LYS I 44 20.75 34.19 72.51
C LYS I 44 20.72 33.30 71.27
N ASP I 45 21.88 33.03 70.67
CA ASP I 45 21.87 32.25 69.45
C ASP I 45 21.51 30.79 69.73
N GLU I 46 21.86 30.29 70.92
CA GLU I 46 21.43 28.96 71.30
C GLU I 46 19.90 28.86 71.34
N GLU I 47 19.26 29.86 71.95
CA GLU I 47 17.79 29.84 72.00
C GLU I 47 17.20 29.88 70.61
N LYS I 48 17.72 30.78 69.75
CA LYS I 48 17.24 30.85 68.38
C LYS I 48 17.39 29.51 67.66
N MET I 49 18.55 28.86 67.83
CA MET I 49 18.80 27.58 67.19
C MET I 49 17.81 26.52 67.65
N GLU I 50 17.49 26.49 68.94
CA GLU I 50 16.56 25.47 69.41
C GLU I 50 15.16 25.70 68.85
N ILE I 51 14.71 26.96 68.81
CA ILE I 51 13.42 27.24 68.19
C ILE I 51 13.43 26.80 66.73
N GLN I 52 14.53 27.06 66.03
CA GLN I 52 14.65 26.64 64.64
C GLN I 52 14.53 25.12 64.50
N GLU I 53 15.19 24.38 65.39
CA GLU I 53 15.13 22.93 65.31
C GLU I 53 13.71 22.43 65.53
N ILE I 54 13.02 22.97 66.52
CA ILE I 54 11.66 22.50 66.82
C ILE I 54 10.72 22.79 65.65
N GLN I 55 10.79 24.00 65.11
CA GLN I 55 9.93 24.33 63.97
C GLN I 55 10.29 23.47 62.76
N LEU I 56 11.56 23.11 62.60
CA LEU I 56 11.95 22.21 61.52
C LEU I 56 11.26 20.85 61.67
N LYS I 57 11.32 20.29 62.89
CA LYS I 57 10.65 19.01 63.13
C LYS I 57 9.17 19.09 62.76
N GLU I 58 8.48 20.12 63.27
CA GLU I 58 7.05 20.24 63.00
C GLU I 58 6.78 20.39 61.51
N ALA I 59 7.57 21.20 60.82
CA ALA I 59 7.39 21.41 59.39
C ALA I 59 7.57 20.11 58.61
N LYS I 60 8.59 19.33 58.95
CA LYS I 60 8.80 18.07 58.25
C LYS I 60 7.65 17.10 58.50
N HIS I 61 7.12 17.09 59.73
CA HIS I 61 5.92 16.31 60.01
C HIS I 61 4.81 16.67 59.04
N ILE I 62 4.45 17.96 58.99
CA ILE I 62 3.38 18.43 58.12
C ILE I 62 3.65 18.01 56.68
N ALA I 63 4.90 18.18 56.24
CA ALA I 63 5.25 17.89 54.86
C ALA I 63 4.98 16.44 54.51
N GLU I 64 5.46 15.51 55.34
CA GLU I 64 5.26 14.10 55.02
C GLU I 64 3.79 13.70 55.12
N ASP I 65 3.05 14.27 56.08
CA ASP I 65 1.62 13.97 56.15
C ASP I 65 0.92 14.37 54.87
N ALA I 66 1.14 15.62 54.43
CA ALA I 66 0.56 16.10 53.19
C ALA I 66 0.95 15.21 52.03
N ASP I 67 2.25 14.89 51.94
CA ASP I 67 2.73 14.07 50.84
C ASP I 67 2.00 12.74 50.77
N ARG I 68 1.84 12.06 51.91
CA ARG I 68 1.26 10.72 51.87
C ARG I 68 -0.24 10.75 51.60
N LYS I 69 -0.96 11.71 52.19
CA LYS I 69 -2.36 11.89 51.82
C LYS I 69 -2.49 12.14 50.32
N TYR I 70 -1.60 12.95 49.77
CA TYR I 70 -1.59 13.21 48.33
C TYR I 70 -1.38 11.93 47.55
N GLU I 71 -0.42 11.10 47.97
CA GLU I 71 -0.16 9.86 47.26
C GLU I 71 -1.39 8.97 47.24
N GLU I 72 -2.10 8.88 48.37
CA GLU I 72 -3.28 8.02 48.39
C GLU I 72 -4.37 8.57 47.47
N VAL I 73 -4.61 9.87 47.51
CA VAL I 73 -5.62 10.45 46.62
C VAL I 73 -5.23 10.26 45.16
N ALA I 74 -3.94 10.34 44.84
CA ALA I 74 -3.51 10.20 43.45
C ALA I 74 -3.55 8.74 42.99
N ARG I 75 -3.30 7.80 43.91
CA ARG I 75 -3.46 6.39 43.55
C ARG I 75 -4.92 6.00 43.46
N LYS I 76 -5.81 6.82 44.00
CA LYS I 76 -7.23 6.70 43.63
C LYS I 76 -7.47 7.35 42.26
N LEU I 77 -6.75 8.43 41.97
CA LEU I 77 -6.82 9.07 40.65
C LEU I 77 -6.49 8.10 39.52
N VAL I 78 -5.44 7.31 39.69
CA VAL I 78 -5.01 6.42 38.61
C VAL I 78 -6.08 5.35 38.35
N ILE I 79 -6.74 4.89 39.42
CA ILE I 79 -7.80 3.92 39.20
C ILE I 79 -9.01 4.59 38.57
N ILE I 80 -9.21 5.88 38.87
CA ILE I 80 -10.25 6.64 38.18
C ILE I 80 -9.95 6.69 36.69
N GLU I 81 -8.68 6.90 36.33
CA GLU I 81 -8.28 6.91 34.93
C GLU I 81 -8.56 5.57 34.26
N SER I 82 -8.18 4.47 34.93
CA SER I 82 -8.39 3.16 34.36
C SER I 82 -9.88 2.89 34.15
N ASP I 83 -10.70 3.20 35.15
CA ASP I 83 -12.13 2.99 34.99
C ASP I 83 -12.69 3.88 33.90
N LEU I 84 -12.15 5.09 33.73
CA LEU I 84 -12.63 5.98 32.68
C LEU I 84 -12.30 5.42 31.30
N GLU I 85 -11.06 4.97 31.11
CA GLU I 85 -10.71 4.44 29.79
C GLU I 85 -11.51 3.19 29.48
N ARG I 86 -11.76 2.35 30.48
CA ARG I 86 -12.61 1.18 30.27
C ARG I 86 -14.04 1.60 29.92
N ALA I 87 -14.57 2.58 30.64
CA ALA I 87 -15.93 3.03 30.38
C ALA I 87 -16.07 3.61 28.99
N GLU I 88 -15.08 4.39 28.54
CA GLU I 88 -15.20 5.04 27.24
C GLU I 88 -14.96 4.06 26.11
N GLU I 89 -14.05 3.09 26.28
CA GLU I 89 -13.90 2.08 25.24
C GLU I 89 -15.16 1.25 25.13
N ARG I 90 -15.79 0.92 26.27
CA ARG I 90 -17.06 0.19 26.21
C ARG I 90 -18.13 1.04 25.55
N ALA I 91 -18.16 2.34 25.85
CA ALA I 91 -19.17 3.22 25.28
C ALA I 91 -19.03 3.34 23.77
N GLU I 92 -17.81 3.54 23.28
CA GLU I 92 -17.61 3.69 21.84
C GLU I 92 -17.77 2.36 21.10
N LEU I 93 -17.29 1.25 21.68
CA LEU I 93 -17.66 -0.07 21.21
C LEU I 93 -19.17 -0.17 21.02
N SER I 94 -19.90 0.19 22.07
CA SER I 94 -21.35 0.08 22.07
C SER I 94 -21.95 0.94 20.97
N GLU I 95 -21.51 2.18 20.85
CA GLU I 95 -22.14 3.11 19.91
C GLU I 95 -21.81 2.75 18.47
N GLY I 96 -20.56 2.38 18.19
CA GLY I 96 -20.22 1.92 16.85
C GLY I 96 -20.98 0.67 16.47
N LYS I 97 -21.11 -0.28 17.41
CA LYS I 97 -21.93 -1.46 17.15
C LYS I 97 -23.38 -1.07 16.92
N CYS I 98 -23.90 -0.12 17.71
CA CYS I 98 -25.24 0.38 17.48
C CYS I 98 -25.39 0.94 16.07
N ALA I 99 -24.39 1.68 15.59
CA ALA I 99 -24.51 2.25 14.24
C ALA I 99 -24.45 1.17 13.17
N GLU I 100 -23.59 0.17 13.36
CA GLU I 100 -23.47 -0.89 12.37
C GLU I 100 -24.72 -1.77 12.34
N LEU I 101 -25.27 -2.11 13.51
CA LEU I 101 -26.55 -2.82 13.55
C LEU I 101 -27.70 -1.92 13.13
N GLU I 102 -27.55 -0.60 13.25
CA GLU I 102 -28.51 0.32 12.65
C GLU I 102 -28.54 0.15 11.15
N GLU I 103 -27.37 0.15 10.52
CA GLU I 103 -27.30 -0.08 9.07
C GLU I 103 -27.83 -1.46 8.73
N GLU I 104 -27.59 -2.45 9.60
CA GLU I 104 -28.14 -3.78 9.38
C GLU I 104 -29.67 -3.76 9.38
N LEU I 105 -30.25 -3.09 10.38
CA LEU I 105 -31.69 -2.89 10.42
C LEU I 105 -32.18 -2.19 9.16
N LYS I 106 -31.43 -1.20 8.69
CA LYS I 106 -31.81 -0.49 7.47
C LYS I 106 -31.85 -1.44 6.28
N THR I 107 -30.82 -2.27 6.13
CA THR I 107 -30.78 -3.22 5.03
C THR I 107 -31.95 -4.19 5.11
N VAL I 108 -32.20 -4.76 6.29
CA VAL I 108 -33.30 -5.70 6.44
C VAL I 108 -34.64 -5.04 6.17
N THR I 109 -34.80 -3.78 6.59
CA THR I 109 -36.06 -3.08 6.34
C THR I 109 -36.24 -2.81 4.86
N ASN I 110 -35.17 -2.45 4.15
CA ASN I 110 -35.28 -2.22 2.72
C ASN I 110 -35.62 -3.52 1.99
N ASN I 111 -34.99 -4.63 2.39
CA ASN I 111 -35.37 -5.92 1.82
C ASN I 111 -36.81 -6.26 2.14
N LEU I 112 -37.28 -5.88 3.33
CA LEU I 112 -38.66 -6.12 3.72
C LEU I 112 -39.62 -5.31 2.85
N LYS I 113 -39.23 -4.08 2.49
CA LYS I 113 -40.08 -3.26 1.64
C LYS I 113 -40.14 -3.83 0.22
N SER I 114 -38.98 -4.18 -0.34
CA SER I 114 -38.98 -4.85 -1.63
C SER I 114 -39.80 -6.13 -1.58
N LEU I 115 -39.75 -6.82 -0.44
CA LEU I 115 -40.53 -8.04 -0.26
C LEU I 115 -42.02 -7.74 -0.21
N GLU I 116 -42.41 -6.62 0.39
CA GLU I 116 -43.82 -6.22 0.39
C GLU I 116 -44.30 -5.95 -1.03
N ALA I 117 -43.47 -5.26 -1.81
CA ALA I 117 -43.78 -5.07 -3.22
C ALA I 117 -43.94 -6.41 -3.92
N GLN I 118 -43.02 -7.35 -3.67
CA GLN I 118 -43.14 -8.69 -4.24
C GLN I 118 -44.46 -9.34 -3.84
N ALA I 119 -44.81 -9.28 -2.55
CA ALA I 119 -46.00 -9.97 -2.07
C ALA I 119 -47.26 -9.41 -2.69
N GLU I 120 -47.37 -8.08 -2.77
CA GLU I 120 -48.56 -7.48 -3.35
C GLU I 120 -48.66 -7.78 -4.84
N LYS I 121 -47.52 -7.72 -5.55
CA LYS I 121 -47.57 -8.04 -6.97
C LYS I 121 -47.85 -9.52 -7.19
N TYR I 122 -47.44 -10.37 -6.26
CA TYR I 122 -47.74 -11.79 -6.38
C TYR I 122 -49.22 -12.06 -6.14
N SER I 123 -49.82 -11.38 -5.16
CA SER I 123 -51.25 -11.51 -4.95
C SER I 123 -52.03 -11.07 -6.19
N GLN I 124 -51.63 -9.93 -6.76
CA GLN I 124 -52.27 -9.45 -7.99
C GLN I 124 -52.11 -10.46 -9.13
N LYS I 125 -50.89 -10.97 -9.32
CA LYS I 125 -50.64 -11.89 -10.41
C LYS I 125 -51.41 -13.19 -10.22
N GLU I 126 -51.48 -13.70 -8.99
CA GLU I 126 -52.19 -14.94 -8.75
C GLU I 126 -53.69 -14.76 -8.93
N ASP I 127 -54.21 -13.58 -8.57
CA ASP I 127 -55.60 -13.27 -8.91
C ASP I 127 -55.81 -13.31 -10.42
N LYS I 128 -54.96 -12.61 -11.17
CA LYS I 128 -55.08 -12.62 -12.63
C LYS I 128 -54.96 -14.03 -13.20
N TYR I 129 -54.15 -14.87 -12.57
CA TYR I 129 -53.88 -16.20 -13.10
C TYR I 129 -55.02 -17.16 -12.80
N GLU I 130 -55.65 -17.05 -11.63
CA GLU I 130 -56.85 -17.83 -11.39
C GLU I 130 -58.02 -17.31 -12.24
N GLU I 131 -58.01 -16.02 -12.56
CA GLU I 131 -58.99 -15.49 -13.51
C GLU I 131 -58.82 -16.13 -14.87
N GLU I 132 -57.57 -16.18 -15.36
CA GLU I 132 -57.30 -16.84 -16.62
C GLU I 132 -57.64 -18.33 -16.55
N ILE I 133 -57.38 -18.96 -15.41
CA ILE I 133 -57.81 -20.34 -15.20
C ILE I 133 -59.31 -20.47 -15.42
N LYS I 134 -60.09 -19.59 -14.78
CA LYS I 134 -61.53 -19.68 -14.88
C LYS I 134 -62.00 -19.51 -16.32
N VAL I 135 -61.55 -18.44 -16.98
CA VAL I 135 -62.04 -18.17 -18.34
C VAL I 135 -61.61 -19.27 -19.30
N LEU I 136 -60.33 -19.64 -19.27
CA LEU I 136 -59.83 -20.65 -20.18
C LEU I 136 -60.48 -22.00 -19.92
N SER I 137 -60.79 -22.31 -18.66
CA SER I 137 -61.37 -23.59 -18.33
C SER I 137 -62.83 -23.67 -18.75
N ASP I 138 -63.61 -22.63 -18.46
CA ASP I 138 -65.00 -22.65 -18.90
C ASP I 138 -65.08 -22.69 -20.42
N LYS I 139 -64.18 -21.96 -21.10
CA LYS I 139 -64.19 -21.98 -22.55
C LYS I 139 -63.73 -23.32 -23.09
N LEU I 140 -62.84 -24.02 -22.38
CA LEU I 140 -62.47 -25.37 -22.81
C LEU I 140 -63.63 -26.33 -22.64
N LYS I 141 -64.38 -26.22 -21.54
CA LYS I 141 -65.58 -27.04 -21.38
C LYS I 141 -66.56 -26.79 -22.51
N GLU I 142 -66.82 -25.52 -22.82
CA GLU I 142 -67.76 -25.20 -23.89
C GLU I 142 -67.23 -25.62 -25.26
N ALA I 143 -65.91 -25.55 -25.47
CA ALA I 143 -65.32 -26.00 -26.72
C ALA I 143 -65.45 -27.51 -26.87
N GLU I 144 -65.22 -28.25 -25.79
CA GLU I 144 -65.40 -29.69 -25.84
C GLU I 144 -66.85 -30.05 -26.11
N THR I 145 -67.79 -29.32 -25.49
CA THR I 145 -69.20 -29.59 -25.73
C THR I 145 -69.57 -29.33 -27.19
N ARG I 146 -69.22 -28.15 -27.71
CA ARG I 146 -69.57 -27.81 -29.09
C ARG I 146 -68.88 -28.75 -30.06
N ALA I 147 -67.64 -29.15 -29.77
CA ALA I 147 -66.92 -30.05 -30.65
C ALA I 147 -67.57 -31.42 -30.67
N GLU I 148 -67.87 -31.99 -29.49
CA GLU I 148 -68.51 -33.30 -29.46
C GLU I 148 -69.90 -33.24 -30.08
N PHE I 149 -70.60 -32.11 -29.96
CA PHE I 149 -71.88 -31.94 -30.61
C PHE I 149 -71.73 -32.01 -32.13
N ALA I 150 -70.85 -31.17 -32.67
CA ALA I 150 -70.60 -31.19 -34.10
C ALA I 150 -70.10 -32.56 -34.56
N GLU I 151 -69.37 -33.27 -33.70
CA GLU I 151 -68.82 -34.56 -34.09
C GLU I 151 -69.88 -35.64 -34.08
N ARG I 152 -70.85 -35.56 -33.17
CA ARG I 152 -72.00 -36.46 -33.26
C ARG I 152 -72.80 -36.16 -34.52
N SER I 153 -72.93 -34.88 -34.86
CA SER I 153 -73.53 -34.52 -36.14
C SER I 153 -72.77 -35.16 -37.30
N VAL I 154 -71.44 -35.05 -37.28
CA VAL I 154 -70.60 -35.72 -38.28
C VAL I 154 -70.92 -37.21 -38.32
N THR I 155 -71.05 -37.84 -37.16
CA THR I 155 -71.30 -39.28 -37.11
C THR I 155 -72.61 -39.63 -37.80
N LYS I 156 -73.70 -38.95 -37.42
CA LYS I 156 -74.99 -39.25 -38.04
C LYS I 156 -74.97 -38.96 -39.54
N LEU I 157 -74.34 -37.85 -39.94
CA LEU I 157 -74.27 -37.56 -41.37
C LEU I 157 -73.47 -38.62 -42.11
N GLU I 158 -72.39 -39.14 -41.51
CA GLU I 158 -71.61 -40.19 -42.15
C GLU I 158 -72.43 -41.47 -42.27
N LYS I 159 -73.19 -41.81 -41.23
CA LYS I 159 -74.06 -42.97 -41.32
C LYS I 159 -75.07 -42.80 -42.44
N SER I 160 -75.61 -41.60 -42.59
CA SER I 160 -76.52 -41.34 -43.70
C SER I 160 -75.80 -41.48 -45.03
N ILE I 161 -74.54 -41.04 -45.11
CA ILE I 161 -73.75 -41.25 -46.32
C ILE I 161 -73.64 -42.74 -46.64
N ASP I 162 -73.36 -43.56 -45.63
CA ASP I 162 -73.26 -44.99 -45.86
C ASP I 162 -74.57 -45.55 -46.39
N ASP I 163 -75.68 -45.20 -45.74
CA ASP I 163 -76.98 -45.68 -46.21
C ASP I 163 -77.26 -45.20 -47.63
N LEU I 164 -76.88 -43.97 -47.94
CA LEU I 164 -77.09 -43.45 -49.29
C LEU I 164 -76.31 -44.25 -50.30
N GLU I 165 -75.03 -44.55 -50.01
CA GLU I 165 -74.23 -45.36 -50.94
C GLU I 165 -74.86 -46.74 -51.12
N ASP I 166 -75.38 -47.32 -50.04
CA ASP I 166 -76.03 -48.62 -50.17
C ASP I 166 -77.26 -48.53 -51.07
N GLU I 167 -78.05 -47.47 -50.94
CA GLU I 167 -79.22 -47.34 -51.79
C GLU I 167 -78.85 -47.04 -53.24
N LEU I 168 -77.77 -46.28 -53.46
CA LEU I 168 -77.26 -46.10 -54.81
C LEU I 168 -76.87 -47.44 -55.41
N TYR I 169 -76.18 -48.28 -54.63
CA TYR I 169 -75.84 -49.62 -55.10
C TYR I 169 -77.10 -50.44 -55.39
N ALA I 170 -78.13 -50.30 -54.56
CA ALA I 170 -79.38 -51.01 -54.82
C ALA I 170 -79.98 -50.59 -56.15
N GLN I 171 -80.01 -49.29 -56.42
CA GLN I 171 -80.56 -48.84 -57.70
C GLN I 171 -79.65 -49.21 -58.86
N LYS I 172 -78.35 -49.34 -58.60
CA LYS I 172 -77.45 -49.90 -59.61
C LYS I 172 -77.85 -51.33 -59.93
N LEU I 173 -78.15 -52.11 -58.90
CA LEU I 173 -78.65 -53.47 -59.10
C LEU I 173 -79.89 -53.47 -59.96
N LYS I 174 -80.88 -52.64 -59.61
CA LYS I 174 -82.12 -52.61 -60.37
C LYS I 174 -81.90 -52.15 -61.80
N TYR I 175 -80.98 -51.20 -62.02
CA TYR I 175 -80.74 -50.71 -63.36
C TYR I 175 -80.03 -51.76 -64.20
N LYS I 176 -79.03 -52.43 -63.65
CA LYS I 176 -78.33 -53.46 -64.40
C LYS I 176 -79.24 -54.65 -64.69
N ALA I 177 -80.15 -54.97 -63.77
CA ALA I 177 -81.09 -56.05 -64.02
C ALA I 177 -82.11 -55.66 -65.09
N ILE I 178 -82.88 -54.60 -64.82
CA ILE I 178 -83.84 -54.10 -65.77
C ILE I 178 -83.51 -52.66 -66.11
N GLN J 1 67.99 58.51 108.30
CA GLN J 1 67.22 57.27 108.27
C GLN J 1 66.15 57.32 107.17
N LEU J 2 65.84 58.54 106.72
CA LEU J 2 64.83 58.70 105.67
C LEU J 2 65.20 57.90 104.43
N VAL J 3 66.48 57.90 104.06
CA VAL J 3 66.94 57.16 102.88
C VAL J 3 66.54 55.70 102.98
N GLU J 4 67.01 55.03 104.03
CA GLU J 4 66.80 53.58 104.12
C GLU J 4 65.34 53.23 104.41
N GLU J 5 64.60 54.09 105.11
CA GLU J 5 63.21 53.77 105.38
C GLU J 5 62.37 53.88 104.11
N GLU J 6 62.57 54.94 103.32
CA GLU J 6 61.97 54.97 102.00
C GLU J 6 62.42 53.78 101.18
N LEU J 7 63.70 53.41 101.29
CA LEU J 7 64.23 52.29 100.53
C LEU J 7 63.43 51.02 100.79
N ASP J 8 63.43 50.54 102.03
CA ASP J 8 62.84 49.24 102.29
C ASP J 8 61.31 49.29 102.24
N ARG J 9 60.69 50.41 102.62
CA ARG J 9 59.24 50.50 102.50
C ARG J 9 58.81 50.46 101.04
N ALA J 10 59.47 51.26 100.18
CA ALA J 10 59.16 51.23 98.76
C ALA J 10 59.51 49.88 98.14
N GLN J 11 60.51 49.18 98.68
CA GLN J 11 60.86 47.87 98.13
C GLN J 11 59.79 46.84 98.45
N GLU J 12 59.32 46.80 99.70
CA GLU J 12 58.25 45.86 100.02
C GLU J 12 56.94 46.24 99.34
N ARG J 13 56.70 47.55 99.15
CA ARG J 13 55.53 47.96 98.38
C ARG J 13 55.67 47.61 96.90
N LEU J 14 56.90 47.61 96.38
CA LEU J 14 57.13 47.17 95.02
C LEU J 14 56.92 45.66 94.89
N ALA J 15 57.28 44.92 95.93
CA ALA J 15 56.96 43.50 95.96
C ALA J 15 55.45 43.28 95.95
N THR J 16 54.72 44.05 96.74
CA THR J 16 53.26 43.95 96.71
C THR J 16 52.71 44.35 95.35
N ALA J 17 53.31 45.34 94.70
CA ALA J 17 52.88 45.74 93.38
C ALA J 17 53.11 44.62 92.36
N LEU J 18 54.27 43.97 92.42
CA LEU J 18 54.54 42.89 91.47
C LEU J 18 53.64 41.70 91.73
N GLN J 19 53.31 41.42 92.99
CA GLN J 19 52.36 40.36 93.27
C GLN J 19 50.97 40.71 92.75
N LYS J 20 50.58 41.99 92.87
CA LYS J 20 49.33 42.44 92.28
C LYS J 20 49.34 42.27 90.77
N LEU J 21 50.50 42.52 90.14
CA LEU J 21 50.62 42.31 88.70
C LEU J 21 50.50 40.84 88.33
N GLU J 22 51.10 39.95 89.13
CA GLU J 22 50.96 38.53 88.86
C GLU J 22 49.51 38.09 89.00
N GLU J 23 48.82 38.59 90.02
CA GLU J 23 47.39 38.30 90.16
C GLU J 23 46.61 38.82 88.97
N ALA J 24 46.94 40.04 88.52
CA ALA J 24 46.22 40.63 87.39
C ALA J 24 46.45 39.83 86.11
N GLU J 25 47.67 39.34 85.90
CA GLU J 25 47.93 38.59 84.67
C GLU J 25 47.31 37.20 84.75
N LYS J 26 47.24 36.60 85.94
CA LYS J 26 46.50 35.34 86.06
C LYS J 26 45.01 35.56 85.82
N ALA J 27 44.47 36.68 86.29
CA ALA J 27 43.09 37.03 85.97
C ALA J 27 42.92 37.18 84.46
N ALA J 28 43.89 37.80 83.81
CA ALA J 28 43.85 37.91 82.35
C ALA J 28 43.84 36.52 81.71
N ASP J 29 44.64 35.59 82.24
CA ASP J 29 44.67 34.24 81.70
C ASP J 29 43.31 33.55 81.81
N GLU J 30 42.73 33.58 83.01
CA GLU J 30 41.45 32.90 83.20
C GLU J 30 40.34 33.56 82.38
N SER J 31 40.35 34.90 82.30
CA SER J 31 39.37 35.59 81.48
C SER J 31 39.52 35.20 80.01
N GLU J 32 40.77 35.08 79.54
CA GLU J 32 41.01 34.71 78.15
C GLU J 32 40.55 33.28 77.88
N ARG J 33 40.75 32.39 78.84
CA ARG J 33 40.25 31.02 78.68
C ARG J 33 38.73 31.00 78.55
N GLY J 34 38.05 31.69 79.45
CA GLY J 34 36.60 31.81 79.33
C GLY J 34 36.17 32.39 78.01
N MET J 35 36.87 33.45 77.57
CA MET J 35 36.54 34.07 76.30
C MET J 35 36.68 33.10 75.15
N LYS J 36 37.78 32.35 75.10
CA LYS J 36 38.01 31.48 73.95
C LYS J 36 36.99 30.34 73.93
N VAL J 37 36.70 29.72 75.08
CA VAL J 37 35.75 28.62 75.07
C VAL J 37 34.35 29.14 74.71
N ILE J 38 34.00 30.32 75.20
CA ILE J 38 32.66 30.83 74.94
C ILE J 38 32.50 31.23 73.48
N GLU J 39 33.54 31.83 72.88
CA GLU J 39 33.43 32.22 71.48
C GLU J 39 33.41 30.99 70.59
N SER J 40 34.14 29.94 70.95
CA SER J 40 34.06 28.70 70.17
C SER J 40 32.67 28.11 70.24
N ARG J 41 32.07 28.09 71.45
CA ARG J 41 30.71 27.61 71.59
C ARG J 41 29.75 28.44 70.74
N ALA J 42 29.90 29.76 70.77
CA ALA J 42 29.06 30.63 69.96
C ALA J 42 29.20 30.30 68.49
N GLN J 43 30.43 30.03 68.03
CA GLN J 43 30.63 29.67 66.64
C GLN J 43 29.88 28.40 66.27
N LYS J 44 30.05 27.34 67.08
CA LYS J 44 29.35 26.09 66.80
C LYS J 44 27.85 26.29 66.76
N ASP J 45 27.33 27.01 67.76
CA ASP J 45 25.89 27.22 67.83
C ASP J 45 25.39 27.99 66.63
N GLU J 46 26.12 29.03 66.22
CA GLU J 46 25.69 29.84 65.09
C GLU J 46 25.68 29.03 63.81
N GLU J 47 26.74 28.26 63.55
CA GLU J 47 26.77 27.49 62.32
C GLU J 47 25.65 26.45 62.30
N LYS J 48 25.38 25.82 63.45
CA LYS J 48 24.29 24.86 63.49
C LYS J 48 22.95 25.55 63.26
N MET J 49 22.76 26.72 63.86
CA MET J 49 21.54 27.50 63.63
C MET J 49 21.37 27.81 62.15
N GLU J 50 22.45 28.17 61.46
CA GLU J 50 22.35 28.47 60.05
C GLU J 50 21.98 27.24 59.24
N ILE J 51 22.61 26.10 59.53
CA ILE J 51 22.22 24.86 58.86
C ILE J 51 20.74 24.58 59.05
N GLN J 52 20.25 24.74 60.29
CA GLN J 52 18.86 24.39 60.56
C GLN J 52 17.89 25.37 59.92
N GLU J 53 18.22 26.66 59.88
CA GLU J 53 17.31 27.62 59.25
C GLU J 53 17.24 27.39 57.75
N ILE J 54 18.39 27.11 57.12
CA ILE J 54 18.33 26.84 55.68
C ILE J 54 17.64 25.51 55.43
N GLN J 55 17.70 24.58 56.38
CA GLN J 55 17.00 23.32 56.21
C GLN J 55 15.49 23.52 56.27
N LEU J 56 15.02 24.34 57.21
CA LEU J 56 13.61 24.71 57.22
C LEU J 56 13.23 25.42 55.91
N LYS J 57 14.09 26.31 55.44
CA LYS J 57 13.88 26.98 54.16
C LYS J 57 13.58 25.97 53.06
N GLU J 58 14.52 25.05 52.84
CA GLU J 58 14.34 24.05 51.79
C GLU J 58 13.10 23.20 52.04
N ALA J 59 12.89 22.80 53.29
CA ALA J 59 11.80 21.88 53.61
C ALA J 59 10.44 22.50 53.31
N LYS J 60 10.20 23.71 53.79
CA LYS J 60 8.93 24.38 53.50
C LYS J 60 8.82 24.77 52.05
N HIS J 61 9.93 25.10 51.38
CA HIS J 61 9.88 25.38 49.96
C HIS J 61 9.33 24.18 49.18
N ILE J 62 9.99 23.02 49.34
CA ILE J 62 9.55 21.83 48.63
C ILE J 62 8.17 21.38 49.12
N ALA J 63 7.86 21.66 50.39
CA ALA J 63 6.57 21.24 50.93
C ALA J 63 5.43 22.00 50.29
N GLU J 64 5.53 23.33 50.25
CA GLU J 64 4.51 24.12 49.57
C GLU J 64 4.49 23.83 48.07
N ASP J 65 5.66 23.57 47.48
CA ASP J 65 5.71 23.10 46.10
C ASP J 65 4.81 21.89 45.90
N ALA J 66 5.10 20.80 46.60
CA ALA J 66 4.33 19.57 46.44
C ALA J 66 2.87 19.79 46.81
N ASP J 67 2.61 20.68 47.76
CA ASP J 67 1.24 20.91 48.20
C ASP J 67 0.41 21.55 47.11
N ARG J 68 0.91 22.65 46.51
CA ARG J 68 0.18 23.27 45.42
C ARG J 68 0.07 22.32 44.22
N LYS J 69 1.17 21.63 43.90
CA LYS J 69 1.14 20.68 42.79
C LYS J 69 0.05 19.64 42.98
N TYR J 70 -0.05 19.07 44.17
CA TYR J 70 -0.96 17.96 44.35
C TYR J 70 -2.37 18.40 44.69
N GLU J 71 -2.56 19.64 45.14
CA GLU J 71 -3.91 20.19 45.13
C GLU J 71 -4.39 20.37 43.69
N GLU J 72 -3.52 20.81 42.79
CA GLU J 72 -3.89 20.80 41.37
C GLU J 72 -4.09 19.38 40.85
N VAL J 73 -3.35 18.42 41.40
CA VAL J 73 -3.57 17.02 41.06
C VAL J 73 -4.98 16.59 41.44
N ALA J 74 -5.41 16.99 42.63
CA ALA J 74 -6.79 16.74 43.03
C ALA J 74 -7.78 17.51 42.15
N ARG J 75 -7.38 18.66 41.62
CA ARG J 75 -8.22 19.39 40.68
C ARG J 75 -8.46 18.58 39.41
N LYS J 76 -7.38 18.22 38.71
CA LYS J 76 -7.54 17.37 37.53
C LYS J 76 -8.17 16.04 37.89
N LEU J 77 -8.03 15.59 39.13
CA LEU J 77 -8.71 14.38 39.57
C LEU J 77 -10.21 14.59 39.61
N VAL J 78 -10.67 15.71 40.16
CA VAL J 78 -12.11 15.99 40.17
C VAL J 78 -12.63 16.10 38.74
N ILE J 79 -11.85 16.72 37.86
CA ILE J 79 -12.28 16.85 36.46
C ILE J 79 -12.37 15.47 35.80
N ILE J 80 -11.34 14.65 35.95
CA ILE J 80 -11.32 13.34 35.34
C ILE J 80 -12.35 12.43 35.98
N GLU J 81 -12.70 12.68 37.25
CA GLU J 81 -13.76 11.93 37.88
C GLU J 81 -15.12 12.29 37.30
N SER J 82 -15.38 13.60 37.16
CA SER J 82 -16.59 14.04 36.50
C SER J 82 -16.72 13.39 35.13
N ASP J 83 -15.63 13.40 34.36
CA ASP J 83 -15.67 12.75 33.05
C ASP J 83 -15.89 11.25 33.17
N LEU J 84 -15.36 10.63 34.23
CA LEU J 84 -15.58 9.20 34.45
C LEU J 84 -17.05 8.89 34.69
N GLU J 85 -17.69 9.60 35.62
CA GLU J 85 -19.10 9.31 35.87
C GLU J 85 -19.96 9.67 34.68
N ARG J 86 -19.60 10.74 33.96
CA ARG J 86 -20.32 11.06 32.72
C ARG J 86 -20.18 9.92 31.71
N ALA J 87 -18.99 9.33 31.61
CA ALA J 87 -18.79 8.21 30.71
C ALA J 87 -19.53 6.97 31.19
N GLU J 88 -19.71 6.82 32.50
CA GLU J 88 -20.53 5.73 33.01
C GLU J 88 -22.00 5.92 32.62
N GLU J 89 -22.50 7.15 32.75
CA GLU J 89 -23.84 7.44 32.25
C GLU J 89 -23.94 7.13 30.77
N ARG J 90 -22.95 7.59 29.99
CA ARG J 90 -22.91 7.31 28.56
C ARG J 90 -22.96 5.81 28.29
N ALA J 91 -22.18 5.04 29.05
CA ALA J 91 -22.12 3.60 28.88
C ALA J 91 -23.48 2.96 29.12
N GLU J 92 -24.14 3.34 30.22
CA GLU J 92 -25.42 2.74 30.55
C GLU J 92 -26.48 3.11 29.52
N LEU J 93 -26.54 4.39 29.13
CA LEU J 93 -27.50 4.79 28.12
C LEU J 93 -27.22 4.11 26.79
N SER J 94 -25.95 3.90 26.45
CA SER J 94 -25.62 3.21 25.20
C SER J 94 -25.99 1.74 25.27
N GLU J 95 -25.86 1.10 26.43
CA GLU J 95 -26.37 -0.24 26.59
C GLU J 95 -27.87 -0.27 26.35
N GLY J 96 -28.61 0.68 26.94
CA GLY J 96 -30.03 0.77 26.69
C GLY J 96 -30.36 0.99 25.22
N LYS J 97 -29.55 1.81 24.54
CA LYS J 97 -29.81 2.12 23.14
C LYS J 97 -29.58 0.90 22.26
N CYS J 98 -28.44 0.22 22.45
CA CYS J 98 -28.21 -1.00 21.71
C CYS J 98 -29.20 -2.10 22.10
N ALA J 99 -29.77 -2.06 23.29
CA ALA J 99 -30.82 -3.02 23.63
C ALA J 99 -32.10 -2.71 22.86
N GLU J 100 -32.46 -1.43 22.77
CA GLU J 100 -33.59 -1.04 21.92
C GLU J 100 -33.32 -1.41 20.48
N LEU J 101 -32.09 -1.23 20.01
CA LEU J 101 -31.74 -1.67 18.66
C LEU J 101 -31.81 -3.18 18.54
N GLU J 102 -31.54 -3.89 19.63
CA GLU J 102 -31.61 -5.35 19.63
C GLU J 102 -33.04 -5.82 19.48
N GLU J 103 -33.98 -5.18 20.18
CA GLU J 103 -35.38 -5.53 19.98
C GLU J 103 -35.87 -5.09 18.60
N GLU J 104 -35.41 -3.93 18.13
CA GLU J 104 -35.66 -3.52 16.75
C GLU J 104 -35.27 -4.62 15.77
N LEU J 105 -34.04 -5.12 15.90
CA LEU J 105 -33.53 -6.08 14.93
C LEU J 105 -34.22 -7.43 15.07
N LYS J 106 -34.49 -7.86 16.30
CA LYS J 106 -35.20 -9.12 16.48
C LYS J 106 -36.59 -9.06 15.84
N THR J 107 -37.31 -7.95 16.08
CA THR J 107 -38.62 -7.79 15.48
C THR J 107 -38.53 -7.78 13.95
N VAL J 108 -37.58 -7.00 13.40
CA VAL J 108 -37.53 -6.88 11.96
C VAL J 108 -37.12 -8.20 11.32
N THR J 109 -36.29 -8.99 12.00
CA THR J 109 -35.92 -10.29 11.45
C THR J 109 -37.09 -11.25 11.48
N ASN J 110 -37.84 -11.28 12.58
CA ASN J 110 -39.06 -12.07 12.61
C ASN J 110 -39.98 -11.71 11.45
N ASN J 111 -40.18 -10.40 11.25
CA ASN J 111 -41.00 -9.93 10.15
C ASN J 111 -40.44 -10.38 8.81
N LEU J 112 -39.12 -10.26 8.63
CA LEU J 112 -38.51 -10.61 7.36
C LEU J 112 -38.70 -12.08 7.03
N LYS J 113 -38.41 -12.97 7.98
CA LYS J 113 -38.53 -14.39 7.69
C LYS J 113 -39.99 -14.80 7.50
N SER J 114 -40.90 -14.27 8.32
CA SER J 114 -42.32 -14.59 8.14
C SER J 114 -42.80 -14.15 6.77
N LEU J 115 -42.60 -12.88 6.43
CA LEU J 115 -43.10 -12.36 5.17
C LEU J 115 -42.37 -12.98 3.98
N GLU J 116 -41.13 -13.44 4.17
CA GLU J 116 -40.42 -14.09 3.07
C GLU J 116 -40.95 -15.49 2.84
N ALA J 117 -41.29 -16.21 3.92
CA ALA J 117 -42.02 -17.46 3.74
C ALA J 117 -43.32 -17.22 2.99
N GLN J 118 -44.07 -16.19 3.39
CA GLN J 118 -45.26 -15.81 2.65
C GLN J 118 -44.97 -15.59 1.17
N ALA J 119 -43.89 -14.85 0.88
CA ALA J 119 -43.57 -14.53 -0.51
C ALA J 119 -43.20 -15.78 -1.31
N GLU J 120 -42.54 -16.75 -0.69
CA GLU J 120 -42.17 -17.94 -1.45
C GLU J 120 -43.40 -18.83 -1.69
N LYS J 121 -44.33 -18.88 -0.73
CA LYS J 121 -45.61 -19.53 -1.03
C LYS J 121 -46.28 -18.85 -2.21
N TYR J 122 -46.29 -17.52 -2.20
CA TYR J 122 -46.89 -16.78 -3.31
C TYR J 122 -46.22 -17.13 -4.63
N SER J 123 -44.90 -17.21 -4.62
CA SER J 123 -44.15 -17.53 -5.84
C SER J 123 -44.51 -18.91 -6.36
N GLN J 124 -44.49 -19.92 -5.49
CA GLN J 124 -44.76 -21.27 -5.97
C GLN J 124 -46.20 -21.40 -6.47
N LYS J 125 -47.15 -20.76 -5.79
CA LYS J 125 -48.54 -20.84 -6.23
C LYS J 125 -48.73 -20.11 -7.56
N GLU J 126 -48.08 -18.96 -7.73
CA GLU J 126 -48.14 -18.27 -9.01
C GLU J 126 -47.54 -19.11 -10.12
N ASP J 127 -46.44 -19.83 -9.82
CA ASP J 127 -45.83 -20.69 -10.83
C ASP J 127 -46.78 -21.81 -11.23
N LYS J 128 -47.45 -22.43 -10.25
CA LYS J 128 -48.41 -23.47 -10.56
C LYS J 128 -49.57 -22.91 -11.39
N TYR J 129 -50.05 -21.72 -11.04
CA TYR J 129 -51.09 -21.05 -11.82
C TYR J 129 -50.66 -20.87 -13.27
N GLU J 130 -49.47 -20.33 -13.48
CA GLU J 130 -48.97 -20.07 -14.83
C GLU J 130 -48.82 -21.37 -15.62
N GLU J 131 -48.35 -22.43 -14.96
CA GLU J 131 -48.28 -23.73 -15.61
C GLU J 131 -49.65 -24.18 -16.09
N GLU J 132 -50.64 -24.09 -15.22
CA GLU J 132 -52.00 -24.49 -15.60
C GLU J 132 -52.52 -23.63 -16.75
N ILE J 133 -52.24 -22.33 -16.73
CA ILE J 133 -52.66 -21.46 -17.82
C ILE J 133 -52.04 -21.90 -19.14
N LYS J 134 -50.73 -22.13 -19.13
CA LYS J 134 -50.05 -22.50 -20.37
C LYS J 134 -50.59 -23.81 -20.93
N VAL J 135 -50.73 -24.82 -20.07
CA VAL J 135 -51.19 -26.11 -20.59
C VAL J 135 -52.62 -26.00 -21.07
N LEU J 136 -53.46 -25.26 -20.34
CA LEU J 136 -54.86 -25.16 -20.73
C LEU J 136 -55.03 -24.35 -22.01
N SER J 137 -54.13 -23.40 -22.25
CA SER J 137 -54.18 -22.65 -23.51
C SER J 137 -53.69 -23.50 -24.68
N ASP J 138 -52.70 -24.37 -24.44
CA ASP J 138 -52.34 -25.34 -25.47
C ASP J 138 -53.55 -26.21 -25.83
N LYS J 139 -54.26 -26.68 -24.80
CA LYS J 139 -55.49 -27.42 -25.06
C LYS J 139 -56.51 -26.58 -25.81
N LEU J 140 -56.60 -25.28 -25.51
CA LEU J 140 -57.53 -24.42 -26.22
C LEU J 140 -57.18 -24.34 -27.70
N LYS J 141 -55.89 -24.20 -28.00
CA LYS J 141 -55.47 -24.11 -29.40
C LYS J 141 -55.78 -25.40 -30.16
N GLU J 142 -55.37 -26.55 -29.60
CA GLU J 142 -55.65 -27.81 -30.28
C GLU J 142 -57.15 -28.05 -30.40
N ALA J 143 -57.92 -27.65 -29.39
CA ALA J 143 -59.36 -27.86 -29.43
C ALA J 143 -60.04 -26.95 -30.44
N GLU J 144 -59.56 -25.71 -30.59
CA GLU J 144 -60.12 -24.83 -31.60
C GLU J 144 -59.82 -25.34 -33.00
N THR J 145 -58.59 -25.82 -33.22
CA THR J 145 -58.27 -26.44 -34.50
C THR J 145 -59.16 -27.66 -34.75
N ARG J 146 -59.37 -28.48 -33.71
CA ARG J 146 -60.22 -29.66 -33.84
C ARG J 146 -61.65 -29.27 -34.18
N ALA J 147 -62.17 -28.22 -33.53
CA ALA J 147 -63.54 -27.79 -33.78
C ALA J 147 -63.69 -27.24 -35.19
N GLU J 148 -62.71 -26.46 -35.65
CA GLU J 148 -62.76 -25.94 -37.02
C GLU J 148 -62.70 -27.08 -38.02
N PHE J 149 -61.81 -28.05 -37.79
CA PHE J 149 -61.74 -29.19 -38.69
C PHE J 149 -63.04 -29.98 -38.66
N ALA J 150 -63.67 -30.09 -37.50
CA ALA J 150 -64.91 -30.85 -37.39
C ALA J 150 -66.04 -30.17 -38.14
N GLU J 151 -66.16 -28.84 -38.03
CA GLU J 151 -67.21 -28.15 -38.77
C GLU J 151 -66.95 -28.16 -40.27
N ARG J 152 -65.67 -28.09 -40.67
CA ARG J 152 -65.35 -28.27 -42.07
C ARG J 152 -65.72 -29.68 -42.54
N SER J 153 -65.56 -30.67 -41.67
CA SER J 153 -66.00 -32.02 -42.01
C SER J 153 -67.52 -32.09 -42.13
N VAL J 154 -68.23 -31.36 -41.28
CA VAL J 154 -69.69 -31.27 -41.43
C VAL J 154 -70.04 -30.73 -42.81
N THR J 155 -69.36 -29.67 -43.23
CA THR J 155 -69.56 -29.12 -44.57
C THR J 155 -69.26 -30.17 -45.64
N LYS J 156 -68.19 -30.94 -45.43
CA LYS J 156 -67.84 -31.99 -46.38
C LYS J 156 -68.97 -33.00 -46.52
N LEU J 157 -69.52 -33.45 -45.38
CA LEU J 157 -70.64 -34.38 -45.43
C LEU J 157 -71.86 -33.75 -46.08
N GLU J 158 -72.12 -32.47 -45.81
CA GLU J 158 -73.23 -31.79 -46.47
C GLU J 158 -73.11 -31.89 -47.98
N LYS J 159 -71.96 -31.49 -48.53
CA LYS J 159 -71.84 -31.48 -49.99
C LYS J 159 -71.82 -32.89 -50.56
N SER J 160 -71.22 -33.84 -49.84
CA SER J 160 -71.23 -35.21 -50.33
C SER J 160 -72.63 -35.79 -50.37
N ILE J 161 -73.40 -35.61 -49.29
CA ILE J 161 -74.79 -36.05 -49.29
C ILE J 161 -75.59 -35.33 -50.37
N ASP J 162 -75.22 -34.09 -50.70
CA ASP J 162 -75.86 -33.42 -51.83
C ASP J 162 -75.60 -34.19 -53.13
N ASP J 163 -74.34 -34.57 -53.36
CA ASP J 163 -74.04 -35.40 -54.53
C ASP J 163 -74.83 -36.70 -54.51
N LEU J 164 -74.99 -37.29 -53.32
CA LEU J 164 -75.69 -38.56 -53.21
C LEU J 164 -77.16 -38.42 -53.55
N GLU J 165 -77.80 -37.33 -53.07
CA GLU J 165 -79.17 -37.05 -53.47
C GLU J 165 -79.27 -36.88 -54.97
N ASP J 166 -78.31 -36.17 -55.57
CA ASP J 166 -78.37 -35.94 -57.01
C ASP J 166 -78.25 -37.26 -57.79
N GLU J 167 -77.32 -38.12 -57.40
CA GLU J 167 -77.15 -39.37 -58.14
C GLU J 167 -78.28 -40.35 -57.88
N LEU J 168 -78.84 -40.37 -56.66
CA LEU J 168 -80.01 -41.21 -56.43
C LEU J 168 -81.20 -40.73 -57.25
N TYR J 169 -81.35 -39.41 -57.39
CA TYR J 169 -82.41 -38.88 -58.24
C TYR J 169 -82.20 -39.30 -59.69
N ALA J 170 -80.98 -39.16 -60.20
CA ALA J 170 -80.69 -39.55 -61.57
C ALA J 170 -80.98 -41.03 -61.80
N GLN J 171 -80.59 -41.88 -60.85
CA GLN J 171 -80.75 -43.31 -61.06
C GLN J 171 -82.21 -43.72 -60.91
N LYS J 172 -82.95 -43.09 -60.01
CA LYS J 172 -84.38 -43.36 -59.95
C LYS J 172 -85.07 -42.94 -61.24
N LEU J 173 -84.68 -41.78 -61.78
CA LEU J 173 -85.25 -41.34 -63.06
C LEU J 173 -85.00 -42.38 -64.14
N LYS J 174 -83.75 -42.83 -64.27
CA LYS J 174 -83.44 -43.80 -65.32
C LYS J 174 -84.19 -45.11 -65.10
N TYR J 175 -84.28 -45.57 -63.85
CA TYR J 175 -84.94 -46.84 -63.57
C TYR J 175 -86.43 -46.77 -63.86
N LYS J 176 -87.06 -45.64 -63.53
CA LYS J 176 -88.48 -45.47 -63.86
C LYS J 176 -88.66 -45.34 -65.37
N ALA J 177 -87.68 -44.75 -66.06
CA ALA J 177 -87.73 -44.69 -67.52
C ALA J 177 -87.64 -46.07 -68.12
N ILE J 178 -86.96 -46.99 -67.45
CA ILE J 178 -86.87 -48.37 -67.93
C ILE J 178 -88.19 -49.10 -67.71
N ALA K 1 -10.06 -88.61 58.36
CA ALA K 1 -9.10 -88.29 59.41
C ALA K 1 -9.04 -86.80 59.68
N GLN K 2 -8.44 -86.07 58.74
CA GLN K 2 -8.33 -84.62 58.83
C GLN K 2 -9.59 -83.91 58.37
N MET K 3 -10.69 -84.63 58.21
CA MET K 3 -11.97 -84.04 57.83
C MET K 3 -12.99 -84.01 58.96
N ALA K 4 -12.92 -84.98 59.88
CA ALA K 4 -13.91 -85.09 60.95
C ALA K 4 -13.69 -84.09 62.08
N ASP K 5 -12.82 -83.09 61.88
CA ASP K 5 -12.60 -82.05 62.87
C ASP K 5 -13.35 -80.76 62.55
N PHE K 6 -14.16 -80.74 61.51
CA PHE K 6 -14.96 -79.58 61.16
C PHE K 6 -16.43 -79.74 61.51
N GLY K 7 -16.82 -80.90 62.02
CA GLY K 7 -18.17 -81.05 62.57
C GLY K 7 -19.23 -81.05 61.49
N ALA K 8 -20.30 -80.30 61.75
CA ALA K 8 -21.48 -80.29 60.90
C ALA K 8 -21.23 -79.71 59.52
N ALA K 9 -20.12 -79.01 59.32
CA ALA K 9 -19.78 -78.47 58.02
C ALA K 9 -18.85 -79.36 57.22
N ALA K 10 -18.22 -80.35 57.86
CA ALA K 10 -17.27 -81.21 57.15
C ALA K 10 -17.92 -81.89 55.96
N GLN K 11 -19.20 -82.25 56.08
CA GLN K 11 -19.92 -82.84 54.96
C GLN K 11 -19.91 -81.91 53.76
N TYR K 12 -20.06 -80.60 54.01
CA TYR K 12 -19.99 -79.64 52.91
C TYR K 12 -18.56 -79.44 52.43
N LEU K 13 -17.59 -79.52 53.35
CA LEU K 13 -16.19 -79.29 52.97
C LEU K 13 -15.62 -80.51 52.25
N ARG K 14 -15.68 -81.69 52.87
CA ARG K 14 -15.21 -82.92 52.27
C ARG K 14 -16.14 -84.06 52.65
N LYS K 15 -16.81 -84.64 51.66
CA LYS K 15 -17.72 -85.75 51.92
C LYS K 15 -16.97 -86.93 52.52
N SER K 16 -17.70 -87.72 53.31
CA SER K 16 -17.10 -88.87 53.97
C SER K 16 -16.66 -89.90 52.95
N GLU K 17 -15.58 -90.62 53.28
CA GLU K 17 -14.98 -91.53 52.31
C GLU K 17 -15.87 -92.72 51.98
N LYS K 18 -16.98 -92.91 52.69
CA LYS K 18 -17.85 -94.05 52.41
C LYS K 18 -18.65 -93.83 51.12
N GLU K 19 -19.48 -92.79 51.10
CA GLU K 19 -20.17 -92.43 49.86
C GLU K 19 -19.19 -92.06 48.77
N ARG K 20 -18.01 -91.56 49.14
CA ARG K 20 -17.00 -91.25 48.13
C ARG K 20 -16.47 -92.52 47.48
N LEU K 21 -16.21 -93.56 48.28
CA LEU K 21 -15.69 -94.79 47.70
C LEU K 21 -16.76 -95.52 46.91
N GLU K 22 -18.02 -95.44 47.35
CA GLU K 22 -19.07 -96.05 46.55
C GLU K 22 -19.34 -95.25 45.28
N ALA K 23 -19.00 -93.96 45.27
CA ALA K 23 -19.21 -93.10 44.11
C ALA K 23 -18.04 -93.08 43.15
N GLN K 24 -16.82 -93.32 43.63
CA GLN K 24 -15.64 -93.29 42.77
C GLN K 24 -15.41 -94.60 42.03
N THR K 25 -16.39 -95.51 42.02
CA THR K 25 -16.24 -96.80 41.35
C THR K 25 -17.48 -97.15 40.54
N ARG K 26 -18.12 -96.17 39.92
CA ARG K 26 -19.31 -96.43 39.11
C ARG K 26 -18.92 -97.05 37.79
N PRO K 27 -19.49 -98.19 37.40
CA PRO K 27 -19.18 -98.80 36.10
C PRO K 27 -19.98 -98.15 34.98
N PHE K 28 -19.28 -97.42 34.10
CA PHE K 28 -19.90 -96.76 32.97
C PHE K 28 -19.00 -96.90 31.74
N ASP K 29 -19.51 -96.47 30.60
CA ASP K 29 -18.85 -96.66 29.32
C ASP K 29 -18.14 -95.39 28.89
N ILE K 30 -17.22 -95.55 27.93
CA ILE K 30 -16.41 -94.45 27.42
C ILE K 30 -17.05 -93.90 26.14
N ARG K 31 -17.77 -94.76 25.41
CA ARG K 31 -18.23 -94.43 24.07
C ARG K 31 -19.75 -94.39 23.94
N THR K 32 -20.49 -94.43 25.05
CA THR K 32 -21.93 -94.19 25.01
C THR K 32 -22.38 -93.17 26.03
N GLU K 33 -21.47 -92.45 26.68
CA GLU K 33 -21.79 -91.37 27.60
C GLU K 33 -21.03 -90.14 27.14
N CYS K 34 -21.67 -89.31 26.32
CA CYS K 34 -21.08 -88.10 25.79
C CYS K 34 -21.99 -86.91 26.12
N PHE K 35 -21.66 -85.76 25.54
CA PHE K 35 -22.39 -84.53 25.78
C PHE K 35 -22.89 -83.97 24.46
N VAL K 36 -24.18 -83.63 24.42
CA VAL K 36 -24.79 -83.03 23.24
C VAL K 36 -25.51 -81.76 23.67
N PRO K 37 -25.70 -80.83 22.75
CA PRO K 37 -26.29 -79.53 23.11
C PRO K 37 -27.78 -79.64 23.38
N ASP K 38 -28.38 -78.49 23.68
CA ASP K 38 -29.80 -78.40 23.97
C ASP K 38 -30.22 -76.93 23.88
N ASP K 39 -31.53 -76.70 23.90
CA ASP K 39 -32.09 -75.35 23.84
C ASP K 39 -32.39 -74.77 25.22
N LYS K 40 -32.68 -75.61 26.21
CA LYS K 40 -32.92 -75.15 27.56
C LYS K 40 -31.86 -75.61 28.55
N GLU K 41 -31.16 -76.71 28.27
CA GLU K 41 -30.03 -77.14 29.07
C GLU K 41 -28.70 -76.84 28.42
N GLU K 42 -28.67 -76.82 27.09
CA GLU K 42 -27.52 -76.46 26.26
C GLU K 42 -26.40 -77.48 26.37
N TYR K 43 -26.56 -78.45 27.27
CA TYR K 43 -25.59 -79.54 27.46
C TYR K 43 -26.24 -80.64 28.29
N VAL K 44 -26.27 -81.86 27.78
CA VAL K 44 -26.96 -82.95 28.45
C VAL K 44 -26.17 -84.24 28.29
N LYS K 45 -26.42 -85.17 29.21
CA LYS K 45 -25.89 -86.52 29.12
C LYS K 45 -26.88 -87.39 28.35
N ALA K 46 -26.36 -88.28 27.51
CA ALA K 46 -27.22 -89.17 26.74
C ALA K 46 -26.41 -90.38 26.29
N LYS K 47 -27.11 -91.33 25.67
CA LYS K 47 -26.47 -92.55 25.19
C LYS K 47 -26.57 -92.65 23.67
N ALA K 58 -25.79 -89.70 15.38
CA ALA K 58 -25.47 -90.56 16.51
C ALA K 58 -26.65 -90.71 17.45
N GLU K 59 -27.05 -91.95 17.72
CA GLU K 59 -28.18 -92.19 18.61
C GLU K 59 -27.83 -91.78 20.03
N THR K 60 -28.60 -90.84 20.59
CA THR K 60 -28.42 -90.33 21.94
C THR K 60 -29.78 -89.96 22.50
N GLU K 61 -30.10 -90.50 23.67
CA GLU K 61 -31.40 -90.29 24.28
C GLU K 61 -31.25 -90.30 25.80
N ASN K 62 -31.88 -89.33 26.46
CA ASN K 62 -32.03 -89.35 27.90
C ASN K 62 -33.41 -88.87 28.33
N GLY K 63 -34.38 -88.87 27.43
CA GLY K 63 -35.67 -88.25 27.66
C GLY K 63 -36.16 -87.58 26.39
N LYS K 64 -35.27 -87.53 25.40
CA LYS K 64 -35.57 -87.02 24.07
C LYS K 64 -34.44 -87.45 23.15
N THR K 65 -34.80 -87.93 21.97
CA THR K 65 -33.83 -88.46 21.03
C THR K 65 -33.29 -87.36 20.12
N VAL K 66 -31.98 -87.34 19.96
CA VAL K 66 -31.32 -86.44 19.03
C VAL K 66 -30.17 -87.18 18.36
N THR K 67 -29.96 -86.92 17.08
CA THR K 67 -28.89 -87.53 16.30
C THR K 67 -28.10 -86.43 15.63
N ILE K 68 -26.88 -86.19 16.12
CA ILE K 68 -26.07 -85.07 15.67
C ILE K 68 -24.80 -85.58 15.01
N LYS K 69 -23.97 -84.65 14.54
CA LYS K 69 -22.71 -85.02 13.90
C LYS K 69 -21.79 -85.71 14.91
N GLU K 70 -20.93 -86.57 14.38
CA GLU K 70 -20.00 -87.34 15.20
C GLU K 70 -18.72 -86.58 15.51
N ASP K 71 -18.74 -85.25 15.41
CA ASP K 71 -17.58 -84.44 15.75
C ASP K 71 -18.00 -83.23 16.59
N GLN K 72 -19.00 -83.42 17.46
CA GLN K 72 -19.40 -82.38 18.37
C GLN K 72 -19.70 -82.91 19.76
N VAL K 73 -19.63 -84.23 19.97
CA VAL K 73 -19.96 -84.85 21.25
C VAL K 73 -18.73 -84.76 22.16
N MET K 74 -18.97 -84.44 23.42
CA MET K 74 -17.91 -84.38 24.43
C MET K 74 -18.07 -85.55 25.39
N GLN K 75 -17.03 -86.39 25.46
CA GLN K 75 -17.05 -87.53 26.37
C GLN K 75 -17.18 -87.04 27.81
N GLN K 76 -18.20 -87.54 28.50
CA GLN K 76 -18.42 -87.11 29.88
C GLN K 76 -17.26 -87.55 30.77
N ASN K 77 -17.05 -86.79 31.84
CA ASN K 77 -15.96 -87.08 32.76
C ASN K 77 -16.10 -88.50 33.31
N PRO K 78 -14.99 -89.18 33.57
CA PRO K 78 -15.07 -90.52 34.14
C PRO K 78 -15.65 -90.45 35.54
N PRO K 79 -16.34 -91.51 35.97
CA PRO K 79 -16.92 -91.53 37.32
C PRO K 79 -15.91 -91.53 38.45
N LYS K 80 -14.61 -91.50 38.14
CA LYS K 80 -13.61 -91.39 39.20
C LYS K 80 -13.59 -89.99 39.78
N PHE K 81 -13.60 -88.98 38.92
CA PHE K 81 -13.49 -87.59 39.32
C PHE K 81 -14.83 -86.87 39.37
N ASP K 82 -15.94 -87.60 39.53
CA ASP K 82 -17.26 -87.01 39.38
C ASP K 82 -17.61 -86.01 40.47
N LYS K 83 -16.74 -85.78 41.46
CA LYS K 83 -17.06 -84.81 42.50
C LYS K 83 -15.84 -83.99 42.92
N ILE K 84 -14.73 -84.08 42.18
CA ILE K 84 -13.51 -83.39 42.60
C ILE K 84 -13.75 -81.89 42.64
N GLU K 85 -13.29 -81.26 43.71
CA GLU K 85 -13.39 -79.81 43.88
C GLU K 85 -12.32 -79.05 43.10
N ASP K 86 -11.62 -79.73 42.19
CA ASP K 86 -10.57 -79.12 41.39
C ASP K 86 -10.68 -79.70 39.99
N MET K 87 -11.27 -78.95 39.07
CA MET K 87 -11.45 -79.42 37.70
C MET K 87 -10.19 -79.32 36.85
N ALA K 88 -9.04 -79.05 37.45
CA ALA K 88 -7.80 -78.96 36.71
C ALA K 88 -7.16 -80.31 36.43
N MET K 89 -7.64 -81.39 37.06
CA MET K 89 -7.05 -82.70 36.91
C MET K 89 -7.87 -83.62 36.01
N LEU K 90 -8.95 -83.11 35.43
CA LEU K 90 -9.85 -83.93 34.64
C LEU K 90 -9.23 -84.29 33.30
N THR K 91 -9.53 -85.49 32.82
CA THR K 91 -9.06 -85.87 31.49
C THR K 91 -9.87 -85.22 30.39
N PHE K 92 -11.05 -84.68 30.72
CA PHE K 92 -11.97 -84.12 29.74
C PHE K 92 -12.25 -82.67 30.14
N LEU K 93 -11.42 -81.74 29.68
CA LEU K 93 -11.60 -80.32 29.96
C LEU K 93 -12.48 -79.73 28.88
N HIS K 94 -13.78 -79.70 29.13
CA HIS K 94 -14.72 -79.03 28.24
C HIS K 94 -15.78 -78.35 29.08
N GLU K 95 -16.57 -77.52 28.42
CA GLU K 95 -17.61 -76.73 29.07
C GLU K 95 -18.59 -77.58 29.86
N PRO K 96 -19.25 -78.59 29.25
CA PRO K 96 -20.21 -79.38 30.03
C PRO K 96 -19.56 -80.13 31.17
N ALA K 97 -18.30 -80.54 31.00
CA ALA K 97 -17.59 -81.27 32.07
C ALA K 97 -17.59 -80.45 33.35
N VAL K 98 -16.96 -79.27 33.32
CA VAL K 98 -16.89 -78.42 34.49
C VAL K 98 -18.27 -77.95 34.91
N LEU K 99 -19.16 -77.73 33.94
CA LEU K 99 -20.53 -77.31 34.25
C LEU K 99 -21.20 -78.30 35.19
N TYR K 100 -21.28 -79.58 34.78
CA TYR K 100 -21.93 -80.57 35.62
C TYR K 100 -21.09 -80.94 36.84
N ASN K 101 -19.77 -80.78 36.77
CA ASN K 101 -18.95 -80.93 37.96
C ASN K 101 -19.44 -79.99 39.05
N LEU K 102 -19.52 -78.69 38.74
CA LEU K 102 -20.03 -77.73 39.70
C LEU K 102 -21.49 -77.98 40.04
N LYS K 103 -22.29 -78.41 39.06
CA LYS K 103 -23.70 -78.66 39.31
C LYS K 103 -23.89 -79.74 40.37
N GLU K 104 -23.15 -80.84 40.23
CA GLU K 104 -23.23 -81.90 41.23
C GLU K 104 -22.67 -81.43 42.57
N ARG K 105 -21.48 -80.80 42.56
CA ARG K 105 -20.88 -80.37 43.81
C ARG K 105 -21.76 -79.38 44.55
N TYR K 106 -22.63 -78.66 43.84
CA TYR K 106 -23.58 -77.79 44.53
C TYR K 106 -24.82 -78.56 44.97
N ALA K 107 -25.28 -79.52 44.16
CA ALA K 107 -26.44 -80.31 44.52
C ALA K 107 -26.24 -81.01 45.85
N ALA K 108 -25.26 -81.91 45.91
CA ALA K 108 -24.79 -82.44 47.18
C ALA K 108 -23.99 -81.34 47.86
N TRP K 109 -24.66 -80.57 48.74
CA TRP K 109 -24.23 -79.21 49.04
C TRP K 109 -22.74 -79.10 49.34
N MET K 110 -22.02 -78.47 48.41
CA MET K 110 -20.62 -78.10 48.58
C MET K 110 -20.42 -76.85 47.72
N ILE K 111 -20.59 -75.67 48.33
CA ILE K 111 -20.54 -74.43 47.57
C ILE K 111 -19.13 -74.00 47.23
N TYR K 112 -18.12 -74.71 47.72
CA TYR K 112 -16.73 -74.30 47.56
C TYR K 112 -16.03 -75.22 46.57
N THR K 113 -15.19 -74.63 45.72
CA THR K 113 -14.52 -75.36 44.66
C THR K 113 -13.23 -74.63 44.30
N TYR K 114 -12.29 -75.38 43.73
CA TYR K 114 -11.07 -74.82 43.19
C TYR K 114 -11.02 -75.07 41.69
N SER K 115 -10.56 -74.07 40.94
CA SER K 115 -10.50 -74.17 39.47
C SER K 115 -9.11 -73.76 39.01
N GLY K 116 -8.16 -74.69 39.06
CA GLY K 116 -6.82 -74.44 38.57
C GLY K 116 -6.08 -73.48 39.48
N LEU K 117 -6.51 -72.22 39.47
CA LEU K 117 -6.06 -71.23 40.43
C LEU K 117 -7.19 -70.40 41.00
N PHE K 118 -8.38 -70.42 40.40
CA PHE K 118 -9.51 -69.68 40.93
C PHE K 118 -10.09 -70.38 42.15
N CYS K 119 -10.98 -69.67 42.84
CA CYS K 119 -11.67 -70.20 44.02
C CYS K 119 -13.15 -69.90 43.86
N VAL K 120 -13.86 -70.78 43.18
CA VAL K 120 -15.26 -70.53 42.84
C VAL K 120 -16.12 -70.84 44.05
N THR K 121 -16.88 -69.84 44.49
CA THR K 121 -17.88 -70.01 45.54
C THR K 121 -19.25 -69.72 44.95
N VAL K 122 -20.24 -70.49 45.37
CA VAL K 122 -21.61 -70.36 44.91
C VAL K 122 -22.48 -69.91 46.07
N ASN K 123 -23.40 -69.01 45.79
CA ASN K 123 -24.28 -68.54 46.85
C ASN K 123 -25.21 -69.66 47.27
N PRO K 124 -25.24 -70.03 48.56
CA PRO K 124 -26.07 -71.16 48.98
C PRO K 124 -27.50 -70.76 49.31
N TYR K 125 -27.71 -69.50 49.64
CA TYR K 125 -29.02 -68.94 50.04
C TYR K 125 -29.62 -69.65 51.25
N LYS K 126 -28.86 -70.52 51.91
CA LYS K 126 -29.33 -71.22 53.09
C LYS K 126 -28.25 -71.08 54.16
N TRP K 127 -28.63 -70.52 55.31
CA TRP K 127 -27.66 -70.31 56.38
C TRP K 127 -26.94 -71.61 56.72
N LEU K 128 -25.63 -71.51 56.84
CA LEU K 128 -24.80 -72.66 57.11
C LEU K 128 -23.77 -72.28 58.16
N PRO K 129 -23.44 -73.19 59.06
CA PRO K 129 -22.36 -72.92 60.03
C PRO K 129 -21.00 -73.18 59.43
N VAL K 130 -20.93 -73.29 58.10
CA VAL K 130 -19.69 -73.58 57.40
C VAL K 130 -18.66 -72.48 57.53
N TYR K 131 -19.02 -71.32 58.08
CA TYR K 131 -18.08 -70.26 58.39
C TYR K 131 -18.01 -69.95 59.88
N ASN K 132 -19.13 -70.03 60.59
CA ASN K 132 -19.20 -69.74 62.00
C ASN K 132 -19.67 -70.98 62.74
N ALA K 133 -18.97 -71.34 63.82
CA ALA K 133 -17.87 -70.57 64.37
C ALA K 133 -16.51 -71.00 63.81
N GLU K 134 -15.46 -70.56 64.50
CA GLU K 134 -14.07 -70.82 64.12
C GLU K 134 -13.76 -72.31 63.96
N VAL K 135 -14.65 -73.20 64.41
CA VAL K 135 -14.46 -74.64 64.24
C VAL K 135 -14.09 -74.98 62.80
N VAL K 136 -14.61 -74.22 61.84
CA VAL K 136 -14.22 -74.40 60.45
C VAL K 136 -13.00 -73.57 60.09
N ALA K 137 -12.69 -72.54 60.87
CA ALA K 137 -11.59 -71.63 60.59
C ALA K 137 -10.24 -72.18 61.02
N ALA K 138 -10.12 -73.50 61.21
CA ALA K 138 -8.89 -74.12 61.64
C ALA K 138 -7.83 -74.13 60.55
N TYR K 139 -8.09 -73.44 59.44
CA TYR K 139 -7.17 -73.42 58.31
C TYR K 139 -5.83 -72.79 58.63
N ARG K 140 -5.65 -72.24 59.83
CA ARG K 140 -4.38 -71.62 60.18
C ARG K 140 -3.24 -72.62 60.06
N GLY K 141 -2.19 -72.21 59.35
CA GLY K 141 -1.07 -73.09 59.12
C GLY K 141 -1.30 -74.05 57.97
N LYS K 142 -2.57 -74.40 57.74
CA LYS K 142 -2.90 -75.36 56.70
C LYS K 142 -2.69 -74.76 55.31
N LYS K 143 -2.37 -75.63 54.36
CA LYS K 143 -2.16 -75.23 52.98
C LYS K 143 -3.43 -75.45 52.17
N ARG K 144 -3.45 -74.83 50.98
CA ARG K 144 -4.54 -75.07 50.04
C ARG K 144 -4.54 -76.52 49.57
N SER K 145 -3.36 -77.05 49.22
CA SER K 145 -3.23 -78.36 48.60
C SER K 145 -3.63 -79.52 49.51
N GLU K 146 -3.87 -79.27 50.80
CA GLU K 146 -4.22 -80.32 51.74
C GLU K 146 -5.62 -80.12 52.33
N ALA K 147 -5.92 -78.92 52.81
CA ALA K 147 -7.19 -78.65 53.46
C ALA K 147 -8.30 -78.54 52.42
N PRO K 148 -9.55 -78.62 52.84
CA PRO K 148 -10.68 -78.44 51.90
C PRO K 148 -10.59 -77.10 51.19
N PRO K 149 -11.32 -76.93 50.08
CA PRO K 149 -11.15 -75.74 49.23
C PRO K 149 -11.98 -74.54 49.68
N HIS K 150 -11.56 -73.90 50.77
CA HIS K 150 -12.29 -72.76 51.29
C HIS K 150 -11.55 -71.46 51.01
N ILE K 151 -12.32 -70.38 50.88
CA ILE K 151 -11.73 -69.06 50.75
C ILE K 151 -10.93 -68.70 51.99
N PHE K 152 -11.27 -69.30 53.14
CA PHE K 152 -10.46 -69.12 54.32
C PHE K 152 -9.05 -69.63 54.08
N SER K 153 -8.91 -70.71 53.31
CA SER K 153 -7.57 -71.20 52.95
C SER K 153 -6.80 -70.15 52.18
N ILE K 154 -7.50 -69.41 51.29
CA ILE K 154 -6.82 -68.41 50.48
C ILE K 154 -6.47 -67.19 51.31
N SER K 155 -7.39 -66.75 52.18
CA SER K 155 -7.08 -65.66 53.08
C SER K 155 -5.88 -66.01 53.95
N ASP K 156 -5.85 -67.24 54.46
CA ASP K 156 -4.70 -67.68 55.24
C ASP K 156 -3.44 -67.76 54.40
N ASN K 157 -3.55 -68.19 53.15
CA ASN K 157 -2.39 -68.26 52.28
C ASN K 157 -1.82 -66.88 52.02
N ALA K 158 -2.69 -65.89 51.79
CA ALA K 158 -2.23 -64.52 51.65
C ALA K 158 -1.54 -64.04 52.93
N TYR K 159 -2.14 -64.36 54.08
CA TYR K 159 -1.52 -64.02 55.36
C TYR K 159 -0.11 -64.60 55.45
N GLN K 160 0.01 -65.91 55.18
CA GLN K 160 1.31 -66.58 55.23
C GLN K 160 2.29 -65.94 54.26
N TYR K 161 1.84 -65.65 53.04
CA TYR K 161 2.75 -65.08 52.04
C TYR K 161 3.22 -63.70 52.45
N MET K 162 2.34 -62.91 53.09
CA MET K 162 2.77 -61.62 53.61
C MET K 162 3.81 -61.79 54.71
N LEU K 163 3.62 -62.78 55.59
CA LEU K 163 4.55 -62.97 56.69
C LEU K 163 5.88 -63.58 56.25
N THR K 164 5.91 -64.32 55.13
CA THR K 164 7.14 -64.96 54.71
C THR K 164 7.81 -64.30 53.51
N ASP K 165 7.13 -63.35 52.86
CA ASP K 165 7.64 -62.75 51.63
C ASP K 165 7.72 -61.23 51.67
N ARG K 166 7.00 -60.57 52.59
CA ARG K 166 7.03 -59.12 52.72
C ARG K 166 6.51 -58.44 51.47
N GLU K 167 5.62 -59.11 50.75
CA GLU K 167 5.04 -58.63 49.49
C GLU K 167 3.53 -58.59 49.63
N ASN K 168 2.93 -57.46 49.30
CA ASN K 168 1.49 -57.31 49.48
C ASN K 168 0.74 -58.35 48.66
N GLN K 169 -0.50 -58.61 49.07
CA GLN K 169 -1.35 -59.58 48.41
C GLN K 169 -2.64 -58.91 47.96
N SER K 170 -3.30 -59.54 46.99
CA SER K 170 -4.48 -58.96 46.37
C SER K 170 -5.57 -60.00 46.19
N ILE K 171 -6.81 -59.61 46.46
CA ILE K 171 -7.97 -60.48 46.32
C ILE K 171 -8.89 -59.82 45.29
N LEU K 172 -9.02 -60.44 44.13
CA LEU K 172 -9.87 -59.93 43.05
C LEU K 172 -11.17 -60.75 43.05
N ILE K 173 -12.23 -60.18 43.60
CA ILE K 173 -13.51 -60.84 43.73
C ILE K 173 -14.44 -60.31 42.63
N THR K 174 -15.11 -61.23 41.94
CA THR K 174 -16.03 -60.89 40.86
C THR K 174 -17.22 -60.08 41.39
N GLY K 175 -17.53 -58.97 40.73
CA GLY K 175 -18.44 -57.99 41.31
C GLY K 175 -19.79 -57.74 40.65
N GLU K 176 -19.97 -58.11 39.38
CA GLU K 176 -21.26 -57.84 38.74
C GLU K 176 -22.35 -58.75 39.26
N SER K 177 -21.98 -59.81 39.98
CA SER K 177 -22.98 -60.65 40.62
C SER K 177 -23.63 -59.89 41.77
N GLY K 178 -24.95 -59.90 41.80
CA GLY K 178 -25.68 -59.12 42.80
C GLY K 178 -25.39 -59.56 44.23
N ALA K 179 -25.35 -60.87 44.47
CA ALA K 179 -25.07 -61.41 45.78
C ALA K 179 -23.90 -62.38 45.68
N GLY K 180 -23.45 -62.86 46.82
CA GLY K 180 -22.29 -63.73 46.89
C GLY K 180 -20.99 -62.98 47.06
N LYS K 181 -20.83 -61.88 46.34
CA LYS K 181 -19.62 -61.07 46.46
C LYS K 181 -19.60 -60.31 47.78
N THR K 182 -20.70 -59.63 48.11
CA THR K 182 -20.74 -58.80 49.30
C THR K 182 -20.59 -59.63 50.56
N VAL K 183 -21.34 -60.74 50.64
CA VAL K 183 -21.25 -61.62 51.80
C VAL K 183 -19.84 -62.18 51.92
N ASN K 184 -19.20 -62.49 50.79
CA ASN K 184 -17.83 -63.01 50.85
C ASN K 184 -16.87 -61.95 51.34
N THR K 185 -17.06 -60.69 50.93
CA THR K 185 -16.23 -59.61 51.45
C THR K 185 -16.38 -59.48 52.95
N LYS K 186 -17.63 -59.50 53.44
CA LYS K 186 -17.85 -59.46 54.88
C LYS K 186 -17.14 -60.63 55.57
N ARG K 187 -17.24 -61.82 55.00
CA ARG K 187 -16.66 -62.99 55.64
C ARG K 187 -15.14 -62.93 55.65
N VAL K 188 -14.54 -62.40 54.58
CA VAL K 188 -13.08 -62.35 54.55
C VAL K 188 -12.54 -61.26 55.47
N ILE K 189 -13.23 -60.12 55.60
CA ILE K 189 -12.75 -59.12 56.54
C ILE K 189 -12.95 -59.61 57.97
N GLN K 190 -14.04 -60.33 58.22
CA GLN K 190 -14.25 -60.97 59.51
C GLN K 190 -13.13 -61.96 59.81
N TYR K 191 -12.79 -62.79 58.83
CA TYR K 191 -11.74 -63.78 59.03
C TYR K 191 -10.40 -63.12 59.30
N PHE K 192 -10.08 -62.06 58.56
CA PHE K 192 -8.81 -61.37 58.77
C PHE K 192 -8.76 -60.69 60.14
N ALA K 193 -9.90 -60.20 60.62
CA ALA K 193 -9.96 -59.72 62.00
C ALA K 193 -9.75 -60.87 62.98
N SER K 194 -10.33 -62.04 62.68
CA SER K 194 -10.26 -63.18 63.58
C SER K 194 -8.83 -63.67 63.75
N ILE K 195 -8.16 -64.00 62.65
CA ILE K 195 -6.84 -64.62 62.74
C ILE K 195 -5.83 -63.64 63.34
N ALA K 196 -5.65 -62.50 62.70
CA ALA K 196 -4.68 -61.50 63.16
C ALA K 196 -5.35 -60.44 64.03
N ALA K 197 -5.97 -60.86 65.13
CA ALA K 197 -6.65 -59.91 66.01
C ALA K 197 -5.65 -59.08 66.79
N GLY K 212 -16.30 -50.86 67.57
CA GLY K 212 -15.24 -50.03 67.07
C GLY K 212 -14.17 -50.81 66.33
N THR K 213 -14.56 -51.94 65.77
CA THR K 213 -13.65 -52.79 65.02
C THR K 213 -13.63 -52.39 63.54
N LEU K 214 -12.60 -52.87 62.85
CA LEU K 214 -12.45 -52.52 61.43
C LEU K 214 -13.64 -52.97 60.62
N GLU K 215 -14.25 -54.10 60.97
CA GLU K 215 -15.42 -54.57 60.26
C GLU K 215 -16.61 -53.65 60.50
N ASP K 216 -16.91 -53.37 61.76
CA ASP K 216 -17.95 -52.41 62.10
C ASP K 216 -17.69 -51.09 61.37
N GLN K 217 -16.50 -50.52 61.55
CA GLN K 217 -16.17 -49.24 60.94
C GLN K 217 -16.39 -49.25 59.44
N ILE K 218 -15.94 -50.32 58.77
CA ILE K 218 -16.04 -50.39 57.32
C ILE K 218 -17.50 -50.43 56.88
N ILE K 219 -18.32 -51.23 57.57
CA ILE K 219 -19.72 -51.32 57.18
C ILE K 219 -20.55 -50.14 57.66
N GLN K 220 -20.00 -49.28 58.51
CA GLN K 220 -20.78 -48.13 58.99
C GLN K 220 -21.01 -47.11 57.87
N ALA K 221 -19.93 -46.57 57.30
CA ALA K 221 -20.02 -45.51 56.32
C ALA K 221 -20.33 -46.02 54.91
N ASN K 222 -20.71 -47.29 54.76
CA ASN K 222 -21.00 -47.82 53.44
C ASN K 222 -22.18 -47.16 52.73
N PRO K 223 -23.29 -46.77 53.41
CA PRO K 223 -24.38 -46.11 52.70
C PRO K 223 -23.97 -44.95 51.82
N ALA K 224 -22.89 -44.25 52.17
CA ALA K 224 -22.38 -43.19 51.31
C ALA K 224 -22.02 -43.74 49.93
N LEU K 225 -21.15 -44.75 49.90
CA LEU K 225 -20.82 -45.38 48.63
C LEU K 225 -22.03 -46.00 47.96
N GLU K 226 -22.94 -46.57 48.74
CA GLU K 226 -24.11 -47.19 48.12
C GLU K 226 -24.95 -46.16 47.37
N ALA K 227 -25.12 -44.97 47.96
CA ALA K 227 -25.90 -43.94 47.31
C ALA K 227 -25.15 -43.24 46.20
N PHE K 228 -23.82 -43.14 46.29
CA PHE K 228 -23.08 -42.36 45.32
C PHE K 228 -22.57 -43.16 44.13
N GLY K 229 -22.16 -44.40 44.32
CA GLY K 229 -21.57 -45.16 43.24
C GLY K 229 -22.35 -46.38 42.81
N ASN K 230 -23.66 -46.37 43.00
CA ASN K 230 -24.52 -47.46 42.55
C ASN K 230 -25.74 -46.89 41.88
N ALA K 231 -26.13 -47.51 40.76
CA ALA K 231 -27.25 -47.03 39.97
C ALA K 231 -28.04 -48.21 39.42
N LYS K 232 -29.29 -47.92 39.05
CA LYS K 232 -30.15 -48.93 38.45
C LYS K 232 -29.62 -49.33 37.08
N THR K 233 -29.22 -50.58 36.94
CA THR K 233 -28.68 -51.12 35.70
C THR K 233 -29.77 -51.91 34.99
N VAL K 234 -29.58 -52.14 33.69
CA VAL K 234 -30.52 -52.95 32.93
C VAL K 234 -30.55 -54.39 33.47
N ARG K 235 -29.40 -54.92 33.87
CA ARG K 235 -29.30 -56.29 34.37
C ARG K 235 -29.00 -56.34 35.86
N ASN K 236 -29.51 -55.37 36.62
CA ASN K 236 -29.26 -55.28 38.04
C ASN K 236 -30.14 -54.18 38.61
N ASP K 237 -30.09 -54.02 39.94
CA ASP K 237 -30.71 -52.88 40.58
C ASP K 237 -29.86 -52.29 41.69
N ASN K 238 -28.70 -52.87 41.98
CA ASN K 238 -27.71 -52.30 42.89
C ASN K 238 -26.37 -52.70 42.30
N SER K 239 -25.78 -51.80 41.52
CA SER K 239 -24.63 -52.11 40.68
C SER K 239 -23.44 -51.26 41.10
N SER K 240 -22.34 -51.93 41.46
CA SER K 240 -21.11 -51.24 41.79
C SER K 240 -20.53 -50.62 40.52
N ARG K 241 -20.67 -49.30 40.39
CA ARG K 241 -20.23 -48.57 39.20
C ARG K 241 -18.85 -47.96 39.36
N PHE K 242 -17.98 -48.59 40.13
CA PHE K 242 -16.61 -48.13 40.29
C PHE K 242 -15.77 -49.29 40.80
N GLY K 243 -14.54 -48.99 41.19
CA GLY K 243 -13.67 -50.00 41.74
C GLY K 243 -13.28 -49.72 43.18
N LYS K 244 -13.62 -50.64 44.07
CA LYS K 244 -13.34 -50.49 45.50
C LYS K 244 -12.17 -51.39 45.87
N PHE K 245 -11.08 -50.79 46.31
CA PHE K 245 -9.85 -51.51 46.62
C PHE K 245 -9.59 -51.34 48.11
N ILE K 246 -10.21 -52.19 48.92
CA ILE K 246 -10.13 -52.10 50.37
C ILE K 246 -8.77 -52.64 50.82
N ARG K 247 -7.98 -51.79 51.43
CA ARG K 247 -6.66 -52.17 51.92
C ARG K 247 -6.74 -52.37 53.43
N ILE K 248 -6.59 -53.63 53.86
CA ILE K 248 -6.49 -53.97 55.27
C ILE K 248 -5.01 -54.04 55.62
N HIS K 249 -4.53 -53.03 56.32
CA HIS K 249 -3.10 -52.90 56.59
C HIS K 249 -2.71 -53.71 57.82
N PHE K 250 -1.48 -54.25 57.78
CA PHE K 250 -0.98 -55.11 58.83
C PHE K 250 0.32 -54.54 59.39
N GLY K 251 0.57 -54.85 60.66
CA GLY K 251 1.74 -54.35 61.35
C GLY K 251 3.04 -54.89 60.75
N ALA K 252 4.14 -54.51 61.41
CA ALA K 252 5.46 -54.93 60.95
C ALA K 252 5.59 -56.45 60.95
N THR K 253 4.97 -57.11 61.93
CA THR K 253 5.10 -58.55 62.07
C THR K 253 3.88 -59.31 61.59
N GLY K 254 2.76 -58.65 61.36
CA GLY K 254 1.55 -59.33 60.98
C GLY K 254 0.39 -59.06 61.92
N LYS K 255 0.44 -57.91 62.59
CA LYS K 255 -0.63 -57.49 63.47
C LYS K 255 -1.58 -56.57 62.73
N LEU K 256 -2.87 -56.76 62.97
CA LEU K 256 -3.88 -55.93 62.30
C LEU K 256 -3.67 -54.47 62.61
N ALA K 257 -3.66 -53.65 61.56
CA ALA K 257 -3.57 -52.20 61.67
C ALA K 257 -4.85 -51.61 61.07
N SER K 258 -4.86 -50.29 60.92
CA SER K 258 -5.99 -49.63 60.30
C SER K 258 -6.21 -50.14 58.88
N ALA K 259 -7.36 -49.76 58.31
CA ALA K 259 -7.72 -50.17 56.97
C ALA K 259 -8.33 -48.98 56.24
N ASP K 260 -7.70 -48.57 55.16
CA ASP K 260 -8.19 -47.49 54.31
C ASP K 260 -8.83 -48.04 53.05
N ILE K 261 -9.80 -47.31 52.54
CA ILE K 261 -10.50 -47.67 51.30
C ILE K 261 -9.98 -46.78 50.18
N GLU K 262 -9.76 -47.38 49.01
CA GLU K 262 -9.29 -46.65 47.84
C GLU K 262 -10.19 -46.95 46.67
N THR K 263 -10.67 -45.90 46.01
CA THR K 263 -11.57 -46.03 44.87
C THR K 263 -10.80 -45.83 43.57
N TYR K 264 -11.27 -46.51 42.52
CA TYR K 264 -10.65 -46.41 41.22
C TYR K 264 -11.72 -46.01 40.21
N LEU K 265 -11.39 -46.15 38.93
CA LEU K 265 -12.17 -45.59 37.83
C LEU K 265 -13.66 -45.71 38.04
N LEU K 266 -14.35 -44.57 37.96
CA LEU K 266 -15.76 -44.46 38.24
C LEU K 266 -16.49 -44.05 36.97
N GLU K 267 -17.63 -44.68 36.70
CA GLU K 267 -18.39 -44.41 35.50
C GLU K 267 -19.07 -43.04 35.67
N LYS K 268 -18.29 -42.00 35.43
CA LYS K 268 -18.80 -40.64 35.59
C LYS K 268 -19.70 -40.20 34.46
N SER K 269 -19.67 -40.89 33.32
CA SER K 269 -20.53 -40.52 32.21
C SER K 269 -22.01 -40.62 32.55
N ARG K 270 -22.35 -41.37 33.60
CA ARG K 270 -23.75 -41.55 33.94
C ARG K 270 -24.34 -40.31 34.60
N VAL K 271 -23.50 -39.47 35.20
CA VAL K 271 -23.96 -38.32 35.97
C VAL K 271 -24.82 -37.40 35.11
N ILE K 272 -24.69 -37.52 33.80
CA ILE K 272 -25.44 -36.69 32.85
C ILE K 272 -26.37 -37.54 31.99
N PHE K 273 -25.84 -38.61 31.40
CA PHE K 273 -26.55 -39.38 30.40
C PHE K 273 -26.84 -40.77 30.93
N GLN K 274 -28.11 -41.17 30.85
CA GLN K 274 -28.53 -42.53 31.20
C GLN K 274 -29.32 -43.10 30.03
N LEU K 275 -29.11 -44.37 29.75
CA LEU K 275 -29.85 -45.01 28.68
C LEU K 275 -31.33 -45.09 29.05
N LYS K 276 -32.14 -45.47 28.08
CA LYS K 276 -33.54 -45.76 28.36
C LYS K 276 -33.64 -47.01 29.20
N ALA K 277 -34.57 -47.00 30.15
CA ALA K 277 -34.76 -48.09 31.12
C ALA K 277 -33.55 -48.25 32.03
N GLU K 278 -32.91 -47.14 32.36
CA GLU K 278 -31.94 -47.06 33.44
C GLU K 278 -32.01 -45.68 34.07
N ARG K 279 -31.23 -45.49 35.13
CA ARG K 279 -31.16 -44.20 35.79
C ARG K 279 -29.85 -44.10 36.56
N ASN K 280 -29.45 -42.87 36.83
CA ASN K 280 -28.13 -42.63 37.40
C ASN K 280 -28.13 -43.01 38.88
N TYR K 281 -27.06 -42.62 39.58
CA TYR K 281 -26.82 -43.07 40.93
C TYR K 281 -28.01 -42.81 41.84
N HIS K 282 -28.19 -43.70 42.82
CA HIS K 282 -29.40 -43.70 43.63
C HIS K 282 -29.60 -42.37 44.35
N ILE K 283 -28.51 -41.72 44.76
CA ILE K 283 -28.59 -40.57 45.66
C ILE K 283 -29.54 -39.50 45.14
N PHE K 284 -29.62 -39.34 43.82
CA PHE K 284 -30.49 -38.30 43.26
C PHE K 284 -31.95 -38.57 43.61
N TYR K 285 -32.43 -39.76 43.34
CA TYR K 285 -33.82 -40.09 43.66
C TYR K 285 -34.02 -40.28 45.16
N GLN K 286 -33.00 -40.76 45.86
CA GLN K 286 -33.05 -40.79 47.32
C GLN K 286 -33.38 -39.42 47.88
N ILE K 287 -32.66 -38.40 47.42
CA ILE K 287 -32.95 -37.03 47.83
C ILE K 287 -34.31 -36.60 47.33
N LEU K 288 -34.65 -36.92 46.09
CA LEU K 288 -35.86 -36.40 45.47
C LEU K 288 -37.12 -37.18 45.85
N SER K 289 -37.00 -38.11 46.81
CA SER K 289 -38.18 -38.78 47.34
C SER K 289 -38.97 -37.94 48.33
N ASN K 290 -38.59 -36.66 48.50
CA ASN K 290 -39.30 -35.74 49.38
C ASN K 290 -39.38 -36.26 50.82
N LYS K 291 -38.35 -36.99 51.24
CA LYS K 291 -38.37 -37.55 52.59
C LYS K 291 -38.07 -36.49 53.63
N LYS K 292 -37.09 -35.63 53.38
CA LYS K 292 -36.74 -34.52 54.26
C LYS K 292 -37.09 -33.23 53.53
N PRO K 293 -38.31 -32.71 53.70
CA PRO K 293 -38.68 -31.45 53.04
C PRO K 293 -37.76 -30.30 53.38
N GLU K 294 -36.99 -30.44 54.46
CA GLU K 294 -35.92 -29.47 54.74
C GLU K 294 -34.96 -29.36 53.57
N LEU K 295 -34.54 -30.49 53.01
CA LEU K 295 -33.59 -30.48 51.90
C LEU K 295 -34.23 -29.89 50.65
N LEU K 296 -35.38 -30.44 50.25
CA LEU K 296 -36.06 -29.97 49.04
C LEU K 296 -36.59 -28.56 49.23
N ASP K 297 -36.42 -28.00 50.42
CA ASP K 297 -36.65 -26.59 50.65
C ASP K 297 -35.35 -25.79 50.55
N MET K 298 -34.23 -26.41 50.93
CA MET K 298 -32.95 -25.72 50.88
C MET K 298 -32.43 -25.60 49.46
N LEU K 299 -32.61 -26.65 48.65
CA LEU K 299 -32.05 -26.71 47.31
C LEU K 299 -32.99 -26.15 46.25
N LEU K 300 -33.99 -25.35 46.64
CA LEU K 300 -34.89 -24.69 45.70
C LEU K 300 -35.45 -25.66 44.67
N VAL K 301 -35.66 -26.90 45.07
CA VAL K 301 -35.93 -27.99 44.14
C VAL K 301 -37.29 -28.59 44.46
N THR K 302 -38.07 -28.87 43.40
CA THR K 302 -39.34 -29.56 43.54
C THR K 302 -39.08 -31.06 43.65
N ASN K 303 -40.14 -31.86 43.53
CA ASN K 303 -40.01 -33.32 43.67
C ASN K 303 -40.25 -34.08 42.38
N ASN K 304 -40.85 -33.46 41.38
CA ASN K 304 -41.14 -34.15 40.13
C ASN K 304 -39.85 -34.44 39.37
N PRO K 305 -39.48 -35.71 39.19
CA PRO K 305 -38.20 -36.01 38.51
C PRO K 305 -38.19 -35.64 37.05
N TYR K 306 -39.35 -35.56 36.40
CA TYR K 306 -39.40 -35.26 34.98
C TYR K 306 -39.20 -33.78 34.68
N ASP K 307 -38.76 -33.01 35.66
CA ASP K 307 -38.44 -31.60 35.44
C ASP K 307 -36.95 -31.33 35.28
N TYR K 308 -36.11 -32.34 35.48
CA TYR K 308 -34.66 -32.18 35.47
C TYR K 308 -34.07 -33.16 34.47
N ALA K 309 -33.50 -32.63 33.39
CA ALA K 309 -33.08 -33.49 32.27
C ALA K 309 -31.92 -34.41 32.66
N PHE K 310 -31.13 -34.03 33.64
CA PHE K 310 -30.01 -34.87 34.03
C PHE K 310 -30.44 -36.15 34.75
N VAL K 311 -31.69 -36.23 35.18
CA VAL K 311 -32.19 -37.44 35.85
C VAL K 311 -33.39 -38.05 35.14
N SER K 312 -34.11 -37.31 34.31
CA SER K 312 -35.34 -37.78 33.68
C SER K 312 -35.10 -38.38 32.31
N GLN K 313 -33.92 -38.94 32.07
CA GLN K 313 -33.63 -39.49 30.75
C GLN K 313 -34.26 -40.87 30.57
N GLY K 314 -34.02 -41.78 31.51
CA GLY K 314 -34.57 -43.11 31.42
C GLY K 314 -35.84 -43.29 32.23
N GLU K 315 -35.73 -43.99 33.35
CA GLU K 315 -36.86 -44.18 34.26
C GLU K 315 -36.53 -43.55 35.61
N VAL K 316 -37.52 -42.90 36.21
CA VAL K 316 -37.24 -42.11 37.42
C VAL K 316 -37.15 -42.97 38.67
N SER K 317 -37.75 -44.16 38.68
CA SER K 317 -37.73 -44.96 39.89
C SER K 317 -38.04 -46.41 39.56
N VAL K 318 -37.42 -47.31 40.32
CA VAL K 318 -37.70 -48.73 40.24
C VAL K 318 -38.55 -49.10 41.44
N ALA K 319 -39.43 -50.09 41.26
CA ALA K 319 -40.30 -50.56 42.32
C ALA K 319 -39.62 -51.54 43.26
N SER K 320 -38.37 -51.91 43.00
CA SER K 320 -37.66 -52.90 43.79
C SER K 320 -36.88 -52.29 44.95
N ILE K 321 -37.09 -51.01 45.25
CA ILE K 321 -36.43 -50.36 46.37
C ILE K 321 -37.12 -49.06 46.70
N ASP K 322 -37.12 -48.69 47.98
CA ASP K 322 -37.56 -47.38 48.43
C ASP K 322 -36.40 -46.40 48.35
N ASP K 323 -36.73 -45.11 48.35
CA ASP K 323 -35.72 -44.06 48.43
C ASP K 323 -35.68 -43.35 49.77
N SER K 324 -36.79 -43.34 50.51
CA SER K 324 -36.83 -42.59 51.78
C SER K 324 -36.00 -43.28 52.85
N GLU K 325 -36.17 -44.59 53.03
CA GLU K 325 -35.41 -45.28 54.06
C GLU K 325 -33.92 -45.32 53.71
N GLU K 326 -33.58 -45.40 52.43
CA GLU K 326 -32.18 -45.32 52.05
C GLU K 326 -31.63 -43.91 52.28
N LEU K 327 -32.45 -42.88 52.08
CA LEU K 327 -32.04 -41.53 52.45
C LEU K 327 -31.75 -41.45 53.93
N LEU K 328 -32.60 -42.08 54.76
CA LEU K 328 -32.32 -42.11 56.20
C LEU K 328 -31.02 -42.84 56.50
N ALA K 329 -30.77 -43.94 55.79
CA ALA K 329 -29.52 -44.67 55.98
C ALA K 329 -28.32 -43.80 55.64
N THR K 330 -28.43 -43.02 54.57
CA THR K 330 -27.33 -42.14 54.18
C THR K 330 -27.16 -40.99 55.17
N ASP K 331 -28.28 -40.47 55.70
CA ASP K 331 -28.19 -39.46 56.75
C ASP K 331 -27.44 -40.01 57.96
N SER K 332 -27.87 -41.17 58.45
CA SER K 332 -27.19 -41.81 59.56
C SER K 332 -25.73 -42.11 59.21
N ALA K 333 -25.44 -42.35 57.94
CA ALA K 333 -24.06 -42.57 57.53
C ALA K 333 -23.24 -41.29 57.69
N PHE K 334 -23.78 -40.16 57.22
CA PHE K 334 -23.10 -38.89 57.41
C PHE K 334 -22.93 -38.57 58.89
N ASP K 335 -23.89 -38.99 59.72
CA ASP K 335 -23.77 -38.76 61.15
C ASP K 335 -22.66 -39.61 61.76
N VAL K 336 -22.67 -40.93 61.51
CA VAL K 336 -21.60 -41.76 62.01
C VAL K 336 -20.28 -41.38 61.35
N LEU K 337 -20.34 -40.87 60.13
CA LEU K 337 -19.17 -40.27 59.53
C LEU K 337 -18.79 -39.01 60.29
N SER K 338 -17.55 -38.57 60.12
CA SER K 338 -17.13 -37.38 60.86
C SER K 338 -17.74 -36.10 60.32
N PHE K 339 -18.71 -36.18 59.40
CA PHE K 339 -19.27 -34.97 58.81
C PHE K 339 -20.02 -34.15 59.84
N THR K 340 -19.92 -32.84 59.71
CA THR K 340 -20.67 -31.90 60.53
C THR K 340 -21.97 -31.55 59.82
N ALA K 341 -22.65 -30.51 60.30
CA ALA K 341 -23.84 -30.03 59.61
C ALA K 341 -23.48 -29.41 58.26
N GLU K 342 -22.34 -28.72 58.19
CA GLU K 342 -21.93 -28.07 56.95
C GLU K 342 -21.45 -29.09 55.92
N GLU K 343 -20.69 -30.10 56.36
CA GLU K 343 -20.22 -31.12 55.44
C GLU K 343 -21.32 -32.03 54.95
N LYS K 344 -22.57 -31.73 55.28
CA LYS K 344 -23.74 -32.45 54.79
C LYS K 344 -24.66 -31.56 53.98
N ALA K 345 -24.96 -30.37 54.49
CA ALA K 345 -25.71 -29.41 53.70
C ALA K 345 -24.96 -29.04 52.43
N GLY K 346 -23.63 -28.93 52.51
CA GLY K 346 -22.86 -28.66 51.32
C GLY K 346 -22.99 -29.75 50.27
N VAL K 347 -22.95 -31.00 50.70
CA VAL K 347 -23.07 -32.11 49.77
C VAL K 347 -24.45 -32.09 49.12
N TYR K 348 -25.49 -31.88 49.91
CA TYR K 348 -26.83 -31.79 49.35
C TYR K 348 -26.95 -30.64 48.38
N LYS K 349 -26.31 -29.50 48.69
CA LYS K 349 -26.34 -28.35 47.79
C LYS K 349 -25.63 -28.66 46.49
N LEU K 350 -24.50 -29.37 46.56
CA LEU K 350 -23.77 -29.72 45.34
C LEU K 350 -24.60 -30.65 44.47
N THR K 351 -25.28 -31.62 45.07
CA THR K 351 -26.13 -32.50 44.26
C THR K 351 -27.30 -31.73 43.66
N GLY K 352 -27.87 -30.78 44.42
CA GLY K 352 -28.91 -29.95 43.86
C GLY K 352 -28.42 -29.11 42.69
N ALA K 353 -27.19 -28.62 42.78
CA ALA K 353 -26.63 -27.85 41.68
C ALA K 353 -26.38 -28.73 40.47
N ILE K 354 -25.92 -29.96 40.71
CA ILE K 354 -25.73 -30.90 39.60
C ILE K 354 -27.06 -31.18 38.92
N MET K 355 -28.16 -31.17 39.67
CA MET K 355 -29.45 -31.32 39.01
C MET K 355 -29.87 -30.03 38.29
N HIS K 356 -29.53 -28.87 38.85
CA HIS K 356 -29.98 -27.62 38.24
C HIS K 356 -29.22 -27.31 36.96
N TYR K 357 -27.99 -27.80 36.82
CA TYR K 357 -27.27 -27.63 35.57
C TYR K 357 -28.05 -28.19 34.38
N GLY K 358 -28.78 -29.29 34.57
CA GLY K 358 -29.37 -30.01 33.47
C GLY K 358 -30.34 -29.21 32.63
N ASN K 359 -30.93 -28.15 33.19
CA ASN K 359 -31.94 -27.38 32.47
C ASN K 359 -31.58 -25.90 32.45
N MET K 360 -30.32 -25.60 32.16
CA MET K 360 -29.96 -24.25 31.76
C MET K 360 -30.10 -24.15 30.24
N LYS K 361 -30.47 -22.98 29.77
CA LYS K 361 -30.81 -22.82 28.36
C LYS K 361 -30.04 -21.67 27.74
N PHE K 362 -29.54 -21.92 26.52
CA PHE K 362 -28.78 -20.94 25.76
C PHE K 362 -29.27 -20.95 24.33
N LYS K 363 -29.21 -19.78 23.70
CA LYS K 363 -29.65 -19.62 22.32
C LYS K 363 -28.58 -18.90 21.53
N GLN K 364 -28.45 -19.27 20.26
CA GLN K 364 -27.55 -18.55 19.37
C GLN K 364 -27.97 -17.09 19.29
N LYS K 365 -27.01 -16.19 19.51
CA LYS K 365 -27.30 -14.77 19.43
C LYS K 365 -27.92 -14.45 18.07
N GLN K 366 -28.81 -13.46 18.08
CA GLN K 366 -29.53 -13.12 16.86
C GLN K 366 -28.56 -12.68 15.78
N ARG K 367 -28.53 -13.43 14.69
CA ARG K 367 -27.95 -13.11 13.40
C ARG K 367 -26.44 -13.31 13.28
N GLU K 368 -25.70 -13.66 14.34
CA GLU K 368 -24.32 -13.99 13.99
C GLU K 368 -23.85 -15.41 14.29
N GLU K 369 -23.51 -15.74 15.54
CA GLU K 369 -23.25 -17.14 15.87
C GLU K 369 -23.43 -17.45 17.35
N GLN K 370 -23.33 -16.43 18.19
CA GLN K 370 -22.84 -16.63 19.55
C GLN K 370 -23.90 -17.18 20.48
N ALA K 371 -23.51 -18.15 21.30
CA ALA K 371 -24.40 -18.70 22.31
C ALA K 371 -24.58 -17.70 23.44
N GLU K 372 -25.81 -17.33 23.71
CA GLU K 372 -26.16 -16.44 24.81
C GLU K 372 -27.30 -17.05 25.60
N PRO K 373 -27.42 -16.71 26.88
CA PRO K 373 -28.47 -17.33 27.70
C PRO K 373 -29.82 -16.67 27.49
N ASP K 374 -30.87 -17.47 27.60
CA ASP K 374 -32.25 -16.98 27.57
C ASP K 374 -32.92 -17.45 28.86
N GLY K 375 -33.16 -16.52 29.78
CA GLY K 375 -33.68 -16.89 31.08
C GLY K 375 -32.58 -17.43 31.97
N THR K 376 -32.56 -16.98 33.23
CA THR K 376 -31.48 -17.32 34.15
C THR K 376 -32.01 -17.95 35.44
N GLU K 377 -33.17 -18.61 35.39
CA GLU K 377 -33.76 -19.16 36.61
C GLU K 377 -32.84 -20.19 37.24
N ASP K 378 -32.57 -21.29 36.54
CA ASP K 378 -31.65 -22.29 37.05
C ASP K 378 -30.26 -21.71 37.21
N ALA K 379 -29.92 -20.70 36.42
CA ALA K 379 -28.65 -20.01 36.59
C ALA K 379 -28.55 -19.41 37.99
N ASP K 380 -29.53 -18.59 38.38
CA ASP K 380 -29.50 -17.99 39.70
C ASP K 380 -29.57 -19.06 40.79
N LYS K 381 -30.40 -20.08 40.59
CA LYS K 381 -30.50 -21.16 41.57
C LYS K 381 -29.14 -21.78 41.83
N SER K 382 -28.48 -22.25 40.77
CA SER K 382 -27.19 -22.92 40.92
C SER K 382 -26.12 -21.96 41.43
N ALA K 383 -26.17 -20.70 41.00
CA ALA K 383 -25.20 -19.72 41.46
C ALA K 383 -25.30 -19.50 42.96
N TYR K 384 -26.54 -19.38 43.47
CA TYR K 384 -26.71 -19.26 44.91
C TYR K 384 -26.28 -20.54 45.62
N LEU K 385 -26.59 -21.70 45.03
CA LEU K 385 -26.27 -22.97 45.68
C LEU K 385 -24.77 -23.14 45.85
N MET K 386 -24.03 -23.16 44.73
CA MET K 386 -22.59 -23.40 44.82
C MET K 386 -21.84 -22.23 45.43
N GLY K 387 -22.47 -21.07 45.54
CA GLY K 387 -21.82 -19.93 46.14
C GLY K 387 -21.01 -19.13 45.14
N LEU K 388 -21.64 -18.76 44.04
CA LEU K 388 -20.98 -17.95 43.02
C LEU K 388 -21.87 -16.77 42.66
N ASN K 389 -21.49 -16.03 41.62
CA ASN K 389 -22.32 -14.98 41.06
C ASN K 389 -23.03 -15.52 39.83
N SER K 390 -24.18 -14.94 39.50
CA SER K 390 -24.96 -15.44 38.37
C SER K 390 -24.47 -14.84 37.06
N ALA K 391 -24.32 -13.52 37.01
CA ALA K 391 -23.80 -12.89 35.81
C ALA K 391 -22.39 -13.36 35.51
N ASP K 392 -21.56 -13.50 36.55
CA ASP K 392 -20.20 -13.98 36.35
C ASP K 392 -20.19 -15.39 35.80
N LEU K 393 -21.07 -16.26 36.32
CA LEU K 393 -21.12 -17.63 35.83
C LEU K 393 -21.60 -17.69 34.38
N LEU K 394 -22.64 -16.95 34.05
CA LEU K 394 -23.12 -16.93 32.67
C LEU K 394 -22.04 -16.41 31.72
N LYS K 395 -21.35 -15.34 32.12
CA LYS K 395 -20.29 -14.79 31.27
C LYS K 395 -19.16 -15.80 31.11
N GLY K 396 -18.73 -16.43 32.20
CA GLY K 396 -17.68 -17.43 32.08
C GLY K 396 -18.09 -18.67 31.32
N LEU K 397 -19.39 -18.93 31.21
CA LEU K 397 -19.86 -20.06 30.42
C LEU K 397 -19.94 -19.71 28.94
N CYS K 398 -20.32 -18.45 28.64
CA CYS K 398 -20.47 -18.00 27.24
C CYS K 398 -19.16 -17.38 26.72
N HIS K 399 -18.33 -16.85 27.63
CA HIS K 399 -17.06 -16.21 27.21
C HIS K 399 -15.88 -16.76 28.01
N PRO K 400 -15.43 -18.00 27.74
CA PRO K 400 -14.29 -18.58 28.47
C PRO K 400 -12.99 -17.87 28.05
N GLN K 401 -12.15 -17.50 29.02
CA GLN K 401 -10.87 -16.80 28.73
C GLN K 401 -9.74 -17.83 28.60
N VAL K 402 -8.63 -17.43 27.96
CA VAL K 402 -7.45 -18.32 27.77
C VAL K 402 -6.18 -17.47 27.86
N LYS K 403 -5.07 -18.08 28.30
CA LYS K 403 -3.78 -17.35 28.43
C LYS K 403 -2.92 -17.57 27.19
N VAL K 404 -2.74 -16.53 26.38
CA VAL K 404 -1.94 -16.62 25.15
C VAL K 404 -0.57 -16.03 25.47
N GLY K 405 0.33 -16.89 25.91
CA GLY K 405 1.69 -16.47 26.19
C GLY K 405 1.80 -15.67 27.47
N ASN K 406 1.32 -14.44 27.45
CA ASN K 406 1.32 -13.61 28.64
C ASN K 406 0.06 -12.76 28.79
N GLU K 407 -0.91 -12.93 27.91
CA GLU K 407 -2.11 -12.10 27.90
C GLU K 407 -3.33 -13.02 27.91
N TYR K 408 -4.53 -12.49 28.21
CA TYR K 408 -5.80 -13.26 28.17
C TYR K 408 -6.70 -12.72 27.05
N VAL K 409 -7.38 -13.61 26.33
CA VAL K 409 -8.27 -13.28 25.22
C VAL K 409 -9.52 -14.14 25.32
N THR K 410 -10.67 -13.53 25.08
CA THR K 410 -11.94 -14.25 25.10
C THR K 410 -12.00 -15.24 23.96
N LYS K 411 -12.56 -16.41 24.25
CA LYS K 411 -12.79 -17.45 23.25
C LYS K 411 -14.28 -17.60 23.01
N GLY K 412 -14.67 -17.71 21.74
CA GLY K 412 -16.07 -17.84 21.42
C GLY K 412 -16.61 -19.23 21.72
N GLN K 413 -17.93 -19.30 21.91
CA GLN K 413 -18.57 -20.56 22.27
C GLN K 413 -19.92 -20.67 21.59
N SER K 414 -20.14 -21.77 20.88
CA SER K 414 -21.44 -22.09 20.32
C SER K 414 -22.32 -22.73 21.39
N VAL K 415 -23.56 -23.02 21.03
CA VAL K 415 -24.50 -23.61 21.98
C VAL K 415 -24.03 -25.00 22.40
N GLN K 416 -23.74 -25.85 21.42
CA GLN K 416 -23.30 -27.21 21.73
C GLN K 416 -22.03 -27.20 22.55
N GLN K 417 -21.14 -26.24 22.32
CA GLN K 417 -19.94 -26.14 23.13
C GLN K 417 -20.27 -25.80 24.56
N VAL K 418 -21.24 -24.89 24.76
CA VAL K 418 -21.66 -24.55 26.12
C VAL K 418 -22.22 -25.78 26.82
N TYR K 419 -23.03 -26.57 26.10
CA TYR K 419 -23.61 -27.75 26.71
C TYR K 419 -22.55 -28.78 27.09
N TYR K 420 -21.59 -29.02 26.18
CA TYR K 420 -20.49 -29.90 26.51
C TYR K 420 -19.75 -29.43 27.75
N SER K 421 -19.50 -28.12 27.85
CA SER K 421 -18.78 -27.61 29.01
C SER K 421 -19.57 -27.80 30.28
N ILE K 422 -20.89 -27.58 30.23
CA ILE K 422 -21.74 -27.77 31.40
C ILE K 422 -21.67 -29.22 31.87
N GLY K 423 -21.79 -30.16 30.92
CA GLY K 423 -21.68 -31.55 31.28
C GLY K 423 -20.34 -31.89 31.90
N ALA K 424 -19.27 -31.36 31.33
CA ALA K 424 -17.94 -31.62 31.88
C ALA K 424 -17.82 -31.08 33.30
N LEU K 425 -18.38 -29.90 33.55
CA LEU K 425 -18.33 -29.33 34.88
C LEU K 425 -19.09 -30.21 35.88
N ALA K 426 -20.28 -30.67 35.49
CA ALA K 426 -21.04 -31.55 36.37
C ALA K 426 -20.27 -32.82 36.69
N LYS K 427 -19.70 -33.46 35.67
CA LYS K 427 -18.95 -34.69 35.91
C LYS K 427 -17.75 -34.45 36.82
N SER K 428 -17.03 -33.36 36.60
CA SER K 428 -15.86 -33.07 37.42
C SER K 428 -16.27 -32.84 38.87
N VAL K 429 -17.34 -32.07 39.08
CA VAL K 429 -17.81 -31.80 40.44
C VAL K 429 -18.18 -33.10 41.13
N TYR K 430 -18.94 -33.95 40.45
CA TYR K 430 -19.38 -35.20 41.06
C TYR K 430 -18.19 -36.07 41.44
N GLU K 431 -17.23 -36.22 40.54
CA GLU K 431 -16.09 -37.08 40.86
C GLU K 431 -15.26 -36.50 41.99
N LYS K 432 -15.08 -35.17 42.01
CA LYS K 432 -14.31 -34.56 43.08
C LYS K 432 -14.99 -34.79 44.43
N MET K 433 -16.31 -34.60 44.47
CA MET K 433 -17.04 -34.84 45.71
C MET K 433 -16.91 -36.28 46.17
N PHE K 434 -17.05 -37.22 45.23
CA PHE K 434 -16.89 -38.64 45.56
C PHE K 434 -15.54 -38.90 46.18
N ASN K 435 -14.47 -38.44 45.54
CA ASN K 435 -13.13 -38.72 46.05
C ASN K 435 -12.90 -38.05 47.40
N TRP K 436 -13.43 -36.86 47.59
CA TRP K 436 -13.27 -36.20 48.89
C TRP K 436 -13.98 -36.98 49.98
N MET K 437 -15.17 -37.48 49.69
CA MET K 437 -15.89 -38.27 50.68
C MET K 437 -15.13 -39.55 51.01
N VAL K 438 -14.51 -40.17 50.01
CA VAL K 438 -13.73 -41.38 50.29
C VAL K 438 -12.51 -41.04 51.13
N THR K 439 -11.90 -39.87 50.91
CA THR K 439 -10.80 -39.45 51.77
C THR K 439 -11.28 -39.23 53.20
N ARG K 440 -12.47 -38.67 53.36
CA ARG K 440 -13.02 -38.47 54.70
C ARG K 440 -13.26 -39.80 55.39
N ILE K 441 -13.74 -40.80 54.64
CA ILE K 441 -13.91 -42.13 55.22
C ILE K 441 -12.58 -42.71 55.63
N ASN K 442 -11.57 -42.60 54.76
CA ASN K 442 -10.23 -43.07 55.11
C ASN K 442 -9.73 -42.39 56.37
N ALA K 443 -10.04 -41.10 56.54
CA ALA K 443 -9.59 -40.39 57.73
C ALA K 443 -10.29 -40.90 58.99
N THR K 444 -11.63 -40.93 58.97
CA THR K 444 -12.38 -41.30 60.16
C THR K 444 -12.18 -42.77 60.51
N LEU K 445 -11.74 -43.59 59.55
CA LEU K 445 -11.55 -45.01 59.78
C LEU K 445 -10.08 -45.37 59.95
N GLU K 446 -9.21 -44.41 60.21
CA GLU K 446 -7.79 -44.68 60.34
C GLU K 446 -7.24 -44.04 61.61
N THR K 447 -6.69 -44.86 62.49
CA THR K 447 -5.86 -44.40 63.60
C THR K 447 -5.02 -45.57 64.06
N LYS K 448 -3.73 -45.56 63.73
CA LYS K 448 -2.90 -46.71 64.02
C LYS K 448 -1.43 -46.34 63.85
N GLN K 449 -0.57 -47.11 64.50
CA GLN K 449 0.88 -47.05 64.41
C GLN K 449 1.33 -47.19 62.96
N PRO K 450 2.51 -46.70 62.60
CA PRO K 450 2.99 -46.86 61.22
C PRO K 450 3.22 -48.31 60.85
N ARG K 451 2.39 -48.83 59.95
CA ARG K 451 2.40 -50.24 59.57
C ARG K 451 3.03 -50.42 58.20
N GLN K 452 3.37 -51.67 57.89
CA GLN K 452 4.14 -51.98 56.69
C GLN K 452 3.28 -52.51 55.56
N TYR K 453 2.57 -53.61 55.78
CA TYR K 453 1.98 -54.39 54.70
C TYR K 453 0.48 -54.40 54.81
N PHE K 454 -0.16 -54.87 53.74
CA PHE K 454 -1.61 -54.90 53.65
C PHE K 454 -2.02 -55.97 52.65
N ILE K 455 -3.32 -56.25 52.65
CA ILE K 455 -3.93 -57.19 51.71
C ILE K 455 -4.90 -56.41 50.84
N GLY K 456 -4.90 -56.70 49.54
CA GLY K 456 -5.74 -56.00 48.60
C GLY K 456 -7.03 -56.74 48.37
N VAL K 457 -8.15 -56.04 48.54
CA VAL K 457 -9.47 -56.56 48.24
C VAL K 457 -10.05 -55.72 47.12
N LEU K 458 -10.13 -56.28 45.92
CA LEU K 458 -10.48 -55.53 44.73
C LEU K 458 -11.92 -55.88 44.34
N ASP K 459 -12.80 -54.90 44.45
CA ASP K 459 -14.18 -55.02 43.98
C ASP K 459 -14.31 -54.20 42.72
N ILE K 460 -14.87 -54.81 41.67
CA ILE K 460 -14.99 -54.15 40.37
C ILE K 460 -15.99 -54.94 39.55
N ALA K 461 -16.63 -54.26 38.61
CA ALA K 461 -17.51 -54.93 37.66
C ALA K 461 -16.71 -55.88 36.78
N GLY K 462 -17.41 -56.84 36.19
CA GLY K 462 -16.83 -57.82 35.31
C GLY K 462 -17.20 -57.59 33.87
N PHE K 463 -16.94 -58.60 33.05
CA PHE K 463 -17.28 -58.52 31.63
C PHE K 463 -18.78 -58.42 31.45
N GLU K 464 -19.20 -57.83 30.33
CA GLU K 464 -20.60 -57.69 30.00
C GLU K 464 -20.87 -58.06 28.55
N ILE K 465 -21.96 -58.78 28.33
CA ILE K 465 -22.47 -59.02 26.99
C ILE K 465 -23.98 -58.81 27.04
N PHE K 466 -24.43 -57.64 26.63
CA PHE K 466 -25.84 -57.32 26.68
C PHE K 466 -26.45 -57.49 25.30
N ASP K 467 -27.72 -57.11 25.18
CA ASP K 467 -28.38 -57.05 23.88
C ASP K 467 -28.06 -55.78 23.12
N PHE K 468 -27.65 -54.73 23.82
CA PHE K 468 -27.29 -53.45 23.19
C PHE K 468 -26.08 -52.90 23.93
N ASN K 469 -24.90 -53.08 23.35
CA ASN K 469 -23.65 -52.66 23.95
C ASN K 469 -23.24 -51.29 23.40
N SER K 470 -22.65 -50.48 24.26
CA SER K 470 -22.35 -49.09 23.93
C SER K 470 -20.99 -48.74 24.50
N PHE K 471 -20.71 -47.43 24.58
CA PHE K 471 -19.39 -46.96 24.98
C PHE K 471 -19.01 -47.48 26.37
N GLU K 472 -19.93 -47.36 27.32
CA GLU K 472 -19.63 -47.78 28.69
C GLU K 472 -19.28 -49.25 28.74
N GLN K 473 -20.06 -50.07 28.04
CA GLN K 473 -19.76 -51.49 27.98
C GLN K 473 -18.39 -51.74 27.38
N LEU K 474 -18.01 -50.95 26.37
CA LEU K 474 -16.69 -51.10 25.79
C LEU K 474 -15.60 -50.81 26.80
N CYS K 475 -15.76 -49.73 27.57
CA CYS K 475 -14.75 -49.41 28.58
C CYS K 475 -14.65 -50.50 29.63
N ILE K 476 -15.79 -51.01 30.08
CA ILE K 476 -15.79 -52.05 31.10
C ILE K 476 -15.12 -53.32 30.59
N ASN K 477 -15.46 -53.72 29.36
CA ASN K 477 -14.83 -54.90 28.78
C ASN K 477 -13.35 -54.69 28.57
N PHE K 478 -12.91 -53.46 28.27
CA PHE K 478 -11.48 -53.19 28.15
C PHE K 478 -10.77 -53.39 29.48
N THR K 479 -11.33 -52.83 30.55
CA THR K 479 -10.77 -53.04 31.88
C THR K 479 -10.69 -54.52 32.21
N ASN K 480 -11.73 -55.28 31.88
CA ASN K 480 -11.73 -56.69 32.21
C ASN K 480 -10.75 -57.47 31.34
N GLU K 481 -10.56 -57.06 30.08
CA GLU K 481 -9.48 -57.62 29.28
C GLU K 481 -8.15 -57.42 29.97
N LYS K 482 -7.93 -56.24 30.52
CA LYS K 482 -6.67 -55.96 31.22
C LYS K 482 -6.51 -56.88 32.43
N LEU K 483 -7.55 -56.97 33.26
CA LEU K 483 -7.48 -57.83 34.45
C LEU K 483 -7.27 -59.29 34.07
N GLN K 484 -7.93 -59.74 33.01
CA GLN K 484 -7.80 -61.13 32.59
C GLN K 484 -6.40 -61.40 32.07
N GLN K 485 -5.81 -60.44 31.36
CA GLN K 485 -4.42 -60.59 30.95
C GLN K 485 -3.49 -60.64 32.16
N PHE K 486 -3.81 -59.86 33.20
CA PHE K 486 -3.04 -59.92 34.43
C PHE K 486 -3.08 -61.32 35.03
N PHE K 487 -4.28 -61.88 35.16
CA PHE K 487 -4.42 -63.23 35.69
C PHE K 487 -3.68 -64.24 34.83
N ASN K 488 -3.78 -64.11 33.50
CA ASN K 488 -3.10 -65.04 32.62
C ASN K 488 -1.60 -64.97 32.80
N HIS K 489 -1.06 -63.77 32.99
CA HIS K 489 0.37 -63.64 33.21
C HIS K 489 0.79 -64.32 34.51
N HIS K 490 0.01 -64.08 35.58
CA HIS K 490 0.30 -64.72 36.86
C HIS K 490 0.30 -66.24 36.74
N MET K 491 -0.77 -66.79 36.17
CA MET K 491 -0.86 -68.24 36.03
C MET K 491 0.23 -68.79 35.12
N PHE K 492 0.59 -68.05 34.07
CA PHE K 492 1.65 -68.50 33.20
C PHE K 492 2.97 -68.60 33.94
N VAL K 493 3.34 -67.57 34.70
CA VAL K 493 4.62 -67.63 35.39
C VAL K 493 4.59 -68.72 36.47
N LEU K 494 3.42 -68.96 37.06
CA LEU K 494 3.31 -70.06 38.02
C LEU K 494 3.60 -71.40 37.35
N GLU K 495 2.93 -71.69 36.24
CA GLU K 495 3.12 -72.97 35.57
C GLU K 495 4.56 -73.11 35.07
N GLN K 496 5.14 -72.03 34.56
CA GLN K 496 6.51 -72.09 34.07
C GLN K 496 7.48 -72.37 35.22
N GLU K 497 7.26 -71.73 36.38
CA GLU K 497 8.06 -72.05 37.56
C GLU K 497 7.94 -73.52 37.93
N GLU K 498 6.70 -74.02 38.02
CA GLU K 498 6.51 -75.41 38.39
C GLU K 498 7.21 -76.36 37.42
N TYR K 499 7.23 -76.01 36.14
CA TYR K 499 7.94 -76.84 35.19
C TYR K 499 9.45 -76.81 35.41
N LYS K 500 10.01 -75.62 35.66
CA LYS K 500 11.43 -75.58 36.00
C LYS K 500 11.71 -76.26 37.34
N LYS K 501 10.69 -76.52 38.14
CA LYS K 501 10.89 -77.16 39.43
C LYS K 501 11.01 -78.67 39.27
N GLU K 502 10.15 -79.28 38.46
CA GLU K 502 10.18 -80.72 38.22
C GLU K 502 11.14 -81.10 37.10
N GLY K 503 11.97 -80.17 36.65
CA GLY K 503 12.91 -80.45 35.58
C GLY K 503 12.28 -80.78 34.25
N ILE K 504 10.98 -80.54 34.14
CA ILE K 504 10.26 -80.83 32.89
C ILE K 504 10.61 -79.76 31.87
N GLU K 505 11.42 -80.14 30.88
CA GLU K 505 11.82 -79.22 29.83
C GLU K 505 10.64 -79.04 28.86
N TRP K 506 9.98 -77.90 28.96
CA TRP K 506 8.82 -77.61 28.10
C TRP K 506 8.60 -76.11 28.12
N GLU K 507 8.78 -75.47 26.97
CA GLU K 507 8.63 -74.04 26.84
C GLU K 507 7.58 -73.74 25.77
N PHE K 508 6.77 -72.72 26.05
CA PHE K 508 5.66 -72.38 25.17
C PHE K 508 5.53 -70.86 25.10
N ILE K 509 4.89 -70.40 24.03
CA ILE K 509 4.63 -68.97 23.88
C ILE K 509 3.83 -68.48 25.09
N ASP K 510 4.20 -67.29 25.56
CA ASP K 510 3.69 -66.75 26.83
C ASP K 510 2.17 -66.87 26.90
N PHE K 511 1.70 -67.67 27.86
CA PHE K 511 0.28 -67.82 28.11
C PHE K 511 -0.32 -66.64 28.85
N GLY K 512 0.46 -65.59 29.07
CA GLY K 512 -0.01 -64.48 29.86
C GLY K 512 -0.59 -63.33 29.06
N MET K 513 0.16 -62.83 28.09
CA MET K 513 -0.24 -61.63 27.38
C MET K 513 -0.52 -61.86 25.90
N ASP K 514 0.18 -62.78 25.24
CA ASP K 514 0.07 -62.91 23.79
C ASP K 514 -1.32 -63.35 23.34
N LEU K 515 -2.27 -63.48 24.25
CA LEU K 515 -3.65 -63.75 23.89
C LEU K 515 -4.43 -62.46 23.67
N GLN K 516 -4.35 -61.54 24.64
CA GLN K 516 -5.11 -60.30 24.57
C GLN K 516 -4.31 -59.12 24.02
N ALA K 517 -2.98 -59.22 24.02
CA ALA K 517 -2.17 -58.13 23.47
C ALA K 517 -2.56 -57.81 22.04
N CYS K 518 -3.19 -58.73 21.34
CA CYS K 518 -3.76 -58.46 20.03
C CYS K 518 -5.20 -57.98 20.11
N ILE K 519 -5.86 -58.17 21.25
CA ILE K 519 -7.21 -57.68 21.45
C ILE K 519 -7.07 -56.36 22.20
N ASP K 520 -5.85 -55.82 22.19
CA ASP K 520 -5.58 -54.48 22.71
C ASP K 520 -5.43 -53.47 21.59
N LEU K 521 -6.23 -53.62 20.54
CA LEU K 521 -6.46 -52.52 19.61
C LEU K 521 -6.89 -51.28 20.36
N ILE K 522 -7.76 -51.46 21.37
CA ILE K 522 -8.44 -50.36 22.02
C ILE K 522 -7.49 -49.33 22.61
N GLU K 523 -6.23 -49.70 22.86
CA GLU K 523 -5.28 -48.76 23.43
C GLU K 523 -4.14 -48.38 22.50
N LYS K 524 -3.71 -49.28 21.62
CA LYS K 524 -2.61 -48.97 20.72
C LYS K 524 -2.96 -47.75 19.89
N PRO K 525 -1.99 -46.87 19.58
CA PRO K 525 -2.36 -45.56 19.03
C PRO K 525 -2.78 -45.58 17.58
N MET K 526 -3.56 -46.57 17.18
CA MET K 526 -4.41 -46.44 16.01
C MET K 526 -5.74 -47.14 16.18
N GLY K 527 -6.02 -47.71 17.35
CA GLY K 527 -7.20 -48.50 17.57
C GLY K 527 -8.45 -47.67 17.75
N ILE K 528 -9.42 -48.25 18.43
CA ILE K 528 -10.74 -47.65 18.49
C ILE K 528 -10.70 -46.35 19.29
N MET K 529 -10.00 -46.34 20.41
CA MET K 529 -10.04 -45.17 21.28
C MET K 529 -9.32 -43.99 20.66
N SER K 530 -8.15 -44.21 20.05
CA SER K 530 -7.45 -43.13 19.38
C SER K 530 -8.27 -42.59 18.22
N ILE K 531 -8.95 -43.46 17.48
CA ILE K 531 -9.81 -43.02 16.39
C ILE K 531 -10.96 -42.19 16.94
N LEU K 532 -11.53 -42.60 18.07
CA LEU K 532 -12.65 -41.86 18.65
C LEU K 532 -12.21 -40.48 19.12
N GLU K 533 -11.01 -40.38 19.69
CA GLU K 533 -10.50 -39.08 20.09
C GLU K 533 -10.26 -38.19 18.88
N GLU K 534 -9.61 -38.74 17.85
CA GLU K 534 -9.43 -38.02 16.60
C GLU K 534 -10.75 -37.48 16.08
N GLU K 535 -11.78 -38.32 16.08
CA GLU K 535 -13.08 -37.88 15.62
C GLU K 535 -13.73 -36.88 16.55
N CYS K 536 -13.36 -36.89 17.83
CA CYS K 536 -13.85 -35.86 18.73
C CYS K 536 -13.20 -34.51 18.44
N MET K 537 -11.99 -34.53 17.89
CA MET K 537 -11.31 -33.27 17.56
C MET K 537 -11.67 -32.74 16.18
N PHE K 538 -11.99 -33.60 15.23
CA PHE K 538 -12.09 -33.21 13.84
C PHE K 538 -13.37 -32.42 13.57
N PRO K 539 -13.30 -31.44 12.66
CA PRO K 539 -14.49 -30.63 12.36
C PRO K 539 -15.61 -31.45 11.75
N LYS K 540 -16.84 -31.13 12.12
CA LYS K 540 -18.06 -31.67 11.53
C LYS K 540 -18.11 -33.20 11.56
N ALA K 541 -17.30 -33.83 12.41
CA ALA K 541 -17.33 -35.28 12.50
C ALA K 541 -18.66 -35.75 13.05
N SER K 542 -19.12 -36.89 12.55
CA SER K 542 -20.38 -37.48 12.96
C SER K 542 -20.17 -38.96 13.23
N ASP K 543 -21.26 -39.67 13.51
CA ASP K 543 -21.16 -41.10 13.77
C ASP K 543 -20.87 -41.88 12.51
N MET K 544 -21.39 -41.43 11.37
CA MET K 544 -21.12 -42.12 10.12
C MET K 544 -19.66 -42.03 9.74
N THR K 545 -19.05 -40.85 9.92
CA THR K 545 -17.63 -40.71 9.63
C THR K 545 -16.79 -41.53 10.60
N PHE K 546 -17.21 -41.61 11.86
CA PHE K 546 -16.52 -42.45 12.83
C PHE K 546 -16.54 -43.91 12.38
N LYS K 547 -17.71 -44.39 11.95
CA LYS K 547 -17.82 -45.77 11.48
C LYS K 547 -16.96 -45.99 10.25
N ALA K 548 -16.96 -45.04 9.32
CA ALA K 548 -16.14 -45.15 8.13
C ALA K 548 -14.66 -45.26 8.49
N LYS K 549 -14.20 -44.41 9.41
CA LYS K 549 -12.80 -44.45 9.82
C LYS K 549 -12.46 -45.79 10.45
N LEU K 550 -13.33 -46.28 11.34
CA LEU K 550 -13.13 -47.59 11.93
C LEU K 550 -12.95 -48.65 10.86
N TYR K 551 -13.83 -48.65 9.86
CA TYR K 551 -13.76 -49.67 8.82
C TYR K 551 -12.48 -49.54 8.01
N ASP K 552 -12.12 -48.31 7.62
CA ASP K 552 -10.93 -48.13 6.80
C ASP K 552 -9.67 -48.56 7.53
N ASN K 553 -9.61 -48.36 8.84
CA ASN K 553 -8.40 -48.73 9.56
C ASN K 553 -8.37 -50.18 9.98
N HIS K 554 -9.52 -50.81 10.15
CA HIS K 554 -9.44 -52.13 10.77
C HIS K 554 -10.12 -53.24 9.99
N LEU K 555 -11.24 -52.95 9.33
CA LEU K 555 -11.99 -54.00 8.64
C LEU K 555 -11.15 -54.66 7.57
N GLY K 556 -10.85 -55.95 7.77
CA GLY K 556 -10.01 -56.69 6.86
C GLY K 556 -8.54 -56.71 7.23
N LYS K 557 -8.06 -55.68 7.92
CA LYS K 557 -6.67 -55.60 8.31
C LYS K 557 -6.39 -56.20 9.68
N SER K 558 -7.43 -56.47 10.46
CA SER K 558 -7.30 -57.14 11.74
C SER K 558 -8.23 -58.34 11.77
N ASN K 559 -7.88 -59.34 12.58
CA ASN K 559 -8.69 -60.55 12.66
C ASN K 559 -9.70 -60.50 13.80
N ASN K 560 -9.40 -59.79 14.87
CA ASN K 560 -10.36 -59.66 15.97
C ASN K 560 -11.45 -58.65 15.64
N PHE K 561 -11.16 -57.71 14.76
CA PHE K 561 -12.17 -56.75 14.31
C PHE K 561 -12.99 -57.38 13.21
N GLN K 562 -14.30 -57.48 13.42
CA GLN K 562 -15.18 -58.12 12.45
C GLN K 562 -16.45 -57.31 12.28
N LYS K 563 -17.01 -57.40 11.09
CA LYS K 563 -18.29 -56.77 10.81
C LYS K 563 -19.41 -57.60 11.40
N PRO K 564 -20.37 -57.00 12.10
CA PRO K 564 -21.41 -57.79 12.74
C PRO K 564 -22.37 -58.38 11.72
N ARG K 565 -22.95 -59.52 12.10
CA ARG K 565 -23.98 -60.18 11.30
C ARG K 565 -25.33 -59.66 11.77
N ASN K 566 -25.74 -58.53 11.19
CA ASN K 566 -26.96 -57.86 11.60
C ASN K 566 -28.15 -58.52 10.92
N VAL K 567 -29.01 -59.16 11.70
CA VAL K 567 -30.20 -59.82 11.19
C VAL K 567 -31.41 -58.98 11.54
N LYS K 568 -32.27 -58.74 10.55
CA LYS K 568 -33.47 -57.92 10.75
C LYS K 568 -34.38 -58.59 11.77
N GLY K 569 -34.75 -57.85 12.81
CA GLY K 569 -35.50 -58.41 13.91
C GLY K 569 -34.74 -58.29 15.22
N LYS K 570 -33.44 -58.00 15.10
CA LYS K 570 -32.57 -57.81 16.25
C LYS K 570 -31.92 -56.44 16.16
N GLN K 571 -31.40 -55.99 17.31
CA GLN K 571 -30.76 -54.68 17.37
C GLN K 571 -29.55 -54.63 16.44
N GLU K 572 -29.37 -53.49 15.78
CA GLU K 572 -28.30 -53.34 14.81
C GLU K 572 -26.99 -53.00 15.50
N ALA K 573 -25.96 -53.76 15.20
CA ALA K 573 -24.60 -53.47 15.63
C ALA K 573 -23.83 -52.82 14.50
N HIS K 574 -22.64 -52.32 14.83
CA HIS K 574 -21.80 -51.65 13.85
C HIS K 574 -20.45 -52.32 13.67
N PHE K 575 -19.90 -52.94 14.71
CA PHE K 575 -18.68 -53.73 14.58
C PHE K 575 -18.64 -54.71 15.73
N SER K 576 -17.76 -55.69 15.62
CA SER K 576 -17.68 -56.77 16.59
C SER K 576 -16.24 -57.03 16.98
N LEU K 577 -16.00 -57.12 18.28
CA LEU K 577 -14.67 -57.38 18.82
C LEU K 577 -14.62 -58.80 19.38
N VAL K 578 -13.54 -59.53 19.07
CA VAL K 578 -13.38 -60.90 19.53
C VAL K 578 -12.67 -60.83 20.87
N HIS K 579 -13.44 -60.74 21.94
CA HIS K 579 -12.89 -60.67 23.28
C HIS K 579 -12.51 -62.07 23.77
N TYR K 580 -11.91 -62.13 24.96
CA TYR K 580 -11.65 -63.42 25.58
C TYR K 580 -12.95 -64.12 25.99
N ALA K 581 -13.97 -63.34 26.32
CA ALA K 581 -15.27 -63.87 26.72
C ALA K 581 -16.28 -63.89 25.58
N GLY K 582 -15.81 -64.09 24.36
CA GLY K 582 -16.68 -64.17 23.20
C GLY K 582 -16.53 -62.97 22.28
N THR K 583 -17.41 -62.91 21.29
CA THR K 583 -17.42 -61.84 20.31
C THR K 583 -18.61 -60.93 20.59
N VAL K 584 -18.33 -59.70 21.02
CA VAL K 584 -19.36 -58.76 21.43
C VAL K 584 -19.63 -57.80 20.29
N ASP K 585 -20.89 -57.38 20.18
CA ASP K 585 -21.33 -56.49 19.11
C ASP K 585 -21.67 -55.13 19.71
N TYR K 586 -21.10 -54.07 19.14
CA TYR K 586 -21.25 -52.73 19.66
C TYR K 586 -22.04 -51.86 18.70
N ASN K 587 -22.77 -50.91 19.27
CA ASN K 587 -23.56 -49.94 18.50
C ASN K 587 -23.06 -48.55 18.86
N ILE K 588 -22.36 -47.92 17.92
CA ILE K 588 -21.61 -46.69 18.20
C ILE K 588 -22.47 -45.44 18.22
N MET K 589 -23.78 -45.55 18.05
CA MET K 589 -24.61 -44.35 17.97
C MET K 589 -24.49 -43.49 19.21
N GLY K 590 -23.90 -42.31 19.06
CA GLY K 590 -23.80 -41.35 20.14
C GLY K 590 -22.48 -41.30 20.87
N TRP K 591 -21.47 -42.03 20.40
CA TRP K 591 -20.19 -42.06 21.13
C TRP K 591 -19.48 -40.72 21.08
N LEU K 592 -19.69 -39.94 20.03
CA LEU K 592 -19.03 -38.63 19.92
C LEU K 592 -19.44 -37.73 21.08
N GLU K 593 -20.74 -37.52 21.26
CA GLU K 593 -21.20 -36.66 22.34
C GLU K 593 -20.82 -37.22 23.70
N LYS K 594 -20.74 -38.54 23.83
CA LYS K 594 -20.43 -39.15 25.12
C LYS K 594 -18.94 -39.09 25.46
N ASN K 595 -18.07 -38.96 24.47
CA ASN K 595 -16.64 -38.92 24.75
C ASN K 595 -16.12 -37.52 25.02
N LYS K 596 -16.80 -36.48 24.55
CA LYS K 596 -16.31 -35.12 24.73
C LYS K 596 -16.32 -34.73 26.19
N ASP K 597 -15.30 -33.98 26.60
CA ASP K 597 -15.16 -33.59 28.00
C ASP K 597 -14.38 -32.29 28.11
N PRO K 598 -14.86 -31.19 27.51
CA PRO K 598 -14.11 -29.94 27.56
C PRO K 598 -14.35 -29.19 28.86
N LEU K 599 -13.33 -29.15 29.70
CA LEU K 599 -13.41 -28.42 30.97
C LEU K 599 -13.22 -26.93 30.73
N ASN K 600 -14.02 -26.12 31.41
CA ASN K 600 -14.01 -24.68 31.26
C ASN K 600 -13.25 -24.08 32.44
N GLU K 601 -11.98 -23.77 32.23
CA GLU K 601 -11.11 -23.37 33.33
C GLU K 601 -11.54 -22.04 33.95
N THR K 602 -12.26 -21.19 33.21
CA THR K 602 -12.78 -19.97 33.81
C THR K 602 -13.79 -20.29 34.90
N VAL K 603 -14.69 -21.21 34.64
CA VAL K 603 -15.68 -21.57 35.64
C VAL K 603 -15.03 -22.29 36.82
N VAL K 604 -13.97 -23.07 36.56
CA VAL K 604 -13.25 -23.71 37.65
C VAL K 604 -12.58 -22.66 38.52
N GLY K 605 -12.02 -21.62 37.91
CA GLY K 605 -11.47 -20.53 38.68
C GLY K 605 -12.54 -19.80 39.48
N LEU K 606 -13.75 -19.70 38.93
CA LEU K 606 -14.86 -19.17 39.72
C LEU K 606 -15.14 -20.06 40.92
N TYR K 607 -15.14 -21.37 40.71
CA TYR K 607 -15.37 -22.32 41.80
C TYR K 607 -14.35 -22.12 42.91
N GLN K 608 -13.08 -21.95 42.54
CA GLN K 608 -12.02 -21.80 43.52
C GLN K 608 -12.21 -20.61 44.45
N LYS K 609 -13.19 -19.74 44.17
CA LYS K 609 -13.45 -18.56 44.97
C LYS K 609 -14.80 -18.61 45.66
N SER K 610 -15.52 -19.73 45.56
CA SER K 610 -16.87 -19.79 46.08
C SER K 610 -16.88 -19.59 47.59
N SER K 611 -18.04 -19.18 48.10
CA SER K 611 -18.25 -19.02 49.53
C SER K 611 -18.49 -20.35 50.22
N LEU K 612 -19.13 -21.29 49.52
CA LEU K 612 -19.41 -22.60 50.09
C LEU K 612 -18.11 -23.36 50.27
N LYS K 613 -17.60 -23.41 51.50
CA LYS K 613 -16.24 -23.86 51.76
C LYS K 613 -15.97 -25.26 51.27
N LEU K 614 -17.00 -26.11 51.16
CA LEU K 614 -16.78 -27.44 50.62
C LEU K 614 -16.38 -27.38 49.15
N MET K 615 -17.00 -26.48 48.38
CA MET K 615 -16.65 -26.33 46.97
C MET K 615 -15.21 -25.85 46.82
N ALA K 616 -14.81 -24.87 47.63
CA ALA K 616 -13.44 -24.38 47.56
C ALA K 616 -12.45 -25.45 48.02
N THR K 617 -12.83 -26.28 48.97
CA THR K 617 -11.95 -27.38 49.36
C THR K 617 -11.83 -28.40 48.24
N LEU K 618 -12.93 -28.65 47.53
CA LEU K 618 -12.90 -29.57 46.40
C LEU K 618 -11.98 -29.06 45.31
N PHE K 619 -12.13 -27.80 44.93
CA PHE K 619 -11.37 -27.23 43.83
C PHE K 619 -10.17 -26.42 44.29
N SER K 620 -9.65 -26.70 45.49
CA SER K 620 -8.41 -26.05 45.93
C SER K 620 -7.29 -26.27 44.92
N THR K 621 -7.06 -27.53 44.55
CA THR K 621 -6.03 -27.87 43.58
C THR K 621 -6.56 -27.75 42.15
N LYS K 634 4.41 -19.06 28.95
CA LYS K 634 5.60 -19.55 29.64
C LYS K 634 6.51 -20.29 28.68
N SER K 641 -6.51 -28.88 27.29
CA SER K 641 -7.64 -28.61 28.18
C SER K 641 -8.97 -28.85 27.48
N SER K 642 -9.18 -28.22 26.33
CA SER K 642 -10.32 -28.53 25.50
C SER K 642 -10.12 -29.79 24.68
N PHE K 643 -9.05 -30.54 24.96
CA PHE K 643 -8.75 -31.79 24.28
C PHE K 643 -9.05 -32.99 25.16
N GLN K 644 -9.83 -32.81 26.22
CA GLN K 644 -10.06 -33.88 27.18
C GLN K 644 -11.18 -34.78 26.71
N THR K 645 -10.96 -36.09 26.85
CA THR K 645 -11.94 -37.09 26.46
C THR K 645 -12.10 -38.09 27.59
N VAL K 646 -13.31 -38.65 27.69
CA VAL K 646 -13.59 -39.64 28.71
C VAL K 646 -12.68 -40.85 28.54
N SER K 647 -12.47 -41.29 27.31
CA SER K 647 -11.63 -42.45 27.06
C SER K 647 -10.20 -42.23 27.55
N ALA K 648 -9.69 -41.00 27.44
CA ALA K 648 -8.31 -40.75 27.85
C ALA K 648 -8.16 -40.83 29.36
N LEU K 649 -9.04 -40.14 30.10
CA LEU K 649 -9.00 -40.24 31.56
C LEU K 649 -9.19 -41.68 32.00
N HIS K 650 -10.11 -42.40 31.34
CA HIS K 650 -10.34 -43.80 31.67
C HIS K 650 -9.09 -44.63 31.47
N ARG K 651 -8.40 -44.43 30.35
CA ARG K 651 -7.20 -45.19 30.08
C ARG K 651 -6.11 -44.89 31.09
N GLU K 652 -5.97 -43.62 31.49
CA GLU K 652 -4.96 -43.26 32.47
C GLU K 652 -5.28 -43.87 33.83
N ASN K 653 -6.55 -43.83 34.24
CA ASN K 653 -6.95 -44.45 35.50
C ASN K 653 -6.69 -45.95 35.48
N LEU K 654 -7.01 -46.61 34.36
CA LEU K 654 -6.78 -48.04 34.26
C LEU K 654 -5.31 -48.36 34.30
N ASN K 655 -4.48 -47.54 33.66
CA ASN K 655 -3.04 -47.74 33.74
C ASN K 655 -2.57 -47.64 35.18
N LYS K 656 -3.08 -46.66 35.92
CA LYS K 656 -2.68 -46.51 37.32
C LYS K 656 -3.11 -47.73 38.14
N LEU K 657 -4.32 -48.22 37.92
CA LEU K 657 -4.80 -49.37 38.69
C LEU K 657 -3.98 -50.61 38.40
N MET K 658 -3.71 -50.88 37.12
CA MET K 658 -2.86 -52.02 36.79
C MET K 658 -1.46 -51.85 37.35
N THR K 659 -0.96 -50.62 37.40
CA THR K 659 0.36 -50.36 37.98
C THR K 659 0.36 -50.71 39.46
N ASN K 660 -0.72 -50.37 40.17
CA ASN K 660 -0.82 -50.74 41.57
C ASN K 660 -0.83 -52.25 41.73
N LEU K 661 -1.65 -52.93 40.92
CA LEU K 661 -1.81 -54.38 41.09
C LEU K 661 -0.54 -55.14 40.73
N LYS K 662 0.23 -54.63 39.76
CA LYS K 662 1.38 -55.39 39.29
C LYS K 662 2.53 -55.44 40.29
N THR K 663 2.36 -54.85 41.47
CA THR K 663 3.39 -54.88 42.50
C THR K 663 3.04 -55.79 43.66
N THR K 664 1.89 -56.45 43.62
CA THR K 664 1.43 -57.30 44.70
C THR K 664 1.26 -58.74 44.21
N HIS K 665 0.70 -59.58 45.05
CA HIS K 665 0.42 -60.96 44.69
C HIS K 665 -1.08 -61.18 44.63
N PRO K 666 -1.60 -61.75 43.54
CA PRO K 666 -3.04 -61.85 43.37
C PRO K 666 -3.61 -63.17 43.87
N HIS K 667 -4.86 -63.10 44.30
CA HIS K 667 -5.60 -64.29 44.71
C HIS K 667 -7.05 -64.08 44.29
N PHE K 668 -7.48 -64.79 43.26
CA PHE K 668 -8.76 -64.53 42.61
C PHE K 668 -9.87 -65.38 43.20
N VAL K 669 -11.07 -64.80 43.23
CA VAL K 669 -12.26 -65.45 43.77
C VAL K 669 -13.40 -65.21 42.80
N ARG K 670 -14.24 -66.23 42.61
CA ARG K 670 -15.33 -66.15 41.63
C ARG K 670 -16.65 -66.49 42.33
N CYS K 671 -17.28 -65.49 42.92
CA CYS K 671 -18.62 -65.67 43.46
C CYS K 671 -19.63 -65.78 42.32
N ILE K 672 -20.58 -66.69 42.48
CA ILE K 672 -21.56 -66.97 41.44
C ILE K 672 -22.95 -66.83 42.04
N ILE K 673 -23.88 -66.33 41.23
CA ILE K 673 -25.30 -66.43 41.52
C ILE K 673 -25.81 -67.69 40.81
N PRO K 674 -26.16 -68.75 41.55
CA PRO K 674 -26.52 -70.01 40.90
C PRO K 674 -27.86 -69.98 40.18
N ASN K 675 -28.85 -69.31 40.78
CA ASN K 675 -30.17 -69.26 40.19
C ASN K 675 -30.75 -67.87 40.35
N GLU K 676 -31.76 -67.57 39.53
CA GLU K 676 -32.37 -66.26 39.49
C GLU K 676 -33.64 -66.15 40.32
N ARG K 677 -34.34 -67.27 40.54
CA ARG K 677 -35.57 -67.27 41.33
C ARG K 677 -35.31 -67.28 42.82
N LYS K 678 -34.05 -67.15 43.25
CA LYS K 678 -33.61 -67.08 44.64
C LYS K 678 -33.83 -68.39 45.40
N ALA K 679 -34.41 -69.41 44.76
CA ALA K 679 -34.63 -70.68 45.43
C ALA K 679 -33.31 -71.44 45.52
N PRO K 680 -32.80 -71.73 46.71
CA PRO K 680 -31.51 -72.40 46.83
C PRO K 680 -31.57 -73.84 46.37
N GLY K 681 -30.38 -74.39 46.09
CA GLY K 681 -30.23 -75.81 45.79
C GLY K 681 -30.07 -76.14 44.34
N VAL K 682 -30.87 -75.52 43.47
CA VAL K 682 -30.89 -75.82 42.04
C VAL K 682 -30.44 -74.59 41.28
N MET K 683 -29.42 -74.75 40.45
CA MET K 683 -28.88 -73.64 39.66
C MET K 683 -29.20 -73.85 38.19
N ASP K 684 -29.67 -72.79 37.54
CA ASP K 684 -29.96 -72.87 36.12
C ASP K 684 -28.68 -72.95 35.32
N ASN K 685 -28.66 -73.83 34.32
CA ASN K 685 -27.46 -74.09 33.52
C ASN K 685 -27.06 -72.99 32.55
N PRO K 686 -27.99 -72.27 31.88
CA PRO K 686 -27.50 -71.26 30.93
C PRO K 686 -26.93 -70.05 31.62
N LEU K 687 -27.57 -69.61 32.70
CA LEU K 687 -27.03 -68.52 33.51
C LEU K 687 -25.61 -68.83 33.95
N VAL K 688 -25.42 -70.00 34.58
CA VAL K 688 -24.10 -70.31 35.12
C VAL K 688 -23.10 -70.53 34.00
N MET K 689 -23.56 -70.99 32.83
CA MET K 689 -22.65 -71.15 31.71
C MET K 689 -22.15 -69.79 31.21
N HIS K 690 -23.08 -68.86 30.98
CA HIS K 690 -22.71 -67.51 30.59
C HIS K 690 -21.75 -66.90 31.60
N GLN K 691 -22.04 -67.08 32.89
CA GLN K 691 -21.18 -66.50 33.92
C GLN K 691 -19.80 -67.15 33.91
N LEU K 692 -19.75 -68.48 33.80
CA LEU K 692 -18.47 -69.17 33.73
C LEU K 692 -17.66 -68.72 32.53
N ARG K 693 -18.33 -68.27 31.48
CA ARG K 693 -17.63 -67.60 30.39
C ARG K 693 -17.08 -66.26 30.83
N CYS K 694 -17.95 -65.37 31.33
CA CYS K 694 -17.53 -64.01 31.62
C CYS K 694 -16.67 -63.92 32.88
N ASN K 695 -16.84 -64.85 33.83
CA ASN K 695 -16.11 -64.73 35.09
C ASN K 695 -14.62 -64.93 34.94
N GLY K 696 -14.18 -65.64 33.91
CA GLY K 696 -12.77 -65.81 33.63
C GLY K 696 -12.22 -67.19 33.94
N VAL K 697 -13.05 -68.12 34.42
CA VAL K 697 -12.57 -69.46 34.73
C VAL K 697 -12.27 -70.22 33.44
N LEU K 698 -13.17 -70.10 32.46
CA LEU K 698 -13.03 -70.82 31.20
C LEU K 698 -11.75 -70.48 30.47
N GLU K 699 -11.23 -69.26 30.64
CA GLU K 699 -9.94 -68.94 30.03
C GLU K 699 -8.81 -69.73 30.68
N GLY K 700 -8.82 -69.80 32.01
CA GLY K 700 -7.83 -70.63 32.69
C GLY K 700 -7.93 -72.09 32.30
N ILE K 701 -9.16 -72.60 32.13
CA ILE K 701 -9.33 -73.97 31.68
C ILE K 701 -8.77 -74.14 30.28
N ARG K 702 -9.08 -73.19 29.39
CA ARG K 702 -8.61 -73.28 28.02
C ARG K 702 -7.10 -73.24 27.93
N ILE K 703 -6.45 -72.54 28.86
CA ILE K 703 -4.99 -72.49 28.84
C ILE K 703 -4.39 -73.76 29.43
N CYS K 704 -4.89 -74.20 30.59
CA CYS K 704 -4.35 -75.40 31.20
C CYS K 704 -4.59 -76.63 30.34
N ARG K 705 -5.61 -76.58 29.47
CA ARG K 705 -5.81 -77.66 28.51
C ARG K 705 -4.60 -77.82 27.60
N LYS K 706 -3.86 -76.74 27.36
CA LYS K 706 -2.61 -76.83 26.61
C LYS K 706 -1.52 -77.56 27.37
N GLY K 707 -1.81 -78.04 28.59
CA GLY K 707 -0.95 -79.00 29.27
C GLY K 707 -1.08 -80.38 28.63
N PHE K 708 -0.92 -81.44 29.43
CA PHE K 708 -0.55 -81.53 30.85
C PHE K 708 -1.39 -80.75 31.89
N PRO K 709 -2.70 -80.97 31.93
CA PRO K 709 -3.47 -80.53 33.11
C PRO K 709 -3.33 -81.49 34.27
N ASN K 710 -3.23 -82.78 33.98
CA ASN K 710 -3.22 -83.82 35.01
C ASN K 710 -1.79 -84.01 35.52
N ARG K 711 -1.56 -83.67 36.78
CA ARG K 711 -0.23 -83.73 37.39
C ARG K 711 -0.28 -84.62 38.62
N ILE K 712 0.25 -85.84 38.49
CA ILE K 712 0.24 -86.83 39.56
C ILE K 712 1.69 -87.21 39.86
N LEU K 713 1.90 -87.82 41.02
CA LEU K 713 3.20 -88.35 41.40
C LEU K 713 3.33 -89.79 40.91
N TYR K 714 4.36 -90.50 41.39
CA TYR K 714 4.62 -91.85 40.91
C TYR K 714 3.70 -92.87 41.56
N GLY K 715 3.55 -92.79 42.89
CA GLY K 715 2.92 -93.87 43.63
C GLY K 715 1.45 -94.06 43.29
N ASP K 716 0.74 -92.97 43.04
CA ASP K 716 -0.70 -93.08 42.77
C ASP K 716 -0.96 -93.83 41.47
N PHE K 717 -0.15 -93.55 40.44
CA PHE K 717 -0.29 -94.29 39.19
C PHE K 717 0.25 -95.71 39.32
N ARG K 718 1.34 -95.88 40.07
CA ARG K 718 1.84 -97.21 40.37
C ARG K 718 0.76 -98.07 41.00
N GLN K 719 -0.11 -97.46 41.81
CA GLN K 719 -1.17 -98.22 42.48
C GLN K 719 -2.39 -98.42 41.58
N ARG K 720 -3.01 -97.33 41.14
CA ARG K 720 -4.34 -97.43 40.53
C ARG K 720 -4.32 -98.10 39.16
N TYR K 721 -3.17 -98.20 38.51
CA TYR K 721 -3.09 -98.75 37.16
C TYR K 721 -1.95 -99.76 37.07
N ARG K 722 -1.91 -100.66 38.05
CA ARG K 722 -0.96 -101.76 38.09
C ARG K 722 -1.50 -103.03 37.44
N ILE K 723 -2.68 -102.97 36.84
CA ILE K 723 -3.31 -104.15 36.24
C ILE K 723 -2.56 -104.45 34.94
N LEU K 724 -1.69 -105.45 34.98
CA LEU K 724 -0.92 -105.86 33.81
C LEU K 724 -0.68 -107.37 33.82
N GLY K 740 9.33 -97.43 38.54
CA GLY K 740 7.94 -97.30 38.91
C GLY K 740 7.01 -97.06 37.73
N ALA K 741 6.88 -95.80 37.33
CA ALA K 741 6.05 -95.46 36.18
C ALA K 741 6.82 -95.57 34.87
N GLU K 742 8.15 -95.63 34.92
CA GLU K 742 8.96 -95.71 33.71
C GLU K 742 8.58 -96.92 32.88
N LYS K 743 8.73 -98.12 33.45
CA LYS K 743 8.34 -99.33 32.74
C LYS K 743 6.82 -99.44 32.61
N LEU K 744 6.08 -98.92 33.60
CA LEU K 744 4.63 -99.02 33.58
C LEU K 744 4.00 -98.24 32.43
N LEU K 745 4.68 -97.20 31.93
CA LEU K 745 4.19 -96.45 30.78
C LEU K 745 5.06 -96.57 29.54
N GLY K 746 6.22 -97.22 29.63
CA GLY K 746 7.01 -97.51 28.44
C GLY K 746 6.38 -98.64 27.65
N SER K 747 5.34 -99.24 28.21
CA SER K 747 4.64 -100.35 27.57
C SER K 747 3.61 -99.90 26.54
N LEU K 748 2.81 -98.90 26.85
CA LEU K 748 1.83 -98.40 25.88
C LEU K 748 2.22 -96.99 25.43
N ILE K 750 -0.83 -95.42 23.66
CA ILE K 750 -0.73 -93.99 23.86
C ILE K 750 0.51 -93.46 23.15
N ASP K 751 0.81 -92.17 23.33
CA ASP K 751 1.96 -91.54 22.70
C ASP K 751 3.00 -91.18 23.77
N HIS K 752 4.26 -91.14 23.35
CA HIS K 752 5.36 -90.89 24.27
C HIS K 752 5.45 -89.43 24.70
N ASN K 753 4.65 -88.53 24.12
CA ASN K 753 4.66 -87.13 24.52
C ASN K 753 3.55 -86.78 25.50
N GLN K 754 2.50 -87.60 25.59
CA GLN K 754 1.43 -87.35 26.54
C GLN K 754 1.90 -87.32 27.98
N TYR K 755 3.14 -87.72 28.24
CA TYR K 755 3.70 -87.76 29.58
C TYR K 755 5.08 -87.13 29.56
N LYS K 756 5.49 -86.62 30.72
CA LYS K 756 6.85 -86.13 30.91
C LYS K 756 7.18 -86.29 32.39
N PHE K 757 7.90 -87.35 32.74
CA PHE K 757 8.20 -87.67 34.12
C PHE K 757 9.38 -86.86 34.62
N GLY K 758 9.25 -86.35 35.84
CA GLY K 758 10.39 -85.73 36.50
C GLY K 758 10.25 -85.66 38.01
N HIS K 759 11.22 -86.23 38.72
CA HIS K 759 11.34 -86.14 40.17
C HIS K 759 10.00 -86.43 40.86
N THR K 760 9.52 -87.66 40.63
CA THR K 760 8.27 -88.15 41.20
C THR K 760 7.12 -87.21 40.85
N LYS K 761 6.91 -87.04 39.54
CA LYS K 761 5.80 -86.27 39.00
C LYS K 761 5.50 -86.73 37.58
N VAL K 762 4.26 -87.16 37.34
CA VAL K 762 3.81 -87.49 35.99
C VAL K 762 2.83 -86.41 35.54
N PHE K 763 2.95 -86.01 34.29
CA PHE K 763 2.10 -84.99 33.70
C PHE K 763 1.32 -85.60 32.55
N PHE K 764 0.01 -85.42 32.55
CA PHE K 764 -0.88 -86.03 31.56
C PHE K 764 -1.71 -84.97 30.87
N LYS K 765 -1.78 -85.04 29.54
CA LYS K 765 -2.59 -84.11 28.77
C LYS K 765 -4.05 -84.54 28.80
N ALA K 766 -4.94 -83.58 28.56
CA ALA K 766 -6.38 -83.82 28.63
C ALA K 766 -6.82 -84.82 27.58
N GLY K 767 -7.24 -86.00 28.01
CA GLY K 767 -7.70 -87.01 27.08
C GLY K 767 -6.99 -88.33 27.22
N LEU K 768 -6.34 -88.57 28.35
CA LEU K 768 -5.66 -89.83 28.60
C LEU K 768 -6.31 -90.67 29.68
N LEU K 769 -6.71 -90.06 30.80
CA LEU K 769 -7.43 -90.79 31.84
C LEU K 769 -8.85 -91.14 31.41
N GLY K 770 -9.33 -90.61 30.29
CA GLY K 770 -10.56 -91.11 29.71
C GLY K 770 -10.41 -92.40 28.96
N LEU K 771 -9.17 -92.86 28.79
CA LEU K 771 -8.84 -94.16 28.23
C LEU K 771 -8.59 -95.20 29.30
N LEU K 772 -7.94 -94.82 30.39
CA LEU K 772 -7.69 -95.73 31.51
C LEU K 772 -8.96 -95.96 32.30
N ALA L 1 57.36 -63.28 65.12
CA ALA L 1 58.52 -62.92 65.94
C ALA L 1 58.33 -61.55 66.57
N GLN L 2 58.45 -60.51 65.74
CA GLN L 2 58.27 -59.13 66.18
C GLN L 2 56.80 -58.73 66.27
N MET L 3 55.88 -59.69 66.22
CA MET L 3 54.46 -59.42 66.36
C MET L 3 53.87 -59.90 67.67
N ALA L 4 54.42 -60.97 68.25
CA ALA L 4 53.88 -61.57 69.46
C ALA L 4 54.22 -60.78 70.72
N ASP L 5 54.75 -59.56 70.59
CA ASP L 5 55.05 -58.71 71.73
C ASP L 5 53.99 -57.65 71.97
N PHE L 6 52.90 -57.66 71.22
CA PHE L 6 51.81 -56.72 71.41
C PHE L 6 50.59 -57.36 72.07
N GLY L 7 50.64 -58.66 72.33
CA GLY L 7 49.60 -59.29 73.15
C GLY L 7 48.27 -59.38 72.42
N ALA L 8 47.21 -59.03 73.14
CA ALA L 8 45.85 -59.18 72.65
C ALA L 8 45.52 -58.30 71.46
N ALA L 9 46.33 -57.29 71.18
CA ALA L 9 46.11 -56.43 70.04
C ALA L 9 46.90 -56.85 68.81
N ALA L 10 47.91 -57.73 68.97
CA ALA L 10 48.75 -58.13 67.85
C ALA L 10 47.91 -58.72 66.72
N GLN L 11 46.85 -59.45 67.07
CA GLN L 11 45.95 -59.99 66.05
C GLN L 11 45.37 -58.87 65.19
N TYR L 12 45.04 -57.73 65.80
CA TYR L 12 44.55 -56.59 65.04
C TYR L 12 45.68 -55.91 64.28
N LEU L 13 46.89 -55.89 64.85
CA LEU L 13 48.00 -55.21 64.21
C LEU L 13 48.57 -56.05 63.06
N ARG L 14 48.94 -57.29 63.34
CA ARG L 14 49.46 -58.20 62.32
C ARG L 14 48.96 -59.60 62.61
N LYS L 15 48.16 -60.14 61.70
CA LYS L 15 47.64 -61.49 61.87
C LYS L 15 48.76 -62.51 61.93
N SER L 16 48.52 -63.61 62.63
CA SER L 16 49.52 -64.65 62.79
C SER L 16 49.82 -65.30 61.45
N GLU L 17 51.07 -65.73 61.27
CA GLU L 17 51.51 -66.23 59.98
C GLU L 17 50.83 -67.53 59.58
N LYS L 18 50.07 -68.16 60.47
CA LYS L 18 49.42 -69.43 60.12
C LYS L 18 48.23 -69.19 59.20
N GLU L 19 47.23 -68.44 59.66
CA GLU L 19 46.13 -68.07 58.80
C GLU L 19 46.61 -67.23 57.62
N ARG L 20 47.71 -66.49 57.81
CA ARG L 20 48.25 -65.72 56.69
C ARG L 20 48.82 -66.63 55.61
N LEU L 21 49.53 -67.69 56.01
CA LEU L 21 50.10 -68.59 55.00
C LEU L 21 49.01 -69.42 54.35
N GLU L 22 47.96 -69.78 55.09
CA GLU L 22 46.86 -70.50 54.46
C GLU L 22 46.04 -69.57 53.56
N ALA L 23 46.09 -68.26 53.82
CA ALA L 23 45.33 -67.30 53.03
C ALA L 23 46.11 -66.76 51.84
N GLN L 24 47.43 -66.73 51.91
CA GLN L 24 48.25 -66.20 50.82
C GLN L 24 48.52 -67.22 49.71
N THR L 25 47.79 -68.35 49.71
CA THR L 25 47.99 -69.40 48.71
C THR L 25 46.66 -69.92 48.17
N ARG L 26 45.67 -69.05 48.02
CA ARG L 26 44.37 -69.47 47.52
C ARG L 26 44.44 -69.69 46.01
N PRO L 27 44.02 -70.84 45.50
CA PRO L 27 44.03 -71.07 44.05
C PRO L 27 42.80 -70.46 43.38
N PHE L 28 43.02 -69.42 42.59
CA PHE L 28 41.94 -68.74 41.87
C PHE L 28 42.42 -68.39 40.48
N ASP L 29 41.48 -67.91 39.65
CA ASP L 29 41.73 -67.65 38.25
C ASP L 29 41.98 -66.16 38.01
N ILE L 30 42.56 -65.86 36.85
CA ILE L 30 42.91 -64.51 36.45
C ILE L 30 41.81 -63.93 35.57
N ARG L 31 41.09 -64.79 34.86
CA ARG L 31 40.16 -64.35 33.82
C ARG L 31 38.70 -64.72 34.10
N THR L 32 38.39 -65.17 35.31
CA THR L 32 36.99 -65.36 35.71
C THR L 32 36.68 -64.72 37.05
N GLU L 33 37.58 -63.92 37.60
CA GLU L 33 37.34 -63.17 38.84
C GLU L 33 37.65 -61.70 38.55
N CYS L 34 36.62 -60.96 38.18
CA CYS L 34 36.74 -59.55 37.86
C CYS L 34 35.75 -58.75 38.72
N PHE L 35 35.63 -57.46 38.41
CA PHE L 35 34.76 -56.57 39.15
C PHE L 35 33.76 -55.91 38.21
N VAL L 36 32.49 -55.95 38.59
CA VAL L 36 31.42 -55.34 37.81
C VAL L 36 30.63 -54.43 38.73
N PRO L 37 29.95 -53.41 38.19
CA PRO L 37 29.26 -52.44 39.04
C PRO L 37 27.98 -53.02 39.63
N ASP L 38 27.28 -52.17 40.37
CA ASP L 38 26.04 -52.54 41.03
C ASP L 38 25.32 -51.26 41.44
N ASP L 39 24.07 -51.42 41.86
CA ASP L 39 23.25 -50.31 42.32
C ASP L 39 23.27 -50.11 43.83
N LYS L 40 23.50 -51.18 44.60
CA LYS L 40 23.61 -51.08 46.04
C LYS L 40 25.00 -51.41 46.56
N GLU L 41 25.78 -52.18 45.82
CA GLU L 41 27.18 -52.43 46.16
C GLU L 41 28.15 -51.64 45.29
N GLU L 42 27.74 -51.35 44.06
CA GLU L 42 28.47 -50.52 43.09
C GLU L 42 29.75 -51.19 42.62
N TYR L 43 30.10 -52.32 43.23
CA TYR L 43 31.28 -53.10 42.88
C TYR L 43 31.18 -54.48 43.52
N VAL L 44 31.25 -55.54 42.71
CA VAL L 44 31.06 -56.89 43.22
C VAL L 44 32.01 -57.85 42.53
N LYS L 45 32.26 -58.97 43.19
CA LYS L 45 33.01 -60.08 42.60
C LYS L 45 32.04 -61.01 41.90
N ALA L 46 32.45 -61.55 40.76
CA ALA L 46 31.60 -62.47 40.02
C ALA L 46 32.46 -63.29 39.08
N LYS L 47 31.81 -64.26 38.42
CA LYS L 47 32.50 -65.13 37.48
C LYS L 47 31.95 -64.96 36.07
N ALA L 58 29.42 -60.34 28.97
CA ALA L 58 30.27 -61.28 29.70
C ALA L 58 29.50 -61.94 30.85
N GLU L 59 29.48 -63.27 30.87
CA GLU L 59 28.76 -63.99 31.91
C GLU L 59 29.45 -63.78 33.25
N THR L 60 28.71 -63.23 34.21
CA THR L 60 29.21 -62.96 35.55
C THR L 60 28.05 -63.10 36.53
N GLU L 61 28.24 -63.94 37.55
CA GLU L 61 27.18 -64.22 38.51
C GLU L 61 27.81 -64.48 39.87
N ASN L 62 27.22 -63.87 40.91
CA ASN L 62 27.55 -64.23 42.29
C ASN L 62 26.31 -64.25 43.18
N GLY L 63 25.13 -64.35 42.58
CA GLY L 63 23.87 -64.17 43.29
C GLY L 63 22.88 -63.43 42.41
N LYS L 64 23.39 -62.95 41.29
CA LYS L 64 22.57 -62.28 40.27
C LYS L 64 23.42 -62.19 39.00
N THR L 65 22.80 -62.51 37.87
CA THR L 65 23.51 -62.56 36.60
C THR L 65 23.50 -61.19 35.94
N VAL L 66 24.66 -60.77 35.44
CA VAL L 66 24.78 -59.55 34.65
C VAL L 66 25.79 -59.81 33.54
N THR L 67 25.52 -59.23 32.37
CA THR L 67 26.39 -59.36 31.20
C THR L 67 26.67 -57.97 30.68
N ILE L 68 27.90 -57.50 30.89
CA ILE L 68 28.27 -56.12 30.57
C ILE L 68 29.34 -56.11 29.48
N LYS L 69 29.76 -54.92 29.08
CA LYS L 69 30.81 -54.79 28.08
C LYS L 69 32.11 -55.37 28.59
N GLU L 70 32.93 -55.83 27.64
CA GLU L 70 34.21 -56.46 27.95
C GLU L 70 35.34 -55.44 28.12
N ASP L 71 35.01 -54.18 28.39
CA ASP L 71 36.01 -53.15 28.63
C ASP L 71 35.62 -52.30 29.84
N GLN L 72 35.03 -52.94 30.85
CA GLN L 72 34.73 -52.24 32.09
C GLN L 72 35.01 -53.11 33.32
N VAL L 73 35.41 -54.36 33.13
CA VAL L 73 35.66 -55.29 34.23
C VAL L 73 37.05 -55.04 34.78
N MET L 74 37.16 -55.05 36.11
CA MET L 74 38.45 -54.89 36.79
C MET L 74 38.85 -56.22 37.40
N GLN L 75 40.01 -56.73 36.97
CA GLN L 75 40.53 -57.98 37.51
C GLN L 75 40.76 -57.84 39.01
N GLN L 76 40.15 -58.73 39.79
CA GLN L 76 40.28 -58.67 41.24
C GLN L 76 41.73 -58.93 41.64
N ASN L 77 42.10 -58.36 42.79
CA ASN L 77 43.46 -58.51 43.28
C ASN L 77 43.81 -59.98 43.45
N PRO L 78 45.06 -60.36 43.22
CA PRO L 78 45.45 -61.74 43.41
C PRO L 78 45.35 -62.13 44.87
N PRO L 79 45.08 -63.40 45.17
CA PRO L 79 44.96 -63.84 46.56
C PRO L 79 46.26 -63.78 47.35
N LYS L 80 47.35 -63.32 46.74
CA LYS L 80 48.59 -63.15 47.49
C LYS L 80 48.50 -61.94 48.40
N PHE L 81 48.00 -60.82 47.89
CA PHE L 81 47.94 -59.56 48.61
C PHE L 81 46.55 -59.28 49.18
N ASP L 82 45.75 -60.31 49.43
CA ASP L 82 44.35 -60.10 49.78
C ASP L 82 44.16 -59.47 51.16
N LYS L 83 45.23 -59.21 51.92
CA LYS L 83 45.07 -58.59 53.23
C LYS L 83 46.14 -57.55 53.53
N ILE L 84 46.95 -57.18 52.53
CA ILE L 84 48.06 -56.26 52.78
C ILE L 84 47.53 -54.93 53.29
N GLU L 85 48.17 -54.42 54.34
CA GLU L 85 47.82 -53.13 54.92
C GLU L 85 48.40 -51.96 54.12
N ASP L 86 48.91 -52.22 52.92
CA ASP L 86 49.49 -51.19 52.06
C ASP L 86 49.08 -51.50 50.63
N MET L 87 48.08 -50.78 50.13
CA MET L 87 47.57 -51.01 48.79
C MET L 87 48.44 -50.38 47.70
N ALA L 88 49.64 -49.93 48.04
CA ALA L 88 50.54 -49.34 47.05
C ALA L 88 51.33 -50.38 46.26
N MET L 89 51.31 -51.64 46.69
CA MET L 89 52.09 -52.69 46.05
C MET L 89 51.24 -53.60 45.17
N LEU L 90 49.95 -53.31 45.05
CA LEU L 90 49.04 -54.19 44.32
C LEU L 90 49.27 -54.08 42.82
N THR L 91 49.10 -55.20 42.12
CA THR L 91 49.18 -55.17 40.67
C THR L 91 47.94 -54.56 40.03
N PHE L 92 46.85 -54.46 40.78
CA PHE L 92 45.57 -54.00 40.27
C PHE L 92 45.13 -52.80 41.09
N LEU L 93 45.55 -51.60 40.70
CA LEU L 93 45.18 -50.38 41.40
C LEU L 93 43.89 -49.85 40.78
N HIS L 94 42.76 -50.25 41.35
CA HIS L 94 41.48 -49.70 40.95
C HIS L 94 40.61 -49.55 42.18
N GLU L 95 39.49 -48.85 42.00
CA GLU L 95 38.57 -48.52 43.07
C GLU L 95 38.09 -49.77 43.84
N PRO L 96 37.52 -50.77 43.17
CA PRO L 96 37.04 -51.94 43.92
C PRO L 96 38.16 -52.68 44.61
N ALA L 97 39.36 -52.69 44.03
CA ALA L 97 40.50 -53.37 44.64
C ALA L 97 40.74 -52.85 46.04
N VAL L 98 41.06 -51.56 46.17
CA VAL L 98 41.32 -50.97 47.48
C VAL L 98 40.07 -51.00 48.34
N LEU L 99 38.89 -50.86 47.73
CA LEU L 99 37.65 -50.91 48.48
C LEU L 99 37.53 -52.22 49.26
N TYR L 100 37.60 -53.35 48.55
CA TYR L 100 37.47 -54.63 49.23
C TYR L 100 38.71 -54.98 50.05
N ASN L 101 39.89 -54.45 49.68
CA ASN L 101 41.05 -54.59 50.54
C ASN L 101 40.74 -54.06 51.94
N LEU L 102 40.29 -52.80 52.02
CA LEU L 102 39.92 -52.22 53.30
C LEU L 102 38.74 -52.95 53.92
N LYS L 103 37.77 -53.37 53.10
CA LYS L 103 36.59 -54.06 53.62
C LYS L 103 36.99 -55.33 54.37
N GLU L 104 37.86 -56.13 53.76
CA GLU L 104 38.34 -57.34 54.41
C GLU L 104 39.18 -57.00 55.64
N ARG L 105 40.12 -56.08 55.49
CA ARG L 105 41.00 -55.75 56.62
C ARG L 105 40.20 -55.21 57.81
N TYR L 106 39.03 -54.64 57.56
CA TYR L 106 38.19 -54.23 58.67
C TYR L 106 37.34 -55.38 59.19
N ALA L 107 36.86 -56.26 58.30
CA ALA L 107 36.06 -57.40 58.72
C ALA L 107 36.83 -58.27 59.71
N ALA L 108 37.94 -58.84 59.27
CA ALA L 108 38.89 -59.46 60.19
C ALA L 108 39.61 -58.33 60.92
N TRP L 109 39.11 -57.96 62.10
CA TRP L 109 39.31 -56.63 62.65
C TRP L 109 40.76 -56.16 62.56
N MET L 110 41.00 -55.18 61.69
CA MET L 110 42.27 -54.47 61.59
C MET L 110 41.92 -53.08 61.08
N ILE L 111 41.70 -52.14 62.00
CA ILE L 111 41.24 -50.82 61.62
C ILE L 111 42.35 -49.94 61.07
N TYR L 112 43.58 -50.41 61.08
CA TYR L 112 44.74 -49.62 60.67
C TYR L 112 45.28 -50.08 59.32
N THR L 113 45.65 -49.12 58.49
CA THR L 113 46.07 -49.41 57.12
C THR L 113 47.01 -48.30 56.68
N TYR L 114 47.85 -48.62 55.69
CA TYR L 114 48.70 -47.64 55.03
C TYR L 114 48.32 -47.57 53.56
N SER L 115 48.29 -46.36 53.01
CA SER L 115 47.90 -46.16 51.61
C SER L 115 48.95 -45.28 50.93
N GLY L 116 50.04 -45.90 50.49
CA GLY L 116 51.07 -45.18 49.75
C GLY L 116 51.84 -44.26 50.67
N LEU L 117 51.18 -43.19 51.10
CA LEU L 117 51.69 -42.32 52.14
C LEU L 117 50.65 -41.97 53.19
N PHE L 118 49.36 -42.21 52.94
CA PHE L 118 48.33 -41.93 53.92
C PHE L 118 48.33 -43.00 55.01
N CYS L 119 47.58 -42.72 56.07
CA CYS L 119 47.43 -43.64 57.19
C CYS L 119 45.94 -43.74 57.51
N VAL L 120 45.25 -44.63 56.82
CA VAL L 120 43.80 -44.73 56.94
C VAL L 120 43.45 -45.50 58.20
N THR L 121 42.67 -44.86 59.08
CA THR L 121 42.12 -45.51 60.25
C THR L 121 40.61 -45.50 60.13
N VAL L 122 40.00 -46.61 60.57
CA VAL L 122 38.55 -46.77 60.53
C VAL L 122 38.02 -46.82 61.95
N ASN L 123 36.88 -46.19 62.18
CA ASN L 123 36.31 -46.19 63.51
C ASN L 123 35.82 -47.59 63.84
N PRO L 124 36.28 -48.20 64.93
CA PRO L 124 35.89 -49.58 65.23
C PRO L 124 34.59 -49.67 66.01
N TYR L 125 34.22 -48.61 66.73
CA TYR L 125 33.03 -48.53 67.58
C TYR L 125 33.01 -49.60 68.66
N LYS L 126 34.10 -50.34 68.83
CA LYS L 126 34.20 -51.36 69.87
C LYS L 126 35.50 -51.13 70.63
N TRP L 127 35.40 -50.94 71.94
CA TRP L 127 36.58 -50.68 72.74
C TRP L 127 37.62 -51.76 72.51
N LEU L 128 38.86 -51.32 72.32
CA LEU L 128 39.96 -52.23 72.05
C LEU L 128 41.17 -51.77 72.85
N PRO L 129 41.95 -52.71 73.37
CA PRO L 129 43.19 -52.34 74.06
C PRO L 129 44.31 -52.09 73.08
N VAL L 130 43.98 -51.91 71.80
CA VAL L 130 44.97 -51.70 70.76
C VAL L 130 45.73 -50.40 70.91
N TYR L 131 45.32 -49.52 71.83
CA TYR L 131 46.06 -48.31 72.16
C TYR L 131 46.54 -48.29 73.60
N ASN L 132 45.74 -48.82 74.53
CA ASN L 132 46.07 -48.85 75.94
C ASN L 132 46.13 -50.29 76.41
N ALA L 133 47.19 -50.65 77.14
CA ALA L 133 48.23 -49.71 77.57
C ALA L 133 49.39 -49.63 76.59
N GLU L 134 50.49 -49.05 77.08
CA GLU L 134 51.71 -48.83 76.30
C GLU L 134 52.26 -50.11 75.67
N VAL L 135 51.77 -51.29 76.08
CA VAL L 135 52.19 -52.55 75.48
C VAL L 135 52.15 -52.48 73.96
N VAL L 136 51.20 -51.73 73.40
CA VAL L 136 51.17 -51.52 71.96
C VAL L 136 52.00 -50.32 71.54
N ALA L 137 52.31 -49.42 72.46
CA ALA L 137 53.06 -48.19 72.17
C ALA L 137 54.56 -48.42 72.07
N ALA L 138 54.99 -49.65 71.86
CA ALA L 138 56.41 -49.98 71.78
C ALA L 138 57.05 -49.47 70.49
N TYR L 139 56.30 -48.68 69.71
CA TYR L 139 56.79 -48.18 68.43
C TYR L 139 58.00 -47.28 68.56
N ARG L 140 58.44 -46.94 69.77
CA ARG L 140 59.58 -46.07 69.94
C ARG L 140 60.82 -46.66 69.28
N GLY L 141 61.48 -45.84 68.46
CA GLY L 141 62.62 -46.31 67.71
C GLY L 141 62.24 -47.06 66.45
N LYS L 142 61.07 -47.70 66.46
CA LYS L 142 60.64 -48.49 65.32
C LYS L 142 60.27 -47.59 64.15
N LYS L 143 60.45 -48.13 62.94
CA LYS L 143 60.12 -47.42 61.72
C LYS L 143 58.73 -47.83 61.23
N ARG L 144 58.20 -47.02 60.30
CA ARG L 144 56.95 -47.38 59.64
C ARG L 144 57.12 -48.65 58.81
N SER L 145 58.20 -48.74 58.05
CA SER L 145 58.41 -49.81 57.08
C SER L 145 58.57 -51.18 57.72
N GLU L 146 58.71 -51.28 59.04
CA GLU L 146 58.90 -52.55 59.72
C GLU L 146 57.76 -52.87 60.68
N ALA L 147 57.37 -51.93 61.53
CA ALA L 147 56.34 -52.15 62.53
C ALA L 147 54.97 -52.16 61.87
N PRO L 148 53.95 -52.67 62.57
CA PRO L 148 52.58 -52.63 62.03
C PRO L 148 52.16 -51.21 61.71
N PRO L 149 51.09 -51.04 60.91
CA PRO L 149 50.73 -49.71 60.40
C PRO L 149 49.85 -48.91 61.36
N HIS L 150 50.45 -48.41 62.43
CA HIS L 150 49.70 -47.65 63.42
C HIS L 150 50.01 -46.16 63.31
N ILE L 151 49.03 -45.34 63.68
CA ILE L 151 49.26 -43.90 63.77
C ILE L 151 50.31 -43.59 64.81
N PHE L 152 50.48 -44.47 65.79
CA PHE L 152 51.58 -44.30 66.74
C PHE L 152 52.91 -44.33 66.02
N SER L 153 53.03 -45.15 64.98
CA SER L 153 54.25 -45.17 64.18
C SER L 153 54.49 -43.81 63.54
N ILE L 154 53.42 -43.14 63.10
CA ILE L 154 53.57 -41.86 62.43
C ILE L 154 53.89 -40.76 63.45
N SER L 155 53.23 -40.79 64.60
CA SER L 155 53.58 -39.85 65.66
C SER L 155 55.03 -40.01 66.06
N ASP L 156 55.49 -41.25 66.20
CA ASP L 156 56.89 -41.50 66.51
C ASP L 156 57.81 -41.05 65.38
N ASN L 157 57.39 -41.24 64.13
CA ASN L 157 58.20 -40.81 63.01
C ASN L 157 58.36 -39.30 63.00
N ALA L 158 57.28 -38.58 63.27
CA ALA L 158 57.37 -37.12 63.39
C ALA L 158 58.29 -36.73 64.54
N TYR L 159 58.19 -37.42 65.67
CA TYR L 159 59.09 -37.18 66.78
C TYR L 159 60.54 -37.35 66.35
N GLN L 160 60.85 -38.50 65.73
CA GLN L 160 62.20 -38.76 65.26
C GLN L 160 62.68 -37.71 64.27
N TYR L 161 61.82 -37.31 63.33
CA TYR L 161 62.20 -36.33 62.33
C TYR L 161 62.48 -34.98 62.97
N MET L 162 61.71 -34.62 64.00
CA MET L 162 61.99 -33.38 64.71
C MET L 162 63.33 -33.46 65.42
N LEU L 163 63.64 -34.62 66.02
CA LEU L 163 64.90 -34.73 66.75
C LEU L 163 66.12 -34.86 65.84
N THR L 164 65.95 -35.32 64.60
CA THR L 164 67.09 -35.50 63.72
C THR L 164 67.19 -34.45 62.62
N ASP L 165 66.15 -33.62 62.43
CA ASP L 165 66.10 -32.68 61.33
C ASP L 165 65.86 -31.23 61.75
N ARG L 166 65.36 -31.00 62.96
CA ARG L 166 65.12 -29.66 63.47
C ARG L 166 64.08 -28.91 62.63
N GLU L 167 63.18 -29.65 62.00
CA GLU L 167 62.15 -29.12 61.12
C GLU L 167 60.79 -29.54 61.65
N ASN L 168 59.89 -28.58 61.80
CA ASN L 168 58.59 -28.88 62.37
C ASN L 168 57.85 -29.91 61.52
N GLN L 169 56.89 -30.58 62.15
CA GLN L 169 56.10 -31.62 61.50
C GLN L 169 54.62 -31.26 61.58
N SER L 170 53.84 -31.83 60.68
CA SER L 170 52.42 -31.51 60.58
C SER L 170 51.59 -32.78 60.41
N ILE L 171 50.45 -32.80 61.08
CA ILE L 171 49.50 -33.91 61.02
C ILE L 171 48.19 -33.35 60.48
N LEU L 172 47.83 -33.75 59.26
CA LEU L 172 46.60 -33.30 58.62
C LEU L 172 45.58 -34.43 58.73
N ILE L 173 44.65 -34.29 59.66
CA ILE L 173 43.64 -35.31 59.93
C ILE L 173 42.33 -34.87 59.28
N THR L 174 41.68 -35.79 58.57
CA THR L 174 40.42 -35.51 57.90
C THR L 174 39.31 -35.19 58.91
N GLY L 175 38.58 -34.10 58.68
CA GLY L 175 37.71 -33.56 59.72
C GLY L 175 36.20 -33.57 59.52
N GLU L 176 35.71 -33.72 58.29
CA GLU L 176 34.27 -33.71 58.09
C GLU L 176 33.61 -34.98 58.62
N SER L 177 34.40 -36.00 58.90
CA SER L 177 33.86 -37.20 59.52
C SER L 177 33.47 -36.89 60.96
N GLY L 178 32.25 -37.29 61.33
CA GLY L 178 31.74 -36.96 62.65
C GLY L 178 32.54 -37.56 63.78
N ALA L 179 32.93 -38.82 63.64
CA ALA L 179 33.73 -39.52 64.64
C ALA L 179 34.99 -40.07 63.99
N GLY L 180 35.86 -40.62 64.81
CA GLY L 180 37.14 -41.13 64.33
C GLY L 180 38.24 -40.09 64.37
N LYS L 181 37.92 -38.86 63.95
CA LYS L 181 38.91 -37.79 63.97
C LYS L 181 39.19 -37.33 65.40
N THR L 182 38.13 -37.06 66.17
CA THR L 182 38.29 -36.53 67.50
C THR L 182 39.01 -37.51 68.42
N VAL L 183 38.57 -38.78 68.37
CA VAL L 183 39.21 -39.80 69.19
C VAL L 183 40.68 -39.96 68.79
N ASN L 184 40.97 -39.85 67.49
CA ASN L 184 42.36 -39.96 67.06
C ASN L 184 43.19 -38.79 67.56
N THR L 185 42.61 -37.58 67.57
CA THR L 185 43.32 -36.43 68.12
C THR L 185 43.63 -36.65 69.60
N LYS L 186 42.64 -37.11 70.36
CA LYS L 186 42.87 -37.42 71.77
C LYS L 186 44.00 -38.44 71.91
N ARG L 187 43.98 -39.49 71.08
CA ARG L 187 44.96 -40.55 71.21
C ARG L 187 46.36 -40.07 70.84
N VAL L 188 46.47 -39.18 69.85
CA VAL L 188 47.79 -38.72 69.47
C VAL L 188 48.34 -37.72 70.47
N ILE L 189 47.51 -36.87 71.06
CA ILE L 189 48.04 -35.99 72.09
C ILE L 189 48.42 -36.78 73.32
N GLN L 190 47.63 -37.82 73.65
CA GLN L 190 48.00 -38.72 74.73
C GLN L 190 49.32 -39.40 74.46
N TYR L 191 49.52 -39.90 73.24
CA TYR L 191 50.76 -40.57 72.88
C TYR L 191 51.95 -39.61 72.97
N PHE L 192 51.77 -38.38 72.49
CA PHE L 192 52.87 -37.43 72.54
C PHE L 192 53.20 -37.04 73.98
N ALA L 193 52.20 -37.00 74.86
CA ALA L 193 52.49 -36.84 76.28
C ALA L 193 53.24 -38.04 76.82
N SER L 194 52.84 -39.25 76.37
CA SER L 194 53.43 -40.47 76.89
C SER L 194 54.92 -40.56 76.55
N ILE L 195 55.25 -40.47 75.27
CA ILE L 195 56.64 -40.70 74.85
C ILE L 195 57.55 -39.61 75.40
N ALA L 196 57.28 -38.36 75.07
CA ALA L 196 58.11 -37.24 75.53
C ALA L 196 57.55 -36.60 76.79
N ALA L 197 57.40 -37.37 77.85
CA ALA L 197 56.85 -36.86 79.10
C ALA L 197 57.85 -35.94 79.79
N GLY L 212 46.51 -31.40 85.47
CA GLY L 212 47.16 -30.21 84.96
C GLY L 212 48.08 -30.50 83.78
N THR L 213 47.77 -31.56 83.05
CA THR L 213 48.56 -31.95 81.90
C THR L 213 48.02 -31.29 80.64
N LEU L 214 48.85 -31.30 79.59
CA LEU L 214 48.48 -30.65 78.34
C LEU L 214 47.20 -31.26 77.77
N GLU L 215 47.00 -32.57 77.95
CA GLU L 215 45.79 -33.20 77.45
C GLU L 215 44.57 -32.71 78.23
N ASP L 216 44.64 -32.79 79.55
CA ASP L 216 43.58 -32.23 80.40
C ASP L 216 43.30 -30.79 80.02
N GLN L 217 44.34 -29.95 80.02
CA GLN L 217 44.18 -28.53 79.72
C GLN L 217 43.51 -28.31 78.38
N ILE L 218 43.93 -29.06 77.35
CA ILE L 218 43.40 -28.87 76.02
C ILE L 218 41.91 -29.23 75.97
N ILE L 219 41.54 -30.35 76.61
CA ILE L 219 40.14 -30.76 76.58
C ILE L 219 39.28 -29.97 77.55
N GLN L 220 39.88 -29.17 78.44
CA GLN L 220 39.07 -28.40 79.39
C GLN L 220 38.28 -27.30 78.69
N ALA L 221 38.98 -26.39 78.03
CA ALA L 221 38.36 -25.22 77.43
C ALA L 221 37.74 -25.50 76.06
N ASN L 222 37.62 -26.77 75.68
CA ASN L 222 37.04 -27.09 74.37
C ASN L 222 35.59 -26.68 74.20
N PRO L 223 34.70 -26.76 75.22
CA PRO L 223 33.31 -26.31 75.02
C PRO L 223 33.17 -24.92 74.42
N ALA L 224 34.13 -24.04 74.65
CA ALA L 224 34.10 -22.73 74.01
C ALA L 224 34.11 -22.87 72.49
N LEU L 225 35.12 -23.57 71.96
CA LEU L 225 35.17 -23.81 70.53
C LEU L 225 33.96 -24.60 70.05
N GLU L 226 33.49 -25.56 70.86
CA GLU L 226 32.34 -26.34 70.42
C GLU L 226 31.12 -25.47 70.21
N ALA L 227 30.90 -24.52 71.13
CA ALA L 227 29.74 -23.64 71.00
C ALA L 227 29.94 -22.56 69.95
N PHE L 228 31.17 -22.11 69.73
CA PHE L 228 31.38 -20.96 68.85
C PHE L 228 31.65 -21.34 67.40
N GLY L 229 32.34 -22.44 67.14
CA GLY L 229 32.72 -22.76 65.78
C GLY L 229 32.11 -24.05 65.25
N ASN L 230 30.96 -24.44 65.78
CA ASN L 230 30.26 -25.63 65.28
C ASN L 230 28.80 -25.31 65.11
N ALA L 231 28.21 -25.78 64.02
CA ALA L 231 26.82 -25.49 63.70
C ALA L 231 26.17 -26.71 63.07
N LYS L 232 24.84 -26.73 63.12
CA LYS L 232 24.07 -27.80 62.52
C LYS L 232 24.19 -27.74 61.01
N THR L 233 24.80 -28.78 60.43
CA THR L 233 25.01 -28.90 58.99
C THR L 233 23.94 -29.81 58.40
N VAL L 234 23.76 -29.72 57.08
CA VAL L 234 22.82 -30.60 56.40
C VAL L 234 23.26 -32.06 56.52
N ARG L 235 24.57 -32.32 56.46
CA ARG L 235 25.11 -33.67 56.52
C ARG L 235 25.86 -33.93 57.82
N ASN L 236 25.43 -33.30 58.91
CA ASN L 236 26.10 -33.42 60.20
C ASN L 236 25.23 -32.75 61.25
N ASP L 237 25.66 -32.84 62.50
CA ASP L 237 25.06 -32.09 63.57
C ASP L 237 26.07 -31.50 64.54
N ASN L 238 27.35 -31.77 64.35
CA ASN L 238 28.44 -31.13 65.10
C ASN L 238 29.58 -31.02 64.11
N SER L 239 29.67 -29.86 63.46
CA SER L 239 30.55 -29.66 62.31
C SER L 239 31.60 -28.61 62.63
N SER L 240 32.87 -28.99 62.49
CA SER L 240 33.97 -28.06 62.67
C SER L 240 33.97 -27.07 61.52
N ARG L 241 33.52 -25.83 61.79
CA ARG L 241 33.39 -24.82 60.77
C ARG L 241 34.59 -23.87 60.73
N PHE L 242 35.78 -24.38 61.04
CA PHE L 242 36.99 -23.59 60.96
C PHE L 242 38.18 -24.54 60.91
N GLY L 243 39.38 -23.98 61.03
CA GLY L 243 40.58 -24.79 61.05
C GLY L 243 41.31 -24.70 62.36
N LYS L 244 41.49 -25.83 63.04
CA LYS L 244 42.16 -25.88 64.32
C LYS L 244 43.55 -26.48 64.13
N PHE L 245 44.57 -25.69 64.43
CA PHE L 245 45.97 -26.09 64.19
C PHE L 245 46.64 -26.14 65.56
N ILE L 246 46.50 -27.28 66.24
CA ILE L 246 47.01 -27.45 67.59
C ILE L 246 48.53 -27.66 67.51
N ARG L 247 49.28 -26.75 68.11
CA ARG L 247 50.74 -26.82 68.12
C ARG L 247 51.18 -27.34 69.48
N ILE L 248 51.72 -28.56 69.51
CA ILE L 248 52.33 -29.14 70.70
C ILE L 248 53.83 -28.85 70.63
N HIS L 249 54.29 -27.89 71.42
CA HIS L 249 55.66 -27.43 71.34
C HIS L 249 56.59 -28.32 72.15
N PHE L 250 57.82 -28.47 71.67
CA PHE L 250 58.81 -29.34 72.28
C PHE L 250 60.06 -28.55 72.62
N GLY L 251 60.76 -29.02 73.65
CA GLY L 251 61.95 -28.35 74.12
C GLY L 251 63.08 -28.37 73.10
N ALA L 252 64.22 -27.84 73.53
CA ALA L 252 65.39 -27.77 72.65
C ALA L 252 65.83 -29.16 72.21
N THR L 253 65.72 -30.14 73.09
CA THR L 253 66.18 -31.49 72.81
C THR L 253 65.06 -32.46 72.45
N GLY L 254 63.81 -32.10 72.72
CA GLY L 254 62.71 -33.02 72.48
C GLY L 254 61.89 -33.26 73.73
N LYS L 255 61.90 -32.30 74.65
CA LYS L 255 61.11 -32.38 75.86
C LYS L 255 59.79 -31.63 75.66
N LEU L 256 58.71 -32.22 76.16
CA LEU L 256 57.39 -31.62 76.02
C LEU L 256 57.37 -30.24 76.65
N ALA L 257 56.88 -29.26 75.91
CA ALA L 257 56.69 -27.90 76.37
C ALA L 257 55.20 -27.59 76.30
N SER L 258 54.86 -26.32 76.52
CA SER L 258 53.47 -25.90 76.42
C SER L 258 52.92 -26.16 75.01
N ALA L 259 51.61 -26.02 74.88
CA ALA L 259 50.92 -26.25 73.62
C ALA L 259 49.89 -25.16 73.42
N ASP L 260 50.04 -24.38 72.36
CA ASP L 260 49.09 -23.34 72.00
C ASP L 260 48.21 -23.79 70.84
N ILE L 261 46.99 -23.27 70.80
CA ILE L 261 46.04 -23.57 69.74
C ILE L 261 45.97 -22.37 68.81
N GLU L 262 45.92 -22.64 67.51
CA GLU L 262 45.85 -21.60 66.50
C GLU L 262 44.69 -21.90 65.56
N THR L 263 43.82 -20.93 65.36
CA THR L 263 42.66 -21.08 64.50
C THR L 263 42.92 -20.42 63.15
N TYR L 264 42.30 -20.98 62.11
CA TYR L 264 42.43 -20.47 60.76
C TYR L 264 41.04 -20.20 60.21
N LEU L 265 40.96 -19.98 58.90
CA LEU L 265 39.78 -19.46 58.22
C LEU L 265 38.49 -20.03 58.78
N LEU L 266 37.59 -19.14 59.19
CA LEU L 266 36.35 -19.50 59.85
C LEU L 266 35.18 -19.06 58.97
N GLU L 267 34.19 -19.93 58.83
CA GLU L 267 33.03 -19.64 57.99
C GLU L 267 32.18 -18.60 58.69
N LYS L 268 32.59 -17.34 58.55
CA LYS L 268 31.89 -16.24 59.20
C LYS L 268 30.61 -15.87 58.49
N SER L 269 30.42 -16.29 57.25
CA SER L 269 29.19 -15.96 56.53
C SER L 269 27.96 -16.54 57.20
N ARG L 270 28.13 -17.55 58.06
CA ARG L 270 26.98 -18.18 58.69
C ARG L 270 26.38 -17.31 59.78
N VAL L 271 27.17 -16.39 60.35
CA VAL L 271 26.75 -15.60 61.50
C VAL L 271 25.49 -14.81 61.17
N ILE L 272 25.21 -14.62 59.88
CA ILE L 272 24.05 -13.88 59.42
C ILE L 272 23.09 -14.77 58.63
N PHE L 273 23.62 -15.50 57.66
CA PHE L 273 22.81 -16.23 56.71
C PHE L 273 23.00 -17.73 56.90
N GLN L 274 21.90 -18.45 57.04
CA GLN L 274 21.91 -19.90 57.10
C GLN L 274 20.92 -20.43 56.07
N LEU L 275 21.31 -21.52 55.40
CA LEU L 275 20.41 -22.12 54.44
C LEU L 275 19.18 -22.68 55.13
N LYS L 276 18.20 -23.09 54.33
CA LYS L 276 17.05 -23.80 54.88
C LYS L 276 17.49 -25.17 55.34
N ALA L 277 16.93 -25.62 56.48
CA ALA L 277 17.29 -26.87 57.12
C ALA L 277 18.74 -26.86 57.61
N GLU L 278 19.19 -25.70 58.06
CA GLU L 278 20.44 -25.57 58.83
C GLU L 278 20.27 -24.41 59.81
N ARG L 279 21.28 -24.22 60.64
CA ARG L 279 21.27 -23.12 61.59
C ARG L 279 22.70 -22.81 61.99
N ASN L 280 22.92 -21.60 62.48
CA ASN L 280 24.26 -21.10 62.74
C ASN L 280 24.81 -21.75 64.00
N TYR L 281 25.93 -21.22 64.48
CA TYR L 281 26.69 -21.84 65.55
C TYR L 281 25.82 -22.11 66.77
N HIS L 282 26.15 -23.18 67.48
CA HIS L 282 25.30 -23.68 68.55
C HIS L 282 25.05 -22.63 69.62
N ILE L 283 26.06 -21.78 69.90
CA ILE L 283 26.01 -20.90 71.06
C ILE L 283 24.75 -20.07 71.11
N PHE L 284 24.22 -19.68 69.95
CA PHE L 284 23.03 -18.85 69.94
C PHE L 284 21.84 -19.58 70.57
N TYR L 285 21.55 -20.80 70.12
CA TYR L 285 20.44 -21.54 70.68
C TYR L 285 20.78 -22.08 72.07
N GLN L 286 22.05 -22.38 72.33
CA GLN L 286 22.47 -22.71 73.69
C GLN L 286 22.04 -21.62 74.66
N ILE L 287 22.35 -20.37 74.32
CA ILE L 287 21.92 -19.25 75.15
C ILE L 287 20.42 -19.13 75.16
N LEU L 288 19.78 -19.28 74.01
CA LEU L 288 18.35 -19.01 73.88
C LEU L 288 17.48 -20.17 74.35
N SER L 289 18.07 -21.20 74.96
CA SER L 289 17.30 -22.27 75.57
C SER L 289 16.71 -21.89 76.91
N ASN L 290 16.84 -20.63 77.33
CA ASN L 290 16.27 -20.13 78.58
C ASN L 290 16.77 -20.92 79.78
N LYS L 291 18.00 -21.40 79.71
CA LYS L 291 18.53 -22.19 80.82
C LYS L 291 18.91 -21.32 82.00
N LYS L 292 19.56 -20.18 81.74
CA LYS L 292 19.93 -19.22 82.77
C LYS L 292 19.10 -17.96 82.54
N PRO L 293 17.91 -17.85 83.14
CA PRO L 293 17.09 -16.64 82.97
C PRO L 293 17.82 -15.36 83.35
N GLU L 294 18.89 -15.48 84.12
CA GLU L 294 19.77 -14.34 84.37
C GLU L 294 20.25 -13.73 83.06
N LEU L 295 20.72 -14.57 82.13
CA LEU L 295 21.24 -14.07 80.87
C LEU L 295 20.12 -13.46 80.03
N LEU L 296 19.05 -14.20 79.80
CA LEU L 296 17.93 -13.73 78.99
C LEU L 296 17.20 -12.59 79.67
N ASP L 297 17.62 -12.26 80.89
CA ASP L 297 17.19 -11.03 81.55
C ASP L 297 18.19 -9.90 81.33
N MET L 298 19.48 -10.23 81.23
CA MET L 298 20.49 -9.21 81.04
C MET L 298 20.50 -8.69 79.62
N LEU L 299 20.29 -9.56 78.64
CA LEU L 299 20.39 -9.20 77.23
C LEU L 299 19.08 -8.73 76.63
N LEU L 300 18.11 -8.34 77.47
CA LEU L 300 16.84 -7.78 77.01
C LEU L 300 16.20 -8.64 75.93
N VAL L 301 16.40 -9.96 76.03
CA VAL L 301 16.09 -10.88 74.94
C VAL L 301 15.05 -11.89 75.42
N THR L 302 14.07 -12.16 74.57
CA THR L 302 13.07 -13.20 74.83
C THR L 302 13.66 -14.56 74.46
N ASN L 303 12.82 -15.59 74.41
CA ASN L 303 13.29 -16.92 74.10
C ASN L 303 12.81 -17.48 72.77
N ASN L 304 11.81 -16.86 72.15
CA ASN L 304 11.30 -17.35 70.88
C ASN L 304 12.31 -17.12 69.78
N PRO L 305 12.87 -18.16 69.17
CA PRO L 305 13.90 -17.96 68.14
C PRO L 305 13.36 -17.31 66.87
N TYR L 306 12.08 -17.44 66.58
CA TYR L 306 11.51 -16.90 65.36
C TYR L 306 11.28 -15.39 65.43
N ASP L 307 11.84 -14.72 66.44
CA ASP L 307 11.76 -13.27 66.53
C ASP L 307 13.03 -12.58 66.08
N TYR L 308 14.09 -13.32 65.77
CA TYR L 308 15.40 -12.75 65.43
C TYR L 308 15.84 -13.32 64.08
N ALA L 309 15.90 -12.46 63.08
CA ALA L 309 16.12 -12.92 61.71
C ALA L 309 17.50 -13.52 61.52
N PHE L 310 18.47 -13.14 62.34
CA PHE L 310 19.81 -13.69 62.18
C PHE L 310 19.91 -15.14 62.61
N VAL L 311 18.91 -15.67 63.31
CA VAL L 311 18.91 -17.06 63.73
C VAL L 311 17.72 -17.85 63.21
N SER L 312 16.62 -17.19 62.84
CA SER L 312 15.39 -17.87 62.44
C SER L 312 15.31 -18.09 60.94
N GLN L 313 16.44 -18.23 60.26
CA GLN L 313 16.40 -18.40 58.81
C GLN L 313 16.04 -19.84 58.44
N GLY L 314 16.76 -20.81 59.00
CA GLY L 314 16.51 -22.21 58.70
C GLY L 314 15.64 -22.89 59.73
N GLU L 315 16.23 -23.74 60.56
CA GLU L 315 15.53 -24.41 61.64
C GLU L 315 16.13 -23.99 62.96
N VAL L 316 15.26 -23.77 63.96
CA VAL L 316 15.74 -23.19 65.22
C VAL L 316 16.40 -24.22 66.12
N SER L 317 16.11 -25.50 65.97
CA SER L 317 16.68 -26.49 66.87
C SER L 317 16.59 -27.88 66.25
N VAL L 318 17.59 -28.69 66.56
CA VAL L 318 17.61 -30.09 66.17
C VAL L 318 17.28 -30.92 67.40
N ALA L 319 16.62 -32.06 67.18
CA ALA L 319 16.25 -32.94 68.28
C ALA L 319 17.39 -33.85 68.71
N SER L 320 18.54 -33.80 68.04
CA SER L 320 19.65 -34.69 68.33
C SER L 320 20.61 -34.13 69.36
N ILE L 321 20.24 -33.04 70.05
CA ILE L 321 21.07 -32.47 71.09
C ILE L 321 20.27 -31.50 71.93
N ASP L 322 20.59 -31.40 73.22
CA ASP L 322 20.05 -30.38 74.10
C ASP L 322 20.89 -29.11 73.99
N ASP L 323 20.32 -28.00 74.43
CA ASP L 323 21.04 -26.75 74.52
C ASP L 323 21.36 -26.33 75.95
N SER L 324 20.56 -26.77 76.93
CA SER L 324 20.76 -26.34 78.31
C SER L 324 22.02 -26.95 78.91
N GLU L 325 22.20 -28.27 78.76
CA GLU L 325 23.38 -28.90 79.33
C GLU L 325 24.65 -28.45 78.62
N GLU L 326 24.57 -28.18 77.32
CA GLU L 326 25.74 -27.63 76.63
C GLU L 326 26.02 -26.20 77.09
N LEU L 327 24.97 -25.44 77.39
CA LEU L 327 25.18 -24.13 77.99
C LEU L 327 25.91 -24.25 79.32
N LEU L 328 25.52 -25.24 80.13
CA LEU L 328 26.23 -25.47 81.39
C LEU L 328 27.69 -25.86 81.14
N ALA L 329 27.93 -26.68 80.12
CA ALA L 329 29.30 -27.05 79.77
C ALA L 329 30.12 -25.82 79.39
N THR L 330 29.51 -24.91 78.64
CA THR L 330 30.22 -23.70 78.23
C THR L 330 30.45 -22.76 79.41
N ASP L 331 29.48 -22.70 80.33
CA ASP L 331 29.67 -21.92 81.55
C ASP L 331 30.86 -22.46 82.34
N SER L 332 30.86 -23.77 82.59
CA SER L 332 31.99 -24.40 83.27
C SER L 332 33.29 -24.21 82.50
N ALA L 333 33.20 -24.10 81.17
CA ALA L 333 34.40 -23.83 80.37
C ALA L 333 34.92 -22.43 80.66
N PHE L 334 34.04 -21.43 80.67
CA PHE L 334 34.46 -20.08 81.02
C PHE L 334 35.02 -20.02 82.43
N ASP L 335 34.48 -20.85 83.34
CA ASP L 335 35.00 -20.88 84.70
C ASP L 335 36.40 -21.48 84.75
N VAL L 336 36.59 -22.66 84.16
CA VAL L 336 37.93 -23.26 84.12
C VAL L 336 38.84 -22.40 83.28
N LEU L 337 38.29 -21.69 82.30
CA LEU L 337 39.08 -20.68 81.60
C LEU L 337 39.38 -19.54 82.56
N SER L 338 40.38 -18.75 82.20
CA SER L 338 40.76 -17.66 83.09
C SER L 338 39.75 -16.51 83.10
N PHE L 339 38.58 -16.68 82.47
CA PHE L 339 37.61 -15.60 82.39
C PHE L 339 37.08 -15.24 83.77
N THR L 340 36.85 -13.95 83.96
CA THR L 340 36.22 -13.44 85.18
C THR L 340 34.71 -13.35 84.94
N ALA L 341 34.01 -12.66 85.85
CA ALA L 341 32.60 -12.40 85.64
C ALA L 341 32.37 -11.45 84.47
N GLU L 342 33.26 -10.47 84.29
CA GLU L 342 33.09 -9.50 83.22
C GLU L 342 33.44 -10.12 81.86
N GLU L 343 34.49 -10.93 81.81
CA GLU L 343 34.86 -11.58 80.55
C GLU L 343 33.87 -12.66 80.13
N LYS L 344 32.75 -12.79 80.84
CA LYS L 344 31.68 -13.70 80.50
C LYS L 344 30.38 -12.97 80.21
N ALA L 345 30.01 -12.03 81.08
CA ALA L 345 28.85 -11.18 80.81
C ALA L 345 29.07 -10.38 79.54
N GLY L 346 30.30 -9.92 79.30
CA GLY L 346 30.58 -9.21 78.07
C GLY L 346 30.36 -10.07 76.84
N VAL L 347 30.81 -11.32 76.88
CA VAL L 347 30.62 -12.21 75.75
C VAL L 347 29.15 -12.47 75.50
N TYR L 348 28.38 -12.70 76.57
CA TYR L 348 26.95 -12.90 76.41
C TYR L 348 26.29 -11.65 75.85
N LYS L 349 26.73 -10.47 76.29
CA LYS L 349 26.19 -9.22 75.77
C LYS L 349 26.49 -9.06 74.29
N LEU L 350 27.71 -9.41 73.87
CA LEU L 350 28.07 -9.30 72.47
C LEU L 350 27.23 -10.23 71.62
N THR L 351 26.99 -11.45 72.09
CA THR L 351 26.14 -12.36 71.33
C THR L 351 24.70 -11.85 71.28
N GLY L 352 24.21 -11.27 72.37
CA GLY L 352 22.89 -10.67 72.35
C GLY L 352 22.80 -9.52 71.37
N ALA L 353 23.86 -8.72 71.27
CA ALA L 353 23.86 -7.63 70.31
C ALA L 353 23.91 -8.16 68.88
N ILE L 354 24.66 -9.24 68.66
CA ILE L 354 24.68 -9.84 67.32
C ILE L 354 23.30 -10.34 66.96
N MET L 355 22.53 -10.80 67.94
CA MET L 355 21.15 -11.16 67.61
C MET L 355 20.26 -9.94 67.41
N HIS L 356 20.50 -8.86 68.16
CA HIS L 356 19.64 -7.69 68.04
C HIS L 356 19.86 -6.93 66.75
N TYR L 357 21.06 -7.03 66.16
CA TYR L 357 21.28 -6.42 64.85
C TYR L 357 20.32 -6.93 63.80
N GLY L 358 19.94 -8.20 63.88
CA GLY L 358 19.19 -8.83 62.81
C GLY L 358 17.85 -8.18 62.50
N ASN L 359 17.27 -7.47 63.45
CA ASN L 359 15.95 -6.89 63.24
C ASN L 359 15.96 -5.41 63.54
N MET L 360 16.96 -4.71 63.04
CA MET L 360 16.88 -3.26 62.92
C MET L 360 16.26 -2.91 61.58
N LYS L 361 15.51 -1.82 61.55
CA LYS L 361 14.71 -1.49 60.38
C LYS L 361 14.98 -0.07 59.91
N PHE L 362 15.12 0.08 58.59
CA PHE L 362 15.37 1.36 57.96
C PHE L 362 14.46 1.50 56.75
N LYS L 363 14.06 2.73 56.46
CA LYS L 363 13.19 3.02 55.34
C LYS L 363 13.77 4.16 54.53
N GLN L 364 13.58 4.10 53.21
CA GLN L 364 13.98 5.21 52.36
C GLN L 364 13.25 6.47 52.79
N LYS L 365 14.02 7.54 52.98
CA LYS L 365 13.42 8.81 53.37
C LYS L 365 12.35 9.20 52.36
N GLN L 366 11.32 9.87 52.85
CA GLN L 366 10.19 10.23 52.00
C GLN L 366 10.65 11.13 50.88
N ARG L 367 10.50 10.65 49.65
CA ARG L 367 10.55 11.36 48.38
C ARG L 367 11.96 11.63 47.84
N GLU L 368 13.05 11.29 48.54
CA GLU L 368 14.28 11.45 47.77
C GLU L 368 15.11 10.19 47.54
N GLU L 369 15.89 9.73 48.52
CA GLU L 369 16.53 8.42 48.39
C GLU L 369 16.91 7.79 49.72
N GLN L 370 17.05 8.61 50.76
CA GLN L 370 17.97 8.30 51.83
C GLN L 370 17.41 7.30 52.81
N ALA L 371 18.23 6.34 53.22
CA ALA L 371 17.84 5.38 54.23
C ALA L 371 17.83 6.04 55.60
N GLU L 372 16.69 5.99 56.27
CA GLU L 372 16.53 6.51 57.62
C GLU L 372 15.86 5.46 58.48
N PRO L 373 16.08 5.49 59.79
CA PRO L 373 15.50 4.46 60.65
C PRO L 373 14.04 4.74 60.98
N ASP L 374 13.28 3.67 61.13
CA ASP L 374 11.90 3.74 61.60
C ASP L 374 11.78 2.85 62.83
N GLY L 375 11.67 3.48 63.99
CA GLY L 375 11.67 2.73 65.23
C GLY L 375 13.08 2.37 65.65
N THR L 376 13.40 2.54 66.92
CA THR L 376 14.76 2.36 67.42
C THR L 376 14.82 1.36 68.57
N GLU L 377 13.87 0.43 68.64
CA GLU L 377 13.82 -0.49 69.77
C GLU L 377 15.09 -1.33 69.86
N ASP L 378 15.35 -2.15 68.83
CA ASP L 378 16.58 -2.93 68.81
C ASP L 378 17.80 -2.02 68.76
N ALA L 379 17.64 -0.82 68.20
CA ALA L 379 18.72 0.15 68.23
C ALA L 379 19.13 0.47 69.66
N ASP L 380 18.18 0.89 70.49
CA ASP L 380 18.50 1.20 71.89
C ASP L 380 19.00 -0.03 72.61
N LYS L 381 18.39 -1.18 72.36
CA LYS L 381 18.84 -2.42 73.00
C LYS L 381 20.31 -2.67 72.73
N SER L 382 20.68 -2.73 71.45
CA SER L 382 22.07 -3.02 71.08
C SER L 382 23.01 -1.92 71.54
N ALA L 383 22.56 -0.67 71.49
CA ALA L 383 23.39 0.44 71.93
C ALA L 383 23.72 0.33 73.41
N TYR L 384 22.73 -0.01 74.24
CA TYR L 384 23.00 -0.22 75.65
C TYR L 384 23.89 -1.44 75.85
N LEU L 385 23.66 -2.50 75.08
CA LEU L 385 24.43 -3.73 75.25
C LEU L 385 25.91 -3.49 74.97
N MET L 386 26.25 -3.09 73.75
CA MET L 386 27.65 -2.93 73.39
C MET L 386 28.29 -1.74 74.08
N GLY L 387 27.50 -0.84 74.65
CA GLY L 387 28.05 0.29 75.35
C GLY L 387 28.31 1.47 74.44
N LEU L 388 27.31 1.85 73.67
CA LEU L 388 27.41 3.00 72.78
C LEU L 388 26.23 3.93 72.99
N ASN L 389 26.09 4.93 72.13
CA ASN L 389 24.92 5.79 72.10
C ASN L 389 24.00 5.31 71.00
N SER L 390 22.70 5.60 71.15
CA SER L 390 21.73 5.14 70.17
C SER L 390 21.64 6.10 68.98
N ALA L 391 21.48 7.39 69.26
CA ALA L 391 21.45 8.37 68.17
C ALA L 391 22.76 8.38 67.40
N ASP L 392 23.88 8.28 68.13
CA ASP L 392 25.18 8.25 67.46
C ASP L 392 25.31 7.03 66.57
N LEU L 393 24.85 5.87 67.04
CA LEU L 393 24.94 4.66 66.24
C LEU L 393 24.06 4.75 65.00
N LEU L 394 22.82 5.22 65.15
CA LEU L 394 21.95 5.36 64.00
C LEU L 394 22.52 6.35 62.98
N LYS L 395 23.07 7.47 63.47
CA LYS L 395 23.66 8.44 62.55
C LYS L 395 24.88 7.87 61.83
N GLY L 396 25.75 7.17 62.56
CA GLY L 396 26.89 6.55 61.93
C GLY L 396 26.52 5.42 60.99
N LEU L 397 25.35 4.83 61.15
CA LEU L 397 24.91 3.80 60.23
C LEU L 397 24.28 4.39 58.97
N CYS L 398 23.59 5.52 59.13
CA CYS L 398 22.89 6.17 57.99
C CYS L 398 23.80 7.23 57.34
N HIS L 399 24.75 7.78 58.11
CA HIS L 399 25.66 8.84 57.57
C HIS L 399 27.11 8.48 57.86
N PRO L 400 27.72 7.50 57.17
CA PRO L 400 29.12 7.14 57.40
C PRO L 400 30.04 8.25 56.86
N GLN L 401 31.05 8.65 57.64
CA GLN L 401 31.99 9.72 57.23
C GLN L 401 33.21 9.11 56.54
N VAL L 402 33.94 9.92 55.79
CA VAL L 402 35.17 9.46 55.06
C VAL L 402 36.19 10.59 55.06
N LYS L 403 37.48 10.24 54.99
CA LYS L 403 38.57 11.27 55.00
C LYS L 403 39.01 11.55 53.55
N VAL L 404 38.70 12.75 53.04
CA VAL L 404 39.07 13.12 51.67
C VAL L 404 40.30 14.00 51.78
N GLY L 405 41.47 13.36 51.73
CA GLY L 405 42.72 14.09 51.75
C GLY L 405 43.05 14.60 53.13
N ASN L 406 42.35 15.63 53.57
CA ASN L 406 42.55 16.19 54.90
C ASN L 406 41.26 16.60 55.57
N GLU L 407 40.11 16.34 54.98
CA GLU L 407 38.83 16.78 55.48
C GLU L 407 37.90 15.57 55.56
N TYR L 408 36.77 15.66 56.30
CA TYR L 408 35.75 14.59 56.37
C TYR L 408 34.45 15.07 55.72
N VAL L 409 33.78 14.18 54.97
CA VAL L 409 32.53 14.45 54.27
C VAL L 409 31.60 13.26 54.45
N THR L 410 30.32 13.57 54.68
CA THR L 410 29.31 12.54 54.84
C THR L 410 29.10 11.80 53.52
N LYS L 411 28.92 10.49 53.61
CA LYS L 411 28.61 9.65 52.46
C LYS L 411 27.19 9.13 52.59
N GLY L 412 26.45 9.15 51.48
CA GLY L 412 25.08 8.70 51.50
C GLY L 412 24.97 7.20 51.55
N GLN L 413 23.83 6.72 52.04
CA GLN L 413 23.61 5.28 52.20
C GLN L 413 22.17 4.93 51.88
N SER L 414 21.99 3.97 50.99
CA SER L 414 20.68 3.41 50.72
C SER L 414 20.34 2.35 51.76
N VAL L 415 19.13 1.80 51.66
CA VAL L 415 18.69 0.80 52.64
C VAL L 415 19.56 -0.46 52.52
N GLN L 416 19.69 -0.98 51.30
CA GLN L 416 20.49 -2.19 51.12
C GLN L 416 21.92 -1.99 51.56
N GLN L 417 22.46 -0.79 51.37
CA GLN L 417 23.81 -0.50 51.83
C GLN L 417 23.88 -0.57 53.35
N VAL L 418 22.86 -0.03 54.03
CA VAL L 418 22.84 -0.09 55.48
C VAL L 418 22.79 -1.54 55.94
N TYR L 419 21.98 -2.37 55.28
CA TYR L 419 21.89 -3.77 55.68
C TYR L 419 23.21 -4.50 55.47
N TYR L 420 23.85 -4.27 54.33
CA TYR L 420 25.17 -4.87 54.10
C TYR L 420 26.15 -4.46 55.18
N SER L 421 26.13 -3.18 55.57
CA SER L 421 27.05 -2.72 56.60
C SER L 421 26.76 -3.37 57.94
N ILE L 422 25.48 -3.52 58.29
CA ILE L 422 25.11 -4.18 59.53
C ILE L 422 25.64 -5.61 59.56
N GLY L 423 25.42 -6.33 58.47
CA GLY L 423 25.94 -7.68 58.39
C GLY L 423 27.45 -7.74 58.53
N ALA L 424 28.14 -6.82 57.87
CA ALA L 424 29.59 -6.80 57.97
C ALA L 424 30.04 -6.54 59.39
N LEU L 425 29.36 -5.64 60.10
CA LEU L 425 29.70 -5.36 61.48
C LEU L 425 29.51 -6.59 62.35
N ALA L 426 28.38 -7.29 62.17
CA ALA L 426 28.13 -8.49 62.94
C ALA L 426 29.23 -9.54 62.71
N LYS L 427 29.57 -9.77 61.44
CA LYS L 427 30.59 -10.76 61.13
C LYS L 427 31.93 -10.38 61.74
N SER L 428 32.30 -9.10 61.63
CA SER L 428 33.58 -8.66 62.19
C SER L 428 33.61 -8.84 63.69
N VAL L 429 32.53 -8.45 64.38
CA VAL L 429 32.47 -8.61 65.82
C VAL L 429 32.62 -10.08 66.21
N TYR L 430 31.88 -10.96 65.54
CA TYR L 430 31.94 -12.37 65.90
C TYR L 430 33.34 -12.93 65.70
N GLU L 431 33.98 -12.61 64.57
CA GLU L 431 35.30 -13.16 64.35
C GLU L 431 36.31 -12.60 65.34
N LYS L 432 36.20 -11.32 65.67
CA LYS L 432 37.12 -10.73 66.64
C LYS L 432 36.98 -11.40 67.99
N MET L 433 35.74 -11.61 68.43
CA MET L 433 35.49 -12.27 69.71
C MET L 433 36.07 -13.69 69.70
N PHE L 434 35.84 -14.42 68.61
CA PHE L 434 36.39 -15.77 68.50
C PHE L 434 37.90 -15.77 68.65
N ASN L 435 38.58 -14.90 67.90
CA ASN L 435 40.04 -14.88 67.96
C ASN L 435 40.54 -14.46 69.33
N TRP L 436 39.86 -13.51 69.98
CA TRP L 436 40.28 -13.11 71.32
C TRP L 436 40.13 -14.25 72.31
N MET L 437 39.04 -15.01 72.20
CA MET L 437 38.86 -16.15 73.09
C MET L 437 39.94 -17.20 72.86
N VAL L 438 40.33 -17.42 71.61
CA VAL L 438 41.39 -18.38 71.33
C VAL L 438 42.72 -17.88 71.90
N THR L 439 42.95 -16.57 71.84
CA THR L 439 44.16 -16.04 72.48
C THR L 439 44.13 -16.24 73.99
N ARG L 440 42.96 -16.07 74.60
CA ARG L 440 42.83 -16.30 76.03
C ARG L 440 43.11 -17.77 76.38
N ILE L 441 42.65 -18.69 75.53
CA ILE L 441 42.95 -20.10 75.75
C ILE L 441 44.44 -20.34 75.63
N ASN L 442 45.07 -19.79 74.60
CA ASN L 442 46.51 -19.92 74.46
C ASN L 442 47.24 -19.38 75.68
N ALA L 443 46.73 -18.30 76.28
CA ALA L 443 47.37 -17.73 77.45
C ALA L 443 47.23 -18.65 78.65
N THR L 444 45.99 -19.06 78.97
CA THR L 444 45.75 -19.85 80.17
C THR L 444 46.36 -21.24 80.04
N LEU L 445 46.63 -21.70 78.83
CA LEU L 445 47.19 -23.02 78.61
C LEU L 445 48.68 -23.00 78.28
N GLU L 446 49.36 -21.89 78.57
CA GLU L 446 50.78 -21.77 78.24
C GLU L 446 51.54 -21.26 79.45
N THR L 447 52.50 -22.05 79.91
CA THR L 447 53.52 -21.59 80.85
C THR L 447 54.70 -22.55 80.75
N LYS L 448 55.78 -22.11 80.12
CA LYS L 448 56.89 -23.02 79.87
C LYS L 448 58.12 -22.22 79.42
N GLN L 449 59.29 -22.82 79.61
CA GLN L 449 60.58 -22.33 79.17
C GLN L 449 60.56 -22.06 77.66
N PRO L 450 61.44 -21.20 77.16
CA PRO L 450 61.47 -20.94 75.71
C PRO L 450 61.88 -22.17 74.92
N ARG L 451 60.93 -22.72 74.16
CA ARG L 451 61.12 -23.96 73.43
C ARG L 451 61.31 -23.68 71.94
N GLN L 452 61.79 -24.70 71.22
CA GLN L 452 62.20 -24.54 69.83
C GLN L 452 61.15 -25.05 68.85
N TYR L 453 60.80 -26.34 68.94
CA TYR L 453 60.08 -27.02 67.88
C TYR L 453 58.71 -27.48 68.36
N PHE L 454 57.89 -27.89 67.41
CA PHE L 454 56.53 -28.31 67.70
C PHE L 454 56.06 -29.24 66.59
N ILE L 455 54.92 -29.87 66.84
CA ILE L 455 54.26 -30.73 65.86
C ILE L 455 52.91 -30.11 65.52
N GLY L 456 52.57 -30.12 64.23
CA GLY L 456 51.34 -29.51 63.77
C GLY L 456 50.23 -30.54 63.68
N VAL L 457 49.10 -30.23 64.31
CA VAL L 457 47.89 -31.04 64.24
C VAL L 457 46.83 -30.18 63.58
N LEU L 458 46.50 -30.50 62.33
CA LEU L 458 45.63 -29.67 61.52
C LEU L 458 44.27 -30.32 61.42
N ASP L 459 43.27 -29.68 62.02
CA ASP L 459 41.87 -30.09 61.91
C ASP L 459 41.16 -29.10 61.00
N ILE L 460 40.45 -29.63 60.00
CA ILE L 460 39.79 -28.79 59.00
C ILE L 460 38.77 -29.65 58.28
N ALA L 461 37.74 -29.00 57.75
CA ALA L 461 36.77 -29.70 56.92
C ALA L 461 37.43 -30.19 55.64
N GLY L 462 36.79 -31.18 55.01
CA GLY L 462 37.27 -31.77 53.79
C GLY L 462 36.41 -31.37 52.60
N PHE L 463 36.61 -32.09 51.51
CA PHE L 463 35.83 -31.83 50.30
C PHE L 463 34.36 -32.13 50.54
N GLU L 464 33.50 -31.48 49.76
CA GLU L 464 32.06 -31.68 49.86
C GLU L 464 31.45 -31.81 48.49
N ILE L 465 30.51 -32.76 48.36
CA ILE L 465 29.66 -32.87 47.19
C ILE L 465 28.24 -33.10 47.67
N PHE L 466 27.44 -32.04 47.72
CA PHE L 466 26.09 -32.16 48.23
C PHE L 466 25.13 -32.22 47.05
N ASP L 467 23.83 -32.20 47.36
CA ASP L 467 22.80 -32.08 46.34
C ASP L 467 22.58 -30.64 45.90
N PHE L 468 22.97 -29.67 46.73
CA PHE L 468 22.83 -28.25 46.40
C PHE L 468 24.06 -27.54 46.93
N ASN L 469 25.02 -27.26 46.03
CA ASN L 469 26.26 -26.62 46.39
C ASN L 469 26.17 -25.12 46.14
N SER L 470 26.83 -24.35 47.00
CA SER L 470 26.70 -22.90 46.99
C SER L 470 28.07 -22.30 47.28
N PHE L 471 28.08 -21.02 47.63
CA PHE L 471 29.32 -20.28 47.79
C PHE L 471 30.23 -20.91 48.84
N GLU L 472 29.65 -21.26 50.00
CA GLU L 472 30.44 -21.83 51.07
C GLU L 472 31.09 -23.14 50.64
N GLN L 473 30.33 -23.99 49.96
CA GLN L 473 30.89 -25.23 49.45
C GLN L 473 32.02 -24.94 48.47
N LEU L 474 31.88 -23.90 47.66
CA LEU L 474 32.95 -23.56 46.73
C LEU L 474 34.22 -23.18 47.47
N CYS L 475 34.09 -22.36 48.52
CA CYS L 475 35.27 -21.96 49.28
C CYS L 475 35.93 -23.17 49.93
N ILE L 476 35.12 -24.06 50.50
CA ILE L 476 35.66 -25.24 51.18
C ILE L 476 36.39 -26.13 50.18
N ASN L 477 35.78 -26.37 49.02
CA ASN L 477 36.42 -27.18 48.00
C ASN L 477 37.69 -26.52 47.49
N PHE L 478 37.73 -25.20 47.43
CA PHE L 478 38.95 -24.51 47.02
C PHE L 478 40.07 -24.76 48.02
N THR L 479 39.77 -24.60 49.31
CA THR L 479 40.76 -24.90 50.34
C THR L 479 41.26 -26.33 50.23
N ASN L 480 40.35 -27.27 49.98
CA ASN L 480 40.76 -28.67 49.91
C ASN L 480 41.55 -28.95 48.64
N GLU L 481 41.24 -28.26 47.53
CA GLU L 481 42.10 -28.32 46.36
C GLU L 481 43.51 -27.91 46.71
N LYS L 482 43.64 -26.83 47.50
CA LYS L 482 44.96 -26.36 47.88
C LYS L 482 45.69 -27.40 48.72
N LEU L 483 45.01 -27.95 49.74
CA LEU L 483 45.64 -28.96 50.58
C LEU L 483 46.03 -30.20 49.79
N GLN L 484 45.17 -30.61 48.85
CA GLN L 484 45.45 -31.79 48.05
C GLN L 484 46.64 -31.55 47.13
N GLN L 485 46.76 -30.34 46.59
CA GLN L 485 47.94 -30.01 45.80
C GLN L 485 49.19 -30.04 46.68
N PHE L 486 49.06 -29.60 47.93
CA PHE L 486 50.18 -29.68 48.87
C PHE L 486 50.63 -31.12 49.05
N PHE L 487 49.68 -32.00 49.33
CA PHE L 487 49.99 -33.42 49.50
C PHE L 487 50.62 -33.99 48.24
N ASN L 488 50.09 -33.63 47.07
CA ASN L 488 50.63 -34.15 45.82
C ASN L 488 52.06 -33.69 45.62
N HIS L 489 52.36 -32.45 45.99
CA HIS L 489 53.73 -31.97 45.86
C HIS L 489 54.67 -32.73 46.78
N HIS L 490 54.25 -32.94 48.02
CA HIS L 490 55.06 -33.71 48.97
C HIS L 490 55.33 -35.12 48.44
N MET L 491 54.28 -35.82 48.04
CA MET L 491 54.45 -37.18 47.54
C MET L 491 55.29 -37.21 46.28
N PHE L 492 55.15 -36.21 45.41
CA PHE L 492 55.94 -36.17 44.20
C PHE L 492 57.42 -36.04 44.52
N VAL L 493 57.78 -35.11 45.42
CA VAL L 493 59.19 -34.94 45.71
C VAL L 493 59.73 -36.18 46.42
N LEU L 494 58.89 -36.85 47.21
CA LEU L 494 59.33 -38.10 47.82
C LEU L 494 59.68 -39.15 46.77
N GLU L 495 58.76 -39.39 45.83
CA GLU L 495 59.00 -40.42 44.81
C GLU L 495 60.20 -40.05 43.95
N GLN L 496 60.35 -38.76 43.61
CA GLN L 496 61.47 -38.33 42.79
C GLN L 496 62.79 -38.55 43.53
N GLU L 497 62.82 -38.23 44.84
CA GLU L 497 63.99 -38.54 45.65
C GLU L 497 64.32 -40.03 45.61
N GLU L 498 63.31 -40.86 45.88
CA GLU L 498 63.55 -42.31 45.91
C GLU L 498 64.08 -42.81 44.58
N TYR L 499 63.63 -42.21 43.48
CA TYR L 499 64.16 -42.61 42.17
C TYR L 499 65.61 -42.20 42.01
N LYS L 500 65.96 -40.97 42.42
CA LYS L 500 67.37 -40.59 42.39
C LYS L 500 68.20 -41.42 43.36
N LYS L 501 67.56 -42.11 44.30
CA LYS L 501 68.30 -42.91 45.27
C LYS L 501 68.68 -44.27 44.70
N GLU L 502 67.75 -44.91 43.99
CA GLU L 502 68.01 -46.21 43.38
C GLU L 502 68.62 -46.08 41.99
N GLY L 503 69.04 -44.89 41.60
CA GLY L 503 69.64 -44.66 40.30
C GLY L 503 68.71 -44.89 39.14
N ILE L 504 67.41 -45.02 39.42
CA ILE L 504 66.43 -45.25 38.38
C ILE L 504 66.19 -43.95 37.63
N GLU L 505 66.70 -43.88 36.40
CA GLU L 505 66.54 -42.69 35.57
C GLU L 505 65.12 -42.68 35.02
N TRP L 506 64.28 -41.81 35.59
CA TRP L 506 62.88 -41.70 35.17
C TRP L 506 62.37 -40.35 35.65
N GLU L 507 62.04 -39.48 34.71
CA GLU L 507 61.54 -38.15 35.02
C GLU L 507 60.19 -37.95 34.38
N PHE L 508 59.30 -37.28 35.11
CA PHE L 508 57.92 -37.10 34.68
C PHE L 508 57.46 -35.71 35.06
N ILE L 509 56.43 -35.24 34.35
CA ILE L 509 55.84 -33.95 34.67
C ILE L 509 55.39 -33.94 36.12
N ASP L 510 55.62 -32.81 36.79
CA ASP L 510 55.42 -32.70 38.23
C ASP L 510 54.08 -33.26 38.67
N PHE L 511 54.12 -34.33 39.46
CA PHE L 511 52.92 -34.93 40.02
C PHE L 511 52.35 -34.13 41.17
N GLY L 512 52.92 -32.96 41.46
CA GLY L 512 52.50 -32.21 42.62
C GLY L 512 51.46 -31.13 42.34
N MET L 513 51.74 -30.26 41.37
CA MET L 513 50.89 -29.11 41.14
C MET L 513 50.21 -29.12 39.78
N ASP L 514 50.85 -29.65 38.74
CA ASP L 514 50.31 -29.52 37.39
C ASP L 514 48.98 -30.24 37.20
N LEU L 515 48.41 -30.81 38.26
CA LEU L 515 47.08 -31.38 38.20
C LEU L 515 46.02 -30.34 38.55
N GLN L 516 46.20 -29.65 39.67
CA GLN L 516 45.22 -28.69 40.15
C GLN L 516 45.53 -27.25 39.75
N ALA L 517 46.78 -26.96 39.38
CA ALA L 517 47.13 -25.61 38.95
C ALA L 517 46.25 -25.13 37.81
N CYS L 518 45.63 -26.04 37.08
CA CYS L 518 44.64 -25.69 36.08
C CYS L 518 43.22 -25.66 36.66
N ILE L 519 43.02 -26.26 37.83
CA ILE L 519 41.72 -26.20 38.50
C ILE L 519 41.82 -25.07 39.51
N ASP L 520 42.83 -24.22 39.33
CA ASP L 520 42.97 -22.99 40.11
C ASP L 520 42.53 -21.78 39.32
N LEU L 521 41.49 -21.95 38.50
CA LEU L 521 40.75 -20.80 37.99
C LEU L 521 40.33 -19.89 39.14
N ILE L 522 39.89 -20.50 40.24
CA ILE L 522 39.23 -19.79 41.32
C ILE L 522 40.07 -18.67 41.90
N GLU L 523 41.39 -18.72 41.70
CA GLU L 523 42.25 -17.67 42.25
C GLU L 523 42.93 -16.81 41.20
N LYS L 524 43.25 -17.36 40.03
CA LYS L 524 43.91 -16.59 38.99
C LYS L 524 43.05 -15.37 38.64
N PRO L 525 43.67 -14.22 38.34
CA PRO L 525 42.88 -12.98 38.28
C PRO L 525 42.03 -12.83 37.03
N MET L 526 41.39 -13.91 36.60
CA MET L 526 40.21 -13.80 35.76
C MET L 526 39.18 -14.86 36.08
N GLY L 527 39.41 -15.70 37.08
CA GLY L 527 38.56 -16.83 37.37
C GLY L 527 37.29 -16.42 38.07
N ILE L 528 36.73 -17.39 38.81
CA ILE L 528 35.40 -17.21 39.36
C ILE L 528 35.41 -16.13 40.45
N MET L 529 36.42 -16.15 41.31
CA MET L 529 36.41 -15.22 42.45
C MET L 529 36.62 -13.78 41.99
N SER L 530 37.56 -13.56 41.08
CA SER L 530 37.76 -12.21 40.57
C SER L 530 36.52 -11.70 39.85
N ILE L 531 35.85 -12.57 39.10
CA ILE L 531 34.62 -12.20 38.43
C ILE L 531 33.54 -11.85 39.46
N LEU L 532 33.47 -12.61 40.54
CA LEU L 532 32.46 -12.34 41.56
C LEU L 532 32.72 -11.02 42.27
N GLU L 533 33.99 -10.70 42.51
CA GLU L 533 34.31 -9.40 43.11
C GLU L 533 33.97 -8.27 42.15
N GLU L 534 34.36 -8.40 40.89
CA GLU L 534 33.98 -7.42 39.88
C GLU L 534 32.47 -7.19 39.88
N GLU L 535 31.70 -8.27 39.91
CA GLU L 535 30.25 -8.13 39.93
C GLU L 535 29.75 -7.55 41.25
N CYS L 536 30.49 -7.72 42.33
CA CYS L 536 30.10 -7.07 43.58
C CYS L 536 30.33 -5.56 43.50
N MET L 537 31.27 -5.12 42.67
CA MET L 537 31.53 -3.69 42.53
C MET L 537 30.64 -3.01 41.49
N PHE L 538 30.23 -3.73 40.46
CA PHE L 538 29.62 -3.12 39.30
C PHE L 538 28.19 -2.67 39.58
N PRO L 539 27.75 -1.56 38.99
CA PRO L 539 26.38 -1.09 39.23
C PRO L 539 25.33 -2.05 38.72
N LYS L 540 24.24 -2.17 39.49
CA LYS L 540 23.04 -2.91 39.09
C LYS L 540 23.33 -4.36 38.73
N ALA L 541 24.48 -4.88 39.14
CA ALA L 541 24.79 -6.28 38.84
C ALA L 541 23.83 -7.21 39.56
N SER L 542 23.49 -8.31 38.91
CA SER L 542 22.58 -9.30 39.45
C SER L 542 23.18 -10.68 39.25
N ASP L 543 22.40 -11.71 39.59
CA ASP L 543 22.88 -13.08 39.43
C ASP L 543 22.92 -13.48 37.97
N MET L 544 21.98 -12.98 37.17
CA MET L 544 21.98 -13.31 35.75
C MET L 544 23.20 -12.73 35.05
N THR L 545 23.57 -11.50 35.38
CA THR L 545 24.76 -10.90 34.78
C THR L 545 26.02 -11.63 35.25
N PHE L 546 26.04 -12.07 36.50
CA PHE L 546 27.16 -12.85 36.99
C PHE L 546 27.31 -14.14 36.19
N LYS L 547 26.20 -14.84 35.96
CA LYS L 547 26.24 -16.07 35.18
C LYS L 547 26.69 -15.79 33.75
N ALA L 548 26.19 -14.72 33.15
CA ALA L 548 26.60 -14.36 31.80
C ALA L 548 28.09 -14.11 31.73
N LYS L 549 28.64 -13.36 32.69
CA LYS L 549 30.07 -13.09 32.71
C LYS L 549 30.87 -14.37 32.85
N LEU L 550 30.44 -15.25 33.77
CA LEU L 550 31.10 -16.55 33.91
C LEU L 550 31.16 -17.27 32.57
N TYR L 551 30.02 -17.34 31.88
CA TYR L 551 29.98 -18.06 30.62
C TYR L 551 30.88 -17.42 29.58
N ASP L 552 30.82 -16.09 29.45
CA ASP L 552 31.62 -15.43 28.43
C ASP L 552 33.12 -15.62 28.68
N ASN L 553 33.54 -15.66 29.93
CA ASN L 553 34.96 -15.81 30.18
C ASN L 553 35.43 -17.26 30.18
N HIS L 554 34.55 -18.22 30.46
CA HIS L 554 35.10 -19.55 30.65
C HIS L 554 34.46 -20.62 29.81
N LEU L 555 33.15 -20.54 29.55
CA LEU L 555 32.47 -21.60 28.83
C LEU L 555 33.04 -21.79 27.44
N GLY L 556 33.66 -22.94 27.19
CA GLY L 556 34.31 -23.23 25.94
C GLY L 556 35.79 -22.89 25.90
N LYS L 557 36.22 -21.92 26.70
CA LYS L 557 37.62 -21.53 26.72
C LYS L 557 38.44 -22.29 27.76
N SER L 558 37.78 -22.99 28.68
CA SER L 558 38.46 -23.83 29.65
C SER L 558 37.86 -25.24 29.59
N ASN L 559 38.66 -26.22 29.99
CA ASN L 559 38.18 -27.60 29.95
C ASN L 559 37.60 -28.07 31.27
N ASN L 560 38.08 -27.52 32.39
CA ASN L 560 37.51 -27.88 33.68
C ASN L 560 36.18 -27.18 33.93
N PHE L 561 35.96 -26.04 33.28
CA PHE L 561 34.68 -25.34 33.40
C PHE L 561 33.71 -25.95 32.41
N GLN L 562 32.59 -26.46 32.91
CA GLN L 562 31.61 -27.12 32.06
C GLN L 562 30.20 -26.68 32.45
N LYS L 563 29.33 -26.69 31.47
CA LYS L 563 27.93 -26.39 31.71
C LYS L 563 27.25 -27.62 32.32
N PRO L 564 26.45 -27.46 33.37
CA PRO L 564 25.86 -28.63 34.02
C PRO L 564 24.78 -29.26 33.17
N ARG L 565 24.60 -30.56 33.36
CA ARG L 565 23.54 -31.31 32.69
C ARG L 565 22.33 -31.29 33.62
N ASN L 566 21.54 -30.23 33.50
CA ASN L 566 20.38 -30.03 34.37
C ASN L 566 19.21 -30.85 33.86
N VAL L 567 18.80 -31.84 34.63
CA VAL L 567 17.68 -32.71 34.28
C VAL L 567 16.49 -32.33 35.15
N LYS L 568 15.33 -32.15 34.52
CA LYS L 568 14.12 -31.76 35.23
C LYS L 568 13.73 -32.85 36.23
N GLY L 569 13.57 -32.47 37.49
CA GLY L 569 13.35 -33.42 38.56
C GLY L 569 14.44 -33.34 39.59
N LYS L 570 15.54 -32.68 39.24
CA LYS L 570 16.66 -32.48 40.13
C LYS L 570 16.96 -30.99 40.27
N GLN L 571 17.70 -30.65 41.30
CA GLN L 571 18.04 -29.25 41.55
C GLN L 571 18.84 -28.68 40.39
N GLU L 572 18.56 -27.43 40.05
CA GLU L 572 19.20 -26.79 38.92
C GLU L 572 20.56 -26.24 39.31
N ALA L 573 21.59 -26.61 38.56
CA ALA L 573 22.92 -26.04 38.69
C ALA L 573 23.13 -24.98 37.62
N HIS L 574 24.22 -24.24 37.76
CA HIS L 574 24.56 -23.19 36.82
C HIS L 574 25.90 -23.40 36.12
N PHE L 575 26.86 -24.02 36.77
CA PHE L 575 28.11 -24.39 36.13
C PHE L 575 28.72 -25.53 36.92
N SER L 576 29.72 -26.19 36.33
CA SER L 576 30.32 -27.37 36.91
C SER L 576 31.83 -27.28 36.83
N LEU L 577 32.49 -27.54 37.95
CA LEU L 577 33.94 -27.53 38.04
C LEU L 577 34.47 -28.95 38.17
N VAL L 578 35.51 -29.26 37.41
CA VAL L 578 36.10 -30.60 37.42
C VAL L 578 37.17 -30.59 38.50
N HIS L 579 36.77 -30.94 39.72
CA HIS L 579 37.69 -30.99 40.84
C HIS L 579 38.50 -32.28 40.81
N TYR L 580 39.44 -32.41 41.76
CA TYR L 580 40.15 -33.67 41.91
C TYR L 580 39.23 -34.76 42.44
N ALA L 581 38.22 -34.39 43.22
CA ALA L 581 37.26 -35.33 43.78
C ALA L 581 35.97 -35.40 42.97
N GLY L 582 36.06 -35.22 41.67
CA GLY L 582 34.90 -35.32 40.79
C GLY L 582 34.51 -33.97 40.22
N THR L 583 33.36 -33.97 39.55
CA THR L 583 32.81 -32.77 38.93
C THR L 583 31.61 -32.31 39.74
N VAL L 584 31.74 -31.16 40.40
CA VAL L 584 30.73 -30.65 41.30
C VAL L 584 29.91 -29.61 40.57
N ASP L 585 28.62 -29.55 40.89
CA ASP L 585 27.69 -28.62 40.27
C ASP L 585 27.28 -27.56 41.28
N TYR L 586 27.38 -26.29 40.88
CA TYR L 586 27.14 -25.18 41.78
C TYR L 586 25.92 -24.39 41.32
N ASN L 587 25.22 -23.82 42.29
CA ASN L 587 24.04 -22.99 42.04
C ASN L 587 24.32 -21.61 42.62
N ILE L 588 24.54 -20.63 41.74
CA ILE L 588 25.06 -19.33 42.14
C ILE L 588 24.01 -18.39 42.71
N MET L 589 22.76 -18.83 42.86
CA MET L 589 21.72 -17.93 43.33
C MET L 589 22.04 -17.33 44.69
N GLY L 590 22.28 -16.02 44.71
CA GLY L 590 22.52 -15.30 45.94
C GLY L 590 23.96 -15.02 46.29
N TRP L 591 24.90 -15.33 45.41
CA TRP L 591 26.31 -15.15 45.74
C TRP L 591 26.68 -13.68 45.88
N LEU L 592 25.98 -12.79 45.18
CA LEU L 592 26.27 -11.37 45.26
C LEU L 592 26.08 -10.86 46.68
N GLU L 593 24.89 -11.07 47.24
CA GLU L 593 24.63 -10.59 48.60
C GLU L 593 25.53 -11.28 49.60
N LYS L 594 25.93 -12.52 49.34
CA LYS L 594 26.75 -13.26 50.30
C LYS L 594 28.21 -12.85 50.26
N ASN L 595 28.68 -12.28 49.14
CA ASN L 595 30.08 -11.90 49.04
C ASN L 595 30.35 -10.49 49.54
N LYS L 596 29.35 -9.63 49.56
CA LYS L 596 29.57 -8.24 49.96
C LYS L 596 29.95 -8.16 51.44
N ASP L 597 30.87 -7.24 51.75
CA ASP L 597 31.35 -7.12 53.12
C ASP L 597 31.82 -5.69 53.38
N PRO L 598 30.96 -4.69 53.23
CA PRO L 598 31.41 -3.30 53.43
C PRO L 598 31.44 -2.92 54.90
N LEU L 599 32.64 -2.75 55.44
CA LEU L 599 32.80 -2.34 56.82
C LEU L 599 32.59 -0.84 56.95
N ASN L 600 31.90 -0.45 58.01
CA ASN L 600 31.55 0.96 58.27
C ASN L 600 32.51 1.49 59.32
N GLU L 601 33.55 2.19 58.88
CA GLU L 601 34.62 2.60 59.79
C GLU L 601 34.14 3.60 60.84
N THR L 602 33.05 4.33 60.57
CA THR L 602 32.51 5.22 61.58
C THR L 602 31.99 4.43 62.77
N VAL L 603 31.25 3.34 62.51
CA VAL L 603 30.75 2.54 63.60
C VAL L 603 31.88 1.82 64.32
N VAL L 604 32.93 1.43 63.60
CA VAL L 604 34.08 0.82 64.26
C VAL L 604 34.76 1.82 65.18
N GLY L 605 34.86 3.08 64.74
CA GLY L 605 35.37 4.12 65.62
C GLY L 605 34.49 4.34 66.83
N LEU L 606 33.18 4.20 66.66
CA LEU L 606 32.29 4.23 67.81
C LEU L 606 32.60 3.08 68.77
N TYR L 607 32.81 1.88 68.21
CA TYR L 607 33.15 0.72 69.03
C TYR L 607 34.40 0.98 69.85
N GLN L 608 35.42 1.56 69.23
CA GLN L 608 36.69 1.82 69.92
C GLN L 608 36.54 2.70 71.13
N LYS L 609 35.36 3.29 71.36
CA LYS L 609 35.12 4.18 72.49
C LYS L 609 34.11 3.61 73.46
N SER L 610 33.65 2.38 73.25
CA SER L 610 32.58 1.83 74.07
C SER L 610 33.00 1.72 75.53
N SER L 611 32.00 1.69 76.41
CA SER L 611 32.24 1.50 77.83
C SER L 611 32.51 0.04 78.17
N LEU L 612 31.90 -0.89 77.43
CA LEU L 612 32.10 -2.31 77.68
C LEU L 612 33.52 -2.70 77.31
N LYS L 613 34.39 -2.83 78.32
CA LYS L 613 35.82 -2.91 78.08
C LYS L 613 36.21 -4.07 77.17
N LEU L 614 35.40 -5.13 77.11
CA LEU L 614 35.72 -6.21 76.19
C LEU L 614 35.61 -5.76 74.74
N MET L 615 34.60 -4.94 74.44
CA MET L 615 34.46 -4.43 73.08
C MET L 615 35.62 -3.54 72.70
N ALA L 616 36.05 -2.67 73.60
CA ALA L 616 37.19 -1.81 73.32
C ALA L 616 38.47 -2.60 73.21
N THR L 617 38.61 -3.69 73.97
CA THR L 617 39.78 -4.55 73.80
C THR L 617 39.74 -5.25 72.46
N LEU L 618 38.56 -5.65 72.01
CA LEU L 618 38.42 -6.30 70.71
C LEU L 618 38.82 -5.34 69.59
N PHE L 619 38.29 -4.12 69.62
CA PHE L 619 38.52 -3.16 68.55
C PHE L 619 39.60 -2.14 68.90
N SER L 620 40.54 -2.50 69.79
CA SER L 620 41.67 -1.63 70.06
C SER L 620 42.44 -1.33 68.78
N THR L 621 42.79 -2.36 68.04
CA THR L 621 43.52 -2.21 66.79
C THR L 621 42.56 -1.97 65.64
N LYS L 634 46.66 11.88 52.92
CA LYS L 634 48.08 11.62 53.12
C LYS L 634 48.78 11.37 51.79
N SER L 641 38.13 -0.11 51.53
CA SER L 641 37.30 -0.34 52.71
C SER L 641 35.91 -0.82 52.34
N SER L 642 35.22 -0.05 51.50
CA SER L 642 33.96 -0.51 50.92
C SER L 642 34.16 -1.48 49.78
N PHE L 643 35.39 -1.92 49.56
CA PHE L 643 35.71 -2.88 48.52
C PHE L 643 35.97 -4.27 49.07
N GLN L 644 35.54 -4.52 50.31
CA GLN L 644 35.87 -5.77 50.97
C GLN L 644 34.87 -6.86 50.58
N THR L 645 35.40 -8.04 50.30
CA THR L 645 34.58 -9.18 49.92
C THR L 645 35.00 -10.39 50.74
N VAL L 646 34.03 -11.28 50.99
CA VAL L 646 34.32 -12.50 51.74
C VAL L 646 35.36 -13.33 51.04
N SER L 647 35.26 -13.44 49.72
CA SER L 647 36.20 -14.25 48.95
C SER L 647 37.63 -13.74 49.10
N ALA L 648 37.80 -12.43 49.20
CA ALA L 648 39.15 -11.87 49.29
C ALA L 648 39.79 -12.20 50.63
N LEU L 649 39.07 -11.95 51.73
CA LEU L 649 39.58 -12.32 53.04
C LEU L 649 39.85 -13.81 53.11
N HIS L 650 38.95 -14.61 52.55
CA HIS L 650 39.14 -16.05 52.54
C HIS L 650 40.41 -16.44 51.81
N ARG L 651 40.65 -15.84 50.64
CA ARG L 651 41.84 -16.16 49.88
C ARG L 651 43.10 -15.77 50.62
N GLU L 652 43.07 -14.61 51.29
CA GLU L 652 44.24 -14.19 52.04
C GLU L 652 44.51 -15.12 53.23
N ASN L 653 43.46 -15.51 53.94
CA ASN L 653 43.63 -16.46 55.04
C ASN L 653 44.17 -17.79 54.55
N LEU L 654 43.66 -18.28 53.41
CA LEU L 654 44.14 -19.54 52.88
C LEU L 654 45.59 -19.43 52.44
N ASN L 655 45.98 -18.30 51.86
CA ASN L 655 47.37 -18.10 51.52
C ASN L 655 48.25 -18.16 52.75
N LYS L 656 47.80 -17.52 53.84
CA LYS L 656 48.58 -17.55 55.08
C LYS L 656 48.71 -18.96 55.62
N LEU L 657 47.62 -19.73 55.59
CA LEU L 657 47.65 -21.09 56.12
C LEU L 657 48.60 -21.96 55.31
N MET L 658 48.50 -21.91 53.97
CA MET L 658 49.42 -22.66 53.15
C MET L 658 50.85 -22.22 53.36
N THR L 659 51.07 -20.92 53.60
CA THR L 659 52.41 -20.44 53.87
C THR L 659 52.96 -21.04 55.15
N ASN L 660 52.12 -21.17 56.17
CA ASN L 660 52.55 -21.82 57.41
C ASN L 660 52.91 -23.27 57.15
N LEU L 661 52.03 -23.99 56.43
CA LEU L 661 52.25 -25.42 56.23
C LEU L 661 53.46 -25.70 55.36
N LYS L 662 53.77 -24.83 54.41
CA LYS L 662 54.84 -25.12 53.46
C LYS L 662 56.23 -25.04 54.09
N THR L 663 56.33 -24.76 55.38
CA THR L 663 57.62 -24.70 56.06
C THR L 663 57.85 -25.88 57.00
N THR L 664 56.91 -26.82 57.07
CA THR L 664 57.01 -27.97 57.96
C THR L 664 57.01 -29.25 57.15
N HIS L 665 56.94 -30.38 57.86
CA HIS L 665 56.85 -31.68 57.22
C HIS L 665 55.49 -32.29 57.49
N PRO L 666 54.79 -32.76 56.46
CA PRO L 666 53.42 -33.23 56.65
C PRO L 666 53.34 -34.73 56.89
N HIS L 667 52.30 -35.11 57.63
CA HIS L 667 51.99 -36.51 57.88
C HIS L 667 50.48 -36.63 57.92
N PHE L 668 49.90 -37.23 56.89
CA PHE L 668 48.46 -37.21 56.69
C PHE L 668 47.80 -38.45 57.28
N VAL L 669 46.58 -38.25 57.77
CA VAL L 669 45.79 -39.30 58.40
C VAL L 669 44.37 -39.20 57.86
N ARG L 670 43.75 -40.36 57.62
CA ARG L 670 42.42 -40.42 57.02
C ARG L 670 41.49 -41.23 57.91
N CYS L 671 40.89 -40.58 58.89
CA CYS L 671 39.86 -41.24 59.69
C CYS L 671 38.59 -41.40 58.86
N ILE L 672 37.96 -42.56 59.00
CA ILE L 672 36.77 -42.90 58.22
C ILE L 672 35.65 -43.28 59.16
N ILE L 673 34.43 -42.91 58.79
CA ILE L 673 33.23 -43.46 59.40
C ILE L 673 32.80 -44.65 58.54
N PRO L 674 32.94 -45.89 59.01
CA PRO L 674 32.66 -47.04 58.15
C PRO L 674 31.19 -47.25 57.85
N ASN L 675 30.32 -47.03 58.83
CA ASN L 675 28.90 -47.24 58.64
C ASN L 675 28.12 -46.12 59.31
N GLU L 676 26.87 -45.98 58.89
CA GLU L 676 26.01 -44.89 59.37
C GLU L 676 25.07 -45.32 60.49
N ARG L 677 24.73 -46.61 60.57
CA ARG L 677 23.85 -47.11 61.61
C ARG L 677 24.57 -47.34 62.94
N LYS L 678 25.84 -46.95 63.05
CA LYS L 678 26.67 -47.03 64.24
C LYS L 678 26.98 -48.46 64.65
N ALA L 679 26.47 -49.46 63.94
CA ALA L 679 26.75 -50.86 64.26
C ALA L 679 28.16 -51.21 63.80
N PRO L 680 29.06 -51.57 64.71
CA PRO L 680 30.44 -51.86 64.30
C PRO L 680 30.55 -53.15 63.49
N GLY L 681 31.67 -53.26 62.78
CA GLY L 681 32.02 -54.49 62.09
C GLY L 681 31.77 -54.48 60.60
N VAL L 682 30.63 -53.94 60.18
CA VAL L 682 30.22 -53.96 58.77
C VAL L 682 30.13 -52.53 58.29
N MET L 683 30.84 -52.22 57.21
CA MET L 683 30.86 -50.88 56.64
C MET L 683 30.14 -50.88 55.30
N ASP L 684 29.27 -49.89 55.10
CA ASP L 684 28.57 -49.77 53.83
C ASP L 684 29.53 -49.33 52.74
N ASN L 685 29.41 -49.95 51.58
CA ASN L 685 30.32 -49.71 50.45
C ASN L 685 30.13 -48.36 49.75
N PRO L 686 28.92 -47.82 49.55
CA PRO L 686 28.86 -46.55 48.82
C PRO L 686 29.34 -45.38 49.64
N LEU L 687 29.01 -45.36 50.93
CA LEU L 687 29.54 -44.35 51.84
C LEU L 687 31.06 -44.33 51.80
N VAL L 688 31.68 -45.48 52.03
CA VAL L 688 33.13 -45.52 52.10
C VAL L 688 33.74 -45.22 50.74
N MET L 689 33.05 -45.55 49.65
CA MET L 689 33.58 -45.22 48.34
C MET L 689 33.58 -43.71 48.11
N HIS L 690 32.46 -43.06 48.38
CA HIS L 690 32.39 -41.61 48.29
C HIS L 690 33.47 -40.95 49.15
N GLN L 691 33.65 -41.46 50.37
CA GLN L 691 34.64 -40.88 51.26
C GLN L 691 36.05 -41.10 50.73
N LEU L 692 36.35 -42.31 50.25
CA LEU L 692 37.65 -42.59 49.67
C LEU L 692 37.93 -41.70 48.48
N ARG L 693 36.87 -41.26 47.78
CA ARG L 693 37.04 -40.21 46.78
C ARG L 693 37.41 -38.88 47.42
N CYS L 694 36.57 -38.40 48.34
CA CYS L 694 36.76 -37.06 48.87
C CYS L 694 37.93 -36.98 49.85
N ASN L 695 38.29 -38.08 50.51
CA ASN L 695 39.32 -38.01 51.53
C ASN L 695 40.70 -37.75 50.95
N GLY L 696 40.93 -38.09 49.69
CA GLY L 696 42.19 -37.80 49.02
C GLY L 696 43.08 -39.00 48.80
N VAL L 697 42.66 -40.20 49.22
CA VAL L 697 43.49 -41.38 49.01
C VAL L 697 43.51 -41.77 47.53
N LEU L 698 42.34 -41.71 46.88
CA LEU L 698 42.23 -42.11 45.48
C LEU L 698 43.11 -41.28 44.57
N GLU L 699 43.39 -40.02 44.92
CA GLU L 699 44.32 -39.23 44.11
C GLU L 699 45.73 -39.78 44.22
N GLY L 700 46.17 -40.12 45.43
CA GLY L 700 47.47 -40.74 45.58
C GLY L 700 47.56 -42.07 44.86
N ILE L 701 46.49 -42.86 44.89
CA ILE L 701 46.47 -44.11 44.13
C ILE L 701 46.58 -43.84 42.64
N ARG L 702 45.81 -42.86 42.15
CA ARG L 702 45.82 -42.54 40.73
C ARG L 702 47.19 -42.05 40.27
N ILE L 703 47.93 -41.40 41.16
CA ILE L 703 49.26 -40.94 40.78
C ILE L 703 50.27 -42.08 40.83
N CYS L 704 50.28 -42.85 41.91
CA CYS L 704 51.23 -43.95 42.02
C CYS L 704 50.98 -45.00 40.94
N ARG L 705 49.76 -45.07 40.42
CA ARG L 705 49.50 -45.95 39.28
C ARG L 705 50.37 -45.59 38.09
N LYS L 706 50.74 -44.32 37.97
CA LYS L 706 51.68 -43.90 36.93
C LYS L 706 53.09 -44.44 37.16
N GLY L 707 53.31 -45.21 38.22
CA GLY L 707 54.51 -46.00 38.38
C GLY L 707 54.48 -47.20 37.45
N PHE L 708 55.11 -48.31 37.86
CA PHE L 708 55.92 -48.56 39.06
C PHE L 708 55.32 -48.27 40.45
N PRO L 709 54.16 -48.86 40.77
CA PRO L 709 53.73 -48.89 42.17
C PRO L 709 54.44 -49.98 42.96
N ASN L 710 54.71 -51.11 42.32
CA ASN L 710 55.27 -52.29 42.99
C ASN L 710 56.79 -52.16 43.04
N ARG L 711 57.33 -52.03 44.25
CA ARG L 711 58.76 -51.81 44.45
C ARG L 711 59.29 -52.90 45.37
N ILE L 712 59.99 -53.89 44.78
CA ILE L 712 60.54 -55.02 45.51
C ILE L 712 62.06 -55.03 45.31
N LEU L 713 62.74 -55.77 46.17
CA LEU L 713 64.18 -55.97 46.06
C LEU L 713 64.46 -57.19 45.18
N TYR L 714 65.70 -57.66 45.17
CA TYR L 714 66.08 -58.76 44.29
C TYR L 714 65.67 -60.11 44.86
N GLY L 715 65.92 -60.33 46.15
CA GLY L 715 65.80 -61.67 46.71
C GLY L 715 64.38 -62.20 46.71
N ASP L 716 63.40 -61.32 46.97
CA ASP L 716 62.02 -61.78 47.04
C ASP L 716 61.52 -62.30 45.70
N PHE L 717 61.89 -61.61 44.61
CA PHE L 717 61.51 -62.11 43.29
C PHE L 717 62.36 -63.30 42.89
N ARG L 718 63.65 -63.31 43.26
CA ARG L 718 64.48 -64.47 43.05
C ARG L 718 63.86 -65.72 43.68
N GLN L 719 63.18 -65.55 44.81
CA GLN L 719 62.58 -66.68 45.51
C GLN L 719 61.22 -67.04 44.93
N ARG L 720 60.26 -66.11 44.98
CA ARG L 720 58.87 -66.46 44.72
C ARG L 720 58.58 -66.81 43.26
N TYR L 721 59.47 -66.46 42.35
CA TYR L 721 59.24 -66.68 40.92
C TYR L 721 60.47 -67.29 40.27
N ARG L 722 61.01 -68.33 40.92
CA ARG L 722 62.14 -69.09 40.42
C ARG L 722 61.70 -70.31 39.61
N ILE L 723 60.40 -70.47 39.37
CA ILE L 723 59.88 -71.64 38.65
C ILE L 723 60.22 -71.46 37.18
N LEU L 724 61.25 -72.15 36.73
CA LEU L 724 61.68 -72.10 35.34
C LEU L 724 62.22 -73.44 34.87
N GLY L 740 70.87 -62.21 39.37
CA GLY L 740 69.67 -62.54 40.11
C GLY L 740 68.40 -62.35 39.31
N ALA L 741 67.88 -61.13 39.32
CA ALA L 741 66.68 -60.82 38.55
C ALA L 741 66.99 -60.45 37.10
N GLU L 742 68.25 -60.14 36.80
CA GLU L 742 68.63 -59.75 35.45
C GLU L 742 68.28 -60.84 34.44
N LYS L 743 68.84 -62.04 34.62
CA LYS L 743 68.51 -63.14 33.72
C LYS L 743 67.10 -63.65 33.98
N LEU L 744 66.61 -63.56 35.21
CA LEU L 744 65.29 -64.05 35.54
C LEU L 744 64.18 -63.27 34.85
N LEU L 745 64.42 -62.02 34.49
CA LEU L 745 63.45 -61.22 33.75
C LEU L 745 63.89 -60.85 32.34
N GLY L 746 65.13 -61.14 31.95
CA GLY L 746 65.53 -60.96 30.57
C GLY L 746 64.95 -62.05 29.69
N SER L 747 64.29 -63.01 30.32
CA SER L 747 63.67 -64.14 29.61
C SER L 747 62.31 -63.80 29.03
N LEU L 748 61.44 -63.15 29.79
CA LEU L 748 60.13 -62.76 29.29
C LEU L 748 60.04 -61.24 29.14
N ILE L 750 56.34 -60.28 28.71
CA ILE L 750 56.18 -58.94 29.26
C ILE L 750 57.00 -57.96 28.43
N ASP L 751 57.05 -56.70 28.86
CA ASP L 751 57.79 -55.67 28.16
C ASP L 751 59.00 -55.24 28.98
N HIS L 752 60.03 -54.76 28.27
CA HIS L 752 61.28 -54.39 28.91
C HIS L 752 61.20 -53.09 29.69
N ASN L 753 60.08 -52.36 29.60
CA ASN L 753 59.92 -51.11 30.34
C ASN L 753 59.13 -51.29 31.62
N GLN L 754 58.36 -52.37 31.76
CA GLN L 754 57.62 -52.63 32.98
C GLN L 754 58.51 -52.75 34.21
N TYR L 755 59.82 -52.82 34.02
CA TYR L 755 60.77 -52.95 35.11
C TYR L 755 61.91 -51.98 34.92
N LYS L 756 62.56 -51.61 36.02
CA LYS L 756 63.77 -50.80 35.98
C LYS L 756 64.57 -51.15 37.23
N PHE L 757 65.57 -52.01 37.07
CA PHE L 757 66.35 -52.51 38.20
C PHE L 757 67.42 -51.50 38.59
N GLY L 758 67.58 -51.29 39.88
CA GLY L 758 68.72 -50.53 40.37
C GLY L 758 69.05 -50.79 41.82
N HIS L 759 70.30 -51.18 42.07
CA HIS L 759 70.85 -51.36 43.42
C HIS L 759 69.90 -52.15 44.32
N THR L 760 69.64 -53.39 43.91
CA THR L 760 68.77 -54.32 44.62
C THR L 760 67.38 -53.68 44.84
N LYS L 761 66.75 -53.33 43.73
CA LYS L 761 65.38 -52.82 43.72
C LYS L 761 64.75 -53.06 42.36
N VAL L 762 63.63 -53.76 42.34
CA VAL L 762 62.85 -53.93 41.11
C VAL L 762 61.57 -53.11 41.24
N PHE L 763 61.20 -52.45 40.15
CA PHE L 763 60.01 -51.61 40.10
C PHE L 763 59.06 -52.19 39.06
N PHE L 764 57.80 -52.39 39.45
CA PHE L 764 56.80 -53.02 38.59
C PHE L 764 55.59 -52.12 38.46
N LYS L 765 55.12 -51.94 37.23
CA LYS L 765 53.93 -51.16 36.96
C LYS L 765 52.68 -51.98 37.24
N ALA L 766 51.58 -51.28 37.51
CA ALA L 766 50.32 -51.92 37.88
C ALA L 766 49.79 -52.78 36.75
N GLY L 767 49.79 -54.09 36.94
CA GLY L 767 49.28 -54.99 35.92
C GLY L 767 50.27 -56.07 35.50
N LEU L 768 51.27 -56.32 36.32
CA LEU L 768 52.25 -57.37 36.04
C LEU L 768 52.18 -58.55 36.99
N LEU L 769 52.03 -58.31 38.30
CA LEU L 769 51.84 -59.40 39.24
C LEU L 769 50.47 -60.04 39.12
N GLY L 770 49.56 -59.47 38.34
CA GLY L 770 48.35 -60.16 37.98
C GLY L 770 48.52 -61.19 36.90
N LEU L 771 49.71 -61.24 36.31
CA LEU L 771 50.11 -62.25 35.34
C LEU L 771 50.90 -63.38 35.99
N LEU L 772 51.77 -63.05 36.94
CA LEU L 772 52.55 -64.04 37.67
C LEU L 772 51.67 -64.77 38.67
N ALA M 1 -77.78 -99.94 35.74
CA ALA M 1 -77.07 -99.57 36.96
C ALA M 1 -76.67 -98.11 36.93
N GLN M 2 -75.66 -97.80 36.11
CA GLN M 2 -75.17 -96.44 35.94
C GLN M 2 -76.02 -95.63 34.97
N MET M 3 -77.21 -96.11 34.62
CA MET M 3 -78.12 -95.39 33.75
C MET M 3 -79.35 -94.85 34.46
N ALA M 4 -79.80 -95.52 35.52
CA ALA M 4 -81.02 -95.13 36.23
C ALA M 4 -80.81 -93.93 37.15
N ASP M 5 -79.70 -93.22 37.04
CA ASP M 5 -79.44 -92.02 37.82
C ASP M 5 -79.68 -90.74 37.05
N PHE M 6 -80.17 -90.84 35.82
CA PHE M 6 -80.49 -89.67 35.00
C PHE M 6 -81.98 -89.42 34.90
N GLY M 7 -82.81 -90.28 35.47
CA GLY M 7 -84.23 -90.00 35.59
C GLY M 7 -84.95 -90.06 34.25
N ALA M 8 -85.78 -89.06 34.00
CA ALA M 8 -86.66 -89.03 32.84
C ALA M 8 -85.91 -88.92 31.52
N ALA M 9 -84.63 -88.55 31.54
CA ALA M 9 -83.83 -88.46 30.34
C ALA M 9 -83.01 -89.71 30.07
N ALA M 10 -82.87 -90.60 31.06
CA ALA M 10 -82.05 -91.80 30.88
C ALA M 10 -82.55 -92.63 29.70
N GLN M 11 -83.86 -92.67 29.48
CA GLN M 11 -84.41 -93.37 28.33
C GLN M 11 -83.83 -92.82 27.03
N TYR M 12 -83.65 -91.50 26.95
CA TYR M 12 -83.04 -90.90 25.77
C TYR M 12 -81.53 -91.15 25.74
N LEU M 13 -80.89 -91.18 26.92
CA LEU M 13 -79.45 -91.36 26.96
C LEU M 13 -79.07 -92.82 26.72
N ARG M 14 -79.63 -93.74 27.50
CA ARG M 14 -79.38 -95.17 27.33
C ARG M 14 -80.66 -95.94 27.62
N LYS M 15 -81.19 -96.61 26.61
CA LYS M 15 -82.41 -97.39 26.76
C LYS M 15 -82.20 -98.50 27.80
N SER M 16 -83.30 -98.87 28.46
CA SER M 16 -83.24 -99.89 29.50
C SER M 16 -82.87 -101.23 28.88
N GLU M 17 -82.15 -102.04 29.66
CA GLU M 17 -81.61 -103.29 29.14
C GLU M 17 -82.68 -104.31 28.78
N LYS M 18 -83.95 -104.07 29.13
CA LYS M 18 -84.99 -105.03 28.81
C LYS M 18 -85.34 -105.00 27.32
N GLU M 19 -85.81 -103.85 26.83
CA GLU M 19 -86.04 -103.71 25.40
C GLU M 19 -84.74 -103.87 24.62
N ARG M 20 -83.61 -103.54 25.24
CA ARG M 20 -82.33 -103.73 24.56
C ARG M 20 -82.02 -105.21 24.38
N LEU M 21 -82.28 -106.03 25.41
CA LEU M 21 -81.99 -107.45 25.28
C LEU M 21 -82.98 -108.12 24.35
N GLU M 22 -84.24 -107.67 24.34
CA GLU M 22 -85.18 -108.23 23.38
C GLU M 22 -84.88 -107.76 21.96
N ALA M 23 -84.19 -106.63 21.81
CA ALA M 23 -83.86 -106.10 20.50
C ALA M 23 -82.52 -106.59 19.97
N GLN M 24 -81.58 -106.94 20.86
CA GLN M 24 -80.27 -107.38 20.42
C GLN M 24 -80.23 -108.87 20.07
N THR M 25 -81.39 -109.52 19.92
CA THR M 25 -81.44 -110.94 19.61
C THR M 25 -82.49 -111.23 18.53
N ARG M 26 -82.63 -110.35 17.55
CA ARG M 26 -83.61 -110.56 16.49
C ARG M 26 -83.07 -111.58 15.50
N PRO M 27 -83.83 -112.63 15.18
CA PRO M 27 -83.38 -113.62 14.19
C PRO M 27 -83.64 -113.15 12.78
N PHE M 28 -82.56 -112.86 12.05
CA PHE M 28 -82.66 -112.40 10.66
C PHE M 28 -81.56 -113.06 9.84
N ASP M 29 -81.63 -112.86 8.53
CA ASP M 29 -80.73 -113.53 7.60
C ASP M 29 -79.61 -112.59 7.16
N ILE M 30 -78.55 -113.19 6.60
CA ILE M 30 -77.37 -112.47 6.16
C ILE M 30 -77.47 -112.18 4.67
N ARG M 31 -78.19 -113.03 3.93
CA ARG M 31 -78.19 -112.97 2.48
C ARG M 31 -79.55 -112.65 1.86
N THR M 32 -80.53 -112.24 2.67
CA THR M 32 -81.78 -111.72 2.13
C THR M 32 -82.17 -110.38 2.73
N GLU M 33 -81.28 -109.73 3.48
CA GLU M 33 -81.52 -108.39 4.02
C GLU M 33 -80.35 -107.52 3.60
N CYS M 34 -80.51 -106.84 2.47
CA CYS M 34 -79.47 -105.96 1.93
C CYS M 34 -80.06 -104.57 1.71
N PHE M 35 -79.29 -103.72 1.06
CA PHE M 35 -79.69 -102.35 0.80
C PHE M 35 -79.65 -102.06 -0.70
N VAL M 36 -80.73 -101.49 -1.20
CA VAL M 36 -80.83 -101.11 -2.62
C VAL M 36 -81.24 -99.66 -2.70
N PRO M 37 -80.92 -98.98 -3.79
CA PRO M 37 -81.19 -97.54 -3.89
C PRO M 37 -82.67 -97.27 -4.10
N ASP M 38 -82.98 -95.97 -4.23
CA ASP M 38 -84.34 -95.51 -4.44
C ASP M 38 -84.29 -94.08 -4.95
N ASP M 39 -85.44 -93.57 -5.38
CA ASP M 39 -85.56 -92.20 -5.88
C ASP M 39 -86.03 -91.22 -4.81
N LYS M 40 -86.80 -91.68 -3.82
CA LYS M 40 -87.23 -90.83 -2.73
C LYS M 40 -86.63 -91.21 -1.39
N GLU M 41 -86.23 -92.48 -1.22
CA GLU M 41 -85.51 -92.90 -0.02
C GLU M 41 -84.03 -93.08 -0.26
N GLU M 42 -83.65 -93.42 -1.50
CA GLU M 42 -82.28 -93.55 -1.97
C GLU M 42 -81.55 -94.72 -1.31
N TYR M 43 -82.20 -95.35 -0.34
CA TYR M 43 -81.66 -96.52 0.36
C TYR M 43 -82.79 -97.19 1.14
N VAL M 44 -83.02 -98.48 0.90
CA VAL M 44 -84.15 -99.18 1.52
C VAL M 44 -83.73 -100.59 1.88
N LYS M 45 -84.47 -101.17 2.83
CA LYS M 45 -84.34 -102.57 3.18
C LYS M 45 -85.29 -103.38 2.31
N ALA M 46 -84.85 -104.56 1.88
CA ALA M 46 -85.70 -105.42 1.07
C ALA M 46 -85.18 -106.85 1.15
N LYS M 47 -85.92 -107.76 0.53
CA LYS M 47 -85.55 -109.17 0.52
C LYS M 47 -85.29 -109.66 -0.89
N ALA M 58 -81.61 -109.30 -8.92
CA ALA M 58 -81.84 -109.87 -7.59
C ALA M 58 -83.22 -109.50 -7.07
N GLU M 59 -84.01 -110.51 -6.70
CA GLU M 59 -85.35 -110.25 -6.19
C GLU M 59 -85.28 -109.55 -4.84
N THR M 60 -85.87 -108.37 -4.75
CA THR M 60 -85.90 -107.57 -3.54
C THR M 60 -87.19 -106.77 -3.52
N GLU M 61 -87.95 -106.90 -2.44
CA GLU M 61 -89.25 -106.25 -2.32
C GLU M 61 -89.50 -105.89 -0.87
N ASN M 62 -89.98 -104.66 -0.64
CA ASN M 62 -90.50 -104.26 0.66
C ASN M 62 -91.75 -103.40 0.53
N GLY M 63 -92.41 -103.44 -0.62
CA GLY M 63 -93.48 -102.53 -0.94
C GLY M 63 -93.42 -102.14 -2.40
N LYS M 64 -92.33 -102.55 -3.05
CA LYS M 64 -92.13 -102.36 -4.47
C LYS M 64 -90.96 -103.26 -4.89
N THR M 65 -91.13 -103.94 -6.01
CA THR M 65 -90.15 -104.91 -6.47
C THR M 65 -89.11 -104.23 -7.35
N VAL M 66 -87.84 -104.54 -7.08
CA VAL M 66 -86.74 -104.08 -7.92
C VAL M 66 -85.71 -105.21 -8.03
N THR M 67 -85.12 -105.35 -9.20
CA THR M 67 -84.10 -106.37 -9.47
C THR M 67 -82.89 -105.67 -10.06
N ILE M 68 -81.82 -105.57 -9.26
CA ILE M 68 -80.64 -104.81 -9.64
C ILE M 68 -79.44 -105.74 -9.76
N LYS M 69 -78.29 -105.17 -10.11
CA LYS M 69 -77.06 -105.95 -10.22
C LYS M 69 -76.68 -106.53 -8.87
N GLU M 70 -75.98 -107.66 -8.91
CA GLU M 70 -75.56 -108.35 -7.71
C GLU M 70 -74.23 -107.82 -7.17
N ASP M 71 -73.85 -106.60 -7.52
CA ASP M 71 -72.64 -105.99 -7.00
C ASP M 71 -72.90 -104.55 -6.60
N GLN M 72 -74.10 -104.27 -6.07
CA GLN M 72 -74.41 -102.95 -5.55
C GLN M 72 -75.19 -103.02 -4.24
N VAL M 73 -75.55 -104.21 -3.78
CA VAL M 73 -76.35 -104.38 -2.57
C VAL M 73 -75.43 -104.32 -1.36
N MET M 74 -75.89 -103.61 -0.32
CA MET M 74 -75.15 -103.51 0.93
C MET M 74 -75.87 -104.32 2.00
N GLN M 75 -75.17 -105.30 2.57
CA GLN M 75 -75.73 -106.12 3.63
C GLN M 75 -76.08 -105.25 4.83
N GLN M 76 -77.34 -105.32 5.25
CA GLN M 76 -77.79 -104.50 6.37
C GLN M 76 -77.07 -104.91 7.65
N ASN M 77 -76.93 -103.95 8.56
CA ASN M 77 -76.24 -104.20 9.81
C ASN M 77 -76.91 -105.36 10.56
N PRO M 78 -76.14 -106.16 11.28
CA PRO M 78 -76.74 -107.24 12.05
C PRO M 78 -77.62 -106.68 13.15
N PRO M 79 -78.66 -107.41 13.55
CA PRO M 79 -79.55 -106.94 14.61
C PRO M 79 -78.90 -106.84 15.98
N LYS M 80 -77.62 -107.18 16.10
CA LYS M 80 -76.94 -107.00 17.38
C LYS M 80 -76.66 -105.53 17.65
N PHE M 81 -76.17 -104.81 16.65
CA PHE M 81 -75.78 -103.42 16.79
C PHE M 81 -76.83 -102.45 16.25
N ASP M 82 -78.10 -102.86 16.21
CA ASP M 82 -79.12 -102.07 15.53
C ASP M 82 -79.44 -100.75 16.24
N LYS M 83 -78.83 -100.46 17.39
CA LYS M 83 -79.12 -99.19 18.07
C LYS M 83 -77.86 -98.57 18.68
N ILE M 84 -76.67 -99.08 18.36
CA ILE M 84 -75.46 -98.58 18.99
C ILE M 84 -75.27 -97.11 18.67
N GLU M 85 -74.94 -96.33 19.68
CA GLU M 85 -74.67 -94.90 19.52
C GLU M 85 -73.28 -94.63 18.98
N ASP M 86 -72.57 -95.66 18.50
CA ASP M 86 -71.22 -95.52 17.96
C ASP M 86 -71.13 -96.43 16.74
N MET M 87 -71.23 -95.85 15.55
CA MET M 87 -71.19 -96.63 14.32
C MET M 87 -69.78 -97.02 13.90
N ALA M 88 -68.79 -96.85 14.79
CA ALA M 88 -67.42 -97.23 14.47
C ALA M 88 -67.14 -98.70 14.68
N MET M 89 -68.05 -99.44 15.32
CA MET M 89 -67.84 -100.85 15.64
C MET M 89 -68.62 -101.78 14.72
N LEU M 90 -69.33 -101.23 13.74
CA LEU M 90 -70.19 -102.02 12.88
C LEU M 90 -69.36 -102.85 11.91
N THR M 91 -69.86 -104.05 11.59
CA THR M 91 -69.20 -104.87 10.59
C THR M 91 -69.48 -104.37 9.18
N PHE M 92 -70.49 -103.54 9.00
CA PHE M 92 -70.94 -103.07 7.69
C PHE M 92 -70.90 -101.55 7.69
N LEU M 93 -69.74 -100.99 7.35
CA LEU M 93 -69.58 -99.54 7.28
C LEU M 93 -69.95 -99.08 5.87
N HIS M 94 -71.21 -98.71 5.68
CA HIS M 94 -71.65 -98.13 4.43
C HIS M 94 -72.67 -97.05 4.74
N GLU M 95 -73.00 -96.27 3.71
CA GLU M 95 -73.90 -95.14 3.83
C GLU M 95 -75.26 -95.52 4.42
N PRO M 96 -75.98 -96.49 3.85
CA PRO M 96 -77.31 -96.82 4.42
C PRO M 96 -77.21 -97.35 5.83
N ALA M 97 -76.12 -98.04 6.16
CA ALA M 97 -75.95 -98.58 7.50
C ALA M 97 -76.03 -97.47 8.55
N VAL M 98 -75.11 -96.51 8.47
CA VAL M 98 -75.11 -95.40 9.44
C VAL M 98 -76.36 -94.56 9.28
N LEU M 99 -76.87 -94.42 8.06
CA LEU M 99 -78.09 -93.66 7.84
C LEU M 99 -79.24 -94.20 8.69
N TYR M 100 -79.56 -95.48 8.53
CA TYR M 100 -80.66 -96.06 9.30
C TYR M 100 -80.30 -96.25 10.76
N ASN M 101 -79.01 -96.40 11.09
CA ASN M 101 -78.61 -96.38 12.48
C ASN M 101 -79.08 -95.11 13.16
N LEU M 102 -78.71 -93.95 12.58
CA LEU M 102 -79.15 -92.68 13.12
C LEU M 102 -80.66 -92.52 13.03
N LYS M 103 -81.26 -93.02 11.95
CA LYS M 103 -82.71 -92.88 11.78
C LYS M 103 -83.45 -93.57 12.92
N GLU M 104 -83.05 -94.79 13.25
CA GLU M 104 -83.67 -95.51 14.36
C GLU M 104 -83.37 -94.81 15.67
N ARG M 105 -82.10 -94.48 15.92
CA ARG M 105 -81.74 -93.87 17.19
C ARG M 105 -82.46 -92.54 17.40
N TYR M 106 -82.88 -91.88 16.32
CA TYR M 106 -83.69 -90.68 16.49
C TYR M 106 -85.16 -91.02 16.65
N ALA M 107 -85.65 -92.05 15.95
CA ALA M 107 -87.04 -92.44 16.07
C ALA M 107 -87.40 -92.79 17.51
N ALA M 108 -86.75 -93.83 18.05
CA ALA M 108 -86.79 -94.07 19.48
C ALA M 108 -85.92 -93.02 20.15
N TRP M 109 -86.55 -91.92 20.60
CA TRP M 109 -85.85 -90.65 20.75
C TRP M 109 -84.52 -90.78 21.48
N MET M 110 -83.43 -90.60 20.72
CA MET M 110 -82.07 -90.50 21.25
C MET M 110 -81.32 -89.60 20.27
N ILE M 111 -81.30 -88.30 20.55
CA ILE M 111 -80.71 -87.34 19.61
C ILE M 111 -79.20 -87.33 19.66
N TYR M 112 -78.59 -88.07 20.59
CA TYR M 112 -77.15 -88.03 20.79
C TYR M 112 -76.51 -89.31 20.28
N THR M 113 -75.34 -89.16 19.64
CA THR M 113 -74.66 -90.28 19.00
C THR M 113 -73.17 -89.96 18.95
N TYR M 114 -72.37 -91.01 18.86
CA TYR M 114 -70.94 -90.89 18.64
C TYR M 114 -70.59 -91.54 17.31
N SER M 115 -69.68 -90.91 16.56
CA SER M 115 -69.28 -91.41 15.24
C SER M 115 -67.76 -91.44 15.17
N GLY M 116 -67.15 -92.50 15.70
CA GLY M 116 -65.72 -92.68 15.61
C GLY M 116 -65.01 -91.70 16.50
N LEU M 117 -65.04 -90.42 16.12
CA LEU M 117 -64.59 -89.33 16.96
C LEU M 117 -65.55 -88.15 16.97
N PHE M 118 -66.50 -88.08 16.04
CA PHE M 118 -67.48 -87.01 16.02
C PHE M 118 -68.52 -87.21 17.10
N CYS M 119 -69.32 -86.17 17.33
CA CYS M 119 -70.41 -86.21 18.31
C CYS M 119 -71.65 -85.64 17.63
N VAL M 120 -72.38 -86.52 16.94
CA VAL M 120 -73.52 -86.08 16.14
C VAL M 120 -74.71 -85.85 17.05
N THR M 121 -75.25 -84.63 17.02
CA THR M 121 -76.49 -84.29 17.70
C THR M 121 -77.52 -83.89 16.67
N VAL M 122 -78.76 -84.30 16.90
CA VAL M 122 -79.86 -84.02 16.00
C VAL M 122 -80.84 -83.10 16.72
N ASN M 123 -81.38 -82.12 16.00
CA ASN M 123 -82.33 -81.21 16.61
C ASN M 123 -83.61 -81.95 16.92
N PRO M 124 -84.07 -81.95 18.18
CA PRO M 124 -85.26 -82.72 18.53
C PRO M 124 -86.56 -81.96 18.30
N TYR M 125 -86.49 -80.63 18.30
CA TYR M 125 -87.64 -79.73 18.15
C TYR M 125 -88.70 -79.94 19.22
N LYS M 126 -88.42 -80.74 20.23
CA LYS M 126 -89.34 -80.98 21.32
C LYS M 126 -88.59 -80.79 22.63
N TRP M 127 -89.08 -79.87 23.46
CA TRP M 127 -88.41 -79.58 24.72
C TRP M 127 -88.19 -80.86 25.52
N LEU M 128 -86.98 -81.02 26.03
CA LEU M 128 -86.60 -82.20 26.77
C LEU M 128 -85.80 -81.78 28.00
N PRO M 129 -85.99 -82.45 29.12
CA PRO M 129 -85.16 -82.17 30.29
C PRO M 129 -83.82 -82.86 30.23
N VAL M 130 -83.45 -83.33 29.03
CA VAL M 130 -82.20 -84.06 28.84
C VAL M 130 -80.98 -83.21 29.07
N TYR M 131 -81.14 -81.90 29.24
CA TYR M 131 -80.04 -81.01 29.61
C TYR M 131 -80.26 -80.33 30.96
N ASN M 132 -81.51 -79.97 31.27
CA ASN M 132 -81.85 -79.30 32.51
C ASN M 132 -82.82 -80.17 33.29
N ALA M 133 -82.57 -80.37 34.58
CA ALA M 133 -81.46 -79.73 35.28
C ALA M 133 -80.19 -80.57 35.30
N GLU M 134 -79.26 -80.19 36.18
CA GLU M 134 -77.96 -80.83 36.32
C GLU M 134 -78.05 -82.34 36.55
N VAL M 135 -79.24 -82.87 36.87
CA VAL M 135 -79.42 -84.30 37.05
C VAL M 135 -78.81 -85.09 35.90
N VAL M 136 -78.83 -84.52 34.69
CA VAL M 136 -78.16 -85.17 33.56
C VAL M 136 -76.71 -84.73 33.45
N ALA M 137 -76.33 -83.62 34.08
CA ALA M 137 -74.98 -83.08 33.98
C ALA M 137 -74.00 -83.76 34.92
N ALA M 138 -74.32 -84.97 35.39
CA ALA M 138 -73.46 -85.70 36.31
C ALA M 138 -72.20 -86.22 35.63
N TYR M 139 -71.97 -85.81 34.38
CA TYR M 139 -70.82 -86.30 33.61
C TYR M 139 -69.48 -85.90 34.22
N ARG M 140 -69.47 -85.11 35.29
CA ARG M 140 -68.21 -84.68 35.89
C ARG M 140 -67.41 -85.90 36.34
N GLY M 141 -66.14 -85.93 35.94
CA GLY M 141 -65.28 -87.07 36.25
C GLY M 141 -65.49 -88.23 35.29
N LYS M 142 -66.69 -88.35 34.75
CA LYS M 142 -67.01 -89.47 33.86
C LYS M 142 -66.29 -89.32 32.53
N LYS M 143 -65.99 -90.46 31.91
CA LYS M 143 -65.33 -90.50 30.62
C LYS M 143 -66.35 -90.66 29.50
N ARG M 144 -65.89 -90.40 28.28
CA ARG M 144 -66.74 -90.65 27.11
C ARG M 144 -67.02 -92.14 26.96
N SER M 145 -65.99 -92.97 27.11
CA SER M 145 -66.08 -94.40 26.83
C SER M 145 -67.01 -95.16 27.79
N GLU M 146 -67.49 -94.52 28.85
CA GLU M 146 -68.36 -95.18 29.81
C GLU M 146 -69.74 -94.54 29.89
N ALA M 147 -69.81 -93.22 30.00
CA ALA M 147 -71.07 -92.53 30.15
C ALA M 147 -71.79 -92.47 28.81
N PRO M 148 -73.08 -92.16 28.81
CA PRO M 148 -73.83 -92.01 27.56
C PRO M 148 -73.19 -90.97 26.65
N PRO M 149 -73.53 -90.95 25.36
CA PRO M 149 -72.82 -90.10 24.39
C PRO M 149 -73.38 -88.68 24.32
N HIS M 150 -73.09 -87.88 25.34
CA HIS M 150 -73.57 -86.51 25.36
C HIS M 150 -72.45 -85.52 25.07
N ILE M 151 -72.83 -84.38 24.50
CA ILE M 151 -71.87 -83.30 24.31
C ILE M 151 -71.35 -82.79 25.64
N PHE M 152 -72.13 -82.97 26.71
CA PHE M 152 -71.62 -82.65 28.04
C PHE M 152 -70.41 -83.49 28.36
N SER M 153 -70.37 -84.75 27.90
CA SER M 153 -69.20 -85.58 28.10
C SER M 153 -67.99 -84.97 27.40
N ILE M 154 -68.19 -84.37 26.23
CA ILE M 154 -67.08 -83.80 25.49
C ILE M 154 -66.62 -82.49 26.12
N SER M 155 -67.58 -81.66 26.55
CA SER M 155 -67.22 -80.45 27.28
C SER M 155 -66.42 -80.80 28.53
N ASP M 156 -66.87 -81.82 29.26
CA ASP M 156 -66.14 -82.27 30.44
C ASP M 156 -64.78 -82.83 30.07
N ASN M 157 -64.69 -83.55 28.95
CA ASN M 157 -63.40 -84.09 28.52
C ASN M 157 -62.42 -82.99 28.20
N ALA M 158 -62.88 -81.95 27.52
CA ALA M 158 -62.03 -80.79 27.26
C ALA M 158 -61.60 -80.14 28.57
N TYR M 159 -62.53 -80.00 29.52
CA TYR M 159 -62.19 -79.47 30.84
C TYR M 159 -61.08 -80.29 31.47
N GLN M 160 -61.26 -81.61 31.52
CA GLN M 160 -60.26 -82.50 32.11
C GLN M 160 -58.93 -82.38 31.40
N TYR M 161 -58.95 -82.34 30.07
CA TYR M 161 -57.69 -82.26 29.32
C TYR M 161 -56.98 -80.94 29.58
N MET M 162 -57.73 -79.87 29.74
CA MET M 162 -57.10 -78.59 30.10
C MET M 162 -56.47 -78.68 31.48
N LEU M 163 -57.16 -79.33 32.43
CA LEU M 163 -56.62 -79.40 33.78
C LEU M 163 -55.46 -80.37 33.92
N THR M 164 -55.35 -81.38 33.04
CA THR M 164 -54.28 -82.35 33.16
C THR M 164 -53.17 -82.19 32.14
N ASP M 165 -53.36 -81.34 31.13
CA ASP M 165 -52.41 -81.22 30.04
C ASP M 165 -51.92 -79.79 29.79
N ARG M 166 -52.63 -78.77 30.29
CA ARG M 166 -52.23 -77.38 30.13
C ARG M 166 -52.19 -76.97 28.66
N GLU M 167 -53.03 -77.62 27.85
CA GLU M 167 -53.10 -77.38 26.42
C GLU M 167 -54.52 -76.99 26.06
N ASN M 168 -54.68 -75.88 25.34
CA ASN M 168 -56.01 -75.39 25.00
C ASN M 168 -56.79 -76.43 24.21
N GLN M 169 -58.11 -76.30 24.25
CA GLN M 169 -59.01 -77.21 23.56
C GLN M 169 -59.90 -76.44 22.60
N SER M 170 -60.43 -77.15 21.61
CA SER M 170 -61.20 -76.52 20.56
C SER M 170 -62.46 -77.33 20.26
N ILE M 171 -63.56 -76.62 20.04
CA ILE M 171 -64.85 -77.22 19.70
C ILE M 171 -65.25 -76.69 18.33
N LEU M 172 -65.24 -77.56 17.33
CA LEU M 172 -65.61 -77.20 15.96
C LEU M 172 -67.02 -77.70 15.71
N ILE M 173 -67.98 -76.78 15.78
CA ILE M 173 -69.39 -77.10 15.61
C ILE M 173 -69.82 -76.71 14.19
N THR M 174 -70.53 -77.62 13.52
CA THR M 174 -71.01 -77.39 12.16
C THR M 174 -72.02 -76.24 12.12
N GLY M 175 -71.82 -75.31 11.19
CA GLY M 175 -72.53 -74.04 11.24
C GLY M 175 -73.54 -73.70 10.16
N GLU M 176 -73.49 -74.35 9.00
CA GLU M 176 -74.44 -74.00 7.94
C GLU M 176 -75.84 -74.49 8.25
N SER M 177 -75.98 -75.37 9.24
CA SER M 177 -77.30 -75.77 9.69
C SER M 177 -77.98 -74.61 10.41
N GLY M 178 -79.22 -74.32 10.01
CA GLY M 178 -79.93 -73.18 10.56
C GLY M 178 -80.15 -73.25 12.05
N ALA M 179 -80.54 -74.43 12.54
CA ALA M 179 -80.77 -74.65 13.96
C ALA M 179 -79.94 -75.83 14.43
N GLY M 180 -79.95 -76.06 15.73
CA GLY M 180 -79.14 -77.11 16.32
C GLY M 180 -77.77 -76.63 16.76
N LYS M 181 -77.13 -75.82 15.91
CA LYS M 181 -75.81 -75.29 16.26
C LYS M 181 -75.91 -74.22 17.34
N THR M 182 -76.82 -73.27 17.16
CA THR M 182 -76.94 -72.15 18.08
C THR M 182 -77.36 -72.62 19.46
N VAL M 183 -78.39 -73.48 19.52
CA VAL M 183 -78.84 -74.01 20.80
C VAL M 183 -77.73 -74.80 21.47
N ASN M 184 -76.93 -75.54 20.69
CA ASN M 184 -75.84 -76.29 21.27
C ASN M 184 -74.76 -75.37 21.83
N THR M 185 -74.49 -74.26 21.14
CA THR M 185 -73.55 -73.28 21.67
C THR M 185 -74.03 -72.72 22.99
N LYS M 186 -75.31 -72.34 23.05
CA LYS M 186 -75.89 -71.87 24.31
C LYS M 186 -75.74 -72.92 25.40
N ARG M 187 -76.02 -74.18 25.07
CA ARG M 187 -75.98 -75.22 26.09
C ARG M 187 -74.56 -75.49 26.56
N VAL M 188 -73.58 -75.40 25.66
CA VAL M 188 -72.21 -75.68 26.10
C VAL M 188 -71.63 -74.51 26.89
N ILE M 189 -71.98 -73.26 26.57
CA ILE M 189 -71.50 -72.18 27.41
C ILE M 189 -72.19 -72.21 28.76
N GLN M 190 -73.47 -72.58 28.79
CA GLN M 190 -74.17 -72.79 30.05
C GLN M 190 -73.50 -73.88 30.88
N TYR M 191 -73.15 -75.00 30.23
CA TYR M 191 -72.51 -76.09 30.95
C TYR M 191 -71.16 -75.68 31.50
N PHE M 192 -70.38 -74.95 30.70
CA PHE M 192 -69.06 -74.51 31.17
C PHE M 192 -69.17 -73.51 32.31
N ALA M 193 -70.22 -72.68 32.30
CA ALA M 193 -70.49 -71.86 33.47
C ALA M 193 -70.86 -72.71 34.67
N SER M 194 -71.65 -73.76 34.43
CA SER M 194 -72.15 -74.60 35.52
C SER M 194 -71.01 -75.32 36.23
N ILE M 195 -70.21 -76.07 35.48
CA ILE M 195 -69.18 -76.90 36.11
C ILE M 195 -68.13 -76.04 36.79
N ALA M 196 -67.46 -75.18 36.03
CA ALA M 196 -66.41 -74.32 36.57
C ALA M 196 -66.94 -72.94 36.96
N ALA M 197 -67.92 -72.91 37.86
CA ALA M 197 -68.51 -71.64 38.28
C ALA M 197 -67.55 -70.85 39.15
N GLY M 212 -75.29 -60.69 34.89
CA GLY M 212 -73.93 -60.26 34.60
C GLY M 212 -72.99 -61.42 34.41
N THR M 213 -73.52 -62.55 33.97
CA THR M 213 -72.73 -63.74 33.74
C THR M 213 -72.22 -63.77 32.31
N LEU M 214 -71.21 -64.62 32.07
CA LEU M 214 -70.61 -64.71 30.74
C LEU M 214 -71.65 -65.10 29.69
N GLU M 215 -72.61 -65.95 30.06
CA GLU M 215 -73.64 -66.34 29.10
C GLU M 215 -74.54 -65.15 28.77
N ASP M 216 -75.07 -64.49 29.80
CA ASP M 216 -75.83 -63.26 29.59
C ASP M 216 -75.05 -62.28 28.74
N GLN M 217 -73.83 -61.96 29.17
CA GLN M 217 -73.01 -60.98 28.46
C GLN M 217 -72.83 -61.36 26.99
N ILE M 218 -72.54 -62.63 26.73
CA ILE M 218 -72.29 -63.07 25.36
C ILE M 218 -73.53 -62.92 24.51
N ILE M 219 -74.69 -63.31 25.04
CA ILE M 219 -75.91 -63.20 24.24
C ILE M 219 -76.47 -61.78 24.20
N GLN M 220 -75.93 -60.86 25.00
CA GLN M 220 -76.45 -59.50 24.97
C GLN M 220 -76.10 -58.80 23.66
N ALA M 221 -74.80 -58.67 23.37
CA ALA M 221 -74.34 -57.92 22.22
C ALA M 221 -74.41 -58.71 20.91
N ASN M 222 -75.07 -59.86 20.91
CA ASN M 222 -75.14 -60.67 19.68
C ASN M 222 -75.87 -59.99 18.53
N PRO M 223 -76.96 -59.20 18.74
CA PRO M 223 -77.61 -58.55 17.60
C PRO M 223 -76.68 -57.77 16.68
N ALA M 224 -75.57 -57.25 17.21
CA ALA M 224 -74.59 -56.60 16.36
C ALA M 224 -74.06 -57.56 15.32
N LEU M 225 -73.52 -58.71 15.75
CA LEU M 225 -73.05 -59.72 14.80
C LEU M 225 -74.18 -60.22 13.92
N GLU M 226 -75.39 -60.36 14.47
CA GLU M 226 -76.49 -60.85 13.65
C GLU M 226 -76.77 -59.92 12.49
N ALA M 227 -76.75 -58.61 12.75
CA ALA M 227 -77.02 -57.64 11.68
C ALA M 227 -75.84 -57.45 10.75
N PHE M 228 -74.61 -57.62 11.24
CA PHE M 228 -73.45 -57.29 10.42
C PHE M 228 -72.90 -58.47 9.64
N GLY M 229 -72.93 -59.68 10.19
CA GLY M 229 -72.30 -60.80 9.52
C GLY M 229 -73.27 -61.90 9.12
N ASN M 230 -74.53 -61.57 8.87
CA ASN M 230 -75.50 -62.53 8.41
C ASN M 230 -76.30 -61.92 7.27
N ALA M 231 -76.56 -62.73 6.24
CA ALA M 231 -77.25 -62.25 5.05
C ALA M 231 -78.17 -63.34 4.53
N LYS M 232 -79.16 -62.91 3.74
CA LYS M 232 -80.08 -63.85 3.10
C LYS M 232 -79.35 -64.69 2.06
N THR M 233 -79.29 -65.99 2.31
CA THR M 233 -78.63 -66.94 1.44
C THR M 233 -79.68 -67.65 0.59
N VAL M 234 -79.23 -68.27 -0.51
CA VAL M 234 -80.13 -69.04 -1.35
C VAL M 234 -80.71 -70.22 -0.59
N ARG M 235 -79.91 -70.86 0.26
CA ARG M 235 -80.31 -72.04 1.02
C ARG M 235 -80.44 -71.74 2.51
N ASN M 236 -80.83 -70.52 2.86
CA ASN M 236 -80.93 -70.10 4.25
C ASN M 236 -81.59 -68.73 4.28
N ASP M 237 -81.83 -68.22 5.48
CA ASP M 237 -82.26 -66.85 5.68
C ASP M 237 -81.58 -66.18 6.85
N ASN M 238 -80.75 -66.89 7.61
CA ASN M 238 -79.92 -66.30 8.65
C ASN M 238 -78.63 -67.13 8.61
N SER M 239 -77.64 -66.62 7.89
CA SER M 239 -76.45 -67.39 7.55
C SER M 239 -75.21 -66.73 8.14
N SER M 240 -74.47 -67.49 8.94
CA SER M 240 -73.22 -67.00 9.52
C SER M 240 -72.19 -66.89 8.41
N ARG M 241 -71.91 -65.66 7.98
CA ARG M 241 -71.01 -65.40 6.87
C ARG M 241 -69.60 -65.06 7.34
N PHE M 242 -69.17 -65.63 8.45
CA PHE M 242 -67.80 -65.45 8.94
C PHE M 242 -67.48 -66.58 9.91
N GLY M 243 -66.37 -66.45 10.60
CA GLY M 243 -65.98 -67.43 11.59
C GLY M 243 -65.92 -66.86 12.98
N LYS M 244 -66.71 -67.41 13.89
CA LYS M 244 -66.78 -66.94 15.27
C LYS M 244 -66.06 -67.93 16.16
N PHE M 245 -64.99 -67.47 16.81
CA PHE M 245 -64.13 -68.33 17.63
C PHE M 245 -64.22 -67.82 19.06
N ILE M 246 -65.25 -68.27 19.78
CA ILE M 246 -65.51 -67.80 21.13
C ILE M 246 -64.54 -68.47 22.08
N ARG M 247 -63.71 -67.68 22.74
CA ARG M 247 -62.72 -68.17 23.68
C ARG M 247 -63.24 -67.95 25.09
N ILE M 248 -63.57 -69.04 25.78
CA ILE M 248 -63.94 -69.00 27.20
C ILE M 248 -62.68 -69.29 28.01
N HIS M 249 -62.12 -68.25 28.61
CA HIS M 249 -60.84 -68.36 29.29
C HIS M 249 -61.01 -68.87 30.71
N PHE M 250 -60.03 -69.64 31.17
CA PHE M 250 -60.07 -70.27 32.48
C PHE M 250 -58.85 -69.86 33.29
N GLY M 251 -59.04 -69.86 34.61
CA GLY M 251 -57.99 -69.45 35.52
C GLY M 251 -56.79 -70.38 35.49
N ALA M 252 -55.84 -70.09 36.37
CA ALA M 252 -54.62 -70.89 36.45
C ALA M 252 -54.93 -72.34 36.78
N THR M 253 -55.92 -72.56 37.63
CA THR M 253 -56.25 -73.90 38.10
C THR M 253 -57.47 -74.50 37.40
N GLY M 254 -58.26 -73.69 36.70
CA GLY M 254 -59.48 -74.19 36.10
C GLY M 254 -60.70 -73.43 36.55
N LYS M 255 -60.51 -72.19 36.96
CA LYS M 255 -61.61 -71.32 37.36
C LYS M 255 -62.03 -70.45 36.18
N LEU M 256 -63.35 -70.29 36.03
CA LEU M 256 -63.88 -69.50 34.93
C LEU M 256 -63.36 -68.07 35.00
N ALA M 257 -62.84 -67.60 33.88
CA ALA M 257 -62.38 -66.23 33.72
C ALA M 257 -63.24 -65.56 32.64
N SER M 258 -62.84 -64.36 32.24
CA SER M 258 -63.54 -63.66 31.17
C SER M 258 -63.53 -64.48 29.88
N ALA M 259 -64.34 -64.04 28.93
CA ALA M 259 -64.44 -64.71 27.64
C ALA M 259 -64.48 -63.67 26.54
N ASP M 260 -63.50 -63.72 25.65
CA ASP M 260 -63.43 -62.82 24.50
C ASP M 260 -63.86 -63.54 23.23
N ILE M 261 -64.42 -62.79 22.29
CA ILE M 261 -64.85 -63.32 21.01
C ILE M 261 -63.83 -62.89 19.96
N GLU M 262 -63.49 -63.81 19.05
CA GLU M 262 -62.55 -63.55 17.98
C GLU M 262 -63.18 -63.96 16.65
N THR M 263 -63.16 -63.05 15.69
CA THR M 263 -63.73 -63.29 14.38
C THR M 263 -62.63 -63.62 13.39
N TYR M 264 -62.98 -64.44 12.40
CA TYR M 264 -62.04 -64.83 11.35
C TYR M 264 -62.67 -64.51 10.00
N LEU M 265 -62.07 -65.06 8.94
CA LEU M 265 -62.34 -64.66 7.57
C LEU M 265 -63.82 -64.39 7.31
N LEU M 266 -64.11 -63.20 6.81
CA LEU M 266 -65.47 -62.74 6.59
C LEU M 266 -65.69 -62.53 5.10
N GLU M 267 -66.85 -62.97 4.62
CA GLU M 267 -67.18 -62.86 3.19
C GLU M 267 -67.47 -61.40 2.88
N LYS M 268 -66.39 -60.64 2.69
CA LYS M 268 -66.51 -59.22 2.42
C LYS M 268 -66.93 -58.92 0.99
N SER M 269 -66.81 -59.89 0.09
CA SER M 269 -67.21 -59.66 -1.30
C SER M 269 -68.70 -59.34 -1.43
N ARG M 270 -69.50 -59.69 -0.42
CA ARG M 270 -70.93 -59.48 -0.50
C ARG M 270 -71.29 -58.01 -0.32
N VAL M 271 -70.43 -57.24 0.33
CA VAL M 271 -70.73 -55.85 0.68
C VAL M 271 -71.05 -55.04 -0.58
N ILE M 272 -70.62 -55.53 -1.73
CA ILE M 272 -70.84 -54.85 -3.01
C ILE M 272 -71.71 -55.69 -3.93
N PHE M 273 -71.38 -56.96 -4.10
CA PHE M 273 -72.00 -57.81 -5.11
C PHE M 273 -72.79 -58.90 -4.44
N GLN M 274 -74.06 -59.04 -4.82
CA GLN M 274 -74.91 -60.13 -4.38
C GLN M 274 -75.50 -60.81 -5.60
N LEU M 275 -75.60 -62.14 -5.54
CA LEU M 275 -76.19 -62.87 -6.65
C LEU M 275 -77.68 -62.53 -6.75
N LYS M 276 -78.28 -62.99 -7.84
CA LYS M 276 -79.72 -62.87 -7.97
C LYS M 276 -80.40 -63.81 -6.98
N ALA M 277 -81.49 -63.34 -6.38
CA ALA M 277 -82.23 -64.06 -5.34
C ALA M 277 -81.38 -64.22 -4.07
N GLU M 278 -80.57 -63.22 -3.78
CA GLU M 278 -79.92 -63.07 -2.49
C GLU M 278 -79.76 -61.58 -2.20
N ARG M 279 -79.26 -61.28 -1.00
CA ARG M 279 -79.00 -59.90 -0.62
C ARG M 279 -77.96 -59.89 0.48
N ASN M 280 -77.31 -58.73 0.63
CA ASN M 280 -76.16 -58.63 1.53
C ASN M 280 -76.66 -58.59 2.98
N TYR M 281 -75.73 -58.26 3.88
CA TYR M 281 -75.98 -58.37 5.31
C TYR M 281 -77.24 -57.61 5.72
N HIS M 282 -77.91 -58.16 6.74
CA HIS M 282 -79.24 -57.67 7.12
C HIS M 282 -79.23 -56.19 7.45
N ILE M 283 -78.14 -55.70 8.05
CA ILE M 283 -78.12 -54.35 8.63
C ILE M 283 -78.57 -53.30 7.64
N PHE M 284 -78.26 -53.49 6.36
CA PHE M 284 -78.64 -52.48 5.36
C PHE M 284 -80.14 -52.32 5.29
N TYR M 285 -80.87 -53.43 5.11
CA TYR M 285 -82.32 -53.34 5.03
C TYR M 285 -82.95 -53.08 6.39
N GLN M 286 -82.31 -53.56 7.46
CA GLN M 286 -82.75 -53.19 8.81
C GLN M 286 -82.81 -51.67 8.95
N ILE M 287 -81.73 -50.99 8.55
CA ILE M 287 -81.72 -49.54 8.57
C ILE M 287 -82.74 -48.97 7.60
N LEU M 288 -82.81 -49.54 6.40
CA LEU M 288 -83.63 -48.97 5.34
C LEU M 288 -85.10 -49.32 5.45
N SER M 289 -85.52 -49.96 6.55
CA SER M 289 -86.93 -50.21 6.80
C SER M 289 -87.67 -48.97 7.30
N ASN M 290 -87.01 -47.81 7.34
CA ASN M 290 -87.63 -46.55 7.74
C ASN M 290 -88.21 -46.64 9.15
N LYS M 291 -87.58 -47.43 10.01
CA LYS M 291 -88.10 -47.59 11.37
C LYS M 291 -87.80 -46.37 12.22
N LYS M 292 -86.58 -45.84 12.13
CA LYS M 292 -86.17 -44.62 12.84
C LYS M 292 -85.94 -43.54 11.80
N PRO M 293 -86.97 -42.75 11.47
CA PRO M 293 -86.80 -41.67 10.49
C PRO M 293 -85.69 -40.69 10.87
N GLU M 294 -85.29 -40.69 12.14
CA GLU M 294 -84.11 -39.93 12.56
C GLU M 294 -82.89 -40.35 11.74
N LEU M 295 -82.68 -41.65 11.59
CA LEU M 295 -81.51 -42.14 10.86
C LEU M 295 -81.62 -41.79 9.38
N LEU M 296 -82.72 -42.17 8.75
CA LEU M 296 -82.92 -41.92 7.32
C LEU M 296 -83.07 -40.42 7.04
N ASP M 297 -83.05 -39.61 8.11
CA ASP M 297 -82.92 -38.17 7.96
C ASP M 297 -81.47 -37.73 8.13
N MET M 298 -80.71 -38.44 8.96
CA MET M 298 -79.32 -38.07 9.18
C MET M 298 -78.44 -38.47 8.01
N LEU M 299 -78.70 -39.63 7.40
CA LEU M 299 -77.85 -40.17 6.35
C LEU M 299 -78.29 -39.74 4.95
N LEU M 300 -79.08 -38.66 4.85
CA LEU M 300 -79.49 -38.11 3.55
C LEU M 300 -80.02 -39.17 2.61
N VAL M 301 -80.67 -40.19 3.17
CA VAL M 301 -80.98 -41.41 2.43
C VAL M 301 -82.50 -41.60 2.41
N THR M 302 -83.02 -41.99 1.25
CA THR M 302 -84.43 -42.33 1.10
C THR M 302 -84.64 -43.76 1.58
N ASN M 303 -85.82 -44.33 1.29
CA ASN M 303 -86.13 -45.67 1.74
C ASN M 303 -86.25 -46.70 0.63
N ASN M 304 -86.36 -46.26 -0.62
CA ASN M 304 -86.51 -47.18 -1.74
C ASN M 304 -85.21 -47.94 -1.96
N PRO M 305 -85.17 -49.25 -1.78
CA PRO M 305 -83.91 -49.98 -1.93
C PRO M 305 -83.41 -50.04 -3.36
N TYR M 306 -84.30 -49.90 -4.35
CA TYR M 306 -83.89 -49.99 -5.75
C TYR M 306 -83.21 -48.73 -6.25
N ASP M 307 -82.83 -47.82 -5.36
CA ASP M 307 -82.09 -46.63 -5.73
C ASP M 307 -80.60 -46.73 -5.45
N TYR M 308 -80.16 -47.80 -4.81
CA TYR M 308 -78.77 -47.96 -4.39
C TYR M 308 -78.24 -49.29 -4.93
N ALA M 309 -77.29 -49.20 -5.86
CA ALA M 309 -76.85 -50.39 -6.59
C ALA M 309 -76.14 -51.40 -5.70
N PHE M 310 -75.55 -50.94 -4.60
CA PHE M 310 -74.85 -51.86 -3.71
C PHE M 310 -75.79 -52.77 -2.94
N VAL M 311 -77.09 -52.48 -2.92
CA VAL M 311 -78.05 -53.32 -2.23
C VAL M 311 -79.16 -53.84 -3.14
N SER M 312 -79.41 -53.21 -4.28
CA SER M 312 -80.52 -53.57 -5.16
C SER M 312 -80.10 -54.55 -6.24
N GLN M 313 -79.11 -55.39 -5.98
CA GLN M 313 -78.67 -56.33 -7.00
C GLN M 313 -79.59 -57.52 -7.10
N GLY M 314 -79.86 -58.18 -5.97
CA GLY M 314 -80.72 -59.35 -5.97
C GLY M 314 -82.15 -59.02 -5.58
N GLU M 315 -82.55 -59.39 -4.38
CA GLU M 315 -83.87 -59.10 -3.85
C GLU M 315 -83.73 -58.21 -2.62
N VAL M 316 -84.61 -57.22 -2.50
CA VAL M 316 -84.45 -56.22 -1.45
C VAL M 316 -84.93 -56.70 -0.08
N SER M 317 -85.81 -57.69 -0.03
CA SER M 317 -86.34 -58.12 1.26
C SER M 317 -86.95 -59.51 1.13
N VAL M 318 -86.83 -60.27 2.21
CA VAL M 318 -87.46 -61.58 2.32
C VAL M 318 -88.67 -61.42 3.24
N ALA M 319 -89.70 -62.21 2.98
CA ALA M 319 -90.92 -62.18 3.79
C ALA M 319 -90.80 -62.98 5.07
N SER M 320 -89.68 -63.66 5.30
CA SER M 320 -89.51 -64.53 6.45
C SER M 320 -88.91 -63.82 7.65
N ILE M 321 -88.83 -62.49 7.61
CA ILE M 321 -88.32 -61.72 8.74
C ILE M 321 -88.67 -60.24 8.57
N ASP M 322 -88.90 -59.56 9.68
CA ASP M 322 -89.05 -58.12 9.71
C ASP M 322 -87.68 -57.45 9.80
N ASP M 323 -87.62 -56.18 9.45
CA ASP M 323 -86.41 -55.38 9.62
C ASP M 323 -86.52 -54.37 10.75
N SER M 324 -87.73 -53.91 11.09
CA SER M 324 -87.89 -52.87 12.10
C SER M 324 -87.58 -53.39 13.50
N GLU M 325 -88.16 -54.54 13.85
CA GLU M 325 -87.91 -55.07 15.19
C GLU M 325 -86.46 -55.51 15.35
N GLU M 326 -85.84 -56.01 14.28
CA GLU M 326 -84.42 -56.33 14.37
C GLU M 326 -83.58 -55.06 14.48
N LEU M 327 -84.00 -53.98 13.82
CA LEU M 327 -83.33 -52.70 14.03
C LEU M 327 -83.42 -52.27 15.49
N LEU M 328 -84.59 -52.46 16.11
CA LEU M 328 -84.72 -52.16 17.53
C LEU M 328 -83.81 -53.05 18.37
N ALA M 329 -83.70 -54.32 18.01
CA ALA M 329 -82.79 -55.22 18.73
C ALA M 329 -81.36 -54.75 18.62
N THR M 330 -80.95 -54.27 17.44
CA THR M 330 -79.59 -53.79 17.26
C THR M 330 -79.37 -52.48 17.99
N ASP M 331 -80.39 -51.62 18.04
CA ASP M 331 -80.28 -50.40 18.84
C ASP M 331 -80.06 -50.74 20.30
N SER M 332 -80.92 -51.61 20.85
CA SER M 332 -80.74 -52.05 22.23
C SER M 332 -79.40 -52.73 22.43
N ALA M 333 -78.86 -53.37 21.38
CA ALA M 333 -77.54 -53.98 21.48
C ALA M 333 -76.47 -52.91 21.63
N PHE M 334 -76.54 -51.86 20.81
CA PHE M 334 -75.59 -50.75 20.95
C PHE M 334 -75.73 -50.09 22.32
N ASP M 335 -76.94 -50.07 22.86
CA ASP M 335 -77.14 -49.48 24.18
C ASP M 335 -76.51 -50.34 25.27
N VAL M 336 -76.83 -51.65 25.29
CA VAL M 336 -76.19 -52.53 26.27
C VAL M 336 -74.70 -52.63 26.00
N LEU M 337 -74.30 -52.46 24.74
CA LEU M 337 -72.89 -52.31 24.44
C LEU M 337 -72.38 -50.99 25.02
N SER M 338 -71.07 -50.90 25.17
CA SER M 338 -70.53 -49.67 25.75
C SER M 338 -70.59 -48.48 24.81
N PHE M 339 -71.28 -48.59 23.66
CA PHE M 339 -71.31 -47.51 22.69
C PHE M 339 -72.04 -46.30 23.25
N THR M 340 -71.54 -45.12 22.90
CA THR M 340 -72.17 -43.86 23.24
C THR M 340 -73.10 -43.45 22.10
N ALA M 341 -73.57 -42.20 22.13
CA ALA M 341 -74.35 -41.68 21.01
C ALA M 341 -73.49 -41.54 19.76
N GLU M 342 -72.23 -41.15 19.92
CA GLU M 342 -71.35 -40.97 18.77
C GLU M 342 -70.93 -42.30 18.17
N GLU M 343 -70.62 -43.29 19.02
CA GLU M 343 -70.23 -44.60 18.52
C GLU M 343 -71.39 -45.36 17.88
N LYS M 344 -72.54 -44.71 17.73
CA LYS M 344 -73.70 -45.28 17.06
C LYS M 344 -74.09 -44.48 15.84
N ALA M 345 -74.15 -43.15 15.97
CA ALA M 345 -74.38 -42.30 14.82
C ALA M 345 -73.26 -42.45 13.81
N GLY M 346 -72.03 -42.62 14.28
CA GLY M 346 -70.92 -42.85 13.37
C GLY M 346 -71.08 -44.13 12.57
N VAL M 347 -71.51 -45.20 13.23
CA VAL M 347 -71.70 -46.47 12.54
C VAL M 347 -72.80 -46.34 11.49
N TYR M 348 -73.91 -45.70 11.87
CA TYR M 348 -74.98 -45.49 10.90
C TYR M 348 -74.51 -44.63 9.72
N LYS M 349 -73.69 -43.63 10.00
CA LYS M 349 -73.16 -42.78 8.94
C LYS M 349 -72.25 -43.58 8.01
N LEU M 350 -71.42 -44.46 8.57
CA LEU M 350 -70.54 -45.28 7.74
C LEU M 350 -71.34 -46.20 6.85
N THR M 351 -72.39 -46.81 7.39
CA THR M 351 -73.22 -47.67 6.54
C THR M 351 -73.93 -46.86 5.46
N GLY M 352 -74.38 -45.66 5.79
CA GLY M 352 -74.98 -44.80 4.78
C GLY M 352 -73.99 -44.44 3.69
N ALA M 353 -72.73 -44.20 4.06
CA ALA M 353 -71.71 -43.90 3.07
C ALA M 353 -71.41 -45.11 2.20
N ILE M 354 -71.41 -46.30 2.81
CA ILE M 354 -71.21 -47.52 2.03
C ILE M 354 -72.34 -47.69 1.03
N MET M 355 -73.55 -47.25 1.37
CA MET M 355 -74.62 -47.29 0.37
C MET M 355 -74.45 -46.19 -0.67
N HIS M 356 -73.97 -45.01 -0.27
CA HIS M 356 -73.86 -43.91 -1.22
C HIS M 356 -72.75 -44.13 -2.24
N TYR M 357 -71.72 -44.88 -1.88
CA TYR M 357 -70.68 -45.22 -2.85
C TYR M 357 -71.25 -45.90 -4.09
N GLY M 358 -72.28 -46.72 -3.92
CA GLY M 358 -72.75 -47.58 -5.00
C GLY M 358 -73.20 -46.84 -6.24
N ASN M 359 -73.60 -45.59 -6.12
CA ASN M 359 -74.13 -44.85 -7.25
C ASN M 359 -73.38 -43.54 -7.44
N MET M 360 -72.06 -43.59 -7.38
CA MET M 360 -71.24 -42.51 -7.90
C MET M 360 -70.94 -42.80 -9.36
N LYS M 361 -70.83 -41.75 -10.16
CA LYS M 361 -70.75 -41.91 -11.60
C LYS M 361 -69.55 -41.16 -12.17
N PHE M 362 -68.85 -41.84 -13.08
CA PHE M 362 -67.68 -41.27 -13.74
C PHE M 362 -67.76 -41.57 -15.22
N LYS M 363 -67.22 -40.66 -16.02
CA LYS M 363 -67.23 -40.79 -17.46
C LYS M 363 -65.83 -40.54 -18.01
N GLN M 364 -65.48 -41.26 -19.07
CA GLN M 364 -64.22 -41.02 -19.75
C GLN M 364 -64.18 -39.58 -20.24
N LYS M 365 -63.10 -38.88 -19.91
CA LYS M 365 -62.95 -37.51 -20.36
C LYS M 365 -63.07 -37.44 -21.87
N GLN M 366 -63.62 -36.33 -22.35
CA GLN M 366 -63.88 -36.19 -23.78
C GLN M 366 -62.58 -36.26 -24.55
N ARG M 367 -62.48 -37.28 -25.41
CA ARG M 367 -61.54 -37.44 -26.49
C ARG M 367 -60.16 -37.98 -26.07
N GLU M 368 -59.85 -38.19 -24.79
CA GLU M 368 -58.58 -38.87 -24.61
C GLU M 368 -58.62 -40.22 -23.91
N GLU M 369 -58.71 -40.27 -22.58
CA GLU M 369 -58.96 -41.55 -21.91
C GLU M 369 -59.59 -41.40 -20.53
N GLN M 370 -59.42 -40.24 -19.91
CA GLN M 370 -59.37 -40.16 -18.46
C GLN M 370 -60.76 -40.21 -17.83
N ALA M 371 -60.86 -40.98 -16.75
CA ALA M 371 -62.11 -41.02 -15.99
C ALA M 371 -62.27 -39.74 -15.19
N GLU M 372 -63.39 -39.06 -15.42
CA GLU M 372 -63.74 -37.86 -14.68
C GLU M 372 -65.17 -37.98 -14.18
N PRO M 373 -65.52 -37.29 -13.10
CA PRO M 373 -66.86 -37.42 -12.55
C PRO M 373 -67.87 -36.57 -13.31
N ASP M 374 -69.10 -37.07 -13.38
CA ASP M 374 -70.23 -36.34 -13.94
C ASP M 374 -71.31 -36.29 -12.86
N GLY M 375 -71.50 -35.12 -12.26
CA GLY M 375 -72.43 -35.00 -11.16
C GLY M 375 -71.79 -35.49 -9.87
N THR M 376 -71.98 -34.75 -8.78
CA THR M 376 -71.31 -35.03 -7.52
C THR M 376 -72.30 -35.17 -6.37
N GLU M 377 -73.55 -35.55 -6.65
CA GLU M 377 -74.57 -35.62 -5.61
C GLU M 377 -74.17 -36.60 -4.52
N ASP M 378 -74.05 -37.88 -4.88
CA ASP M 378 -73.61 -38.87 -3.91
C ASP M 378 -72.20 -38.59 -3.43
N ALA M 379 -71.40 -37.92 -4.26
CA ALA M 379 -70.07 -37.49 -3.83
C ALA M 379 -70.16 -36.57 -2.62
N ASP M 380 -70.94 -35.49 -2.74
CA ASP M 380 -71.10 -34.57 -1.61
C ASP M 380 -71.74 -35.26 -0.42
N LYS M 381 -72.74 -36.10 -0.67
CA LYS M 381 -73.38 -36.83 0.42
C LYS M 381 -72.36 -37.64 1.22
N SER M 382 -71.61 -38.51 0.53
CA SER M 382 -70.66 -39.36 1.22
C SER M 382 -69.52 -38.56 1.84
N ALA M 383 -69.11 -37.47 1.17
CA ALA M 383 -68.05 -36.63 1.72
C ALA M 383 -68.47 -35.99 3.04
N TYR M 384 -69.70 -35.48 3.10
CA TYR M 384 -70.20 -34.95 4.35
C TYR M 384 -70.34 -36.05 5.39
N LEU M 385 -70.80 -37.23 4.98
CA LEU M 385 -71.04 -38.31 5.93
C LEU M 385 -69.73 -38.75 6.60
N MET M 386 -68.77 -39.22 5.80
CA MET M 386 -67.54 -39.72 6.39
C MET M 386 -66.67 -38.62 6.96
N GLY M 387 -66.95 -37.37 6.63
CA GLY M 387 -66.17 -36.27 7.18
C GLY M 387 -64.95 -35.95 6.35
N LEU M 388 -65.14 -35.79 5.05
CA LEU M 388 -64.05 -35.43 4.16
C LEU M 388 -64.44 -34.23 3.30
N ASN M 389 -63.61 -33.91 2.32
CA ASN M 389 -63.94 -32.90 1.33
C ASN M 389 -64.44 -33.59 0.07
N SER M 390 -65.26 -32.89 -0.71
CA SER M 390 -65.82 -33.49 -1.91
C SER M 390 -64.88 -33.39 -3.08
N ALA M 391 -64.35 -32.20 -3.34
CA ALA M 391 -63.38 -32.04 -4.43
C ALA M 391 -62.12 -32.87 -4.16
N ASP M 392 -61.67 -32.88 -2.91
CA ASP M 392 -60.49 -33.68 -2.56
C ASP M 392 -60.75 -35.16 -2.79
N LEU M 393 -61.94 -35.64 -2.43
CA LEU M 393 -62.25 -37.05 -2.62
C LEU M 393 -62.33 -37.40 -4.09
N LEU M 394 -63.01 -36.57 -4.89
CA LEU M 394 -63.08 -36.85 -6.32
C LEU M 394 -61.70 -36.83 -6.96
N LYS M 395 -60.86 -35.87 -6.58
CA LYS M 395 -59.52 -35.80 -7.14
C LYS M 395 -58.69 -37.03 -6.73
N GLY M 396 -58.76 -37.43 -5.47
CA GLY M 396 -58.05 -38.61 -5.04
C GLY M 396 -58.58 -39.89 -5.64
N LEU M 397 -59.83 -39.89 -6.10
CA LEU M 397 -60.37 -41.07 -6.76
C LEU M 397 -59.97 -41.12 -8.22
N CYS M 398 -59.90 -39.95 -8.87
CA CYS M 398 -59.54 -39.87 -10.31
C CYS M 398 -58.03 -39.70 -10.49
N HIS M 399 -57.35 -39.13 -9.50
CA HIS M 399 -55.88 -38.91 -9.61
C HIS M 399 -55.15 -39.47 -8.39
N PRO M 400 -55.01 -40.80 -8.24
CA PRO M 400 -54.31 -41.38 -7.09
C PRO M 400 -52.80 -41.11 -7.21
N GLN M 401 -52.17 -40.67 -6.12
CA GLN M 401 -50.71 -40.36 -6.11
C GLN M 401 -49.93 -41.60 -5.68
N VAL M 402 -48.62 -41.63 -5.99
CA VAL M 402 -47.73 -42.77 -5.62
C VAL M 402 -46.34 -42.20 -5.29
N LYS M 403 -45.60 -42.91 -4.43
CA LYS M 403 -44.24 -42.44 -4.04
C LYS M 403 -43.19 -43.18 -4.88
N VAL M 404 -42.51 -42.46 -5.78
CA VAL M 404 -41.49 -43.04 -6.64
C VAL M 404 -40.14 -42.69 -6.03
N GLY M 405 -39.65 -43.57 -5.16
CA GLY M 405 -38.35 -43.39 -4.55
C GLY M 405 -38.36 -42.32 -3.48
N ASN M 406 -38.45 -41.06 -3.90
CA ASN M 406 -38.51 -39.95 -2.97
C ASN M 406 -39.48 -38.86 -3.39
N GLU M 407 -40.20 -39.04 -4.48
CA GLU M 407 -41.07 -38.02 -5.04
C GLU M 407 -42.46 -38.63 -5.23
N TYR M 408 -43.50 -37.79 -5.43
CA TYR M 408 -44.89 -38.26 -5.72
C TYR M 408 -45.27 -37.86 -7.16
N VAL M 409 -45.97 -38.75 -7.87
CA VAL M 409 -46.42 -38.56 -9.24
C VAL M 409 -47.83 -39.07 -9.37
N THR M 410 -48.66 -38.32 -10.09
CA THR M 410 -50.04 -38.72 -10.33
C THR M 410 -50.09 -39.96 -11.20
N LYS M 411 -51.01 -40.86 -10.89
CA LYS M 411 -51.26 -42.05 -11.68
C LYS M 411 -52.62 -41.94 -12.35
N GLY M 412 -52.68 -42.31 -13.63
CA GLY M 412 -53.94 -42.23 -14.34
C GLY M 412 -54.90 -43.33 -13.97
N GLN M 413 -56.20 -43.07 -14.20
CA GLN M 413 -57.23 -44.01 -13.82
C GLN M 413 -58.33 -44.02 -14.85
N SER M 414 -58.67 -45.21 -15.35
CA SER M 414 -59.81 -45.38 -16.23
C SER M 414 -61.08 -45.50 -15.40
N VAL M 415 -62.23 -45.61 -16.06
CA VAL M 415 -63.50 -45.70 -15.36
C VAL M 415 -63.56 -47.00 -14.55
N GLN M 416 -63.28 -48.13 -15.20
CA GLN M 416 -63.34 -49.41 -14.51
C GLN M 416 -62.37 -49.45 -13.34
N GLN M 417 -61.22 -48.80 -13.48
CA GLN M 417 -60.28 -48.74 -12.36
C GLN M 417 -60.87 -47.96 -11.20
N VAL M 418 -61.55 -46.85 -11.50
CA VAL M 418 -62.21 -46.08 -10.44
C VAL M 418 -63.24 -46.92 -9.74
N TYR M 419 -64.03 -47.68 -10.49
CA TYR M 419 -65.07 -48.51 -9.88
C TYR M 419 -64.46 -49.59 -9.00
N TYR M 420 -63.41 -50.26 -9.48
CA TYR M 420 -62.73 -51.24 -8.65
C TYR M 420 -62.22 -50.62 -7.36
N SER M 421 -61.66 -49.41 -7.45
CA SER M 421 -61.14 -48.77 -6.25
C SER M 421 -62.26 -48.44 -5.27
N ILE M 422 -63.39 -47.96 -5.80
CA ILE M 422 -64.53 -47.65 -4.93
C ILE M 422 -64.99 -48.91 -4.19
N GLY M 423 -65.13 -50.01 -4.92
CA GLY M 423 -65.52 -51.25 -4.27
C GLY M 423 -64.53 -51.68 -3.21
N ALA M 424 -63.24 -51.55 -3.50
CA ALA M 424 -62.22 -51.93 -2.53
C ALA M 424 -62.32 -51.08 -1.28
N LEU M 425 -62.57 -49.78 -1.45
CA LEU M 425 -62.72 -48.89 -0.31
C LEU M 425 -63.91 -49.28 0.54
N ALA M 426 -65.04 -49.58 -0.11
CA ALA M 426 -66.23 -49.99 0.64
C ALA M 426 -65.96 -51.26 1.44
N LYS M 427 -65.34 -52.26 0.79
CA LYS M 427 -65.06 -53.52 1.50
C LYS M 427 -64.12 -53.30 2.68
N SER M 428 -63.08 -52.49 2.48
CA SER M 428 -62.13 -52.23 3.55
C SER M 428 -62.82 -51.53 4.73
N VAL M 429 -63.64 -50.52 4.43
CA VAL M 429 -64.35 -49.81 5.49
C VAL M 429 -65.24 -50.77 6.27
N TYR M 430 -66.01 -51.59 5.56
CA TYR M 430 -66.92 -52.50 6.24
C TYR M 430 -66.16 -53.47 7.14
N GLU M 431 -65.09 -54.06 6.64
CA GLU M 431 -64.37 -55.02 7.46
C GLU M 431 -63.72 -54.34 8.66
N LYS M 432 -63.18 -53.13 8.48
CA LYS M 432 -62.58 -52.42 9.60
C LYS M 432 -63.60 -52.13 10.67
N MET M 433 -64.79 -51.67 10.27
CA MET M 433 -65.86 -51.40 11.23
C MET M 433 -66.26 -52.66 11.97
N PHE M 434 -66.41 -53.76 11.24
CA PHE M 434 -66.75 -55.03 11.88
C PHE M 434 -65.72 -55.40 12.95
N ASN M 435 -64.44 -55.37 12.59
CA ASN M 435 -63.42 -55.78 13.54
C ASN M 435 -63.36 -54.84 14.73
N TRP M 436 -63.56 -53.54 14.52
CA TRP M 436 -63.56 -52.61 15.63
C TRP M 436 -64.71 -52.89 16.58
N MET M 437 -65.89 -53.19 16.03
CA MET M 437 -67.03 -53.52 16.88
C MET M 437 -66.77 -54.79 17.68
N VAL M 438 -66.12 -55.77 17.06
CA VAL M 438 -65.80 -56.99 17.80
C VAL M 438 -64.80 -56.71 18.91
N THR M 439 -63.85 -55.81 18.67
CA THR M 439 -62.93 -55.41 19.74
C THR M 439 -63.68 -54.71 20.87
N ARG M 440 -64.67 -53.88 20.52
CA ARG M 440 -65.47 -53.22 21.55
C ARG M 440 -66.24 -54.23 22.38
N ILE M 441 -66.76 -55.28 21.73
CA ILE M 441 -67.46 -56.33 22.47
C ILE M 441 -66.48 -57.05 23.39
N ASN M 442 -65.30 -57.40 22.88
CA ASN M 442 -64.28 -58.01 23.72
C ASN M 442 -63.95 -57.14 24.92
N ALA M 443 -63.92 -55.82 24.73
CA ALA M 443 -63.60 -54.92 25.83
C ALA M 443 -64.72 -54.91 26.87
N THR M 444 -65.96 -54.67 26.44
CA THR M 444 -67.06 -54.53 27.38
C THR M 444 -67.38 -55.87 28.06
N LEU M 445 -66.97 -56.98 27.46
CA LEU M 445 -67.24 -58.29 28.03
C LEU M 445 -66.03 -58.91 28.72
N GLU M 446 -65.03 -58.11 29.04
CA GLU M 446 -63.82 -58.64 29.66
C GLU M 446 -63.45 -57.79 30.88
N THR M 447 -63.41 -58.45 32.04
CA THR M 447 -62.79 -57.88 33.24
C THR M 447 -62.47 -59.04 34.18
N LYS M 448 -61.19 -59.39 34.27
CA LYS M 448 -60.82 -60.57 35.04
C LYS M 448 -59.31 -60.58 35.26
N GLN M 449 -58.90 -61.31 36.30
CA GLN M 449 -57.51 -61.57 36.65
C GLN M 449 -56.77 -62.20 35.47
N PRO M 450 -55.44 -62.09 35.42
CA PRO M 450 -54.69 -62.71 34.33
C PRO M 450 -54.79 -64.22 34.33
N ARG M 451 -55.48 -64.78 33.35
CA ARG M 451 -55.77 -66.20 33.29
C ARG M 451 -54.89 -66.88 32.24
N GLN M 452 -54.84 -68.20 32.30
CA GLN M 452 -53.91 -68.99 31.50
C GLN M 452 -54.56 -69.62 30.27
N TYR M 453 -55.59 -70.44 30.47
CA TYR M 453 -56.07 -71.33 29.44
C TYR M 453 -57.50 -71.00 29.06
N PHE M 454 -57.94 -71.60 27.96
CA PHE M 454 -59.27 -71.35 27.43
C PHE M 454 -59.70 -72.53 26.58
N ILE M 455 -60.98 -72.53 26.22
CA ILE M 455 -61.56 -73.53 25.34
C ILE M 455 -62.01 -72.83 24.07
N GLY M 456 -61.75 -73.45 22.92
CA GLY M 456 -62.11 -72.87 21.65
C GLY M 456 -63.45 -73.36 21.16
N VAL M 457 -64.32 -72.42 20.83
CA VAL M 457 -65.62 -72.72 20.24
C VAL M 457 -65.63 -72.10 18.84
N LEU M 458 -65.55 -72.95 17.83
CA LEU M 458 -65.36 -72.48 16.46
C LEU M 458 -66.68 -72.61 15.72
N ASP M 459 -67.27 -71.48 15.35
CA ASP M 459 -68.44 -71.43 14.50
C ASP M 459 -68.01 -70.96 13.12
N ILE M 460 -68.42 -71.71 12.08
CA ILE M 460 -68.02 -71.42 10.72
C ILE M 460 -68.95 -72.17 9.79
N ALA M 461 -69.12 -71.64 8.58
CA ALA M 461 -69.88 -72.35 7.56
C ALA M 461 -69.18 -73.65 7.17
N GLY M 462 -69.95 -74.56 6.59
CA GLY M 462 -69.46 -75.85 6.16
C GLY M 462 -69.37 -75.93 4.65
N PHE M 463 -69.20 -77.16 4.17
CA PHE M 463 -69.12 -77.41 2.74
C PHE M 463 -70.44 -77.04 2.07
N GLU M 464 -70.38 -76.71 0.79
CA GLU M 464 -71.55 -76.37 0.01
C GLU M 464 -71.53 -77.05 -1.34
N ILE M 465 -72.68 -77.56 -1.75
CA ILE M 465 -72.89 -78.04 -3.12
C ILE M 465 -74.23 -77.51 -3.59
N PHE M 466 -74.21 -76.42 -4.34
CA PHE M 466 -75.44 -75.81 -4.81
C PHE M 466 -75.70 -76.22 -6.26
N ASP M 467 -76.74 -75.63 -6.84
CA ASP M 467 -76.99 -75.79 -8.27
C ASP M 467 -76.14 -74.87 -9.12
N PHE M 468 -75.63 -73.77 -8.54
CA PHE M 468 -74.80 -72.82 -9.26
C PHE M 468 -73.71 -72.36 -8.30
N ASN M 469 -72.52 -72.94 -8.42
CA ASN M 469 -71.40 -72.63 -7.56
C ASN M 469 -70.50 -71.59 -8.21
N SER M 470 -69.93 -70.72 -7.39
CA SER M 470 -69.20 -69.57 -7.87
C SER M 470 -67.97 -69.37 -6.97
N PHE M 471 -67.37 -68.18 -7.07
CA PHE M 471 -66.12 -67.91 -6.37
C PHE M 471 -66.27 -68.09 -4.86
N GLU M 472 -67.33 -67.53 -4.29
CA GLU M 472 -67.52 -67.62 -2.85
C GLU M 472 -67.64 -69.06 -2.39
N GLN M 473 -68.40 -69.87 -3.14
CA GLN M 473 -68.51 -71.28 -2.81
C GLN M 473 -67.16 -71.96 -2.89
N LEU M 474 -66.33 -71.56 -3.85
CA LEU M 474 -65.00 -72.14 -3.95
C LEU M 474 -64.17 -71.82 -2.73
N CYS M 475 -64.21 -70.58 -2.27
CA CYS M 475 -63.44 -70.21 -1.08
C CYS M 475 -63.93 -70.97 0.14
N ILE M 476 -65.25 -71.08 0.30
CA ILE M 476 -65.80 -71.78 1.46
C ILE M 476 -65.40 -73.26 1.43
N ASN M 477 -65.51 -73.90 0.27
CA ASN M 477 -65.11 -75.29 0.16
C ASN M 477 -63.62 -75.47 0.40
N PHE M 478 -62.80 -74.49 0.01
CA PHE M 478 -61.38 -74.57 0.30
C PHE M 478 -61.12 -74.55 1.80
N THR M 479 -61.76 -73.61 2.50
CA THR M 479 -61.63 -73.56 3.96
C THR M 479 -62.06 -74.89 4.58
N ASN M 480 -63.15 -75.47 4.09
CA ASN M 480 -63.63 -76.71 4.68
C ASN M 480 -62.72 -77.87 4.33
N GLU M 481 -62.11 -77.88 3.15
CA GLU M 481 -61.06 -78.85 2.85
C GLU M 481 -59.95 -78.75 3.87
N LYS M 482 -59.56 -77.54 4.23
CA LYS M 482 -58.50 -77.36 5.21
C LYS M 482 -58.91 -77.92 6.57
N LEU M 483 -60.12 -77.56 7.03
CA LEU M 483 -60.59 -78.06 8.32
C LEU M 483 -60.70 -79.57 8.33
N GLN M 484 -61.19 -80.16 7.23
CA GLN M 484 -61.34 -81.60 7.15
C GLN M 484 -59.99 -82.28 7.16
N GLN M 485 -59.00 -81.70 6.51
CA GLN M 485 -57.64 -82.25 6.59
C GLN M 485 -57.13 -82.16 8.02
N PHE M 486 -57.46 -81.08 8.72
CA PHE M 486 -57.07 -80.96 10.13
C PHE M 486 -57.66 -82.11 10.95
N PHE M 487 -58.97 -82.35 10.79
CA PHE M 487 -59.61 -83.44 11.51
C PHE M 487 -59.00 -84.78 11.14
N ASN M 488 -58.70 -84.99 9.86
CA ASN M 488 -58.11 -86.25 9.43
C ASN M 488 -56.75 -86.45 10.06
N HIS M 489 -55.96 -85.39 10.18
CA HIS M 489 -54.66 -85.51 10.82
C HIS M 489 -54.80 -85.88 12.28
N HIS M 490 -55.72 -85.20 12.98
CA HIS M 490 -55.96 -85.53 14.38
C HIS M 490 -56.36 -86.98 14.57
N MET M 491 -57.36 -87.43 13.80
CA MET M 491 -57.81 -88.80 13.93
C MET M 491 -56.73 -89.79 13.54
N PHE M 492 -55.91 -89.45 12.54
CA PHE M 492 -54.83 -90.35 12.15
C PHE M 492 -53.84 -90.52 13.29
N VAL M 493 -53.41 -89.42 13.90
CA VAL M 493 -52.41 -89.56 14.96
C VAL M 493 -53.02 -90.28 16.16
N LEU M 494 -54.33 -90.10 16.39
CA LEU M 494 -54.99 -90.86 17.46
C LEU M 494 -54.92 -92.36 17.20
N GLU M 495 -55.34 -92.79 16.00
CA GLU M 495 -55.34 -94.21 15.70
C GLU M 495 -53.93 -94.78 15.72
N GLN M 496 -52.96 -94.02 15.22
CA GLN M 496 -51.58 -94.50 15.22
C GLN M 496 -51.06 -94.67 16.64
N GLU M 497 -51.38 -93.70 17.51
CA GLU M 497 -51.04 -93.84 18.94
C GLU M 497 -51.65 -95.10 19.53
N GLU M 498 -52.96 -95.29 19.31
CA GLU M 498 -53.63 -96.46 19.88
C GLU M 498 -53.00 -97.76 19.38
N TYR M 499 -52.55 -97.78 18.13
CA TYR M 499 -51.88 -98.98 17.63
C TYR M 499 -50.54 -99.19 18.32
N LYS M 500 -49.75 -98.13 18.49
CA LYS M 500 -48.51 -98.29 19.25
C LYS M 500 -48.78 -98.63 20.71
N LYS M 501 -50.01 -98.44 21.18
CA LYS M 501 -50.34 -98.75 22.57
C LYS M 501 -50.61 -100.23 22.77
N GLU M 502 -51.37 -100.84 21.85
CA GLU M 502 -51.68 -102.26 21.92
C GLU M 502 -50.62 -103.13 21.26
N GLY M 503 -49.48 -102.55 20.91
CA GLY M 503 -48.40 -103.30 20.29
C GLY M 503 -48.74 -103.84 18.92
N ILE M 504 -49.85 -103.36 18.35
CA ILE M 504 -50.28 -103.83 17.03
C ILE M 504 -49.38 -103.18 15.98
N GLU M 505 -48.49 -103.96 15.39
CA GLU M 505 -47.59 -103.46 14.35
C GLU M 505 -48.38 -103.32 13.06
N TRP M 506 -48.70 -102.07 12.71
CA TRP M 506 -49.47 -101.80 11.50
C TRP M 506 -49.25 -100.33 11.15
N GLU M 507 -48.61 -100.09 10.01
CA GLU M 507 -48.31 -98.73 9.56
C GLU M 507 -48.92 -98.52 8.18
N PHE M 508 -49.46 -97.33 7.97
CA PHE M 508 -50.18 -97.01 6.74
C PHE M 508 -49.84 -95.58 6.34
N ILE M 509 -50.03 -95.30 5.05
CA ILE M 509 -49.84 -93.94 4.55
C ILE M 509 -50.73 -92.99 5.32
N ASP M 510 -50.18 -91.81 5.65
CA ASP M 510 -50.83 -90.86 6.54
C ASP M 510 -52.29 -90.63 6.16
N PHE M 511 -53.19 -91.02 7.05
CA PHE M 511 -54.62 -90.80 6.87
C PHE M 511 -55.02 -89.37 7.14
N GLY M 512 -54.06 -88.48 7.38
CA GLY M 512 -54.38 -87.12 7.75
C GLY M 512 -54.40 -86.14 6.60
N MET M 513 -53.31 -86.09 5.84
CA MET M 513 -53.16 -85.07 4.81
C MET M 513 -53.11 -85.63 3.40
N ASP M 514 -52.55 -86.82 3.19
CA ASP M 514 -52.32 -87.31 1.83
C ASP M 514 -53.60 -87.55 1.05
N LEU M 515 -54.75 -87.23 1.62
CA LEU M 515 -56.01 -87.29 0.90
C LEU M 515 -56.31 -85.97 0.20
N GLN M 516 -56.23 -84.86 0.94
CA GLN M 516 -56.58 -83.56 0.40
C GLN M 516 -55.36 -82.77 -0.08
N ALA M 517 -54.15 -83.13 0.34
CA ALA M 517 -52.95 -82.44 -0.11
C ALA M 517 -52.85 -82.44 -1.63
N CYS M 518 -53.53 -83.37 -2.30
CA CYS M 518 -53.64 -83.34 -3.75
C CYS M 518 -54.85 -82.57 -4.22
N ILE M 519 -55.81 -82.30 -3.34
CA ILE M 519 -56.98 -81.49 -3.69
C ILE M 519 -56.66 -80.08 -3.20
N ASP M 520 -55.38 -79.83 -2.93
CA ASP M 520 -54.89 -78.50 -2.62
C ASP M 520 -54.18 -77.88 -3.80
N LEU M 521 -54.70 -78.14 -5.01
CA LEU M 521 -54.36 -77.31 -6.16
C LEU M 521 -54.59 -75.85 -5.84
N ILE M 522 -55.70 -75.57 -5.15
CA ILE M 522 -56.19 -74.21 -4.98
C ILE M 522 -55.17 -73.28 -4.33
N GLU M 523 -54.18 -73.83 -3.64
CA GLU M 523 -53.19 -72.99 -2.98
C GLU M 523 -51.79 -73.13 -3.55
N LYS M 524 -51.41 -74.30 -4.05
CA LYS M 524 -50.08 -74.49 -4.61
C LYS M 524 -49.84 -73.48 -5.73
N PRO M 525 -48.62 -72.96 -5.88
CA PRO M 525 -48.44 -71.80 -6.77
C PRO M 525 -48.47 -72.13 -8.25
N MET M 526 -49.37 -73.00 -8.67
CA MET M 526 -49.81 -73.01 -10.05
C MET M 526 -51.30 -73.33 -10.17
N GLY M 527 -52.00 -73.49 -9.06
CA GLY M 527 -53.38 -73.93 -9.09
C GLY M 527 -54.34 -72.84 -9.48
N ILE M 528 -55.58 -73.00 -9.04
CA ILE M 528 -56.66 -72.13 -9.51
C ILE M 528 -56.46 -70.71 -9.03
N MET M 529 -56.09 -70.54 -7.76
CA MET M 529 -56.02 -69.20 -7.19
C MET M 529 -54.86 -68.40 -7.78
N SER M 530 -53.69 -69.03 -7.92
CA SER M 530 -52.57 -68.34 -8.54
C SER M 530 -52.88 -67.97 -9.98
N ILE M 531 -53.55 -68.86 -10.70
CA ILE M 531 -53.95 -68.55 -12.07
C ILE M 531 -54.92 -67.38 -12.09
N LEU M 532 -55.85 -67.34 -11.14
CA LEU M 532 -56.83 -66.26 -11.12
C LEU M 532 -56.15 -64.92 -10.80
N GLU M 533 -55.16 -64.93 -9.92
CA GLU M 533 -54.43 -63.70 -9.64
C GLU M 533 -53.64 -63.24 -10.86
N GLU M 534 -52.93 -64.18 -11.50
CA GLU M 534 -52.24 -63.88 -12.74
C GLU M 534 -53.18 -63.24 -13.75
N GLU M 535 -54.36 -63.81 -13.91
CA GLU M 535 -55.33 -63.25 -14.85
C GLU M 535 -55.88 -61.92 -14.37
N CYS M 536 -55.88 -61.66 -13.06
CA CYS M 536 -56.28 -60.34 -12.59
C CYS M 536 -55.22 -59.29 -12.92
N MET M 537 -53.96 -59.71 -13.05
CA MET M 537 -52.90 -58.77 -13.39
C MET M 537 -52.72 -58.56 -14.88
N PHE M 538 -53.01 -59.56 -15.69
CA PHE M 538 -52.64 -59.54 -17.09
C PHE M 538 -53.52 -58.60 -17.91
N PRO M 539 -52.96 -57.94 -18.92
CA PRO M 539 -53.75 -57.02 -19.74
C PRO M 539 -54.86 -57.73 -20.50
N LYS M 540 -56.01 -57.06 -20.60
CA LYS M 540 -57.13 -57.47 -21.44
C LYS M 540 -57.61 -58.88 -21.12
N ALA M 541 -57.27 -59.42 -19.96
CA ALA M 541 -57.72 -60.75 -19.60
C ALA M 541 -59.22 -60.76 -19.41
N SER M 542 -59.84 -61.87 -19.80
CA SER M 542 -61.29 -62.05 -19.70
C SER M 542 -61.57 -63.41 -19.10
N ASP M 543 -62.85 -63.77 -19.04
CA ASP M 543 -63.23 -65.06 -18.48
C ASP M 543 -62.86 -66.21 -19.41
N MET M 544 -62.93 -65.98 -20.72
CA MET M 544 -62.55 -67.02 -21.66
C MET M 544 -61.07 -67.35 -21.56
N THR M 545 -60.22 -66.33 -21.44
CA THR M 545 -58.79 -66.56 -21.28
C THR M 545 -58.50 -67.25 -19.96
N PHE M 546 -59.24 -66.90 -18.91
CA PHE M 546 -59.08 -67.58 -17.63
C PHE M 546 -59.40 -69.06 -17.75
N LYS M 547 -60.50 -69.38 -18.43
CA LYS M 547 -60.87 -70.78 -18.63
C LYS M 547 -59.81 -71.50 -19.46
N ALA M 548 -59.32 -70.85 -20.51
CA ALA M 548 -58.28 -71.46 -21.34
C ALA M 548 -57.04 -71.77 -20.51
N LYS M 549 -56.61 -70.82 -19.68
CA LYS M 549 -55.43 -71.05 -18.85
C LYS M 549 -55.65 -72.21 -17.89
N LEU M 550 -56.82 -72.24 -17.25
CA LEU M 550 -57.16 -73.35 -16.37
C LEU M 550 -57.01 -74.68 -17.10
N TYR M 551 -57.57 -74.77 -18.30
CA TYR M 551 -57.52 -76.02 -19.04
C TYR M 551 -56.10 -76.39 -19.42
N ASP M 552 -55.33 -75.42 -19.91
CA ASP M 552 -53.96 -75.72 -20.33
C ASP M 552 -53.11 -76.18 -19.15
N ASN M 553 -53.33 -75.65 -17.96
CA ASN M 553 -52.50 -76.06 -16.85
C ASN M 553 -53.00 -77.32 -16.15
N HIS M 554 -54.28 -77.63 -16.24
CA HIS M 554 -54.73 -78.71 -15.38
C HIS M 554 -55.48 -79.82 -16.11
N LEU M 555 -56.26 -79.50 -17.14
CA LEU M 555 -57.08 -80.50 -17.80
C LEU M 555 -56.21 -81.60 -18.40
N GLY M 556 -56.34 -82.82 -17.87
CA GLY M 556 -55.54 -83.93 -18.30
C GLY M 556 -54.29 -84.15 -17.49
N LYS M 557 -53.73 -83.10 -16.89
CA LYS M 557 -52.51 -83.22 -16.11
C LYS M 557 -52.78 -83.47 -14.63
N SER M 558 -54.02 -83.29 -14.18
CA SER M 558 -54.42 -83.61 -12.82
C SER M 558 -55.61 -84.53 -12.85
N ASN M 559 -55.79 -85.32 -11.79
CA ASN M 559 -56.90 -86.26 -11.74
C ASN M 559 -58.11 -85.70 -11.01
N ASN M 560 -57.90 -84.80 -10.05
CA ASN M 560 -59.03 -84.17 -9.37
C ASN M 560 -59.67 -83.09 -10.22
N PHE M 561 -58.92 -82.51 -11.14
CA PHE M 561 -59.46 -81.51 -12.06
C PHE M 561 -60.12 -82.23 -13.22
N GLN M 562 -61.42 -82.00 -13.42
CA GLN M 562 -62.14 -82.67 -14.47
C GLN M 562 -63.05 -81.69 -15.19
N LYS M 563 -63.30 -81.98 -16.45
CA LYS M 563 -64.23 -81.18 -17.24
C LYS M 563 -65.66 -81.58 -16.88
N PRO M 564 -66.55 -80.62 -16.67
CA PRO M 564 -67.91 -80.96 -16.24
C PRO M 564 -68.69 -81.60 -17.37
N ARG M 565 -69.64 -82.45 -16.98
CA ARG M 565 -70.57 -83.06 -17.93
C ARG M 565 -71.80 -82.16 -18.02
N ASN M 566 -71.72 -81.17 -18.90
CA ASN M 566 -72.76 -80.16 -19.05
C ASN M 566 -73.87 -80.73 -19.94
N VAL M 567 -75.04 -80.93 -19.36
CA VAL M 567 -76.20 -81.44 -20.07
C VAL M 567 -77.17 -80.30 -20.29
N LYS M 568 -77.65 -80.16 -21.53
CA LYS M 568 -78.57 -79.09 -21.89
C LYS M 568 -79.87 -79.25 -21.10
N GLY M 569 -80.27 -78.20 -20.40
CA GLY M 569 -81.40 -78.26 -19.51
C GLY M 569 -80.99 -77.96 -18.08
N LYS M 570 -79.69 -77.99 -17.82
CA LYS M 570 -79.13 -77.69 -16.52
C LYS M 570 -78.11 -76.56 -16.66
N GLN M 571 -77.80 -75.93 -15.53
CA GLN M 571 -76.85 -74.82 -15.52
C GLN M 571 -75.49 -75.29 -16.01
N GLU M 572 -74.83 -74.42 -16.79
CA GLU M 572 -73.55 -74.78 -17.38
C GLU M 572 -72.41 -74.54 -16.39
N ALA M 573 -71.60 -75.57 -16.20
CA ALA M 573 -70.39 -75.46 -15.42
C ALA M 573 -69.18 -75.32 -16.35
N HIS M 574 -68.04 -75.00 -15.77
CA HIS M 574 -66.82 -74.83 -16.54
C HIS M 574 -65.71 -75.79 -16.15
N PHE M 575 -65.64 -76.19 -14.89
CA PHE M 575 -64.70 -77.24 -14.47
C PHE M 575 -65.24 -77.85 -13.20
N SER M 576 -64.67 -78.99 -12.82
CA SER M 576 -65.15 -79.76 -11.69
C SER M 576 -63.98 -80.20 -10.82
N LEU M 577 -64.12 -79.99 -9.52
CA LEU M 577 -63.11 -80.36 -8.54
C LEU M 577 -63.61 -81.55 -7.73
N VAL M 578 -62.73 -82.53 -7.54
CA VAL M 578 -63.09 -83.74 -6.78
C VAL M 578 -62.75 -83.46 -5.33
N HIS M 579 -63.73 -82.93 -4.60
CA HIS M 579 -63.54 -82.62 -3.20
C HIS M 579 -63.69 -83.87 -2.35
N TYR M 580 -63.47 -83.74 -1.04
CA TYR M 580 -63.76 -84.83 -0.13
C TYR M 580 -65.25 -85.11 -0.02
N ALA M 581 -66.07 -84.07 -0.20
CA ALA M 581 -67.52 -84.19 -0.13
C ALA M 581 -68.16 -84.30 -1.50
N GLY M 582 -67.48 -84.92 -2.46
CA GLY M 582 -68.00 -85.12 -3.79
C GLY M 582 -67.29 -84.27 -4.82
N THR M 583 -67.84 -84.30 -6.04
CA THR M 583 -67.30 -83.55 -7.16
C THR M 583 -68.21 -82.38 -7.45
N VAL M 584 -67.71 -81.17 -7.21
CA VAL M 584 -68.51 -79.95 -7.33
C VAL M 584 -68.20 -79.30 -8.67
N ASP M 585 -69.21 -78.68 -9.26
CA ASP M 585 -69.09 -78.03 -10.56
C ASP M 585 -69.18 -76.53 -10.38
N TYR M 586 -68.21 -75.82 -10.95
CA TYR M 586 -68.10 -74.38 -10.76
C TYR M 586 -68.34 -73.65 -12.08
N ASN M 587 -68.89 -72.44 -11.97
CA ASN M 587 -69.15 -71.58 -13.12
C ASN M 587 -68.39 -70.28 -12.91
N ILE M 588 -67.32 -70.09 -13.68
CA ILE M 588 -66.36 -69.02 -13.42
C ILE M 588 -66.80 -67.66 -13.92
N MET M 589 -68.01 -67.53 -14.48
CA MET M 589 -68.42 -66.25 -15.05
C MET M 589 -68.38 -65.13 -14.03
N GLY M 590 -67.46 -64.19 -14.21
CA GLY M 590 -67.37 -63.01 -13.36
C GLY M 590 -66.32 -63.05 -12.28
N TRP M 591 -65.47 -64.08 -12.25
CA TRP M 591 -64.49 -64.18 -11.17
C TRP M 591 -63.45 -63.08 -11.24
N LEU M 592 -63.15 -62.58 -12.44
CA LEU M 592 -62.15 -61.54 -12.58
C LEU M 592 -62.56 -60.28 -11.82
N GLU M 593 -63.76 -59.76 -12.10
CA GLU M 593 -64.21 -58.57 -11.42
C GLU M 593 -64.37 -58.80 -9.92
N LYS M 594 -64.70 -60.03 -9.51
CA LYS M 594 -64.91 -60.31 -8.11
C LYS M 594 -63.62 -60.48 -7.33
N ASN M 595 -62.52 -60.81 -8.00
CA ASN M 595 -61.26 -61.00 -7.30
C ASN M 595 -60.44 -59.72 -7.16
N LYS M 596 -60.67 -58.73 -8.01
CA LYS M 596 -59.88 -57.51 -7.96
C LYS M 596 -60.15 -56.74 -6.67
N ASP M 597 -59.10 -56.14 -6.12
CA ASP M 597 -59.22 -55.43 -4.86
C ASP M 597 -58.16 -54.33 -4.77
N PRO M 598 -58.14 -53.37 -5.69
CA PRO M 598 -57.11 -52.34 -5.65
C PRO M 598 -57.45 -51.23 -4.67
N LEU M 599 -56.71 -51.17 -3.56
CA LEU M 599 -56.90 -50.13 -2.58
C LEU M 599 -56.25 -48.84 -3.02
N ASN M 600 -56.94 -47.72 -2.80
CA ASN M 600 -56.48 -46.40 -3.23
C ASN M 600 -55.92 -45.69 -2.00
N GLU M 601 -54.59 -45.73 -1.85
CA GLU M 601 -53.96 -45.22 -0.64
C GLU M 601 -54.15 -43.73 -0.46
N THR M 602 -54.39 -42.98 -1.53
CA THR M 602 -54.67 -41.56 -1.39
C THR M 602 -55.97 -41.35 -0.63
N VAL M 603 -57.01 -42.10 -0.99
CA VAL M 603 -58.28 -41.95 -0.29
C VAL M 603 -58.17 -42.45 1.15
N VAL M 604 -57.35 -43.46 1.39
CA VAL M 604 -57.14 -43.93 2.76
C VAL M 604 -56.45 -42.85 3.58
N GLY M 605 -55.47 -42.16 2.98
CA GLY M 605 -54.87 -41.03 3.65
C GLY M 605 -55.85 -39.92 3.92
N LEU M 606 -56.80 -39.71 3.00
CA LEU M 606 -57.89 -38.76 3.28
C LEU M 606 -58.70 -39.22 4.48
N TYR M 607 -59.02 -40.51 4.55
CA TYR M 607 -59.77 -41.06 5.67
C TYR M 607 -59.06 -40.78 6.98
N GLN M 608 -57.74 -40.99 7.00
CA GLN M 608 -56.97 -40.81 8.23
C GLN M 608 -57.05 -39.39 8.78
N LYS M 609 -57.64 -38.45 8.05
CA LYS M 609 -57.75 -37.07 8.47
C LYS M 609 -59.20 -36.64 8.70
N SER M 610 -60.14 -37.57 8.60
CA SER M 610 -61.55 -37.20 8.66
C SER M 610 -61.90 -36.60 10.02
N SER M 611 -62.98 -35.84 10.04
CA SER M 611 -63.49 -35.25 11.27
C SER M 611 -64.27 -36.27 12.10
N LEU M 612 -64.95 -37.21 11.43
CA LEU M 612 -65.72 -38.22 12.13
C LEU M 612 -64.78 -39.16 12.86
N LYS M 613 -64.64 -38.97 14.17
CA LYS M 613 -63.57 -39.61 14.94
C LYS M 613 -63.59 -41.13 14.84
N LEU M 614 -64.75 -41.73 14.57
CA LEU M 614 -64.78 -43.17 14.40
C LEU M 614 -64.02 -43.60 13.15
N MET M 615 -64.15 -42.83 12.08
CA MET M 615 -63.42 -43.15 10.85
C MET M 615 -61.91 -43.04 11.07
N ALA M 616 -61.48 -41.99 11.76
CA ALA M 616 -60.05 -41.84 12.03
C ALA M 616 -59.55 -42.91 12.97
N THR M 617 -60.39 -43.37 13.91
CA THR M 617 -59.98 -44.48 14.76
C THR M 617 -59.87 -45.77 13.96
N LEU M 618 -60.77 -45.96 13.00
CA LEU M 618 -60.71 -47.13 12.14
C LEU M 618 -59.44 -47.15 11.32
N PHE M 619 -59.12 -46.03 10.67
CA PHE M 619 -57.98 -45.95 9.77
C PHE M 619 -56.76 -45.32 10.42
N SER M 620 -56.66 -45.37 11.75
CA SER M 620 -55.46 -44.90 12.43
C SER M 620 -54.22 -45.62 11.90
N THR M 621 -54.28 -46.95 11.87
CA THR M 621 -53.16 -47.75 11.37
C THR M 621 -53.25 -47.91 9.86
N LYS M 634 -37.28 -45.64 -0.62
CA LYS M 634 -36.49 -46.17 0.49
C LYS M 634 -35.60 -47.32 0.03
N SER M 641 -49.71 -53.02 -3.69
CA SER M 641 -50.90 -52.28 -3.29
C SER M 641 -52.02 -52.42 -4.30
N SER M 642 -51.75 -52.10 -5.55
CA SER M 642 -52.68 -52.38 -6.63
C SER M 642 -52.64 -53.82 -7.08
N PHE M 643 -51.93 -54.67 -6.34
CA PHE M 643 -51.83 -56.09 -6.63
C PHE M 643 -52.67 -56.91 -5.67
N GLN M 644 -53.61 -56.30 -4.98
CA GLN M 644 -54.36 -56.99 -3.95
C GLN M 644 -55.55 -57.73 -4.56
N THR M 645 -55.75 -58.96 -4.11
CA THR M 645 -56.83 -59.80 -4.58
C THR M 645 -57.55 -60.41 -3.39
N VAL M 646 -58.85 -60.64 -3.56
CA VAL M 646 -59.65 -61.25 -2.50
C VAL M 646 -59.11 -62.61 -2.13
N SER M 647 -58.71 -63.40 -3.13
CA SER M 647 -58.21 -64.74 -2.87
C SER M 647 -56.96 -64.71 -2.00
N ALA M 648 -56.11 -63.69 -2.18
CA ALA M 648 -54.87 -63.63 -1.43
C ALA M 648 -55.13 -63.32 0.05
N LEU M 649 -55.93 -62.30 0.32
CA LEU M 649 -56.31 -62.00 1.70
C LEU M 649 -57.01 -63.20 2.33
N HIS M 650 -57.88 -63.86 1.57
CA HIS M 650 -58.58 -65.02 2.09
C HIS M 650 -57.60 -66.13 2.46
N ARG M 651 -56.63 -66.39 1.60
CA ARG M 651 -55.66 -67.44 1.88
C ARG M 651 -54.82 -67.10 3.10
N GLU M 652 -54.44 -65.83 3.26
CA GLU M 652 -53.66 -65.44 4.43
C GLU M 652 -54.47 -65.58 5.71
N ASN M 653 -55.74 -65.16 5.68
CA ASN M 653 -56.60 -65.32 6.84
C ASN M 653 -56.78 -66.79 7.19
N LEU M 654 -56.98 -67.64 6.18
CA LEU M 654 -57.15 -69.06 6.45
C LEU M 654 -55.88 -69.67 7.02
N ASN M 655 -54.72 -69.25 6.52
CA ASN M 655 -53.47 -69.72 7.10
C ASN M 655 -53.38 -69.34 8.56
N LYS M 656 -53.76 -68.10 8.89
CA LYS M 656 -53.71 -67.67 10.28
C LYS M 656 -54.65 -68.50 11.15
N LEU M 657 -55.86 -68.76 10.66
CA LEU M 657 -56.83 -69.53 11.44
C LEU M 657 -56.33 -70.95 11.68
N MET M 658 -55.84 -71.62 10.64
CA MET M 658 -55.29 -72.94 10.83
C MET M 658 -54.09 -72.92 11.76
N THR M 659 -53.29 -71.86 11.71
CA THR M 659 -52.16 -71.75 12.62
C THR M 659 -52.62 -71.66 14.06
N ASN M 660 -53.71 -70.94 14.31
CA ASN M 660 -54.26 -70.88 15.65
C ASN M 660 -54.75 -72.25 16.09
N LEU M 661 -55.49 -72.93 15.22
CA LEU M 661 -56.08 -74.21 15.61
C LEU M 661 -55.04 -75.30 15.82
N LYS M 662 -53.93 -75.25 15.07
CA LYS M 662 -52.96 -76.33 15.15
C LYS M 662 -52.18 -76.35 16.45
N THR M 663 -52.46 -75.43 17.38
CA THR M 663 -51.77 -75.40 18.66
C THR M 663 -52.66 -75.87 19.81
N THR M 664 -53.90 -76.26 19.54
CA THR M 664 -54.84 -76.66 20.56
C THR M 664 -55.27 -78.11 20.32
N HIS M 665 -56.24 -78.56 21.11
CA HIS M 665 -56.80 -79.90 20.95
C HIS M 665 -58.23 -79.80 20.46
N PRO M 666 -58.59 -80.51 19.40
CA PRO M 666 -59.91 -80.35 18.80
C PRO M 666 -60.93 -81.34 19.35
N HIS M 667 -62.19 -80.89 19.33
CA HIS M 667 -63.32 -81.74 19.71
C HIS M 667 -64.48 -81.35 18.82
N PHE M 668 -64.83 -82.21 17.87
CA PHE M 668 -65.75 -81.87 16.81
C PHE M 668 -67.18 -82.27 17.18
N VAL M 669 -68.13 -81.48 16.70
CA VAL M 669 -69.55 -81.68 16.95
C VAL M 669 -70.29 -81.49 15.64
N ARG M 670 -71.31 -82.31 15.40
CA ARG M 670 -72.05 -82.28 14.14
C ARG M 670 -73.54 -82.12 14.43
N CYS M 671 -73.98 -80.89 14.58
CA CYS M 671 -75.42 -80.63 14.69
C CYS M 671 -76.08 -80.83 13.34
N ILE M 672 -77.26 -81.44 13.36
CA ILE M 672 -77.99 -81.79 12.15
C ILE M 672 -79.38 -81.19 12.23
N ILE M 673 -79.90 -80.75 11.09
CA ILE M 673 -81.32 -80.46 10.93
C ILE M 673 -81.96 -81.73 10.36
N PRO M 674 -82.76 -82.45 11.13
CA PRO M 674 -83.28 -83.74 10.66
C PRO M 674 -84.33 -83.62 9.57
N ASN M 675 -85.21 -82.63 9.67
CA ASN M 675 -86.27 -82.46 8.70
C ASN M 675 -86.46 -80.98 8.40
N GLU M 676 -87.09 -80.72 7.25
CA GLU M 676 -87.27 -79.36 6.76
C GLU M 676 -88.63 -78.77 7.10
N ARG M 677 -89.66 -79.61 7.31
CA ARG M 677 -90.99 -79.14 7.65
C ARG M 677 -91.14 -78.80 9.12
N LYS M 678 -90.05 -78.82 9.89
CA LYS M 678 -89.98 -78.48 11.31
C LYS M 678 -90.74 -79.45 12.19
N ALA M 679 -91.39 -80.45 11.63
CA ALA M 679 -92.14 -81.43 12.42
C ALA M 679 -91.15 -82.41 13.07
N PRO M 680 -91.07 -82.45 14.40
CA PRO M 680 -90.10 -83.33 15.05
C PRO M 680 -90.44 -84.80 14.89
N GLY M 681 -89.42 -85.63 15.11
CA GLY M 681 -89.60 -87.06 15.16
C GLY M 681 -89.18 -87.82 13.92
N VAL M 682 -89.52 -87.29 12.75
CA VAL M 682 -89.25 -87.96 11.48
C VAL M 682 -88.30 -87.10 10.68
N MET M 683 -87.19 -87.69 10.25
CA MET M 683 -86.17 -86.98 9.48
C MET M 683 -86.15 -87.51 8.06
N ASP M 684 -86.12 -86.60 7.09
CA ASP M 684 -86.05 -87.00 5.69
C ASP M 684 -84.68 -87.55 5.38
N ASN M 685 -84.65 -88.65 4.63
CA ASN M 685 -83.42 -89.37 4.33
C ASN M 685 -82.49 -88.68 3.33
N PRO M 686 -82.96 -88.00 2.27
CA PRO M 686 -82.00 -87.41 1.34
C PRO M 686 -81.29 -86.20 1.93
N LEU M 687 -82.04 -85.36 2.64
CA LEU M 687 -81.45 -84.24 3.35
C LEU M 687 -80.34 -84.71 4.27
N VAL M 688 -80.65 -85.67 5.15
CA VAL M 688 -79.66 -86.09 6.13
C VAL M 688 -78.51 -86.81 5.45
N MET M 689 -78.75 -87.47 4.30
CA MET M 689 -77.66 -88.12 3.59
C MET M 689 -76.70 -87.08 3.02
N HIS M 690 -77.24 -86.07 2.33
CA HIS M 690 -76.40 -84.99 1.81
C HIS M 690 -75.61 -84.33 2.94
N GLN M 691 -76.26 -84.10 4.08
CA GLN M 691 -75.57 -83.46 5.19
C GLN M 691 -74.48 -84.36 5.75
N LEU M 692 -74.77 -85.66 5.92
CA LEU M 692 -73.77 -86.59 6.41
C LEU M 692 -72.59 -86.67 5.46
N ARG M 693 -72.80 -86.38 4.17
CA ARG M 693 -71.69 -86.20 3.26
C ARG M 693 -70.91 -84.93 3.58
N CYS M 694 -71.60 -83.78 3.59
CA CYS M 694 -70.91 -82.50 3.73
C CYS M 694 -70.41 -82.27 5.15
N ASN M 695 -71.06 -82.84 6.17
CA ASN M 695 -70.69 -82.55 7.54
C ASN M 695 -69.32 -83.09 7.91
N GLY M 696 -68.85 -84.13 7.23
CA GLY M 696 -67.53 -84.67 7.46
C GLY M 696 -67.49 -85.99 8.19
N VAL M 697 -68.64 -86.55 8.56
CA VAL M 697 -68.65 -87.83 9.26
C VAL M 697 -68.26 -88.96 8.30
N LEU M 698 -68.81 -88.91 7.09
CA LEU M 698 -68.56 -89.97 6.11
C LEU M 698 -67.09 -90.11 5.77
N GLU M 699 -66.31 -89.04 5.85
CA GLU M 699 -64.87 -89.17 5.63
C GLU M 699 -64.21 -89.98 6.75
N GLY M 700 -64.58 -89.69 7.99
CA GLY M 700 -64.08 -90.48 9.10
C GLY M 700 -64.47 -91.95 8.99
N ILE M 701 -65.71 -92.20 8.55
CA ILE M 701 -66.14 -93.58 8.34
C ILE M 701 -65.31 -94.23 7.25
N ARG M 702 -65.10 -93.53 6.14
CA ARG M 702 -64.35 -94.08 5.03
C ARG M 702 -62.91 -94.38 5.42
N ILE M 703 -62.36 -93.61 6.36
CA ILE M 703 -60.99 -93.87 6.79
C ILE M 703 -60.94 -95.04 7.78
N CYS M 704 -61.82 -95.03 8.78
CA CYS M 704 -61.81 -96.11 9.76
C CYS M 704 -62.16 -97.44 9.12
N ARG M 705 -62.87 -97.42 7.99
CA ARG M 705 -63.12 -98.64 7.23
C ARG M 705 -61.81 -99.30 6.81
N LYS M 706 -60.76 -98.51 6.61
CA LYS M 706 -59.44 -99.06 6.33
C LYS M 706 -58.82 -99.77 7.53
N GLY M 707 -59.54 -99.84 8.66
CA GLY M 707 -59.20 -100.73 9.74
C GLY M 707 -59.54 -102.16 9.39
N PHE M 708 -59.89 -102.99 10.38
CA PHE M 708 -59.94 -102.75 11.84
C PHE M 708 -60.76 -101.56 12.39
N PRO M 709 -62.06 -101.48 12.05
CA PRO M 709 -62.94 -100.59 12.81
C PRO M 709 -63.38 -101.20 14.13
N ASN M 710 -63.58 -102.53 14.15
CA ASN M 710 -64.13 -103.22 15.31
C ASN M 710 -62.99 -103.56 16.27
N ARG M 711 -63.00 -102.96 17.45
CA ARG M 711 -61.93 -103.12 18.43
C ARG M 711 -62.54 -103.61 19.74
N ILE M 712 -62.39 -104.90 20.02
CA ILE M 712 -62.93 -105.53 21.21
C ILE M 712 -61.78 -106.12 22.02
N LEU M 713 -62.06 -106.42 23.29
CA LEU M 713 -61.10 -107.10 24.15
C LEU M 713 -61.26 -108.61 24.03
N TYR M 714 -60.63 -109.35 24.95
CA TYR M 714 -60.64 -110.81 24.84
C TYR M 714 -61.96 -111.40 25.36
N GLY M 715 -62.41 -110.93 26.53
CA GLY M 715 -63.49 -111.61 27.22
C GLY M 715 -64.81 -111.58 26.47
N ASP M 716 -65.11 -110.46 25.81
CA ASP M 716 -66.39 -110.34 25.12
C ASP M 716 -66.50 -111.34 23.98
N PHE M 717 -65.41 -111.53 23.23
CA PHE M 717 -65.44 -112.54 22.17
C PHE M 717 -65.37 -113.95 22.74
N ARG M 718 -64.59 -114.14 23.82
CA ARG M 718 -64.59 -115.40 24.52
C ARG M 718 -66.00 -115.82 24.92
N GLN M 719 -66.84 -114.85 25.28
CA GLN M 719 -68.20 -115.14 25.71
C GLN M 719 -69.14 -115.32 24.53
N ARG M 720 -69.31 -114.28 23.71
CA ARG M 720 -70.41 -114.27 22.75
C ARG M 720 -70.23 -115.27 21.61
N TYR M 721 -69.02 -115.79 21.39
CA TYR M 721 -68.75 -116.68 20.28
C TYR M 721 -67.97 -117.90 20.76
N ARG M 722 -68.44 -118.49 21.85
CA ARG M 722 -67.87 -119.71 22.40
C ARG M 722 -68.56 -120.96 21.88
N ILE M 723 -69.48 -120.83 20.92
CA ILE M 723 -70.24 -121.96 20.41
C ILE M 723 -69.30 -122.75 19.50
N LEU M 724 -68.79 -123.87 20.01
CA LEU M 724 -67.89 -124.73 19.25
C LEU M 724 -68.10 -126.19 19.63
N GLY M 740 -57.26 -117.70 25.24
CA GLY M 740 -58.60 -117.17 25.11
C GLY M 740 -59.08 -117.08 23.68
N ALA M 741 -58.74 -115.97 23.02
CA ALA M 741 -59.13 -115.80 21.62
C ALA M 741 -58.11 -116.41 20.67
N GLU M 742 -56.91 -116.74 21.15
CA GLU M 742 -55.87 -117.30 20.30
C GLU M 742 -56.35 -118.59 19.64
N LYS M 743 -56.71 -119.59 20.45
CA LYS M 743 -57.22 -120.84 19.91
C LYS M 743 -58.62 -120.65 19.34
N LEU M 744 -59.41 -119.75 19.91
CA LEU M 744 -60.78 -119.53 19.45
C LEU M 744 -60.84 -118.99 18.03
N LEU M 745 -59.79 -118.29 17.58
CA LEU M 745 -59.74 -117.79 16.21
C LEU M 745 -58.66 -118.42 15.36
N GLY M 746 -57.78 -119.26 15.93
CA GLY M 746 -56.84 -120.00 15.14
C GLY M 746 -57.53 -121.16 14.44
N SER M 747 -58.81 -121.34 14.73
CA SER M 747 -59.60 -122.41 14.15
C SER M 747 -60.16 -122.06 12.77
N LEU M 748 -60.71 -120.86 12.61
CA LEU M 748 -61.22 -120.44 11.30
C LEU M 748 -60.35 -119.32 10.72
N ILE M 750 -62.26 -117.69 7.80
CA ILE M 750 -61.82 -116.32 7.74
C ILE M 750 -60.35 -116.27 7.38
N ASP M 751 -59.76 -115.08 7.38
CA ASP M 751 -58.36 -114.90 7.05
C ASP M 751 -57.56 -114.49 8.29
N HIS M 752 -56.28 -114.84 8.30
CA HIS M 752 -55.42 -114.57 9.45
C HIS M 752 -55.04 -113.10 9.59
N ASN M 753 -55.38 -112.25 8.62
CA ASN M 753 -55.07 -110.83 8.72
C ASN M 753 -56.25 -110.00 9.20
N GLN M 754 -57.48 -110.53 9.13
CA GLN M 754 -58.65 -109.81 9.61
C GLN M 754 -58.57 -109.49 11.10
N TYR M 755 -57.60 -110.05 11.81
CA TYR M 755 -57.45 -109.84 13.23
C TYR M 755 -55.98 -109.55 13.53
N LYS M 756 -55.76 -108.85 14.64
CA LYS M 756 -54.40 -108.62 15.15
C LYS M 756 -54.53 -108.44 16.66
N PHE M 757 -54.25 -109.49 17.41
CA PHE M 757 -54.43 -109.48 18.86
C PHE M 757 -53.24 -108.83 19.53
N GLY M 758 -53.52 -107.98 20.53
CA GLY M 758 -52.46 -107.48 21.38
C GLY M 758 -52.96 -106.97 22.71
N HIS M 759 -52.40 -107.52 23.79
CA HIS M 759 -52.64 -107.07 25.17
C HIS M 759 -54.13 -106.88 25.44
N THR M 760 -54.86 -107.99 25.32
CA THR M 760 -56.31 -108.03 25.54
C THR M 760 -57.01 -106.99 24.66
N LYS M 761 -56.82 -107.15 23.35
CA LYS M 761 -57.49 -106.34 22.34
C LYS M 761 -57.54 -107.09 21.03
N VAL M 762 -58.74 -107.30 20.49
CA VAL M 762 -58.91 -107.88 19.16
C VAL M 762 -59.40 -106.78 18.23
N PHE M 763 -58.84 -106.76 17.02
CA PHE M 763 -59.20 -105.78 16.00
C PHE M 763 -59.80 -106.51 14.80
N PHE M 764 -60.96 -106.06 14.36
CA PHE M 764 -61.69 -106.71 13.28
C PHE M 764 -61.99 -105.73 12.17
N LYS M 765 -61.72 -106.14 10.93
CA LYS M 765 -62.03 -105.31 9.77
C LYS M 765 -63.50 -105.40 9.41
N ALA M 766 -63.99 -104.37 8.73
CA ALA M 766 -65.40 -104.27 8.38
C ALA M 766 -65.83 -105.41 7.46
N GLY M 767 -66.66 -106.31 7.96
CA GLY M 767 -67.13 -107.41 7.15
C GLY M 767 -66.88 -108.78 7.76
N LEU M 768 -66.64 -108.82 9.06
CA LEU M 768 -66.42 -110.09 9.76
C LEU M 768 -67.54 -110.44 10.73
N LEU M 769 -68.02 -109.48 11.52
CA LEU M 769 -69.16 -109.74 12.39
C LEU M 769 -70.47 -109.88 11.63
N GLY M 770 -70.47 -109.59 10.32
CA GLY M 770 -71.59 -109.94 9.48
C GLY M 770 -71.63 -111.41 9.10
N LEU M 771 -70.57 -112.13 9.42
CA LEU M 771 -70.49 -113.58 9.26
C LEU M 771 -70.83 -114.32 10.54
N LEU M 772 -70.40 -113.80 11.68
CA LEU M 772 -70.71 -114.40 12.98
C LEU M 772 -72.16 -114.14 13.35
N ALA N 1 -7.98 16.88 -116.06
CA ALA N 1 -7.47 18.21 -115.78
C ALA N 1 -6.50 18.18 -114.61
N GLN N 2 -7.03 18.01 -113.41
CA GLN N 2 -6.23 17.92 -112.19
C GLN N 2 -5.64 16.54 -111.97
N MET N 3 -5.66 15.68 -113.00
CA MET N 3 -5.06 14.35 -112.90
C MET N 3 -3.80 14.20 -113.74
N ALA N 4 -3.69 14.93 -114.84
CA ALA N 4 -2.55 14.80 -115.75
C ALA N 4 -1.29 15.49 -115.24
N ASP N 5 -1.26 15.89 -113.97
CA ASP N 5 -0.08 16.50 -113.38
C ASP N 5 0.72 15.52 -112.51
N PHE N 6 0.31 14.26 -112.46
CA PHE N 6 1.03 13.24 -111.72
C PHE N 6 1.82 12.30 -112.61
N GLY N 7 1.74 12.47 -113.93
CA GLY N 7 2.63 11.75 -114.83
C GLY N 7 2.31 10.27 -114.89
N ALA N 8 3.36 9.45 -114.83
CA ALA N 8 3.26 8.01 -115.01
C ALA N 8 2.47 7.31 -113.92
N ALA N 9 2.22 7.98 -112.79
CA ALA N 9 1.44 7.39 -111.72
C ALA N 9 -0.03 7.80 -111.77
N ALA N 10 -0.37 8.83 -112.55
CA ALA N 10 -1.76 9.30 -112.59
C ALA N 10 -2.71 8.19 -113.01
N GLN N 11 -2.27 7.30 -113.90
CA GLN N 11 -3.09 6.16 -114.28
C GLN N 11 -3.45 5.32 -113.07
N TYR N 12 -2.50 5.14 -112.14
CA TYR N 12 -2.80 4.42 -110.91
C TYR N 12 -3.65 5.24 -109.96
N LEU N 13 -3.45 6.56 -109.95
CA LEU N 13 -4.20 7.41 -109.02
C LEU N 13 -5.62 7.64 -109.52
N ARG N 14 -5.79 8.12 -110.75
CA ARG N 14 -7.10 8.34 -111.34
C ARG N 14 -7.04 8.00 -112.82
N LYS N 15 -7.78 6.98 -113.22
CA LYS N 15 -7.81 6.57 -114.63
C LYS N 15 -8.33 7.70 -115.50
N SER N 16 -7.87 7.71 -116.76
CA SER N 16 -8.28 8.76 -117.68
C SER N 16 -9.77 8.66 -117.99
N GLU N 17 -10.38 9.81 -118.23
CA GLU N 17 -11.83 9.87 -118.37
C GLU N 17 -12.33 9.15 -119.61
N LYS N 18 -11.45 8.70 -120.51
CA LYS N 18 -11.90 8.02 -121.72
C LYS N 18 -12.37 6.60 -121.41
N GLU N 19 -11.46 5.77 -120.90
CA GLU N 19 -11.87 4.44 -120.46
C GLU N 19 -12.88 4.53 -119.32
N ARG N 20 -12.84 5.60 -118.53
CA ARG N 20 -13.83 5.76 -117.48
C ARG N 20 -15.22 6.01 -118.06
N LEU N 21 -15.32 6.83 -119.11
CA LEU N 21 -16.63 7.10 -119.69
C LEU N 21 -17.13 5.90 -120.46
N GLU N 22 -16.24 5.14 -121.09
CA GLU N 22 -16.69 3.92 -121.76
C GLU N 22 -17.06 2.84 -120.73
N ALA N 23 -16.51 2.92 -119.52
CA ALA N 23 -16.79 1.93 -118.49
C ALA N 23 -17.98 2.30 -117.62
N GLN N 24 -18.29 3.58 -117.47
CA GLN N 24 -19.39 4.01 -116.62
C GLN N 24 -20.74 3.98 -117.33
N THR N 25 -20.82 3.32 -118.50
CA THR N 25 -22.07 3.24 -119.27
C THR N 25 -22.31 1.83 -119.79
N ARG N 26 -21.96 0.82 -119.02
CA ARG N 26 -22.16 -0.56 -119.46
C ARG N 26 -23.64 -0.94 -119.32
N PRO N 27 -24.28 -1.45 -120.36
CA PRO N 27 -25.68 -1.86 -120.26
C PRO N 27 -25.80 -3.25 -119.64
N PHE N 28 -26.34 -3.32 -118.43
CA PHE N 28 -26.53 -4.58 -117.73
C PHE N 28 -27.88 -4.57 -117.02
N ASP N 29 -28.26 -5.72 -116.47
CA ASP N 29 -29.57 -5.90 -115.88
C ASP N 29 -29.50 -5.80 -114.35
N ILE N 30 -30.66 -5.60 -113.74
CA ILE N 30 -30.79 -5.42 -112.31
C ILE N 30 -31.15 -6.76 -111.66
N ARG N 31 -31.82 -7.63 -112.41
CA ARG N 31 -32.41 -8.84 -111.85
C ARG N 31 -31.84 -10.13 -112.42
N THR N 32 -30.74 -10.06 -113.17
CA THR N 32 -30.03 -11.26 -113.58
C THR N 32 -28.53 -11.18 -113.30
N GLU N 33 -28.08 -10.18 -112.56
CA GLU N 33 -26.68 -10.07 -112.13
C GLU N 33 -26.67 -9.91 -110.62
N CYS N 34 -26.54 -11.04 -109.92
CA CYS N 34 -26.52 -11.07 -108.47
C CYS N 34 -25.26 -11.77 -107.99
N PHE N 35 -25.19 -12.03 -106.69
CA PHE N 35 -24.04 -12.66 -106.08
C PHE N 35 -24.47 -13.91 -105.34
N VAL N 36 -23.76 -15.02 -105.60
CA VAL N 36 -24.03 -16.29 -104.94
C VAL N 36 -22.72 -16.80 -104.35
N PRO N 37 -22.80 -17.64 -103.32
CA PRO N 37 -21.58 -18.09 -102.64
C PRO N 37 -20.80 -19.11 -103.47
N ASP N 38 -19.71 -19.58 -102.88
CA ASP N 38 -18.84 -20.55 -103.52
C ASP N 38 -17.95 -21.17 -102.45
N ASP N 39 -17.23 -22.23 -102.83
CA ASP N 39 -16.30 -22.91 -101.95
C ASP N 39 -14.86 -22.44 -102.09
N LYS N 40 -14.48 -21.96 -103.28
CA LYS N 40 -13.15 -21.42 -103.49
C LYS N 40 -13.14 -19.93 -103.77
N GLU N 41 -14.24 -19.38 -104.29
CA GLU N 41 -14.38 -17.93 -104.45
C GLU N 41 -15.26 -17.31 -103.39
N GLU N 42 -16.22 -18.07 -102.87
CA GLU N 42 -17.12 -17.69 -101.78
C GLU N 42 -18.07 -16.58 -102.18
N TYR N 43 -17.88 -16.03 -103.38
CA TYR N 43 -18.74 -14.99 -103.94
C TYR N 43 -18.46 -14.85 -105.42
N VAL N 44 -19.48 -14.98 -106.26
CA VAL N 44 -19.30 -14.97 -107.70
C VAL N 44 -20.45 -14.23 -108.38
N LYS N 45 -20.18 -13.75 -109.58
CA LYS N 45 -21.21 -13.18 -110.44
C LYS N 45 -21.81 -14.29 -111.29
N ALA N 46 -23.12 -14.22 -111.51
CA ALA N 46 -23.79 -15.22 -112.33
C ALA N 46 -25.11 -14.65 -112.82
N LYS N 47 -25.79 -15.43 -113.67
CA LYS N 47 -27.07 -15.02 -114.23
C LYS N 47 -28.17 -15.98 -113.81
N ALA N 58 -32.90 -20.67 -108.00
CA ALA N 58 -32.70 -19.62 -108.99
C ALA N 58 -31.58 -19.98 -109.96
N GLU N 59 -31.87 -19.95 -111.25
CA GLU N 59 -30.89 -20.30 -112.26
C GLU N 59 -29.79 -19.25 -112.30
N THR N 60 -28.55 -19.67 -112.05
CA THR N 60 -27.38 -18.82 -112.05
C THR N 60 -26.19 -19.63 -112.52
N GLU N 61 -25.50 -19.11 -113.54
CA GLU N 61 -24.39 -19.82 -114.15
C GLU N 61 -23.36 -18.82 -114.65
N ASN N 62 -22.08 -19.08 -114.35
CA ASN N 62 -20.98 -18.34 -114.97
C ASN N 62 -19.82 -19.26 -115.32
N GLY N 63 -20.06 -20.56 -115.40
CA GLY N 63 -19.00 -21.55 -115.53
C GLY N 63 -19.36 -22.78 -114.72
N LYS N 64 -20.42 -22.66 -113.94
CA LYS N 64 -20.97 -23.76 -113.16
C LYS N 64 -22.35 -23.34 -112.69
N THR N 65 -23.31 -24.24 -112.81
CA THR N 65 -24.70 -23.94 -112.49
C THR N 65 -24.98 -24.21 -111.02
N VAL N 66 -25.66 -23.26 -110.39
CA VAL N 66 -26.13 -23.43 -109.01
C VAL N 66 -27.50 -22.78 -108.89
N THR N 67 -28.37 -23.42 -108.11
CA THR N 67 -29.73 -22.93 -107.88
C THR N 67 -29.95 -22.86 -106.38
N ILE N 68 -29.99 -21.64 -105.84
CA ILE N 68 -30.06 -21.43 -104.40
C ILE N 68 -31.36 -20.74 -104.04
N LYS N 69 -31.55 -20.50 -102.75
CA LYS N 69 -32.75 -19.81 -102.27
C LYS N 69 -32.79 -18.38 -102.82
N GLU N 70 -34.00 -17.87 -102.97
CA GLU N 70 -34.23 -16.54 -103.51
C GLU N 70 -34.15 -15.45 -102.45
N ASP N 71 -33.49 -15.72 -101.32
CA ASP N 71 -33.30 -14.74 -100.27
C ASP N 71 -31.86 -14.77 -99.76
N GLN N 72 -30.91 -15.02 -100.66
CA GLN N 72 -29.49 -14.96 -100.30
C GLN N 72 -28.66 -14.28 -101.38
N VAL N 73 -29.26 -13.92 -102.52
CA VAL N 73 -28.53 -13.33 -103.64
C VAL N 73 -28.35 -11.83 -103.37
N MET N 74 -27.15 -11.33 -103.67
CA MET N 74 -26.85 -9.91 -103.53
C MET N 74 -26.73 -9.30 -104.92
N GLN N 75 -27.57 -8.31 -105.20
CA GLN N 75 -27.52 -7.61 -106.47
C GLN N 75 -26.17 -6.94 -106.65
N GLN N 76 -25.49 -7.26 -107.76
CA GLN N 76 -24.17 -6.70 -108.01
C GLN N 76 -24.26 -5.20 -108.19
N ASN N 77 -23.17 -4.51 -107.86
CA ASN N 77 -23.13 -3.06 -107.98
C ASN N 77 -23.44 -2.64 -109.41
N PRO N 78 -24.11 -1.49 -109.58
CA PRO N 78 -24.37 -1.01 -110.93
C PRO N 78 -23.09 -0.68 -111.64
N PRO N 79 -23.05 -0.80 -112.97
CA PRO N 79 -21.84 -0.47 -113.72
C PRO N 79 -21.46 0.99 -113.70
N LYS N 80 -22.22 1.84 -113.01
CA LYS N 80 -21.82 3.24 -112.88
C LYS N 80 -20.65 3.39 -111.93
N PHE N 81 -20.72 2.72 -110.78
CA PHE N 81 -19.72 2.83 -109.72
C PHE N 81 -18.72 1.67 -109.73
N ASP N 82 -18.53 1.01 -110.87
CA ASP N 82 -17.75 -0.21 -110.89
C ASP N 82 -16.26 -0.02 -110.62
N LYS N 83 -15.79 1.23 -110.42
CA LYS N 83 -14.38 1.44 -110.13
C LYS N 83 -14.16 2.52 -109.08
N ILE N 84 -15.22 2.98 -108.40
CA ILE N 84 -15.07 4.09 -107.47
C ILE N 84 -14.12 3.70 -106.34
N GLU N 85 -13.19 4.60 -106.02
CA GLU N 85 -12.26 4.39 -104.93
C GLU N 85 -12.86 4.66 -103.56
N ASP N 86 -14.18 4.80 -103.48
CA ASP N 86 -14.89 5.06 -102.23
C ASP N 86 -16.18 4.25 -102.25
N MET N 87 -16.18 3.12 -101.55
CA MET N 87 -17.34 2.25 -101.53
C MET N 87 -18.43 2.73 -100.58
N ALA N 88 -18.35 3.96 -100.09
CA ALA N 88 -19.37 4.50 -99.20
C ALA N 88 -20.57 5.05 -99.95
N MET N 89 -20.49 5.20 -101.27
CA MET N 89 -21.56 5.79 -102.06
C MET N 89 -22.37 4.75 -102.82
N LEU N 90 -22.05 3.48 -102.65
CA LEU N 90 -22.67 2.41 -103.44
C LEU N 90 -24.11 2.19 -102.97
N THR N 91 -24.98 1.85 -103.91
CA THR N 91 -26.35 1.49 -103.56
C THR N 91 -26.44 0.10 -102.95
N PHE N 92 -25.41 -0.72 -103.14
CA PHE N 92 -25.42 -2.11 -102.70
C PHE N 92 -24.22 -2.33 -101.78
N LEU N 93 -24.42 -2.07 -100.49
CA LEU N 93 -23.37 -2.27 -99.49
C LEU N 93 -23.44 -3.70 -98.99
N HIS N 94 -22.69 -4.58 -99.61
CA HIS N 94 -22.57 -5.96 -99.13
C HIS N 94 -21.14 -6.41 -99.35
N GLU N 95 -20.82 -7.56 -98.75
CA GLU N 95 -19.48 -8.13 -98.78
C GLU N 95 -18.96 -8.31 -100.20
N PRO N 96 -19.66 -9.03 -101.09
CA PRO N 96 -19.11 -9.22 -102.44
C PRO N 96 -18.97 -7.92 -103.20
N ALA N 97 -19.85 -6.95 -102.94
CA ALA N 97 -19.78 -5.66 -103.62
C ALA N 97 -18.41 -5.02 -103.41
N VAL N 98 -18.07 -4.73 -102.15
CA VAL N 98 -16.79 -4.11 -101.86
C VAL N 98 -15.64 -5.04 -102.20
N LEU N 99 -15.84 -6.35 -102.05
CA LEU N 99 -14.80 -7.32 -102.40
C LEU N 99 -14.37 -7.14 -103.86
N TYR N 100 -15.32 -7.25 -104.79
CA TYR N 100 -14.98 -7.12 -106.20
C TYR N 100 -14.65 -5.69 -106.59
N ASN N 101 -15.19 -4.70 -105.87
CA ASN N 101 -14.75 -3.33 -106.07
C ASN N 101 -13.24 -3.23 -105.91
N LEU N 102 -12.73 -3.67 -104.76
CA LEU N 102 -11.30 -3.66 -104.52
C LEU N 102 -10.56 -4.58 -105.49
N LYS N 103 -11.16 -5.73 -105.82
CA LYS N 103 -10.51 -6.67 -106.73
C LYS N 103 -10.25 -6.03 -108.08
N GLU N 104 -11.25 -5.34 -108.63
CA GLU N 104 -11.08 -4.65 -109.90
C GLU N 104 -10.09 -3.51 -109.76
N ARG N 105 -10.28 -2.67 -108.73
CA ARG N 105 -9.39 -1.52 -108.58
C ARG N 105 -7.94 -1.94 -108.40
N TYR N 106 -7.69 -3.16 -107.92
CA TYR N 106 -6.32 -3.64 -107.86
C TYR N 106 -5.89 -4.25 -109.19
N ALA N 107 -6.80 -4.95 -109.88
CA ALA N 107 -6.47 -5.54 -111.16
C ALA N 107 -5.98 -4.48 -112.15
N ALA N 108 -6.84 -3.53 -112.49
CA ALA N 108 -6.41 -2.34 -113.19
C ALA N 108 -5.66 -1.47 -112.19
N TRP N 109 -4.33 -1.60 -112.16
CA TRP N 109 -3.55 -1.30 -110.96
C TRP N 109 -3.91 0.04 -110.35
N MET N 110 -4.55 -0.02 -109.18
CA MET N 110 -4.84 1.14 -108.32
C MET N 110 -4.86 0.60 -106.90
N ILE N 111 -3.70 0.65 -106.23
CA ILE N 111 -3.61 0.04 -104.90
C ILE N 111 -4.22 0.90 -103.81
N TYR N 112 -4.68 2.10 -104.14
CA TYR N 112 -5.17 3.04 -103.16
C TYR N 112 -6.69 3.17 -103.25
N THR N 113 -7.34 3.25 -102.09
CA THR N 113 -8.79 3.26 -102.02
C THR N 113 -9.21 3.98 -100.73
N TYR N 114 -10.43 4.50 -100.74
CA TYR N 114 -11.04 5.08 -99.56
C TYR N 114 -12.28 4.26 -99.19
N SER N 115 -12.48 4.04 -97.90
CA SER N 115 -13.62 3.24 -97.43
C SER N 115 -14.33 4.00 -96.31
N GLY N 116 -15.20 4.94 -96.70
CA GLY N 116 -15.99 5.67 -95.73
C GLY N 116 -15.14 6.65 -94.96
N LEU N 117 -14.28 6.11 -94.10
CA LEU N 117 -13.24 6.88 -93.44
C LEU N 117 -11.89 6.19 -93.45
N PHE N 118 -11.82 4.90 -93.75
CA PHE N 118 -10.55 4.19 -93.81
C PHE N 118 -9.80 4.55 -95.09
N CYS N 119 -8.54 4.14 -95.14
CA CYS N 119 -7.68 4.37 -96.31
C CYS N 119 -7.00 3.05 -96.63
N VAL N 120 -7.67 2.22 -97.41
CA VAL N 120 -7.18 0.88 -97.68
C VAL N 120 -6.09 0.95 -98.75
N THR N 121 -4.90 0.44 -98.41
CA THR N 121 -3.81 0.29 -99.35
C THR N 121 -3.50 -1.19 -99.49
N VAL N 122 -3.19 -1.61 -100.71
CA VAL N 122 -2.86 -2.99 -101.02
C VAL N 122 -1.41 -3.07 -101.43
N ASN N 123 -0.72 -4.11 -101.00
CA ASN N 123 0.67 -4.26 -101.36
C ASN N 123 0.78 -4.58 -102.85
N PRO N 124 1.51 -3.78 -103.64
CA PRO N 124 1.56 -4.03 -105.08
C PRO N 124 2.62 -5.03 -105.49
N TYR N 125 3.65 -5.20 -104.65
CA TYR N 125 4.79 -6.09 -104.90
C TYR N 125 5.54 -5.75 -106.18
N LYS N 126 5.22 -4.63 -106.82
CA LYS N 126 5.89 -4.19 -108.03
C LYS N 126 6.28 -2.73 -107.84
N TRP N 127 7.58 -2.45 -107.97
CA TRP N 127 8.05 -1.09 -107.76
C TRP N 127 7.28 -0.13 -108.65
N LEU N 128 6.86 0.99 -108.05
CA LEU N 128 6.08 1.98 -108.76
C LEU N 128 6.59 3.36 -108.37
N PRO N 129 6.62 4.29 -109.31
CA PRO N 129 7.00 5.67 -108.97
C PRO N 129 5.83 6.44 -108.39
N VAL N 130 4.80 5.73 -107.97
CA VAL N 130 3.60 6.36 -107.42
C VAL N 130 3.84 7.09 -106.12
N TYR N 131 5.03 6.94 -105.52
CA TYR N 131 5.43 7.70 -104.35
C TYR N 131 6.64 8.59 -104.60
N ASN N 132 7.58 8.13 -105.40
CA ASN N 132 8.80 8.85 -105.71
C ASN N 132 8.86 9.10 -107.21
N ALA N 133 9.14 10.35 -107.61
CA ALA N 133 9.48 11.43 -106.70
C ALA N 133 8.27 12.25 -106.28
N GLU N 134 8.56 13.43 -105.70
CA GLU N 134 7.54 14.35 -105.19
C GLU N 134 6.48 14.72 -106.23
N VAL N 135 6.72 14.42 -107.51
CA VAL N 135 5.73 14.68 -108.55
C VAL N 135 4.35 14.19 -108.15
N VAL N 136 4.28 13.09 -107.39
CA VAL N 136 3.01 12.62 -106.87
C VAL N 136 2.67 13.25 -105.52
N ALA N 137 3.67 13.79 -104.83
CA ALA N 137 3.48 14.37 -103.50
C ALA N 137 2.92 15.79 -103.53
N ALA N 138 2.29 16.18 -104.64
CA ALA N 138 1.74 17.52 -104.79
C ALA N 138 0.50 17.72 -103.94
N TYR N 139 0.18 16.74 -103.07
CA TYR N 139 -1.03 16.82 -102.26
C TYR N 139 -1.03 17.98 -101.28
N ARG N 140 0.06 18.74 -101.18
CA ARG N 140 0.11 19.85 -100.25
C ARG N 140 -1.00 20.85 -100.54
N GLY N 141 -1.75 21.22 -99.50
CA GLY N 141 -2.88 22.10 -99.66
C GLY N 141 -4.13 21.38 -100.14
N LYS N 142 -3.94 20.30 -100.89
CA LYS N 142 -5.07 19.57 -101.44
C LYS N 142 -5.84 18.83 -100.34
N LYS N 143 -7.13 18.66 -100.57
CA LYS N 143 -8.00 17.96 -99.65
C LYS N 143 -8.16 16.50 -100.07
N ARG N 144 -8.68 15.70 -99.15
CA ARG N 144 -9.02 14.32 -99.48
C ARG N 144 -10.15 14.26 -100.50
N SER N 145 -11.19 15.07 -100.30
CA SER N 145 -12.41 15.02 -101.10
C SER N 145 -12.20 15.42 -102.55
N GLU N 146 -11.04 15.94 -102.93
CA GLU N 146 -10.77 16.37 -104.29
C GLU N 146 -9.65 15.58 -104.94
N ALA N 147 -8.52 15.44 -104.26
CA ALA N 147 -7.36 14.76 -104.81
C ALA N 147 -7.58 13.25 -104.81
N PRO N 148 -6.77 12.51 -105.57
CA PRO N 148 -6.88 11.04 -105.56
C PRO N 148 -6.70 10.49 -104.15
N PRO N 149 -7.10 9.23 -103.92
CA PRO N 149 -7.14 8.68 -102.55
C PRO N 149 -5.79 8.11 -102.09
N HIS N 150 -4.85 8.98 -101.78
CA HIS N 150 -3.54 8.53 -101.35
C HIS N 150 -3.36 8.76 -99.85
N ILE N 151 -2.54 7.90 -99.23
CA ILE N 151 -2.16 8.09 -97.84
C ILE N 151 -1.42 9.40 -97.66
N PHE N 152 -0.77 9.89 -98.72
CA PHE N 152 -0.16 11.22 -98.65
C PHE N 152 -1.22 12.27 -98.38
N SER N 153 -2.43 12.09 -98.94
CA SER N 153 -3.51 13.02 -98.64
C SER N 153 -3.84 13.01 -97.15
N ILE N 154 -3.78 11.84 -96.52
CA ILE N 154 -4.12 11.74 -95.11
C ILE N 154 -3.00 12.31 -94.25
N SER N 155 -1.75 12.03 -94.60
CA SER N 155 -0.63 12.64 -93.90
C SER N 155 -0.71 14.15 -93.99
N ASP N 156 -1.02 14.67 -95.17
CA ASP N 156 -1.18 16.11 -95.34
C ASP N 156 -2.37 16.63 -94.54
N ASN N 157 -3.47 15.87 -94.50
CA ASN N 157 -4.64 16.29 -93.73
C ASN N 157 -4.31 16.39 -92.25
N ALA N 158 -3.58 15.41 -91.72
CA ALA N 158 -3.13 15.49 -90.34
C ALA N 158 -2.24 16.70 -90.12
N TYR N 159 -1.32 16.95 -91.06
CA TYR N 159 -0.49 18.15 -90.98
C TYR N 159 -1.35 19.41 -90.90
N GLN N 160 -2.29 19.55 -91.82
CA GLN N 160 -3.17 20.70 -91.84
C GLN N 160 -3.96 20.83 -90.54
N TYR N 161 -4.48 19.71 -90.05
CA TYR N 161 -5.28 19.75 -88.83
C TYR N 161 -4.43 20.15 -87.63
N MET N 162 -3.18 19.72 -87.59
CA MET N 162 -2.29 20.16 -86.53
C MET N 162 -2.03 21.66 -86.63
N LEU N 163 -1.84 22.17 -87.85
CA LEU N 163 -1.55 23.59 -87.99
C LEU N 163 -2.77 24.48 -87.78
N THR N 164 -3.99 23.97 -87.97
CA THR N 164 -5.17 24.80 -87.81
C THR N 164 -5.96 24.52 -86.54
N ASP N 165 -5.64 23.46 -85.81
CA ASP N 165 -6.41 23.05 -84.64
C ASP N 165 -5.59 22.90 -83.38
N ARG N 166 -4.27 22.77 -83.47
CA ARG N 166 -3.40 22.65 -82.30
C ARG N 166 -3.71 21.38 -81.50
N GLU N 167 -4.21 20.36 -82.19
CA GLU N 167 -4.61 19.10 -81.57
C GLU N 167 -3.84 17.97 -82.25
N ASN N 168 -3.21 17.12 -81.44
CA ASN N 168 -2.39 16.06 -82.00
C ASN N 168 -3.22 15.14 -82.88
N GLN N 169 -2.53 14.43 -83.78
CA GLN N 169 -3.17 13.52 -84.71
C GLN N 169 -2.58 12.13 -84.54
N SER N 170 -3.34 11.12 -84.98
CA SER N 170 -2.96 9.73 -84.79
C SER N 170 -3.19 8.93 -86.06
N ILE N 171 -2.26 8.05 -86.37
CA ILE N 171 -2.33 7.16 -87.52
C ILE N 171 -2.32 5.73 -87.00
N LEU N 172 -3.44 5.04 -87.14
CA LEU N 172 -3.58 3.65 -86.69
C LEU N 172 -3.48 2.75 -87.92
N ILE N 173 -2.31 2.14 -88.10
CA ILE N 173 -2.02 1.30 -89.25
C ILE N 173 -2.14 -0.16 -88.81
N THR N 174 -2.84 -0.96 -89.61
CA THR N 174 -3.04 -2.39 -89.32
C THR N 174 -1.73 -3.14 -89.36
N GLY N 175 -1.46 -3.95 -88.34
CA GLY N 175 -0.12 -4.48 -88.13
C GLY N 175 0.12 -5.97 -88.25
N GLU N 176 -0.92 -6.81 -88.17
CA GLU N 176 -0.69 -8.25 -88.27
C GLU N 176 -0.33 -8.67 -89.69
N SER N 177 -0.55 -7.80 -90.66
CA SER N 177 -0.11 -8.08 -92.01
C SER N 177 1.41 -8.04 -92.08
N GLY N 178 2.00 -9.08 -92.67
CA GLY N 178 3.45 -9.19 -92.70
C GLY N 178 4.12 -8.06 -93.47
N ALA N 179 3.57 -7.68 -94.62
CA ALA N 179 4.11 -6.60 -95.42
C ALA N 179 3.00 -5.58 -95.69
N GLY N 180 3.38 -4.48 -96.31
CA GLY N 180 2.45 -3.39 -96.56
C GLY N 180 2.43 -2.37 -95.44
N LYS N 181 2.44 -2.84 -94.20
CA LYS N 181 2.44 -1.92 -93.06
C LYS N 181 3.80 -1.25 -92.90
N THR N 182 4.87 -2.03 -92.94
CA THR N 182 6.21 -1.50 -92.70
C THR N 182 6.60 -0.52 -93.79
N VAL N 183 6.38 -0.90 -95.05
CA VAL N 183 6.70 0.00 -96.15
C VAL N 183 5.89 1.28 -96.06
N ASN N 184 4.62 1.17 -95.64
CA ASN N 184 3.80 2.37 -95.50
C ASN N 184 4.32 3.27 -94.39
N THR N 185 4.79 2.67 -93.28
CA THR N 185 5.39 3.47 -92.22
C THR N 185 6.61 4.22 -92.72
N LYS N 186 7.48 3.51 -93.45
CA LYS N 186 8.64 4.17 -94.05
C LYS N 186 8.20 5.32 -94.95
N ARG N 187 7.19 5.09 -95.77
CA ARG N 187 6.77 6.11 -96.73
C ARG N 187 6.15 7.31 -96.03
N VAL N 188 5.41 7.09 -94.94
CA VAL N 188 4.80 8.23 -94.28
C VAL N 188 5.82 9.02 -93.47
N ILE N 189 6.83 8.36 -92.86
CA ILE N 189 7.84 9.15 -92.18
C ILE N 189 8.69 9.91 -93.20
N GLN N 190 8.96 9.29 -94.35
CA GLN N 190 9.63 9.98 -95.44
C GLN N 190 8.83 11.20 -95.89
N TYR N 191 7.52 11.02 -96.07
CA TYR N 191 6.68 12.14 -96.51
C TYR N 191 6.66 13.26 -95.49
N PHE N 192 6.56 12.91 -94.20
CA PHE N 192 6.55 13.94 -93.17
C PHE N 192 7.88 14.68 -93.08
N ALA N 193 8.98 13.98 -93.35
CA ALA N 193 10.26 14.67 -93.48
C ALA N 193 10.25 15.59 -94.70
N SER N 194 9.66 15.13 -95.80
CA SER N 194 9.66 15.88 -97.04
C SER N 194 8.91 17.19 -96.89
N ILE N 195 7.64 17.13 -96.49
CA ILE N 195 6.81 18.33 -96.46
C ILE N 195 7.34 19.34 -95.45
N ALA N 196 7.41 18.93 -94.19
CA ALA N 196 7.88 19.82 -93.11
C ALA N 196 9.37 19.64 -92.84
N ALA N 197 10.20 19.85 -93.85
CA ALA N 197 11.64 19.68 -93.68
C ALA N 197 12.22 20.81 -92.84
N GLY N 212 21.81 11.53 -90.92
CA GLY N 212 21.45 11.96 -89.58
C GLY N 212 20.03 12.50 -89.50
N THR N 213 19.17 12.02 -90.40
CA THR N 213 17.79 12.44 -90.44
C THR N 213 16.92 11.53 -89.56
N LEU N 214 15.72 12.01 -89.25
CA LEU N 214 14.83 11.25 -88.39
C LEU N 214 14.51 9.88 -88.98
N GLU N 215 14.41 9.79 -90.30
CA GLU N 215 14.14 8.51 -90.93
C GLU N 215 15.31 7.56 -90.76
N ASP N 216 16.52 8.02 -91.12
CA ASP N 216 17.73 7.24 -90.89
C ASP N 216 17.81 6.82 -89.43
N GLN N 217 17.73 7.79 -88.52
CA GLN N 217 17.84 7.49 -87.10
C GLN N 217 16.84 6.45 -86.64
N ILE N 218 15.59 6.57 -87.10
CA ILE N 218 14.55 5.65 -86.67
C ILE N 218 14.83 4.24 -87.17
N ILE N 219 15.25 4.12 -88.43
CA ILE N 219 15.52 2.78 -88.96
C ILE N 219 16.86 2.23 -88.52
N GLN N 220 17.71 3.03 -87.87
CA GLN N 220 19.01 2.51 -87.44
C GLN N 220 18.85 1.52 -86.30
N ALA N 221 18.27 1.96 -85.18
CA ALA N 221 18.18 1.14 -83.97
C ALA N 221 17.02 0.16 -84.01
N ASN N 222 16.38 -0.04 -85.16
CA ASN N 222 15.26 -0.96 -85.25
C ASN N 222 15.61 -2.41 -84.95
N PRO N 223 16.79 -2.95 -85.35
CA PRO N 223 17.10 -4.35 -85.02
C PRO N 223 16.92 -4.72 -83.56
N ALA N 224 17.09 -3.76 -82.66
CA ALA N 224 16.82 -4.02 -81.25
C ALA N 224 15.38 -4.45 -81.04
N LEU N 225 14.44 -3.63 -81.49
CA LEU N 225 13.03 -4.01 -81.40
C LEU N 225 12.74 -5.27 -82.18
N GLU N 226 13.37 -5.46 -83.34
CA GLU N 226 13.10 -6.66 -84.13
C GLU N 226 13.47 -7.91 -83.35
N ALA N 227 14.61 -7.89 -82.67
CA ALA N 227 15.04 -9.05 -81.91
C ALA N 227 14.28 -9.21 -80.60
N PHE N 228 13.83 -8.12 -79.99
CA PHE N 228 13.24 -8.21 -78.66
C PHE N 228 11.74 -8.39 -78.67
N GLY N 229 11.02 -7.76 -79.60
CA GLY N 229 9.57 -7.80 -79.57
C GLY N 229 8.93 -8.49 -80.76
N ASN N 230 9.65 -9.42 -81.38
CA ASN N 230 9.09 -10.19 -82.49
C ASN N 230 9.43 -11.66 -82.29
N ALA N 231 8.47 -12.52 -82.57
CA ALA N 231 8.63 -13.96 -82.35
C ALA N 231 7.93 -14.72 -83.47
N LYS N 232 8.36 -15.97 -83.64
CA LYS N 232 7.75 -16.86 -84.61
C LYS N 232 6.32 -17.18 -84.21
N THR N 233 5.36 -16.75 -85.02
CA THR N 233 3.95 -16.97 -84.78
C THR N 233 3.46 -18.13 -85.65
N VAL N 234 2.32 -18.70 -85.28
CA VAL N 234 1.74 -19.77 -86.08
C VAL N 234 1.36 -19.27 -87.47
N ARG N 235 0.86 -18.03 -87.58
CA ARG N 235 0.43 -17.45 -88.84
C ARG N 235 1.37 -16.33 -89.31
N ASN N 236 2.65 -16.45 -88.99
CA ASN N 236 3.63 -15.41 -89.33
C ASN N 236 5.01 -15.96 -89.01
N ASP N 237 6.03 -15.16 -89.33
CA ASP N 237 7.39 -15.45 -88.90
C ASP N 237 8.14 -14.21 -88.44
N ASN N 238 7.54 -13.03 -88.54
CA ASN N 238 8.09 -11.80 -87.97
C ASN N 238 6.87 -11.01 -87.52
N SER N 239 6.53 -11.15 -86.24
CA SER N 239 5.27 -10.67 -85.70
C SER N 239 5.52 -9.61 -84.63
N SER N 240 4.95 -8.42 -84.84
CA SER N 240 5.03 -7.35 -83.86
C SER N 240 4.21 -7.73 -82.64
N ARG N 241 4.89 -8.12 -81.56
CA ARG N 241 4.23 -8.59 -80.35
C ARG N 241 4.10 -7.49 -79.31
N PHE N 242 3.93 -6.25 -79.74
CA PHE N 242 3.70 -5.13 -78.82
C PHE N 242 3.07 -3.99 -79.61
N GLY N 243 3.00 -2.83 -78.97
CA GLY N 243 2.46 -1.65 -79.64
C GLY N 243 3.50 -0.56 -79.76
N LYS N 244 3.80 -0.15 -80.99
CA LYS N 244 4.79 0.88 -81.27
C LYS N 244 4.07 2.16 -81.66
N PHE N 245 4.25 3.20 -80.85
CA PHE N 245 3.56 4.47 -81.03
C PHE N 245 4.61 5.54 -81.32
N ILE N 246 4.99 5.63 -82.59
CA ILE N 246 6.06 6.54 -83.00
C ILE N 246 5.52 7.96 -83.03
N ARG N 247 6.08 8.83 -82.22
CA ARG N 247 5.66 10.22 -82.14
C ARG N 247 6.67 11.08 -82.90
N ILE N 248 6.24 11.64 -84.02
CA ILE N 248 7.03 12.59 -84.78
C ILE N 248 6.61 13.99 -84.33
N HIS N 249 7.46 14.63 -83.54
CA HIS N 249 7.12 15.90 -82.92
C HIS N 249 7.39 17.06 -83.88
N PHE N 250 6.55 18.09 -83.78
CA PHE N 250 6.63 19.25 -84.66
C PHE N 250 6.78 20.51 -83.84
N GLY N 251 7.42 21.51 -84.45
CA GLY N 251 7.69 22.77 -83.78
C GLY N 251 6.42 23.53 -83.46
N ALA N 252 6.62 24.73 -82.91
CA ALA N 252 5.49 25.58 -82.52
C ALA N 252 4.62 25.91 -83.72
N THR N 253 5.23 26.11 -84.89
CA THR N 253 4.50 26.51 -86.08
C THR N 253 4.26 25.37 -87.06
N GLY N 254 4.93 24.24 -86.90
CA GLY N 254 4.80 23.16 -87.85
C GLY N 254 6.13 22.75 -88.46
N LYS N 255 7.21 23.01 -87.73
CA LYS N 255 8.54 22.61 -88.17
C LYS N 255 8.91 21.28 -87.54
N LEU N 256 9.53 20.41 -88.34
CA LEU N 256 9.93 19.09 -87.85
C LEU N 256 10.86 19.22 -86.67
N ALA N 257 10.54 18.49 -85.61
CA ALA N 257 11.37 18.40 -84.41
C ALA N 257 11.81 16.95 -84.25
N SER N 258 12.41 16.64 -83.10
CA SER N 258 12.81 15.28 -82.82
C SER N 258 11.59 14.35 -82.82
N ALA N 259 11.89 13.05 -82.79
CA ALA N 259 10.85 12.03 -82.79
C ALA N 259 11.23 10.94 -81.81
N ASP N 260 10.38 10.74 -80.79
CA ASP N 260 10.58 9.70 -79.80
C ASP N 260 9.64 8.53 -80.08
N ILE N 261 10.08 7.33 -79.70
CA ILE N 261 9.30 6.12 -79.84
C ILE N 261 8.75 5.74 -78.48
N GLU N 262 7.48 5.31 -78.45
CA GLU N 262 6.83 4.89 -77.21
C GLU N 262 6.20 3.52 -77.42
N THR N 263 6.50 2.59 -76.52
CA THR N 263 6.00 1.24 -76.60
C THR N 263 4.84 1.06 -75.64
N TYR N 264 3.92 0.18 -76.01
CA TYR N 264 2.75 -0.11 -75.18
C TYR N 264 2.70 -1.62 -74.95
N LEU N 265 1.55 -2.09 -74.45
CA LEU N 265 1.40 -3.44 -73.91
C LEU N 265 2.14 -4.48 -74.73
N LEU N 266 2.99 -5.24 -74.06
CA LEU N 266 3.85 -6.23 -74.68
C LEU N 266 3.47 -7.61 -74.18
N GLU N 267 3.42 -8.57 -75.10
CA GLU N 267 3.02 -9.94 -74.76
C GLU N 267 4.17 -10.58 -73.99
N LYS N 268 4.24 -10.26 -72.69
CA LYS N 268 5.32 -10.77 -71.85
C LYS N 268 5.11 -12.23 -71.46
N SER N 269 3.90 -12.77 -71.60
CA SER N 269 3.67 -14.16 -71.26
C SER N 269 4.50 -15.12 -72.10
N ARG N 270 4.99 -14.66 -73.25
CA ARG N 270 5.75 -15.55 -74.13
C ARG N 270 7.15 -15.82 -73.60
N VAL N 271 7.67 -14.93 -72.76
CA VAL N 271 9.05 -15.02 -72.29
C VAL N 271 9.30 -16.34 -71.59
N ILE N 272 8.23 -17.00 -71.14
CA ILE N 272 8.31 -18.28 -70.44
C ILE N 272 7.63 -19.39 -71.22
N PHE N 273 6.40 -19.14 -71.66
CA PHE N 273 5.56 -20.18 -72.24
C PHE N 273 5.31 -19.89 -73.71
N GLN N 274 5.59 -20.88 -74.55
CA GLN N 274 5.28 -20.80 -75.98
C GLN N 274 4.46 -22.02 -76.35
N LEU N 275 3.48 -21.83 -77.22
CA LEU N 275 2.68 -22.95 -77.68
C LEU N 275 3.54 -23.90 -78.51
N LYS N 276 2.97 -25.06 -78.82
CA LYS N 276 3.63 -25.96 -79.76
C LYS N 276 3.60 -25.36 -81.15
N ALA N 277 4.69 -25.54 -81.89
CA ALA N 277 4.88 -24.96 -83.22
C ALA N 277 4.93 -23.44 -83.17
N GLU N 278 5.51 -22.90 -82.09
CA GLU N 278 5.90 -21.50 -82.01
C GLU N 278 7.13 -21.40 -81.13
N ARG N 279 7.67 -20.20 -81.03
CA ARG N 279 8.83 -19.95 -80.17
C ARG N 279 8.87 -18.48 -79.81
N ASN N 280 9.56 -18.18 -78.72
CA ASN N 280 9.54 -16.84 -78.16
C ASN N 280 10.40 -15.90 -79.01
N TYR N 281 10.66 -14.70 -78.49
CA TYR N 281 11.29 -13.65 -79.25
C TYR N 281 12.60 -14.11 -79.88
N HIS N 282 12.90 -13.54 -81.06
CA HIS N 282 14.02 -14.02 -81.86
C HIS N 282 15.33 -13.97 -81.11
N ILE N 283 15.51 -12.95 -80.25
CA ILE N 283 16.82 -12.67 -79.67
C ILE N 283 17.43 -13.90 -79.00
N PHE N 284 16.60 -14.76 -78.42
CA PHE N 284 17.13 -15.94 -77.74
C PHE N 284 17.87 -16.85 -78.71
N TYR N 285 17.23 -17.21 -79.81
CA TYR N 285 17.88 -18.08 -80.79
C TYR N 285 18.94 -17.33 -81.58
N GLN N 286 18.75 -16.03 -81.80
CA GLN N 286 19.81 -15.21 -82.38
C GLN N 286 21.09 -15.36 -81.59
N ILE N 287 21.01 -15.21 -80.27
CA ILE N 287 22.17 -15.41 -79.41
C ILE N 287 22.64 -16.85 -79.46
N LEU N 288 21.71 -17.79 -79.41
CA LEU N 288 22.05 -19.20 -79.28
C LEU N 288 22.46 -19.85 -80.60
N SER N 289 22.59 -19.08 -81.66
CA SER N 289 23.11 -19.59 -82.92
C SER N 289 24.62 -19.77 -82.92
N ASN N 290 25.29 -19.56 -81.78
CA ASN N 290 26.72 -19.75 -81.64
C ASN N 290 27.50 -18.89 -82.62
N LYS N 291 26.98 -17.71 -82.95
CA LYS N 291 27.65 -16.85 -83.90
C LYS N 291 28.86 -16.16 -83.28
N LYS N 292 28.72 -15.66 -82.06
CA LYS N 292 29.81 -15.04 -81.32
C LYS N 292 30.13 -15.94 -80.13
N PRO N 293 31.06 -16.89 -80.29
CA PRO N 293 31.42 -17.77 -79.16
C PRO N 293 31.90 -17.01 -77.93
N GLU N 294 32.27 -15.75 -78.11
CA GLU N 294 32.54 -14.88 -76.96
C GLU N 294 31.34 -14.83 -76.03
N LEU N 295 30.14 -14.63 -76.59
CA LEU N 295 28.94 -14.53 -75.76
C LEU N 295 28.63 -15.87 -75.09
N LEU N 296 28.53 -16.93 -75.88
CA LEU N 296 28.21 -18.26 -75.35
C LEU N 296 29.34 -18.79 -74.49
N ASP N 297 30.43 -18.03 -74.39
CA ASP N 297 31.46 -18.30 -73.40
C ASP N 297 31.26 -17.44 -72.15
N MET N 298 30.72 -16.23 -72.32
CA MET N 298 30.51 -15.35 -71.18
C MET N 298 29.32 -15.79 -70.35
N LEU N 299 28.25 -16.25 -70.99
CA LEU N 299 27.01 -16.58 -70.31
C LEU N 299 26.94 -18.04 -69.86
N LEU N 300 28.09 -18.72 -69.77
CA LEU N 300 28.15 -20.09 -69.26
C LEU N 300 27.12 -21.00 -69.93
N VAL N 301 26.83 -20.74 -71.20
CA VAL N 301 25.69 -21.33 -71.87
C VAL N 301 26.17 -22.13 -73.07
N THR N 302 25.60 -23.32 -73.25
CA THR N 302 25.87 -24.15 -74.41
C THR N 302 25.02 -23.65 -75.58
N ASN N 303 24.94 -24.44 -76.66
CA ASN N 303 24.21 -24.03 -77.85
C ASN N 303 22.97 -24.87 -78.12
N ASN N 304 22.83 -26.03 -77.49
CA ASN N 304 21.68 -26.88 -77.73
C ASN N 304 20.43 -26.26 -77.14
N PRO N 305 19.44 -25.87 -77.97
CA PRO N 305 18.25 -25.21 -77.42
C PRO N 305 17.38 -26.11 -76.57
N TYR N 306 17.45 -27.43 -76.77
CA TYR N 306 16.61 -28.35 -76.02
C TYR N 306 17.11 -28.59 -74.60
N ASP N 307 18.05 -27.78 -74.13
CA ASP N 307 18.52 -27.88 -72.75
C ASP N 307 17.91 -26.83 -71.84
N TYR N 308 17.14 -25.88 -72.38
CA TYR N 308 16.60 -24.76 -71.62
C TYR N 308 15.09 -24.72 -71.82
N ALA N 309 14.35 -25.00 -70.74
CA ALA N 309 12.91 -25.18 -70.86
C ALA N 309 12.19 -23.90 -71.26
N PHE N 310 12.77 -22.74 -70.97
CA PHE N 310 12.11 -21.49 -71.33
C PHE N 310 12.12 -21.23 -72.82
N VAL N 311 12.93 -21.95 -73.59
CA VAL N 311 12.96 -21.77 -75.04
C VAL N 311 12.63 -23.04 -75.80
N SER N 312 12.76 -24.22 -75.20
CA SER N 312 12.57 -25.49 -75.89
C SER N 312 11.15 -26.01 -75.78
N GLN N 313 10.16 -25.13 -75.65
CA GLN N 313 8.79 -25.59 -75.50
C GLN N 313 8.19 -25.99 -76.84
N GLY N 314 8.26 -25.11 -77.83
CA GLY N 314 7.71 -25.38 -79.14
C GLY N 314 8.75 -25.89 -80.12
N GLU N 315 9.14 -25.05 -81.07
CA GLU N 315 10.17 -25.37 -82.04
C GLU N 315 11.33 -24.42 -81.87
N VAL N 316 12.56 -24.95 -81.97
CA VAL N 316 13.73 -24.15 -81.65
C VAL N 316 14.13 -23.21 -82.77
N SER N 317 13.75 -23.49 -84.02
CA SER N 317 14.19 -22.65 -85.12
C SER N 317 13.29 -22.87 -86.32
N VAL N 318 13.09 -21.79 -87.08
CA VAL N 318 12.39 -21.85 -88.34
C VAL N 318 13.42 -21.76 -89.46
N ALA N 319 13.12 -22.42 -90.57
CA ALA N 319 14.01 -22.42 -91.72
C ALA N 319 13.87 -21.16 -92.58
N SER N 320 12.95 -20.27 -92.26
CA SER N 320 12.68 -19.10 -93.07
C SER N 320 13.50 -17.88 -92.65
N ILE N 321 14.50 -18.08 -91.79
CA ILE N 321 15.38 -16.98 -91.39
C ILE N 321 16.63 -17.54 -90.72
N ASP N 322 17.75 -16.85 -90.89
CA ASP N 322 18.97 -17.13 -90.15
C ASP N 322 18.95 -16.41 -88.82
N ASP N 323 19.79 -16.87 -87.90
CA ASP N 323 19.98 -16.19 -86.62
C ASP N 323 21.32 -15.47 -86.51
N SER N 324 22.35 -15.91 -87.24
CA SER N 324 23.68 -15.33 -87.11
C SER N 324 23.73 -13.93 -87.72
N GLU N 325 23.21 -13.77 -88.93
CA GLU N 325 23.25 -12.45 -89.55
C GLU N 325 22.35 -11.46 -88.82
N GLU N 326 21.23 -11.93 -88.28
CA GLU N 326 20.41 -11.05 -87.46
C GLU N 326 21.09 -10.69 -86.16
N LEU N 327 21.86 -11.63 -85.59
CA LEU N 327 22.68 -11.29 -84.43
C LEU N 327 23.68 -10.19 -84.78
N LEU N 328 24.30 -10.29 -85.95
CA LEU N 328 25.21 -9.23 -86.40
C LEU N 328 24.47 -7.91 -86.56
N ALA N 329 23.25 -7.95 -87.10
CA ALA N 329 22.46 -6.73 -87.24
C ALA N 329 22.17 -6.11 -85.87
N THR N 330 21.87 -6.94 -84.88
CA THR N 330 21.59 -6.42 -83.54
C THR N 330 22.86 -5.90 -82.88
N ASP N 331 24.00 -6.54 -83.12
CA ASP N 331 25.26 -6.01 -82.64
C ASP N 331 25.52 -4.64 -83.21
N SER N 332 25.43 -4.50 -84.54
CA SER N 332 25.59 -3.20 -85.17
C SER N 332 24.56 -2.20 -84.68
N ALA N 333 23.37 -2.68 -84.29
CA ALA N 333 22.37 -1.80 -83.72
C ALA N 333 22.83 -1.26 -82.37
N PHE N 334 23.34 -2.13 -81.50
CA PHE N 334 23.88 -1.67 -80.23
C PHE N 334 25.03 -0.72 -80.43
N ASP N 335 25.82 -0.93 -81.49
CA ASP N 335 26.93 -0.03 -81.77
C ASP N 335 26.44 1.34 -82.22
N VAL N 336 25.54 1.38 -83.21
CA VAL N 336 24.99 2.66 -83.64
C VAL N 336 24.16 3.27 -82.51
N LEU N 337 23.58 2.42 -81.67
CA LEU N 337 22.97 2.92 -80.45
C LEU N 337 24.05 3.46 -79.52
N SER N 338 23.62 4.29 -78.57
CA SER N 338 24.62 4.86 -77.68
C SER N 338 25.19 3.87 -76.69
N PHE N 339 24.90 2.58 -76.83
CA PHE N 339 25.36 1.59 -75.86
C PHE N 339 26.87 1.47 -75.88
N THR N 340 27.45 1.27 -74.69
CA THR N 340 28.87 1.03 -74.54
C THR N 340 29.10 -0.48 -74.56
N ALA N 341 30.31 -0.91 -74.17
CA ALA N 341 30.58 -2.33 -74.02
C ALA N 341 29.79 -2.93 -72.86
N GLU N 342 29.62 -2.16 -71.79
CA GLU N 342 28.90 -2.67 -70.62
C GLU N 342 27.40 -2.74 -70.87
N GLU N 343 26.84 -1.72 -71.53
CA GLU N 343 25.42 -1.73 -71.85
C GLU N 343 25.05 -2.75 -72.90
N LYS N 344 25.99 -3.60 -73.30
CA LYS N 344 25.74 -4.70 -74.23
C LYS N 344 26.03 -6.04 -73.59
N ALA N 345 27.16 -6.17 -72.91
CA ALA N 345 27.45 -7.38 -72.15
C ALA N 345 26.41 -7.58 -71.06
N GLY N 346 25.96 -6.50 -70.44
CA GLY N 346 24.90 -6.62 -69.44
C GLY N 346 23.62 -7.17 -70.02
N VAL N 347 23.23 -6.69 -71.19
CA VAL N 347 22.01 -7.17 -71.82
C VAL N 347 22.14 -8.65 -72.16
N TYR N 348 23.28 -9.04 -72.72
CA TYR N 348 23.49 -10.45 -73.02
C TYR N 348 23.47 -11.30 -71.76
N LYS N 349 24.04 -10.78 -70.67
CA LYS N 349 24.02 -11.50 -69.40
C LYS N 349 22.60 -11.65 -68.87
N LEU N 350 21.79 -10.60 -68.99
CA LEU N 350 20.41 -10.69 -68.53
C LEU N 350 19.62 -11.72 -69.32
N THR N 351 19.83 -11.76 -70.64
CA THR N 351 19.14 -12.77 -71.43
C THR N 351 19.61 -14.17 -71.08
N GLY N 352 20.91 -14.33 -70.82
CA GLY N 352 21.42 -15.61 -70.38
C GLY N 352 20.81 -16.04 -69.05
N ALA N 353 20.62 -15.09 -68.15
CA ALA N 353 20.00 -15.40 -66.86
C ALA N 353 18.54 -15.77 -67.05
N ILE N 354 17.85 -15.08 -67.96
CA ILE N 354 16.46 -15.43 -68.25
C ILE N 354 16.38 -16.85 -68.80
N MET N 355 17.39 -17.28 -69.54
CA MET N 355 17.40 -18.68 -69.96
C MET N 355 17.75 -19.62 -68.82
N HIS N 356 18.65 -19.20 -67.92
CA HIS N 356 19.08 -20.11 -66.86
C HIS N 356 18.00 -20.31 -65.80
N TYR N 357 17.10 -19.34 -65.64
CA TYR N 357 15.98 -19.53 -64.73
C TYR N 357 15.15 -20.75 -65.09
N GLY N 358 15.00 -21.06 -66.38
CA GLY N 358 14.07 -22.06 -66.83
C GLY N 358 14.31 -23.45 -66.27
N ASN N 359 15.54 -23.75 -65.86
CA ASN N 359 15.86 -25.09 -65.39
C ASN N 359 16.50 -25.05 -64.02
N MET N 360 15.92 -24.26 -63.12
CA MET N 360 16.21 -24.42 -61.70
C MET N 360 15.22 -25.43 -61.13
N LYS N 361 15.67 -26.19 -60.13
CA LYS N 361 14.89 -27.30 -59.64
C LYS N 361 14.73 -27.24 -58.14
N PHE N 362 13.51 -27.51 -57.68
CA PHE N 362 13.17 -27.51 -56.27
C PHE N 362 12.33 -28.73 -55.96
N LYS N 363 12.48 -29.25 -54.74
CA LYS N 363 11.76 -30.42 -54.30
C LYS N 363 11.12 -30.15 -52.95
N GLN N 364 9.95 -30.73 -52.73
CA GLN N 364 9.31 -30.64 -51.43
C GLN N 364 10.22 -31.24 -50.37
N LYS N 365 10.46 -30.49 -49.29
CA LYS N 365 11.30 -30.99 -48.21
C LYS N 365 10.75 -32.32 -47.72
N GLN N 366 11.67 -33.19 -47.29
CA GLN N 366 11.29 -34.52 -46.88
C GLN N 366 10.33 -34.45 -45.69
N ARG N 367 9.11 -34.95 -45.91
CA ARG N 367 8.11 -35.30 -44.93
C ARG N 367 7.28 -34.13 -44.40
N GLU N 368 7.53 -32.87 -44.77
CA GLU N 368 6.50 -31.94 -44.31
C GLU N 368 5.76 -31.16 -45.40
N GLU N 369 6.33 -30.11 -45.97
CA GLU N 369 5.70 -29.49 -47.14
C GLU N 369 6.68 -28.72 -48.01
N GLN N 370 7.80 -28.30 -47.43
CA GLN N 370 8.46 -27.08 -47.88
C GLN N 370 9.29 -27.30 -49.14
N ALA N 371 9.19 -26.35 -50.07
CA ALA N 371 10.00 -26.39 -51.27
C ALA N 371 11.44 -26.02 -50.93
N GLU N 372 12.37 -26.90 -51.26
CA GLU N 372 13.79 -26.67 -51.07
C GLU N 372 14.51 -27.02 -52.36
N PRO N 373 15.67 -26.42 -52.60
CA PRO N 373 16.38 -26.67 -53.86
C PRO N 373 17.17 -27.97 -53.81
N ASP N 374 17.26 -28.63 -54.96
CA ASP N 374 18.10 -29.80 -55.15
C ASP N 374 19.06 -29.52 -56.30
N GLY N 375 20.33 -29.30 -55.97
CA GLY N 375 21.29 -28.90 -56.97
C GLY N 375 21.18 -27.42 -57.27
N THR N 376 22.32 -26.74 -57.35
CA THR N 376 22.35 -25.29 -57.51
C THR N 376 23.16 -24.85 -58.72
N GLU N 377 23.26 -25.70 -59.74
CA GLU N 377 24.10 -25.38 -60.89
C GLU N 377 23.61 -24.12 -61.58
N ASP N 378 22.39 -24.16 -62.13
CA ASP N 378 21.82 -22.97 -62.74
C ASP N 378 21.66 -21.85 -61.72
N ALA N 379 21.48 -22.20 -60.45
CA ALA N 379 21.44 -21.19 -59.40
C ALA N 379 22.73 -20.38 -59.38
N ASP N 380 23.88 -21.07 -59.26
CA ASP N 380 25.16 -20.36 -59.24
C ASP N 380 25.39 -19.61 -60.54
N LYS N 381 25.04 -20.23 -61.67
CA LYS N 381 25.20 -19.57 -62.96
C LYS N 381 24.47 -18.24 -62.97
N SER N 382 23.16 -18.26 -62.70
CA SER N 382 22.36 -17.04 -62.76
C SER N 382 22.79 -16.05 -61.69
N ALA N 383 23.19 -16.53 -60.52
CA ALA N 383 23.64 -15.64 -59.46
C ALA N 383 24.88 -14.88 -59.87
N TYR N 384 25.85 -15.58 -60.49
CA TYR N 384 27.03 -14.88 -60.98
C TYR N 384 26.65 -13.93 -62.12
N LEU N 385 25.74 -14.35 -63.00
CA LEU N 385 25.39 -13.51 -64.14
C LEU N 385 24.76 -12.19 -63.70
N MET N 386 23.62 -12.26 -62.99
CA MET N 386 22.95 -11.03 -62.61
C MET N 386 23.70 -10.25 -61.54
N GLY N 387 24.68 -10.87 -60.89
CA GLY N 387 25.45 -10.17 -59.89
C GLY N 387 24.82 -10.24 -58.52
N LEU N 388 24.48 -11.44 -58.08
CA LEU N 388 23.91 -11.64 -56.76
C LEU N 388 24.67 -12.74 -56.02
N ASN N 389 24.16 -13.16 -54.88
CA ASN N 389 24.67 -14.31 -54.16
C ASN N 389 23.80 -15.52 -54.47
N SER N 390 24.37 -16.70 -54.36
CA SER N 390 23.62 -17.91 -54.69
C SER N 390 22.78 -18.39 -53.51
N ALA N 391 23.40 -18.50 -52.33
CA ALA N 391 22.65 -18.89 -51.15
C ALA N 391 21.58 -17.87 -50.83
N ASP N 392 21.90 -16.58 -50.96
CA ASP N 392 20.91 -15.54 -50.71
C ASP N 392 19.74 -15.63 -51.67
N LEU N 393 20.03 -15.90 -52.95
CA LEU N 393 18.95 -16.01 -53.92
C LEU N 393 18.07 -17.23 -53.65
N LEU N 394 18.69 -18.37 -53.36
CA LEU N 394 17.89 -19.56 -53.05
C LEU N 394 17.03 -19.35 -51.82
N LYS N 395 17.60 -18.73 -50.78
CA LYS N 395 16.83 -18.47 -49.57
C LYS N 395 15.69 -17.50 -49.84
N GLY N 396 15.94 -16.43 -50.59
CA GLY N 396 14.87 -15.51 -50.92
C GLY N 396 13.83 -16.10 -51.84
N LEU N 397 14.17 -17.15 -52.58
CA LEU N 397 13.18 -17.81 -53.41
C LEU N 397 12.33 -18.80 -52.62
N CYS N 398 12.97 -19.46 -51.64
CA CYS N 398 12.26 -20.48 -50.81
C CYS N 398 11.67 -19.84 -49.55
N HIS N 399 12.25 -18.73 -49.09
CA HIS N 399 11.75 -18.07 -47.85
C HIS N 399 11.52 -16.57 -48.10
N PRO N 400 10.46 -16.16 -48.84
CA PRO N 400 10.19 -14.75 -49.09
C PRO N 400 9.71 -14.08 -47.80
N GLN N 401 10.25 -12.89 -47.49
CA GLN N 401 9.88 -12.15 -46.25
C GLN N 401 8.74 -11.18 -46.57
N VAL N 402 8.02 -10.73 -45.53
CA VAL N 402 6.89 -9.77 -45.69
C VAL N 402 6.88 -8.83 -44.49
N LYS N 403 6.37 -7.60 -44.66
CA LYS N 403 6.33 -6.61 -43.56
C LYS N 403 4.94 -6.62 -42.92
N VAL N 404 4.83 -7.11 -41.68
CA VAL N 404 3.56 -7.18 -40.97
C VAL N 404 3.52 -6.00 -40.00
N GLY N 405 2.99 -4.88 -40.49
CA GLY N 405 2.83 -3.71 -39.66
C GLY N 405 4.15 -2.99 -39.43
N ASN N 406 5.00 -3.58 -38.61
CA ASN N 406 6.32 -3.00 -38.35
C ASN N 406 7.42 -4.04 -38.25
N GLU N 407 7.12 -5.32 -38.48
CA GLU N 407 8.06 -6.40 -38.30
C GLU N 407 8.10 -7.22 -39.59
N TYR N 408 9.12 -8.08 -39.78
CA TYR N 408 9.22 -8.99 -40.96
C TYR N 408 9.08 -10.45 -40.47
N VAL N 409 8.37 -11.28 -41.25
CA VAL N 409 8.12 -12.68 -40.95
C VAL N 409 8.27 -13.48 -42.23
N THR N 410 8.92 -14.63 -42.12
CA THR N 410 9.09 -15.52 -43.27
C THR N 410 7.75 -16.09 -43.71
N LYS N 411 7.57 -16.19 -45.02
CA LYS N 411 6.38 -16.79 -45.60
C LYS N 411 6.77 -18.10 -46.29
N GLY N 412 5.96 -19.14 -46.08
CA GLY N 412 6.25 -20.42 -46.68
C GLY N 412 5.95 -20.47 -48.16
N GLN N 413 6.61 -21.38 -48.85
CA GLN N 413 6.46 -21.49 -50.29
C GLN N 413 6.49 -22.95 -50.72
N SER N 414 5.48 -23.36 -51.47
CA SER N 414 5.45 -24.68 -52.09
C SER N 414 6.26 -24.65 -53.38
N VAL N 415 6.38 -25.81 -54.02
CA VAL N 415 7.15 -25.91 -55.25
C VAL N 415 6.49 -25.08 -56.35
N GLN N 416 5.20 -25.29 -56.57
CA GLN N 416 4.50 -24.55 -57.62
C GLN N 416 4.56 -23.06 -57.37
N GLN N 417 4.52 -22.64 -56.11
CA GLN N 417 4.65 -21.22 -55.81
C GLN N 417 6.02 -20.70 -56.20
N VAL N 418 7.06 -21.48 -55.93
CA VAL N 418 8.41 -21.08 -56.32
C VAL N 418 8.49 -20.93 -57.84
N TYR N 419 7.89 -21.87 -58.57
CA TYR N 419 7.95 -21.79 -60.04
C TYR N 419 7.19 -20.57 -60.55
N TYR N 420 6.01 -20.30 -60.01
CA TYR N 420 5.29 -19.10 -60.39
C TYR N 420 6.12 -17.86 -60.13
N SER N 421 6.80 -17.80 -58.99
CA SER N 421 7.60 -16.63 -58.68
C SER N 421 8.76 -16.48 -59.64
N ILE N 422 9.41 -17.59 -59.99
CA ILE N 422 10.51 -17.55 -60.95
C ILE N 422 10.03 -16.99 -62.28
N GLY N 423 8.90 -17.51 -62.77
CA GLY N 423 8.35 -16.99 -64.01
C GLY N 423 8.04 -15.51 -63.94
N ALA N 424 7.46 -15.07 -62.82
CA ALA N 424 7.15 -13.65 -62.67
C ALA N 424 8.40 -12.81 -62.70
N LEU N 425 9.48 -13.29 -62.06
CA LEU N 425 10.73 -12.55 -62.05
C LEU N 425 11.28 -12.44 -63.47
N ALA N 426 11.27 -13.54 -64.22
CA ALA N 426 11.76 -13.50 -65.59
C ALA N 426 10.97 -12.50 -66.43
N LYS N 427 9.65 -12.54 -66.34
CA LYS N 427 8.83 -11.63 -67.12
C LYS N 427 9.10 -10.17 -66.75
N SER N 428 9.22 -9.90 -65.45
CA SER N 428 9.48 -8.53 -65.01
C SER N 428 10.82 -8.05 -65.52
N VAL N 429 11.86 -8.89 -65.41
CA VAL N 429 13.18 -8.51 -65.89
C VAL N 429 13.13 -8.20 -67.39
N TYR N 430 12.50 -9.07 -68.16
CA TYR N 430 12.46 -8.86 -69.61
C TYR N 430 11.75 -7.57 -69.95
N GLU N 431 10.61 -7.31 -69.34
CA GLU N 431 9.88 -6.09 -69.67
C GLU N 431 10.66 -4.84 -69.25
N LYS N 432 11.31 -4.89 -68.09
CA LYS N 432 12.10 -3.75 -67.64
C LYS N 432 13.23 -3.46 -68.61
N MET N 433 13.93 -4.51 -69.04
CA MET N 433 15.01 -4.34 -70.01
C MET N 433 14.50 -3.75 -71.31
N PHE N 434 13.38 -4.26 -71.81
CA PHE N 434 12.79 -3.73 -73.02
C PHE N 434 12.51 -2.23 -72.89
N ASN N 435 11.83 -1.84 -71.81
CA ASN N 435 11.48 -0.43 -71.65
C ASN N 435 12.71 0.44 -71.50
N TRP N 436 13.74 -0.05 -70.80
CA TRP N 436 14.96 0.73 -70.68
C TRP N 436 15.63 0.94 -72.02
N MET N 437 15.66 -0.11 -72.84
CA MET N 437 16.25 0.02 -74.17
C MET N 437 15.47 1.02 -75.01
N VAL N 438 14.15 1.01 -74.90
CA VAL N 438 13.36 1.99 -75.66
C VAL N 438 13.64 3.40 -75.17
N THR N 439 13.84 3.56 -73.86
CA THR N 439 14.22 4.89 -73.36
C THR N 439 15.58 5.32 -73.90
N ARG N 440 16.51 4.37 -74.01
CA ARG N 440 17.82 4.69 -74.57
C ARG N 440 17.70 5.10 -76.02
N ILE N 441 16.82 4.45 -76.78
CA ILE N 441 16.59 4.84 -78.16
C ILE N 441 16.00 6.24 -78.22
N ASN N 442 14.99 6.51 -77.38
CA ASN N 442 14.43 7.85 -77.31
C ASN N 442 15.50 8.89 -77.00
N ALA N 443 16.45 8.55 -76.14
CA ALA N 443 17.51 9.50 -75.79
C ALA N 443 18.43 9.74 -76.97
N THR N 444 18.98 8.68 -77.55
CA THR N 444 19.96 8.84 -78.62
C THR N 444 19.32 9.43 -79.88
N LEU N 445 18.01 9.33 -80.02
CA LEU N 445 17.32 9.85 -81.20
C LEU N 445 16.61 11.17 -80.94
N GLU N 446 16.95 11.87 -79.85
CA GLU N 446 16.29 13.12 -79.51
C GLU N 446 17.32 14.20 -79.21
N THR N 447 17.27 15.27 -79.99
CA THR N 447 17.97 16.51 -79.64
C THR N 447 17.31 17.63 -80.42
N LYS N 448 16.53 18.46 -79.74
CA LYS N 448 15.76 19.48 -80.45
C LYS N 448 15.20 20.48 -79.44
N GLN N 449 14.88 21.67 -79.95
CA GLN N 449 14.24 22.75 -79.23
C GLN N 449 12.92 22.28 -78.64
N PRO N 450 12.41 22.94 -77.59
CA PRO N 450 11.12 22.53 -77.01
C PRO N 450 9.96 22.72 -77.98
N ARG N 451 9.40 21.61 -78.45
CA ARG N 451 8.36 21.63 -79.46
C ARG N 451 7.00 21.34 -78.84
N GLN N 452 5.95 21.63 -79.60
CA GLN N 452 4.58 21.58 -79.11
C GLN N 452 3.84 20.31 -79.49
N TYR N 453 3.71 20.04 -80.78
CA TYR N 453 2.76 19.06 -81.28
C TYR N 453 3.48 17.93 -81.99
N PHE N 454 2.72 16.87 -82.25
CA PHE N 454 3.27 15.67 -82.87
C PHE N 454 2.14 14.92 -83.56
N ILE N 455 2.54 13.93 -84.35
CA ILE N 455 1.61 13.04 -85.03
C ILE N 455 1.83 11.63 -84.49
N GLY N 456 0.72 10.92 -84.25
CA GLY N 456 0.79 9.59 -83.69
C GLY N 456 0.77 8.54 -84.77
N VAL N 457 1.76 7.64 -84.74
CA VAL N 457 1.82 6.50 -85.64
C VAL N 457 1.72 5.25 -84.77
N LEU N 458 0.58 4.57 -84.83
CA LEU N 458 0.27 3.48 -83.94
C LEU N 458 0.41 2.17 -84.70
N ASP N 459 1.40 1.37 -84.31
CA ASP N 459 1.60 0.02 -84.82
C ASP N 459 1.18 -0.96 -83.74
N ILE N 460 0.34 -1.91 -84.10
CA ILE N 460 -0.19 -2.87 -83.13
C ILE N 460 -0.79 -4.03 -83.90
N ALA N 461 -0.82 -5.20 -83.27
CA ALA N 461 -1.49 -6.35 -83.86
C ALA N 461 -2.98 -6.08 -83.98
N GLY N 462 -3.63 -6.85 -84.86
CA GLY N 462 -5.05 -6.74 -85.10
C GLY N 462 -5.81 -7.93 -84.53
N PHE N 463 -7.06 -8.04 -84.97
CA PHE N 463 -7.90 -9.15 -84.52
C PHE N 463 -7.33 -10.47 -85.02
N GLU N 464 -7.65 -11.54 -84.31
CA GLU N 464 -7.20 -12.88 -84.67
C GLU N 464 -8.33 -13.88 -84.57
N ILE N 465 -8.42 -14.77 -85.54
CA ILE N 465 -9.30 -15.93 -85.48
C ILE N 465 -8.50 -17.13 -85.96
N PHE N 466 -7.97 -17.91 -85.04
CA PHE N 466 -7.16 -19.05 -85.40
C PHE N 466 -7.98 -20.33 -85.30
N ASP N 467 -7.33 -21.46 -85.49
CA ASP N 467 -7.95 -22.75 -85.25
C ASP N 467 -7.94 -23.14 -83.78
N PHE N 468 -7.04 -22.56 -82.98
CA PHE N 468 -6.97 -22.84 -81.56
C PHE N 468 -6.65 -21.53 -80.84
N ASN N 469 -7.67 -20.90 -80.28
CA ASN N 469 -7.54 -19.62 -79.61
C ASN N 469 -7.37 -19.83 -78.11
N SER N 470 -6.57 -18.97 -77.49
CA SER N 470 -6.18 -19.15 -76.10
C SER N 470 -6.16 -17.78 -75.43
N PHE N 471 -5.52 -17.71 -74.27
CA PHE N 471 -5.54 -16.50 -73.46
C PHE N 471 -4.97 -15.30 -74.22
N GLU N 472 -3.83 -15.49 -74.87
CA GLU N 472 -3.19 -14.40 -75.59
C GLU N 472 -4.11 -13.86 -76.68
N GLN N 473 -4.73 -14.77 -77.43
CA GLN N 473 -5.66 -14.35 -78.46
C GLN N 473 -6.82 -13.57 -77.85
N LEU N 474 -7.27 -13.97 -76.67
CA LEU N 474 -8.36 -13.25 -76.01
C LEU N 474 -7.93 -11.83 -75.67
N CYS N 475 -6.72 -11.67 -75.13
CA CYS N 475 -6.25 -10.32 -74.80
C CYS N 475 -6.12 -9.46 -76.04
N ILE N 476 -5.58 -10.04 -77.13
CA ILE N 476 -5.41 -9.27 -78.35
C ILE N 476 -6.76 -8.85 -78.93
N ASN N 477 -7.71 -9.77 -78.95
CA ASN N 477 -9.04 -9.43 -79.44
C ASN N 477 -9.72 -8.40 -78.56
N PHE N 478 -9.45 -8.42 -77.25
CA PHE N 478 -10.01 -7.40 -76.37
C PHE N 478 -9.46 -6.03 -76.71
N THR N 479 -8.14 -5.94 -76.89
CA THR N 479 -7.53 -4.67 -77.30
C THR N 479 -8.13 -4.18 -78.61
N ASN N 480 -8.33 -5.10 -79.56
CA ASN N 480 -8.87 -4.68 -80.85
C ASN N 480 -10.33 -4.29 -80.75
N GLU N 481 -11.10 -4.94 -79.88
CA GLU N 481 -12.45 -4.47 -79.58
C GLU N 481 -12.42 -3.03 -79.10
N LYS N 482 -11.46 -2.72 -78.23
CA LYS N 482 -11.36 -1.35 -77.72
C LYS N 482 -11.04 -0.37 -78.85
N LEU N 483 -10.05 -0.70 -79.67
CA LEU N 483 -9.69 0.19 -80.78
C LEU N 483 -10.84 0.36 -81.76
N GLN N 484 -11.57 -0.72 -82.04
CA GLN N 484 -12.69 -0.65 -82.97
C GLN N 484 -13.81 0.20 -82.40
N GLN N 485 -14.05 0.10 -81.09
CA GLN N 485 -15.03 0.99 -80.48
C GLN N 485 -14.57 2.45 -80.56
N PHE N 486 -13.27 2.68 -80.43
CA PHE N 486 -12.73 4.03 -80.61
C PHE N 486 -13.05 4.56 -81.99
N PHE N 487 -12.74 3.77 -83.02
CA PHE N 487 -13.03 4.18 -84.39
C PHE N 487 -14.51 4.42 -84.60
N ASN N 488 -15.36 3.54 -84.04
CA ASN N 488 -16.79 3.70 -84.20
C ASN N 488 -17.27 4.99 -83.56
N HIS N 489 -16.71 5.35 -82.41
CA HIS N 489 -17.10 6.60 -81.77
C HIS N 489 -16.69 7.79 -82.62
N HIS N 490 -15.47 7.76 -83.15
CA HIS N 490 -15.01 8.85 -84.02
C HIS N 490 -15.93 9.00 -85.24
N MET N 491 -16.18 7.90 -85.94
CA MET N 491 -17.02 7.97 -87.12
C MET N 491 -18.44 8.38 -86.78
N PHE N 492 -18.95 7.95 -85.62
CA PHE N 492 -20.29 8.35 -85.23
C PHE N 492 -20.38 9.86 -85.03
N VAL N 493 -19.42 10.43 -84.29
CA VAL N 493 -19.50 11.87 -84.04
C VAL N 493 -19.30 12.63 -85.34
N LEU N 494 -18.50 12.09 -86.27
CA LEU N 494 -18.36 12.73 -87.57
C LEU N 494 -19.70 12.78 -88.31
N GLU N 495 -20.36 11.64 -88.44
CA GLU N 495 -21.63 11.59 -89.15
C GLU N 495 -22.69 12.47 -88.47
N GLN N 496 -22.70 12.47 -87.15
CA GLN N 496 -23.69 13.28 -86.43
C GLN N 496 -23.42 14.77 -86.67
N GLU N 497 -22.15 15.17 -86.66
CA GLU N 497 -21.80 16.54 -87.00
C GLU N 497 -22.28 16.90 -88.40
N GLU N 498 -21.97 16.04 -89.39
CA GLU N 498 -22.36 16.32 -90.76
C GLU N 498 -23.87 16.45 -90.89
N TYR N 499 -24.62 15.68 -90.12
CA TYR N 499 -26.08 15.80 -90.15
C TYR N 499 -26.53 17.13 -89.56
N LYS N 500 -25.96 17.54 -88.42
CA LYS N 500 -26.29 18.86 -87.91
C LYS N 500 -25.81 19.97 -88.84
N LYS N 501 -24.93 19.66 -89.79
CA LYS N 501 -24.44 20.68 -90.70
C LYS N 501 -25.42 20.92 -91.85
N GLU N 502 -25.97 19.85 -92.42
CA GLU N 502 -26.93 19.95 -93.51
C GLU N 502 -28.36 20.11 -93.00
N GLY N 503 -28.54 20.36 -91.71
CA GLY N 503 -29.87 20.54 -91.14
C GLY N 503 -30.74 19.31 -91.21
N ILE N 504 -30.13 18.16 -91.51
CA ILE N 504 -30.89 16.91 -91.61
C ILE N 504 -31.21 16.43 -90.21
N GLU N 505 -32.46 16.54 -89.81
CA GLU N 505 -32.89 16.09 -88.49
C GLU N 505 -32.99 14.57 -88.49
N TRP N 506 -32.01 13.93 -87.87
CA TRP N 506 -31.98 12.47 -87.83
C TRP N 506 -31.06 12.08 -86.68
N GLU N 507 -31.62 11.44 -85.65
CA GLU N 507 -30.88 11.02 -84.49
C GLU N 507 -31.03 9.52 -84.30
N PHE N 508 -29.94 8.87 -83.91
CA PHE N 508 -29.91 7.42 -83.78
C PHE N 508 -29.09 7.05 -82.56
N ILE N 509 -29.32 5.84 -82.06
CA ILE N 509 -28.55 5.33 -80.95
C ILE N 509 -27.08 5.33 -81.31
N ASP N 510 -26.24 5.72 -80.34
CA ASP N 510 -24.82 5.96 -80.58
C ASP N 510 -24.18 4.82 -81.36
N PHE N 511 -23.72 5.13 -82.57
CA PHE N 511 -23.01 4.17 -83.40
C PHE N 511 -21.58 3.96 -82.95
N GLY N 512 -21.18 4.54 -81.83
CA GLY N 512 -19.81 4.47 -81.39
C GLY N 512 -19.52 3.35 -80.41
N MET N 513 -20.26 3.30 -79.32
CA MET N 513 -19.96 2.38 -78.24
C MET N 513 -21.03 1.33 -78.02
N ASP N 514 -22.31 1.64 -78.23
CA ASP N 514 -23.38 0.72 -77.85
C ASP N 514 -23.35 -0.58 -78.64
N LEU N 515 -22.35 -0.79 -79.49
CA LEU N 515 -22.17 -2.05 -80.18
C LEU N 515 -21.29 -3.00 -79.37
N GLN N 516 -20.13 -2.51 -78.93
CA GLN N 516 -19.18 -3.35 -78.20
C GLN N 516 -19.28 -3.20 -76.69
N ALA N 517 -19.91 -2.14 -76.19
CA ALA N 517 -20.06 -1.98 -74.75
C ALA N 517 -20.75 -3.18 -74.12
N CYS N 518 -21.49 -3.95 -74.91
CA CYS N 518 -22.05 -5.21 -74.44
C CYS N 518 -21.11 -6.38 -74.69
N ILE N 519 -20.11 -6.21 -75.55
CA ILE N 519 -19.11 -7.25 -75.79
C ILE N 519 -17.92 -6.89 -74.92
N ASP N 520 -18.16 -6.02 -73.94
CA ASP N 520 -17.17 -5.70 -72.92
C ASP N 520 -17.49 -6.39 -71.60
N LEU N 521 -17.98 -7.62 -71.69
CA LEU N 521 -17.97 -8.52 -70.54
C LEU N 521 -16.57 -8.61 -69.98
N ILE N 522 -15.57 -8.68 -70.86
CA ILE N 522 -14.21 -9.01 -70.48
C ILE N 522 -13.64 -8.06 -69.45
N GLU N 523 -14.20 -6.86 -69.30
CA GLU N 523 -13.67 -5.92 -68.33
C GLU N 523 -14.63 -5.61 -67.18
N LYS N 524 -15.94 -5.65 -67.42
CA LYS N 524 -16.89 -5.34 -66.36
C LYS N 524 -16.68 -6.31 -65.19
N PRO N 525 -16.84 -5.85 -63.95
CA PRO N 525 -16.38 -6.66 -62.82
C PRO N 525 -17.26 -7.85 -62.48
N MET N 526 -17.75 -8.56 -63.49
CA MET N 526 -18.16 -9.94 -63.32
C MET N 526 -17.84 -10.78 -64.54
N GLY N 527 -17.19 -10.23 -65.54
CA GLY N 527 -16.96 -10.92 -66.79
C GLY N 527 -15.84 -11.94 -66.70
N ILE N 528 -15.25 -12.22 -67.85
CA ILE N 528 -14.30 -13.32 -67.94
C ILE N 528 -13.04 -13.03 -67.15
N MET N 529 -12.53 -11.80 -67.24
CA MET N 529 -11.25 -11.51 -66.61
C MET N 529 -11.37 -11.49 -65.10
N SER N 530 -12.43 -10.88 -64.57
CA SER N 530 -12.62 -10.88 -63.12
C SER N 530 -12.81 -12.30 -62.60
N ILE N 531 -13.54 -13.14 -63.35
CA ILE N 531 -13.70 -14.53 -62.96
C ILE N 531 -12.37 -15.25 -62.97
N LEU N 532 -11.53 -14.97 -63.96
CA LEU N 532 -10.24 -15.64 -64.04
C LEU N 532 -9.34 -15.22 -62.89
N GLU N 533 -9.39 -13.95 -62.49
CA GLU N 533 -8.60 -13.51 -61.34
C GLU N 533 -9.11 -14.17 -60.06
N GLU N 534 -10.42 -14.17 -59.86
CA GLU N 534 -11.01 -14.87 -58.73
C GLU N 534 -10.54 -16.30 -58.66
N GLU N 535 -10.55 -17.00 -59.80
CA GLU N 535 -10.09 -18.38 -59.83
C GLU N 535 -8.58 -18.49 -59.61
N CYS N 536 -7.82 -17.45 -59.94
CA CYS N 536 -6.40 -17.47 -59.63
C CYS N 536 -6.17 -17.32 -58.13
N MET N 537 -7.09 -16.69 -57.42
CA MET N 537 -6.94 -16.54 -55.97
C MET N 537 -7.50 -17.71 -55.18
N PHE N 538 -8.52 -18.39 -55.68
CA PHE N 538 -9.26 -19.34 -54.89
C PHE N 538 -8.48 -20.64 -54.68
N PRO N 539 -8.63 -21.27 -53.52
CA PRO N 539 -7.90 -22.51 -53.25
C PRO N 539 -8.32 -23.64 -54.18
N LYS N 540 -7.34 -24.45 -54.59
CA LYS N 540 -7.55 -25.68 -55.33
C LYS N 540 -8.32 -25.47 -56.63
N ALA N 541 -8.40 -24.23 -57.11
CA ALA N 541 -9.11 -23.98 -58.36
C ALA N 541 -8.39 -24.64 -59.52
N SER N 542 -9.18 -25.12 -60.47
CA SER N 542 -8.66 -25.80 -61.66
C SER N 542 -9.36 -25.24 -62.89
N ASP N 543 -9.07 -25.84 -64.05
CA ASP N 543 -9.70 -25.38 -65.27
C ASP N 543 -11.16 -25.77 -65.33
N MET N 544 -11.52 -26.93 -64.77
CA MET N 544 -12.91 -27.35 -64.76
C MET N 544 -13.77 -26.40 -63.92
N THR N 545 -13.26 -26.00 -62.76
CA THR N 545 -14.00 -25.06 -61.92
C THR N 545 -14.10 -23.70 -62.59
N PHE N 546 -13.06 -23.29 -63.31
CA PHE N 546 -13.11 -22.04 -64.06
C PHE N 546 -14.20 -22.09 -65.11
N LYS N 547 -14.28 -23.21 -65.85
CA LYS N 547 -15.32 -23.36 -66.85
C LYS N 547 -16.71 -23.36 -66.22
N ALA N 548 -16.84 -24.06 -65.10
CA ALA N 548 -18.13 -24.08 -64.40
C ALA N 548 -18.56 -22.69 -63.99
N LYS N 549 -17.64 -21.90 -63.43
CA LYS N 549 -17.96 -20.54 -63.02
C LYS N 549 -18.38 -19.69 -64.20
N LEU N 550 -17.62 -19.79 -65.30
CA LEU N 550 -17.99 -19.08 -66.52
C LEU N 550 -19.42 -19.40 -66.92
N TYR N 551 -19.76 -20.69 -66.94
CA TYR N 551 -21.10 -21.09 -67.37
C TYR N 551 -22.16 -20.56 -66.42
N ASP N 552 -21.93 -20.70 -65.11
CA ASP N 552 -22.94 -20.25 -64.15
C ASP N 552 -23.17 -18.76 -64.24
N ASN N 553 -22.14 -17.97 -64.52
CA ASN N 553 -22.35 -16.54 -64.57
C ASN N 553 -22.84 -16.05 -65.92
N HIS N 554 -22.58 -16.77 -66.99
CA HIS N 554 -22.87 -16.13 -68.27
C HIS N 554 -23.74 -16.97 -69.19
N LEU N 555 -23.59 -18.29 -69.19
CA LEU N 555 -24.32 -19.13 -70.12
C LEU N 555 -25.83 -18.98 -69.93
N GLY N 556 -26.51 -18.43 -70.93
CA GLY N 556 -27.93 -18.18 -70.85
C GLY N 556 -28.30 -16.80 -70.37
N LYS N 557 -27.44 -16.17 -69.56
CA LYS N 557 -27.72 -14.84 -69.05
C LYS N 557 -27.17 -13.72 -69.92
N SER N 558 -26.31 -14.05 -70.88
CA SER N 558 -25.81 -13.08 -71.85
C SER N 558 -26.04 -13.63 -73.24
N ASN N 559 -26.14 -12.73 -74.21
CA ASN N 559 -26.39 -13.14 -75.59
C ASN N 559 -25.11 -13.28 -76.40
N ASN N 560 -24.07 -12.52 -76.08
CA ASN N 560 -22.80 -12.66 -76.77
C ASN N 560 -22.03 -13.88 -76.29
N PHE N 561 -22.28 -14.31 -75.07
CA PHE N 561 -21.64 -15.52 -74.55
C PHE N 561 -22.44 -16.73 -75.02
N GLN N 562 -21.77 -17.63 -75.74
CA GLN N 562 -22.45 -18.79 -76.29
C GLN N 562 -21.59 -20.02 -76.10
N LYS N 563 -22.26 -21.16 -75.99
CA LYS N 563 -21.56 -22.43 -75.91
C LYS N 563 -21.11 -22.86 -77.30
N PRO N 564 -19.87 -23.29 -77.46
CA PRO N 564 -19.38 -23.63 -78.80
C PRO N 564 -20.04 -24.90 -79.33
N ARG N 565 -20.12 -24.96 -80.66
CA ARG N 565 -20.62 -26.15 -81.34
C ARG N 565 -19.42 -27.03 -81.67
N ASN N 566 -19.05 -27.87 -80.69
CA ASN N 566 -17.86 -28.70 -80.82
C ASN N 566 -18.21 -29.95 -81.62
N VAL N 567 -17.62 -30.08 -82.81
CA VAL N 567 -17.84 -31.22 -83.68
C VAL N 567 -16.61 -32.10 -83.63
N LYS N 568 -16.83 -33.41 -83.44
CA LYS N 568 -15.73 -34.37 -83.34
C LYS N 568 -14.97 -34.40 -84.66
N GLY N 569 -13.65 -34.19 -84.60
CA GLY N 569 -12.84 -34.06 -85.78
C GLY N 569 -12.16 -32.70 -85.83
N LYS N 570 -12.64 -31.78 -84.99
CA LYS N 570 -12.09 -30.44 -84.88
C LYS N 570 -11.67 -30.18 -83.44
N GLN N 571 -10.83 -29.17 -83.27
CA GLN N 571 -10.34 -28.82 -81.93
C GLN N 571 -11.52 -28.42 -81.03
N GLU N 572 -11.44 -28.83 -79.76
CA GLU N 572 -12.52 -28.58 -78.83
C GLU N 572 -12.39 -27.18 -78.24
N ALA N 573 -13.49 -26.42 -78.32
CA ALA N 573 -13.59 -25.13 -77.67
C ALA N 573 -14.39 -25.29 -76.37
N HIS N 574 -14.37 -24.23 -75.57
CA HIS N 574 -15.10 -24.23 -74.30
C HIS N 574 -16.17 -23.16 -74.21
N PHE N 575 -15.98 -22.01 -74.85
CA PHE N 575 -17.03 -21.00 -74.94
C PHE N 575 -16.75 -20.15 -76.16
N SER N 576 -17.74 -19.35 -76.55
CA SER N 576 -17.66 -18.57 -77.77
C SER N 576 -18.13 -17.14 -77.49
N LEU N 577 -17.35 -16.17 -77.94
CA LEU N 577 -17.67 -14.76 -77.80
C LEU N 577 -18.04 -14.17 -79.14
N VAL N 578 -19.12 -13.39 -79.17
CA VAL N 578 -19.61 -12.79 -80.40
C VAL N 578 -18.91 -11.44 -80.52
N HIS N 579 -17.75 -11.45 -81.18
CA HIS N 579 -16.98 -10.23 -81.38
C HIS N 579 -17.55 -9.42 -82.54
N TYR N 580 -16.98 -8.25 -82.77
CA TYR N 580 -17.34 -7.47 -83.96
C TYR N 580 -16.87 -8.16 -85.23
N ALA N 581 -15.76 -8.91 -85.16
CA ALA N 581 -15.20 -9.61 -86.30
C ALA N 581 -15.62 -11.08 -86.32
N GLY N 582 -16.80 -11.40 -85.84
CA GLY N 582 -17.31 -12.76 -85.86
C GLY N 582 -17.40 -13.35 -84.47
N THR N 583 -17.69 -14.65 -84.43
CA THR N 583 -17.81 -15.40 -83.19
C THR N 583 -16.62 -16.32 -83.06
N VAL N 584 -15.76 -16.03 -82.08
CA VAL N 584 -14.50 -16.74 -81.90
C VAL N 584 -14.70 -17.79 -80.81
N ASP N 585 -14.01 -18.92 -80.95
CA ASP N 585 -14.10 -20.03 -80.02
C ASP N 585 -12.80 -20.15 -79.25
N TYR N 586 -12.89 -20.21 -77.93
CA TYR N 586 -11.71 -20.21 -77.08
C TYR N 586 -11.59 -21.54 -76.34
N ASN N 587 -10.36 -21.94 -76.08
CA ASN N 587 -10.05 -23.16 -75.35
C ASN N 587 -9.25 -22.77 -74.11
N ILE N 588 -9.89 -22.86 -72.93
CA ILE N 588 -9.33 -22.29 -71.71
C ILE N 588 -8.28 -23.14 -71.05
N MET N 589 -7.90 -24.28 -71.63
CA MET N 589 -6.95 -25.17 -70.98
C MET N 589 -5.63 -24.48 -70.67
N GLY N 590 -5.36 -24.28 -69.38
CA GLY N 590 -4.10 -23.70 -68.94
C GLY N 590 -4.11 -22.24 -68.60
N TRP N 591 -5.29 -21.60 -68.59
CA TRP N 591 -5.32 -20.15 -68.34
C TRP N 591 -4.92 -19.82 -66.91
N LEU N 592 -5.17 -20.73 -65.97
CA LEU N 592 -4.83 -20.46 -64.58
C LEU N 592 -3.33 -20.24 -64.42
N GLU N 593 -2.53 -21.21 -64.88
CA GLU N 593 -1.09 -21.06 -64.76
C GLU N 593 -0.56 -19.88 -65.55
N LYS N 594 -1.23 -19.53 -66.66
CA LYS N 594 -0.76 -18.45 -67.49
C LYS N 594 -1.11 -17.08 -66.93
N ASN N 595 -2.13 -16.98 -66.09
CA ASN N 595 -2.52 -15.69 -65.55
C ASN N 595 -1.79 -15.33 -64.27
N LYS N 596 -1.27 -16.31 -63.53
CA LYS N 596 -0.62 -16.02 -62.26
C LYS N 596 0.66 -15.21 -62.48
N ASP N 597 0.92 -14.29 -61.57
CA ASP N 597 2.08 -13.42 -61.70
C ASP N 597 2.53 -12.94 -60.32
N PRO N 598 2.90 -13.84 -59.41
CA PRO N 598 3.29 -13.41 -58.06
C PRO N 598 4.74 -12.94 -58.03
N LEU N 599 4.94 -11.64 -57.86
CA LEU N 599 6.28 -11.09 -57.76
C LEU N 599 6.84 -11.31 -56.35
N ASN N 600 8.11 -11.66 -56.28
CA ASN N 600 8.78 -11.97 -55.03
C ASN N 600 9.63 -10.75 -54.65
N GLU N 601 9.09 -9.91 -53.76
CA GLU N 601 9.75 -8.65 -53.46
C GLU N 601 11.09 -8.82 -52.77
N THR N 602 11.33 -9.96 -52.12
CA THR N 602 12.64 -10.21 -51.54
C THR N 602 13.70 -10.31 -52.64
N VAL N 603 13.40 -11.06 -53.70
CA VAL N 603 14.35 -11.20 -54.79
C VAL N 603 14.52 -9.88 -55.52
N VAL N 604 13.46 -9.07 -55.62
CA VAL N 604 13.59 -7.76 -56.24
C VAL N 604 14.50 -6.87 -55.40
N GLY N 605 14.38 -6.95 -54.08
CA GLY N 605 15.30 -6.23 -53.22
C GLY N 605 16.73 -6.72 -53.38
N LEU N 606 16.92 -8.02 -53.59
CA LEU N 606 18.24 -8.52 -53.94
C LEU N 606 18.75 -7.90 -55.23
N TYR N 607 17.88 -7.83 -56.24
CA TYR N 607 18.26 -7.22 -57.52
C TYR N 607 18.73 -5.79 -57.32
N GLN N 608 18.01 -5.03 -56.49
CA GLN N 608 18.35 -3.62 -56.28
C GLN N 608 19.75 -3.43 -55.71
N LYS N 609 20.43 -4.49 -55.32
CA LYS N 609 21.76 -4.41 -54.74
C LYS N 609 22.82 -5.07 -55.62
N SER N 610 22.44 -5.53 -56.81
CA SER N 610 23.37 -6.29 -57.63
C SER N 610 24.57 -5.44 -58.03
N SER N 611 25.66 -6.14 -58.36
CA SER N 611 26.87 -5.48 -58.84
C SER N 611 26.75 -5.07 -60.30
N LEU N 612 26.01 -5.84 -61.11
CA LEU N 612 25.83 -5.53 -62.51
C LEU N 612 24.99 -4.27 -62.64
N LYS N 613 25.64 -3.14 -62.92
CA LYS N 613 25.00 -1.84 -62.80
C LYS N 613 23.76 -1.69 -63.67
N LEU N 614 23.66 -2.45 -64.76
CA LEU N 614 22.46 -2.39 -65.57
C LEU N 614 21.26 -2.95 -64.81
N MET N 615 21.46 -4.03 -64.06
CA MET N 615 20.37 -4.59 -63.27
C MET N 615 19.90 -3.61 -62.20
N ALA N 616 20.85 -2.97 -61.53
CA ALA N 616 20.47 -1.99 -60.50
C ALA N 616 19.81 -0.78 -61.12
N THR N 617 20.21 -0.38 -62.33
CA THR N 617 19.51 0.71 -63.00
C THR N 617 18.10 0.30 -63.38
N LEU N 618 17.92 -0.95 -63.79
CA LEU N 618 16.60 -1.45 -64.13
C LEU N 618 15.68 -1.43 -62.92
N PHE N 619 16.16 -1.97 -61.79
CA PHE N 619 15.35 -2.11 -60.60
C PHE N 619 15.61 -1.00 -59.57
N SER N 620 16.09 0.16 -60.02
CA SER N 620 16.24 1.30 -59.12
C SER N 620 14.91 1.64 -58.46
N THR N 621 13.86 1.79 -59.26
CA THR N 621 12.54 2.10 -58.75
C THR N 621 11.80 0.83 -58.36
N LYS N 634 2.26 0.47 -41.65
CA LYS N 634 1.98 1.89 -41.80
C LYS N 634 0.49 2.18 -41.66
N SER N 641 0.42 -7.68 -53.84
CA SER N 641 1.69 -8.11 -54.43
C SER N 641 1.62 -9.53 -54.94
N SER N 642 1.22 -10.45 -54.08
CA SER N 642 0.95 -11.81 -54.53
C SER N 642 -0.42 -11.94 -55.19
N PHE N 643 -1.07 -10.81 -55.45
CA PHE N 643 -2.37 -10.78 -56.10
C PHE N 643 -2.27 -10.32 -57.54
N GLN N 644 -1.06 -10.35 -58.11
CA GLN N 644 -0.86 -9.81 -59.44
C GLN N 644 -1.20 -10.83 -60.50
N THR N 645 -1.90 -10.38 -61.53
CA THR N 645 -2.30 -11.23 -62.63
C THR N 645 -1.97 -10.54 -63.95
N VAL N 646 -1.67 -11.35 -64.96
CA VAL N 646 -1.35 -10.82 -66.28
C VAL N 646 -2.51 -10.01 -66.83
N SER N 647 -3.74 -10.50 -66.64
CA SER N 647 -4.91 -9.80 -67.16
C SER N 647 -5.05 -8.41 -66.55
N ALA N 648 -4.68 -8.26 -65.28
CA ALA N 648 -4.84 -6.97 -64.62
C ALA N 648 -3.86 -5.95 -65.17
N LEU N 649 -2.58 -6.30 -65.25
CA LEU N 649 -1.60 -5.42 -65.85
C LEU N 649 -1.97 -5.09 -67.28
N HIS N 650 -2.44 -6.10 -68.03
CA HIS N 650 -2.86 -5.88 -69.40
C HIS N 650 -3.99 -4.86 -69.48
N ARG N 651 -4.99 -5.00 -68.61
CA ARG N 651 -6.12 -4.08 -68.63
C ARG N 651 -5.68 -2.67 -68.27
N GLU N 652 -4.77 -2.54 -67.31
CA GLU N 652 -4.30 -1.21 -66.95
C GLU N 652 -3.51 -0.56 -68.09
N ASN N 653 -2.64 -1.34 -68.74
CA ASN N 653 -1.90 -0.82 -69.89
C ASN N 653 -2.84 -0.40 -71.01
N LEU N 654 -3.86 -1.21 -71.28
CA LEU N 654 -4.81 -0.88 -72.34
C LEU N 654 -5.60 0.38 -71.98
N ASN N 655 -5.96 0.53 -70.71
CA ASN N 655 -6.64 1.76 -70.29
C ASN N 655 -5.74 2.96 -70.53
N LYS N 656 -4.45 2.84 -70.21
CA LYS N 656 -3.54 3.95 -70.43
C LYS N 656 -3.42 4.29 -71.91
N LEU N 657 -3.32 3.27 -72.76
CA LEU N 657 -3.18 3.50 -74.20
C LEU N 657 -4.42 4.19 -74.76
N MET N 658 -5.60 3.69 -74.41
CA MET N 658 -6.83 4.35 -74.86
C MET N 658 -6.92 5.76 -74.32
N THR N 659 -6.44 5.99 -73.10
CA THR N 659 -6.45 7.34 -72.56
C THR N 659 -5.56 8.27 -73.37
N ASN N 660 -4.42 7.78 -73.81
CA ASN N 660 -3.55 8.57 -74.67
C ASN N 660 -4.24 8.89 -75.99
N LEU N 661 -4.85 7.86 -76.60
CA LEU N 661 -5.44 8.06 -77.93
C LEU N 661 -6.66 8.97 -77.88
N LYS N 662 -7.42 8.95 -76.78
CA LYS N 662 -8.67 9.70 -76.74
C LYS N 662 -8.46 11.21 -76.66
N THR N 663 -7.22 11.68 -76.67
CA THR N 663 -6.93 13.10 -76.63
C THR N 663 -6.43 13.64 -77.96
N THR N 664 -6.33 12.81 -78.98
CA THR N 664 -5.80 13.20 -80.28
C THR N 664 -6.88 13.00 -81.35
N HIS N 665 -6.48 13.19 -82.61
CA HIS N 665 -7.36 12.96 -83.73
C HIS N 665 -6.89 11.76 -84.53
N PRO N 666 -7.76 10.80 -84.82
CA PRO N 666 -7.32 9.57 -85.46
C PRO N 666 -7.43 9.61 -86.97
N HIS N 667 -6.54 8.86 -87.62
CA HIS N 667 -6.57 8.68 -89.07
C HIS N 667 -6.14 7.26 -89.36
N PHE N 668 -7.09 6.43 -89.76
CA PHE N 668 -6.87 4.99 -89.86
C PHE N 668 -6.43 4.58 -91.25
N VAL N 669 -5.58 3.56 -91.30
CA VAL N 669 -5.04 3.02 -92.54
C VAL N 669 -5.12 1.51 -92.47
N ARG N 670 -5.45 0.87 -93.60
CA ARG N 670 -5.64 -0.57 -93.66
C ARG N 670 -4.76 -1.16 -94.76
N CYS N 671 -3.51 -1.47 -94.41
CA CYS N 671 -2.65 -2.18 -95.34
C CYS N 671 -3.09 -3.63 -95.44
N ILE N 672 -3.07 -4.16 -96.65
CA ILE N 672 -3.55 -5.51 -96.94
C ILE N 672 -2.44 -6.28 -97.63
N ILE N 673 -2.37 -7.57 -97.33
CA ILE N 673 -1.60 -8.52 -98.12
C ILE N 673 -2.57 -9.14 -99.12
N PRO N 674 -2.47 -8.83 -100.41
CA PRO N 674 -3.48 -9.31 -101.37
C PRO N 674 -3.39 -10.79 -101.65
N ASN N 675 -2.18 -11.34 -101.75
CA ASN N 675 -2.01 -12.74 -102.07
C ASN N 675 -0.89 -13.31 -101.22
N GLU N 676 -0.89 -14.64 -101.11
CA GLU N 676 0.06 -15.36 -100.27
C GLU N 676 1.25 -15.90 -101.03
N ARG N 677 1.11 -16.15 -102.32
CA ARG N 677 2.20 -16.67 -103.14
C ARG N 677 3.18 -15.58 -103.59
N LYS N 678 3.01 -14.35 -103.09
CA LYS N 678 3.86 -13.20 -103.36
C LYS N 678 3.80 -12.73 -104.81
N ALA N 679 3.04 -13.40 -105.66
CA ALA N 679 2.91 -12.99 -107.05
C ALA N 679 2.00 -11.77 -107.15
N PRO N 680 2.50 -10.62 -107.61
CA PRO N 680 1.66 -9.42 -107.65
C PRO N 680 0.56 -9.53 -108.70
N GLY N 681 -0.44 -8.66 -108.54
CA GLY N 681 -1.48 -8.49 -109.54
C GLY N 681 -2.79 -9.18 -109.21
N VAL N 682 -2.73 -10.41 -108.72
CA VAL N 682 -3.91 -11.22 -108.46
C VAL N 682 -3.99 -11.49 -106.97
N MET N 683 -5.12 -11.15 -106.36
CA MET N 683 -5.31 -11.35 -104.94
C MET N 683 -6.35 -12.43 -104.71
N ASP N 684 -6.05 -13.35 -103.80
CA ASP N 684 -7.00 -14.41 -103.47
C ASP N 684 -8.17 -13.84 -102.69
N ASN N 685 -9.37 -14.28 -103.04
CA ASN N 685 -10.60 -13.75 -102.46
C ASN N 685 -10.88 -14.18 -101.00
N PRO N 686 -10.59 -15.41 -100.57
CA PRO N 686 -10.93 -15.75 -99.18
C PRO N 686 -10.02 -15.08 -98.19
N LEU N 687 -8.72 -15.00 -98.49
CA LEU N 687 -7.79 -14.27 -97.67
C LEU N 687 -8.24 -12.83 -97.47
N VAL N 688 -8.50 -12.13 -98.58
CA VAL N 688 -8.84 -10.72 -98.47
C VAL N 688 -10.20 -10.55 -97.81
N MET N 689 -11.10 -11.53 -97.96
CA MET N 689 -12.38 -11.44 -97.29
C MET N 689 -12.23 -11.55 -95.78
N HIS N 690 -11.49 -12.56 -95.32
CA HIS N 690 -11.20 -12.70 -93.90
C HIS N 690 -10.55 -11.44 -93.36
N GLN N 691 -9.58 -10.89 -94.10
CA GLN N 691 -8.90 -9.69 -93.63
C GLN N 691 -9.85 -8.50 -93.58
N LEU N 692 -10.67 -8.32 -94.61
CA LEU N 692 -11.64 -7.23 -94.61
C LEU N 692 -12.61 -7.36 -93.45
N ARG N 693 -12.84 -8.59 -92.98
CA ARG N 693 -13.58 -8.77 -91.73
C ARG N 693 -12.75 -8.28 -90.54
N CYS N 694 -11.54 -8.81 -90.37
CA CYS N 694 -10.77 -8.51 -89.18
C CYS N 694 -10.17 -7.11 -89.19
N ASN N 695 -9.93 -6.53 -90.37
CA ASN N 695 -9.26 -5.24 -90.43
C ASN N 695 -10.12 -4.11 -89.89
N GLY N 696 -11.44 -4.26 -89.91
CA GLY N 696 -12.34 -3.27 -89.35
C GLY N 696 -13.10 -2.45 -90.38
N VAL N 697 -12.89 -2.68 -91.67
CA VAL N 697 -13.61 -1.91 -92.68
C VAL N 697 -15.08 -2.32 -92.71
N LEU N 698 -15.33 -3.63 -92.63
CA LEU N 698 -16.69 -4.14 -92.72
C LEU N 698 -17.58 -3.60 -91.62
N GLU N 699 -17.03 -3.27 -90.45
CA GLU N 699 -17.85 -2.66 -89.40
C GLU N 699 -18.29 -1.25 -89.81
N GLY N 700 -17.37 -0.47 -90.37
CA GLY N 700 -17.75 0.84 -90.87
C GLY N 700 -18.78 0.75 -91.98
N ILE N 701 -18.64 -0.24 -92.87
CA ILE N 701 -19.64 -0.43 -93.91
C ILE N 701 -20.99 -0.78 -93.29
N ARG N 702 -20.98 -1.69 -92.31
CA ARG N 702 -22.23 -2.12 -91.69
C ARG N 702 -22.91 -0.97 -90.97
N ILE N 703 -22.14 -0.01 -90.46
CA ILE N 703 -22.75 1.12 -89.78
C ILE N 703 -23.28 2.14 -90.79
N CYS N 704 -22.46 2.50 -91.78
CA CYS N 704 -22.91 3.47 -92.78
C CYS N 704 -24.09 2.95 -93.58
N ARG N 705 -24.24 1.63 -93.66
CA ARG N 705 -25.45 1.06 -94.28
C ARG N 705 -26.71 1.52 -93.56
N LYS N 706 -26.62 1.81 -92.27
CA LYS N 706 -27.74 2.37 -91.54
C LYS N 706 -28.06 3.81 -91.95
N GLY N 707 -27.32 4.36 -92.92
CA GLY N 707 -27.71 5.59 -93.59
C GLY N 707 -28.85 5.33 -94.55
N PHE N 708 -28.93 6.08 -95.65
CA PHE N 708 -28.10 7.22 -96.07
C PHE N 708 -26.57 7.05 -96.17
N PRO N 709 -26.10 6.06 -96.93
CA PRO N 709 -24.69 6.07 -97.33
C PRO N 709 -24.41 7.01 -98.49
N ASN N 710 -25.37 7.12 -99.42
CA ASN N 710 -25.20 7.90 -100.65
C ASN N 710 -25.55 9.36 -100.37
N ARG N 711 -24.56 10.23 -100.45
CA ARG N 711 -24.72 11.65 -100.14
C ARG N 711 -24.29 12.47 -101.35
N ILE N 712 -25.26 13.00 -102.10
CA ILE N 712 -25.02 13.77 -103.30
C ILE N 712 -25.63 15.16 -103.10
N LEU N 713 -25.21 16.10 -103.95
CA LEU N 713 -25.78 17.44 -103.97
C LEU N 713 -26.98 17.48 -104.92
N TYR N 714 -27.44 18.68 -105.23
CA TYR N 714 -28.64 18.83 -106.07
C TYR N 714 -28.33 18.63 -107.55
N GLY N 715 -27.26 19.28 -108.02
CA GLY N 715 -27.04 19.37 -109.46
C GLY N 715 -26.77 18.03 -110.12
N ASP N 716 -26.04 17.15 -109.43
CA ASP N 716 -25.68 15.87 -110.05
C ASP N 716 -26.92 15.02 -110.30
N PHE N 717 -27.86 15.01 -109.34
CA PHE N 717 -29.10 14.28 -109.57
C PHE N 717 -30.01 15.00 -110.55
N ARG N 718 -30.03 16.34 -110.49
CA ARG N 718 -30.74 17.11 -111.50
C ARG N 718 -30.29 16.75 -112.90
N GLN N 719 -29.02 16.44 -113.07
CA GLN N 719 -28.47 16.11 -114.39
C GLN N 719 -28.72 14.66 -114.75
N ARG N 720 -28.17 13.72 -113.95
CA ARG N 720 -28.10 12.33 -114.39
C ARG N 720 -29.46 11.64 -114.42
N TYR N 721 -30.48 12.19 -113.79
CA TYR N 721 -31.78 11.55 -113.70
C TYR N 721 -32.89 12.56 -114.02
N ARG N 722 -32.69 13.30 -115.11
CA ARG N 722 -33.66 14.25 -115.62
C ARG N 722 -34.58 13.64 -116.66
N ILE N 723 -34.50 12.33 -116.90
CA ILE N 723 -35.29 11.66 -117.93
C ILE N 723 -36.71 11.54 -117.38
N LEU N 724 -37.59 12.41 -117.85
CA LEU N 724 -38.99 12.40 -117.42
C LEU N 724 -39.91 12.82 -118.56
N GLY N 740 -35.41 22.03 -107.80
CA GLY N 740 -34.46 21.13 -108.42
C GLY N 740 -34.79 19.66 -108.19
N ALA N 741 -34.34 19.12 -107.05
CA ALA N 741 -34.64 17.74 -106.71
C ALA N 741 -35.97 17.60 -105.99
N GLU N 742 -36.54 18.70 -105.49
CA GLU N 742 -37.80 18.64 -104.76
C GLU N 742 -38.90 18.04 -105.62
N LYS N 743 -39.20 18.67 -106.76
CA LYS N 743 -40.20 18.13 -107.67
C LYS N 743 -39.70 16.87 -108.37
N LEU N 744 -38.38 16.78 -108.61
CA LEU N 744 -37.83 15.63 -109.31
C LEU N 744 -37.98 14.34 -108.52
N LEU N 745 -38.07 14.42 -107.18
CA LEU N 745 -38.28 13.24 -106.35
C LEU N 745 -39.61 13.23 -105.62
N GLY N 746 -40.40 14.30 -105.70
CA GLY N 746 -41.74 14.26 -105.16
C GLY N 746 -42.67 13.49 -106.08
N SER N 747 -42.14 13.06 -107.22
CA SER N 747 -42.90 12.32 -108.21
C SER N 747 -42.96 10.83 -107.90
N LEU N 748 -41.85 10.21 -107.54
CA LEU N 748 -41.86 8.79 -107.18
C LEU N 748 -41.59 8.62 -105.69
N ILE N 750 -40.72 4.91 -105.05
CA ILE N 750 -39.83 4.89 -103.90
C ILE N 750 -40.59 5.38 -102.67
N ASP N 751 -39.89 5.52 -101.55
CA ASP N 751 -40.49 5.98 -100.31
C ASP N 751 -39.97 7.36 -99.95
N HIS N 752 -40.80 8.12 -99.23
CA HIS N 752 -40.46 9.50 -98.87
C HIS N 752 -39.40 9.61 -97.79
N ASN N 753 -38.99 8.49 -97.18
CA ASN N 753 -37.95 8.52 -96.16
C ASN N 753 -36.57 8.16 -96.70
N GLN N 754 -36.51 7.50 -97.86
CA GLN N 754 -35.23 7.16 -98.48
C GLN N 754 -34.37 8.38 -98.76
N TYR N 755 -34.93 9.58 -98.66
CA TYR N 755 -34.22 10.81 -98.93
C TYR N 755 -34.48 11.80 -97.82
N LYS N 756 -33.55 12.74 -97.65
CA LYS N 756 -33.73 13.85 -96.73
C LYS N 756 -32.87 15.00 -97.26
N PHE N 757 -33.52 15.94 -97.96
CA PHE N 757 -32.82 17.04 -98.61
C PHE N 757 -32.52 18.15 -97.61
N GLY N 758 -31.30 18.68 -97.68
CA GLY N 758 -30.98 19.88 -96.93
C GLY N 758 -29.81 20.64 -97.47
N HIS N 759 -30.01 21.92 -97.79
CA HIS N 759 -28.97 22.85 -98.20
C HIS N 759 -28.05 22.24 -99.26
N THR N 760 -28.67 21.91 -100.40
CA THR N 760 -27.99 21.32 -101.55
C THR N 760 -27.24 20.06 -101.14
N LYS N 761 -28.01 19.10 -100.61
CA LYS N 761 -27.50 17.78 -100.26
C LYS N 761 -28.65 16.78 -100.24
N VAL N 762 -28.53 15.71 -101.04
CA VAL N 762 -29.49 14.62 -101.01
C VAL N 762 -28.80 13.41 -100.38
N PHE N 763 -29.55 12.71 -99.53
CA PHE N 763 -29.05 11.53 -98.84
C PHE N 763 -29.89 10.33 -99.27
N PHE N 764 -29.22 9.26 -99.68
CA PHE N 764 -29.89 8.07 -100.20
C PHE N 764 -29.45 6.84 -99.42
N LYS N 765 -30.42 6.02 -99.02
CA LYS N 765 -30.14 4.77 -98.33
C LYS N 765 -29.73 3.70 -99.32
N ALA N 766 -28.99 2.70 -98.81
CA ALA N 766 -28.44 1.64 -99.66
C ALA N 766 -29.56 0.81 -100.29
N GLY N 767 -29.71 0.92 -101.61
CA GLY N 767 -30.74 0.17 -102.29
C GLY N 767 -31.67 1.01 -103.14
N LEU N 768 -31.24 2.24 -103.47
CA LEU N 768 -32.05 3.11 -104.32
C LEU N 768 -31.44 3.37 -105.68
N LEU N 769 -30.13 3.61 -105.75
CA LEU N 769 -29.47 3.75 -107.05
C LEU N 769 -29.35 2.43 -107.79
N GLY N 770 -29.68 1.31 -107.15
CA GLY N 770 -29.83 0.06 -107.86
C GLY N 770 -31.14 -0.06 -108.61
N LEU N 771 -32.04 0.90 -108.38
CA LEU N 771 -33.29 1.03 -109.11
C LEU N 771 -33.19 2.02 -110.27
N LEU N 772 -32.47 3.12 -110.06
CA LEU N 772 -32.26 4.11 -111.10
C LEU N 772 -31.27 3.59 -112.14
N ALA O 1 -18.28 70.58 -68.75
CA ALA O 1 -18.00 71.92 -68.25
C ALA O 1 -16.72 71.93 -67.42
N GLN O 2 -16.80 71.38 -66.22
CA GLN O 2 -15.66 71.29 -65.32
C GLN O 2 -14.75 70.12 -65.65
N MET O 3 -14.91 69.49 -66.81
CA MET O 3 -14.05 68.40 -67.25
C MET O 3 -13.12 68.78 -68.38
N ALA O 4 -13.52 69.72 -69.24
CA ALA O 4 -12.74 70.09 -70.40
C ALA O 4 -11.54 70.99 -70.07
N ASP O 5 -11.20 71.13 -68.79
CA ASP O 5 -10.05 71.92 -68.37
C ASP O 5 -8.84 71.06 -68.05
N PHE O 6 -8.92 69.74 -68.24
CA PHE O 6 -7.80 68.84 -68.00
C PHE O 6 -7.16 68.35 -69.29
N GLY O 7 -7.69 68.76 -70.44
CA GLY O 7 -7.00 68.50 -71.70
C GLY O 7 -7.00 67.03 -72.08
N ALA O 8 -5.83 66.55 -72.50
CA ALA O 8 -5.68 65.21 -73.05
C ALA O 8 -5.92 64.11 -72.02
N ALA O 9 -5.93 64.44 -70.73
CA ALA O 9 -6.20 63.47 -69.69
C ALA O 9 -7.65 63.44 -69.26
N ALA O 10 -8.44 64.47 -69.61
CA ALA O 10 -9.82 64.53 -69.17
C ALA O 10 -10.61 63.30 -69.61
N GLN O 11 -10.29 62.77 -70.79
CA GLN O 11 -10.94 61.54 -71.25
C GLN O 11 -10.72 60.40 -70.25
N TYR O 12 -9.50 60.32 -69.68
CA TYR O 12 -9.23 59.31 -68.66
C TYR O 12 -9.89 59.67 -67.35
N LEU O 13 -9.98 60.96 -67.02
CA LEU O 13 -10.56 61.36 -65.74
C LEU O 13 -12.09 61.27 -65.78
N ARG O 14 -12.72 61.92 -66.75
CA ARG O 14 -14.17 61.87 -66.90
C ARG O 14 -14.51 61.86 -68.39
N LYS O 15 -15.11 60.77 -68.84
CA LYS O 15 -15.49 60.66 -70.24
C LYS O 15 -16.50 61.74 -70.62
N SER O 16 -16.47 62.13 -71.89
CA SER O 16 -17.35 63.18 -72.38
C SER O 16 -18.81 62.73 -72.30
N GLU O 17 -19.69 63.69 -72.05
CA GLU O 17 -21.09 63.36 -71.81
C GLU O 17 -21.79 62.78 -73.03
N LYS O 18 -21.17 62.79 -74.20
CA LYS O 18 -21.82 62.26 -75.40
C LYS O 18 -21.86 60.73 -75.38
N GLU O 19 -20.69 60.11 -75.35
CA GLU O 19 -20.64 58.66 -75.20
C GLU O 19 -21.24 58.23 -73.87
N ARG O 20 -21.17 59.10 -72.85
CA ARG O 20 -21.80 58.76 -71.58
C ARG O 20 -23.31 58.71 -71.70
N LEU O 21 -23.91 59.68 -72.41
CA LEU O 21 -25.36 59.67 -72.54
C LEU O 21 -25.83 58.55 -73.46
N GLU O 22 -25.03 58.21 -74.48
CA GLU O 22 -25.41 57.07 -75.31
C GLU O 22 -25.20 55.75 -74.56
N ALA O 23 -24.32 55.74 -73.56
CA ALA O 23 -24.05 54.53 -72.80
C ALA O 23 -24.95 54.37 -71.59
N GLN O 24 -25.46 55.46 -71.01
CA GLN O 24 -26.30 55.39 -69.83
C GLN O 24 -27.76 55.10 -70.16
N THR O 25 -28.06 54.70 -71.40
CA THR O 25 -29.44 54.43 -71.81
C THR O 25 -29.54 53.14 -72.62
N ARG O 26 -28.76 52.13 -72.27
CA ARG O 26 -28.79 50.87 -73.00
C ARG O 26 -30.03 50.07 -72.59
N PRO O 27 -30.85 49.62 -73.53
CA PRO O 27 -32.03 48.80 -73.19
C PRO O 27 -31.65 47.35 -72.98
N PHE O 28 -31.74 46.89 -71.72
CA PHE O 28 -31.44 45.51 -71.36
C PHE O 28 -32.46 45.01 -70.36
N ASP O 29 -32.39 43.72 -70.06
CA ASP O 29 -33.37 43.06 -69.22
C ASP O 29 -32.85 42.88 -67.80
N ILE O 30 -33.78 42.62 -66.89
CA ILE O 30 -33.47 42.46 -65.47
C ILE O 30 -33.32 40.97 -65.14
N ARG O 31 -34.00 40.11 -65.89
CA ARG O 31 -34.12 38.70 -65.55
C ARG O 31 -33.49 37.77 -66.58
N THR O 32 -32.73 38.29 -67.54
CA THR O 32 -31.94 37.45 -68.42
C THR O 32 -30.48 37.88 -68.52
N GLU O 33 -30.03 38.81 -67.68
CA GLU O 33 -28.65 39.22 -67.62
C GLU O 33 -28.18 39.07 -66.17
N CYS O 34 -27.61 37.92 -65.86
CA CYS O 34 -27.13 37.61 -64.52
C CYS O 34 -25.65 37.21 -64.61
N PHE O 35 -25.12 36.74 -63.48
CA PHE O 35 -23.73 36.34 -63.38
C PHE O 35 -23.63 34.90 -62.92
N VAL O 36 -22.83 34.12 -63.64
CA VAL O 36 -22.60 32.72 -63.30
C VAL O 36 -21.10 32.48 -63.23
N PRO O 37 -20.66 31.47 -62.48
CA PRO O 37 -19.22 31.27 -62.29
C PRO O 37 -18.56 30.69 -63.53
N ASP O 38 -17.26 30.44 -63.39
CA ASP O 38 -16.45 29.89 -64.47
C ASP O 38 -15.15 29.36 -63.88
N ASP O 39 -14.39 28.64 -64.70
CA ASP O 39 -13.11 28.08 -64.29
C ASP O 39 -11.92 28.96 -64.67
N LYS O 40 -12.05 29.76 -65.74
CA LYS O 40 -11.00 30.68 -66.13
C LYS O 40 -11.39 32.14 -66.00
N GLU O 41 -12.69 32.45 -66.04
CA GLU O 41 -13.17 33.79 -65.77
C GLU O 41 -13.79 33.93 -64.39
N GLU O 42 -14.35 32.84 -63.87
CA GLU O 42 -14.91 32.73 -62.53
C GLU O 42 -16.16 33.58 -62.35
N TYR O 43 -16.48 34.39 -63.36
CA TYR O 43 -17.66 35.23 -63.37
C TYR O 43 -17.90 35.74 -64.79
N VAL O 44 -19.09 35.49 -65.34
CA VAL O 44 -19.38 35.83 -66.73
C VAL O 44 -20.80 36.33 -66.85
N LYS O 45 -21.05 37.09 -67.91
CA LYS O 45 -22.38 37.52 -68.29
C LYS O 45 -22.98 36.47 -69.23
N ALA O 46 -24.27 36.20 -69.08
CA ALA O 46 -24.94 35.24 -69.94
C ALA O 46 -26.44 35.49 -69.90
N LYS O 47 -27.16 34.74 -70.72
CA LYS O 47 -28.61 34.88 -70.80
C LYS O 47 -29.30 33.58 -70.40
N ALA O 58 -30.85 26.70 -65.06
CA ALA O 58 -31.19 27.94 -65.75
C ALA O 58 -30.39 28.10 -67.03
N GLU O 59 -31.08 28.31 -68.15
CA GLU O 59 -30.41 28.45 -69.44
C GLU O 59 -29.62 29.77 -69.46
N THR O 60 -28.31 29.66 -69.67
CA THR O 60 -27.42 30.79 -69.73
C THR O 60 -26.28 30.46 -70.69
N GLU O 61 -26.08 31.34 -71.68
CA GLU O 61 -25.09 31.10 -72.71
C GLU O 61 -24.52 32.44 -73.17
N ASN O 62 -23.18 32.49 -73.30
CA ASN O 62 -22.51 33.62 -73.95
C ASN O 62 -21.36 33.15 -74.82
N GLY O 63 -21.33 31.87 -75.19
CA GLY O 63 -20.19 31.27 -75.85
C GLY O 63 -20.00 29.86 -75.34
N LYS O 64 -20.77 29.52 -74.31
CA LYS O 64 -20.79 28.18 -73.73
C LYS O 64 -22.01 28.09 -72.83
N THR O 65 -22.74 26.99 -72.95
CA THR O 65 -23.99 26.82 -72.22
C THR O 65 -23.73 26.20 -70.86
N VAL O 66 -24.35 26.78 -69.83
CA VAL O 66 -24.32 26.22 -68.48
C VAL O 66 -25.69 26.41 -67.85
N THR O 67 -26.12 25.42 -67.07
CA THR O 67 -27.40 25.45 -66.37
C THR O 67 -27.14 25.16 -64.91
N ILE O 68 -27.27 26.18 -64.06
CA ILE O 68 -26.91 26.08 -62.66
C ILE O 68 -28.15 26.29 -61.79
N LYS O 69 -27.97 26.21 -60.48
CA LYS O 69 -29.07 26.43 -59.55
C LYS O 69 -29.59 27.86 -59.67
N GLU O 70 -30.86 28.04 -59.36
CA GLU O 70 -31.53 29.32 -59.43
C GLU O 70 -31.34 30.16 -58.17
N ASP O 71 -30.32 29.87 -57.37
CA ASP O 71 -30.01 30.64 -56.18
C ASP O 71 -28.52 30.92 -56.08
N GLN O 72 -27.87 31.13 -57.24
CA GLN O 72 -26.47 31.51 -57.24
C GLN O 72 -26.18 32.59 -58.28
N VAL O 73 -27.16 32.99 -59.08
CA VAL O 73 -26.97 33.97 -60.14
C VAL O 73 -27.04 35.37 -59.54
N MET O 74 -26.13 36.24 -59.98
CA MET O 74 -26.10 37.63 -59.55
C MET O 74 -26.56 38.52 -60.70
N GLN O 75 -27.64 39.26 -60.47
CA GLN O 75 -28.15 40.18 -61.48
C GLN O 75 -27.09 41.22 -61.81
N GLN O 76 -26.75 41.33 -63.09
CA GLN O 76 -25.73 42.28 -63.52
C GLN O 76 -26.19 43.71 -63.26
N ASN O 77 -25.22 44.60 -63.04
CA ASN O 77 -25.52 45.99 -62.77
C ASN O 77 -26.35 46.59 -63.90
N PRO O 78 -27.26 47.51 -63.59
CA PRO O 78 -28.04 48.14 -64.64
C PRO O 78 -27.14 48.96 -65.53
N PRO O 79 -27.51 49.12 -66.81
CA PRO O 79 -26.69 49.92 -67.74
C PRO O 79 -26.64 51.39 -67.41
N LYS O 80 -27.30 51.84 -66.35
CA LYS O 80 -27.20 53.25 -65.95
C LYS O 80 -25.84 53.52 -65.32
N PHE O 81 -25.40 52.65 -64.42
CA PHE O 81 -24.17 52.82 -63.67
C PHE O 81 -23.00 52.02 -64.23
N ASP O 82 -23.04 51.68 -65.52
CA ASP O 82 -22.07 50.75 -66.08
C ASP O 82 -20.65 51.30 -66.14
N LYS O 83 -20.42 52.56 -65.75
CA LYS O 83 -19.07 53.10 -65.79
C LYS O 83 -18.75 53.97 -64.58
N ILE O 84 -19.61 53.98 -63.55
CA ILE O 84 -19.42 54.88 -62.42
C ILE O 84 -18.10 54.55 -61.72
N GLU O 85 -17.34 55.59 -61.42
CA GLU O 85 -16.08 55.45 -60.70
C GLU O 85 -16.26 55.27 -59.20
N ASP O 86 -17.49 55.01 -58.76
CA ASP O 86 -17.80 54.81 -57.34
C ASP O 86 -18.83 53.69 -57.26
N MET O 87 -18.37 52.49 -56.90
CA MET O 87 -19.25 51.34 -56.83
C MET O 87 -20.07 51.29 -55.54
N ALA O 88 -20.09 52.39 -54.77
CA ALA O 88 -20.86 52.43 -53.54
C ALA O 88 -22.33 52.75 -53.77
N MET O 89 -22.72 53.17 -54.98
CA MET O 89 -24.08 53.58 -55.28
C MET O 89 -24.84 52.53 -56.07
N LEU O 90 -24.22 51.38 -56.34
CA LEU O 90 -24.83 50.36 -57.19
C LEU O 90 -25.95 49.65 -56.45
N THR O 91 -26.99 49.28 -57.20
CA THR O 91 -28.06 48.48 -56.61
C THR O 91 -27.66 47.04 -56.41
N PHE O 92 -26.60 46.59 -57.06
CA PHE O 92 -26.17 45.20 -57.03
C PHE O 92 -24.73 45.15 -56.54
N LEU O 93 -24.55 45.08 -55.23
CA LEU O 93 -23.23 45.00 -54.62
C LEU O 93 -22.84 43.53 -54.51
N HIS O 94 -22.14 43.03 -55.53
CA HIS O 94 -21.59 41.69 -55.49
C HIS O 94 -20.24 41.70 -56.18
N GLU O 95 -19.52 40.60 -56.01
CA GLU O 95 -18.17 40.45 -56.54
C GLU O 95 -18.09 40.70 -58.04
N PRO O 96 -18.87 40.00 -58.88
CA PRO O 96 -18.75 40.25 -60.33
C PRO O 96 -19.14 41.66 -60.71
N ALA O 97 -20.08 42.26 -59.99
CA ALA O 97 -20.50 43.63 -60.28
C ALA O 97 -19.30 44.58 -60.26
N VAL O 98 -18.65 44.70 -59.11
CA VAL O 98 -17.50 45.59 -59.00
C VAL O 98 -16.35 45.11 -59.87
N LEU O 99 -16.21 43.79 -60.02
CA LEU O 99 -15.15 43.25 -60.88
C LEU O 99 -15.26 43.82 -62.29
N TYR O 100 -16.41 43.63 -62.94
CA TYR O 100 -16.57 44.11 -64.31
C TYR O 100 -16.70 45.63 -64.36
N ASN O 101 -17.17 46.27 -63.29
CA ASN O 101 -17.11 47.72 -63.21
C ASN O 101 -15.69 48.22 -63.42
N LEU O 102 -14.77 47.71 -62.60
CA LEU O 102 -13.36 48.08 -62.75
C LEU O 102 -12.79 47.61 -64.09
N LYS O 103 -13.21 46.43 -64.56
CA LYS O 103 -12.69 45.91 -65.82
C LYS O 103 -13.02 46.85 -66.96
N GLU O 104 -14.27 47.32 -67.03
CA GLU O 104 -14.65 48.26 -68.08
C GLU O 104 -13.93 49.59 -67.88
N ARG O 105 -13.95 50.13 -66.65
CA ARG O 105 -13.33 51.43 -66.42
C ARG O 105 -11.85 51.41 -66.75
N TYR O 106 -11.21 50.23 -66.69
CA TYR O 106 -9.82 50.15 -67.12
C TYR O 106 -9.71 49.96 -68.62
N ALA O 107 -10.63 49.19 -69.22
CA ALA O 107 -10.60 48.98 -70.66
C ALA O 107 -10.68 50.30 -71.42
N ALA O 108 -11.79 51.02 -71.25
CA ALA O 108 -11.85 52.41 -71.68
C ALA O 108 -11.04 53.23 -70.72
N TRP O 109 -9.76 53.48 -71.06
CA TRP O 109 -8.73 53.75 -70.06
C TRP O 109 -9.16 54.78 -69.03
N MET O 110 -9.37 54.32 -67.81
CA MET O 110 -9.60 55.16 -66.64
C MET O 110 -9.06 54.37 -65.45
N ILE O 111 -7.79 54.60 -65.11
CA ILE O 111 -7.14 53.80 -64.07
C ILE O 111 -7.55 54.21 -62.67
N TYR O 112 -8.34 55.28 -62.53
CA TYR O 112 -8.68 55.84 -61.23
C TYR O 112 -10.14 55.54 -60.90
N THR O 113 -10.39 55.20 -59.63
CA THR O 113 -11.71 54.79 -59.19
C THR O 113 -11.84 55.10 -57.71
N TYR O 114 -13.08 55.24 -57.26
CA TYR O 114 -13.40 55.39 -55.85
C TYR O 114 -14.25 54.20 -55.41
N SER O 115 -13.99 53.67 -54.21
CA SER O 115 -14.72 52.51 -53.69
C SER O 115 -15.18 52.82 -52.27
N GLY O 116 -16.31 53.51 -52.16
CA GLY O 116 -16.89 53.79 -50.87
C GLY O 116 -16.07 54.80 -50.10
N LEU O 117 -14.88 54.36 -49.67
CA LEU O 117 -13.87 55.25 -49.11
C LEU O 117 -12.48 54.98 -49.65
N PHE O 118 -12.25 53.85 -50.31
CA PHE O 118 -10.94 53.56 -50.88
C PHE O 118 -10.73 54.36 -52.16
N CYS O 119 -9.49 54.34 -52.64
CA CYS O 119 -9.12 55.03 -53.87
C CYS O 119 -8.30 54.05 -54.71
N VAL O 120 -9.00 53.22 -55.48
CA VAL O 120 -8.35 52.16 -56.23
C VAL O 120 -7.69 52.74 -57.48
N THR O 121 -6.39 52.54 -57.60
CA THR O 121 -5.64 52.88 -58.79
C THR O 121 -5.08 51.61 -59.41
N VAL O 122 -5.09 51.55 -60.73
CA VAL O 122 -4.60 50.39 -61.48
C VAL O 122 -3.37 50.82 -62.25
N ASN O 123 -2.37 49.95 -62.30
CA ASN O 123 -1.16 50.28 -63.05
C ASN O 123 -1.47 50.29 -64.54
N PRO O 124 -1.21 51.40 -65.24
CA PRO O 124 -1.57 51.47 -66.65
C PRO O 124 -0.51 50.90 -67.58
N TYR O 125 0.75 50.87 -67.11
CA TYR O 125 1.91 50.41 -67.87
C TYR O 125 2.13 51.18 -69.16
N LYS O 126 1.38 52.28 -69.36
CA LYS O 126 1.53 53.11 -70.55
C LYS O 126 1.65 54.55 -70.07
N TRP O 127 2.74 55.22 -70.45
CA TRP O 127 2.96 56.59 -70.01
C TRP O 127 1.77 57.45 -70.37
N LEU O 128 1.33 58.26 -69.41
CA LEU O 128 0.18 59.11 -69.60
C LEU O 128 0.48 60.48 -68.99
N PRO O 129 0.01 61.54 -69.62
CA PRO O 129 0.18 62.87 -69.03
C PRO O 129 -0.88 63.16 -67.99
N VAL O 130 -1.55 62.11 -67.52
CA VAL O 130 -2.62 62.26 -66.54
C VAL O 130 -2.13 62.76 -65.19
N TYR O 131 -0.82 62.83 -64.98
CA TYR O 131 -0.24 63.43 -63.79
C TYR O 131 0.61 64.65 -64.09
N ASN O 132 1.33 64.64 -65.21
CA ASN O 132 2.20 65.74 -65.60
C ASN O 132 1.73 66.28 -66.95
N ALA O 133 1.60 67.59 -67.04
CA ALA O 133 1.98 68.54 -65.99
C ALA O 133 0.82 68.89 -65.06
N GLU O 134 1.01 69.96 -64.29
CA GLU O 134 0.04 70.44 -63.30
C GLU O 134 -1.33 70.69 -63.90
N VAL O 135 -1.47 70.72 -65.23
CA VAL O 135 -2.77 70.90 -65.88
C VAL O 135 -3.82 69.97 -65.28
N VAL O 136 -3.41 68.77 -64.86
CA VAL O 136 -4.31 67.87 -64.17
C VAL O 136 -4.33 68.09 -62.67
N ALA O 137 -3.30 68.75 -62.12
CA ALA O 137 -3.18 68.98 -60.69
C ALA O 137 -4.01 70.15 -60.19
N ALA O 138 -5.02 70.56 -60.96
CA ALA O 138 -5.86 71.69 -60.59
C ALA O 138 -6.79 71.37 -59.43
N TYR O 139 -6.61 70.20 -58.82
CA TYR O 139 -7.47 69.76 -57.72
C TYR O 139 -7.41 70.66 -56.50
N ARG O 140 -6.53 71.66 -56.49
CA ARG O 140 -6.43 72.54 -55.33
C ARG O 140 -7.75 73.22 -55.05
N GLY O 141 -8.19 73.15 -53.80
CA GLY O 141 -9.48 73.69 -53.41
C GLY O 141 -10.63 72.76 -53.73
N LYS O 142 -10.47 71.94 -54.77
CA LYS O 142 -11.54 71.04 -55.19
C LYS O 142 -11.74 69.92 -54.18
N LYS O 143 -12.98 69.43 -54.10
CA LYS O 143 -13.33 68.35 -53.20
C LYS O 143 -13.33 67.02 -53.96
N ARG O 144 -13.33 65.94 -53.19
CA ARG O 144 -13.45 64.61 -53.78
C ARG O 144 -14.81 64.44 -54.46
N SER O 145 -15.88 64.88 -53.78
CA SER O 145 -17.25 64.64 -54.22
C SER O 145 -17.61 65.36 -55.52
N GLU O 146 -16.76 66.24 -56.02
CA GLU O 146 -17.03 67.00 -57.25
C GLU O 146 -16.02 66.69 -58.35
N ALA O 147 -14.74 66.75 -58.04
CA ALA O 147 -13.70 66.55 -59.04
C ALA O 147 -13.59 65.07 -59.39
N PRO O 148 -12.93 64.75 -60.50
CA PRO O 148 -12.70 63.34 -60.86
C PRO O 148 -11.99 62.59 -59.75
N PRO O 149 -12.01 61.25 -59.77
CA PRO O 149 -11.50 60.46 -58.64
C PRO O 149 -9.99 60.20 -58.71
N HIS O 150 -9.20 61.23 -58.43
CA HIS O 150 -7.76 61.09 -58.47
C HIS O 150 -7.16 61.06 -57.08
N ILE O 151 -6.03 60.37 -56.95
CA ILE O 151 -5.29 60.37 -55.70
C ILE O 151 -4.81 61.78 -55.37
N PHE O 152 -4.65 62.64 -56.39
CA PHE O 152 -4.36 64.03 -56.12
C PHE O 152 -5.47 64.67 -55.32
N SER O 153 -6.72 64.28 -55.57
CA SER O 153 -7.82 64.78 -54.76
C SER O 153 -7.64 64.39 -53.30
N ILE O 154 -7.15 63.18 -53.05
CA ILE O 154 -7.00 62.72 -51.67
C ILE O 154 -5.81 63.39 -51.00
N SER O 155 -4.71 63.56 -51.73
CA SER O 155 -3.58 64.31 -51.20
C SER O 155 -4.00 65.73 -50.85
N ASP O 156 -4.77 66.36 -51.74
CA ASP O 156 -5.28 67.69 -51.45
C ASP O 156 -6.24 67.68 -50.28
N ASN O 157 -7.07 66.65 -50.16
CA ASN O 157 -8.00 66.57 -49.04
C ASN O 157 -7.26 66.47 -47.72
N ALA O 158 -6.21 65.65 -47.68
CA ALA O 158 -5.37 65.58 -46.50
C ALA O 158 -4.73 66.92 -46.20
N TYR O 159 -4.23 67.61 -47.23
CA TYR O 159 -3.69 68.94 -47.04
C TYR O 159 -4.72 69.87 -46.40
N GLN O 160 -5.92 69.92 -46.98
CA GLN O 160 -6.98 70.76 -46.46
C GLN O 160 -7.32 70.39 -45.02
N TYR O 161 -7.42 69.10 -44.72
CA TYR O 161 -7.78 68.68 -43.38
C TYR O 161 -6.70 69.06 -42.38
N MET O 162 -5.44 68.99 -42.78
CA MET O 162 -4.37 69.46 -41.90
C MET O 162 -4.47 70.94 -41.66
N LEU O 163 -4.80 71.72 -42.69
CA LEU O 163 -4.88 73.17 -42.52
C LEU O 163 -6.13 73.62 -41.77
N THR O 164 -7.20 72.82 -41.77
CA THR O 164 -8.42 73.25 -41.10
C THR O 164 -8.70 72.52 -39.79
N ASP O 165 -7.93 71.47 -39.48
CA ASP O 165 -8.20 70.64 -38.31
C ASP O 165 -7.01 70.47 -37.39
N ARG O 166 -5.79 70.74 -37.85
CA ARG O 166 -4.58 70.64 -37.02
C ARG O 166 -4.35 69.21 -36.55
N GLU O 167 -4.82 68.24 -37.32
CA GLU O 167 -4.72 66.82 -37.00
C GLU O 167 -3.99 66.11 -38.12
N ASN O 168 -2.97 65.33 -37.77
CA ASN O 168 -2.16 64.68 -38.78
C ASN O 168 -3.01 63.75 -39.64
N GLN O 169 -2.52 63.46 -40.84
CA GLN O 169 -3.20 62.61 -41.79
C GLN O 169 -2.31 61.43 -42.16
N SER O 170 -2.95 60.37 -42.65
CA SER O 170 -2.24 59.13 -42.94
C SER O 170 -2.68 58.56 -44.27
N ILE O 171 -1.73 58.05 -45.04
CA ILE O 171 -1.98 57.43 -46.34
C ILE O 171 -1.50 55.98 -46.24
N LEU O 172 -2.44 55.05 -46.27
CA LEU O 172 -2.13 53.62 -46.20
C LEU O 172 -2.24 53.04 -47.61
N ILE O 173 -1.08 52.84 -48.24
CA ILE O 173 -1.00 52.34 -49.60
C ILE O 173 -0.66 50.86 -49.56
N THR O 174 -1.40 50.06 -50.34
CA THR O 174 -1.19 48.62 -50.41
C THR O 174 0.18 48.29 -50.98
N GLY O 175 0.93 47.40 -50.32
CA GLY O 175 2.34 47.24 -50.61
C GLY O 175 2.83 45.93 -51.20
N GLU O 176 2.07 44.84 -51.09
CA GLU O 176 2.56 43.57 -51.62
C GLU O 176 2.54 43.55 -53.14
N SER O 177 1.84 44.50 -53.76
CA SER O 177 1.87 44.62 -55.20
C SER O 177 3.25 45.11 -55.65
N GLY O 178 3.82 44.41 -56.62
CA GLY O 178 5.18 44.73 -57.05
C GLY O 178 5.32 46.13 -57.62
N ALA O 179 4.38 46.54 -58.45
CA ALA O 179 4.38 47.87 -59.04
C ALA O 179 3.07 48.58 -58.73
N GLY O 180 2.99 49.83 -59.11
CA GLY O 180 1.82 50.65 -58.80
C GLY O 180 1.93 51.38 -57.49
N LYS O 181 2.44 50.70 -56.46
CA LYS O 181 2.60 51.34 -55.16
C LYS O 181 3.77 52.32 -55.17
N THR O 182 4.92 51.89 -55.69
CA THR O 182 6.11 52.72 -55.67
C THR O 182 5.92 53.97 -56.51
N VAL O 183 5.40 53.80 -57.73
CA VAL O 183 5.16 54.94 -58.60
C VAL O 183 4.16 55.90 -57.95
N ASN O 184 3.15 55.36 -57.27
CA ASN O 184 2.18 56.22 -56.60
C ASN O 184 2.83 56.99 -55.45
N THR O 185 3.73 56.35 -54.72
CA THR O 185 4.45 57.06 -53.67
C THR O 185 5.28 58.21 -54.25
N LYS O 186 6.00 57.93 -55.34
CA LYS O 186 6.73 59.00 -56.01
C LYS O 186 5.81 60.13 -56.42
N ARG O 187 4.65 59.79 -56.99
CA ARG O 187 3.75 60.81 -57.50
C ARG O 187 3.15 61.63 -56.36
N VAL O 188 2.86 61.00 -55.22
CA VAL O 188 2.26 61.76 -54.13
C VAL O 188 3.30 62.64 -53.43
N ILE O 189 4.54 62.18 -53.31
CA ILE O 189 5.54 63.09 -52.72
C ILE O 189 5.84 64.23 -53.67
N GLN O 190 5.85 63.95 -54.98
CA GLN O 190 5.98 65.01 -55.97
C GLN O 190 4.84 66.02 -55.87
N TYR O 191 3.61 65.52 -55.74
CA TYR O 191 2.46 66.41 -55.63
C TYR O 191 2.53 67.25 -54.37
N PHE O 192 2.92 66.65 -53.25
CA PHE O 192 3.02 67.41 -52.01
C PHE O 192 4.12 68.45 -52.06
N ALA O 193 5.21 68.16 -52.79
CA ALA O 193 6.20 69.21 -53.05
C ALA O 193 5.61 70.30 -53.92
N SER O 194 4.81 69.91 -54.91
CA SER O 194 4.26 70.87 -55.87
C SER O 194 3.33 71.87 -55.19
N ILE O 195 2.31 71.36 -54.50
CA ILE O 195 1.29 72.25 -53.95
C ILE O 195 1.89 73.14 -52.86
N ALA O 196 2.44 72.54 -51.81
CA ALA O 196 3.02 73.30 -50.70
C ALA O 196 4.52 73.49 -50.87
N ALA O 197 4.93 74.12 -51.98
CA ALA O 197 6.35 74.34 -52.24
C ALA O 197 6.92 75.39 -51.30
N GLY O 212 18.35 69.00 -54.48
CA GLY O 212 18.35 69.04 -53.03
C GLY O 212 16.95 69.13 -52.44
N THR O 213 15.97 68.62 -53.19
CA THR O 213 14.59 68.63 -52.76
C THR O 213 14.27 67.36 -51.97
N LEU O 214 13.15 67.41 -51.24
CA LEU O 214 12.75 66.28 -50.42
C LEU O 214 12.56 65.02 -51.25
N GLU O 215 12.07 65.17 -52.48
CA GLU O 215 11.89 64.01 -53.34
C GLU O 215 13.23 63.42 -53.75
N ASP O 216 14.13 64.26 -54.26
CA ASP O 216 15.48 63.82 -54.56
C ASP O 216 16.11 63.15 -53.35
N GLN O 217 16.12 63.86 -52.22
CA GLN O 217 16.75 63.35 -51.01
C GLN O 217 16.18 61.98 -50.62
N ILE O 218 14.86 61.84 -50.68
CA ILE O 218 14.22 60.59 -50.26
C ILE O 218 14.63 59.46 -51.19
N ILE O 219 14.64 59.70 -52.49
CA ILE O 219 15.00 58.63 -53.42
C ILE O 219 16.51 58.40 -53.50
N GLN O 220 17.32 59.27 -52.90
CA GLN O 220 18.77 59.06 -52.97
C GLN O 220 19.19 57.86 -52.13
N ALA O 221 18.92 57.89 -50.84
CA ALA O 221 19.38 56.86 -49.91
C ALA O 221 18.51 55.61 -49.92
N ASN O 222 17.60 55.49 -50.88
CA ASN O 222 16.72 54.31 -50.92
C ASN O 222 17.45 52.99 -51.14
N PRO O 223 18.53 52.90 -51.95
CA PRO O 223 19.22 51.60 -52.10
C PRO O 223 19.60 50.92 -50.80
N ALA O 224 19.83 51.69 -49.74
CA ALA O 224 20.08 51.09 -48.43
C ALA O 224 18.91 50.23 -48.00
N LEU O 225 17.71 50.83 -47.94
CA LEU O 225 16.53 50.06 -47.60
C LEU O 225 16.26 48.95 -48.60
N GLU O 226 16.53 49.19 -49.88
CA GLU O 226 16.28 48.14 -50.87
C GLU O 226 17.14 46.91 -50.59
N ALA O 227 18.40 47.12 -50.23
CA ALA O 227 19.28 46.00 -49.95
C ALA O 227 19.04 45.38 -48.59
N PHE O 228 18.59 46.16 -47.62
CA PHE O 228 18.48 45.64 -46.25
C PHE O 228 17.12 45.06 -45.93
N GLY O 229 16.03 45.62 -46.44
CA GLY O 229 14.71 45.17 -46.06
C GLY O 229 13.89 44.57 -47.18
N ASN O 230 14.55 44.02 -48.19
CA ASN O 230 13.85 43.36 -49.28
C ASN O 230 14.54 42.04 -49.59
N ALA O 231 13.74 41.01 -49.83
CA ALA O 231 14.26 39.68 -50.06
C ALA O 231 13.43 38.98 -51.12
N LYS O 232 14.03 37.96 -51.73
CA LYS O 232 13.34 37.15 -52.72
C LYS O 232 12.21 36.35 -52.07
N THR O 233 10.98 36.65 -52.46
CA THR O 233 9.79 36.00 -51.94
C THR O 233 9.32 34.94 -52.93
N VAL O 234 8.49 34.01 -52.45
CA VAL O 234 7.93 33.00 -53.33
C VAL O 234 7.04 33.64 -54.39
N ARG O 235 6.28 34.68 -54.03
CA ARG O 235 5.37 35.35 -54.93
C ARG O 235 5.84 36.75 -55.30
N ASN O 236 7.15 36.95 -55.37
CA ASN O 236 7.73 38.27 -55.66
C ASN O 236 9.23 38.08 -55.85
N ASP O 237 9.90 39.17 -56.20
CA ASP O 237 11.36 39.22 -56.23
C ASP O 237 11.93 40.49 -55.66
N ASN O 238 11.10 41.45 -55.28
CA ASN O 238 11.52 42.65 -54.56
C ASN O 238 10.38 42.95 -53.60
N SER O 239 10.49 42.47 -52.37
CA SER O 239 9.40 42.46 -51.41
C SER O 239 9.73 43.33 -50.21
N SER O 240 8.89 44.32 -49.93
CA SER O 240 9.06 45.15 -48.75
C SER O 240 8.76 44.33 -47.51
N ARG O 241 9.81 43.95 -46.79
CA ARG O 241 9.69 43.08 -45.63
C ARG O 241 9.66 43.87 -44.32
N PHE O 242 9.10 45.07 -44.34
CA PHE O 242 8.96 45.87 -43.13
C PHE O 242 7.89 46.92 -43.40
N GLY O 243 7.76 47.87 -42.47
CA GLY O 243 6.82 48.95 -42.64
C GLY O 243 7.50 50.30 -42.72
N LYS O 244 7.30 51.01 -43.82
CA LYS O 244 7.91 52.30 -44.05
C LYS O 244 6.86 53.39 -43.88
N PHE O 245 7.06 54.26 -42.90
CA PHE O 245 6.09 55.28 -42.54
C PHE O 245 6.74 56.64 -42.79
N ILE O 246 6.68 57.09 -44.04
CA ILE O 246 7.35 58.32 -44.46
C ILE O 246 6.53 59.51 -43.96
N ARG O 247 7.13 60.33 -43.10
CA ARG O 247 6.47 61.50 -42.55
C ARG O 247 6.99 62.74 -43.28
N ILE O 248 6.12 63.36 -44.06
CA ILE O 248 6.40 64.63 -44.71
C ILE O 248 5.86 65.73 -43.81
N HIS O 249 6.75 66.42 -43.12
CA HIS O 249 6.37 67.40 -42.12
C HIS O 249 6.07 68.75 -42.75
N PHE O 250 5.11 69.46 -42.17
CA PHE O 250 4.66 70.73 -42.69
C PHE O 250 4.79 71.82 -41.62
N GLY O 251 4.99 73.04 -42.08
CA GLY O 251 5.18 74.17 -41.19
C GLY O 251 3.94 74.47 -40.37
N ALA O 252 4.05 75.54 -39.59
CA ALA O 252 2.95 75.94 -38.71
C ALA O 252 1.69 76.25 -39.51
N THR O 253 1.84 76.83 -40.69
CA THR O 253 0.71 77.24 -41.50
C THR O 253 0.41 76.30 -42.66
N GLY O 254 1.33 75.39 -42.99
CA GLY O 254 1.14 74.53 -44.13
C GLY O 254 2.26 74.63 -45.14
N LYS O 255 3.43 75.04 -44.68
CA LYS O 255 4.61 75.13 -45.53
C LYS O 255 5.43 73.85 -45.40
N LEU O 256 5.94 73.37 -46.53
CA LEU O 256 6.74 72.16 -46.54
C LEU O 256 7.95 72.30 -45.64
N ALA O 257 8.14 71.32 -44.78
CA ALA O 257 9.29 71.23 -43.90
C ALA O 257 10.06 69.96 -44.25
N SER O 258 11.05 69.62 -43.43
CA SER O 258 11.79 68.39 -43.64
C SER O 258 10.88 67.18 -43.58
N ALA O 259 11.43 66.03 -43.98
CA ALA O 259 10.68 64.78 -44.00
C ALA O 259 11.58 63.67 -43.46
N ASP O 260 11.16 63.05 -42.37
CA ASP O 260 11.87 61.93 -41.79
C ASP O 260 11.16 60.62 -42.12
N ILE O 261 11.94 59.55 -42.20
CA ILE O 261 11.43 58.21 -42.46
C ILE O 261 11.43 57.43 -41.16
N GLU O 262 10.36 56.67 -40.93
CA GLU O 262 10.24 55.85 -39.72
C GLU O 262 9.88 54.43 -40.13
N THR O 263 10.64 53.47 -39.62
CA THR O 263 10.44 52.07 -39.93
C THR O 263 9.70 51.39 -38.79
N TYR O 264 8.92 50.37 -39.14
CA TYR O 264 8.16 49.61 -38.15
C TYR O 264 8.51 48.13 -38.33
N LEU O 265 7.71 47.27 -37.70
CA LEU O 265 8.01 45.86 -37.54
C LEU O 265 8.66 45.23 -38.76
N LEU O 266 9.83 44.63 -38.55
CA LEU O 266 10.63 44.08 -39.63
C LEU O 266 10.74 42.57 -39.44
N GLU O 267 10.59 41.83 -40.53
CA GLU O 267 10.63 40.38 -40.49
C GLU O 267 12.07 39.94 -40.24
N LYS O 268 12.48 40.00 -38.98
CA LYS O 268 13.84 39.65 -38.61
C LYS O 268 14.09 38.16 -38.59
N SER O 269 13.04 37.35 -38.55
CA SER O 269 13.22 35.90 -38.56
C SER O 269 13.92 35.41 -39.80
N ARG O 270 13.92 36.19 -40.88
CA ARG O 270 14.53 35.75 -42.13
C ARG O 270 16.05 35.78 -42.06
N VAL O 271 16.61 36.60 -41.18
CA VAL O 271 18.06 36.82 -41.12
C VAL O 271 18.78 35.50 -40.89
N ILE O 272 18.08 34.50 -40.37
CA ILE O 272 18.65 33.19 -40.09
C ILE O 272 18.00 32.11 -40.94
N PHE O 273 16.67 32.07 -40.98
CA PHE O 273 15.94 30.97 -41.58
C PHE O 273 15.19 31.47 -42.80
N GLN O 274 15.37 30.78 -43.92
CA GLN O 274 14.62 31.04 -45.14
C GLN O 274 14.00 29.74 -45.62
N LEU O 275 12.78 29.82 -46.12
CA LEU O 275 12.13 28.62 -46.64
C LEU O 275 12.86 28.14 -47.89
N LYS O 276 12.49 26.95 -48.35
CA LYS O 276 12.99 26.48 -49.62
C LYS O 276 12.39 27.31 -50.75
N ALA O 277 13.21 27.59 -51.76
CA ALA O 277 12.84 28.45 -52.89
C ALA O 277 12.58 29.89 -52.44
N GLU O 278 13.34 30.33 -51.44
CA GLU O 278 13.44 31.75 -51.09
C GLU O 278 14.83 32.02 -50.56
N ARG O 279 15.12 33.28 -50.28
CA ARG O 279 16.40 33.67 -49.71
C ARG O 279 16.24 34.99 -48.99
N ASN O 280 17.16 35.26 -48.08
CA ASN O 280 17.03 36.40 -47.18
C ASN O 280 17.36 37.68 -47.95
N TYR O 281 17.52 38.78 -47.19
CA TYR O 281 17.64 40.10 -47.78
C TYR O 281 18.74 40.16 -48.82
N HIS O 282 18.53 41.00 -49.83
CA HIS O 282 19.40 41.03 -51.00
C HIS O 282 20.85 41.30 -50.62
N ILE O 283 21.07 42.14 -49.60
CA ILE O 283 22.41 42.66 -49.31
C ILE O 283 23.44 41.54 -49.19
N PHE O 284 23.04 40.38 -48.67
CA PHE O 284 23.99 39.30 -48.49
C PHE O 284 24.56 38.84 -49.83
N TYR O 285 23.70 38.54 -50.79
CA TYR O 285 24.17 38.10 -52.09
C TYR O 285 24.75 39.26 -52.90
N GLN O 286 24.23 40.47 -52.70
CA GLN O 286 24.85 41.64 -53.29
C GLN O 286 26.32 41.71 -52.92
N ILE O 287 26.64 41.57 -51.63
CA ILE O 287 28.02 41.55 -51.18
C ILE O 287 28.74 40.33 -51.74
N LEU O 288 28.09 39.17 -51.72
CA LEU O 288 28.75 37.92 -52.06
C LEU O 288 28.85 37.68 -53.56
N SER O 289 28.47 38.66 -54.38
CA SER O 289 28.66 38.57 -55.82
C SER O 289 30.10 38.83 -56.25
N ASN O 290 31.02 38.99 -55.30
CA ASN O 290 32.44 39.18 -55.59
C ASN O 290 32.68 40.41 -56.47
N LYS O 291 31.83 41.42 -56.32
CA LYS O 291 31.97 42.62 -57.15
C LYS O 291 33.14 43.48 -56.69
N LYS O 292 33.29 43.68 -55.38
CA LYS O 292 34.41 44.41 -54.81
C LYS O 292 35.27 43.43 -54.03
N PRO O 293 36.27 42.82 -54.68
CA PRO O 293 37.15 41.89 -53.96
C PRO O 293 37.82 42.49 -52.74
N GLU O 294 37.84 43.82 -52.65
CA GLU O 294 38.27 44.48 -51.42
C GLU O 294 37.45 44.01 -50.23
N LEU O 295 36.12 43.96 -50.39
CA LEU O 295 35.25 43.55 -49.29
C LEU O 295 35.45 42.08 -48.95
N LEU O 296 35.34 41.21 -49.95
CA LEU O 296 35.49 39.77 -49.74
C LEU O 296 36.92 39.43 -49.36
N ASP O 297 37.80 40.42 -49.35
CA ASP O 297 39.12 40.27 -48.77
C ASP O 297 39.16 40.77 -47.33
N MET O 298 38.35 41.78 -47.02
CA MET O 298 38.32 42.33 -45.67
C MET O 298 37.58 41.42 -44.70
N LEU O 299 36.48 40.81 -45.15
CA LEU O 299 35.62 40.02 -44.30
C LEU O 299 36.00 38.54 -44.26
N LEU O 300 37.24 38.21 -44.65
CA LEU O 300 37.75 36.84 -44.57
C LEU O 300 36.78 35.82 -45.17
N VAL O 301 36.05 36.25 -46.19
CA VAL O 301 34.91 35.50 -46.69
C VAL O 301 35.15 35.11 -48.15
N THR O 302 34.81 33.87 -48.49
CA THR O 302 34.86 33.39 -49.86
C THR O 302 33.60 33.86 -50.60
N ASN O 303 33.36 33.31 -51.79
CA ASN O 303 32.22 33.70 -52.59
C ASN O 303 31.17 32.63 -52.75
N ASN O 304 31.48 31.38 -52.45
CA ASN O 304 30.52 30.30 -52.61
C ASN O 304 29.41 30.42 -51.58
N PRO O 305 28.16 30.66 -51.99
CA PRO O 305 27.10 30.85 -50.99
C PRO O 305 26.75 29.58 -50.22
N TYR O 306 27.02 28.41 -50.78
CA TYR O 306 26.68 27.16 -50.12
C TYR O 306 27.64 26.80 -49.00
N ASP O 307 28.49 27.72 -48.57
CA ASP O 307 29.38 27.49 -47.45
C ASP O 307 28.89 28.13 -46.16
N TYR O 308 27.80 28.90 -46.22
CA TYR O 308 27.31 29.66 -45.07
C TYR O 308 25.85 29.31 -44.85
N ALA O 309 25.55 28.63 -43.74
CA ALA O 309 24.23 28.07 -43.53
C ALA O 309 23.16 29.15 -43.38
N PHE O 310 23.55 30.35 -42.94
CA PHE O 310 22.55 31.41 -42.76
C PHE O 310 22.04 31.96 -44.08
N VAL O 311 22.69 31.65 -45.20
CA VAL O 311 22.23 32.12 -46.49
C VAL O 311 21.95 30.98 -47.47
N SER O 312 22.51 29.79 -47.26
CA SER O 312 22.38 28.68 -48.19
C SER O 312 21.22 27.77 -47.87
N GLN O 313 20.16 28.29 -47.26
CA GLN O 313 19.03 27.44 -46.89
C GLN O 313 18.14 27.16 -48.09
N GLY O 314 17.71 28.21 -48.79
CA GLY O 314 16.84 28.04 -49.93
C GLY O 314 17.60 28.05 -51.26
N GLU O 315 17.48 29.15 -52.00
CA GLU O 315 18.20 29.32 -53.26
C GLU O 315 19.13 30.52 -53.14
N VAL O 316 20.34 30.38 -53.69
CA VAL O 316 21.35 31.40 -53.47
C VAL O 316 21.17 32.62 -54.36
N SER O 317 20.49 32.49 -55.49
CA SER O 317 20.37 33.62 -56.40
C SER O 317 19.19 33.39 -57.35
N VAL O 318 18.54 34.50 -57.71
CA VAL O 318 17.50 34.49 -58.72
C VAL O 318 18.08 35.09 -60.00
N ALA O 319 17.60 34.60 -61.14
CA ALA O 319 18.06 35.09 -62.43
C ALA O 319 17.39 36.39 -62.85
N SER O 320 16.45 36.90 -62.07
CA SER O 320 15.69 38.09 -62.43
C SER O 320 16.34 39.38 -61.93
N ILE O 321 17.57 39.32 -61.44
CA ILE O 321 18.29 40.51 -60.99
C ILE O 321 19.76 40.20 -60.85
N ASP O 322 20.61 41.20 -61.10
CA ASP O 322 22.02 41.14 -60.81
C ASP O 322 22.28 41.54 -59.36
N ASP O 323 23.45 41.17 -58.85
CA ASP O 323 23.88 41.61 -57.53
C ASP O 323 25.00 42.65 -57.58
N SER O 324 25.81 42.65 -58.64
CA SER O 324 26.96 43.56 -58.69
C SER O 324 26.51 45.01 -58.89
N GLU O 325 25.63 45.25 -59.85
CA GLU O 325 25.18 46.63 -60.07
C GLU O 325 24.37 47.15 -58.90
N GLU O 326 23.62 46.29 -58.23
CA GLU O 326 22.91 46.72 -57.03
C GLU O 326 23.89 47.00 -55.89
N LEU O 327 24.98 46.23 -55.81
CA LEU O 327 26.03 46.54 -54.86
C LEU O 327 26.61 47.92 -55.15
N LEU O 328 26.83 48.24 -56.42
CA LEU O 328 27.31 49.58 -56.77
C LEU O 328 26.30 50.64 -56.37
N ALA O 329 25.01 50.37 -56.58
CA ALA O 329 23.97 51.31 -56.17
C ALA O 329 24.01 51.55 -54.66
N THR O 330 24.22 50.48 -53.89
CA THR O 330 24.27 50.63 -52.44
C THR O 330 25.55 51.36 -52.00
N ASP O 331 26.65 51.12 -52.70
CA ASP O 331 27.87 51.87 -52.42
C ASP O 331 27.64 53.36 -52.65
N SER O 332 27.11 53.71 -53.83
CA SER O 332 26.79 55.10 -54.10
C SER O 332 25.77 55.65 -53.11
N ALA O 333 24.90 54.79 -52.57
CA ALA O 333 23.97 55.23 -51.55
C ALA O 333 24.70 55.61 -50.26
N PHE O 334 25.62 54.75 -49.82
CA PHE O 334 26.43 55.09 -48.66
C PHE O 334 27.25 56.35 -48.89
N ASP O 335 27.67 56.58 -50.12
CA ASP O 335 28.43 57.79 -50.43
C ASP O 335 27.53 59.03 -50.35
N VAL O 336 26.38 59.01 -51.03
CA VAL O 336 25.47 60.15 -50.94
C VAL O 336 24.93 60.25 -49.52
N LEU O 337 24.84 59.12 -48.81
CA LEU O 337 24.56 59.19 -47.39
C LEU O 337 25.73 59.81 -46.65
N SER O 338 25.46 60.28 -45.45
CA SER O 338 26.54 60.93 -44.71
C SER O 338 27.60 59.97 -44.21
N PHE O 339 27.56 58.70 -44.62
CA PHE O 339 28.49 57.71 -44.10
C PHE O 339 29.92 58.03 -44.53
N THR O 340 30.87 57.78 -43.64
CA THR O 340 32.28 57.91 -43.93
C THR O 340 32.82 56.56 -44.41
N ALA O 341 34.15 56.43 -44.47
CA ALA O 341 34.74 55.13 -44.79
C ALA O 341 34.50 54.13 -43.68
N GLU O 342 34.52 54.58 -42.43
CA GLU O 342 34.34 53.67 -41.30
C GLU O 342 32.88 53.25 -41.16
N GLU O 343 31.94 54.17 -41.36
CA GLU O 343 30.53 53.82 -41.28
C GLU O 343 30.06 52.96 -42.45
N LYS O 344 30.99 52.51 -43.29
CA LYS O 344 30.70 51.59 -44.38
C LYS O 344 31.45 50.28 -44.23
N ALA O 345 32.75 50.36 -43.93
CA ALA O 345 33.50 49.15 -43.62
C ALA O 345 32.93 48.45 -42.39
N GLY O 346 32.48 49.21 -41.41
CA GLY O 346 31.85 48.61 -40.25
C GLY O 346 30.59 47.85 -40.60
N VAL O 347 29.75 48.41 -41.47
CA VAL O 347 28.53 47.74 -41.87
C VAL O 347 28.86 46.46 -42.62
N TYR O 348 29.82 46.53 -43.54
CA TYR O 348 30.21 45.32 -44.26
C TYR O 348 30.76 44.27 -43.30
N LYS O 349 31.53 44.70 -42.29
CA LYS O 349 32.07 43.77 -41.30
C LYS O 349 30.96 43.12 -40.50
N LEU O 350 29.95 43.90 -40.12
CA LEU O 350 28.84 43.34 -39.36
C LEU O 350 28.07 42.31 -40.17
N THR O 351 27.85 42.59 -41.46
CA THR O 351 27.18 41.60 -42.29
C THR O 351 28.03 40.35 -42.47
N GLY O 352 29.34 40.52 -42.60
CA GLY O 352 30.22 39.36 -42.66
C GLY O 352 30.17 38.53 -41.40
N ALA O 353 30.08 39.20 -40.25
CA ALA O 353 29.98 38.47 -38.98
C ALA O 353 28.64 37.75 -38.88
N ILE O 354 27.57 38.38 -39.37
CA ILE O 354 26.27 37.72 -39.37
C ILE O 354 26.33 36.47 -40.25
N MET O 355 27.12 36.50 -41.31
CA MET O 355 27.29 35.27 -42.08
C MET O 355 28.18 34.26 -41.37
N HIS O 356 29.20 34.73 -40.65
CA HIS O 356 30.13 33.79 -40.02
C HIS O 356 29.50 33.09 -38.82
N TYR O 357 28.52 33.71 -38.18
CA TYR O 357 27.80 33.04 -37.09
C TYR O 357 27.19 31.73 -37.55
N GLY O 358 26.71 31.66 -38.79
CA GLY O 358 25.92 30.53 -39.25
C GLY O 358 26.61 29.20 -39.16
N ASN O 359 27.94 29.18 -39.17
CA ASN O 359 28.67 27.91 -39.18
C ASN O 359 29.69 27.87 -38.06
N MET O 360 29.27 28.27 -36.87
CA MET O 360 30.01 27.92 -35.67
C MET O 360 29.49 26.58 -35.15
N LYS O 361 30.38 25.80 -34.55
CA LYS O 361 30.05 24.43 -34.20
C LYS O 361 30.36 24.15 -32.75
N PHE O 362 29.44 23.47 -32.08
CA PHE O 362 29.57 23.10 -30.68
C PHE O 362 29.16 21.65 -30.52
N LYS O 363 29.78 20.98 -29.57
CA LYS O 363 29.50 19.58 -29.28
C LYS O 363 29.29 19.39 -27.80
N GLN O 364 28.40 18.47 -27.45
CA GLN O 364 28.20 18.12 -26.05
C GLN O 364 29.50 17.60 -25.47
N LYS O 365 29.91 18.16 -24.33
CA LYS O 365 31.13 17.71 -23.68
C LYS O 365 31.07 16.21 -23.44
N GLN O 366 32.23 15.58 -23.51
CA GLN O 366 32.28 14.13 -23.39
C GLN O 366 31.76 13.70 -22.04
N ARG O 367 30.68 12.93 -22.05
CA ARG O 367 30.13 12.13 -20.97
C ARG O 367 29.28 12.88 -19.96
N GLU O 368 29.13 14.21 -20.01
CA GLU O 368 28.13 14.71 -19.08
C GLU O 368 26.93 15.43 -19.69
N GLU O 369 27.05 16.71 -20.08
CA GLU O 369 25.98 17.33 -20.84
C GLU O 369 26.44 18.51 -21.69
N GLN O 370 27.57 19.10 -21.33
CA GLN O 370 27.79 20.52 -21.59
C GLN O 370 28.19 20.80 -23.03
N ALA O 371 27.60 21.84 -23.61
CA ALA O 371 27.99 22.27 -24.93
C ALA O 371 29.35 22.96 -24.89
N GLU O 372 30.29 22.45 -25.67
CA GLU O 372 31.61 23.03 -25.80
C GLU O 372 31.95 23.17 -27.27
N PRO O 373 32.82 24.10 -27.63
CA PRO O 373 33.13 24.31 -29.05
C PRO O 373 34.15 23.31 -29.55
N ASP O 374 34.01 22.95 -30.83
CA ASP O 374 34.97 22.11 -31.53
C ASP O 374 35.44 22.88 -32.76
N GLY O 375 36.67 23.37 -32.71
CA GLY O 375 37.15 24.22 -33.79
C GLY O 375 36.65 25.63 -33.64
N THR O 376 37.54 26.61 -33.82
CA THR O 376 37.20 28.01 -33.57
C THR O 376 37.47 28.89 -34.80
N GLU O 377 37.43 28.32 -36.00
CA GLU O 377 37.76 29.08 -37.19
C GLU O 377 36.83 30.27 -37.36
N ASP O 378 35.53 30.00 -37.57
CA ASP O 378 34.57 31.08 -37.67
C ASP O 378 34.50 31.88 -36.38
N ALA O 379 34.82 31.24 -35.25
CA ALA O 379 34.90 31.97 -34.00
C ALA O 379 35.93 33.09 -34.08
N ASP O 380 37.17 32.76 -34.45
CA ASP O 380 38.21 33.77 -34.56
C ASP O 380 37.85 34.79 -35.63
N LYS O 381 37.30 34.33 -36.76
CA LYS O 381 36.90 35.26 -37.82
C LYS O 381 35.94 36.31 -37.28
N SER O 382 34.82 35.86 -36.71
CA SER O 382 33.81 36.79 -36.23
C SER O 382 34.33 37.64 -35.08
N ALA O 383 35.17 37.06 -34.22
CA ALA O 383 35.73 37.82 -33.11
C ALA O 383 36.60 38.97 -33.61
N TYR O 384 37.43 38.71 -34.60
CA TYR O 384 38.22 39.78 -35.19
C TYR O 384 37.33 40.80 -35.89
N LEU O 385 36.29 40.32 -36.57
CA LEU O 385 35.43 41.23 -37.32
C LEU O 385 34.71 42.20 -36.39
N MET O 386 33.90 41.68 -35.47
CA MET O 386 33.13 42.58 -34.61
C MET O 386 34.01 43.31 -33.60
N GLY O 387 35.25 42.88 -33.41
CA GLY O 387 36.12 43.56 -32.49
C GLY O 387 35.99 43.05 -31.07
N LEU O 388 36.07 41.73 -30.91
CA LEU O 388 36.00 41.12 -29.59
C LEU O 388 37.16 40.16 -29.40
N ASN O 389 37.14 39.40 -28.32
CA ASN O 389 38.09 38.32 -28.09
C ASN O 389 37.43 37.01 -28.48
N SER O 390 38.26 36.03 -28.86
CA SER O 390 37.71 34.74 -29.30
C SER O 390 37.41 33.82 -28.11
N ALA O 391 38.37 33.67 -27.20
CA ALA O 391 38.13 32.86 -26.02
C ALA O 391 37.03 33.45 -25.17
N ASP O 392 37.01 34.78 -25.03
CA ASP O 392 35.96 35.43 -24.26
C ASP O 392 34.60 35.20 -24.88
N LEU O 393 34.51 35.28 -26.21
CA LEU O 393 33.23 35.06 -26.87
C LEU O 393 32.76 33.62 -26.73
N LEU O 394 33.66 32.66 -26.92
CA LEU O 394 33.28 31.26 -26.76
C LEU O 394 32.83 30.98 -25.33
N LYS O 395 33.56 31.52 -24.34
CA LYS O 395 33.16 31.31 -22.96
C LYS O 395 31.82 31.94 -22.65
N GLY O 396 31.60 33.17 -23.11
CA GLY O 396 30.30 33.80 -22.91
C GLY O 396 29.17 33.13 -23.65
N LEU O 397 29.48 32.37 -24.71
CA LEU O 397 28.44 31.64 -25.41
C LEU O 397 28.12 30.33 -24.73
N CYS O 398 29.14 29.69 -24.15
CA CYS O 398 28.97 28.37 -23.49
C CYS O 398 28.68 28.55 -21.99
N HIS O 399 29.13 29.67 -21.41
CA HIS O 399 28.93 29.91 -19.95
C HIS O 399 28.32 31.30 -19.73
N PRO O 400 27.02 31.53 -20.03
CA PRO O 400 26.39 32.82 -19.80
C PRO O 400 26.21 33.08 -18.30
N GLN O 401 26.57 34.27 -17.83
CA GLN O 401 26.45 34.62 -16.39
C GLN O 401 25.09 35.28 -16.13
N VAL O 402 24.67 35.29 -14.85
CA VAL O 402 23.36 35.90 -14.45
C VAL O 402 23.54 36.56 -13.08
N LYS O 403 22.76 37.59 -12.78
CA LYS O 403 22.85 38.30 -11.48
C LYS O 403 21.77 37.76 -10.53
N VAL O 404 22.17 37.03 -9.49
CA VAL O 404 21.23 36.47 -8.53
C VAL O 404 21.25 37.39 -7.30
N GLY O 405 20.37 38.37 -7.31
CA GLY O 405 20.24 39.27 -6.19
C GLY O 405 21.37 40.26 -6.11
N ASN O 406 22.56 39.80 -5.72
CA ASN O 406 23.73 40.66 -5.67
C ASN O 406 24.99 39.97 -6.13
N GLU O 407 24.92 38.74 -6.61
CA GLU O 407 26.08 37.95 -6.99
C GLU O 407 25.88 37.45 -8.42
N TYR O 408 26.94 36.97 -9.08
CA TYR O 408 26.85 36.37 -10.44
C TYR O 408 27.19 34.87 -10.36
N VAL O 409 26.46 34.04 -11.11
CA VAL O 409 26.63 32.59 -11.17
C VAL O 409 26.52 32.12 -12.60
N THR O 410 27.40 31.21 -12.99
CA THR O 410 27.39 30.65 -14.33
C THR O 410 26.12 29.82 -14.55
N LYS O 411 25.56 29.93 -15.75
CA LYS O 411 24.41 29.15 -16.15
C LYS O 411 24.83 28.16 -17.23
N GLY O 412 24.35 26.92 -17.13
CA GLY O 412 24.71 25.91 -18.09
C GLY O 412 23.98 26.09 -19.40
N GLN O 413 24.56 25.54 -20.47
CA GLN O 413 23.99 25.68 -21.80
C GLN O 413 24.19 24.41 -22.60
N SER O 414 23.10 23.88 -23.14
CA SER O 414 23.17 22.76 -24.07
C SER O 414 23.50 23.26 -25.46
N VAL O 415 23.65 22.33 -26.40
CA VAL O 415 23.99 22.71 -27.77
C VAL O 415 22.86 23.52 -28.40
N GLN O 416 21.63 22.99 -28.34
CA GLN O 416 20.50 23.70 -28.92
C GLN O 416 20.32 25.07 -28.30
N GLN O 417 20.60 25.20 -27.01
CA GLN O 417 20.51 26.50 -26.37
C GLN O 417 21.54 27.47 -26.95
N VAL O 418 22.76 26.97 -27.18
CA VAL O 418 23.79 27.81 -27.78
C VAL O 418 23.36 28.26 -29.16
N TYR O 419 22.76 27.36 -29.95
CA TYR O 419 22.34 27.74 -31.30
C TYR O 419 21.23 28.76 -31.26
N TYR O 420 20.25 28.57 -30.38
CA TYR O 420 19.20 29.59 -30.22
C TYR O 420 19.79 30.94 -29.86
N SER O 421 20.77 30.95 -28.95
CA SER O 421 21.36 32.22 -28.55
C SER O 421 22.11 32.87 -29.71
N ILE O 422 22.82 32.08 -30.49
CA ILE O 422 23.53 32.62 -31.65
C ILE O 422 22.54 33.27 -32.62
N GLY O 423 21.46 32.57 -32.92
CA GLY O 423 20.45 33.13 -33.79
C GLY O 423 19.87 34.43 -33.24
N ALA O 424 19.59 34.46 -31.94
CA ALA O 424 19.04 35.67 -31.34
C ALA O 424 20.03 36.82 -31.45
N LEU O 425 21.32 36.55 -31.26
CA LEU O 425 22.33 37.59 -31.38
C LEU O 425 22.37 38.13 -32.80
N ALA O 426 22.35 37.24 -33.79
CA ALA O 426 22.36 37.68 -35.19
C ALA O 426 21.16 38.57 -35.48
N LYS O 427 19.97 38.13 -35.07
CA LYS O 427 18.77 38.92 -35.34
C LYS O 427 18.84 40.29 -34.67
N SER O 428 19.30 40.33 -33.42
CA SER O 428 19.39 41.59 -32.71
C SER O 428 20.36 42.53 -33.40
N VAL O 429 21.52 42.01 -33.79
CA VAL O 429 22.52 42.84 -34.48
C VAL O 429 21.94 43.41 -35.76
N TYR O 430 21.30 42.56 -36.56
CA TYR O 430 20.76 43.03 -37.83
C TYR O 430 19.72 44.12 -37.63
N GLU O 431 18.79 43.91 -36.68
CA GLU O 431 17.77 44.93 -36.49
C GLU O 431 18.36 46.22 -35.95
N LYS O 432 19.35 46.13 -35.05
CA LYS O 432 19.97 47.34 -34.53
C LYS O 432 20.65 48.12 -35.64
N MET O 433 21.38 47.42 -36.51
CA MET O 433 22.04 48.07 -37.63
C MET O 433 21.02 48.75 -38.54
N PHE O 434 19.94 48.04 -38.86
CA PHE O 434 18.89 48.61 -39.69
C PHE O 434 18.37 49.91 -39.10
N ASN O 435 17.99 49.88 -37.81
CA ASN O 435 17.42 51.07 -37.20
C ASN O 435 18.42 52.21 -37.14
N TRP O 436 19.70 51.90 -36.88
CA TRP O 436 20.70 52.96 -36.86
C TRP O 436 20.86 53.60 -38.22
N MET O 437 20.84 52.78 -39.28
CA MET O 437 20.94 53.34 -40.63
C MET O 437 19.75 54.22 -40.94
N VAL O 438 18.55 53.82 -40.50
CA VAL O 438 17.38 54.66 -40.74
C VAL O 438 17.49 55.97 -39.97
N THR O 439 18.06 55.93 -38.76
CA THR O 439 18.29 57.18 -38.04
C THR O 439 19.28 58.06 -38.77
N ARG O 440 20.31 57.47 -39.36
CA ARG O 440 21.28 58.23 -40.13
C ARG O 440 20.62 58.88 -41.34
N ILE O 441 19.71 58.16 -41.99
CA ILE O 441 18.98 58.75 -43.11
C ILE O 441 18.12 59.91 -42.63
N ASN O 442 17.40 59.71 -41.53
CA ASN O 442 16.61 60.79 -40.96
C ASN O 442 17.47 62.01 -40.65
N ALA O 443 18.70 61.79 -40.20
CA ALA O 443 19.59 62.90 -39.88
C ALA O 443 20.02 63.64 -41.15
N THR O 444 20.56 62.90 -42.12
CA THR O 444 21.10 63.54 -43.32
C THR O 444 19.99 64.16 -44.16
N LEU O 445 18.75 63.73 -43.98
CA LEU O 445 17.63 64.25 -44.75
C LEU O 445 16.79 65.24 -43.98
N GLU O 446 17.29 65.77 -42.87
CA GLU O 446 16.51 66.70 -42.05
C GLU O 446 17.34 67.93 -41.74
N THR O 447 16.83 69.09 -42.16
CA THR O 447 17.31 70.38 -41.68
C THR O 447 16.22 71.40 -41.93
N LYS O 448 15.54 71.83 -40.88
CA LYS O 448 14.39 72.70 -41.05
C LYS O 448 13.97 73.28 -39.71
N GLN O 449 13.28 74.42 -39.78
CA GLN O 449 12.67 75.11 -38.66
C GLN O 449 11.75 74.18 -37.88
N PRO O 450 11.47 74.45 -36.61
CA PRO O 450 10.55 73.59 -35.86
C PRO O 450 9.13 73.64 -36.41
N ARG O 451 8.69 72.52 -37.00
CA ARG O 451 7.41 72.44 -37.67
C ARG O 451 6.40 71.66 -36.82
N GLN O 452 5.13 71.79 -37.18
CA GLN O 452 4.03 71.27 -36.38
C GLN O 452 3.49 69.93 -36.89
N TYR O 453 3.02 69.90 -38.13
CA TYR O 453 2.19 68.82 -38.62
C TYR O 453 2.88 68.09 -39.76
N PHE O 454 2.31 66.93 -40.10
CA PHE O 454 2.87 66.08 -41.14
C PHE O 454 1.77 65.19 -41.70
N ILE O 455 2.10 64.53 -42.80
CA ILE O 455 1.21 63.57 -43.45
C ILE O 455 1.88 62.21 -43.38
N GLY O 456 1.09 61.18 -43.05
CA GLY O 456 1.61 59.84 -42.93
C GLY O 456 1.47 59.05 -44.21
N VAL O 457 2.58 58.49 -44.67
CA VAL O 457 2.60 57.60 -45.82
C VAL O 457 3.05 56.24 -45.33
N LEU O 458 2.12 55.29 -45.28
CA LEU O 458 2.35 54.00 -44.66
C LEU O 458 2.52 52.96 -45.76
N ASP O 459 3.72 52.42 -45.87
CA ASP O 459 4.02 51.30 -46.77
C ASP O 459 4.19 50.06 -45.92
N ILE O 460 3.49 48.98 -46.30
CA ILE O 460 3.51 47.75 -45.53
C ILE O 460 2.96 46.64 -46.41
N ALA O 461 3.38 45.41 -46.13
CA ALA O 461 2.81 44.26 -46.81
C ALA O 461 1.34 44.11 -46.47
N GLY O 462 0.62 43.39 -47.33
CA GLY O 462 -0.79 43.14 -47.16
C GLY O 462 -1.07 41.69 -46.77
N PHE O 463 -2.33 41.31 -46.87
CA PHE O 463 -2.73 39.95 -46.55
C PHE O 463 -2.09 38.97 -47.52
N GLU O 464 -1.92 37.73 -47.06
CA GLU O 464 -1.34 36.68 -47.88
C GLU O 464 -2.15 35.40 -47.75
N ILE O 465 -2.35 34.73 -48.88
CA ILE O 465 -2.89 33.38 -48.92
C ILE O 465 -2.06 32.57 -49.89
N PHE O 466 -1.11 31.81 -49.38
CA PHE O 466 -0.22 31.04 -50.23
C PHE O 466 -0.69 29.59 -50.27
N ASP O 467 0.10 28.74 -50.92
CA ASP O 467 -0.13 27.31 -50.90
C ASP O 467 0.42 26.66 -49.63
N PHE O 468 1.38 27.30 -48.97
CA PHE O 468 1.97 26.78 -47.74
C PHE O 468 2.21 27.95 -46.81
N ASN O 469 1.30 28.15 -45.85
CA ASN O 469 1.37 29.26 -44.92
C ASN O 469 2.05 28.81 -43.62
N SER O 470 2.80 29.72 -43.03
CA SER O 470 3.64 29.40 -41.88
C SER O 470 3.58 30.55 -40.89
N PHE O 471 4.53 30.57 -39.96
CA PHE O 471 4.51 31.54 -38.87
C PHE O 471 4.54 32.97 -39.40
N GLU O 472 5.43 33.25 -40.35
CA GLU O 472 5.56 34.60 -40.88
C GLU O 472 4.25 35.05 -41.52
N GLN O 473 3.64 34.18 -42.30
CA GLN O 473 2.36 34.52 -42.90
C GLN O 473 1.31 34.80 -41.82
N LEU O 474 1.36 34.05 -40.72
CA LEU O 474 0.41 34.31 -39.64
C LEU O 474 0.60 35.69 -39.05
N CYS O 475 1.86 36.08 -38.82
CA CYS O 475 2.13 37.40 -38.27
C CYS O 475 1.66 38.49 -39.22
N ILE O 476 1.94 38.33 -40.51
CA ILE O 476 1.55 39.33 -41.49
C ILE O 476 0.04 39.46 -41.56
N ASN O 477 -0.67 38.32 -41.60
CA ASN O 477 -2.12 38.37 -41.61
C ASN O 477 -2.68 38.97 -40.34
N PHE O 478 -2.02 38.77 -39.21
CA PHE O 478 -2.47 39.40 -37.96
C PHE O 478 -2.37 40.91 -38.05
N THR O 479 -1.22 41.40 -38.53
CA THR O 479 -1.06 42.84 -38.73
C THR O 479 -2.13 43.39 -39.66
N ASN O 480 -2.42 42.66 -40.73
CA ASN O 480 -3.41 43.16 -41.68
C ASN O 480 -4.82 43.09 -41.11
N GLU O 481 -5.11 42.09 -40.28
CA GLU O 481 -6.37 42.09 -39.53
C GLU O 481 -6.49 43.36 -38.71
N LYS O 482 -5.40 43.75 -38.06
CA LYS O 482 -5.42 44.96 -37.24
C LYS O 482 -5.70 46.20 -38.09
N LEU O 483 -4.97 46.34 -39.21
CA LEU O 483 -5.17 47.49 -40.09
C LEU O 483 -6.59 47.52 -40.65
N GLN O 484 -7.12 46.35 -41.02
CA GLN O 484 -8.46 46.29 -41.58
C GLN O 484 -9.50 46.65 -40.53
N GLN O 485 -9.29 46.25 -39.29
CA GLN O 485 -10.18 46.68 -38.22
C GLN O 485 -10.10 48.18 -38.03
N PHE O 486 -8.91 48.74 -38.17
CA PHE O 486 -8.74 50.19 -38.10
C PHE O 486 -9.58 50.89 -39.17
N PHE O 487 -9.46 50.41 -40.41
CA PHE O 487 -10.24 50.99 -41.50
C PHE O 487 -11.74 50.84 -41.25
N ASN O 488 -12.15 49.67 -40.76
CA ASN O 488 -13.56 49.45 -40.50
C ASN O 488 -14.07 50.40 -39.42
N HIS O 489 -13.27 50.67 -38.41
CA HIS O 489 -13.70 51.61 -37.37
C HIS O 489 -13.85 53.01 -37.95
N HIS O 490 -12.87 53.44 -38.76
CA HIS O 490 -12.96 54.75 -39.39
C HIS O 490 -14.21 54.88 -40.24
N MET O 491 -14.44 53.91 -41.12
CA MET O 491 -15.61 53.97 -41.99
C MET O 491 -16.90 53.89 -41.20
N PHE O 492 -16.91 53.12 -40.11
CA PHE O 492 -18.11 53.03 -39.29
C PHE O 492 -18.44 54.38 -38.67
N VAL O 493 -17.45 55.05 -38.08
CA VAL O 493 -17.75 56.32 -37.44
C VAL O 493 -18.13 57.36 -38.49
N LEU O 494 -17.57 57.26 -39.70
CA LEU O 494 -17.99 58.16 -40.78
C LEU O 494 -19.47 57.97 -41.11
N GLU O 495 -19.88 56.72 -41.36
CA GLU O 495 -21.28 56.48 -41.72
C GLU O 495 -22.21 56.87 -40.58
N GLN O 496 -21.82 56.59 -39.35
CA GLN O 496 -22.68 56.94 -38.21
C GLN O 496 -22.82 58.46 -38.09
N GLU O 497 -21.72 59.20 -38.29
CA GLU O 497 -21.80 60.66 -38.33
C GLU O 497 -22.76 61.12 -39.42
N GLU O 498 -22.60 60.60 -40.64
CA GLU O 498 -23.47 61.03 -41.74
C GLU O 498 -24.93 60.75 -41.44
N TYR O 499 -25.22 59.65 -40.74
CA TYR O 499 -26.59 59.37 -40.37
C TYR O 499 -27.10 60.37 -39.34
N LYS O 500 -26.30 60.69 -38.32
CA LYS O 500 -26.72 61.74 -37.40
C LYS O 500 -26.82 63.10 -38.08
N LYS O 501 -26.24 63.25 -39.28
CA LYS O 501 -26.29 64.52 -39.97
C LYS O 501 -27.60 64.70 -40.72
N GLU O 502 -28.07 63.64 -41.39
CA GLU O 502 -29.32 63.68 -42.13
C GLU O 502 -30.52 63.34 -41.26
N GLY O 503 -30.34 63.27 -39.94
CA GLY O 503 -31.41 62.95 -39.03
C GLY O 503 -31.97 61.56 -39.20
N ILE O 504 -31.27 60.70 -39.95
CA ILE O 504 -31.73 59.35 -40.20
C ILE O 504 -31.48 58.53 -38.94
N GLU O 505 -32.55 58.20 -38.21
CA GLU O 505 -32.43 57.40 -37.00
C GLU O 505 -32.21 55.94 -37.39
N TRP O 506 -30.97 55.49 -37.24
CA TRP O 506 -30.61 54.12 -37.60
C TRP O 506 -29.32 53.78 -36.88
N GLU O 507 -29.39 52.83 -35.96
CA GLU O 507 -28.23 52.41 -35.17
C GLU O 507 -28.00 50.92 -35.37
N PHE O 508 -26.73 50.54 -35.46
CA PHE O 508 -26.35 49.16 -35.75
C PHE O 508 -25.12 48.81 -34.92
N ILE O 509 -24.94 47.51 -34.73
CA ILE O 509 -23.76 47.02 -34.02
C ILE O 509 -22.51 47.52 -34.74
N ASP O 510 -21.51 47.93 -33.96
CA ASP O 510 -20.33 48.60 -34.47
C ASP O 510 -19.74 47.86 -35.66
N PHE O 511 -19.76 48.53 -36.82
CA PHE O 511 -19.17 47.99 -38.03
C PHE O 511 -17.65 48.09 -38.04
N GLY O 512 -17.06 48.54 -36.94
CA GLY O 512 -15.63 48.76 -36.91
C GLY O 512 -14.81 47.62 -36.37
N MET O 513 -15.15 47.14 -35.19
CA MET O 513 -14.34 46.15 -34.51
C MET O 513 -15.02 44.81 -34.31
N ASP O 514 -16.35 44.79 -34.09
CA ASP O 514 -17.01 43.55 -33.72
C ASP O 514 -16.97 42.49 -34.82
N LEU O 515 -16.28 42.74 -35.92
CA LEU O 515 -16.05 41.73 -36.94
C LEU O 515 -14.78 40.94 -36.66
N GLN O 516 -13.68 41.64 -36.43
CA GLN O 516 -12.39 40.98 -36.22
C GLN O 516 -12.03 40.79 -34.76
N ALA O 517 -12.68 41.51 -33.84
CA ALA O 517 -12.40 41.33 -32.42
C ALA O 517 -12.59 39.89 -31.99
N CYS O 518 -13.35 39.11 -32.74
CA CYS O 518 -13.45 37.68 -32.51
C CYS O 518 -12.42 36.89 -33.30
N ILE O 519 -11.80 37.51 -34.31
CA ILE O 519 -10.74 36.86 -35.07
C ILE O 519 -9.43 37.36 -34.46
N ASP O 520 -9.53 37.92 -33.26
CA ASP O 520 -8.37 38.31 -32.47
C ASP O 520 -8.10 37.31 -31.36
N LEU O 521 -8.32 36.02 -31.64
CA LEU O 521 -7.75 34.96 -30.83
C LEU O 521 -6.26 35.15 -30.68
N ILE O 522 -5.60 35.55 -31.77
CA ILE O 522 -4.15 35.54 -31.87
C ILE O 522 -3.50 36.40 -30.79
N GLU O 523 -4.22 37.34 -30.19
CA GLU O 523 -3.63 38.18 -29.16
C GLU O 523 -4.21 37.97 -27.78
N LYS O 524 -5.49 37.62 -27.67
CA LYS O 524 -6.11 37.42 -26.37
C LYS O 524 -5.34 36.35 -25.59
N PRO O 525 -5.20 36.48 -24.27
CA PRO O 525 -4.23 35.63 -23.56
C PRO O 525 -4.69 34.20 -23.34
N MET O 526 -5.31 33.60 -24.35
CA MET O 526 -5.34 32.15 -24.46
C MET O 526 -5.25 31.68 -25.90
N GLY O 527 -5.08 32.59 -26.85
CA GLY O 527 -5.13 32.25 -28.26
C GLY O 527 -3.84 31.59 -28.73
N ILE O 528 -3.60 31.72 -30.03
CA ILE O 528 -2.52 30.97 -30.65
C ILE O 528 -1.17 31.44 -30.16
N MET O 529 -0.98 32.76 -30.05
CA MET O 529 0.34 33.27 -29.71
C MET O 529 0.71 32.95 -28.26
N SER O 530 -0.24 33.13 -27.34
CA SER O 530 0.04 32.79 -25.95
C SER O 530 0.33 31.30 -25.80
N ILE O 531 -0.40 30.46 -26.54
CA ILE O 531 -0.14 29.03 -26.51
C ILE O 531 1.25 28.73 -27.05
N LEU O 532 1.65 29.42 -28.11
CA LEU O 532 2.96 29.18 -28.69
C LEU O 532 4.08 29.59 -27.74
N GLU O 533 3.88 30.69 -27.02
CA GLU O 533 4.87 31.10 -26.04
C GLU O 533 4.96 30.10 -24.90
N GLU O 534 3.80 29.69 -24.37
CA GLU O 534 3.76 28.64 -23.37
C GLU O 534 4.53 27.41 -23.82
N GLU O 535 4.30 26.98 -25.05
CA GLU O 535 5.01 25.82 -25.56
C GLU O 535 6.49 26.10 -25.79
N CYS O 536 6.87 27.35 -26.00
CA CYS O 536 8.29 27.67 -26.08
C CYS O 536 8.95 27.58 -24.71
N MET O 537 8.18 27.78 -23.64
CA MET O 537 8.75 27.68 -22.29
C MET O 537 8.73 26.27 -21.74
N PHE O 538 7.78 25.44 -22.13
CA PHE O 538 7.54 24.18 -21.46
C PHE O 538 8.60 23.13 -21.81
N PRO O 539 8.97 22.27 -20.87
CA PRO O 539 9.98 21.25 -21.14
C PRO O 539 9.54 20.27 -22.21
N LYS O 540 10.50 19.86 -23.05
CA LYS O 540 10.33 18.78 -24.03
C LYS O 540 9.16 19.03 -24.97
N ALA O 541 8.66 20.26 -25.07
CA ALA O 541 7.57 20.55 -25.97
C ALA O 541 8.00 20.36 -27.41
N SER O 542 7.08 19.86 -28.23
CA SER O 542 7.33 19.61 -29.64
C SER O 542 6.18 20.18 -30.45
N ASP O 543 6.19 19.93 -31.76
CA ASP O 543 5.13 20.42 -32.62
C ASP O 543 3.84 19.65 -32.41
N MET O 544 3.93 18.36 -32.11
CA MET O 544 2.73 17.57 -31.86
C MET O 544 2.01 18.04 -30.61
N THR O 545 2.76 18.34 -29.54
CA THR O 545 2.15 18.85 -28.32
C THR O 545 1.55 20.23 -28.55
N PHE O 546 2.20 21.04 -29.37
CA PHE O 546 1.66 22.36 -29.72
C PHE O 546 0.31 22.21 -30.43
N LYS O 547 0.25 21.29 -31.39
CA LYS O 547 -1.01 21.05 -32.10
C LYS O 547 -2.07 20.53 -31.16
N ALA O 548 -1.71 19.61 -30.27
CA ALA O 548 -2.67 19.09 -29.30
C ALA O 548 -3.23 20.20 -28.43
N LYS O 549 -2.36 21.09 -27.93
CA LYS O 549 -2.82 22.19 -27.10
C LYS O 549 -3.76 23.10 -27.88
N LEU O 550 -3.39 23.44 -29.12
CA LEU O 550 -4.27 24.24 -29.95
C LEU O 550 -5.65 23.62 -30.05
N TYR O 551 -5.70 22.31 -30.32
CA TYR O 551 -6.98 21.65 -30.49
C TYR O 551 -7.78 21.66 -29.19
N ASP O 552 -7.13 21.34 -28.08
CA ASP O 552 -7.85 21.28 -26.81
C ASP O 552 -8.41 22.63 -26.42
N ASN O 553 -7.71 23.71 -26.73
CA ASN O 553 -8.21 25.02 -26.34
C ASN O 553 -9.20 25.61 -27.33
N HIS O 554 -9.14 25.22 -28.59
CA HIS O 554 -9.95 25.98 -29.53
C HIS O 554 -10.88 25.13 -30.39
N LEU O 555 -10.45 23.93 -30.78
CA LEU O 555 -11.26 23.12 -31.69
C LEU O 555 -12.61 22.80 -31.08
N GLY O 556 -13.68 23.32 -31.69
CA GLY O 556 -15.02 23.14 -31.19
C GLY O 556 -15.50 24.24 -30.27
N LYS O 557 -14.60 24.91 -29.57
CA LYS O 557 -14.96 25.99 -28.65
C LYS O 557 -14.97 27.35 -29.31
N SER O 558 -14.40 27.47 -30.51
CA SER O 558 -14.45 28.71 -31.27
C SER O 558 -14.99 28.41 -32.66
N ASN O 559 -15.59 29.43 -33.29
CA ASN O 559 -16.16 29.24 -34.61
C ASN O 559 -15.20 29.62 -35.73
N ASN O 560 -14.30 30.57 -35.49
CA ASN O 560 -13.32 30.94 -36.50
C ASN O 560 -12.19 29.92 -36.58
N PHE O 561 -11.94 29.19 -35.49
CA PHE O 561 -10.94 28.14 -35.50
C PHE O 561 -11.56 26.87 -36.06
N GLN O 562 -11.00 26.36 -37.14
CA GLN O 562 -11.54 25.18 -37.80
C GLN O 562 -10.43 24.23 -38.18
N LYS O 563 -10.77 22.95 -38.21
CA LYS O 563 -9.83 21.94 -38.66
C LYS O 563 -9.77 21.94 -40.18
N PRO O 564 -8.58 21.91 -40.77
CA PRO O 564 -8.48 22.00 -42.22
C PRO O 564 -8.98 20.72 -42.90
N ARG O 565 -9.47 20.90 -44.12
CA ARG O 565 -9.90 19.77 -44.95
C ARG O 565 -8.70 19.35 -45.80
N ASN O 566 -7.88 18.48 -45.22
CA ASN O 566 -6.64 18.05 -45.86
C ASN O 566 -6.96 16.94 -46.85
N VAL O 567 -6.76 17.22 -48.14
CA VAL O 567 -7.00 16.26 -49.20
C VAL O 567 -5.65 15.76 -49.71
N LYS O 568 -5.52 14.44 -49.83
CA LYS O 568 -4.27 13.84 -50.28
C LYS O 568 -3.98 14.27 -51.71
N GLY O 569 -2.78 14.84 -51.93
CA GLY O 569 -2.44 15.42 -53.20
C GLY O 569 -2.10 16.89 -53.05
N LYS O 570 -2.48 17.46 -51.90
CA LYS O 570 -2.21 18.85 -51.58
C LYS O 570 -1.44 18.92 -50.27
N GLN O 571 -0.81 20.08 -50.05
CA GLN O 571 -0.01 20.27 -48.84
C GLN O 571 -0.89 20.15 -47.60
N GLU O 572 -0.34 19.53 -46.56
CA GLU O 572 -1.10 19.29 -45.34
C GLU O 572 -1.09 20.51 -44.45
N ALA O 573 -2.28 20.93 -44.05
CA ALA O 573 -2.44 21.99 -43.06
C ALA O 573 -2.74 21.37 -41.70
N HIS O 574 -2.70 22.21 -40.66
CA HIS O 574 -2.97 21.76 -39.31
C HIS O 574 -4.15 22.44 -38.66
N PHE O 575 -4.43 23.70 -38.99
CA PHE O 575 -5.63 24.36 -38.54
C PHE O 575 -5.94 25.48 -39.51
N SER O 576 -7.15 26.03 -39.39
CA SER O 576 -7.63 27.03 -40.33
C SER O 576 -8.28 28.17 -39.57
N LEU O 577 -7.90 29.40 -39.93
CA LEU O 577 -8.44 30.61 -39.33
C LEU O 577 -9.35 31.32 -40.32
N VAL O 578 -10.52 31.75 -39.86
CA VAL O 578 -11.49 32.42 -40.71
C VAL O 578 -11.16 33.91 -40.64
N HIS O 579 -10.30 34.36 -41.55
CA HIS O 579 -9.91 35.76 -41.60
C HIS O 579 -10.98 36.58 -42.32
N TYR O 580 -10.76 37.90 -42.36
CA TYR O 580 -11.64 38.75 -43.15
C TYR O 580 -11.46 38.50 -44.64
N ALA O 581 -10.26 38.09 -45.06
CA ALA O 581 -9.95 37.80 -46.45
C ALA O 581 -10.03 36.32 -46.77
N GLY O 582 -10.91 35.60 -46.10
CA GLY O 582 -11.10 34.18 -46.36
C GLY O 582 -10.60 33.32 -45.20
N THR O 583 -10.59 32.01 -45.46
CA THR O 583 -10.16 31.02 -44.47
C THR O 583 -8.81 30.48 -44.90
N VAL O 584 -7.77 30.79 -44.14
CA VAL O 584 -6.41 30.44 -44.48
C VAL O 584 -6.01 29.19 -43.70
N ASP O 585 -5.19 28.35 -44.32
CA ASP O 585 -4.74 27.10 -43.73
C ASP O 585 -3.27 27.21 -43.39
N TYR O 586 -2.92 26.87 -42.16
CA TYR O 586 -1.56 27.02 -41.65
C TYR O 586 -0.94 25.67 -41.37
N ASN O 587 0.38 25.60 -41.55
CA ASN O 587 1.15 24.39 -41.27
C ASN O 587 2.19 24.73 -40.22
N ILE O 588 2.00 24.24 -39.00
CA ILE O 588 2.77 24.69 -37.84
C ILE O 588 4.14 24.05 -37.73
N MET O 589 4.54 23.21 -38.68
CA MET O 589 5.82 22.52 -38.56
C MET O 589 6.99 23.47 -38.42
N GLY O 590 7.61 23.49 -37.25
CA GLY O 590 8.79 24.29 -37.00
C GLY O 590 8.58 25.60 -36.29
N TRP O 591 7.36 25.87 -35.81
CA TRP O 591 7.10 27.16 -35.17
C TRP O 591 7.85 27.31 -33.85
N LEU O 592 8.11 26.21 -33.16
CA LEU O 592 8.81 26.28 -31.89
C LEU O 592 10.20 26.87 -32.06
N GLU O 593 11.00 26.29 -32.96
CA GLU O 593 12.34 26.80 -33.17
C GLU O 593 12.32 28.22 -33.72
N LYS O 594 11.29 28.56 -34.48
CA LYS O 594 11.23 29.89 -35.09
C LYS O 594 10.79 30.96 -34.11
N ASN O 595 10.09 30.60 -33.04
CA ASN O 595 9.63 31.60 -32.09
C ASN O 595 10.63 31.89 -30.98
N LYS O 596 11.55 30.98 -30.70
CA LYS O 596 12.50 31.18 -29.61
C LYS O 596 13.44 32.33 -29.92
N ASP O 597 13.77 33.10 -28.89
CA ASP O 597 14.62 34.27 -29.08
C ASP O 597 15.38 34.57 -27.79
N PRO O 598 16.19 33.66 -27.28
CA PRO O 598 16.89 33.91 -26.01
C PRO O 598 18.15 34.74 -26.22
N LEU O 599 18.11 35.99 -25.76
CA LEU O 599 19.26 36.87 -25.85
C LEU O 599 20.27 36.54 -24.76
N ASN O 600 21.54 36.56 -25.11
CA ASN O 600 22.63 36.21 -24.21
C ASN O 600 23.27 37.51 -23.73
N GLU O 601 22.88 37.98 -22.55
CA GLU O 601 23.31 39.29 -22.09
C GLU O 601 24.81 39.38 -21.84
N THR O 602 25.47 38.25 -21.61
CA THR O 602 26.93 38.27 -21.48
C THR O 602 27.58 38.68 -22.79
N VAL O 603 27.12 38.10 -23.90
CA VAL O 603 27.69 38.46 -25.20
C VAL O 603 27.33 39.89 -25.57
N VAL O 604 26.16 40.36 -25.17
CA VAL O 604 25.81 41.76 -25.42
C VAL O 604 26.72 42.68 -24.63
N GLY O 605 27.04 42.32 -23.39
CA GLY O 605 28.01 43.08 -22.64
C GLY O 605 29.39 43.06 -23.27
N LEU O 606 29.77 41.93 -23.88
CA LEU O 606 30.99 41.90 -24.68
C LEU O 606 30.92 42.88 -25.84
N TYR O 607 29.78 42.90 -26.53
CA TYR O 607 29.60 43.83 -27.64
C TYR O 607 29.79 45.27 -27.19
N GLN O 608 29.23 45.62 -26.04
CA GLN O 608 29.31 47.00 -25.55
C GLN O 608 30.74 47.46 -25.32
N LYS O 609 31.73 46.56 -25.42
CA LYS O 609 33.12 46.91 -25.20
C LYS O 609 33.96 46.76 -26.47
N SER O 610 33.34 46.46 -27.60
CA SER O 610 34.09 46.17 -28.81
C SER O 610 34.90 47.37 -29.26
N SER O 611 35.94 47.09 -30.03
CA SER O 611 36.77 48.15 -30.61
C SER O 611 36.11 48.78 -31.83
N LEU O 612 35.34 48.01 -32.58
CA LEU O 612 34.66 48.54 -33.76
C LEU O 612 33.58 49.51 -33.33
N LYS O 613 33.85 50.80 -33.44
CA LYS O 613 33.03 51.82 -32.82
C LYS O 613 31.58 51.77 -33.26
N LEU O 614 31.29 51.25 -34.46
CA LEU O 614 29.90 51.14 -34.88
C LEU O 614 29.15 50.13 -34.03
N MET O 615 29.82 49.02 -33.67
CA MET O 615 29.18 48.03 -32.82
C MET O 615 28.88 48.61 -31.44
N ALA O 616 29.83 49.34 -30.88
CA ALA O 616 29.60 49.95 -29.57
C ALA O 616 28.53 51.03 -29.63
N THR O 617 28.43 51.74 -30.76
CA THR O 617 27.35 52.71 -30.91
C THR O 617 26.00 52.00 -31.01
N LEU O 618 25.98 50.85 -31.69
CA LEU O 618 24.75 50.08 -31.80
C LEU O 618 24.29 49.60 -30.43
N PHE O 619 25.19 49.00 -29.66
CA PHE O 619 24.85 48.42 -28.37
C PHE O 619 25.18 49.33 -27.20
N SER O 620 25.24 50.64 -27.41
CA SER O 620 25.42 51.58 -26.31
C SER O 620 24.34 51.39 -25.27
N THR O 621 23.08 51.40 -25.70
CA THR O 621 21.96 51.21 -24.80
C THR O 621 21.66 49.73 -24.60
N LYS O 634 18.20 43.43 -6.74
CA LYS O 634 17.60 44.72 -6.43
C LYS O 634 16.20 44.53 -5.85
N SER O 641 14.36 37.65 -19.80
CA SER O 641 15.44 37.72 -20.78
C SER O 641 15.51 36.47 -21.63
N SER O 642 15.61 35.32 -21.00
CA SER O 642 15.50 34.06 -21.70
C SER O 642 14.06 33.68 -21.99
N PHE O 643 13.12 34.60 -21.75
CA PHE O 643 11.72 34.39 -22.02
C PHE O 643 11.26 35.13 -23.26
N GLN O 644 12.20 35.57 -24.11
CA GLN O 644 11.85 36.40 -25.25
C GLN O 644 11.42 35.54 -26.42
N THR O 645 10.35 35.97 -27.08
CA THR O 645 9.80 35.28 -28.23
C THR O 645 9.56 36.28 -29.35
N VAL O 646 9.68 35.80 -30.58
CA VAL O 646 9.45 36.64 -31.74
C VAL O 646 8.02 37.19 -31.73
N SER O 647 7.06 36.34 -31.39
CA SER O 647 5.66 36.77 -31.38
C SER O 647 5.44 37.91 -30.39
N ALA O 648 6.15 37.91 -29.26
CA ALA O 648 5.93 38.95 -28.27
C ALA O 648 6.45 40.31 -28.75
N LEU O 649 7.69 40.33 -29.25
CA LEU O 649 8.22 41.57 -29.82
C LEU O 649 7.35 42.04 -30.97
N HIS O 650 6.89 41.12 -31.80
CA HIS O 650 6.02 41.48 -32.92
C HIS O 650 4.74 42.12 -32.42
N ARG O 651 4.12 41.54 -31.40
CA ARG O 651 2.88 42.09 -30.88
C ARG O 651 3.09 43.46 -30.28
N GLU O 652 4.21 43.67 -29.58
CA GLU O 652 4.49 44.98 -29.00
C GLU O 652 4.72 46.02 -30.09
N ASN O 653 5.48 45.66 -31.13
CA ASN O 653 5.68 46.59 -32.24
C ASN O 653 4.37 46.94 -32.93
N LEU O 654 3.51 45.94 -33.14
CA LEU O 654 2.24 46.20 -33.78
C LEU O 654 1.35 47.09 -32.91
N ASN O 655 1.38 46.87 -31.60
CA ASN O 655 0.64 47.75 -30.71
C ASN O 655 1.13 49.18 -30.83
N LYS O 656 2.45 49.37 -30.89
CA LYS O 656 3.00 50.71 -31.03
C LYS O 656 2.57 51.36 -32.35
N LEU O 657 2.59 50.59 -33.44
CA LEU O 657 2.22 51.13 -34.74
C LEU O 657 0.76 51.54 -34.77
N MET O 658 -0.12 50.66 -34.27
CA MET O 658 -1.53 51.03 -34.20
C MET O 658 -1.75 52.23 -33.29
N THR O 659 -0.97 52.34 -32.21
CA THR O 659 -1.09 53.50 -31.34
C THR O 659 -0.72 54.78 -32.08
N ASN O 660 0.31 54.72 -32.91
CA ASN O 660 0.66 55.89 -33.71
C ASN O 660 -0.46 56.24 -34.68
N LEU O 661 -1.00 55.24 -35.37
CA LEU O 661 -2.01 55.52 -36.39
C LEU O 661 -3.32 56.01 -35.79
N LYS O 662 -3.67 55.56 -34.59
CA LYS O 662 -4.96 55.91 -34.02
C LYS O 662 -5.06 57.36 -33.60
N THR O 663 -4.01 58.16 -33.79
CA THR O 663 -4.03 59.58 -33.44
C THR O 663 -4.11 60.48 -34.66
N THR O 664 -4.16 59.93 -35.86
CA THR O 664 -4.17 60.70 -37.08
C THR O 664 -5.46 60.42 -37.87
N HIS O 665 -5.53 60.95 -39.08
CA HIS O 665 -6.65 60.71 -39.95
C HIS O 665 -6.22 59.88 -41.15
N PRO O 666 -6.91 58.79 -41.45
CA PRO O 666 -6.44 57.88 -42.50
C PRO O 666 -7.04 58.18 -43.86
N HIS O 667 -6.26 57.86 -44.89
CA HIS O 667 -6.71 57.97 -46.27
C HIS O 667 -6.10 56.81 -47.04
N PHE O 668 -6.92 55.83 -47.40
CA PHE O 668 -6.44 54.57 -47.92
C PHE O 668 -6.39 54.59 -49.45
N VAL O 669 -5.42 53.87 -49.99
CA VAL O 669 -5.19 53.77 -51.42
C VAL O 669 -4.93 52.31 -51.75
N ARG O 670 -5.45 51.85 -52.88
CA ARG O 670 -5.35 50.44 -53.28
C ARG O 670 -4.74 50.35 -54.68
N CYS O 671 -3.42 50.35 -54.76
CA CYS O 671 -2.77 50.10 -56.04
C CYS O 671 -2.91 48.63 -56.42
N ILE O 672 -3.16 48.38 -57.69
CA ILE O 672 -3.40 47.04 -58.19
C ILE O 672 -2.44 46.76 -59.34
N ILE O 673 -1.99 45.51 -59.41
CA ILE O 673 -1.34 44.99 -60.60
C ILE O 673 -2.42 44.33 -61.45
N PRO O 674 -2.80 44.91 -62.59
CA PRO O 674 -3.93 44.36 -63.35
C PRO O 674 -3.63 43.05 -64.04
N ASN O 675 -2.43 42.90 -64.59
CA ASN O 675 -2.07 41.69 -65.30
C ASN O 675 -0.65 41.30 -64.96
N GLU O 676 -0.34 40.03 -65.22
CA GLU O 676 0.95 39.46 -64.87
C GLU O 676 1.94 39.43 -66.04
N ARG O 677 1.45 39.41 -67.27
CA ARG O 677 2.31 39.40 -68.45
C ARG O 677 2.83 40.77 -68.81
N LYS O 678 2.58 41.79 -67.99
CA LYS O 678 3.04 43.16 -68.13
C LYS O 678 2.43 43.88 -69.33
N ALA O 679 1.59 43.20 -70.11
CA ALA O 679 0.96 43.82 -71.26
C ALA O 679 -0.18 44.73 -70.79
N PRO O 680 -0.11 46.04 -71.03
CA PRO O 680 -1.15 46.94 -70.53
C PRO O 680 -2.47 46.74 -71.26
N GLY O 681 -3.53 47.23 -70.61
CA GLY O 681 -4.84 47.29 -71.23
C GLY O 681 -5.82 46.22 -70.77
N VAL O 682 -5.34 44.98 -70.67
CA VAL O 682 -6.18 43.84 -70.34
C VAL O 682 -5.73 43.27 -69.02
N MET O 683 -6.65 43.14 -68.07
CA MET O 683 -6.33 42.63 -66.74
C MET O 683 -6.99 41.27 -66.56
N ASP O 684 -6.24 40.31 -66.05
CA ASP O 684 -6.78 38.99 -65.79
C ASP O 684 -7.73 39.04 -64.60
N ASN O 685 -8.87 38.37 -64.74
CA ASN O 685 -9.93 38.39 -63.74
C ASN O 685 -9.64 37.63 -62.45
N PRO O 686 -8.97 36.46 -62.45
CA PRO O 686 -8.78 35.78 -61.16
C PRO O 686 -7.76 36.48 -60.29
N LEU O 687 -6.67 36.97 -60.89
CA LEU O 687 -5.69 37.76 -60.16
C LEU O 687 -6.37 38.95 -59.48
N VAL O 688 -7.10 39.75 -60.25
CA VAL O 688 -7.68 40.96 -59.68
C VAL O 688 -8.77 40.60 -58.67
N MET O 689 -9.44 39.45 -58.85
CA MET O 689 -10.44 39.05 -57.87
C MET O 689 -9.78 38.70 -56.53
N HIS O 690 -8.75 37.86 -56.57
CA HIS O 690 -8.00 37.53 -55.37
C HIS O 690 -7.49 38.80 -54.69
N GLN O 691 -6.95 39.73 -55.48
CA GLN O 691 -6.43 40.96 -54.89
C GLN O 691 -7.54 41.79 -54.27
N LEU O 692 -8.66 41.93 -54.97
CA LEU O 692 -9.79 42.68 -54.44
C LEU O 692 -10.29 42.06 -53.14
N ARG O 693 -10.10 40.75 -52.98
CA ARG O 693 -10.34 40.13 -51.69
C ARG O 693 -9.31 40.59 -50.66
N CYS O 694 -8.03 40.39 -50.95
CA CYS O 694 -6.99 40.66 -49.96
C CYS O 694 -6.74 42.15 -49.74
N ASN O 695 -7.01 42.98 -50.75
CA ASN O 695 -6.68 44.40 -50.62
C ASN O 695 -7.55 45.11 -49.60
N GLY O 696 -8.75 44.61 -49.32
CA GLY O 696 -9.61 45.18 -48.30
C GLY O 696 -10.81 45.93 -48.83
N VAL O 697 -10.97 46.02 -50.15
CA VAL O 697 -12.12 46.74 -50.69
C VAL O 697 -13.40 45.96 -50.46
N LEU O 698 -13.34 44.64 -50.68
CA LEU O 698 -14.52 43.80 -50.55
C LEU O 698 -15.11 43.83 -49.15
N GLU O 699 -14.29 44.07 -48.12
CA GLU O 699 -14.84 44.20 -46.78
C GLU O 699 -15.68 45.48 -46.66
N GLY O 700 -15.17 46.58 -47.20
CA GLY O 700 -15.95 47.80 -47.22
C GLY O 700 -17.25 47.65 -48.00
N ILE O 701 -17.19 46.93 -49.12
CA ILE O 701 -18.40 46.68 -49.90
C ILE O 701 -19.38 45.85 -49.07
N ARG O 702 -18.87 44.79 -48.42
CA ARG O 702 -19.73 43.93 -47.62
C ARG O 702 -20.39 44.67 -46.48
N ILE O 703 -19.71 45.69 -45.94
CA ILE O 703 -20.30 46.45 -44.84
C ILE O 703 -21.32 47.45 -45.37
N CYS O 704 -20.95 48.22 -46.41
CA CYS O 704 -21.89 49.20 -46.95
C CYS O 704 -23.13 48.54 -47.54
N ARG O 705 -23.02 47.27 -47.92
CA ARG O 705 -24.20 46.52 -48.35
C ARG O 705 -25.24 46.46 -47.24
N LYS O 706 -24.80 46.49 -45.98
CA LYS O 706 -25.74 46.56 -44.86
C LYS O 706 -26.45 47.90 -44.78
N GLY O 707 -26.19 48.82 -45.71
CA GLY O 707 -27.03 49.99 -45.91
C GLY O 707 -28.34 49.61 -46.58
N PHE O 708 -28.92 50.51 -47.37
CA PHE O 708 -28.53 51.90 -47.68
C PHE O 708 -27.10 52.19 -48.19
N PRO O 709 -26.71 51.55 -49.29
CA PRO O 709 -25.53 52.03 -50.02
C PRO O 709 -25.84 53.22 -50.91
N ASN O 710 -27.04 53.24 -51.49
CA ASN O 710 -27.43 54.25 -52.47
C ASN O 710 -27.98 55.47 -51.73
N ARG O 711 -27.26 56.60 -51.83
CA ARG O 711 -27.61 57.82 -51.11
C ARG O 711 -27.78 58.95 -52.12
N ILE O 712 -29.03 59.30 -52.41
CA ILE O 712 -29.35 60.34 -53.39
C ILE O 712 -30.15 61.43 -52.67
N LEU O 713 -30.22 62.60 -53.31
CA LEU O 713 -31.04 63.71 -52.82
C LEU O 713 -32.44 63.59 -53.39
N TYR O 714 -33.24 64.65 -53.23
CA TYR O 714 -34.64 64.61 -53.66
C TYR O 714 -34.78 64.81 -55.16
N GLY O 715 -34.07 65.81 -55.70
CA GLY O 715 -34.36 66.24 -57.07
C GLY O 715 -34.02 65.19 -58.11
N ASP O 716 -32.94 64.44 -57.90
CA ASP O 716 -32.53 63.45 -58.91
C ASP O 716 -33.58 62.36 -59.06
N PHE O 717 -34.15 61.90 -57.94
CA PHE O 717 -35.21 60.90 -58.02
C PHE O 717 -36.51 61.52 -58.50
N ARG O 718 -36.80 62.76 -58.08
CA ARG O 718 -37.94 63.47 -58.62
C ARG O 718 -37.89 63.54 -60.15
N GLN O 719 -36.69 63.65 -60.71
CA GLN O 719 -36.54 63.74 -62.15
C GLN O 719 -36.58 62.37 -62.83
N ARG O 720 -35.62 61.50 -62.49
CA ARG O 720 -35.40 60.30 -63.27
C ARG O 720 -36.52 59.27 -63.15
N TYR O 721 -37.38 59.38 -62.14
CA TYR O 721 -38.43 58.39 -61.91
C TYR O 721 -39.76 59.09 -61.65
N ARG O 722 -40.07 60.06 -62.51
CA ARG O 722 -41.34 60.77 -62.48
C ARG O 722 -42.40 60.15 -63.38
N ILE O 723 -42.11 58.99 -63.97
CA ILE O 723 -43.02 58.34 -64.90
C ILE O 723 -44.14 57.71 -64.07
N LEU O 724 -45.29 58.38 -64.03
CA LEU O 724 -46.44 57.89 -63.29
C LEU O 724 -47.74 58.26 -64.01
N GLY O 740 -42.12 66.06 -52.67
CA GLY O 740 -41.25 65.59 -53.73
C GLY O 740 -41.18 64.08 -53.83
N ALA O 741 -40.28 63.48 -53.03
CA ALA O 741 -40.16 62.03 -53.02
C ALA O 741 -41.14 61.38 -52.05
N GLU O 742 -41.73 62.15 -51.14
CA GLU O 742 -42.66 61.60 -50.15
C GLU O 742 -43.82 60.90 -50.84
N LYS O 743 -44.59 61.63 -51.65
CA LYS O 743 -45.68 61.01 -52.38
C LYS O 743 -45.18 60.12 -53.49
N LEU O 744 -44.02 60.44 -54.08
CA LEU O 744 -43.49 59.65 -55.19
C LEU O 744 -43.10 58.24 -54.76
N LEU O 745 -42.78 58.04 -53.47
CA LEU O 745 -42.46 56.71 -52.97
C LEU O 745 -43.47 56.17 -51.96
N GLY O 746 -44.43 56.97 -51.54
CA GLY O 746 -45.50 56.46 -50.71
C GLY O 746 -46.49 55.65 -51.53
N SER O 747 -46.28 55.64 -52.84
CA SER O 747 -47.13 54.90 -53.76
C SER O 747 -46.78 53.43 -53.87
N LEU O 748 -45.50 53.09 -53.98
CA LEU O 748 -45.09 51.68 -54.03
C LEU O 748 -44.34 51.30 -52.76
N ILE O 750 -42.55 47.94 -53.39
CA ILE O 750 -41.36 47.95 -52.56
C ILE O 750 -41.78 47.96 -51.09
N ASP O 751 -40.80 48.06 -50.19
CA ASP O 751 -41.06 48.08 -48.77
C ASP O 751 -40.76 49.45 -48.19
N HIS O 752 -41.45 49.79 -47.10
CA HIS O 752 -41.32 51.11 -46.49
C HIS O 752 -40.02 51.29 -45.73
N ASN O 753 -39.21 50.23 -45.57
CA ASN O 753 -37.94 50.36 -44.88
C ASN O 753 -36.76 50.51 -45.83
N GLN O 754 -36.92 50.15 -47.11
CA GLN O 754 -35.86 50.30 -48.09
C GLN O 754 -35.42 51.76 -48.24
N TYR O 755 -36.16 52.70 -47.68
CA TYR O 755 -35.84 54.11 -47.79
C TYR O 755 -35.95 54.76 -46.42
N LYS O 756 -35.22 55.86 -46.25
CA LYS O 756 -35.35 56.68 -45.04
C LYS O 756 -34.96 58.10 -45.43
N PHE O 757 -35.97 58.94 -45.67
CA PHE O 757 -35.77 60.29 -46.16
C PHE O 757 -35.41 61.22 -45.00
N GLY O 758 -34.42 62.08 -45.24
CA GLY O 758 -34.14 63.15 -44.30
C GLY O 758 -33.38 64.30 -44.90
N HIS O 759 -33.94 65.51 -44.79
CA HIS O 759 -33.30 66.76 -45.19
C HIS O 759 -32.67 66.65 -46.57
N THR O 760 -33.53 66.39 -47.56
CA THR O 760 -33.14 66.25 -48.96
C THR O 760 -32.05 65.20 -49.11
N LYS O 761 -32.39 63.98 -48.68
CA LYS O 761 -31.53 62.81 -48.84
C LYS O 761 -32.37 61.55 -48.82
N VAL O 762 -32.29 60.74 -49.86
CA VAL O 762 -32.94 59.44 -49.89
C VAL O 762 -31.85 58.37 -49.81
N PHE O 763 -32.12 57.33 -49.02
CA PHE O 763 -31.19 56.22 -48.82
C PHE O 763 -31.85 54.94 -49.33
N PHE O 764 -31.13 54.21 -50.18
CA PHE O 764 -31.66 53.01 -50.81
C PHE O 764 -30.76 51.82 -50.53
N LYS O 765 -31.35 50.70 -50.13
CA LYS O 765 -30.60 49.48 -49.90
C LYS O 765 -30.30 48.77 -51.22
N ALA O 766 -29.26 47.96 -51.21
CA ALA O 766 -28.80 47.27 -52.41
C ALA O 766 -29.86 46.31 -52.94
N GLY O 767 -30.44 46.62 -54.09
CA GLY O 767 -31.44 45.75 -54.68
C GLY O 767 -32.74 46.46 -55.00
N LEU O 768 -32.72 47.78 -55.08
CA LEU O 768 -33.91 48.56 -55.41
C LEU O 768 -33.83 49.23 -56.77
N LEU O 769 -32.70 49.84 -57.11
CA LEU O 769 -32.52 50.42 -58.44
C LEU O 769 -32.37 49.35 -59.52
N GLY O 770 -32.23 48.08 -59.14
CA GLY O 770 -32.35 47.01 -60.11
C GLY O 770 -33.77 46.68 -60.49
N LEU O 771 -34.73 47.27 -59.79
CA LEU O 771 -36.15 47.18 -60.11
C LEU O 771 -36.63 48.37 -60.95
N LEU O 772 -36.13 49.57 -60.64
CA LEU O 772 -36.48 50.76 -61.40
C LEU O 772 -35.78 50.76 -62.75
N ALA P 1 -24.17 108.82 -7.63
CA ALA P 1 -24.03 110.06 -6.88
C ALA P 1 -22.59 110.27 -6.44
N GLN P 2 -22.17 109.49 -5.44
CA GLN P 2 -20.80 109.55 -4.93
C GLN P 2 -19.81 108.77 -5.79
N MET P 3 -20.20 108.37 -7.00
CA MET P 3 -19.32 107.67 -7.92
C MET P 3 -18.90 108.51 -9.11
N ALA P 4 -19.73 109.45 -9.54
CA ALA P 4 -19.45 110.25 -10.73
C ALA P 4 -18.43 111.36 -10.48
N ASP P 5 -17.75 111.34 -9.35
CA ASP P 5 -16.71 112.32 -9.04
C ASP P 5 -15.31 111.79 -9.28
N PHE P 6 -15.17 110.57 -9.79
CA PHE P 6 -13.88 109.99 -10.10
C PHE P 6 -13.58 109.98 -11.59
N GLY P 7 -14.52 110.43 -12.42
CA GLY P 7 -14.23 110.63 -13.83
C GLY P 7 -14.04 109.32 -14.58
N ALA P 8 -12.99 109.29 -15.40
CA ALA P 8 -12.75 108.17 -16.32
C ALA P 8 -12.41 106.87 -15.59
N ALA P 9 -12.08 106.93 -14.30
CA ALA P 9 -11.79 105.72 -13.54
C ALA P 9 -12.99 105.21 -12.76
N ALA P 10 -14.05 106.02 -12.61
CA ALA P 10 -15.20 105.61 -11.83
C ALA P 10 -15.81 104.32 -12.38
N GLN P 11 -15.78 104.13 -13.70
CA GLN P 11 -16.26 102.89 -14.29
C GLN P 11 -15.49 101.70 -13.73
N TYR P 12 -14.19 101.85 -13.54
CA TYR P 12 -13.40 100.78 -12.94
C TYR P 12 -13.66 100.66 -11.44
N LEU P 13 -13.92 101.79 -10.77
CA LEU P 13 -14.14 101.75 -9.33
C LEU P 13 -15.53 101.24 -8.98
N ARG P 14 -16.57 101.87 -9.55
CA ARG P 14 -17.94 101.44 -9.34
C ARG P 14 -18.72 101.62 -10.63
N LYS P 15 -19.20 100.52 -11.20
CA LYS P 15 -19.97 100.58 -12.43
C LYS P 15 -21.24 101.40 -12.23
N SER P 16 -21.71 102.01 -13.32
CA SER P 16 -22.89 102.85 -13.25
C SER P 16 -24.11 102.00 -12.93
N GLU P 17 -25.07 102.61 -12.21
CA GLU P 17 -26.21 101.85 -11.71
C GLU P 17 -27.13 101.35 -12.82
N LYS P 18 -26.92 101.78 -14.07
CA LYS P 18 -27.80 101.33 -15.15
C LYS P 18 -27.50 99.87 -15.53
N GLU P 19 -26.27 99.61 -15.99
CA GLU P 19 -25.88 98.23 -16.25
C GLU P 19 -25.91 97.40 -14.98
N ARG P 20 -25.73 98.03 -13.82
CA ARG P 20 -25.82 97.29 -12.56
C ARG P 20 -27.25 96.84 -12.30
N LEU P 21 -28.23 97.72 -12.55
CA LEU P 21 -29.62 97.33 -12.31
C LEU P 21 -30.10 96.32 -13.34
N GLU P 22 -29.62 96.43 -14.59
CA GLU P 22 -29.98 95.41 -15.56
C GLU P 22 -29.28 94.10 -15.28
N ALA P 23 -28.15 94.14 -14.57
CA ALA P 23 -27.40 92.92 -14.27
C ALA P 23 -27.80 92.28 -12.95
N GLN P 24 -28.33 93.05 -12.00
CA GLN P 24 -28.72 92.50 -10.71
C GLN P 24 -30.12 91.89 -10.71
N THR P 25 -30.71 91.68 -11.89
CA THR P 25 -32.05 91.12 -12.00
C THR P 25 -32.13 90.04 -13.07
N ARG P 26 -31.08 89.24 -13.22
CA ARG P 26 -31.08 88.18 -14.23
C ARG P 26 -31.92 87.01 -13.75
N PRO P 27 -32.88 86.53 -14.54
CA PRO P 27 -33.69 85.38 -14.14
C PRO P 27 -32.96 84.07 -14.42
N PHE P 28 -32.56 83.37 -13.36
CA PHE P 28 -31.87 82.09 -13.49
C PHE P 28 -32.40 81.13 -12.43
N ASP P 29 -31.96 79.88 -12.52
CA ASP P 29 -32.47 78.82 -11.67
C ASP P 29 -31.49 78.52 -10.54
N ILE P 30 -32.01 77.83 -9.52
CA ILE P 30 -31.25 77.49 -8.32
C ILE P 30 -30.69 76.07 -8.46
N ARG P 31 -31.37 75.22 -9.22
CA ARG P 31 -31.07 73.80 -9.26
C ARG P 31 -30.62 73.30 -10.63
N THR P 32 -30.33 74.19 -11.57
CA THR P 32 -29.71 73.80 -12.82
C THR P 32 -28.49 74.64 -13.17
N GLU P 33 -28.00 75.45 -12.25
CA GLU P 33 -26.78 76.23 -12.43
C GLU P 33 -25.86 75.93 -11.25
N CYS P 34 -24.99 74.95 -11.42
CA CYS P 34 -24.05 74.54 -10.39
C CYS P 34 -22.63 74.59 -10.94
N PHE P 35 -21.69 74.07 -10.17
CA PHE P 35 -20.28 74.08 -10.54
C PHE P 35 -19.74 72.66 -10.54
N VAL P 36 -19.06 72.29 -11.61
CA VAL P 36 -18.45 70.97 -11.74
C VAL P 36 -16.99 71.16 -12.13
N PRO P 37 -16.14 70.19 -11.81
CA PRO P 37 -14.70 70.36 -12.06
C PRO P 37 -14.36 70.25 -13.54
N ASP P 38 -13.06 70.36 -13.81
CA ASP P 38 -12.53 70.28 -15.17
C ASP P 38 -11.04 70.03 -15.09
N ASP P 39 -10.44 69.73 -16.25
CA ASP P 39 -9.01 69.49 -16.35
C ASP P 39 -8.22 70.73 -16.76
N LYS P 40 -8.84 71.64 -17.51
CA LYS P 40 -8.19 72.89 -17.90
C LYS P 40 -8.82 74.11 -17.27
N GLU P 41 -10.09 74.05 -16.89
CA GLU P 41 -10.74 75.13 -16.15
C GLU P 41 -10.90 74.81 -14.68
N GLU P 42 -11.02 73.53 -14.34
CA GLU P 42 -11.09 72.99 -12.99
C GLU P 42 -12.37 73.41 -12.28
N TYR P 43 -13.16 74.28 -12.91
CA TYR P 43 -14.44 74.74 -12.39
C TYR P 43 -15.22 75.43 -13.51
N VAL P 44 -16.43 74.96 -13.78
CA VAL P 44 -17.21 75.48 -14.90
C VAL P 44 -18.68 75.57 -14.51
N LYS P 45 -19.39 76.43 -15.23
CA LYS P 45 -20.85 76.52 -15.13
C LYS P 45 -21.47 75.56 -16.12
N ALA P 46 -22.56 74.91 -15.72
CA ALA P 46 -23.25 73.99 -16.61
C ALA P 46 -24.67 73.80 -16.13
N LYS P 47 -25.45 73.05 -16.90
CA LYS P 47 -26.84 72.78 -16.57
C LYS P 47 -27.07 71.29 -16.37
N ALA P 58 -25.36 63.35 -12.90
CA ALA P 58 -26.17 64.55 -13.10
C ALA P 58 -25.85 65.18 -14.46
N GLU P 59 -26.90 65.39 -15.26
CA GLU P 59 -26.72 65.98 -16.59
C GLU P 59 -26.28 67.44 -16.46
N THR P 60 -25.11 67.74 -17.02
CA THR P 60 -24.53 69.09 -17.00
C THR P 60 -23.73 69.28 -18.27
N GLU P 61 -24.03 70.35 -18.99
CA GLU P 61 -23.40 70.61 -20.28
C GLU P 61 -23.28 72.12 -20.48
N ASN P 62 -22.11 72.57 -20.92
CA ASN P 62 -21.94 73.94 -21.40
C ASN P 62 -21.04 74.00 -22.62
N GLY P 63 -20.87 72.88 -23.33
CA GLY P 63 -19.89 72.77 -24.39
C GLY P 63 -19.25 71.39 -24.35
N LYS P 64 -19.57 70.66 -23.29
CA LYS P 64 -19.12 69.28 -23.12
C LYS P 64 -19.96 68.67 -21.99
N THR P 65 -20.43 67.45 -22.21
CA THR P 65 -21.32 66.80 -21.25
C THR P 65 -20.52 66.02 -20.23
N VAL P 66 -20.88 66.18 -18.95
CA VAL P 66 -20.31 65.41 -17.86
C VAL P 66 -21.42 65.08 -16.88
N THR P 67 -21.35 63.87 -16.32
CA THR P 67 -22.33 63.41 -15.33
C THR P 67 -21.57 62.91 -14.11
N ILE P 68 -21.63 63.68 -13.03
CA ILE P 68 -20.84 63.40 -11.84
C ILE P 68 -21.75 63.08 -10.66
N LYS P 69 -21.15 62.80 -9.51
CA LYS P 69 -21.92 62.52 -8.31
C LYS P 69 -22.73 63.73 -7.90
N GLU P 70 -23.85 63.48 -7.24
CA GLU P 70 -24.76 64.52 -6.79
C GLU P 70 -24.37 65.11 -5.44
N ASP P 71 -23.11 64.96 -5.04
CA ASP P 71 -22.62 65.54 -3.79
C ASP P 71 -21.25 66.20 -4.02
N GLN P 72 -21.07 66.81 -5.19
CA GLN P 72 -19.85 67.56 -5.46
C GLN P 72 -20.14 68.86 -6.20
N VAL P 73 -21.39 69.11 -6.59
CA VAL P 73 -21.75 70.30 -7.34
C VAL P 73 -21.92 71.48 -6.39
N MET P 74 -21.41 72.63 -6.80
CA MET P 74 -21.54 73.86 -6.03
C MET P 74 -22.51 74.79 -6.74
N GLN P 75 -23.59 75.15 -6.05
CA GLN P 75 -24.58 76.07 -6.60
C GLN P 75 -23.93 77.41 -6.90
N GLN P 76 -24.04 77.86 -8.15
CA GLN P 76 -23.43 79.11 -8.54
C GLN P 76 -24.07 80.28 -7.80
N ASN P 77 -23.29 81.34 -7.61
CA ASN P 77 -23.77 82.51 -6.90
C ASN P 77 -25.03 83.06 -7.58
N PRO P 78 -25.96 83.61 -6.80
CA PRO P 78 -27.16 84.19 -7.41
C PRO P 78 -26.79 85.39 -8.24
N PRO P 79 -27.56 85.68 -9.29
CA PRO P 79 -27.26 86.85 -10.15
C PRO P 79 -27.43 88.19 -9.46
N LYS P 80 -27.81 88.21 -8.18
CA LYS P 80 -27.87 89.47 -7.45
C LYS P 80 -26.47 90.00 -7.14
N PHE P 81 -25.60 89.12 -6.66
CA PHE P 81 -24.25 89.49 -6.23
C PHE P 81 -23.19 89.18 -7.28
N ASP P 82 -23.56 89.09 -8.55
CA ASP P 82 -22.64 88.60 -9.57
C ASP P 82 -21.47 89.54 -9.84
N LYS P 83 -21.38 90.71 -9.19
CA LYS P 83 -20.26 91.60 -9.42
C LYS P 83 -19.78 92.28 -8.14
N ILE P 84 -20.25 91.83 -6.97
CA ILE P 84 -19.90 92.51 -5.73
C ILE P 84 -18.39 92.44 -5.51
N GLU P 85 -17.81 93.57 -5.15
CA GLU P 85 -16.38 93.65 -4.84
C GLU P 85 -16.04 93.13 -3.46
N ASP P 86 -16.98 92.46 -2.80
CA ASP P 86 -16.78 91.91 -1.46
C ASP P 86 -17.47 90.55 -1.42
N MET P 87 -16.67 89.48 -1.54
CA MET P 87 -17.22 88.13 -1.55
C MET P 87 -17.56 87.61 -0.15
N ALA P 88 -17.58 88.48 0.86
CA ALA P 88 -17.91 88.06 2.21
C ALA P 88 -19.40 87.99 2.46
N MET P 89 -20.23 88.52 1.55
CA MET P 89 -21.67 88.57 1.73
C MET P 89 -22.41 87.53 0.91
N LEU P 90 -21.67 86.68 0.19
CA LEU P 90 -22.29 85.72 -0.72
C LEU P 90 -22.96 84.60 0.06
N THR P 91 -24.06 84.09 -0.46
CA THR P 91 -24.71 82.93 0.14
C THR P 91 -23.96 81.64 -0.16
N PHE P 92 -23.09 81.66 -1.17
CA PHE P 92 -22.39 80.46 -1.63
C PHE P 92 -20.90 80.73 -1.55
N LEU P 93 -20.30 80.45 -0.39
CA LEU P 93 -18.86 80.63 -0.20
C LEU P 93 -18.16 79.34 -0.59
N HIS P 94 -17.74 79.27 -1.86
CA HIS P 94 -16.94 78.15 -2.31
C HIS P 94 -15.91 78.68 -3.30
N GLU P 95 -14.95 77.82 -3.64
CA GLU P 95 -13.84 78.15 -4.51
C GLU P 95 -14.30 78.71 -5.85
N PRO P 96 -15.13 78.00 -6.62
CA PRO P 96 -15.53 78.55 -7.92
C PRO P 96 -16.31 79.84 -7.80
N ALA P 97 -17.08 80.00 -6.72
CA ALA P 97 -17.84 81.23 -6.52
C ALA P 97 -16.93 82.44 -6.56
N VAL P 98 -15.98 82.52 -5.62
CA VAL P 98 -15.08 83.66 -5.56
C VAL P 98 -14.19 83.70 -6.80
N LEU P 99 -13.84 82.53 -7.34
CA LEU P 99 -13.02 82.49 -8.55
C LEU P 99 -13.68 83.26 -9.68
N TYR P 100 -14.91 82.89 -10.04
CA TYR P 100 -15.59 83.58 -11.13
C TYR P 100 -16.05 84.97 -10.74
N ASN P 101 -16.27 85.23 -9.45
CA ASN P 101 -16.52 86.60 -9.00
C ASN P 101 -15.36 87.50 -9.42
N LEU P 102 -14.14 87.12 -9.03
CA LEU P 102 -12.97 87.89 -9.44
C LEU P 102 -12.77 87.88 -10.94
N LYS P 103 -13.05 86.74 -11.59
CA LYS P 103 -12.87 86.65 -13.04
C LYS P 103 -13.73 87.68 -13.76
N GLU P 104 -15.00 87.77 -13.38
CA GLU P 104 -15.89 88.75 -13.99
C GLU P 104 -15.45 90.16 -13.63
N ARG P 105 -15.18 90.42 -12.34
CA ARG P 105 -14.81 91.77 -11.94
C ARG P 105 -13.54 92.24 -12.63
N TYR P 106 -12.68 91.30 -13.06
CA TYR P 106 -11.52 91.71 -13.83
C TYR P 106 -11.85 91.85 -15.31
N ALA P 107 -12.73 90.99 -15.83
CA ALA P 107 -13.11 91.08 -17.24
C ALA P 107 -13.70 92.44 -17.55
N ALA P 108 -14.83 92.78 -16.93
CA ALA P 108 -15.32 94.14 -16.94
C ALA P 108 -14.42 94.96 -16.03
N TRP P 109 -13.41 95.61 -16.60
CA TRP P 109 -12.20 95.97 -15.87
C TRP P 109 -12.49 96.62 -14.53
N MET P 110 -12.19 95.87 -13.45
CA MET P 110 -12.22 96.37 -12.08
C MET P 110 -11.17 95.54 -11.34
N ILE P 111 -9.93 96.05 -11.28
CA ILE P 111 -8.84 95.27 -10.69
C ILE P 111 -8.87 95.28 -9.18
N TYR P 112 -9.77 96.03 -8.57
CA TYR P 112 -9.80 96.20 -7.12
C TYR P 112 -10.98 95.45 -6.51
N THR P 113 -10.73 94.81 -5.37
CA THR P 113 -11.74 93.96 -4.73
C THR P 113 -11.45 93.92 -3.24
N TYR P 114 -12.49 93.62 -2.46
CA TYR P 114 -12.36 93.39 -1.03
C TYR P 114 -12.76 91.95 -0.73
N SER P 115 -12.02 91.29 0.16
CA SER P 115 -12.29 89.90 0.51
C SER P 115 -12.33 89.77 2.03
N GLY P 116 -13.48 90.09 2.62
CA GLY P 116 -13.68 89.93 4.05
C GLY P 116 -12.87 90.96 4.81
N LEU P 117 -11.56 90.80 4.80
CA LEU P 117 -10.64 91.81 5.30
C LEU P 117 -9.46 92.06 4.37
N PHE P 118 -9.20 91.18 3.39
CA PHE P 118 -8.12 91.39 2.45
C PHE P 118 -8.50 92.45 1.43
N CYS P 119 -7.51 92.88 0.65
CA CYS P 119 -7.69 93.87 -0.40
C CYS P 119 -7.00 93.34 -1.65
N VAL P 120 -7.71 92.53 -2.41
CA VAL P 120 -7.13 91.86 -3.56
C VAL P 120 -7.04 92.83 -4.73
N THR P 121 -5.82 93.03 -5.24
CA THR P 121 -5.59 93.80 -6.45
C THR P 121 -4.99 92.89 -7.50
N VAL P 122 -5.41 93.08 -8.74
CA VAL P 122 -4.94 92.28 -9.86
C VAL P 122 -4.15 93.19 -10.78
N ASN P 123 -3.06 92.66 -11.33
CA ASN P 123 -2.25 93.46 -12.23
C ASN P 123 -3.01 93.67 -13.54
N PRO P 124 -3.22 94.92 -13.96
CA PRO P 124 -4.03 95.17 -15.16
C PRO P 124 -3.21 95.12 -16.44
N TYR P 125 -1.89 95.35 -16.33
CA TYR P 125 -0.96 95.39 -17.46
C TYR P 125 -1.34 96.44 -18.51
N LYS P 126 -2.31 97.29 -18.21
CA LYS P 126 -2.73 98.35 -19.11
C LYS P 126 -2.78 99.64 -18.32
N TRP P 127 -2.02 100.65 -18.76
CA TRP P 127 -1.97 101.91 -18.05
C TRP P 127 -3.37 102.46 -17.84
N LEU P 128 -3.64 102.90 -16.62
CA LEU P 128 -4.95 103.41 -16.26
C LEU P 128 -4.76 104.66 -15.41
N PRO P 129 -5.62 105.65 -15.58
CA PRO P 129 -5.56 106.84 -14.73
C PRO P 129 -6.27 106.61 -13.40
N VAL P 130 -6.52 105.33 -13.08
CA VAL P 130 -7.23 104.98 -11.86
C VAL P 130 -6.45 105.32 -10.59
N TYR P 131 -5.19 105.72 -10.72
CA TYR P 131 -4.41 106.22 -9.59
C TYR P 131 -3.98 107.66 -9.76
N ASN P 132 -3.66 108.08 -10.98
CA ASN P 132 -3.20 109.42 -11.28
C ASN P 132 -4.18 110.06 -12.25
N ALA P 133 -4.61 111.29 -11.96
CA ALA P 133 -4.13 112.07 -10.83
C ALA P 133 -4.98 111.89 -9.58
N GLU P 134 -4.78 112.79 -8.62
CA GLU P 134 -5.46 112.78 -7.33
C GLU P 134 -6.98 112.74 -7.45
N VAL P 135 -7.53 113.00 -8.64
CA VAL P 135 -8.97 112.93 -8.86
C VAL P 135 -9.55 111.64 -8.29
N VAL P 136 -8.79 110.55 -8.33
CA VAL P 136 -9.23 109.31 -7.71
C VAL P 136 -8.82 109.23 -6.24
N ALA P 137 -7.84 110.02 -5.83
CA ALA P 137 -7.31 109.99 -4.47
C ALA P 137 -8.17 110.76 -3.47
N ALA P 138 -9.42 111.01 -3.81
CA ALA P 138 -10.32 111.76 -2.95
C ALA P 138 -10.75 110.96 -1.72
N TYR P 139 -10.13 109.80 -1.52
CA TYR P 139 -10.50 108.92 -0.40
C TYR P 139 -10.24 109.55 0.96
N ARG P 140 -9.65 110.73 1.03
CA ARG P 140 -9.36 111.36 2.31
C ARG P 140 -10.65 111.57 3.09
N GLY P 141 -10.64 111.13 4.35
CA GLY P 141 -11.82 111.21 5.18
C GLY P 141 -12.79 110.06 4.92
N LYS P 142 -12.80 109.55 3.70
CA LYS P 142 -13.73 108.49 3.34
C LYS P 142 -13.36 107.18 4.03
N LYS P 143 -14.37 106.36 4.29
CA LYS P 143 -14.20 105.06 4.91
C LYS P 143 -14.14 103.98 3.85
N ARG P 144 -13.67 102.79 4.27
CA ARG P 144 -13.70 101.64 3.39
C ARG P 144 -15.13 101.22 3.07
N SER P 145 -16.01 101.20 4.09
CA SER P 145 -17.35 100.68 3.96
C SER P 145 -18.25 101.50 3.04
N GLU P 146 -17.80 102.67 2.60
CA GLU P 146 -18.61 103.54 1.74
C GLU P 146 -17.96 103.76 0.38
N ALA P 147 -16.69 104.12 0.35
CA ALA P 147 -16.00 104.42 -0.89
C ALA P 147 -15.70 103.13 -1.64
N PRO P 148 -15.37 103.23 -2.93
CA PRO P 148 -14.98 102.04 -3.71
C PRO P 148 -13.80 101.33 -3.07
N PRO P 149 -13.55 100.06 -3.45
CA PRO P 149 -12.55 99.24 -2.74
C PRO P 149 -11.14 99.43 -3.26
N HIS P 150 -10.53 100.57 -2.92
CA HIS P 150 -9.18 100.85 -3.38
C HIS P 150 -8.18 100.71 -2.24
N ILE P 151 -6.95 100.35 -2.60
CA ILE P 151 -5.86 100.33 -1.63
C ILE P 151 -5.62 101.71 -1.06
N PHE P 152 -5.97 102.76 -1.81
CA PHE P 152 -5.90 104.11 -1.27
C PHE P 152 -6.81 104.24 -0.06
N SER P 153 -7.96 103.57 -0.08
CA SER P 153 -8.83 103.58 1.09
C SER P 153 -8.13 102.96 2.29
N ILE P 154 -7.34 101.92 2.07
CA ILE P 154 -6.66 101.26 3.18
C ILE P 154 -5.49 102.10 3.68
N SER P 155 -4.74 102.69 2.77
CA SER P 155 -3.68 103.62 3.18
C SER P 155 -4.26 104.76 4.00
N ASP P 156 -5.39 105.31 3.55
CA ASP P 156 -6.05 106.37 4.29
C ASP P 156 -6.56 105.87 5.63
N ASN P 157 -7.08 104.63 5.68
CA ASN P 157 -7.57 104.08 6.93
C ASN P 157 -6.44 103.92 7.93
N ALA P 158 -5.29 103.45 7.48
CA ALA P 158 -4.11 103.38 8.34
C ALA P 158 -3.71 104.76 8.83
N TYR P 159 -3.72 105.75 7.92
CA TYR P 159 -3.45 107.13 8.32
C TYR P 159 -4.40 107.58 9.43
N GLN P 160 -5.69 107.40 9.21
CA GLN P 160 -6.69 107.79 10.20
C GLN P 160 -6.47 107.08 11.52
N TYR P 161 -6.20 105.77 11.47
CA TYR P 161 -6.02 105.00 12.70
C TYR P 161 -4.78 105.47 13.45
N MET P 162 -3.72 105.84 12.73
CA MET P 162 -2.56 106.40 13.40
C MET P 162 -2.89 107.72 14.07
N LEU P 163 -3.68 108.56 13.39
CA LEU P 163 -4.01 109.87 13.96
C LEU P 163 -5.01 109.79 15.11
N THR P 164 -5.83 108.75 15.16
CA THR P 164 -6.85 108.67 16.21
C THR P 164 -6.53 107.65 17.29
N ASP P 165 -5.50 106.82 17.11
CA ASP P 165 -5.20 105.73 18.03
C ASP P 165 -3.77 105.73 18.54
N ARG P 166 -2.86 106.42 17.88
CA ARG P 166 -1.45 106.50 18.30
C ARG P 166 -0.79 105.13 18.30
N GLU P 167 -1.27 104.24 17.44
CA GLU P 167 -0.78 102.87 17.33
C GLU P 167 -0.30 102.63 15.91
N ASN P 168 0.92 102.13 15.76
CA ASN P 168 1.49 101.93 14.43
C ASN P 168 0.61 100.99 13.60
N GLN P 169 0.76 101.09 12.29
CA GLN P 169 0.01 100.28 11.36
C GLN P 169 0.95 99.50 10.46
N SER P 170 0.44 98.41 9.88
CA SER P 170 1.27 97.51 9.09
C SER P 170 0.55 97.11 7.82
N ILE P 171 1.30 97.06 6.73
CA ILE P 171 0.80 96.66 5.42
C ILE P 171 1.56 95.42 4.99
N LEU P 172 0.88 94.28 4.95
CA LEU P 172 1.50 93.01 4.55
C LEU P 172 1.08 92.72 3.11
N ILE P 173 1.99 92.97 2.18
CA ILE P 173 1.72 92.80 0.76
C ILE P 173 2.36 91.49 0.30
N THR P 174 1.61 90.69 -0.45
CA THR P 174 2.08 89.40 -0.95
C THR P 174 3.24 89.59 -1.93
N GLY P 175 4.33 88.84 -1.74
CA GLY P 175 5.57 89.14 -2.42
C GLY P 175 6.12 88.17 -3.45
N GLU P 176 5.68 86.90 -3.44
CA GLU P 176 6.23 85.96 -4.41
C GLU P 176 5.73 86.23 -5.82
N SER P 177 4.69 87.05 -5.95
CA SER P 177 4.24 87.45 -7.27
C SER P 177 5.27 88.38 -7.90
N GLY P 178 5.64 88.08 -9.15
CA GLY P 178 6.69 88.85 -9.80
C GLY P 178 6.34 90.31 -9.99
N ALA P 179 5.11 90.60 -10.41
CA ALA P 179 4.65 91.97 -10.60
C ALA P 179 3.39 92.19 -9.77
N GLY P 180 2.93 93.42 -9.76
CA GLY P 180 1.78 93.80 -8.97
C GLY P 180 2.15 94.27 -7.57
N LYS P 181 3.07 93.57 -6.93
CA LYS P 181 3.51 93.95 -5.60
C LYS P 181 4.38 95.21 -5.64
N THR P 182 5.37 95.23 -6.53
CA THR P 182 6.31 96.34 -6.59
C THR P 182 5.60 97.63 -7.00
N VAL P 183 4.76 97.56 -8.03
CA VAL P 183 4.02 98.74 -8.47
C VAL P 183 3.10 99.23 -7.35
N ASN P 184 2.51 98.31 -6.60
CA ASN P 184 1.64 98.70 -5.50
C ASN P 184 2.43 99.39 -4.40
N THR P 185 3.64 98.90 -4.11
CA THR P 185 4.50 99.56 -3.13
C THR P 185 4.81 100.98 -3.57
N LYS P 186 5.20 101.15 -4.84
CA LYS P 186 5.45 102.48 -5.36
C LYS P 186 4.22 103.37 -5.21
N ARG P 187 3.04 102.83 -5.53
CA ARG P 187 1.83 103.64 -5.49
C ARG P 187 1.46 104.02 -4.06
N VAL P 188 1.69 103.12 -3.10
CA VAL P 188 1.32 103.45 -1.73
C VAL P 188 2.31 104.42 -1.11
N ILE P 189 3.60 104.33 -1.44
CA ILE P 189 4.52 105.33 -0.91
C ILE P 189 4.25 106.69 -1.56
N GLN P 190 3.90 106.68 -2.84
CA GLN P 190 3.50 107.91 -3.51
C GLN P 190 2.27 108.51 -2.84
N TYR P 191 1.27 107.68 -2.55
CA TYR P 191 0.05 108.17 -1.91
C TYR P 191 0.34 108.73 -0.54
N PHE P 192 1.18 108.06 0.24
CA PHE P 192 1.51 108.55 1.58
C PHE P 192 2.28 109.86 1.52
N ALA P 193 3.12 110.03 0.50
CA ALA P 193 3.74 111.34 0.28
C ALA P 193 2.68 112.37 -0.09
N SER P 194 1.71 111.98 -0.91
CA SER P 194 0.70 112.91 -1.39
C SER P 194 -0.15 113.46 -0.25
N ILE P 195 -0.78 112.55 0.51
CA ILE P 195 -1.73 112.99 1.54
C ILE P 195 -1.02 113.78 2.63
N ALA P 196 -0.05 113.17 3.29
CA ALA P 196 0.68 113.82 4.38
C ALA P 196 1.98 114.46 3.89
N ALA P 197 1.87 115.38 2.94
CA ALA P 197 3.06 116.03 2.39
C ALA P 197 3.66 117.02 3.40
N GLY P 212 14.56 114.85 -4.21
CA GLY P 212 15.01 114.60 -2.85
C GLY P 212 13.89 114.17 -1.93
N THR P 213 12.86 113.57 -2.51
CA THR P 213 11.71 113.10 -1.75
C THR P 213 11.92 111.67 -1.29
N LEU P 214 11.12 111.25 -0.31
CA LEU P 214 11.25 109.91 0.26
C LEU P 214 11.08 108.84 -0.81
N GLU P 215 10.20 109.08 -1.79
CA GLU P 215 10.01 108.11 -2.86
C GLU P 215 11.25 108.02 -3.73
N ASP P 216 11.73 109.16 -4.21
CA ASP P 216 12.98 109.20 -4.96
C ASP P 216 14.08 108.51 -4.18
N GLN P 217 14.31 108.95 -2.93
CA GLN P 217 15.37 108.40 -2.12
C GLN P 217 15.26 106.89 -1.97
N ILE P 218 14.05 106.39 -1.73
CA ILE P 218 13.85 104.97 -1.52
C ILE P 218 14.18 104.19 -2.79
N ILE P 219 13.73 104.68 -3.94
CA ILE P 219 13.99 103.95 -5.18
C ILE P 219 15.40 104.18 -5.70
N GLN P 220 16.16 105.11 -5.12
CA GLN P 220 17.53 105.33 -5.61
C GLN P 220 18.43 104.16 -5.27
N ALA P 221 18.59 103.86 -3.99
CA ALA P 221 19.53 102.84 -3.53
C ALA P 221 18.98 101.42 -3.66
N ASN P 222 17.86 101.24 -4.34
CA ASN P 222 17.29 99.89 -4.47
C ASN P 222 18.17 98.89 -5.21
N PRO P 223 18.93 99.27 -6.28
CA PRO P 223 19.79 98.28 -6.95
C PRO P 223 20.69 97.49 -6.02
N ALA P 224 21.08 98.07 -4.89
CA ALA P 224 21.86 97.33 -3.90
C ALA P 224 21.10 96.10 -3.43
N LEU P 225 19.88 96.31 -2.91
CA LEU P 225 19.06 95.20 -2.50
C LEU P 225 18.73 94.27 -3.66
N GLU P 226 18.51 94.82 -4.86
CA GLU P 226 18.19 93.96 -5.99
C GLU P 226 19.34 93.00 -6.28
N ALA P 227 20.57 93.48 -6.22
CA ALA P 227 21.72 92.62 -6.49
C ALA P 227 22.04 91.70 -5.33
N PHE P 228 21.77 92.11 -4.10
CA PHE P 228 22.22 91.32 -2.95
C PHE P 228 21.18 90.33 -2.45
N GLY P 229 19.90 90.66 -2.49
CA GLY P 229 18.89 89.78 -1.92
C GLY P 229 17.91 89.22 -2.92
N ASN P 230 18.31 89.08 -4.17
CA ASN P 230 17.46 88.49 -5.19
C ASN P 230 18.27 87.49 -6.00
N ALA P 231 17.67 86.34 -6.31
CA ALA P 231 18.37 85.29 -7.02
C ALA P 231 17.41 84.60 -7.97
N LYS P 232 17.99 83.93 -8.97
CA LYS P 232 17.20 83.17 -9.94
C LYS P 232 16.53 81.98 -9.26
N THR P 233 15.21 81.99 -9.22
CA THR P 233 14.42 80.94 -8.61
C THR P 233 13.88 80.01 -9.70
N VAL P 234 13.47 78.81 -9.29
CA VAL P 234 12.88 77.87 -10.24
C VAL P 234 11.58 78.44 -10.82
N ARG P 235 10.79 79.13 -10.00
CA ARG P 235 9.51 79.69 -10.43
C ARG P 235 9.54 81.21 -10.51
N ASN P 236 10.69 81.78 -10.86
CA ASN P 236 10.86 83.22 -10.91
C ASN P 236 12.21 83.51 -11.54
N ASP P 237 12.50 84.80 -11.73
CA ASP P 237 13.82 85.24 -12.12
C ASP P 237 14.27 86.50 -11.39
N ASN P 238 13.42 87.09 -10.56
CA ASN P 238 13.78 88.19 -9.68
C ASN P 238 12.96 87.97 -8.41
N SER P 239 13.56 87.31 -7.43
CA SER P 239 12.84 86.80 -6.27
C SER P 239 13.37 87.47 -5.01
N SER P 240 12.46 88.10 -4.26
CA SER P 240 12.81 88.71 -2.98
C SER P 240 13.11 87.61 -1.98
N ARG P 241 14.39 87.40 -1.68
CA ARG P 241 14.83 86.32 -0.80
C ARG P 241 15.05 86.80 0.62
N PHE P 242 14.28 87.78 1.08
CA PHE P 242 14.34 88.25 2.45
C PHE P 242 13.06 88.99 2.77
N GLY P 243 13.04 89.67 3.91
CA GLY P 243 11.89 90.44 4.30
C GLY P 243 12.20 91.92 4.41
N LYS P 244 11.52 92.74 3.63
CA LYS P 244 11.74 94.19 3.60
C LYS P 244 10.59 94.87 4.34
N PHE P 245 10.90 95.54 5.43
CA PHE P 245 9.90 96.16 6.29
C PHE P 245 10.15 97.67 6.25
N ILE P 246 9.59 98.33 5.24
CA ILE P 246 9.82 99.75 5.01
C ILE P 246 8.97 100.53 6.00
N ARG P 247 9.63 101.31 6.86
CA ARG P 247 8.95 102.11 7.86
C ARG P 247 8.93 103.56 7.40
N ILE P 248 7.74 104.06 7.05
CA ILE P 248 7.53 105.46 6.73
C ILE P 248 7.08 106.17 8.00
N HIS P 249 7.99 106.93 8.60
CA HIS P 249 7.74 107.54 9.90
C HIS P 249 6.98 108.85 9.74
N PHE P 250 6.13 109.13 10.73
CA PHE P 250 5.28 110.31 10.70
C PHE P 250 5.51 111.15 11.95
N GLY P 251 5.29 112.45 11.81
CA GLY P 251 5.50 113.38 12.88
C GLY P 251 4.56 113.15 14.06
N ALA P 252 4.68 114.03 15.05
CA ALA P 252 3.86 113.93 16.25
C ALA P 252 2.37 114.02 15.91
N THR P 253 2.02 114.84 14.93
CA THR P 253 0.63 115.07 14.58
C THR P 253 0.19 114.33 13.33
N GLY P 254 1.13 113.80 12.54
CA GLY P 254 0.76 113.16 11.30
C GLY P 254 1.45 113.77 10.10
N LYS P 255 2.60 114.40 10.34
CA LYS P 255 3.40 114.98 9.27
C LYS P 255 4.47 113.99 8.83
N LEU P 256 4.69 113.90 7.52
CA LEU P 256 5.67 112.97 6.98
C LEU P 256 7.05 113.28 7.55
N ALA P 257 7.72 112.24 8.04
CA ALA P 257 9.07 112.31 8.53
C ALA P 257 9.94 111.40 7.65
N SER P 258 11.18 111.20 8.07
CA SER P 258 12.07 110.30 7.36
C SER P 258 11.50 108.88 7.32
N ALA P 259 12.11 108.05 6.50
CA ALA P 259 11.69 106.66 6.33
C ALA P 259 12.91 105.78 6.29
N ASP P 260 13.01 104.85 7.25
CA ASP P 260 14.09 103.89 7.30
C ASP P 260 13.60 102.52 6.82
N ILE P 261 14.53 101.75 6.26
CA ILE P 261 14.25 100.41 5.79
C ILE P 261 14.83 99.42 6.78
N GLU P 262 14.07 98.36 7.07
CA GLU P 262 14.51 97.32 7.99
C GLU P 262 14.35 95.96 7.32
N THR P 263 15.42 95.17 7.34
CA THR P 263 15.42 93.85 6.72
C THR P 263 15.25 92.78 7.78
N TYR P 264 14.64 91.67 7.39
CA TYR P 264 14.41 90.55 8.29
C TYR P 264 14.99 89.30 7.64
N LEU P 265 14.62 88.15 8.18
CA LEU P 265 15.26 86.87 7.89
C LEU P 265 15.60 86.71 6.41
N LEU P 266 16.87 86.43 6.14
CA LEU P 266 17.39 86.34 4.79
C LEU P 266 17.86 84.93 4.53
N GLU P 267 17.54 84.41 3.34
CA GLU P 267 17.89 83.04 2.99
C GLU P 267 19.40 82.99 2.73
N LYS P 268 20.16 82.91 3.81
CA LYS P 268 21.61 82.90 3.72
C LYS P 268 22.16 81.56 3.26
N SER P 269 21.37 80.49 3.34
CA SER P 269 21.85 79.18 2.91
C SER P 269 22.21 79.16 1.42
N ARG P 270 21.70 80.11 0.65
CA ARG P 270 21.96 80.12 -0.78
C ARG P 270 23.38 80.55 -1.11
N VAL P 271 24.00 81.32 -0.21
CA VAL P 271 25.32 81.91 -0.47
C VAL P 271 26.34 80.83 -0.79
N ILE P 272 26.05 79.59 -0.41
CA ILE P 272 26.95 78.47 -0.65
C ILE P 272 26.31 77.43 -1.57
N PHE P 273 25.09 77.04 -1.27
CA PHE P 273 24.44 75.92 -1.94
C PHE P 273 23.25 76.40 -2.74
N GLN P 274 23.22 76.04 -4.01
CA GLN P 274 22.09 76.31 -4.89
C GLN P 274 21.64 75.01 -5.53
N LEU P 275 20.32 74.84 -5.65
CA LEU P 275 19.81 73.64 -6.29
C LEU P 275 20.20 73.64 -7.77
N LYS P 276 19.95 72.50 -8.42
CA LYS P 276 20.10 72.44 -9.86
C LYS P 276 19.03 73.28 -10.53
N ALA P 277 19.40 73.98 -11.60
CA ALA P 277 18.53 74.90 -12.32
C ALA P 277 18.13 76.09 -11.45
N GLU P 278 19.05 76.53 -10.60
CA GLU P 278 18.95 77.82 -9.91
C GLU P 278 20.35 78.35 -9.70
N ARG P 279 20.43 79.57 -9.17
CA ARG P 279 21.72 80.18 -8.87
C ARG P 279 21.52 81.23 -7.79
N ASN P 280 22.61 81.56 -7.12
CA ASN P 280 22.54 82.42 -5.94
C ASN P 280 22.33 83.87 -6.39
N TYR P 281 22.48 84.80 -5.43
CA TYR P 281 22.11 86.19 -5.65
C TYR P 281 22.80 86.76 -6.89
N HIS P 282 22.10 87.70 -7.53
CA HIS P 282 22.54 88.19 -8.84
C HIS P 282 23.94 88.78 -8.78
N ILE P 283 24.30 89.43 -7.67
CA ILE P 283 25.51 90.23 -7.60
C ILE P 283 26.74 89.45 -8.04
N PHE P 284 26.78 88.15 -7.78
CA PHE P 284 27.94 87.36 -8.15
C PHE P 284 28.15 87.36 -9.67
N TYR P 285 27.11 87.02 -10.42
CA TYR P 285 27.23 86.99 -11.87
C TYR P 285 27.25 88.40 -12.45
N GLN P 286 26.58 89.36 -11.81
CA GLN P 286 26.72 90.75 -12.19
C GLN P 286 28.19 91.16 -12.21
N ILE P 287 28.91 90.86 -11.12
CA ILE P 287 30.34 91.14 -11.08
C ILE P 287 31.08 90.31 -12.11
N LEU P 288 30.74 89.03 -12.23
CA LEU P 288 31.51 88.11 -13.06
C LEU P 288 31.16 88.21 -14.54
N SER P 289 30.35 89.19 -14.94
CA SER P 289 30.08 89.44 -16.35
C SER P 289 31.23 90.18 -17.04
N ASN P 290 32.35 90.39 -16.36
CA ASN P 290 33.53 91.03 -16.94
C ASN P 290 33.21 92.42 -17.48
N LYS P 291 32.25 93.11 -16.85
CA LYS P 291 31.88 94.43 -17.33
C LYS P 291 32.92 95.48 -16.98
N LYS P 292 33.43 95.45 -15.74
CA LYS P 292 34.49 96.34 -15.30
C LYS P 292 35.74 95.51 -15.06
N PRO P 293 36.59 95.35 -16.09
CA PRO P 293 37.83 94.58 -15.91
C PRO P 293 38.71 95.09 -14.77
N GLU P 294 38.48 96.33 -14.34
CA GLU P 294 39.12 96.83 -13.13
C GLU P 294 38.84 95.92 -11.93
N LEU P 295 37.57 95.53 -11.76
CA LEU P 295 37.20 94.69 -10.63
C LEU P 295 37.81 93.30 -10.76
N LEU P 296 37.57 92.64 -11.90
CA LEU P 296 38.08 91.29 -12.13
C LEU P 296 39.59 91.29 -12.25
N ASP P 297 40.20 92.47 -12.19
CA ASP P 297 41.64 92.59 -12.02
C ASP P 297 42.02 92.78 -10.56
N MET P 298 41.16 93.45 -9.78
CA MET P 298 41.45 93.69 -8.38
C MET P 298 41.26 92.44 -7.55
N LEU P 299 40.23 91.65 -7.85
CA LEU P 299 39.87 90.48 -7.05
C LEU P 299 40.55 89.21 -7.51
N LEU P 300 41.64 89.32 -8.29
CA LEU P 300 42.42 88.16 -8.71
C LEU P 300 41.56 87.05 -9.29
N VAL P 301 40.47 87.44 -9.95
CA VAL P 301 39.41 86.51 -10.32
C VAL P 301 39.25 86.50 -11.83
N THR P 302 39.09 85.31 -12.39
CA THR P 302 38.80 85.15 -13.81
C THR P 302 37.31 85.37 -14.06
N ASN P 303 36.83 85.02 -15.24
CA ASN P 303 35.43 85.24 -15.58
C ASN P 303 34.63 83.96 -15.75
N ASN P 304 35.28 82.81 -15.89
CA ASN P 304 34.57 81.56 -16.09
C ASN P 304 33.85 81.16 -14.81
N PRO P 305 32.52 81.11 -14.80
CA PRO P 305 31.80 80.78 -13.56
C PRO P 305 31.99 79.35 -13.11
N TYR P 306 32.33 78.44 -14.01
CA TYR P 306 32.47 77.04 -13.65
C TYR P 306 33.79 76.75 -12.96
N ASP P 307 34.51 77.77 -12.53
CA ASP P 307 35.74 77.60 -11.77
C ASP P 307 35.56 77.79 -10.27
N TYR P 308 34.38 78.23 -9.83
CA TYR P 308 34.13 78.57 -8.44
C TYR P 308 32.91 77.79 -7.96
N ALA P 309 33.14 76.85 -7.04
CA ALA P 309 32.10 75.91 -6.65
C ALA P 309 30.94 76.60 -5.93
N PHE P 310 31.18 77.74 -5.31
CA PHE P 310 30.10 78.42 -4.60
C PHE P 310 29.09 79.05 -5.54
N VAL P 311 29.40 79.17 -6.84
CA VAL P 311 28.46 79.72 -7.80
C VAL P 311 28.13 78.77 -8.94
N SER P 312 28.97 77.77 -9.21
CA SER P 312 28.78 76.88 -10.35
C SER P 312 28.00 75.62 -9.99
N GLN P 313 27.11 75.71 -9.01
CA GLN P 313 26.37 74.52 -8.61
C GLN P 313 25.22 74.23 -9.58
N GLY P 314 24.37 75.23 -9.83
CA GLY P 314 23.24 75.06 -10.72
C GLY P 314 23.53 75.54 -12.13
N GLU P 315 22.95 76.68 -12.49
CA GLU P 315 23.18 77.29 -13.80
C GLU P 315 23.82 78.65 -13.60
N VAL P 316 24.79 78.97 -14.46
CA VAL P 316 25.59 80.18 -14.24
C VAL P 316 24.88 81.45 -14.70
N SER P 317 23.91 81.35 -15.61
CA SER P 317 23.27 82.57 -16.10
C SER P 317 21.94 82.21 -16.75
N VAL P 318 20.99 83.13 -16.61
CA VAL P 318 19.70 83.04 -17.28
C VAL P 318 19.72 84.00 -18.46
N ALA P 319 19.01 83.64 -19.52
CA ALA P 319 18.92 84.48 -20.71
C ALA P 319 17.90 85.60 -20.57
N SER P 320 17.17 85.66 -19.46
CA SER P 320 16.11 86.64 -19.29
C SER P 320 16.58 87.93 -18.64
N ILE P 321 17.90 88.12 -18.53
CA ILE P 321 18.44 89.35 -17.97
C ILE P 321 19.93 89.46 -18.29
N ASP P 322 20.41 90.67 -18.46
CA ASP P 322 21.83 90.96 -18.58
C ASP P 322 22.43 91.12 -17.19
N ASP P 323 23.76 91.00 -17.12
CA ASP P 323 24.48 91.29 -15.89
C ASP P 323 25.29 92.57 -15.94
N SER P 324 25.70 93.03 -17.12
CA SER P 324 26.55 94.21 -17.23
C SER P 324 25.78 95.48 -16.90
N GLU P 325 24.60 95.66 -17.49
CA GLU P 325 23.83 96.86 -17.22
C GLU P 325 23.34 96.90 -15.78
N GLU P 326 23.03 95.74 -15.20
CA GLU P 326 22.67 95.72 -13.78
C GLU P 326 23.88 96.03 -12.91
N LEU P 327 25.07 95.59 -13.33
CA LEU P 327 26.28 95.99 -12.62
C LEU P 327 26.44 97.51 -12.66
N LEU P 328 26.17 98.12 -13.81
CA LEU P 328 26.21 99.57 -13.90
C LEU P 328 25.18 100.22 -12.99
N ALA P 329 23.99 99.63 -12.92
CA ALA P 329 22.96 100.15 -12.02
C ALA P 329 23.42 100.08 -10.57
N THR P 330 24.08 99.00 -10.19
CA THR P 330 24.57 98.86 -8.82
C THR P 330 25.72 99.81 -8.55
N ASP P 331 26.59 100.04 -9.54
CA ASP P 331 27.64 101.04 -9.39
C ASP P 331 27.04 102.41 -9.14
N SER P 332 26.10 102.83 -9.99
CA SER P 332 25.40 104.09 -9.79
C SER P 332 24.68 104.13 -8.46
N ALA P 333 24.23 102.97 -7.97
CA ALA P 333 23.60 102.92 -6.66
C ALA P 333 24.59 103.22 -5.57
N PHE P 334 25.77 102.60 -5.62
CA PHE P 334 26.82 102.91 -4.65
C PHE P 334 27.23 104.37 -4.73
N ASP P 335 27.19 104.95 -5.94
CA ASP P 335 27.53 106.36 -6.08
C ASP P 335 26.47 107.26 -5.44
N VAL P 336 25.19 107.05 -5.78
CA VAL P 336 24.14 107.83 -5.14
C VAL P 336 24.07 107.51 -3.67
N LEU P 337 24.44 106.29 -3.29
CA LEU P 337 24.62 105.98 -1.89
C LEU P 337 25.81 106.76 -1.33
N SER P 338 25.85 106.89 -0.02
CA SER P 338 26.94 107.66 0.57
C SER P 338 28.28 106.94 0.50
N PHE P 339 28.38 105.83 -0.21
CA PHE P 339 29.62 105.06 -0.24
C PHE P 339 30.73 105.85 -0.93
N THR P 340 31.94 105.70 -0.40
CA THR P 340 33.13 106.28 -1.00
C THR P 340 33.75 105.26 -1.95
N ALA P 341 34.99 105.52 -2.39
CA ALA P 341 35.71 104.53 -3.18
C ALA P 341 36.06 103.30 -2.37
N GLU P 342 36.38 103.49 -1.09
CA GLU P 342 36.75 102.36 -0.23
C GLU P 342 35.54 101.52 0.15
N GLU P 343 34.41 102.17 0.45
CA GLU P 343 33.20 101.43 0.79
C GLU P 343 32.60 100.71 -0.40
N LYS P 344 33.27 100.72 -1.54
CA LYS P 344 32.85 99.99 -2.73
C LYS P 344 33.88 98.94 -3.14
N ALA P 345 35.15 99.31 -3.16
CA ALA P 345 36.20 98.33 -3.41
C ALA P 345 36.21 97.27 -2.31
N GLY P 346 35.94 97.67 -1.07
CA GLY P 346 35.86 96.69 0.00
C GLY P 346 34.75 95.69 -0.21
N VAL P 347 33.57 96.17 -0.64
CA VAL P 347 32.46 95.27 -0.88
C VAL P 347 32.79 94.30 -2.01
N TYR P 348 33.38 94.81 -3.09
CA TYR P 348 33.77 93.93 -4.18
C TYR P 348 34.81 92.91 -3.72
N LYS P 349 35.74 93.34 -2.87
CA LYS P 349 36.74 92.43 -2.35
C LYS P 349 36.11 91.34 -1.49
N LEU P 350 35.12 91.71 -0.67
CA LEU P 350 34.45 90.73 0.17
C LEU P 350 33.72 89.71 -0.67
N THR P 351 33.05 90.16 -1.73
CA THR P 351 32.37 89.20 -2.60
C THR P 351 33.37 88.30 -3.31
N GLY P 352 34.50 88.86 -3.74
CA GLY P 352 35.54 88.03 -4.33
C GLY P 352 36.07 86.99 -3.36
N ALA P 353 36.21 87.37 -2.09
CA ALA P 353 36.66 86.40 -1.09
C ALA P 353 35.62 85.33 -0.85
N ILE P 354 34.34 85.72 -0.85
CA ILE P 354 33.27 84.73 -0.71
C ILE P 354 33.32 83.75 -1.86
N MET P 355 33.70 84.21 -3.05
CA MET P 355 33.87 83.25 -4.15
C MET P 355 35.13 82.41 -4.00
N HIS P 356 36.21 82.99 -3.46
CA HIS P 356 37.46 82.25 -3.36
C HIS P 356 37.41 81.18 -2.27
N TYR P 357 36.57 81.36 -1.26
CA TYR P 357 36.40 80.31 -0.25
C TYR P 357 35.96 79.00 -0.87
N GLY P 358 35.14 79.05 -1.92
CA GLY P 358 34.49 77.85 -2.44
C GLY P 358 35.45 76.78 -2.91
N ASN P 359 36.68 77.14 -3.26
CA ASN P 359 37.62 76.16 -3.81
C ASN P 359 38.92 76.19 -3.04
N MET P 360 38.84 76.20 -1.71
CA MET P 360 39.97 75.85 -0.88
C MET P 360 39.94 74.35 -0.64
N LYS P 361 41.12 73.75 -0.52
CA LYS P 361 41.22 72.30 -0.48
C LYS P 361 42.03 71.84 0.72
N PHE P 362 41.51 70.80 1.38
CA PHE P 362 42.16 70.22 2.55
C PHE P 362 42.14 68.70 2.42
N LYS P 363 43.16 68.06 2.95
CA LYS P 363 43.28 66.62 2.91
C LYS P 363 43.59 66.08 4.29
N GLN P 364 43.08 64.90 4.59
CA GLN P 364 43.42 64.24 5.84
C GLN P 364 44.91 64.01 5.90
N LYS P 365 45.52 64.42 7.01
CA LYS P 365 46.95 64.22 7.19
C LYS P 365 47.29 62.74 7.01
N GLN P 366 48.47 62.48 6.48
CA GLN P 366 48.87 61.13 6.19
C GLN P 366 48.91 60.31 7.47
N ARG P 367 48.06 59.29 7.51
CA ARG P 367 48.07 58.16 8.43
C ARG P 367 47.44 58.44 9.80
N GLU P 368 47.01 59.65 10.14
CA GLU P 368 46.27 59.66 11.41
C GLU P 368 44.82 60.11 11.35
N GLU P 369 44.54 61.42 11.28
CA GLU P 369 43.18 61.86 11.03
C GLU P 369 43.08 63.25 10.45
N GLN P 370 44.11 64.07 10.65
CA GLN P 370 43.94 65.50 10.75
C GLN P 370 43.80 66.16 9.38
N ALA P 371 42.86 67.09 9.28
CA ALA P 371 42.70 67.87 8.06
C ALA P 371 43.82 68.89 7.94
N GLU P 372 44.55 68.83 6.84
CA GLU P 372 45.61 69.78 6.54
C GLU P 372 45.43 70.28 5.12
N PRO P 373 45.92 71.48 4.82
CA PRO P 373 45.72 72.03 3.48
C PRO P 373 46.71 71.48 2.48
N ASP P 374 46.25 71.36 1.24
CA ASP P 374 47.09 70.97 0.11
C ASP P 374 46.98 72.07 -0.94
N GLY P 375 48.02 72.87 -1.09
CA GLY P 375 47.96 74.02 -1.98
C GLY P 375 47.24 75.17 -1.32
N THR P 376 47.79 76.38 -1.46
CA THR P 376 47.26 77.55 -0.76
C THR P 376 46.94 78.69 -1.72
N GLU P 377 46.64 78.38 -2.98
CA GLU P 377 46.41 79.42 -3.98
C GLU P 377 45.24 80.31 -3.57
N ASP P 378 44.04 79.73 -3.50
CA ASP P 378 42.89 80.49 -3.05
C ASP P 378 43.07 80.97 -1.62
N ALA P 379 43.84 80.25 -0.83
CA ALA P 379 44.16 80.71 0.51
C ALA P 379 44.86 82.06 0.48
N ASP P 380 45.96 82.16 -0.28
CA ASP P 380 46.66 83.44 -0.37
C ASP P 380 45.78 84.50 -1.00
N LYS P 381 45.02 84.14 -2.03
CA LYS P 381 44.12 85.10 -2.65
C LYS P 381 43.17 85.72 -1.63
N SER P 382 42.42 84.87 -0.94
CA SER P 382 41.44 85.36 0.03
C SER P 382 42.11 86.08 1.19
N ALA P 383 43.27 85.60 1.62
CA ALA P 383 43.99 86.25 2.71
C ALA P 383 44.39 87.67 2.34
N TYR P 384 44.90 87.86 1.12
CA TYR P 384 45.21 89.21 0.67
C TYR P 384 43.96 90.05 0.53
N LEU P 385 42.88 89.45 0.03
CA LEU P 385 41.65 90.20 -0.20
C LEU P 385 41.08 90.73 1.11
N MET P 386 40.73 89.83 2.03
CA MET P 386 40.10 90.29 3.27
C MET P 386 41.07 91.02 4.18
N GLY P 387 42.37 90.93 3.93
CA GLY P 387 43.33 91.62 4.74
C GLY P 387 43.77 90.83 5.95
N LEU P 388 44.17 89.59 5.72
CA LEU P 388 44.66 88.74 6.80
C LEU P 388 45.99 88.13 6.41
N ASN P 389 46.48 87.19 7.22
CA ASN P 389 47.65 86.40 6.88
C ASN P 389 47.20 85.06 6.34
N SER P 390 48.05 84.44 5.52
CA SER P 390 47.67 83.17 4.91
C SER P 390 47.96 81.99 5.84
N ALA P 391 49.18 81.94 6.38
CA ALA P 391 49.50 80.87 7.32
C ALA P 391 48.62 80.96 8.56
N ASP P 392 48.37 82.17 9.05
CA ASP P 392 47.51 82.33 10.21
C ASP P 392 46.09 81.85 9.92
N LEU P 393 45.57 82.16 8.73
CA LEU P 393 44.23 81.73 8.39
C LEU P 393 44.15 80.22 8.24
N LEU P 394 45.13 79.61 7.58
CA LEU P 394 45.11 78.15 7.45
C LEU P 394 45.21 77.49 8.81
N LYS P 395 46.08 78.00 9.69
CA LYS P 395 46.21 77.42 11.02
C LYS P 395 44.92 77.58 11.82
N GLY P 396 44.31 78.75 11.78
CA GLY P 396 43.05 78.93 12.48
C GLY P 396 41.91 78.15 11.89
N LEU P 397 42.02 77.73 10.64
CA LEU P 397 40.99 76.89 10.05
C LEU P 397 41.19 75.42 10.40
N CYS P 398 42.45 75.00 10.50
CA CYS P 398 42.78 73.58 10.80
C CYS P 398 42.95 73.39 12.31
N HIS P 399 43.31 74.45 13.04
CA HIS P 399 43.53 74.32 14.51
C HIS P 399 42.75 75.42 15.26
N PRO P 400 41.40 75.32 15.37
CA PRO P 400 40.62 76.32 16.09
C PRO P 400 40.88 76.21 17.60
N GLN P 401 41.10 77.34 18.27
CA GLN P 401 41.38 77.35 19.73
C GLN P 401 40.07 77.53 20.51
N VAL P 402 40.07 77.18 21.79
CA VAL P 402 38.87 77.31 22.66
C VAL P 402 39.33 77.70 24.07
N LYS P 403 38.47 78.39 24.83
CA LYS P 403 38.83 78.83 26.21
C LYS P 403 38.24 77.84 27.22
N VAL P 404 39.10 77.06 27.89
CA VAL P 404 38.66 76.07 28.87
C VAL P 404 38.86 76.69 30.24
N GLY P 405 37.84 77.38 30.73
CA GLY P 405 37.89 77.96 32.05
C GLY P 405 38.75 79.21 32.09
N ASN P 406 40.06 79.02 32.02
CA ASN P 406 40.99 80.15 32.02
C ASN P 406 42.15 79.95 31.07
N GLU P 407 42.18 78.86 30.31
CA GLU P 407 43.31 78.53 29.45
C GLU P 407 42.78 78.27 28.04
N TYR P 408 43.65 78.25 27.02
CA TYR P 408 43.26 77.93 25.62
C TYR P 408 43.92 76.60 25.21
N VAL P 409 43.18 75.77 24.46
CA VAL P 409 43.63 74.46 23.98
C VAL P 409 43.17 74.28 22.54
N THR P 410 44.05 73.74 21.72
CA THR P 410 43.73 73.48 20.32
C THR P 410 42.67 72.39 20.23
N LYS P 411 41.75 72.58 19.29
CA LYS P 411 40.72 71.59 19.00
C LYS P 411 40.97 70.99 17.61
N GLY P 412 40.84 69.68 17.50
CA GLY P 412 41.06 69.02 16.24
C GLY P 412 39.94 69.22 15.26
N GLN P 413 40.25 69.09 13.97
CA GLN P 413 39.27 69.33 12.92
C GLN P 413 39.47 68.34 11.79
N SER P 414 38.40 67.64 11.41
CA SER P 414 38.41 66.79 10.24
C SER P 414 38.16 67.63 8.99
N VAL P 415 38.20 66.99 7.83
CA VAL P 415 38.00 67.71 6.57
C VAL P 415 36.59 68.26 6.50
N GLN P 416 35.59 67.42 6.73
CA GLN P 416 34.21 67.88 6.66
C GLN P 416 33.94 68.99 7.66
N GLN P 417 34.59 68.94 8.83
CA GLN P 417 34.43 70.02 9.79
C GLN P 417 35.00 71.32 9.25
N VAL P 418 36.17 71.24 8.59
CA VAL P 418 36.74 72.44 7.99
C VAL P 418 35.80 73.02 6.94
N TYR P 419 35.21 72.16 6.13
CA TYR P 419 34.30 72.66 5.09
C TYR P 419 33.07 73.31 5.69
N TYR P 420 32.48 72.68 6.71
CA TYR P 420 31.36 73.29 7.39
C TYR P 420 31.73 74.66 7.94
N SER P 421 32.91 74.78 8.54
CA SER P 421 33.32 76.05 9.10
C SER P 421 33.50 77.11 8.01
N ILE P 422 34.09 76.72 6.88
CA ILE P 422 34.26 77.65 5.77
C ILE P 422 32.91 78.17 5.30
N GLY P 423 31.95 77.27 5.12
CA GLY P 423 30.61 77.69 4.72
C GLY P 423 29.99 78.63 5.73
N ALA P 424 30.14 78.32 7.02
CA ALA P 424 29.57 79.18 8.05
C ALA P 424 30.20 80.57 8.00
N LEU P 425 31.51 80.63 7.77
CA LEU P 425 32.19 81.93 7.68
C LEU P 425 31.66 82.73 6.50
N ALA P 426 31.51 82.08 5.35
CA ALA P 426 30.99 82.77 4.18
C ALA P 426 29.61 83.32 4.44
N LYS P 427 28.72 82.50 5.01
CA LYS P 427 27.35 82.95 5.28
C LYS P 427 27.35 84.12 6.26
N SER P 428 28.16 84.04 7.30
CA SER P 428 28.20 85.12 8.29
C SER P 428 28.69 86.41 7.66
N VAL P 429 29.76 86.33 6.85
CA VAL P 429 30.27 87.52 6.18
C VAL P 429 29.22 88.15 5.30
N TYR P 430 28.54 87.32 4.49
CA TYR P 430 27.55 87.86 3.57
C TYR P 430 26.42 88.54 4.33
N GLU P 431 25.91 87.91 5.38
CA GLU P 431 24.81 88.53 6.10
C GLU P 431 25.25 89.81 6.80
N LYS P 432 26.46 89.83 7.36
CA LYS P 432 26.95 91.03 8.01
C LYS P 432 27.06 92.18 7.02
N MET P 433 27.61 91.90 5.84
CA MET P 433 27.73 92.92 4.80
C MET P 433 26.36 93.44 4.40
N PHE P 434 25.40 92.54 4.18
CA PHE P 434 24.05 92.95 3.84
C PHE P 434 23.47 93.90 4.88
N ASN P 435 23.55 93.52 6.16
CA ASN P 435 22.97 94.35 7.20
C ASN P 435 23.67 95.68 7.31
N TRP P 436 24.99 95.71 7.13
CA TRP P 436 25.71 96.98 7.19
C TRP P 436 25.28 97.89 6.04
N MET P 437 25.11 97.33 4.85
CA MET P 437 24.65 98.14 3.73
C MET P 437 23.26 98.70 3.98
N VAL P 438 22.39 97.90 4.59
CA VAL P 438 21.05 98.40 4.90
C VAL P 438 21.12 99.51 5.94
N THR P 439 22.04 99.40 6.90
CA THR P 439 22.21 100.50 7.85
C THR P 439 22.71 101.76 7.16
N ARG P 440 23.61 101.59 6.18
CA ARG P 440 24.09 102.74 5.43
C ARG P 440 22.96 103.40 4.65
N ILE P 441 22.07 102.60 4.08
CA ILE P 441 20.90 103.15 3.39
C ILE P 441 20.01 103.91 4.37
N ASN P 442 19.74 103.30 5.53
CA ASN P 442 18.98 103.99 6.55
C ASN P 442 19.61 105.31 6.94
N ALA P 443 20.94 105.37 6.99
CA ALA P 443 21.62 106.60 7.36
C ALA P 443 21.46 107.66 6.28
N THR P 444 21.82 107.31 5.03
CA THR P 444 21.79 108.29 3.95
C THR P 444 20.37 108.74 3.63
N LEU P 445 19.37 107.94 4.00
CA LEU P 445 17.99 108.27 3.70
C LEU P 445 17.24 108.81 4.91
N GLU P 446 17.95 109.24 5.95
CA GLU P 446 17.29 109.72 7.17
C GLU P 446 17.89 111.05 7.58
N THR P 447 17.05 112.07 7.63
CA THR P 447 17.38 113.34 8.30
C THR P 447 16.06 114.04 8.62
N LYS P 448 15.68 114.04 9.89
CA LYS P 448 14.37 114.57 10.26
C LYS P 448 14.29 114.74 11.77
N GLN P 449 13.39 115.62 12.20
CA GLN P 449 13.04 115.88 13.59
C GLN P 449 12.62 114.58 14.28
N PRO P 450 12.71 114.52 15.60
CA PRO P 450 12.28 113.30 16.31
C PRO P 450 10.79 113.05 16.17
N ARG P 451 10.43 112.00 15.45
CA ARG P 451 9.05 111.68 15.12
C ARG P 451 8.55 110.51 15.96
N GLN P 452 7.24 110.34 15.98
CA GLN P 452 6.58 109.39 16.86
C GLN P 452 6.21 108.09 16.16
N TYR P 453 5.38 108.17 15.13
CA TYR P 453 4.69 107.00 14.60
C TYR P 453 5.11 106.74 13.16
N PHE P 454 4.73 105.57 12.67
CA PHE P 454 5.10 105.13 11.34
C PHE P 454 4.09 104.10 10.86
N ILE P 455 4.19 103.78 9.58
CA ILE P 455 3.36 102.75 8.95
C ILE P 455 4.29 101.64 8.46
N GLY P 456 3.87 100.40 8.68
CA GLY P 456 4.68 99.26 8.32
C GLY P 456 4.31 98.73 6.94
N VAL P 457 5.31 98.60 6.08
CA VAL P 457 5.15 98.00 4.76
C VAL P 457 6.00 96.75 4.74
N LEU P 458 5.35 95.59 4.77
CA LEU P 458 6.04 94.33 4.93
C LEU P 458 6.07 93.61 3.59
N ASP P 459 7.26 93.47 3.02
CA ASP P 459 7.49 92.67 1.82
C ASP P 459 8.18 91.38 2.22
N ILE P 460 7.64 90.26 1.76
CA ILE P 460 8.16 88.95 2.14
C ILE P 460 7.61 87.92 1.15
N ALA P 461 8.34 86.84 0.98
CA ALA P 461 7.85 85.73 0.18
C ALA P 461 6.61 85.10 0.83
N GLY P 462 5.84 84.39 0.01
CA GLY P 462 4.64 83.72 0.47
C GLY P 462 4.82 82.22 0.52
N PHE P 463 3.69 81.52 0.64
CA PHE P 463 3.71 80.07 0.67
C PHE P 463 4.20 79.52 -0.66
N GLU P 464 4.76 78.31 -0.61
CA GLU P 464 5.26 77.65 -1.81
C GLU P 464 4.83 76.20 -1.83
N ILE P 465 4.42 75.73 -3.00
CA ILE P 465 4.19 74.32 -3.27
C ILE P 465 4.83 73.99 -4.60
N PHE P 466 6.03 73.44 -4.58
CA PHE P 466 6.74 73.13 -5.81
C PHE P 466 6.60 71.64 -6.12
N ASP P 467 7.30 71.20 -7.15
CA ASP P 467 7.40 69.78 -7.45
C ASP P 467 8.46 69.08 -6.60
N PHE P 468 9.41 69.82 -6.06
CA PHE P 468 10.46 69.26 -5.21
C PHE P 468 10.72 70.24 -4.08
N ASN P 469 10.15 69.98 -2.92
CA ASN P 469 10.28 70.85 -1.76
C ASN P 469 11.40 70.38 -0.86
N SER P 470 12.10 71.33 -0.25
CA SER P 470 13.31 71.02 0.51
C SER P 470 13.32 71.91 1.75
N PHE P 471 14.49 72.00 2.38
CA PHE P 471 14.60 72.70 3.66
C PHE P 471 14.17 74.15 3.55
N GLU P 472 14.64 74.85 2.51
CA GLU P 472 14.30 76.27 2.36
C GLU P 472 12.80 76.46 2.23
N GLN P 473 12.16 75.61 1.42
CA GLN P 473 10.71 75.68 1.28
C GLN P 473 10.03 75.44 2.62
N LEU P 474 10.57 74.53 3.43
CA LEU P 474 9.99 74.30 4.74
C LEU P 474 10.07 75.53 5.61
N CYS P 475 11.23 76.20 5.61
CA CYS P 475 11.36 77.41 6.43
C CYS P 475 10.40 78.49 5.95
N ILE P 476 10.28 78.67 4.64
CA ILE P 476 9.41 79.70 4.10
C ILE P 476 7.95 79.40 4.46
N ASN P 477 7.53 78.16 4.30
CA ASN P 477 6.17 77.79 4.66
C ASN P 477 5.93 77.94 6.15
N PHE P 478 6.95 77.71 6.99
CA PHE P 478 6.79 77.93 8.42
C PHE P 478 6.55 79.40 8.72
N THR P 479 7.34 80.28 8.11
CA THR P 479 7.13 81.72 8.29
C THR P 479 5.72 82.11 7.85
N ASN P 480 5.27 81.56 6.73
CA ASN P 480 3.95 81.93 6.23
C ASN P 480 2.84 81.36 7.10
N GLU P 481 3.05 80.17 7.68
CA GLU P 481 2.12 79.68 8.69
C GLU P 481 2.00 80.67 9.84
N LYS P 482 3.14 81.22 10.27
CA LYS P 482 3.11 82.19 11.36
C LYS P 482 2.33 83.44 10.97
N LEU P 483 2.62 83.99 9.78
CA LEU P 483 1.91 85.18 9.34
C LEU P 483 0.42 84.93 9.19
N GLN P 484 0.06 83.75 8.66
CA GLN P 484 -1.35 83.43 8.47
C GLN P 484 -2.05 83.28 9.80
N GLN P 485 -1.37 82.70 10.80
CA GLN P 485 -1.96 82.65 12.14
C GLN P 485 -2.14 84.05 12.70
N PHE P 486 -1.20 84.94 12.41
CA PHE P 486 -1.34 86.34 12.83
C PHE P 486 -2.60 86.96 12.24
N PHE P 487 -2.78 86.80 10.92
CA PHE P 487 -3.97 87.33 10.27
C PHE P 487 -5.24 86.72 10.85
N ASN P 488 -5.22 85.41 11.10
CA ASN P 488 -6.39 84.75 11.65
C ASN P 488 -6.73 85.30 13.02
N HIS P 489 -5.71 85.56 13.84
CA HIS P 489 -5.98 86.12 15.15
C HIS P 489 -6.59 87.52 15.05
N HIS P 490 -6.04 88.35 14.15
CA HIS P 490 -6.60 89.69 13.95
C HIS P 490 -8.05 89.61 13.51
N MET P 491 -8.34 88.81 12.49
CA MET P 491 -9.71 88.71 12.00
C MET P 491 -10.64 88.12 13.04
N PHE P 492 -10.14 87.17 13.85
CA PHE P 492 -10.97 86.60 14.89
C PHE P 492 -11.36 87.65 15.92
N VAL P 493 -10.40 88.44 16.40
CA VAL P 493 -10.74 89.43 17.41
C VAL P 493 -11.65 90.49 16.81
N LEU P 494 -11.49 90.79 15.52
CA LEU P 494 -12.42 91.73 14.87
C LEU P 494 -13.84 91.20 14.91
N GLU P 495 -14.04 89.97 14.44
CA GLU P 495 -15.40 89.42 14.39
C GLU P 495 -15.99 89.30 15.79
N GLN P 496 -15.17 88.90 16.76
CA GLN P 496 -15.67 88.78 18.13
C GLN P 496 -16.10 90.13 18.68
N GLU P 497 -15.29 91.18 18.42
CA GLU P 497 -15.69 92.53 18.79
C GLU P 497 -17.02 92.90 18.16
N GLU P 498 -17.15 92.71 16.85
CA GLU P 498 -18.38 93.08 16.16
C GLU P 498 -19.58 92.34 16.75
N TYR P 499 -19.39 91.10 17.17
CA TYR P 499 -20.49 90.37 17.78
C TYR P 499 -20.85 90.96 19.14
N LYS P 500 -19.85 91.29 19.97
CA LYS P 500 -20.17 91.98 21.22
C LYS P 500 -20.75 93.36 20.98
N LYS P 501 -20.64 93.90 19.76
CA LYS P 501 -21.17 95.22 19.47
C LYS P 501 -22.66 95.16 19.16
N GLU P 502 -23.09 94.17 18.37
CA GLU P 502 -24.48 94.00 18.02
C GLU P 502 -25.25 93.17 19.04
N GLY P 503 -24.64 92.89 20.19
CA GLY P 503 -25.28 92.11 21.24
C GLY P 503 -25.56 90.68 20.84
N ILE P 504 -24.97 90.23 19.74
CA ILE P 504 -25.18 88.87 19.26
C ILE P 504 -24.37 87.92 20.13
N GLU P 505 -25.07 87.17 21.00
CA GLU P 505 -24.40 86.21 21.87
C GLU P 505 -24.01 84.99 21.06
N TRP P 506 -22.72 84.88 20.75
CA TRP P 506 -22.22 83.76 19.95
C TRP P 506 -20.72 83.67 20.21
N GLU P 507 -20.30 82.58 20.82
CA GLU P 507 -18.89 82.36 21.14
C GLU P 507 -18.42 81.07 20.50
N PHE P 508 -17.20 81.08 19.99
CA PHE P 508 -16.65 79.96 19.24
C PHE P 508 -15.18 79.80 19.60
N ILE P 509 -14.67 78.59 19.39
CA ILE P 509 -13.25 78.33 19.59
C ILE P 509 -12.43 79.28 18.75
N ASP P 510 -11.35 79.80 19.33
CA ASP P 510 -10.56 80.86 18.73
C ASP P 510 -10.24 80.57 17.27
N PHE P 511 -10.76 81.42 16.39
CA PHE P 511 -10.48 81.31 14.96
C PHE P 511 -9.11 81.84 14.60
N GLY P 512 -8.30 82.21 15.59
CA GLY P 512 -7.02 82.82 15.30
C GLY P 512 -5.85 81.87 15.29
N MET P 513 -5.69 81.08 16.35
CA MET P 513 -4.51 80.25 16.49
C MET P 513 -4.81 78.76 16.50
N ASP P 514 -5.95 78.33 17.03
CA ASP P 514 -6.20 76.90 17.20
C ASP P 514 -6.27 76.14 15.89
N LEU P 515 -6.04 76.79 14.77
CA LEU P 515 -5.94 76.11 13.48
C LEU P 515 -4.52 75.66 13.20
N GLN P 516 -3.56 76.59 13.33
CA GLN P 516 -2.17 76.29 13.01
C GLN P 516 -1.33 75.92 14.22
N ALA P 517 -1.79 76.24 15.43
CA ALA P 517 -1.04 75.87 16.62
C ALA P 517 -0.78 74.38 16.70
N CYS P 518 -1.56 73.57 15.98
CA CYS P 518 -1.27 72.16 15.83
C CYS P 518 -0.41 71.87 14.62
N ILE P 519 -0.28 72.81 13.69
CA ILE P 519 0.60 72.65 12.54
C ILE P 519 1.89 73.36 12.90
N ASP P 520 2.06 73.63 14.19
CA ASP P 520 3.31 74.17 14.73
C ASP P 520 4.12 73.09 15.42
N LEU P 521 4.09 71.87 14.87
CA LEU P 521 5.10 70.88 15.20
C LEU P 521 6.49 71.45 15.00
N ILE P 522 6.67 72.22 13.92
CA ILE P 522 7.98 72.65 13.46
C ILE P 522 8.75 73.42 14.52
N GLU P 523 8.07 73.97 15.52
CA GLU P 523 8.76 74.73 16.55
C GLU P 523 8.70 74.10 17.93
N LYS P 524 7.63 73.39 18.26
CA LYS P 524 7.51 72.77 19.58
C LYS P 524 8.70 71.83 19.80
N PRO P 525 9.23 71.74 21.03
CA PRO P 525 10.52 71.07 21.21
C PRO P 525 10.47 69.56 21.15
N MET P 526 9.70 69.02 20.21
CA MET P 526 9.94 67.67 19.72
C MET P 526 9.67 67.54 18.23
N GLY P 527 9.33 68.62 17.55
CA GLY P 527 8.93 68.57 16.17
C GLY P 527 10.09 68.40 15.23
N ILE P 528 9.88 68.85 13.99
CA ILE P 528 10.83 68.57 12.93
C ILE P 528 12.15 69.30 13.17
N MET P 529 12.08 70.56 13.58
CA MET P 529 13.30 71.35 13.70
C MET P 529 14.16 70.88 14.86
N SER P 530 13.55 70.59 16.01
CA SER P 530 14.31 70.07 17.13
C SER P 530 14.94 68.73 16.79
N ILE P 531 14.21 67.87 16.07
CA ILE P 531 14.76 66.60 15.64
C ILE P 531 15.93 66.81 14.70
N LEU P 532 15.82 67.79 13.79
CA LEU P 532 16.90 68.04 12.85
C LEU P 532 18.14 68.55 13.57
N GLU P 533 17.96 69.39 14.59
CA GLU P 533 19.11 69.86 15.36
C GLU P 533 19.76 68.72 16.12
N GLU P 534 18.94 67.91 16.79
CA GLU P 534 19.45 66.71 17.45
C GLU P 534 20.28 65.86 16.50
N GLU P 535 19.76 65.64 15.30
CA GLU P 535 20.50 64.85 14.33
C GLU P 535 21.74 65.57 13.81
N CYS P 536 21.75 66.90 13.85
CA CYS P 536 22.98 67.61 13.51
C CYS P 536 24.04 67.44 14.59
N MET P 537 23.64 67.20 15.83
CA MET P 537 24.60 67.00 16.91
C MET P 537 25.07 65.57 17.05
N PHE P 538 24.23 64.60 16.71
CA PHE P 538 24.49 63.21 17.04
C PHE P 538 25.58 62.60 16.16
N PRO P 539 26.39 61.70 16.71
CA PRO P 539 27.46 61.09 15.92
C PRO P 539 26.92 60.25 14.77
N LYS P 540 27.62 60.30 13.64
CA LYS P 540 27.39 59.45 12.48
C LYS P 540 25.95 59.53 11.97
N ALA P 541 25.21 60.56 12.35
CA ALA P 541 23.85 60.69 11.87
C ALA P 541 23.83 60.92 10.36
N SER P 542 22.82 60.36 9.70
CA SER P 542 22.65 60.47 8.26
C SER P 542 21.21 60.84 7.96
N ASP P 543 20.88 60.86 6.68
CA ASP P 543 19.51 61.20 6.29
C ASP P 543 18.54 60.08 6.61
N MET P 544 19.00 58.83 6.51
CA MET P 544 18.14 57.70 6.84
C MET P 544 17.76 57.70 8.31
N THR P 545 18.73 57.97 9.18
CA THR P 545 18.45 58.05 10.61
C THR P 545 17.53 59.21 10.92
N PHE P 546 17.71 60.33 10.23
CA PHE P 546 16.80 61.46 10.39
C PHE P 546 15.38 61.09 10.03
N LYS P 547 15.20 60.40 8.91
CA LYS P 547 13.87 59.96 8.50
C LYS P 547 13.29 58.99 9.52
N ALA P 548 14.10 58.05 10.00
CA ALA P 548 13.63 57.10 11.00
C ALA P 548 13.15 57.82 12.26
N LYS P 549 13.93 58.80 12.73
CA LYS P 549 13.53 59.54 13.92
C LYS P 549 12.23 60.28 13.70
N LEU P 550 12.11 60.94 12.54
CA LEU P 550 10.87 61.62 12.21
C LEU P 550 9.69 60.67 12.30
N TYR P 551 9.82 59.48 11.70
CA TYR P 551 8.72 58.53 11.71
C TYR P 551 8.40 58.05 13.10
N ASP P 552 9.42 57.72 13.89
CA ASP P 552 9.17 57.21 15.24
C ASP P 552 8.49 58.25 16.11
N ASN P 553 8.81 59.53 15.94
CA ASN P 553 8.20 60.53 16.78
C ASN P 553 6.84 60.99 16.28
N HIS P 554 6.58 60.90 14.98
CA HIS P 554 5.36 61.56 14.53
C HIS P 554 4.42 60.68 13.73
N LEU P 555 4.94 59.75 12.93
CA LEU P 555 4.09 58.94 12.08
C LEU P 555 3.09 58.13 12.90
N GLY P 556 1.80 58.44 12.75
CA GLY P 556 0.76 57.80 13.51
C GLY P 556 0.38 58.52 14.79
N LYS P 557 1.29 59.27 15.39
CA LYS P 557 1.02 59.99 16.62
C LYS P 557 0.52 61.40 16.38
N SER P 558 0.63 61.91 15.17
CA SER P 558 0.08 63.21 14.80
C SER P 558 -0.79 63.05 13.57
N ASN P 559 -1.76 63.97 13.41
CA ASN P 559 -2.67 63.88 12.29
C ASN P 559 -2.22 64.73 11.11
N ASN P 560 -1.50 65.83 11.36
CA ASN P 560 -1.00 66.65 10.27
C ASN P 560 0.23 66.02 9.63
N PHE P 561 0.97 65.20 10.37
CA PHE P 561 2.11 64.49 9.83
C PHE P 561 1.62 63.24 9.12
N GLN P 562 1.91 63.13 7.82
CA GLN P 562 1.45 62.00 7.04
C GLN P 562 2.56 61.49 6.15
N LYS P 563 2.51 60.20 5.86
CA LYS P 563 3.45 59.60 4.93
C LYS P 563 3.02 59.92 3.50
N PRO P 564 3.94 60.34 2.64
CA PRO P 564 3.55 60.73 1.29
C PRO P 564 3.14 59.53 0.46
N ARG P 565 2.27 59.80 -0.51
CA ARG P 565 1.84 58.78 -1.48
C ARG P 565 2.77 58.89 -2.69
N ASN P 566 3.90 58.20 -2.59
CA ASN P 566 4.93 58.27 -3.62
C ASN P 566 4.56 57.33 -4.76
N VAL P 567 4.28 57.90 -5.93
CA VAL P 567 3.92 57.14 -7.12
C VAL P 567 5.11 57.15 -8.07
N LYS P 568 5.48 55.98 -8.58
CA LYS P 568 6.61 55.84 -9.48
C LYS P 568 6.33 56.62 -10.75
N GLY P 569 7.25 57.52 -11.11
CA GLY P 569 7.05 58.43 -12.22
C GLY P 569 7.09 59.86 -11.77
N LYS P 570 6.99 60.07 -10.46
CA LYS P 570 7.04 61.38 -9.85
C LYS P 570 8.16 61.42 -8.81
N GLN P 571 8.57 62.64 -8.46
CA GLN P 571 9.64 62.81 -7.48
C GLN P 571 9.25 62.20 -6.15
N GLU P 572 10.21 61.57 -5.49
CA GLU P 572 9.96 60.88 -4.23
C GLU P 572 9.99 61.86 -3.08
N ALA P 573 8.93 61.85 -2.28
CA ALA P 573 8.87 62.60 -1.03
C ALA P 573 9.15 61.66 0.14
N HIS P 574 9.34 62.26 1.31
CA HIS P 574 9.62 61.49 2.51
C HIS P 574 8.59 61.68 3.61
N PHE P 575 7.96 62.84 3.71
CA PHE P 575 6.86 63.04 4.63
C PHE P 575 6.03 64.20 4.10
N SER P 576 4.83 64.35 4.66
CA SER P 576 3.88 65.33 4.19
C SER P 576 3.28 66.08 5.37
N LEU P 577 3.25 67.40 5.28
CA LEU P 577 2.68 68.27 6.31
C LEU P 577 1.39 68.87 5.81
N VAL P 578 0.37 68.86 6.66
CA VAL P 578 -0.95 69.39 6.29
C VAL P 578 -0.94 70.86 6.68
N HIS P 579 -0.52 71.71 5.74
CA HIS P 579 -0.48 73.14 5.97
C HIS P 579 -1.86 73.76 5.80
N TYR P 580 -1.96 75.05 6.06
CA TYR P 580 -3.20 75.77 5.78
C TYR P 580 -3.45 75.87 4.28
N ALA P 581 -2.38 75.91 3.48
CA ALA P 581 -2.48 76.00 2.03
C ALA P 581 -2.34 74.64 1.35
N GLY P 582 -2.79 73.58 2.00
CA GLY P 582 -2.74 72.25 1.43
C GLY P 582 -1.74 71.36 2.13
N THR P 583 -1.55 70.18 1.55
CA THR P 583 -0.62 69.18 2.08
C THR P 583 0.61 69.14 1.19
N VAL P 584 1.74 69.57 1.72
CA VAL P 584 2.98 69.69 0.95
C VAL P 584 3.85 68.48 1.24
N ASP P 585 4.59 68.05 0.22
CA ASP P 585 5.46 66.88 0.33
C ASP P 585 6.91 67.33 0.29
N TYR P 586 7.69 66.87 1.25
CA TYR P 586 9.07 67.30 1.40
C TYR P 586 10.03 66.14 1.14
N ASN P 587 11.20 66.47 0.62
CA ASN P 587 12.25 65.50 0.35
C ASN P 587 13.48 65.92 1.15
N ILE P 588 13.79 65.16 2.20
CA ILE P 588 14.77 65.57 3.20
C ILE P 588 16.21 65.34 2.77
N MET P 589 16.45 64.85 1.56
CA MET P 589 17.83 64.53 1.16
C MET P 589 18.74 65.73 1.26
N GLY P 590 19.70 65.69 2.19
CA GLY P 590 20.69 66.73 2.33
C GLY P 590 20.44 67.75 3.41
N TRP P 591 19.42 67.58 4.24
CA TRP P 591 19.11 68.58 5.24
C TRP P 591 20.18 68.68 6.31
N LEU P 592 20.88 67.58 6.59
CA LEU P 592 21.91 67.59 7.61
C LEU P 592 23.02 68.58 7.26
N GLU P 593 23.60 68.43 6.07
CA GLU P 593 24.66 69.33 5.65
C GLU P 593 24.17 70.76 5.53
N LYS P 594 22.90 70.95 5.18
CA LYS P 594 22.38 72.29 5.00
C LYS P 594 22.05 72.99 6.32
N ASN P 595 21.82 72.24 7.39
CA ASN P 595 21.49 72.87 8.66
C ASN P 595 22.70 73.20 9.51
N LYS P 596 23.84 72.54 9.28
CA LYS P 596 25.01 72.78 10.10
C LYS P 596 25.54 74.19 9.89
N ASP P 597 26.01 74.81 10.96
CA ASP P 597 26.49 76.18 10.89
C ASP P 597 27.54 76.43 11.98
N PRO P 598 28.64 75.70 12.00
CA PRO P 598 29.63 75.88 13.06
C PRO P 598 30.55 77.06 12.77
N LEU P 599 30.40 78.13 13.54
CA LEU P 599 31.26 79.29 13.40
C LEU P 599 32.60 79.06 14.08
N ASN P 600 33.66 79.50 13.42
CA ASN P 600 35.02 79.30 13.90
C ASN P 600 35.50 80.62 14.51
N GLU P 601 35.41 80.71 15.84
CA GLU P 601 35.68 81.97 16.52
C GLU P 601 37.13 82.42 16.38
N THR P 602 38.05 81.50 16.13
CA THR P 602 39.44 81.91 15.87
C THR P 602 39.54 82.74 14.60
N VAL P 603 38.88 82.28 13.54
CA VAL P 603 38.93 83.04 12.29
C VAL P 603 38.17 84.35 12.42
N VAL P 604 37.11 84.38 13.22
CA VAL P 604 36.42 85.65 13.46
C VAL P 604 37.31 86.62 14.20
N GLY P 605 38.08 86.12 15.17
CA GLY P 605 39.06 86.96 15.83
C GLY P 605 40.14 87.46 14.87
N LEU P 606 40.52 86.62 13.92
CA LEU P 606 41.41 87.09 12.86
C LEU P 606 40.77 88.21 12.06
N TYR P 607 39.49 88.06 11.71
CA TYR P 607 38.78 89.09 10.98
C TYR P 607 38.80 90.42 11.73
N GLN P 608 38.57 90.36 13.05
CA GLN P 608 38.51 91.57 13.85
C GLN P 608 39.81 92.37 13.82
N LYS P 609 40.87 91.83 13.24
CA LYS P 609 42.17 92.50 13.17
C LYS P 609 42.57 92.84 11.74
N SER P 610 41.70 92.61 10.77
CA SER P 610 42.07 92.79 9.38
C SER P 610 42.42 94.24 9.09
N SER P 611 43.20 94.43 8.03
CA SER P 611 43.56 95.76 7.56
C SER P 611 42.43 96.41 6.77
N LEU P 612 41.63 95.61 6.06
CA LEU P 612 40.53 96.15 5.28
C LEU P 612 39.46 96.66 6.21
N LYS P 613 39.41 97.98 6.40
CA LYS P 613 38.63 98.59 7.47
C LYS P 613 37.15 98.23 7.41
N LEU P 614 36.63 97.89 6.23
CA LEU P 614 35.23 97.47 6.16
C LEU P 614 35.03 96.14 6.87
N MET P 615 35.98 95.22 6.73
CA MET P 615 35.87 93.94 7.42
C MET P 615 35.90 94.12 8.93
N ALA P 616 36.81 94.97 9.42
CA ALA P 616 36.88 95.23 10.85
C ALA P 616 35.64 95.95 11.36
N THR P 617 35.04 96.81 10.54
CA THR P 617 33.80 97.45 10.93
C THR P 617 32.67 96.42 10.99
N LEU P 618 32.67 95.47 10.06
CA LEU P 618 31.66 94.42 10.06
C LEU P 618 31.77 93.56 11.33
N PHE P 619 32.98 93.12 11.64
CA PHE P 619 33.19 92.22 12.77
C PHE P 619 33.68 92.93 14.02
N SER P 620 33.38 94.23 14.15
CA SER P 620 33.71 94.93 15.38
C SER P 620 33.07 94.25 16.58
N THR P 621 31.77 93.98 16.50
CA THR P 621 31.05 93.32 17.58
C THR P 621 31.15 91.81 17.44
N LYS P 634 34.95 81.40 33.18
CA LYS P 634 34.21 82.37 33.98
C LYS P 634 33.15 81.69 34.83
N SER P 641 28.48 77.47 20.49
CA SER P 641 29.15 78.02 19.32
C SER P 641 29.21 77.04 18.17
N SER P 642 29.75 75.86 18.44
CA SER P 642 29.69 74.77 17.47
C SER P 642 28.35 74.08 17.46
N PHE P 643 27.36 74.63 18.16
CA PHE P 643 26.02 74.09 18.22
C PHE P 643 25.05 74.90 17.39
N GLN P 644 25.56 75.74 16.48
CA GLN P 644 24.70 76.65 15.73
C GLN P 644 24.10 75.96 14.52
N THR P 645 22.81 76.18 14.30
CA THR P 645 22.09 75.61 13.18
C THR P 645 21.30 76.70 12.49
N VAL P 646 21.13 76.52 11.17
CA VAL P 646 20.36 77.47 10.39
C VAL P 646 18.94 77.59 10.91
N SER P 647 18.33 76.45 11.26
CA SER P 647 16.95 76.46 11.74
C SER P 647 16.82 77.28 13.02
N ALA P 648 17.83 77.25 13.88
CA ALA P 648 17.73 77.97 15.14
C ALA P 648 17.77 79.48 14.92
N LEU P 649 18.75 79.95 14.15
CA LEU P 649 18.80 81.38 13.82
C LEU P 649 17.53 81.81 13.11
N HIS P 650 17.03 80.98 12.20
CA HIS P 650 15.80 81.30 11.49
C HIS P 650 14.63 81.44 12.45
N ARG P 651 14.51 80.52 13.40
CA ARG P 651 13.41 80.58 14.35
C ARG P 651 13.51 81.81 15.22
N GLU P 652 14.73 82.18 15.64
CA GLU P 652 14.88 83.38 16.46
C GLU P 652 14.53 84.63 15.68
N ASN P 653 14.98 84.72 14.42
CA ASN P 653 14.63 85.86 13.59
C ASN P 653 13.12 85.95 13.38
N LEU P 654 12.48 84.81 13.14
CA LEU P 654 11.03 84.82 12.94
C LEU P 654 10.30 85.23 14.21
N ASN P 655 10.79 84.79 15.36
CA ASN P 655 10.20 85.22 16.62
C ASN P 655 10.32 86.74 16.77
N LYS P 656 11.48 87.30 16.42
CA LYS P 656 11.65 88.74 16.51
C LYS P 656 10.71 89.48 15.58
N LEU P 657 10.56 88.98 14.35
CA LEU P 657 9.68 89.65 13.39
C LEU P 657 8.22 89.62 13.86
N MET P 658 7.75 88.46 14.30
CA MET P 658 6.39 88.38 14.83
C MET P 658 6.23 89.27 16.05
N THR P 659 7.27 89.38 16.88
CA THR P 659 7.20 90.27 18.04
C THR P 659 7.03 91.71 17.61
N ASN P 660 7.73 92.11 16.55
CA ASN P 660 7.56 93.47 16.03
C ASN P 660 6.14 93.67 15.52
N LEU P 661 5.63 92.72 14.75
CA LEU P 661 4.32 92.89 14.13
C LEU P 661 3.20 92.88 15.16
N LYS P 662 3.35 92.12 16.24
CA LYS P 662 2.25 91.97 17.20
C LYS P 662 1.99 93.22 18.01
N THR P 663 2.73 94.30 17.78
CA THR P 663 2.52 95.55 18.49
C THR P 663 1.88 96.63 17.63
N THR P 664 1.56 96.32 16.37
CA THR P 664 1.00 97.30 15.44
C THR P 664 -0.38 96.82 14.99
N HIS P 665 -0.94 97.54 14.01
CA HIS P 665 -2.21 97.16 13.42
C HIS P 665 -2.00 96.74 11.98
N PRO P 666 -2.51 95.59 11.57
CA PRO P 666 -2.22 95.07 10.25
C PRO P 666 -3.26 95.46 9.21
N HIS P 667 -2.81 95.57 7.97
CA HIS P 667 -3.68 95.82 6.83
C HIS P 667 -3.12 95.05 5.65
N PHE P 668 -3.79 93.98 5.27
CA PHE P 668 -3.25 93.03 4.31
C PHE P 668 -3.69 93.35 2.89
N VAL P 669 -2.80 93.06 1.94
CA VAL P 669 -3.02 93.31 0.52
C VAL P 669 -2.58 92.07 -0.24
N ARG P 670 -3.33 91.72 -1.28
CA ARG P 670 -3.06 90.51 -2.06
C ARG P 670 -2.93 90.87 -3.53
N CYS P 671 -1.73 91.26 -3.95
CA CYS P 671 -1.47 91.46 -5.37
C CYS P 671 -1.41 90.11 -6.08
N ILE P 672 -2.00 90.06 -7.27
CA ILE P 672 -2.10 88.83 -8.03
C ILE P 672 -1.51 89.05 -9.42
N ILE P 673 -0.86 88.03 -9.95
CA ILE P 673 -0.52 87.96 -11.36
C ILE P 673 -1.66 87.20 -12.05
N PRO P 674 -2.48 87.86 -12.86
CA PRO P 674 -3.67 87.18 -13.41
C PRO P 674 -3.32 86.17 -14.49
N ASN P 675 -2.36 86.47 -15.34
CA ASN P 675 -2.00 85.58 -16.43
C ASN P 675 -0.48 85.54 -16.58
N GLU P 676 -0.01 84.49 -17.24
CA GLU P 676 1.41 84.25 -17.41
C GLU P 676 1.96 84.73 -18.74
N ARG P 677 1.11 84.82 -19.77
CA ARG P 677 1.55 85.27 -21.09
C ARG P 677 1.63 86.80 -21.19
N LYS P 678 1.44 87.51 -20.08
CA LYS P 678 1.53 88.96 -19.96
C LYS P 678 0.44 89.69 -20.73
N ALA P 679 -0.45 88.97 -21.42
CA ALA P 679 -1.54 89.60 -22.15
C ALA P 679 -2.63 90.04 -21.18
N PRO P 680 -2.91 91.33 -21.06
CA PRO P 680 -3.90 91.79 -20.10
C PRO P 680 -5.32 91.38 -20.47
N GLY P 681 -6.20 91.42 -19.48
CA GLY P 681 -7.62 91.23 -19.69
C GLY P 681 -8.14 89.86 -19.31
N VAL P 682 -7.41 88.81 -19.67
CA VAL P 682 -7.85 87.42 -19.47
C VAL P 682 -6.88 86.76 -18.51
N MET P 683 -7.41 86.20 -17.42
CA MET P 683 -6.58 85.54 -16.42
C MET P 683 -6.86 84.04 -16.44
N ASP P 684 -5.78 83.26 -16.42
CA ASP P 684 -5.93 81.81 -16.40
C ASP P 684 -6.45 81.36 -15.04
N ASN P 685 -7.40 80.43 -15.06
CA ASN P 685 -8.08 79.96 -13.86
C ASN P 685 -7.23 79.07 -12.94
N PRO P 686 -6.36 78.17 -13.43
CA PRO P 686 -5.63 77.33 -12.46
C PRO P 686 -4.56 78.10 -11.73
N LEU P 687 -3.85 78.98 -12.43
CA LEU P 687 -2.89 79.86 -11.79
C LEU P 687 -3.54 80.64 -10.67
N VAL P 688 -4.62 81.34 -10.97
CA VAL P 688 -5.25 82.20 -9.97
C VAL P 688 -5.86 81.36 -8.85
N MET P 689 -6.28 80.14 -9.16
CA MET P 689 -6.82 79.28 -8.10
C MET P 689 -5.71 78.87 -7.12
N HIS P 690 -4.59 78.39 -7.66
CA HIS P 690 -3.46 78.05 -6.81
C HIS P 690 -3.02 79.25 -5.98
N GLN P 691 -2.98 80.43 -6.59
CA GLN P 691 -2.56 81.61 -5.85
C GLN P 691 -3.57 81.97 -4.76
N LEU P 692 -4.87 81.92 -5.09
CA LEU P 692 -5.89 82.19 -4.09
C LEU P 692 -5.81 81.21 -2.94
N ARG P 693 -5.31 80.01 -3.19
CA ARG P 693 -4.99 79.10 -2.09
C ARG P 693 -3.81 79.63 -1.28
N CYS P 694 -2.68 79.86 -1.94
CA CYS P 694 -1.46 80.21 -1.21
C CYS P 694 -1.47 81.63 -0.66
N ASN P 695 -2.22 82.54 -1.30
CA ASN P 695 -2.17 83.94 -0.88
C ASN P 695 -2.80 84.16 0.48
N GLY P 696 -3.72 83.30 0.91
CA GLY P 696 -4.30 83.39 2.22
C GLY P 696 -5.74 83.87 2.25
N VAL P 697 -6.34 84.16 1.10
CA VAL P 697 -7.72 84.62 1.07
C VAL P 697 -8.66 83.47 1.40
N LEU P 698 -8.40 82.30 0.82
CA LEU P 698 -9.27 81.15 1.02
C LEU P 698 -9.38 80.74 2.48
N GLU P 699 -8.35 80.99 3.29
CA GLU P 699 -8.46 80.70 4.72
C GLU P 699 -9.46 81.64 5.39
N GLY P 700 -9.40 82.93 5.06
CA GLY P 700 -10.39 83.85 5.57
C GLY P 700 -11.79 83.51 5.14
N ILE P 701 -11.95 83.07 3.89
CA ILE P 701 -13.26 82.62 3.41
C ILE P 701 -13.73 81.41 4.20
N ARG P 702 -12.83 80.44 4.40
CA ARG P 702 -13.19 79.23 5.11
C ARG P 702 -13.59 79.52 6.54
N ILE P 703 -13.01 80.55 7.14
CA ILE P 703 -13.37 80.89 8.52
C ILE P 703 -14.69 81.65 8.56
N CYS P 704 -14.84 82.68 7.71
CA CYS P 704 -16.08 83.44 7.72
C CYS P 704 -17.27 82.59 7.31
N ARG P 705 -17.03 81.49 6.58
CA ARG P 705 -18.09 80.55 6.28
C ARG P 705 -18.69 79.98 7.57
N LYS P 706 -17.90 79.89 8.63
CA LYS P 706 -18.42 79.47 9.92
C LYS P 706 -19.35 80.50 10.55
N GLY P 707 -19.59 81.63 9.87
CA GLY P 707 -20.68 82.53 10.22
C GLY P 707 -22.01 81.93 9.83
N PHE P 708 -22.99 82.77 9.49
CA PHE P 708 -23.02 84.25 9.48
C PHE P 708 -21.93 85.03 8.72
N PRO P 709 -21.77 84.75 7.41
CA PRO P 709 -21.01 85.68 6.57
C PRO P 709 -21.84 86.89 6.14
N ASN P 710 -23.14 86.68 5.91
CA ASN P 710 -24.02 87.71 5.38
C ASN P 710 -24.55 88.56 6.54
N ARG P 711 -24.15 89.83 6.57
CA ARG P 711 -24.51 90.74 7.66
C ARG P 711 -25.22 91.95 7.07
N ILE P 712 -26.54 92.00 7.22
CA ILE P 712 -27.37 93.08 6.68
C ILE P 712 -28.11 93.73 7.84
N LEU P 713 -28.63 94.93 7.58
CA LEU P 713 -29.45 95.64 8.55
C LEU P 713 -30.93 95.25 8.35
N TYR P 714 -31.83 95.99 8.99
CA TYR P 714 -33.25 95.64 8.93
C TYR P 714 -33.90 96.09 7.63
N GLY P 715 -33.63 97.34 7.22
CA GLY P 715 -34.40 97.93 6.15
C GLY P 715 -34.22 97.24 4.81
N ASP P 716 -32.99 96.79 4.52
CA ASP P 716 -32.72 96.18 3.22
C ASP P 716 -33.50 94.89 3.05
N PHE P 717 -33.59 94.07 4.11
CA PHE P 717 -34.38 92.85 4.04
C PHE P 717 -35.86 93.17 4.09
N ARG P 718 -36.25 94.17 4.88
CA ARG P 718 -37.63 94.62 4.87
C ARG P 718 -38.09 94.99 3.47
N GLN P 719 -37.18 95.55 2.66
CA GLN P 719 -37.52 95.96 1.31
C GLN P 719 -37.48 94.80 0.32
N ARG P 720 -36.30 94.18 0.16
CA ARG P 720 -36.10 93.27 -0.96
C ARG P 720 -36.87 91.96 -0.83
N TYR P 721 -37.37 91.63 0.35
CA TYR P 721 -38.06 90.36 0.57
C TYR P 721 -39.35 90.59 1.33
N ARG P 722 -40.12 91.58 0.88
CA ARG P 722 -41.43 91.88 1.43
C ARG P 722 -42.55 91.18 0.70
N ILE P 723 -42.24 90.29 -0.24
CA ILE P 723 -43.25 89.60 -1.05
C ILE P 723 -43.88 88.54 -0.16
N LEU P 724 -45.08 88.84 0.35
CA LEU P 724 -45.80 87.90 1.21
C LEU P 724 -47.30 88.02 0.97
N GLY P 740 -40.16 94.71 12.16
CA GLY P 740 -39.59 94.71 10.83
C GLY P 740 -39.23 93.34 10.31
N ALA P 741 -38.03 92.88 10.66
CA ALA P 741 -37.61 91.53 10.25
C ALA P 741 -38.06 90.46 11.22
N GLU P 742 -38.49 90.84 12.43
CA GLU P 742 -38.92 89.87 13.42
C GLU P 742 -40.06 89.01 12.91
N LYS P 743 -41.18 89.65 12.54
CA LYS P 743 -42.30 88.91 11.98
C LYS P 743 -41.99 88.42 10.57
N LEU P 744 -41.18 89.17 9.82
CA LEU P 744 -40.87 88.80 8.44
C LEU P 744 -40.08 87.50 8.36
N LEU P 745 -39.33 87.15 9.41
CA LEU P 745 -38.59 85.89 9.44
C LEU P 745 -39.10 84.90 10.49
N GLY P 746 -40.03 85.30 11.35
CA GLY P 746 -40.64 84.34 12.25
C GLY P 746 -41.64 83.47 11.52
N SER P 747 -41.85 83.77 10.24
CA SER P 747 -42.79 83.03 9.41
C SER P 747 -42.18 81.76 8.82
N LEU P 748 -40.97 81.83 8.30
CA LEU P 748 -40.30 80.63 7.77
C LEU P 748 -39.12 80.24 8.65
N ILE P 750 -36.96 77.71 6.69
CA ILE P 750 -35.60 77.88 7.16
C ILE P 750 -35.53 77.49 8.64
N ASP P 751 -34.36 77.68 9.25
CA ASP P 751 -34.16 77.34 10.64
C ASP P 751 -33.99 78.61 11.47
N HIS P 752 -34.35 78.51 12.75
CA HIS P 752 -34.31 79.67 13.65
C HIS P 752 -32.90 80.06 14.07
N ASN P 753 -31.89 79.26 13.72
CA ASN P 753 -30.52 79.60 14.06
C ASN P 753 -29.75 80.26 12.92
N GLN P 754 -30.24 80.12 11.68
CA GLN P 754 -29.60 80.77 10.54
C GLN P 754 -29.55 82.29 10.67
N TYR P 755 -30.25 82.86 11.65
CA TYR P 755 -30.29 84.29 11.84
C TYR P 755 -30.08 84.59 13.32
N LYS P 756 -29.60 85.80 13.60
CA LYS P 756 -29.49 86.29 14.96
C LYS P 756 -29.57 87.82 14.88
N PHE P 757 -30.76 88.37 15.15
CA PHE P 757 -30.99 89.79 15.02
C PHE P 757 -30.50 90.54 16.24
N GLY P 758 -29.84 91.67 16.01
CA GLY P 758 -29.51 92.56 17.10
C GLY P 758 -29.25 93.99 16.65
N HIS P 759 -29.99 94.93 17.23
CA HIS P 759 -29.78 96.37 17.04
C HIS P 759 -29.61 96.73 15.56
N THR P 760 -30.66 96.43 14.80
CA THR P 760 -30.71 96.69 13.36
C THR P 760 -29.53 96.03 12.65
N LYS P 761 -29.45 94.70 12.81
CA LYS P 761 -28.46 93.88 12.12
C LYS P 761 -28.97 92.44 12.02
N VAL P 762 -29.06 91.92 10.80
CA VAL P 762 -29.38 90.52 10.59
C VAL P 762 -28.14 89.81 10.10
N PHE P 763 -27.91 88.60 10.62
CA PHE P 763 -26.76 87.78 10.26
C PHE P 763 -27.26 86.50 9.62
N PHE P 764 -26.71 86.18 8.45
CA PHE P 764 -27.15 85.02 7.68
C PHE P 764 -25.97 84.11 7.37
N LYS P 765 -26.16 82.81 7.60
CA LYS P 765 -25.13 81.83 7.28
C LYS P 765 -25.13 81.51 5.79
N ALA P 766 -23.99 81.04 5.32
CA ALA P 766 -23.80 80.76 3.90
C ALA P 766 -24.74 79.66 3.42
N GLY P 767 -25.71 80.02 2.58
CA GLY P 767 -26.64 79.04 2.06
C GLY P 767 -28.10 79.39 2.29
N LEU P 768 -28.38 80.66 2.57
CA LEU P 768 -29.74 81.11 2.77
C LEU P 768 -30.25 82.03 1.67
N LEU P 769 -29.44 83.00 1.23
CA LEU P 769 -29.82 83.85 0.12
C LEU P 769 -29.79 83.11 -1.22
N GLY P 770 -29.28 81.88 -1.25
CA GLY P 770 -29.47 81.03 -2.40
C GLY P 770 -30.82 80.39 -2.49
N LEU P 771 -31.63 80.54 -1.43
CA LEU P 771 -33.01 80.12 -1.40
C LEU P 771 -33.97 81.26 -1.71
N LEU P 772 -33.67 82.46 -1.24
CA LEU P 772 -34.48 83.64 -1.52
C LEU P 772 -34.27 84.10 -2.96
PB ADP Q . 1.75 -12.78 11.64
O1B ADP Q . 0.82 -13.97 11.55
O2B ADP Q . 2.40 -12.40 10.36
O3B ADP Q . 2.68 -12.80 12.81
PA ADP Q . -0.25 -11.60 13.18
O1A ADP Q . -1.46 -12.40 12.81
O2A ADP Q . 0.55 -11.97 14.39
O3A ADP Q . 0.76 -11.57 11.95
O5' ADP Q . -0.64 -10.05 13.26
C5' ADP Q . 0.33 -9.04 13.56
C4' ADP Q . -0.12 -7.76 12.89
O4' ADP Q . -1.49 -7.55 13.16
C3' ADP Q . 0.61 -6.52 13.37
O3' ADP Q . 1.37 -5.98 12.29
C2' ADP Q . -0.45 -5.51 13.76
O2' ADP Q . -0.33 -4.31 12.98
C1' ADP Q . -1.76 -6.20 13.48
N9 ADP Q . -2.63 -6.20 14.66
C8 ADP Q . -2.46 -6.97 15.74
N7 ADP Q . -3.43 -6.74 16.66
C5 ADP Q . -4.24 -5.81 16.15
C6 ADP Q . -5.45 -5.12 16.60
N6 ADP Q . -6.00 -5.39 17.80
N1 ADP Q . -5.99 -4.20 15.77
C2 ADP Q . -5.44 -3.93 14.58
N3 ADP Q . -4.34 -4.53 14.11
C4 ADP Q . -3.71 -5.46 14.84
PB ADP R . 16.86 26.71 1.26
O1B ADP R . 16.42 26.06 -0.02
O2B ADP R . 16.35 26.05 2.51
O3B ADP R . 16.78 28.19 1.29
PA ADP R . 19.38 26.79 0.09
O1A ADP R . 19.08 25.89 -1.06
O2A ADP R . 19.30 28.27 -0.08
O3A ADP R . 18.43 26.41 1.31
O5' ADP R . 20.80 26.37 0.70
C5' ADP R . 21.32 26.99 1.86
C4' ADP R . 22.27 25.98 2.52
O4' ADP R . 23.12 25.45 1.51
C3' ADP R . 23.15 26.56 3.60
O3' ADP R . 22.78 25.98 4.85
C2' ADP R . 24.56 26.14 3.26
O2' ADP R . 25.12 25.33 4.33
C1' ADP R . 24.44 25.32 2.00
N9 ADP R . 25.34 25.86 0.96
C8 ADP R . 25.14 27.00 0.28
N7 ADP R . 26.13 27.20 -0.61
C5 ADP R . 26.98 26.17 -0.50
C6 ADP R . 28.23 25.77 -1.15
N6 ADP R . 28.79 26.54 -2.12
N1 ADP R . 28.81 24.63 -0.75
C2 ADP R . 28.26 23.86 0.20
N3 ADP R . 27.12 24.16 0.83
C4 ADP R . 26.45 25.29 0.53
PB ADP S . 37.41 20.38 39.26
O1B ADP S . 36.85 18.98 39.25
O2B ADP S . 37.44 21.05 37.92
O3B ADP S . 38.66 20.55 40.06
PA ADP S . 35.79 20.69 41.49
O1A ADP S . 34.68 19.71 41.29
O2A ADP S . 37.00 20.32 42.29
O3A ADP S . 36.31 21.20 40.08
O5' ADP S . 35.16 22.05 42.06
C5' ADP S . 35.96 23.20 42.32
C4' ADP S . 35.04 24.41 42.20
O4' ADP S . 33.85 24.12 42.91
C3' ADP S . 35.61 25.68 42.80
O3' ADP S . 35.77 26.63 41.76
C2' ADP S . 34.58 26.20 43.77
O2' ADP S . 34.15 27.52 43.41
C1' ADP S . 33.40 25.25 43.65
N9 ADP S . 32.97 24.76 44.96
C8 ADP S . 33.62 23.86 45.72
N7 ADP S . 32.95 23.62 46.86
C5 ADP S . 31.84 24.37 46.84
C6 ADP S . 30.70 24.58 47.74
N6 ADP S . 30.62 23.93 48.91
N1 ADP S . 29.74 25.45 47.34
C2 ADP S . 29.83 26.10 46.18
N3 ADP S . 30.84 25.95 45.31
C4 ADP S . 31.86 25.11 45.59
PB ADP T . 39.76 63.77 36.48
O1B ADP T . 38.95 63.23 35.33
O2B ADP T . 39.86 62.87 37.67
O3B ADP T . 39.47 65.20 36.83
PA ADP T . 41.65 64.68 34.63
O1A ADP T . 41.19 63.98 33.40
O2A ADP T . 41.25 66.10 34.91
O3A ADP T . 41.25 63.81 35.92
O5' ADP T . 43.25 64.57 34.71
C5' ADP T . 43.98 65.14 35.79
C4' ADP T . 45.27 64.35 35.92
O4' ADP T . 45.90 64.28 34.65
C3' ADP T . 46.28 64.96 36.87
O3' ADP T . 46.44 64.10 37.99
C2' ADP T . 47.59 65.04 36.13
O2' ADP T . 48.60 64.26 36.78
C1' ADP T . 47.29 64.47 34.75
N9 ADP T . 47.68 65.43 33.72
C8 ADP T . 47.07 66.58 33.48
N7 ADP T . 47.66 67.24 32.46
C5 ADP T . 48.69 66.49 32.04
C6 ADP T . 49.72 66.59 31.00
N6 ADP T . 49.77 67.66 30.19
N1 ADP T . 50.60 65.58 30.89
C2 ADP T . 50.55 64.51 31.69
N3 ADP T . 49.64 64.36 32.66
C4 ADP T . 48.69 65.30 32.88
PB ADP U . -33.52 -43.86 -18.78
O1B ADP U . -34.72 -44.77 -18.72
O2B ADP U . -32.60 -44.11 -19.94
O3B ADP U . -32.81 -43.64 -17.48
PA ADP U . -35.33 -41.84 -18.19
O1A ADP U . -36.64 -42.44 -18.62
O2A ADP U . -34.87 -41.95 -16.78
O3A ADP U . -34.17 -42.44 -19.12
O5' ADP U . -35.28 -40.31 -18.65
C5' ADP U . -34.28 -39.42 -18.16
C4' ADP U . -34.15 -38.30 -19.18
O4' ADP U . -35.43 -37.78 -19.43
C3' ADP U . -33.29 -37.15 -18.70
O3' ADP U . -32.09 -37.10 -19.47
C2' ADP U . -34.08 -35.88 -18.96
O2' ADP U . -33.42 -35.07 -19.94
C1' ADP U . -35.42 -36.36 -19.50
N9 ADP U . -36.50 -35.86 -18.64
C8 ADP U . -36.78 -36.29 -17.41
N7 ADP U . -37.84 -35.63 -16.89
C5 ADP U . -38.25 -34.75 -17.81
C6 ADP U . -39.31 -33.73 -17.92
N6 ADP U . -40.18 -33.52 -16.90
N1 ADP U . -39.39 -33.03 -19.06
C2 ADP U . -38.55 -33.23 -20.07
N3 ADP U . -37.56 -34.13 -20.05
C4 ADP U . -37.36 -34.90 -18.96
PB ADP V . -5.74 -12.83 -31.36
O1B ADP V . -5.96 -13.54 -32.67
O2B ADP V . -6.77 -13.10 -30.31
O3B ADP V . -5.36 -11.39 -31.47
PA ADP V . -3.08 -13.58 -31.64
O1A ADP V . -3.22 -14.62 -32.72
O2A ADP V . -2.74 -12.17 -31.99
O3A ADP V . -4.43 -13.53 -30.78
O5' ADP V . -2.06 -14.13 -30.53
C5' ADP V . -1.62 -13.31 -29.45
C4' ADP V . -1.22 -14.24 -28.31
O4' ADP V . -0.34 -15.22 -28.82
C3' ADP V . -0.50 -13.54 -27.18
O3' ADP V . -1.31 -13.61 -26.01
C2' ADP V . 0.78 -14.32 -26.93
O2' ADP V . 0.80 -14.86 -25.61
C1' ADP V . 0.75 -15.44 -27.94
N9 ADP V . 1.97 -15.44 -28.78
C8 ADP V . 2.25 -14.53 -29.73
N7 ADP V . 3.44 -14.82 -30.31
C5 ADP V . 3.93 -15.90 -29.71
C6 ADP V . 5.14 -16.73 -29.84
N6 ADP V . 6.09 -16.43 -30.75
N1 ADP V . 5.27 -17.80 -29.03
C2 ADP V . 4.33 -18.11 -28.12
N3 ADP V . 3.20 -17.40 -27.95
C4 ADP V . 2.95 -16.31 -28.70
#